data_8Q4D
#
_entry.id   8Q4D
#
_cell.length_a   1.00
_cell.length_b   1.00
_cell.length_c   1.00
_cell.angle_alpha   90.00
_cell.angle_beta   90.00
_cell.angle_gamma   90.00
#
_symmetry.space_group_name_H-M   'P 1'
#
loop_
_entity.id
_entity.type
_entity.pdbx_description
1 polymer 'Putative transposase for insertion sequence element IS5376'
2 polymer 'Insertion sequence IS5376 putative ATP-binding protein'
3 polymer 'DNA (118-MER) / TIR-transferred strand'
4 polymer 'DNA (58-MER) / TIR non-transferred strand'
5 polymer 'DNA (58-MER) / target-reverse complement'
6 non-polymer 'MAGNESIUM ION'
7 non-polymer "ADENOSINE-5'-DIPHOSPHATE"
8 non-polymer "ADENOSINE-5'-TRIPHOSPHATE"
#
loop_
_entity_poly.entity_id
_entity_poly.type
_entity_poly.pdbx_seq_one_letter_code
_entity_poly.pdbx_strand_id
1 'polypeptide(L)'
;MITRGEFFMIKEMYERGMSISDIARELGIDRKTVRKYIHSPNPPSKSKRKQRKSKLDPFKPYLQKRMLEDGVFNSEKLFF
EIRQQGYTGGKTILKDYMKPFRETAKKKYTVRYETLPGEQMQVDWKEVGEVVIEGKKVKLSLFVATLGYSRMKYAVFTTS
QDQEHLMECLIQSFKYFGGVPKKVLFDNMKTVTDGREQGVVKWNQRFSEFASYYGFIPKVCRPYRAQTKGKVERAIQYIM
DHFYVGTAFESIEELNFLLHRWLDQVANRKPNATTGISPQERWAEESLKPLPLKDYDTSYLSYRKVHWDGSFSYKGEQWL
LSAEYAGKEILVKERLNGDIRLYFRGEEISHVDQQKKVISFAEKIKKKQTEMA
;
A,B,C,D
2 'polypeptide(L)'
;NMKERIHEYCHRLHLPVMAERWSAMAEYASTHNISYSEFLFRLLEAEIVEKQARSIQTLIKLSKLPYRKTIDTFDFTAQP
SVDERRIRELLTLSFIDRKENILFLGPPGIGKTHLAISIGMEAIARGYKTYFITAHDLVNQLRRADQEGKLEKKLRVFVK
PTVLIIDQMGYLKLDPNSAHYLFQVIARRYEHAPIILTSNKSFGEWGEIVGDSVLATAMLDRLLHHSIIFNLKGESYRLR
EKRLQEE
;
E,F,G,H,I,J,K,L,M,N,O,P,Q,R,S,T,U,V,W,X
3 'polydeoxyribonucleotide'
;(DC)(DC)(DT)(DT)(DC)(DT)(DG)(DG)(DG)(DG)(DA)(DA)(DT)(DT)(DT)(DT)(DA)(DA)(DA)(DC)
(DC)(DG)(DG)(DC)(DG)(DA)(DT)(DT)(DT)(DT)(DG)(DG)(DG)(DG)(DA)(DA)(DA)(DA)(DA)(DA)
(DT)(DA)(DA)(DT)(DC)(DG)(DG)(DC)(DC)(DT)(DT)(DG)(DA)(DC)(DA)(DG)(DC)(DT)(DG)(DC)
(DA)(DC)(DA)(DG)(DT)(DA)(DA)(DG)(DA)(DG)(DA)(DA)(DT)(DT)(DA)(DT)(DG)(DC)(DA)(DG)
(DT)(DG)(DC)(DT)(DG)(DC)(DC)(DA)(DT)(DA)(DA)(DC)(DC)(DA)(DT)(DG)(DA)(DG)(DT)(DG)
(DA)(DT)(DA)(DA)(DC)(DA)(DC)(DT)(DG)(DC)(DG)(DG)(DC)(DC)(DA)(DA)(DC)(DT)
;
a,d
4 'polydeoxyribonucleotide'
;(DT)(DC)(DA)(DT)(DG)(DT)(DC)(DA)(DA)(DG)(DG)(DC)(DC)(DG)(DA)(DT)(DT)(DA)(DT)(DT)
(DT)(DT)(DT)(DT)(DC)(DC)(DC)(DC)(DA)(DA)(DA)(DA)(DT)(DC)(DG)(DC)(DC)(DG)(DG)(DT)
(DT)(DT)(DA)(DA)(DA)(DA)(DT)(DT)(DC)(DC)(DC)(DC)(DA)(DG)(DA)(DA)(DG)(DG)
;
b,e
5 'polydeoxyribonucleotide'
;(DA)(DG)(DT)(DT)(DG)(DG)(DC)(DC)(DG)(DC)(DA)(DG)(DT)(DG)(DT)(DT)(DA)(DT)(DC)(DA)
(DC)(DT)(DC)(DA)(DT)(DG)(DG)(DT)(DT)(DA)(DT)(DG)(DG)(DC)(DA)(DG)(DC)(DA)(DC)(DT)
(DG)(DC)(DA)(DT)(DA)(DA)(DT)(DT)(DC)(DT)(DC)(DT)(DT)(DA)(DC)(DT)(DG)(DT)
;
c,f
#
loop_
_chem_comp.id
_chem_comp.type
_chem_comp.name
_chem_comp.formula
ADP non-polymer ADENOSINE-5'-DIPHOSPHATE 'C10 H15 N5 O10 P2'
ATP non-polymer ADENOSINE-5'-TRIPHOSPHATE 'C10 H16 N5 O13 P3'
DA DNA linking 2'-DEOXYADENOSINE-5'-MONOPHOSPHATE 'C10 H14 N5 O6 P'
DC DNA linking 2'-DEOXYCYTIDINE-5'-MONOPHOSPHATE 'C9 H14 N3 O7 P'
DG DNA linking 2'-DEOXYGUANOSINE-5'-MONOPHOSPHATE 'C10 H14 N5 O7 P'
DT DNA linking THYMIDINE-5'-MONOPHOSPHATE 'C10 H15 N2 O8 P'
MG non-polymer 'MAGNESIUM ION' 'Mg 2'
#
# COMPACT_ATOMS: atom_id res chain seq x y z
N MET A 1 -69.54 -40.15 -11.35
CA MET A 1 -68.97 -38.82 -10.98
C MET A 1 -70.06 -37.75 -10.96
N ILE A 2 -71.24 -38.08 -10.44
CA ILE A 2 -72.27 -37.06 -10.27
C ILE A 2 -71.78 -36.04 -9.25
N THR A 3 -71.99 -34.77 -9.57
CA THR A 3 -71.41 -33.70 -8.78
C THR A 3 -72.13 -33.58 -7.44
N ARG A 4 -71.67 -32.64 -6.60
CA ARG A 4 -72.27 -32.48 -5.28
C ARG A 4 -73.78 -32.28 -5.39
N GLY A 5 -74.20 -31.34 -6.24
CA GLY A 5 -75.62 -31.05 -6.39
C GLY A 5 -76.40 -32.23 -6.89
N GLU A 6 -75.86 -32.95 -7.88
CA GLU A 6 -76.56 -34.10 -8.43
C GLU A 6 -76.77 -35.18 -7.37
N PHE A 7 -75.72 -35.47 -6.58
CA PHE A 7 -75.84 -36.48 -5.54
C PHE A 7 -76.82 -36.04 -4.46
N PHE A 8 -76.75 -34.77 -4.05
CA PHE A 8 -77.70 -34.26 -3.07
C PHE A 8 -79.13 -34.44 -3.58
N MET A 9 -79.36 -34.07 -4.84
CA MET A 9 -80.70 -34.18 -5.42
C MET A 9 -81.16 -35.63 -5.46
N ILE A 10 -80.28 -36.55 -5.88
CA ILE A 10 -80.65 -37.96 -5.95
C ILE A 10 -81.06 -38.47 -4.58
N LYS A 11 -80.20 -38.22 -3.58
CA LYS A 11 -80.48 -38.73 -2.25
C LYS A 11 -81.75 -38.12 -1.68
N GLU A 12 -81.93 -36.82 -1.85
CA GLU A 12 -83.10 -36.15 -1.29
C GLU A 12 -84.38 -36.66 -1.95
N MET A 13 -84.43 -36.66 -3.27
CA MET A 13 -85.64 -37.08 -3.96
C MET A 13 -85.95 -38.55 -3.67
N TYR A 14 -84.91 -39.39 -3.57
CA TYR A 14 -85.16 -40.79 -3.22
C TYR A 14 -85.74 -40.91 -1.81
N GLU A 15 -85.19 -40.16 -0.85
CA GLU A 15 -85.68 -40.27 0.52
C GLU A 15 -87.06 -39.65 0.69
N ARG A 16 -87.43 -38.71 -0.18
CA ARG A 16 -88.76 -38.11 -0.12
C ARG A 16 -89.86 -39.11 -0.42
N GLY A 17 -89.53 -40.25 -1.02
CA GLY A 17 -90.50 -41.25 -1.41
C GLY A 17 -90.68 -41.37 -2.91
N MET A 18 -90.10 -40.48 -3.70
CA MET A 18 -90.19 -40.57 -5.15
C MET A 18 -89.55 -41.86 -5.64
N SER A 19 -90.15 -42.47 -6.66
CA SER A 19 -89.64 -43.70 -7.22
C SER A 19 -88.28 -43.48 -7.86
N ILE A 20 -87.44 -44.52 -7.82
CA ILE A 20 -86.04 -44.38 -8.22
C ILE A 20 -85.91 -44.29 -9.74
N SER A 21 -86.71 -45.07 -10.48
CA SER A 21 -86.55 -45.09 -11.93
C SER A 21 -86.90 -43.74 -12.56
N ASP A 22 -88.01 -43.14 -12.16
CA ASP A 22 -88.35 -41.83 -12.69
C ASP A 22 -87.40 -40.76 -12.17
N ILE A 23 -86.80 -40.99 -11.00
CA ILE A 23 -85.72 -40.11 -10.56
C ILE A 23 -84.56 -40.15 -11.55
N ALA A 24 -84.16 -41.36 -11.96
CA ALA A 24 -83.09 -41.50 -12.93
C ALA A 24 -83.47 -40.85 -14.25
N ARG A 25 -84.71 -41.06 -14.69
CA ARG A 25 -85.19 -40.43 -15.92
C ARG A 25 -85.08 -38.91 -15.82
N GLU A 26 -85.52 -38.35 -14.70
CA GLU A 26 -85.51 -36.89 -14.53
C GLU A 26 -84.09 -36.36 -14.55
N LEU A 27 -83.16 -37.04 -13.87
CA LEU A 27 -81.79 -36.57 -13.76
C LEU A 27 -80.91 -37.07 -14.89
N GLY A 28 -81.45 -37.84 -15.83
CA GLY A 28 -80.68 -38.29 -16.97
C GLY A 28 -79.49 -39.14 -16.60
N ILE A 29 -79.70 -40.08 -15.68
CA ILE A 29 -78.65 -40.98 -15.22
C ILE A 29 -79.15 -42.41 -15.33
N ASP A 30 -78.20 -43.33 -15.48
CA ASP A 30 -78.55 -44.75 -15.56
C ASP A 30 -79.15 -45.22 -14.24
N ARG A 31 -80.10 -46.16 -14.34
CA ARG A 31 -80.78 -46.65 -13.15
C ARG A 31 -79.81 -47.36 -12.22
N LYS A 32 -78.89 -48.15 -12.78
CA LYS A 32 -77.88 -48.81 -11.94
C LYS A 32 -77.02 -47.80 -11.22
N THR A 33 -76.59 -46.75 -11.93
CA THR A 33 -75.75 -45.73 -11.32
C THR A 33 -76.49 -45.03 -10.18
N VAL A 34 -77.75 -44.65 -10.41
CA VAL A 34 -78.53 -43.97 -9.38
C VAL A 34 -78.71 -44.88 -8.18
N ARG A 35 -79.07 -46.15 -8.41
CA ARG A 35 -79.29 -47.08 -7.31
C ARG A 35 -78.01 -47.28 -6.51
N LYS A 36 -76.87 -47.39 -7.18
CA LYS A 36 -75.61 -47.50 -6.46
C LYS A 36 -75.36 -46.27 -5.61
N TYR A 37 -75.65 -45.09 -6.15
CA TYR A 37 -75.44 -43.86 -5.41
C TYR A 37 -76.44 -43.70 -4.27
N ILE A 38 -77.58 -44.39 -4.30
CA ILE A 38 -78.51 -44.31 -3.19
C ILE A 38 -77.83 -44.69 -1.89
N HIS A 39 -77.13 -45.82 -1.88
CA HIS A 39 -76.37 -46.26 -0.70
C HIS A 39 -74.90 -45.90 -0.88
N SER A 40 -74.63 -44.60 -0.74
CA SER A 40 -73.29 -44.05 -0.83
C SER A 40 -73.13 -42.98 0.23
N PRO A 41 -71.92 -42.83 0.81
CA PRO A 41 -71.75 -41.86 1.90
C PRO A 41 -71.91 -40.41 1.45
N ASN A 42 -71.18 -40.03 0.40
CA ASN A 42 -71.13 -38.63 -0.02
C ASN A 42 -70.95 -38.55 -1.54
N PRO A 43 -71.20 -37.39 -2.13
CA PRO A 43 -71.11 -37.26 -3.59
C PRO A 43 -69.73 -37.62 -4.10
N PRO A 44 -69.63 -38.60 -5.02
CA PRO A 44 -68.34 -38.88 -5.65
C PRO A 44 -68.12 -38.03 -6.89
N SER A 45 -67.15 -37.12 -6.84
CA SER A 45 -66.85 -36.26 -7.97
C SER A 45 -65.35 -36.03 -8.13
N LYS A 46 -64.53 -36.96 -7.65
CA LYS A 46 -63.09 -36.80 -7.71
C LYS A 46 -62.44 -38.13 -8.09
N SER A 47 -61.46 -38.06 -8.97
CA SER A 47 -60.66 -39.22 -9.37
C SER A 47 -59.20 -38.89 -9.19
N LYS A 48 -58.48 -39.75 -8.46
CA LYS A 48 -57.08 -39.54 -8.14
C LYS A 48 -56.21 -40.40 -9.04
N ARG A 49 -55.27 -39.75 -9.75
CA ARG A 49 -54.30 -40.43 -10.59
C ARG A 49 -52.91 -39.90 -10.28
N LYS A 50 -51.93 -40.80 -10.26
CA LYS A 50 -50.56 -40.44 -9.96
C LYS A 50 -49.82 -40.03 -11.23
N GLN A 51 -48.60 -39.54 -11.06
CA GLN A 51 -47.81 -39.06 -12.17
C GLN A 51 -47.62 -40.15 -13.21
N ARG A 52 -47.20 -39.73 -14.41
CA ARG A 52 -46.97 -40.64 -15.52
C ARG A 52 -45.69 -40.26 -16.23
N LYS A 53 -45.19 -41.21 -17.03
CA LYS A 53 -43.94 -41.01 -17.74
C LYS A 53 -44.11 -39.94 -18.82
N SER A 54 -43.01 -39.21 -19.08
CA SER A 54 -43.00 -38.18 -20.10
C SER A 54 -41.84 -38.40 -21.07
N LYS A 55 -41.62 -37.45 -21.98
CA LYS A 55 -40.55 -37.57 -22.96
C LYS A 55 -39.21 -37.09 -22.45
N LEU A 56 -39.19 -36.09 -21.57
CA LEU A 56 -37.95 -35.51 -21.05
C LEU A 56 -37.53 -36.13 -19.73
N ASP A 57 -37.96 -37.38 -19.46
CA ASP A 57 -37.51 -38.05 -18.24
C ASP A 57 -36.04 -38.47 -18.34
N PRO A 58 -35.60 -39.18 -19.37
CA PRO A 58 -34.19 -39.60 -19.40
C PRO A 58 -33.22 -38.43 -19.38
N PHE A 59 -33.59 -37.31 -20.01
CA PHE A 59 -32.72 -36.14 -20.06
C PHE A 59 -32.80 -35.30 -18.79
N LYS A 60 -33.81 -35.52 -17.96
CA LYS A 60 -34.03 -34.64 -16.81
C LYS A 60 -32.84 -34.59 -15.87
N PRO A 61 -32.21 -35.70 -15.48
CA PRO A 61 -31.02 -35.58 -14.63
C PRO A 61 -29.90 -34.76 -15.27
N TYR A 62 -29.69 -34.94 -16.57
CA TYR A 62 -28.64 -34.18 -17.24
C TYR A 62 -28.95 -32.68 -17.25
N LEU A 63 -30.20 -32.32 -17.53
CA LEU A 63 -30.59 -30.92 -17.51
C LEU A 63 -30.46 -30.34 -16.10
N GLN A 64 -30.84 -31.12 -15.08
CA GLN A 64 -30.69 -30.64 -13.72
C GLN A 64 -29.23 -30.42 -13.36
N LYS A 65 -28.34 -31.31 -13.81
CA LYS A 65 -26.92 -31.12 -13.57
C LYS A 65 -26.42 -29.86 -14.27
N ARG A 66 -26.84 -29.66 -15.51
CA ARG A 66 -26.47 -28.45 -16.24
C ARG A 66 -26.89 -27.21 -15.46
N MET A 67 -28.14 -27.16 -15.01
CA MET A 67 -28.63 -26.00 -14.31
C MET A 67 -27.89 -25.77 -13.00
N LEU A 68 -27.68 -26.84 -12.23
CA LEU A 68 -27.20 -26.70 -10.85
C LEU A 68 -25.69 -26.62 -10.74
N GLU A 69 -24.94 -26.96 -11.78
CA GLU A 69 -23.49 -26.86 -11.73
C GLU A 69 -22.89 -25.97 -12.82
N ASP A 70 -23.52 -25.89 -13.99
CA ASP A 70 -23.05 -25.00 -15.04
C ASP A 70 -23.80 -23.67 -15.06
N GLY A 71 -24.88 -23.54 -14.30
CA GLY A 71 -25.62 -22.29 -14.26
C GLY A 71 -26.28 -21.91 -15.55
N VAL A 72 -26.50 -22.86 -16.44
CA VAL A 72 -27.18 -22.60 -17.70
C VAL A 72 -28.68 -22.60 -17.47
N PHE A 73 -29.35 -21.52 -17.89
CA PHE A 73 -30.79 -21.42 -17.85
C PHE A 73 -31.38 -21.02 -19.20
N ASN A 74 -30.57 -21.05 -20.26
CA ASN A 74 -31.04 -20.73 -21.61
C ASN A 74 -31.74 -21.94 -22.18
N SER A 75 -33.06 -21.85 -22.33
CA SER A 75 -33.83 -22.98 -22.83
C SER A 75 -33.37 -23.38 -24.23
N GLU A 76 -33.00 -22.41 -25.06
CA GLU A 76 -32.52 -22.74 -26.40
C GLU A 76 -31.26 -23.59 -26.36
N LYS A 77 -30.32 -23.23 -25.48
CA LYS A 77 -29.06 -23.96 -25.42
C LYS A 77 -29.28 -25.38 -24.92
N LEU A 78 -30.04 -25.54 -23.84
CA LEU A 78 -30.31 -26.87 -23.31
C LEU A 78 -31.08 -27.71 -24.31
N PHE A 79 -32.05 -27.10 -24.99
CA PHE A 79 -32.80 -27.82 -26.02
C PHE A 79 -31.89 -28.28 -27.14
N PHE A 80 -30.99 -27.41 -27.60
CA PHE A 80 -30.08 -27.80 -28.68
C PHE A 80 -29.15 -28.91 -28.23
N GLU A 81 -28.72 -28.87 -26.96
CA GLU A 81 -27.85 -29.92 -26.45
C GLU A 81 -28.58 -31.27 -26.41
N ILE A 82 -29.75 -31.31 -25.75
CA ILE A 82 -30.46 -32.57 -25.57
C ILE A 82 -31.02 -33.10 -26.88
N ARG A 83 -31.26 -32.22 -27.86
CA ARG A 83 -31.75 -32.70 -29.15
C ARG A 83 -30.76 -33.66 -29.79
N GLN A 84 -29.47 -33.38 -29.66
CA GLN A 84 -28.46 -34.32 -30.15
C GLN A 84 -28.52 -35.63 -29.37
N GLN A 85 -28.77 -35.55 -28.06
CA GLN A 85 -28.82 -36.76 -27.25
C GLN A 85 -29.93 -37.69 -27.70
N GLY A 86 -31.02 -37.16 -28.27
CA GLY A 86 -32.09 -37.99 -28.78
C GLY A 86 -33.48 -37.41 -28.64
N TYR A 87 -33.61 -36.31 -27.87
CA TYR A 87 -34.91 -35.70 -27.67
C TYR A 87 -35.48 -35.21 -29.00
N THR A 88 -36.80 -35.31 -29.14
CA THR A 88 -37.49 -34.94 -30.37
C THR A 88 -38.65 -33.99 -30.17
N GLY A 89 -39.06 -33.71 -28.93
CA GLY A 89 -40.22 -32.87 -28.69
C GLY A 89 -39.90 -31.39 -28.75
N GLY A 90 -40.90 -30.59 -28.38
CA GLY A 90 -40.78 -29.15 -28.40
C GLY A 90 -40.17 -28.62 -27.12
N LYS A 91 -40.04 -27.29 -27.08
CA LYS A 91 -39.40 -26.60 -25.96
C LYS A 91 -40.35 -26.26 -24.84
N THR A 92 -41.67 -26.35 -25.07
CA THR A 92 -42.62 -25.96 -24.03
C THR A 92 -42.47 -26.83 -22.79
N ILE A 93 -42.30 -28.14 -22.97
CA ILE A 93 -42.15 -29.03 -21.83
C ILE A 93 -40.85 -28.70 -21.09
N LEU A 94 -39.80 -28.38 -21.85
CA LEU A 94 -38.54 -28.01 -21.23
C LEU A 94 -38.69 -26.75 -20.39
N LYS A 95 -39.34 -25.72 -20.93
CA LYS A 95 -39.54 -24.49 -20.18
C LYS A 95 -40.37 -24.75 -18.93
N ASP A 96 -41.42 -25.56 -19.06
CA ASP A 96 -42.28 -25.85 -17.91
C ASP A 96 -41.53 -26.59 -16.82
N TYR A 97 -40.69 -27.56 -17.20
CA TYR A 97 -39.91 -28.28 -16.20
C TYR A 97 -38.85 -27.39 -15.57
N MET A 98 -38.25 -26.49 -16.35
CA MET A 98 -37.16 -25.65 -15.86
C MET A 98 -37.63 -24.42 -15.11
N LYS A 99 -38.91 -24.06 -15.22
CA LYS A 99 -39.38 -22.84 -14.56
C LYS A 99 -39.15 -22.86 -13.05
N PRO A 100 -39.48 -23.92 -12.32
CA PRO A 100 -39.26 -23.89 -10.87
C PRO A 100 -37.83 -23.59 -10.46
N PHE A 101 -36.85 -24.09 -11.21
CA PHE A 101 -35.45 -23.86 -10.86
C PHE A 101 -35.05 -22.40 -11.02
N ARG A 102 -35.76 -21.64 -11.85
CA ARG A 102 -35.39 -20.25 -12.09
C ARG A 102 -35.62 -19.41 -10.85
N GLU A 103 -34.82 -18.35 -10.71
CA GLU A 103 -34.94 -17.44 -9.58
C GLU A 103 -36.25 -16.67 -9.64
N THR A 104 -36.80 -16.40 -8.47
CA THR A 104 -38.09 -15.71 -8.34
C THR A 104 -37.84 -14.21 -8.43
N ALA A 105 -38.27 -13.60 -9.53
CA ALA A 105 -38.11 -12.17 -9.69
C ALA A 105 -38.85 -11.43 -8.59
N LYS A 106 -38.23 -10.37 -8.07
CA LYS A 106 -38.81 -9.65 -6.95
C LYS A 106 -40.18 -9.09 -7.32
N LYS A 107 -41.11 -9.16 -6.38
CA LYS A 107 -42.44 -8.61 -6.59
C LYS A 107 -42.39 -7.09 -6.59
N LYS A 108 -43.49 -6.49 -7.03
CA LYS A 108 -43.66 -5.04 -7.00
C LYS A 108 -44.81 -4.58 -6.12
N TYR A 109 -45.81 -5.43 -5.90
CA TYR A 109 -46.85 -5.10 -4.93
C TYR A 109 -46.24 -4.94 -3.55
N THR A 110 -46.79 -4.00 -2.78
CA THR A 110 -46.25 -3.66 -1.47
C THR A 110 -47.40 -3.59 -0.48
N VAL A 111 -47.42 -4.54 0.47
CA VAL A 111 -48.43 -4.51 1.51
C VAL A 111 -48.26 -3.25 2.36
N ARG A 112 -49.37 -2.79 2.93
CA ARG A 112 -49.41 -1.61 3.78
C ARG A 112 -49.90 -2.02 5.16
N TYR A 113 -49.23 -1.53 6.20
CA TYR A 113 -49.61 -1.85 7.57
C TYR A 113 -49.69 -0.58 8.40
N GLU A 114 -50.58 -0.59 9.38
CA GLU A 114 -50.84 0.54 10.27
C GLU A 114 -50.76 0.03 11.70
N THR A 115 -49.64 0.30 12.36
CA THR A 115 -49.41 -0.18 13.71
C THR A 115 -50.32 0.54 14.71
N LEU A 116 -50.55 -0.14 15.83
CA LEU A 116 -51.39 0.41 16.88
C LEU A 116 -50.69 1.56 17.59
N PRO A 117 -51.46 2.45 18.23
CA PRO A 117 -50.84 3.59 18.92
C PRO A 117 -49.90 3.14 20.04
N GLY A 118 -48.73 3.78 20.10
CA GLY A 118 -47.75 3.48 21.10
C GLY A 118 -47.33 2.03 21.10
N GLU A 119 -47.10 1.48 19.91
CA GLU A 119 -46.87 0.04 19.79
C GLU A 119 -45.64 -0.28 18.95
N GLN A 120 -45.20 0.66 18.11
CA GLN A 120 -44.05 0.38 17.26
C GLN A 120 -43.28 1.66 16.98
N MET A 121 -41.97 1.48 16.80
CA MET A 121 -41.06 2.55 16.42
C MET A 121 -40.03 1.96 15.47
N GLN A 122 -39.42 2.82 14.65
CA GLN A 122 -38.42 2.38 13.69
C GLN A 122 -37.18 3.26 13.81
N VAL A 123 -36.01 2.66 13.58
CA VAL A 123 -34.74 3.35 13.74
C VAL A 123 -33.85 3.06 12.54
N ASP A 124 -33.03 4.05 12.15
CA ASP A 124 -32.09 3.81 11.07
C ASP A 124 -31.01 4.88 11.05
N TRP A 125 -29.94 4.58 10.30
CA TRP A 125 -28.79 5.45 10.10
C TRP A 125 -28.72 5.89 8.64
N LYS A 126 -28.03 7.01 8.42
CA LYS A 126 -27.82 7.56 7.08
C LYS A 126 -26.41 8.14 7.03
N GLU A 127 -25.52 7.50 6.28
CA GLU A 127 -24.16 8.00 6.16
C GLU A 127 -24.10 9.23 5.28
N VAL A 128 -24.13 10.42 5.90
CA VAL A 128 -24.20 11.65 5.11
C VAL A 128 -22.97 11.76 4.22
N GLY A 129 -21.80 11.50 4.77
CA GLY A 129 -20.56 11.57 4.03
C GLY A 129 -19.46 12.14 4.89
N GLU A 130 -18.38 12.58 4.23
CA GLU A 130 -17.22 13.14 4.89
C GLU A 130 -17.21 14.65 4.71
N VAL A 131 -17.07 15.38 5.80
CA VAL A 131 -17.05 16.84 5.79
C VAL A 131 -15.88 17.34 6.61
N VAL A 132 -15.39 18.52 6.25
CA VAL A 132 -14.32 19.19 7.01
C VAL A 132 -15.01 20.12 7.98
N ILE A 133 -15.30 19.63 9.17
CA ILE A 133 -15.87 20.44 10.24
C ILE A 133 -14.73 20.96 11.10
N GLU A 134 -14.60 22.28 11.17
CA GLU A 134 -13.55 22.92 11.97
C GLU A 134 -12.17 22.38 11.59
N GLY A 135 -11.93 22.26 10.29
CA GLY A 135 -10.66 21.78 9.79
C GLY A 135 -10.36 20.33 10.08
N LYS A 136 -11.38 19.55 10.44
CA LYS A 136 -11.22 18.15 10.80
C LYS A 136 -12.16 17.31 9.96
N LYS A 137 -11.62 16.31 9.28
CA LYS A 137 -12.43 15.43 8.45
C LYS A 137 -13.07 14.35 9.30
N VAL A 138 -14.40 14.35 9.35
CA VAL A 138 -15.18 13.40 10.12
C VAL A 138 -16.25 12.82 9.21
N LYS A 139 -16.69 11.61 9.55
CA LYS A 139 -17.72 10.91 8.80
C LYS A 139 -19.06 11.17 9.47
N LEU A 140 -19.83 12.09 8.90
CA LEU A 140 -21.10 12.48 9.51
C LEU A 140 -22.17 11.44 9.24
N SER A 141 -22.94 11.11 10.27
CA SER A 141 -24.03 10.17 10.16
C SER A 141 -25.28 10.77 10.79
N LEU A 142 -26.43 10.41 10.25
CA LEU A 142 -27.71 10.89 10.72
C LEU A 142 -28.49 9.72 11.30
N PHE A 143 -28.94 9.87 12.54
CA PHE A 143 -29.76 8.88 13.21
C PHE A 143 -31.20 9.37 13.18
N VAL A 144 -32.10 8.51 12.69
CA VAL A 144 -33.51 8.85 12.54
C VAL A 144 -34.36 7.83 13.30
N ALA A 145 -35.30 8.33 14.08
CA ALA A 145 -36.25 7.53 14.84
C ALA A 145 -37.65 8.00 14.49
N THR A 146 -38.44 7.12 13.87
CA THR A 146 -39.78 7.42 13.41
C THR A 146 -40.79 6.60 14.20
N LEU A 147 -41.75 7.28 14.81
CA LEU A 147 -42.86 6.58 15.44
C LEU A 147 -43.79 6.02 14.38
N GLY A 148 -44.46 4.92 14.72
CA GLY A 148 -45.22 4.17 13.73
C GLY A 148 -46.66 4.61 13.55
N TYR A 149 -47.29 5.06 14.64
CA TYR A 149 -48.69 5.44 14.62
C TYR A 149 -48.91 6.92 14.41
N SER A 150 -48.06 7.77 15.00
CA SER A 150 -48.16 9.21 14.83
C SER A 150 -47.20 9.76 13.78
N ARG A 151 -46.29 8.93 13.27
CA ARG A 151 -45.33 9.32 12.24
C ARG A 151 -44.43 10.46 12.70
N MET A 152 -44.27 10.63 14.00
CA MET A 152 -43.29 11.59 14.51
C MET A 152 -41.91 11.26 13.96
N LYS A 153 -41.01 12.23 14.07
CA LYS A 153 -39.64 12.08 13.57
C LYS A 153 -38.70 12.80 14.52
N TYR A 154 -37.77 12.05 15.11
CA TYR A 154 -36.63 12.62 15.81
C TYR A 154 -35.37 12.26 15.04
N ALA A 155 -34.42 13.18 15.00
CA ALA A 155 -33.18 12.96 14.29
C ALA A 155 -32.05 13.61 15.04
N VAL A 156 -30.83 13.15 14.77
CA VAL A 156 -29.65 13.74 15.39
C VAL A 156 -28.42 13.33 14.58
N PHE A 157 -27.47 14.25 14.49
CA PHE A 157 -26.23 14.00 13.77
C PHE A 157 -25.15 13.55 14.73
N THR A 158 -24.25 12.70 14.22
CA THR A 158 -23.19 12.12 15.04
C THR A 158 -21.98 11.86 14.16
N THR A 159 -20.84 11.67 14.82
CA THR A 159 -19.58 11.40 14.13
C THR A 159 -19.23 9.91 14.07
N SER A 160 -20.00 9.05 14.72
CA SER A 160 -19.68 7.64 14.81
C SER A 160 -20.96 6.82 14.93
N GLN A 161 -20.87 5.56 14.56
CA GLN A 161 -22.01 4.64 14.64
C GLN A 161 -21.72 3.51 15.61
N ASP A 162 -21.06 3.82 16.72
CA ASP A 162 -20.74 2.83 17.73
C ASP A 162 -21.96 2.54 18.58
N GLN A 163 -22.03 1.31 19.10
CA GLN A 163 -23.11 0.87 19.96
C GLN A 163 -23.42 1.91 21.03
N GLU A 164 -22.38 2.54 21.57
CA GLU A 164 -22.61 3.60 22.56
C GLU A 164 -23.39 4.76 21.96
N HIS A 165 -23.01 5.20 20.77
CA HIS A 165 -23.73 6.29 20.12
C HIS A 165 -25.16 5.87 19.78
N LEU A 166 -25.34 4.63 19.34
CA LEU A 166 -26.67 4.14 19.04
C LEU A 166 -27.56 4.18 20.28
N MET A 167 -27.06 3.65 21.39
CA MET A 167 -27.84 3.64 22.63
C MET A 167 -28.13 5.05 23.11
N GLU A 168 -27.16 5.96 22.99
CA GLU A 168 -27.41 7.34 23.44
C GLU A 168 -28.45 8.02 22.56
N CYS A 169 -28.41 7.77 21.25
CA CYS A 169 -29.43 8.34 20.37
C CYS A 169 -30.79 7.75 20.67
N LEU A 170 -30.85 6.48 21.04
CA LEU A 170 -32.12 5.90 21.45
C LEU A 170 -32.64 6.55 22.72
N ILE A 171 -31.74 6.84 23.67
CA ILE A 171 -32.15 7.56 24.88
C ILE A 171 -32.74 8.92 24.50
N GLN A 172 -32.06 9.62 23.60
CA GLN A 172 -32.53 10.93 23.19
C GLN A 172 -33.90 10.84 22.52
N SER A 173 -34.09 9.83 21.67
CA SER A 173 -35.40 9.63 21.04
C SER A 173 -36.49 9.35 22.07
N PHE A 174 -36.20 8.48 23.03
CA PHE A 174 -37.20 8.14 24.05
C PHE A 174 -37.55 9.35 24.90
N LYS A 175 -36.57 10.17 25.24
CA LYS A 175 -36.85 11.40 25.96
C LYS A 175 -37.66 12.37 25.11
N TYR A 176 -37.36 12.43 23.82
CA TYR A 176 -38.07 13.35 22.93
C TYR A 176 -39.54 12.96 22.81
N PHE A 177 -39.82 11.67 22.66
CA PHE A 177 -41.20 11.20 22.53
C PHE A 177 -41.90 11.06 23.87
N GLY A 178 -41.22 11.34 24.98
CA GLY A 178 -41.83 11.24 26.29
C GLY A 178 -42.14 9.83 26.74
N GLY A 179 -41.51 8.84 26.14
CA GLY A 179 -41.75 7.47 26.54
C GLY A 179 -41.02 6.52 25.61
N VAL A 180 -41.10 5.23 25.95
CA VAL A 180 -40.48 4.17 25.17
C VAL A 180 -41.56 3.36 24.47
N PRO A 181 -41.35 2.92 23.23
CA PRO A 181 -42.34 2.07 22.56
C PRO A 181 -42.36 0.67 23.16
N LYS A 182 -43.32 -0.11 22.69
CA LYS A 182 -43.39 -1.53 23.02
C LYS A 182 -42.65 -2.40 22.01
N LYS A 183 -42.20 -1.81 20.90
CA LYS A 183 -41.43 -2.53 19.90
C LYS A 183 -40.59 -1.52 19.12
N VAL A 184 -39.35 -1.89 18.82
CA VAL A 184 -38.43 -1.04 18.10
C VAL A 184 -37.80 -1.86 16.98
N LEU A 185 -37.89 -1.37 15.75
CA LEU A 185 -37.48 -2.08 14.56
C LEU A 185 -36.18 -1.49 14.04
N PHE A 186 -35.15 -2.31 13.95
CA PHE A 186 -33.88 -1.94 13.36
C PHE A 186 -33.64 -2.79 12.12
N ASP A 187 -32.54 -2.51 11.43
CA ASP A 187 -32.00 -3.39 10.42
C ASP A 187 -30.87 -4.21 11.05
N ASN A 188 -30.32 -5.14 10.27
CA ASN A 188 -29.39 -6.13 10.81
C ASN A 188 -28.02 -5.47 11.02
N MET A 189 -27.93 -4.68 12.08
CA MET A 189 -26.67 -4.08 12.50
C MET A 189 -26.02 -4.93 13.58
N LYS A 190 -24.70 -5.04 13.52
CA LYS A 190 -23.97 -5.84 14.50
C LYS A 190 -24.06 -5.23 15.90
N THR A 191 -24.37 -3.93 16.00
CA THR A 191 -24.58 -3.34 17.31
C THR A 191 -25.89 -3.79 17.94
N VAL A 192 -26.72 -4.52 17.20
CA VAL A 192 -27.97 -5.06 17.72
C VAL A 192 -28.10 -6.56 17.56
N THR A 193 -27.35 -7.18 16.66
CA THR A 193 -27.40 -8.63 16.46
C THR A 193 -26.00 -9.13 16.19
N ASP A 194 -25.90 -10.45 15.99
CA ASP A 194 -24.62 -11.08 15.68
C ASP A 194 -24.78 -12.15 14.60
N GLY A 195 -25.76 -11.99 13.72
CA GLY A 195 -26.00 -12.92 12.65
C GLY A 195 -27.20 -13.81 12.89
N ARG A 196 -27.65 -14.44 11.81
CA ARG A 196 -28.82 -15.32 11.84
C ARG A 196 -28.33 -16.73 12.16
N GLU A 197 -28.54 -17.17 13.39
CA GLU A 197 -28.14 -18.52 13.81
C GLU A 197 -29.17 -19.51 13.28
N GLN A 198 -29.02 -19.87 12.00
CA GLN A 198 -29.91 -20.80 11.34
C GLN A 198 -31.35 -20.29 11.35
N GLY A 199 -31.54 -19.08 10.82
CA GLY A 199 -32.84 -18.47 10.71
C GLY A 199 -33.22 -17.61 11.90
N VAL A 200 -32.85 -18.03 13.11
CA VAL A 200 -33.14 -17.27 14.32
C VAL A 200 -32.05 -16.22 14.50
N VAL A 201 -32.40 -15.12 15.17
CA VAL A 201 -31.49 -14.00 15.37
C VAL A 201 -30.87 -14.10 16.74
N LYS A 202 -29.59 -13.75 16.82
CA LYS A 202 -28.84 -13.77 18.08
C LYS A 202 -28.58 -12.33 18.49
N TRP A 203 -29.23 -11.89 19.56
CA TRP A 203 -29.13 -10.51 20.00
C TRP A 203 -27.79 -10.27 20.69
N ASN A 204 -27.21 -9.10 20.42
CA ASN A 204 -26.03 -8.68 21.16
C ASN A 204 -26.37 -8.59 22.65
N GLN A 205 -25.52 -9.18 23.48
CA GLN A 205 -25.85 -9.32 24.89
C GLN A 205 -26.01 -7.97 25.57
N ARG A 206 -25.09 -7.04 25.30
CA ARG A 206 -25.21 -5.71 25.89
C ARG A 206 -26.46 -4.99 25.42
N PHE A 207 -26.73 -5.07 24.11
CA PHE A 207 -27.93 -4.41 23.59
C PHE A 207 -29.19 -5.08 24.10
N SER A 208 -29.17 -6.40 24.26
CA SER A 208 -30.31 -7.09 24.84
C SER A 208 -30.55 -6.62 26.27
N GLU A 209 -29.48 -6.47 27.04
CA GLU A 209 -29.62 -5.94 28.40
C GLU A 209 -30.19 -4.54 28.38
N PHE A 210 -29.71 -3.71 27.44
CA PHE A 210 -30.24 -2.35 27.33
C PHE A 210 -31.73 -2.36 27.04
N ALA A 211 -32.15 -3.21 26.11
CA ALA A 211 -33.56 -3.28 25.75
C ALA A 211 -34.40 -3.75 26.93
N SER A 212 -33.93 -4.80 27.61
CA SER A 212 -34.65 -5.27 28.79
C SER A 212 -34.71 -4.20 29.87
N TYR A 213 -33.70 -3.33 29.91
CA TYR A 213 -33.69 -2.26 30.90
C TYR A 213 -34.76 -1.23 30.58
N TYR A 214 -34.85 -0.82 29.32
CA TYR A 214 -35.90 0.12 28.94
C TYR A 214 -37.22 -0.55 28.58
N GLY A 215 -37.24 -1.87 28.47
CA GLY A 215 -38.48 -2.60 28.30
C GLY A 215 -38.97 -2.72 26.88
N PHE A 216 -38.33 -2.06 25.92
CA PHE A 216 -38.77 -2.14 24.53
C PHE A 216 -38.23 -3.40 23.87
N ILE A 217 -39.08 -4.07 23.11
CA ILE A 217 -38.74 -5.34 22.47
C ILE A 217 -38.09 -5.04 21.12
N PRO A 218 -36.88 -5.50 20.88
CA PRO A 218 -36.26 -5.28 19.56
C PRO A 218 -36.81 -6.21 18.50
N LYS A 219 -36.71 -5.76 17.26
CA LYS A 219 -37.05 -6.55 16.09
C LYS A 219 -36.14 -6.16 14.94
N VAL A 220 -35.91 -7.11 14.05
CA VAL A 220 -35.09 -6.89 12.87
C VAL A 220 -35.87 -7.37 11.66
N CYS A 221 -35.86 -6.56 10.59
CA CYS A 221 -36.77 -6.80 9.48
C CYS A 221 -36.39 -8.07 8.72
N ARG A 222 -35.21 -8.08 8.12
CA ARG A 222 -34.74 -9.22 7.34
C ARG A 222 -33.44 -8.81 6.63
N PRO A 223 -32.61 -9.78 6.24
CA PRO A 223 -31.43 -9.43 5.44
C PRO A 223 -31.81 -8.93 4.06
N TYR A 224 -31.31 -7.76 3.72
CA TYR A 224 -31.45 -7.20 2.37
C TYR A 224 -32.92 -6.96 2.02
N ARG A 225 -33.65 -6.36 2.95
CA ARG A 225 -35.02 -5.93 2.69
C ARG A 225 -35.30 -4.72 3.59
N ALA A 226 -35.22 -3.53 3.01
CA ALA A 226 -35.46 -2.29 3.74
C ALA A 226 -36.89 -1.78 3.60
N GLN A 227 -37.72 -2.45 2.81
CA GLN A 227 -39.09 -2.01 2.65
C GLN A 227 -39.84 -2.09 3.97
N THR A 228 -39.55 -3.11 4.79
CA THR A 228 -40.29 -3.33 6.02
C THR A 228 -40.21 -2.13 6.96
N LYS A 229 -39.22 -1.25 6.76
CA LYS A 229 -39.07 -0.06 7.59
C LYS A 229 -39.17 1.18 6.72
N GLY A 230 -40.17 1.20 5.82
CA GLY A 230 -40.26 2.29 4.86
C GLY A 230 -40.47 3.64 5.51
N LYS A 231 -41.13 3.68 6.66
CA LYS A 231 -41.41 4.96 7.30
C LYS A 231 -40.12 5.74 7.53
N VAL A 232 -39.14 5.11 8.17
CA VAL A 232 -37.92 5.80 8.54
C VAL A 232 -37.04 6.08 7.33
N GLU A 233 -37.01 5.18 6.35
CA GLU A 233 -36.24 5.46 5.14
C GLU A 233 -36.81 6.65 4.38
N ARG A 234 -38.14 6.74 4.29
CA ARG A 234 -38.76 7.87 3.62
C ARG A 234 -38.56 9.15 4.41
N ALA A 235 -38.56 9.05 5.74
CA ALA A 235 -38.23 10.21 6.56
C ALA A 235 -36.79 10.65 6.34
N ILE A 236 -35.88 9.69 6.12
CA ILE A 236 -34.51 10.03 5.80
C ILE A 236 -34.45 10.77 4.47
N GLN A 237 -35.21 10.31 3.48
CA GLN A 237 -35.25 11.02 2.20
C GLN A 237 -35.79 12.42 2.39
N TYR A 238 -36.84 12.55 3.19
CA TYR A 238 -37.42 13.86 3.50
C TYR A 238 -36.38 14.79 4.09
N ILE A 239 -35.65 14.33 5.11
CA ILE A 239 -34.71 15.19 5.81
C ILE A 239 -33.53 15.54 4.91
N MET A 240 -33.03 14.57 4.15
CA MET A 240 -31.85 14.79 3.34
C MET A 240 -32.15 15.56 2.05
N ASP A 241 -33.42 15.68 1.66
CA ASP A 241 -33.79 16.52 0.53
C ASP A 241 -34.46 17.83 0.96
N HIS A 242 -34.73 18.02 2.25
CA HIS A 242 -35.35 19.25 2.72
C HIS A 242 -34.44 20.05 3.65
N PHE A 243 -33.81 19.40 4.63
CA PHE A 243 -32.97 20.11 5.60
C PHE A 243 -31.52 20.18 5.10
N TYR A 244 -30.90 19.02 4.88
CA TYR A 244 -29.49 18.95 4.52
C TYR A 244 -29.35 18.91 2.99
N VAL A 245 -29.69 20.04 2.38
CA VAL A 245 -29.50 20.21 0.94
C VAL A 245 -28.67 21.46 0.69
N GLY A 246 -29.01 22.54 1.38
CA GLY A 246 -28.31 23.80 1.21
C GLY A 246 -27.87 24.41 2.53
N THR A 247 -28.38 23.89 3.64
CA THR A 247 -28.00 24.41 4.95
C THR A 247 -26.50 24.29 5.15
N ALA A 248 -25.89 25.35 5.67
CA ALA A 248 -24.47 25.40 5.95
C ALA A 248 -24.24 25.49 7.45
N PHE A 249 -23.13 24.91 7.90
CA PHE A 249 -22.85 24.79 9.32
C PHE A 249 -21.35 24.70 9.53
N GLU A 250 -20.92 24.96 10.77
CA GLU A 250 -19.54 24.79 11.17
C GLU A 250 -19.36 23.96 12.44
N SER A 251 -20.42 23.76 13.23
CA SER A 251 -20.35 22.96 14.44
C SER A 251 -21.54 22.01 14.48
N ILE A 252 -21.28 20.79 14.95
CA ILE A 252 -22.35 19.78 14.99
C ILE A 252 -23.43 20.19 15.99
N GLU A 253 -23.06 20.91 17.05
CA GLU A 253 -24.08 21.42 17.96
C GLU A 253 -25.03 22.38 17.24
N GLU A 254 -24.47 23.27 16.42
CA GLU A 254 -25.31 24.17 15.64
C GLU A 254 -26.22 23.39 14.71
N LEU A 255 -25.68 22.37 14.05
CA LEU A 255 -26.48 21.57 13.13
C LEU A 255 -27.61 20.86 13.85
N ASN A 256 -27.33 20.30 15.03
CA ASN A 256 -28.37 19.64 15.79
C ASN A 256 -29.44 20.63 16.27
N PHE A 257 -29.02 21.81 16.70
CA PHE A 257 -29.99 22.83 17.10
C PHE A 257 -30.90 23.20 15.93
N LEU A 258 -30.30 23.45 14.76
CA LEU A 258 -31.09 23.78 13.58
C LEU A 258 -32.03 22.63 13.22
N LEU A 259 -31.55 21.38 13.33
CA LEU A 259 -32.36 20.23 12.99
C LEU A 259 -33.56 20.11 13.91
N HIS A 260 -33.34 20.26 15.22
CA HIS A 260 -34.46 20.17 16.15
C HIS A 260 -35.46 21.28 15.91
N ARG A 261 -34.98 22.51 15.69
CA ARG A 261 -35.89 23.61 15.39
C ARG A 261 -36.69 23.33 14.13
N TRP A 262 -36.02 22.83 13.09
CA TRP A 262 -36.72 22.52 11.84
C TRP A 262 -37.76 21.43 12.04
N LEU A 263 -37.42 20.40 12.81
CA LEU A 263 -38.38 19.34 13.05
C LEU A 263 -39.62 19.90 13.73
N ASP A 264 -39.41 20.60 14.85
CA ASP A 264 -40.53 21.10 15.64
C ASP A 264 -41.31 22.18 14.90
N GLN A 265 -40.70 22.80 13.89
CA GLN A 265 -41.39 23.81 13.10
C GLN A 265 -42.26 23.17 12.02
N VAL A 266 -41.67 22.34 11.16
CA VAL A 266 -42.34 21.83 9.97
C VAL A 266 -42.49 20.31 10.01
N ALA A 267 -41.42 19.59 10.35
CA ALA A 267 -41.41 18.14 10.13
C ALA A 267 -42.47 17.45 10.96
N ASN A 268 -42.55 17.79 12.25
CA ASN A 268 -43.56 17.25 13.14
C ASN A 268 -44.80 18.13 13.22
N ARG A 269 -44.93 19.09 12.31
CA ARG A 269 -46.09 19.97 12.26
C ARG A 269 -46.89 19.83 10.98
N LYS A 270 -46.23 19.66 9.85
CA LYS A 270 -46.93 19.46 8.60
C LYS A 270 -47.75 18.17 8.67
N PRO A 271 -49.00 18.17 8.23
CA PRO A 271 -49.78 16.94 8.24
C PRO A 271 -49.20 15.92 7.27
N ASN A 272 -49.36 14.65 7.63
CA ASN A 272 -48.82 13.58 6.81
C ASN A 272 -49.68 13.37 5.56
N ALA A 273 -49.05 12.85 4.51
CA ALA A 273 -49.73 12.64 3.25
C ALA A 273 -50.69 11.46 3.28
N THR A 274 -50.57 10.57 4.26
CA THR A 274 -51.45 9.42 4.39
C THR A 274 -52.39 9.53 5.59
N THR A 275 -51.84 9.78 6.77
CA THR A 275 -52.70 9.99 7.94
C THR A 275 -53.50 11.28 7.84
N GLY A 276 -53.03 12.24 7.07
CA GLY A 276 -53.76 13.48 6.90
C GLY A 276 -54.02 14.21 8.18
N ILE A 277 -53.03 14.29 9.07
CA ILE A 277 -53.20 14.97 10.35
C ILE A 277 -51.83 15.35 10.86
N SER A 278 -51.77 16.42 11.63
CA SER A 278 -50.50 16.89 12.17
C SER A 278 -49.91 15.83 13.10
N PRO A 279 -48.63 15.48 12.95
CA PRO A 279 -48.07 14.41 13.79
C PRO A 279 -48.18 14.68 15.28
N GLN A 280 -48.18 15.94 15.71
CA GLN A 280 -48.22 16.22 17.15
C GLN A 280 -49.55 15.81 17.78
N GLU A 281 -50.65 15.94 17.04
CA GLU A 281 -51.93 15.49 17.58
C GLU A 281 -51.92 13.99 17.82
N ARG A 282 -51.41 13.22 16.85
CA ARG A 282 -51.30 11.78 17.03
C ARG A 282 -50.35 11.45 18.18
N TRP A 283 -49.26 12.20 18.29
CA TRP A 283 -48.37 12.08 19.44
C TRP A 283 -49.15 12.20 20.74
N ALA A 284 -49.97 13.25 20.84
CA ALA A 284 -50.85 13.39 22.00
C ALA A 284 -51.74 12.17 22.16
N GLU A 285 -52.11 11.53 21.05
CA GLU A 285 -52.88 10.29 21.13
C GLU A 285 -52.01 9.10 21.54
N GLU A 286 -50.69 9.19 21.37
CA GLU A 286 -49.82 8.07 21.70
C GLU A 286 -49.83 7.80 23.20
N SER A 287 -49.55 6.54 23.55
CA SER A 287 -49.44 6.10 24.94
C SER A 287 -48.18 5.26 25.06
N LEU A 288 -47.06 5.92 25.35
CA LEU A 288 -45.79 5.23 25.50
C LEU A 288 -45.54 4.87 26.96
N LYS A 289 -44.72 3.85 27.16
CA LYS A 289 -44.38 3.43 28.52
C LYS A 289 -43.48 4.47 29.18
N PRO A 290 -43.60 4.65 30.49
CA PRO A 290 -42.82 5.71 31.16
C PRO A 290 -41.33 5.42 31.12
N LEU A 291 -40.54 6.49 31.12
CA LEU A 291 -39.10 6.38 31.13
C LEU A 291 -38.59 6.08 32.54
N PRO A 292 -37.49 5.35 32.67
CA PRO A 292 -36.85 5.22 33.98
C PRO A 292 -36.20 6.52 34.41
N LEU A 293 -36.11 6.71 35.73
CA LEU A 293 -35.56 7.96 36.25
C LEU A 293 -34.11 8.13 35.84
N LYS A 294 -33.32 7.07 35.95
CA LYS A 294 -31.89 7.10 35.63
C LYS A 294 -31.66 6.44 34.28
N ASP A 295 -31.00 7.16 33.38
CA ASP A 295 -30.75 6.66 32.04
C ASP A 295 -29.61 5.66 32.04
N TYR A 296 -29.74 4.64 31.18
CA TYR A 296 -28.67 3.68 30.98
C TYR A 296 -27.38 4.41 30.64
N ASP A 297 -26.39 4.34 31.52
CA ASP A 297 -25.16 5.08 31.31
C ASP A 297 -24.44 4.57 30.08
N THR A 298 -24.33 5.43 29.07
CA THR A 298 -23.63 5.10 27.83
C THR A 298 -22.37 5.97 27.78
N SER A 299 -21.30 5.46 28.38
CA SER A 299 -20.04 6.19 28.45
C SER A 299 -18.90 5.19 28.39
N TYR A 300 -17.87 5.51 27.63
CA TYR A 300 -16.71 4.63 27.54
C TYR A 300 -16.12 4.40 28.92
N LEU A 301 -15.86 3.14 29.25
CA LEU A 301 -15.32 2.75 30.54
C LEU A 301 -13.98 2.07 30.31
N SER A 302 -12.90 2.71 30.76
CA SER A 302 -11.55 2.19 30.62
C SER A 302 -10.87 2.19 31.97
N TYR A 303 -9.93 1.27 32.13
CA TYR A 303 -9.10 1.19 33.33
C TYR A 303 -7.68 1.60 32.97
N ARG A 304 -7.13 2.51 33.76
CA ARG A 304 -5.80 3.05 33.53
C ARG A 304 -5.00 2.98 34.81
N LYS A 305 -3.71 3.26 34.69
CA LYS A 305 -2.80 3.26 35.82
C LYS A 305 -2.14 4.62 35.95
N VAL A 306 -2.01 5.10 37.18
CA VAL A 306 -1.42 6.40 37.45
C VAL A 306 0.10 6.23 37.54
N HIS A 307 0.82 7.17 36.94
CA HIS A 307 2.27 7.10 36.92
C HIS A 307 2.83 7.26 38.33
N TRP A 308 4.15 7.12 38.43
CA TRP A 308 4.83 7.19 39.72
C TRP A 308 4.59 8.54 40.40
N ASP A 309 4.80 9.62 39.66
CA ASP A 309 4.65 10.96 40.24
C ASP A 309 3.20 11.23 40.61
N GLY A 310 2.26 10.79 39.77
CA GLY A 310 0.86 11.07 39.96
C GLY A 310 0.24 11.67 38.72
N SER A 311 0.98 11.65 37.62
CA SER A 311 0.49 12.17 36.35
C SER A 311 -0.27 11.08 35.62
N PHE A 312 -1.55 11.31 35.38
CA PHE A 312 -2.43 10.35 34.72
C PHE A 312 -2.77 10.86 33.33
N SER A 313 -2.63 9.99 32.34
CA SER A 313 -2.80 10.36 30.94
C SER A 313 -3.95 9.55 30.34
N TYR A 314 -4.85 10.25 29.65
CA TYR A 314 -5.93 9.63 28.90
C TYR A 314 -6.00 10.30 27.53
N LYS A 315 -5.97 9.49 26.47
CA LYS A 315 -5.90 10.02 25.12
C LYS A 315 -4.77 11.04 25.06
N GLY A 316 -4.94 12.13 24.32
CA GLY A 316 -3.97 13.21 24.35
C GLY A 316 -4.30 14.23 25.42
N GLU A 317 -4.39 13.77 26.67
CA GLU A 317 -4.69 14.65 27.79
C GLU A 317 -3.84 14.24 28.98
N GLN A 318 -3.79 15.12 29.98
CA GLN A 318 -2.96 14.91 31.16
C GLN A 318 -3.66 15.52 32.37
N TRP A 319 -3.50 14.87 33.53
CA TRP A 319 -4.04 15.36 34.79
C TRP A 319 -2.92 15.41 35.82
N LEU A 320 -3.27 15.85 37.03
CA LEU A 320 -2.35 15.84 38.16
C LEU A 320 -3.14 15.31 39.35
N LEU A 321 -2.90 14.05 39.69
CA LEU A 321 -3.64 13.38 40.76
C LEU A 321 -2.80 13.35 42.04
N SER A 322 -3.49 13.38 43.17
CA SER A 322 -2.84 13.38 44.47
C SER A 322 -1.91 12.18 44.59
N ALA A 323 -0.91 12.29 45.46
CA ALA A 323 0.10 11.25 45.58
C ALA A 323 -0.52 9.91 45.99
N GLU A 324 -1.62 9.95 46.75
CA GLU A 324 -2.24 8.71 47.20
C GLU A 324 -2.78 7.89 46.05
N TYR A 325 -2.98 8.49 44.88
CA TYR A 325 -3.50 7.80 43.70
C TYR A 325 -2.39 7.49 42.70
N ALA A 326 -1.15 7.36 43.15
CA ALA A 326 -0.01 7.14 42.26
C ALA A 326 0.32 5.66 42.20
N GLY A 327 0.49 5.14 40.99
CA GLY A 327 0.82 3.74 40.81
C GLY A 327 -0.33 2.77 40.97
N LYS A 328 -1.55 3.26 41.09
CA LYS A 328 -2.73 2.43 41.29
C LYS A 328 -3.58 2.42 40.03
N GLU A 329 -4.67 1.67 40.08
CA GLU A 329 -5.58 1.49 38.95
C GLU A 329 -6.84 2.31 39.20
N ILE A 330 -7.26 3.06 38.18
CA ILE A 330 -8.44 3.91 38.26
C ILE A 330 -9.31 3.69 37.04
N LEU A 331 -10.56 4.13 37.16
CA LEU A 331 -11.54 4.01 36.08
C LEU A 331 -11.80 5.40 35.50
N VAL A 332 -11.82 5.48 34.18
CA VAL A 332 -11.97 6.73 33.45
C VAL A 332 -13.30 6.64 32.69
N LYS A 333 -14.36 7.17 33.29
CA LYS A 333 -15.67 7.18 32.64
C LYS A 333 -15.73 8.40 31.72
N GLU A 334 -15.70 8.17 30.42
CA GLU A 334 -15.78 9.22 29.42
C GLU A 334 -17.19 9.26 28.85
N ARG A 335 -17.95 10.28 29.25
CA ARG A 335 -19.27 10.49 28.66
C ARG A 335 -19.11 10.94 27.22
N LEU A 336 -20.16 10.72 26.42
CA LEU A 336 -20.08 11.05 25.01
C LEU A 336 -19.96 12.54 24.76
N ASN A 337 -20.32 13.37 25.74
CA ASN A 337 -20.15 14.81 25.61
C ASN A 337 -18.73 15.27 25.92
N GLY A 338 -17.88 14.38 26.40
CA GLY A 338 -16.52 14.71 26.76
C GLY A 338 -16.28 14.91 28.24
N ASP A 339 -17.29 14.70 29.07
CA ASP A 339 -17.14 14.83 30.52
C ASP A 339 -16.44 13.59 31.04
N ILE A 340 -15.14 13.71 31.31
CA ILE A 340 -14.35 12.60 31.83
C ILE A 340 -14.34 12.68 33.35
N ARG A 341 -14.69 11.58 34.01
CA ARG A 341 -14.66 11.47 35.45
C ARG A 341 -13.77 10.31 35.85
N LEU A 342 -13.08 10.46 36.97
CA LEU A 342 -12.14 9.47 37.47
C LEU A 342 -12.69 8.85 38.75
N TYR A 343 -12.66 7.53 38.81
CA TYR A 343 -13.16 6.78 39.96
C TYR A 343 -12.08 5.85 40.48
N PHE A 344 -12.05 5.68 41.80
CA PHE A 344 -11.07 4.81 42.45
C PHE A 344 -11.81 4.03 43.54
N ARG A 345 -12.16 2.78 43.23
CA ARG A 345 -12.85 1.90 44.18
C ARG A 345 -14.17 2.53 44.63
N GLY A 346 -14.93 3.02 43.67
CA GLY A 346 -16.22 3.63 43.92
C GLY A 346 -16.14 5.12 44.19
N GLU A 347 -15.09 5.56 44.86
CA GLU A 347 -14.92 6.97 45.16
C GLU A 347 -14.60 7.75 43.88
N GLU A 348 -14.87 9.05 43.93
CA GLU A 348 -14.61 9.95 42.81
C GLU A 348 -13.40 10.81 43.13
N ILE A 349 -12.50 10.93 42.16
CA ILE A 349 -11.25 11.67 42.34
C ILE A 349 -11.47 13.12 41.95
N SER A 350 -11.00 14.03 42.81
CA SER A 350 -11.01 15.46 42.49
C SER A 350 -9.79 15.81 41.64
N HIS A 351 -9.76 15.24 40.44
CA HIS A 351 -8.62 15.41 39.55
C HIS A 351 -8.39 16.88 39.23
N VAL A 352 -7.12 17.26 39.21
CA VAL A 352 -6.73 18.63 38.91
C VAL A 352 -6.50 18.78 37.40
N MET B 1 -59.50 42.62 -34.92
CA MET B 1 -58.87 41.28 -34.87
C MET B 1 -59.73 40.24 -35.58
N ILE B 2 -60.30 40.61 -36.73
CA ILE B 2 -61.02 39.62 -37.53
C ILE B 2 -60.03 38.58 -38.02
N THR B 3 -60.43 37.31 -37.91
CA THR B 3 -59.52 36.21 -38.17
C THR B 3 -59.22 36.11 -39.67
N ARG B 4 -58.38 35.15 -40.04
CA ARG B 4 -58.01 34.98 -41.44
C ARG B 4 -59.25 34.83 -42.31
N GLY B 5 -60.14 33.92 -41.93
CA GLY B 5 -61.34 33.68 -42.72
C GLY B 5 -62.23 34.90 -42.83
N GLU B 6 -62.41 35.61 -41.70
CA GLU B 6 -63.26 36.80 -41.71
C GLU B 6 -62.71 37.86 -42.65
N PHE B 7 -61.40 38.10 -42.59
CA PHE B 7 -60.79 39.10 -43.46
C PHE B 7 -60.87 38.69 -44.92
N PHE B 8 -60.60 37.42 -45.21
CA PHE B 8 -60.74 36.93 -46.57
C PHE B 8 -62.15 37.15 -47.08
N MET B 9 -63.14 36.81 -46.27
CA MET B 9 -64.54 36.97 -46.66
C MET B 9 -64.87 38.44 -46.91
N ILE B 10 -64.43 39.33 -46.01
CA ILE B 10 -64.72 40.75 -46.18
C ILE B 10 -64.13 41.25 -47.49
N LYS B 11 -62.85 40.97 -47.72
CA LYS B 11 -62.20 41.48 -48.92
C LYS B 11 -62.84 40.91 -50.18
N GLU B 12 -63.14 39.61 -50.17
CA GLU B 12 -63.70 38.98 -51.36
C GLU B 12 -65.09 39.53 -51.66
N MET B 13 -65.97 39.55 -50.66
CA MET B 13 -67.33 40.03 -50.89
C MET B 13 -67.33 41.50 -51.29
N TYR B 14 -66.44 42.30 -50.71
CA TYR B 14 -66.36 43.71 -51.12
C TYR B 14 -65.91 43.83 -52.57
N GLU B 15 -64.90 43.05 -52.97
CA GLU B 15 -64.40 43.15 -54.34
C GLU B 15 -65.39 42.59 -55.35
N ARG B 16 -66.25 41.66 -54.94
CA ARG B 16 -67.25 41.12 -55.83
C ARG B 16 -68.27 42.16 -56.29
N GLY B 17 -68.35 43.29 -55.59
CA GLY B 17 -69.32 44.33 -55.90
C GLY B 17 -70.41 44.48 -54.85
N MET B 18 -70.48 43.56 -53.88
CA MET B 18 -71.48 43.68 -52.83
C MET B 18 -71.24 44.96 -52.03
N SER B 19 -72.34 45.58 -51.62
CA SER B 19 -72.26 46.82 -50.84
C SER B 19 -71.62 46.55 -49.48
N ILE B 20 -70.91 47.56 -48.98
CA ILE B 20 -70.09 47.38 -47.78
C ILE B 20 -70.96 47.31 -46.52
N SER B 21 -72.03 48.12 -46.44
CA SER B 21 -72.82 48.15 -45.22
C SER B 21 -73.53 46.83 -44.97
N ASP B 22 -74.16 46.26 -46.00
CA ASP B 22 -74.81 44.96 -45.82
C ASP B 22 -73.77 43.87 -45.63
N ILE B 23 -72.56 44.05 -46.14
CA ILE B 23 -71.47 43.14 -45.82
C ILE B 23 -71.22 43.14 -44.31
N ALA B 24 -71.11 44.35 -43.73
CA ALA B 24 -70.91 44.46 -42.29
C ALA B 24 -72.06 43.83 -41.52
N ARG B 25 -73.29 44.10 -41.97
CA ARG B 25 -74.46 43.50 -41.35
C ARG B 25 -74.37 41.97 -41.36
N GLU B 26 -74.02 41.41 -42.52
CA GLU B 26 -73.94 39.95 -42.65
C GLU B 26 -72.88 39.37 -41.74
N LEU B 27 -71.71 40.02 -41.68
CA LEU B 27 -70.60 39.50 -40.88
C LEU B 27 -70.62 39.99 -39.45
N GLY B 28 -71.60 40.79 -39.07
CA GLY B 28 -71.73 41.22 -37.68
C GLY B 28 -70.54 42.03 -37.21
N ILE B 29 -70.09 42.97 -38.04
CA ILE B 29 -68.95 43.82 -37.72
C ILE B 29 -69.36 45.27 -37.92
N ASP B 30 -68.69 46.15 -37.20
CA ASP B 30 -68.97 47.58 -37.34
C ASP B 30 -68.57 48.06 -38.73
N ARG B 31 -69.34 49.03 -39.24
CA ARG B 31 -69.09 49.53 -40.59
C ARG B 31 -67.72 50.20 -40.69
N LYS B 32 -67.34 50.96 -39.66
CA LYS B 32 -66.02 51.58 -39.66
C LYS B 32 -64.92 50.52 -39.67
N THR B 33 -65.08 49.48 -38.87
CA THR B 33 -64.08 48.41 -38.82
C THR B 33 -63.95 47.73 -40.18
N VAL B 34 -65.08 47.41 -40.81
CA VAL B 34 -65.05 46.74 -42.11
C VAL B 34 -64.39 47.63 -43.15
N ARG B 35 -64.78 48.91 -43.17
CA ARG B 35 -64.22 49.83 -44.14
C ARG B 35 -62.71 49.98 -43.95
N LYS B 36 -62.25 50.07 -42.71
CA LYS B 36 -60.82 50.12 -42.46
C LYS B 36 -60.13 48.88 -42.97
N TYR B 37 -60.74 47.70 -42.75
CA TYR B 37 -60.14 46.46 -43.22
C TYR B 37 -60.19 46.32 -44.72
N ILE B 38 -61.06 47.06 -45.42
CA ILE B 38 -61.10 46.99 -46.87
C ILE B 38 -59.72 47.33 -47.43
N HIS B 39 -59.14 48.44 -46.98
CA HIS B 39 -57.80 48.83 -47.41
C HIS B 39 -56.79 48.43 -46.34
N SER B 40 -56.53 47.12 -46.29
CA SER B 40 -55.56 46.53 -45.38
C SER B 40 -54.80 45.44 -46.11
N PRO B 41 -53.52 45.24 -45.79
CA PRO B 41 -52.73 44.25 -46.53
C PRO B 41 -53.19 42.82 -46.31
N ASN B 42 -53.30 42.42 -45.04
CA ASN B 42 -53.58 41.03 -44.70
C ASN B 42 -54.40 40.95 -43.42
N PRO B 43 -55.01 39.81 -43.12
CA PRO B 43 -55.87 39.70 -41.94
C PRO B 43 -55.12 40.02 -40.67
N PRO B 44 -55.60 41.00 -39.89
CA PRO B 44 -54.99 41.25 -38.58
C PRO B 44 -55.63 40.41 -37.49
N SER B 45 -54.88 39.46 -36.93
CA SER B 45 -55.41 38.61 -35.86
C SER B 45 -54.36 38.33 -34.80
N LYS B 46 -53.39 39.23 -34.63
CA LYS B 46 -52.32 39.02 -33.67
C LYS B 46 -52.02 40.33 -32.95
N SER B 47 -51.82 40.23 -31.64
CA SER B 47 -51.43 41.38 -30.82
C SER B 47 -50.19 40.99 -30.04
N LYS B 48 -49.15 41.82 -30.13
CA LYS B 48 -47.86 41.56 -29.49
C LYS B 48 -47.73 42.40 -28.23
N ARG B 49 -47.48 41.72 -27.10
CA ARG B 49 -47.25 42.38 -25.82
C ARG B 49 -46.00 41.80 -25.19
N LYS B 50 -45.20 42.67 -24.57
CA LYS B 50 -43.97 42.25 -23.93
C LYS B 50 -44.22 41.84 -22.49
N GLN B 51 -43.18 41.30 -21.85
CA GLN B 51 -43.29 40.80 -20.49
C GLN B 51 -43.77 41.90 -19.55
N ARG B 52 -44.22 41.49 -18.37
CA ARG B 52 -44.72 42.40 -17.36
C ARG B 52 -44.19 41.99 -16.00
N LYS B 53 -44.28 42.92 -15.05
CA LYS B 53 -43.78 42.69 -13.71
C LYS B 53 -44.63 41.64 -13.00
N SER B 54 -43.97 40.88 -12.11
CA SER B 54 -44.65 39.86 -11.33
C SER B 54 -44.37 40.05 -9.84
N LYS B 55 -44.80 39.11 -9.01
CA LYS B 55 -44.60 39.20 -7.57
C LYS B 55 -43.26 38.67 -7.12
N LEU B 56 -42.71 37.66 -7.79
CA LEU B 56 -41.46 37.04 -7.42
C LEU B 56 -40.26 37.63 -8.16
N ASP B 57 -40.38 38.87 -8.63
CA ASP B 57 -39.24 39.52 -9.27
C ASP B 57 -38.16 39.89 -8.26
N PRO B 58 -38.45 40.61 -7.18
CA PRO B 58 -37.36 40.97 -6.25
C PRO B 58 -36.65 39.76 -5.67
N PHE B 59 -37.36 38.67 -5.43
CA PHE B 59 -36.76 37.47 -4.85
C PHE B 59 -36.05 36.61 -5.89
N LYS B 60 -36.29 36.87 -7.17
CA LYS B 60 -35.77 35.98 -8.22
C LYS B 60 -34.25 35.87 -8.19
N PRO B 61 -33.48 36.96 -8.07
CA PRO B 61 -32.02 36.78 -7.97
C PRO B 61 -31.59 35.94 -6.78
N TYR B 62 -32.24 36.12 -5.63
CA TYR B 62 -31.89 35.33 -4.45
C TYR B 62 -32.19 33.86 -4.67
N LEU B 63 -33.34 33.54 -5.25
CA LEU B 63 -33.67 32.15 -5.53
C LEU B 63 -32.70 31.56 -6.54
N GLN B 64 -32.33 32.32 -7.56
CA GLN B 64 -31.35 31.83 -8.52
C GLN B 64 -30.01 31.56 -7.88
N LYS B 65 -29.58 32.42 -6.96
CA LYS B 65 -28.33 32.18 -6.24
C LYS B 65 -28.43 30.91 -5.39
N ARG B 66 -29.56 30.74 -4.71
CA ARG B 66 -29.78 29.52 -3.92
C ARG B 66 -29.64 28.29 -4.81
N MET B 67 -30.33 28.29 -5.95
CA MET B 67 -30.30 27.12 -6.82
C MET B 67 -28.90 26.87 -7.36
N LEU B 68 -28.21 27.91 -7.81
CA LEU B 68 -26.97 27.74 -8.57
C LEU B 68 -25.74 27.61 -7.70
N GLU B 69 -25.81 27.94 -6.41
CA GLU B 69 -24.67 27.78 -5.52
C GLU B 69 -24.92 26.89 -4.32
N ASP B 70 -26.16 26.83 -3.82
CA ASP B 70 -26.49 25.95 -2.72
C ASP B 70 -27.12 24.64 -3.19
N GLY B 71 -27.49 24.54 -4.47
CA GLY B 71 -28.07 23.32 -4.99
C GLY B 71 -29.42 22.97 -4.43
N VAL B 72 -30.13 23.95 -3.86
CA VAL B 72 -31.45 23.73 -3.32
C VAL B 72 -32.47 23.77 -4.45
N PHE B 73 -33.28 22.71 -4.56
CA PHE B 73 -34.37 22.67 -5.51
C PHE B 73 -35.69 22.30 -4.85
N ASN B 74 -35.74 22.32 -3.52
CA ASN B 74 -36.97 22.03 -2.77
C ASN B 74 -37.84 23.28 -2.77
N SER B 75 -38.95 23.23 -3.50
CA SER B 75 -39.83 24.39 -3.58
C SER B 75 -40.34 24.79 -2.20
N GLU B 76 -40.62 23.82 -1.33
CA GLU B 76 -41.10 24.15 0.01
C GLU B 76 -40.06 24.94 0.78
N LYS B 77 -38.80 24.55 0.70
CA LYS B 77 -37.76 25.24 1.46
C LYS B 77 -37.56 26.66 0.96
N LEU B 78 -37.47 26.83 -0.37
CA LEU B 78 -37.28 28.16 -0.93
C LEU B 78 -38.49 29.05 -0.63
N PHE B 79 -39.70 28.48 -0.73
CA PHE B 79 -40.90 29.23 -0.41
C PHE B 79 -40.88 29.68 1.05
N PHE B 80 -40.52 28.78 1.96
CA PHE B 80 -40.49 29.14 3.38
C PHE B 80 -39.44 30.21 3.64
N GLU B 81 -38.32 30.16 2.93
CA GLU B 81 -37.28 31.17 3.09
C GLU B 81 -37.77 32.54 2.62
N ILE B 82 -38.24 32.61 1.37
CA ILE B 82 -38.64 33.89 0.80
C ILE B 82 -39.89 34.45 1.46
N ARG B 83 -40.72 33.61 2.05
CA ARG B 83 -41.91 34.11 2.74
C ARG B 83 -41.52 35.05 3.88
N GLN B 84 -40.45 34.72 4.59
CA GLN B 84 -39.95 35.64 5.63
C GLN B 84 -39.45 36.93 5.00
N GLN B 85 -38.82 36.85 3.83
CA GLN B 85 -38.30 38.05 3.18
C GLN B 85 -39.42 39.03 2.83
N GLY B 86 -40.63 38.53 2.58
CA GLY B 86 -41.75 39.40 2.30
C GLY B 86 -42.75 38.86 1.31
N TYR B 87 -42.40 37.77 0.62
CA TYR B 87 -43.31 37.21 -0.37
C TYR B 87 -44.60 36.75 0.29
N THR B 88 -45.71 36.88 -0.45
CA THR B 88 -47.03 36.56 0.06
C THR B 88 -47.84 35.64 -0.85
N GLY B 89 -47.38 35.36 -2.06
CA GLY B 89 -48.14 34.56 -2.99
C GLY B 89 -47.98 33.08 -2.76
N GLY B 90 -48.56 32.31 -3.70
CA GLY B 90 -48.51 30.87 -3.62
C GLY B 90 -47.25 30.29 -4.23
N LYS B 91 -47.17 28.97 -4.19
CA LYS B 91 -45.99 28.24 -4.65
C LYS B 91 -46.02 27.92 -6.13
N THR B 92 -47.18 28.05 -6.80
CA THR B 92 -47.26 27.68 -8.20
C THR B 92 -46.33 28.53 -9.06
N ILE B 93 -46.29 29.84 -8.79
CA ILE B 93 -45.40 30.71 -9.56
C ILE B 93 -43.95 30.33 -9.31
N LEU B 94 -43.63 29.97 -8.07
CA LEU B 94 -42.27 29.56 -7.74
C LEU B 94 -41.89 28.29 -8.51
N LYS B 95 -42.78 27.30 -8.51
CA LYS B 95 -42.49 26.06 -9.25
C LYS B 95 -42.34 26.33 -10.72
N ASP B 96 -43.20 27.19 -11.28
CA ASP B 96 -43.12 27.48 -12.71
C ASP B 96 -41.82 28.19 -13.06
N TYR B 97 -41.38 29.13 -12.23
CA TYR B 97 -40.12 29.81 -12.50
C TYR B 97 -38.93 28.88 -12.32
N MET B 98 -39.00 27.97 -11.35
CA MET B 98 -37.87 27.09 -11.05
C MET B 98 -37.79 25.87 -11.95
N LYS B 99 -38.87 25.55 -12.67
CA LYS B 99 -38.86 24.34 -13.50
C LYS B 99 -37.72 24.33 -14.52
N PRO B 100 -37.47 25.40 -15.27
CA PRO B 100 -36.39 25.35 -16.26
C PRO B 100 -35.03 24.99 -15.66
N PHE B 101 -34.74 25.46 -14.45
CA PHE B 101 -33.44 25.17 -13.84
C PHE B 101 -33.28 23.71 -13.48
N ARG B 102 -34.38 22.98 -13.30
CA ARG B 102 -34.30 21.59 -12.89
C ARG B 102 -33.71 20.73 -14.02
N GLU B 103 -33.05 19.64 -13.62
CA GLU B 103 -32.45 18.74 -14.58
C GLU B 103 -33.53 18.01 -15.38
N THR B 104 -33.22 17.75 -16.64
CA THR B 104 -34.15 17.10 -17.56
C THR B 104 -34.07 15.59 -17.35
N ALA B 105 -35.12 15.01 -16.78
CA ALA B 105 -35.16 13.57 -16.58
C ALA B 105 -35.04 12.85 -17.91
N LYS B 106 -34.27 11.76 -17.92
CA LYS B 106 -34.03 11.04 -19.17
C LYS B 106 -35.34 10.54 -19.76
N LYS B 107 -35.46 10.63 -21.08
CA LYS B 107 -36.64 10.13 -21.77
C LYS B 107 -36.65 8.61 -21.75
N LYS B 108 -37.80 8.05 -22.12
CA LYS B 108 -37.96 6.61 -22.27
C LYS B 108 -38.31 6.18 -23.68
N TYR B 109 -38.91 7.06 -24.48
CA TYR B 109 -39.11 6.75 -25.89
C TYR B 109 -37.77 6.56 -26.58
N THR B 110 -37.73 5.63 -27.53
CA THR B 110 -36.49 5.25 -28.21
C THR B 110 -36.75 5.20 -29.71
N VAL B 111 -36.14 6.14 -30.43
CA VAL B 111 -36.25 6.14 -31.89
C VAL B 111 -35.63 4.87 -32.45
N ARG B 112 -36.15 4.43 -33.60
CA ARG B 112 -35.67 3.25 -34.29
C ARG B 112 -35.16 3.65 -35.66
N TYR B 113 -33.99 3.13 -36.05
CA TYR B 113 -33.40 3.45 -37.34
C TYR B 113 -32.98 2.17 -38.04
N GLU B 114 -33.05 2.21 -39.37
CA GLU B 114 -32.72 1.07 -40.23
C GLU B 114 -31.72 1.55 -41.29
N THR B 115 -30.46 1.23 -41.08
CA THR B 115 -29.40 1.69 -41.97
C THR B 115 -29.50 1.00 -43.33
N LEU B 116 -28.94 1.66 -44.34
CA LEU B 116 -28.94 1.13 -45.69
C LEU B 116 -27.98 -0.05 -45.81
N PRO B 117 -28.20 -0.92 -46.80
CA PRO B 117 -27.32 -2.08 -46.96
C PRO B 117 -25.88 -1.68 -47.21
N GLY B 118 -24.97 -2.37 -46.53
CA GLY B 118 -23.55 -2.12 -46.68
C GLY B 118 -23.18 -0.67 -46.38
N GLU B 119 -23.74 -0.11 -45.31
CA GLU B 119 -23.60 1.31 -45.05
C GLU B 119 -23.16 1.60 -43.63
N GLN B 120 -23.39 0.67 -42.71
CA GLN B 120 -23.03 0.91 -41.32
C GLN B 120 -22.66 -0.39 -40.63
N MET B 121 -21.76 -0.26 -39.65
CA MET B 121 -21.34 -1.35 -38.79
C MET B 121 -21.12 -0.79 -37.41
N GLN B 122 -21.20 -1.65 -36.39
CA GLN B 122 -21.02 -1.24 -35.01
C GLN B 122 -20.02 -2.16 -34.32
N VAL B 123 -19.25 -1.61 -33.40
CA VAL B 123 -18.19 -2.34 -32.71
C VAL B 123 -18.25 -2.06 -31.22
N ASP B 124 -17.90 -3.07 -30.41
CA ASP B 124 -17.85 -2.85 -28.97
C ASP B 124 -17.07 -3.95 -28.28
N TRP B 125 -16.72 -3.68 -27.03
CA TRP B 125 -16.00 -4.59 -26.16
C TRP B 125 -16.87 -5.01 -24.99
N LYS B 126 -16.52 -6.16 -24.39
CA LYS B 126 -17.22 -6.70 -23.24
C LYS B 126 -16.19 -7.32 -22.32
N GLU B 127 -15.97 -6.72 -21.15
CA GLU B 127 -15.00 -7.25 -20.20
C GLU B 127 -15.55 -8.47 -19.51
N VAL B 128 -15.24 -9.66 -20.01
CA VAL B 128 -15.82 -10.88 -19.46
C VAL B 128 -15.44 -11.03 -18.00
N GLY B 129 -14.19 -10.82 -17.67
CA GLY B 129 -13.70 -10.92 -16.31
C GLY B 129 -12.33 -11.54 -16.28
N GLU B 130 -11.93 -12.00 -15.10
CA GLU B 130 -10.63 -12.61 -14.88
C GLU B 130 -10.78 -14.11 -14.74
N VAL B 131 -10.01 -14.87 -15.52
CA VAL B 131 -10.06 -16.32 -15.51
C VAL B 131 -8.64 -16.87 -15.40
N VAL B 132 -8.53 -18.06 -14.84
CA VAL B 132 -7.26 -18.77 -14.74
C VAL B 132 -7.21 -19.71 -15.94
N ILE B 133 -6.65 -19.21 -17.05
CA ILE B 133 -6.44 -20.02 -18.24
C ILE B 133 -5.03 -20.58 -18.18
N GLU B 134 -4.92 -21.91 -18.16
CA GLU B 134 -3.64 -22.60 -18.12
C GLU B 134 -2.79 -22.10 -16.95
N GLY B 135 -3.44 -21.97 -15.80
CA GLY B 135 -2.74 -21.54 -14.60
C GLY B 135 -2.30 -20.10 -14.61
N LYS B 136 -2.81 -19.29 -15.53
CA LYS B 136 -2.41 -17.89 -15.69
C LYS B 136 -3.65 -17.02 -15.62
N LYS B 137 -3.63 -16.02 -14.74
CA LYS B 137 -4.75 -15.10 -14.61
C LYS B 137 -4.66 -14.01 -15.66
N VAL B 138 -5.66 -13.98 -16.54
CA VAL B 138 -5.74 -13.00 -17.62
C VAL B 138 -7.12 -12.37 -17.59
N LYS B 139 -7.20 -11.16 -18.12
CA LYS B 139 -8.46 -10.41 -18.18
C LYS B 139 -9.07 -10.63 -19.55
N LEU B 140 -10.07 -11.52 -19.62
CA LEU B 140 -10.66 -11.87 -20.90
C LEU B 140 -11.62 -10.79 -21.36
N SER B 141 -11.56 -10.45 -22.64
CA SER B 141 -12.44 -9.47 -23.24
C SER B 141 -13.01 -10.03 -24.52
N LEU B 142 -14.24 -9.62 -24.83
CA LEU B 142 -14.94 -10.07 -26.02
C LEU B 142 -15.14 -8.88 -26.94
N PHE B 143 -14.70 -9.03 -28.19
CA PHE B 143 -14.88 -8.03 -29.22
C PHE B 143 -16.02 -8.46 -30.11
N VAL B 144 -17.00 -7.56 -30.30
CA VAL B 144 -18.19 -7.86 -31.08
C VAL B 144 -18.33 -6.82 -32.19
N ALA B 145 -18.57 -7.30 -33.40
CA ALA B 145 -18.79 -6.48 -34.59
C ALA B 145 -20.11 -6.89 -35.21
N THR B 146 -21.08 -5.98 -35.21
CA THR B 146 -22.43 -6.23 -35.71
C THR B 146 -22.68 -5.38 -36.95
N LEU B 147 -23.05 -6.04 -38.05
CA LEU B 147 -23.49 -5.31 -39.23
C LEU B 147 -24.86 -4.70 -38.99
N GLY B 148 -25.12 -3.59 -39.67
CA GLY B 148 -26.31 -2.80 -39.37
C GLY B 148 -27.54 -3.18 -40.16
N TYR B 149 -27.36 -3.63 -41.40
CA TYR B 149 -28.46 -3.95 -42.29
C TYR B 149 -28.81 -5.43 -42.28
N SER B 150 -27.82 -6.31 -42.20
CA SER B 150 -28.05 -7.75 -42.16
C SER B 150 -27.99 -8.31 -40.75
N ARG B 151 -27.59 -7.51 -39.77
CA ARG B 151 -27.52 -7.92 -38.38
C ARG B 151 -26.58 -9.10 -38.17
N MET B 152 -25.62 -9.30 -39.07
CA MET B 152 -24.58 -10.29 -38.84
C MET B 152 -23.85 -10.00 -37.54
N LYS B 153 -23.12 -11.00 -37.06
CA LYS B 153 -22.37 -10.89 -35.82
C LYS B 153 -21.08 -11.65 -35.95
N TYR B 154 -19.95 -10.94 -35.82
CA TYR B 154 -18.65 -11.56 -35.64
C TYR B 154 -18.16 -11.23 -34.24
N ALA B 155 -17.48 -12.19 -33.62
CA ALA B 155 -16.97 -11.99 -32.27
C ALA B 155 -15.63 -12.70 -32.14
N VAL B 156 -14.85 -12.27 -31.15
CA VAL B 156 -13.57 -12.91 -30.88
C VAL B 156 -13.12 -12.54 -29.48
N PHE B 157 -12.48 -13.48 -28.81
CA PHE B 157 -11.97 -13.27 -27.47
C PHE B 157 -10.50 -12.86 -27.51
N THR B 158 -10.10 -12.04 -26.55
CA THR B 158 -8.76 -11.51 -26.49
C THR B 158 -8.36 -11.28 -25.04
N THR B 159 -7.06 -11.13 -24.81
CA THR B 159 -6.52 -10.89 -23.48
C THR B 159 -6.24 -9.43 -23.20
N SER B 160 -6.40 -8.54 -24.19
CA SER B 160 -6.04 -7.14 -24.02
C SER B 160 -6.92 -6.29 -24.93
N GLN B 161 -7.04 -5.02 -24.56
CA GLN B 161 -7.84 -4.08 -25.34
C GLN B 161 -6.96 -2.96 -25.89
N ASP B 162 -5.76 -3.31 -26.33
CA ASP B 162 -4.84 -2.34 -26.90
C ASP B 162 -5.22 -2.02 -28.33
N GLN B 163 -4.91 -0.79 -28.75
CA GLN B 163 -5.18 -0.33 -30.10
C GLN B 163 -4.78 -1.37 -31.14
N GLU B 164 -3.65 -2.05 -30.90
CA GLU B 164 -3.24 -3.10 -31.82
C GLU B 164 -4.26 -4.23 -31.87
N HIS B 165 -4.74 -4.67 -30.71
CA HIS B 165 -5.74 -5.72 -30.69
C HIS B 165 -7.05 -5.25 -31.32
N LEU B 166 -7.42 -4.00 -31.08
CA LEU B 166 -8.62 -3.46 -31.69
C LEU B 166 -8.52 -3.48 -33.21
N MET B 167 -7.41 -2.99 -33.76
CA MET B 167 -7.23 -2.96 -35.20
C MET B 167 -7.20 -4.37 -35.77
N GLU B 168 -6.55 -5.32 -35.09
CA GLU B 168 -6.51 -6.68 -35.60
C GLU B 168 -7.89 -7.32 -35.59
N CYS B 169 -8.69 -7.07 -34.55
CA CYS B 169 -10.05 -7.58 -34.52
C CYS B 169 -10.89 -6.95 -35.62
N LEU B 170 -10.65 -5.69 -35.92
CA LEU B 170 -11.37 -5.06 -37.04
C LEU B 170 -10.97 -5.71 -38.36
N ILE B 171 -9.70 -6.04 -38.53
CA ILE B 171 -9.26 -6.76 -39.72
C ILE B 171 -9.99 -8.10 -39.82
N GLN B 172 -10.07 -8.81 -38.70
CA GLN B 172 -10.74 -10.10 -38.70
C GLN B 172 -12.22 -9.95 -39.06
N SER B 173 -12.87 -8.93 -38.52
CA SER B 173 -14.27 -8.68 -38.85
C SER B 173 -14.45 -8.38 -40.33
N PHE B 174 -13.59 -7.52 -40.88
CA PHE B 174 -13.70 -7.16 -42.30
C PHE B 174 -13.48 -8.37 -43.19
N LYS B 175 -12.53 -9.23 -42.84
CA LYS B 175 -12.32 -10.45 -43.59
C LYS B 175 -13.52 -11.38 -43.47
N TYR B 176 -14.12 -11.44 -42.27
CA TYR B 176 -15.27 -12.32 -42.06
C TYR B 176 -16.46 -11.89 -42.89
N PHE B 177 -16.72 -10.59 -42.94
CA PHE B 177 -17.85 -10.06 -43.70
C PHE B 177 -17.54 -9.92 -45.18
N GLY B 178 -16.32 -10.23 -45.61
CA GLY B 178 -15.96 -10.13 -47.01
C GLY B 178 -15.86 -8.72 -47.54
N GLY B 179 -15.72 -7.73 -46.66
CA GLY B 179 -15.61 -6.37 -47.10
C GLY B 179 -15.60 -5.43 -45.91
N VAL B 180 -15.40 -4.15 -46.22
CA VAL B 180 -15.39 -3.10 -45.20
C VAL B 180 -16.64 -2.24 -45.34
N PRO B 181 -17.25 -1.80 -44.24
CA PRO B 181 -18.40 -0.91 -44.35
C PRO B 181 -17.99 0.49 -44.80
N LYS B 182 -19.00 1.31 -45.05
CA LYS B 182 -18.80 2.73 -45.32
C LYS B 182 -18.85 3.58 -44.05
N LYS B 183 -19.22 2.99 -42.92
CA LYS B 183 -19.24 3.69 -41.65
C LYS B 183 -19.11 2.67 -40.54
N VAL B 184 -18.34 3.01 -39.51
CA VAL B 184 -18.12 2.13 -38.37
C VAL B 184 -18.31 2.94 -37.10
N LEU B 185 -19.18 2.46 -36.22
CA LEU B 185 -19.59 3.18 -35.03
C LEU B 185 -18.96 2.54 -33.80
N PHE B 186 -18.18 3.33 -33.07
CA PHE B 186 -17.59 2.93 -31.81
C PHE B 186 -18.16 3.78 -30.69
N ASP B 187 -17.76 3.47 -29.46
CA ASP B 187 -17.95 4.35 -28.34
C ASP B 187 -16.66 5.12 -28.09
N ASN B 188 -16.69 6.04 -27.14
CA ASN B 188 -15.60 6.99 -26.94
C ASN B 188 -14.44 6.28 -26.25
N MET B 189 -13.71 5.47 -27.02
CA MET B 189 -12.50 4.83 -26.54
C MET B 189 -11.29 5.65 -26.95
N LYS B 190 -10.30 5.71 -26.06
CA LYS B 190 -9.08 6.47 -26.36
C LYS B 190 -8.28 5.85 -27.49
N THR B 191 -8.50 4.57 -27.78
CA THR B 191 -7.85 3.96 -28.94
C THR B 191 -8.45 4.45 -30.25
N VAL B 192 -9.54 5.21 -30.20
CA VAL B 192 -10.15 5.78 -31.39
C VAL B 192 -10.30 7.30 -31.33
N THR B 193 -10.28 7.91 -30.14
CA THR B 193 -10.39 9.36 -30.01
C THR B 193 -9.46 9.82 -28.90
N ASP B 194 -9.47 11.13 -28.67
CA ASP B 194 -8.66 11.72 -27.61
C ASP B 194 -9.43 12.80 -26.86
N GLY B 195 -10.75 12.68 -26.81
CA GLY B 195 -11.59 13.64 -26.11
C GLY B 195 -12.33 14.57 -27.07
N ARG B 196 -13.34 15.23 -26.51
CA ARG B 196 -14.19 16.15 -27.26
C ARG B 196 -13.58 17.53 -27.18
N GLU B 197 -12.93 17.96 -28.26
CA GLU B 197 -12.31 19.29 -28.31
C GLU B 197 -13.41 20.33 -28.54
N GLN B 198 -14.09 20.70 -27.46
CA GLN B 198 -15.17 21.67 -27.50
C GLN B 198 -16.29 21.20 -28.43
N GLY B 199 -16.81 20.01 -28.16
CA GLY B 199 -17.91 19.44 -28.91
C GLY B 199 -17.47 18.58 -30.08
N VAL B 200 -16.41 18.97 -30.77
CA VAL B 200 -15.89 18.21 -31.90
C VAL B 200 -14.97 17.13 -31.36
N VAL B 201 -14.85 16.03 -32.11
CA VAL B 201 -14.06 14.87 -31.70
C VAL B 201 -12.71 14.94 -32.36
N LYS B 202 -11.67 14.55 -31.62
CA LYS B 202 -10.30 14.52 -32.11
C LYS B 202 -9.89 13.06 -32.28
N TRP B 203 -9.72 12.64 -33.52
CA TRP B 203 -9.41 11.25 -33.82
C TRP B 203 -7.95 10.95 -33.50
N ASN B 204 -7.71 9.77 -32.94
CA ASN B 204 -6.35 9.30 -32.77
C ASN B 204 -5.67 9.21 -34.13
N GLN B 205 -4.46 9.76 -34.23
CA GLN B 205 -3.81 9.89 -35.53
C GLN B 205 -3.55 8.54 -36.17
N ARG B 206 -3.05 7.58 -35.39
CA ARG B 206 -2.80 6.25 -35.93
C ARG B 206 -4.10 5.58 -36.37
N PHE B 207 -5.14 5.68 -35.53
CA PHE B 207 -6.41 5.07 -35.90
C PHE B 207 -7.04 5.77 -37.10
N SER B 208 -6.88 7.09 -37.18
CA SER B 208 -7.37 7.81 -38.35
C SER B 208 -6.66 7.34 -39.61
N GLU B 209 -5.34 7.14 -39.53
CA GLU B 209 -4.61 6.60 -40.67
C GLU B 209 -5.11 5.21 -41.03
N PHE B 210 -5.37 4.38 -40.02
CA PHE B 210 -5.89 3.04 -40.28
C PHE B 210 -7.22 3.11 -41.00
N ALA B 211 -8.11 3.98 -40.54
CA ALA B 211 -9.43 4.10 -41.16
C ALA B 211 -9.31 4.59 -42.60
N SER B 212 -8.48 5.62 -42.81
CA SER B 212 -8.26 6.10 -44.18
C SER B 212 -7.66 5.02 -45.06
N TYR B 213 -6.89 4.11 -44.46
CA TYR B 213 -6.29 3.04 -45.23
C TYR B 213 -7.35 2.04 -45.68
N TYR B 214 -8.23 1.65 -44.77
CA TYR B 214 -9.32 0.74 -45.15
C TYR B 214 -10.54 1.46 -45.71
N GLY B 215 -10.59 2.79 -45.62
CA GLY B 215 -11.62 3.56 -46.27
C GLY B 215 -12.90 3.72 -45.48
N PHE B 216 -13.04 3.05 -44.34
CA PHE B 216 -14.26 3.16 -43.54
C PHE B 216 -14.21 4.41 -42.69
N ILE B 217 -15.34 5.11 -42.62
CA ILE B 217 -15.43 6.38 -41.89
C ILE B 217 -15.80 6.07 -40.45
N PRO B 218 -15.00 6.50 -39.48
CA PRO B 218 -15.37 6.27 -38.07
C PRO B 218 -16.44 7.24 -37.59
N LYS B 219 -17.16 6.80 -36.57
CA LYS B 219 -18.14 7.61 -35.88
C LYS B 219 -18.18 7.20 -34.42
N VAL B 220 -18.54 8.15 -33.57
CA VAL B 220 -18.67 7.92 -32.14
C VAL B 220 -20.02 8.45 -31.69
N CYS B 221 -20.71 7.65 -30.89
CA CYS B 221 -22.11 7.93 -30.59
C CYS B 221 -22.26 9.19 -29.76
N ARG B 222 -21.74 9.18 -28.53
CA ARG B 222 -21.83 10.31 -27.62
C ARG B 222 -21.30 9.86 -26.26
N PRO B 223 -20.86 10.80 -25.42
CA PRO B 223 -20.47 10.43 -24.05
C PRO B 223 -21.67 9.96 -23.24
N TYR B 224 -21.54 8.77 -22.66
CA TYR B 224 -22.52 8.23 -21.72
C TYR B 224 -23.88 8.05 -22.39
N ARG B 225 -23.87 7.46 -23.58
CA ARG B 225 -25.11 7.08 -24.25
C ARG B 225 -24.80 5.88 -25.14
N ALA B 226 -25.14 4.69 -24.66
CA ALA B 226 -24.91 3.45 -25.39
C ALA B 226 -26.11 2.99 -26.18
N GLN B 227 -27.24 3.70 -26.10
CA GLN B 227 -28.42 3.31 -26.86
C GLN B 227 -28.15 3.39 -28.35
N THR B 228 -27.37 4.39 -28.78
CA THR B 228 -27.15 4.63 -30.20
C THR B 228 -26.53 3.41 -30.89
N LYS B 229 -25.92 2.51 -30.12
CA LYS B 229 -25.32 1.30 -30.68
C LYS B 229 -26.00 0.07 -30.09
N GLY B 230 -27.33 0.09 -30.02
CA GLY B 230 -28.05 -0.98 -29.36
C GLY B 230 -27.85 -2.33 -30.01
N LYS B 231 -27.63 -2.36 -31.32
CA LYS B 231 -27.48 -3.64 -32.01
C LYS B 231 -26.37 -4.46 -31.38
N VAL B 232 -25.19 -3.87 -31.23
CA VAL B 232 -24.04 -4.61 -30.76
C VAL B 232 -24.13 -4.91 -29.27
N GLU B 233 -24.70 -4.00 -28.48
CA GLU B 233 -24.88 -4.29 -27.06
C GLU B 233 -25.84 -5.45 -26.86
N ARG B 234 -26.93 -5.49 -27.63
CA ARG B 234 -27.87 -6.59 -27.51
C ARG B 234 -27.26 -7.88 -28.02
N ALA B 235 -26.42 -7.81 -29.05
CA ALA B 235 -25.67 -8.98 -29.49
C ALA B 235 -24.73 -9.47 -28.40
N ILE B 236 -24.13 -8.54 -27.64
CA ILE B 236 -23.29 -8.92 -26.52
C ILE B 236 -24.11 -9.65 -25.47
N GLN B 237 -25.31 -9.15 -25.18
CA GLN B 237 -26.17 -9.84 -24.23
C GLN B 237 -26.51 -11.23 -24.74
N TYR B 238 -26.83 -11.33 -26.03
CA TYR B 238 -27.12 -12.62 -26.65
C TYR B 238 -25.98 -13.60 -26.45
N ILE B 239 -24.76 -13.17 -26.78
CA ILE B 239 -23.61 -14.07 -26.73
C ILE B 239 -23.29 -14.45 -25.28
N MET B 240 -23.34 -13.49 -24.36
CA MET B 240 -22.96 -13.75 -22.98
C MET B 240 -24.04 -14.48 -22.20
N ASP B 241 -25.27 -14.55 -22.70
CA ASP B 241 -26.30 -15.37 -22.09
C ASP B 241 -26.58 -16.65 -22.85
N HIS B 242 -25.98 -16.85 -24.01
CA HIS B 242 -26.20 -18.07 -24.80
C HIS B 242 -24.94 -18.91 -24.94
N PHE B 243 -23.81 -18.30 -25.30
CA PHE B 243 -22.57 -19.05 -25.51
C PHE B 243 -21.76 -19.16 -24.21
N TYR B 244 -21.39 -18.02 -23.64
CA TYR B 244 -20.52 -18.00 -22.46
C TYR B 244 -21.38 -17.94 -21.19
N VAL B 245 -22.08 -19.04 -20.94
CA VAL B 245 -22.86 -19.20 -19.71
C VAL B 245 -22.42 -20.49 -19.01
N GLY B 246 -22.28 -21.56 -19.77
CA GLY B 246 -21.87 -22.84 -19.22
C GLY B 246 -20.73 -23.48 -19.96
N THR B 247 -20.40 -22.96 -21.14
CA THR B 247 -19.30 -23.50 -21.91
C THR B 247 -18.00 -23.43 -21.11
N ALA B 248 -17.24 -24.52 -21.15
CA ALA B 248 -15.97 -24.62 -20.45
C ALA B 248 -14.84 -24.75 -21.46
N PHE B 249 -13.68 -24.20 -21.10
CA PHE B 249 -12.55 -24.11 -22.01
C PHE B 249 -11.27 -24.07 -21.22
N GLU B 250 -10.16 -24.36 -21.91
CA GLU B 250 -8.82 -24.24 -21.34
C GLU B 250 -7.86 -23.43 -22.20
N SER B 251 -8.16 -23.22 -23.47
CA SER B 251 -7.31 -22.43 -24.36
C SER B 251 -8.17 -21.44 -25.13
N ILE B 252 -7.64 -20.23 -25.32
CA ILE B 252 -8.39 -19.19 -26.02
C ILE B 252 -8.61 -19.57 -27.47
N GLU B 253 -7.67 -20.32 -28.07
CA GLU B 253 -7.90 -20.81 -29.43
C GLU B 253 -9.11 -21.73 -29.49
N GLU B 254 -9.25 -22.62 -28.52
CA GLU B 254 -10.41 -23.48 -28.45
C GLU B 254 -11.69 -22.66 -28.30
N LEU B 255 -11.65 -21.66 -27.44
CA LEU B 255 -12.82 -20.82 -27.22
C LEU B 255 -13.22 -20.08 -28.49
N ASN B 256 -12.24 -19.54 -29.22
CA ASN B 256 -12.53 -18.85 -30.47
C ASN B 256 -13.08 -19.81 -31.51
N PHE B 257 -12.53 -21.01 -31.59
CA PHE B 257 -13.06 -22.00 -32.53
C PHE B 257 -14.51 -22.33 -32.22
N LEU B 258 -14.81 -22.59 -30.94
CA LEU B 258 -16.18 -22.86 -30.54
C LEU B 258 -17.09 -21.68 -30.84
N LEU B 259 -16.60 -20.46 -30.59
CA LEU B 259 -17.41 -19.28 -30.83
C LEU B 259 -17.75 -19.12 -32.31
N HIS B 260 -16.76 -19.30 -33.18
CA HIS B 260 -17.02 -19.18 -34.61
C HIS B 260 -17.98 -20.26 -35.08
N ARG B 261 -17.80 -21.50 -34.61
CA ARG B 261 -18.71 -22.56 -34.98
C ARG B 261 -20.13 -22.23 -34.51
N TRP B 262 -20.26 -21.75 -33.28
CA TRP B 262 -21.57 -21.41 -32.75
C TRP B 262 -22.21 -20.28 -33.55
N LEU B 263 -21.44 -19.27 -33.91
CA LEU B 263 -21.98 -18.18 -34.69
C LEU B 263 -22.52 -18.71 -36.02
N ASP B 264 -21.68 -19.43 -36.76
CA ASP B 264 -22.06 -19.90 -38.08
C ASP B 264 -23.16 -20.95 -38.02
N GLN B 265 -23.36 -21.57 -36.87
CA GLN B 265 -24.43 -22.54 -36.69
C GLN B 265 -25.76 -21.87 -36.42
N VAL B 266 -25.82 -21.04 -35.37
CA VAL B 266 -27.08 -20.49 -34.86
C VAL B 266 -27.11 -18.97 -34.97
N ALA B 267 -26.04 -18.29 -34.54
CA ALA B 267 -26.14 -16.84 -34.35
C ALA B 267 -26.40 -16.13 -35.67
N ASN B 268 -25.65 -16.48 -36.71
CA ASN B 268 -25.85 -15.92 -38.04
C ASN B 268 -26.78 -16.76 -38.89
N ARG B 269 -27.49 -17.70 -38.29
CA ARG B 269 -28.45 -18.54 -38.99
C ARG B 269 -29.88 -18.34 -38.51
N LYS B 270 -30.08 -18.20 -37.21
CA LYS B 270 -31.42 -17.96 -36.69
C LYS B 270 -31.95 -16.64 -37.25
N PRO B 271 -33.20 -16.60 -37.70
CA PRO B 271 -33.75 -15.32 -38.20
C PRO B 271 -33.88 -14.31 -37.07
N ASN B 272 -33.73 -13.05 -37.43
CA ASN B 272 -33.81 -11.99 -36.44
C ASN B 272 -35.25 -11.75 -36.02
N ALA B 273 -35.42 -11.23 -34.81
CA ALA B 273 -36.75 -10.98 -34.26
C ALA B 273 -37.43 -9.77 -34.88
N THR B 274 -36.67 -8.89 -35.55
CA THR B 274 -37.23 -7.71 -36.20
C THR B 274 -37.19 -7.80 -37.71
N THR B 275 -36.03 -8.09 -38.29
CA THR B 275 -35.96 -8.28 -39.73
C THR B 275 -36.68 -9.54 -40.19
N GLY B 276 -36.84 -10.52 -39.29
CA GLY B 276 -37.55 -11.73 -39.64
C GLY B 276 -36.97 -12.47 -40.82
N ILE B 277 -35.65 -12.58 -40.88
CA ILE B 277 -34.98 -13.27 -41.98
C ILE B 277 -33.61 -13.71 -41.49
N SER B 278 -33.10 -14.80 -42.07
CA SER B 278 -31.81 -15.31 -41.69
C SER B 278 -30.73 -14.28 -42.02
N PRO B 279 -29.83 -13.96 -41.09
CA PRO B 279 -28.82 -12.93 -41.38
C PRO B 279 -27.97 -13.22 -42.60
N GLN B 280 -27.73 -14.48 -42.94
CA GLN B 280 -26.86 -14.77 -44.07
C GLN B 280 -27.47 -14.33 -45.40
N GLU B 281 -28.79 -14.42 -45.54
CA GLU B 281 -29.43 -13.92 -46.76
C GLU B 281 -29.21 -12.43 -46.92
N ARG B 282 -29.42 -11.66 -45.85
CA ARG B 282 -29.16 -10.23 -45.89
C ARG B 282 -27.70 -9.96 -46.17
N TRP B 283 -26.80 -10.74 -45.57
CA TRP B 283 -25.38 -10.65 -45.90
C TRP B 283 -25.17 -10.78 -47.39
N ALA B 284 -25.77 -11.79 -48.00
CA ALA B 284 -25.71 -11.92 -49.46
C ALA B 284 -26.26 -10.67 -50.13
N GLU B 285 -27.23 -10.01 -49.50
CA GLU B 285 -27.72 -8.74 -50.03
C GLU B 285 -26.75 -7.59 -49.79
N GLU B 286 -25.86 -7.71 -48.81
CA GLU B 286 -24.93 -6.64 -48.51
C GLU B 286 -23.98 -6.37 -49.67
N SER B 287 -23.49 -5.14 -49.75
CA SER B 287 -22.51 -4.73 -50.75
C SER B 287 -21.43 -3.92 -50.02
N LEU B 288 -20.40 -4.61 -49.55
CA LEU B 288 -19.31 -3.98 -48.83
C LEU B 288 -18.18 -3.65 -49.80
N LYS B 289 -17.38 -2.64 -49.43
CA LYS B 289 -16.25 -2.26 -50.25
C LYS B 289 -15.16 -3.34 -50.20
N PRO B 290 -14.43 -3.54 -51.29
CA PRO B 290 -13.44 -4.62 -51.33
C PRO B 290 -12.30 -4.39 -50.35
N LEU B 291 -11.73 -5.49 -49.87
CA LEU B 291 -10.61 -5.42 -48.95
C LEU B 291 -9.31 -5.16 -49.72
N PRO B 292 -8.35 -4.46 -49.11
CA PRO B 292 -7.02 -4.37 -49.71
C PRO B 292 -6.29 -5.70 -49.64
N LEU B 293 -5.39 -5.91 -50.61
CA LEU B 293 -4.68 -7.18 -50.68
C LEU B 293 -3.82 -7.40 -49.44
N LYS B 294 -3.11 -6.36 -49.01
CA LYS B 294 -2.21 -6.44 -47.85
C LYS B 294 -2.87 -5.78 -46.67
N ASP B 295 -2.96 -6.51 -45.55
CA ASP B 295 -3.60 -6.00 -44.36
C ASP B 295 -2.69 -5.04 -43.62
N TYR B 296 -3.30 -4.01 -43.02
CA TYR B 296 -2.56 -3.08 -42.18
C TYR B 296 -1.81 -3.85 -41.10
N ASP B 297 -0.49 -3.82 -41.15
CA ASP B 297 0.31 -4.61 -40.22
C ASP B 297 0.10 -4.11 -38.80
N THR B 298 -0.48 -4.95 -37.97
CA THR B 298 -0.73 -4.63 -36.56
C THR B 298 0.18 -5.54 -35.73
N SER B 299 1.41 -5.09 -35.52
CA SER B 299 2.39 -5.85 -34.77
C SER B 299 3.28 -4.89 -33.99
N TYR B 300 3.58 -5.24 -32.75
CA TYR B 300 4.44 -4.40 -31.93
C TYR B 300 5.78 -4.21 -32.63
N LEU B 301 6.24 -2.95 -32.69
CA LEU B 301 7.49 -2.60 -33.35
C LEU B 301 8.40 -1.96 -32.31
N SER B 302 9.49 -2.65 -31.97
CA SER B 302 10.46 -2.17 -31.00
C SER B 302 11.85 -2.21 -31.61
N TYR B 303 12.71 -1.32 -31.13
CA TYR B 303 14.11 -1.29 -31.53
C TYR B 303 14.97 -1.74 -30.36
N ARG B 304 15.86 -2.68 -30.62
CA ARG B 304 16.72 -3.26 -29.61
C ARG B 304 18.15 -3.25 -30.08
N LYS B 305 19.06 -3.56 -29.17
CA LYS B 305 20.49 -3.60 -29.47
C LYS B 305 21.02 -4.99 -29.17
N VAL B 306 21.89 -5.48 -30.04
CA VAL B 306 22.48 -6.80 -29.89
C VAL B 306 23.71 -6.69 -29.00
N HIS B 307 23.86 -7.64 -28.08
CA HIS B 307 24.96 -7.63 -27.15
C HIS B 307 26.29 -7.82 -27.88
N TRP B 308 27.37 -7.72 -27.12
CA TRP B 308 28.71 -7.84 -27.69
C TRP B 308 28.91 -9.18 -28.38
N ASP B 309 28.57 -10.27 -27.68
CA ASP B 309 28.78 -11.61 -28.25
C ASP B 309 27.88 -11.84 -29.46
N GLY B 310 26.65 -11.34 -29.40
CA GLY B 310 25.68 -11.58 -30.44
C GLY B 310 24.38 -12.14 -29.89
N SER B 311 24.25 -12.14 -28.57
CA SER B 311 23.06 -12.63 -27.90
C SER B 311 22.05 -11.49 -27.81
N PHE B 312 20.90 -11.68 -28.44
CA PHE B 312 19.83 -10.69 -28.47
C PHE B 312 18.67 -11.16 -27.62
N SER B 313 18.17 -10.29 -26.76
CA SER B 313 17.13 -10.63 -25.80
C SER B 313 15.90 -9.79 -26.04
N TYR B 314 14.74 -10.44 -26.10
CA TYR B 314 13.46 -9.78 -26.19
C TYR B 314 12.50 -10.43 -25.19
N LYS B 315 11.88 -9.61 -24.35
CA LYS B 315 11.06 -10.13 -23.26
C LYS B 315 11.87 -11.18 -22.52
N GLY B 316 11.22 -12.26 -22.06
CA GLY B 316 11.94 -13.37 -21.49
C GLY B 316 12.35 -14.38 -22.53
N GLU B 317 13.09 -13.95 -23.54
CA GLU B 317 13.54 -14.82 -24.61
C GLU B 317 14.96 -14.45 -24.99
N GLN B 318 15.61 -15.36 -25.74
CA GLN B 318 16.99 -15.17 -26.13
C GLN B 318 17.20 -15.78 -27.51
N TRP B 319 18.09 -15.16 -28.29
CA TRP B 319 18.46 -15.64 -29.61
C TRP B 319 19.98 -15.73 -29.70
N LEU B 320 20.46 -16.18 -30.86
CA LEU B 320 21.89 -16.21 -31.15
C LEU B 320 22.05 -15.67 -32.56
N LEU B 321 22.50 -14.43 -32.66
CA LEU B 321 22.63 -13.74 -33.94
C LEU B 321 24.08 -13.76 -34.40
N SER B 322 24.26 -13.78 -35.72
CA SER B 322 25.60 -13.82 -36.30
C SER B 322 26.44 -12.65 -35.79
N ALA B 323 27.76 -12.82 -35.82
CA ALA B 323 28.64 -11.80 -35.26
C ALA B 323 28.48 -10.45 -35.96
N GLU B 324 28.11 -10.46 -37.25
CA GLU B 324 27.97 -9.21 -37.97
C GLU B 324 26.84 -8.35 -37.41
N TYR B 325 25.92 -8.93 -36.65
CA TYR B 325 24.80 -8.22 -36.06
C TYR B 325 25.02 -7.94 -34.57
N ALA B 326 26.27 -7.85 -34.13
CA ALA B 326 26.59 -7.66 -32.72
C ALA B 326 26.86 -6.18 -32.45
N GLY B 327 26.24 -5.65 -31.40
CA GLY B 327 26.43 -4.27 -31.03
C GLY B 327 25.68 -3.26 -31.87
N LYS B 328 24.80 -3.71 -32.75
CA LYS B 328 24.04 -2.84 -33.64
C LYS B 328 22.58 -2.79 -33.20
N GLU B 329 21.80 -2.00 -33.93
CA GLU B 329 20.38 -1.78 -33.64
C GLU B 329 19.55 -2.56 -34.64
N ILE B 330 18.55 -3.28 -34.13
CA ILE B 330 17.66 -4.09 -34.95
C ILE B 330 16.22 -3.83 -34.56
N LEU B 331 15.32 -4.22 -35.44
CA LEU B 331 13.88 -4.07 -35.24
C LEU B 331 13.26 -5.43 -34.96
N VAL B 332 12.39 -5.49 -33.97
CA VAL B 332 11.78 -6.74 -33.51
C VAL B 332 10.28 -6.59 -33.77
N LYS B 333 9.82 -7.08 -34.91
CA LYS B 333 8.40 -7.04 -35.24
C LYS B 333 7.73 -8.25 -34.59
N GLU B 334 6.92 -8.00 -33.56
CA GLU B 334 6.20 -9.04 -32.85
C GLU B 334 4.75 -9.02 -33.32
N ARG B 335 4.38 -10.02 -34.12
CA ARG B 335 2.98 -10.18 -34.50
C ARG B 335 2.17 -10.62 -33.29
N LEU B 336 0.87 -10.35 -33.34
CA LEU B 336 0.01 -10.66 -32.20
C LEU B 336 -0.09 -12.16 -31.95
N ASN B 337 0.21 -12.98 -32.95
CA ASN B 337 0.21 -14.43 -32.76
C ASN B 337 1.48 -14.94 -32.10
N GLY B 338 2.48 -14.08 -31.91
CA GLY B 338 3.75 -14.48 -31.33
C GLY B 338 4.87 -14.69 -32.32
N ASP B 339 4.63 -14.46 -33.61
CA ASP B 339 5.66 -14.61 -34.63
C ASP B 339 6.57 -13.40 -34.57
N ILE B 340 7.74 -13.57 -33.96
CA ILE B 340 8.72 -12.49 -33.85
C ILE B 340 9.69 -12.60 -35.01
N ARG B 341 9.87 -11.48 -35.73
CA ARG B 341 10.82 -11.40 -36.83
C ARG B 341 11.80 -10.27 -36.55
N LEU B 342 13.04 -10.46 -36.98
CA LEU B 342 14.12 -9.51 -36.76
C LEU B 342 14.53 -8.90 -38.08
N TYR B 343 14.63 -7.56 -38.10
CA TYR B 343 15.00 -6.82 -39.29
C TYR B 343 16.20 -5.93 -39.00
N PHE B 344 17.06 -5.77 -39.99
CA PHE B 344 18.26 -4.95 -39.87
C PHE B 344 18.41 -4.16 -41.17
N ARG B 345 17.99 -2.89 -41.13
CA ARG B 345 18.08 -2.00 -42.30
C ARG B 345 17.33 -2.59 -43.49
N GLY B 346 16.12 -3.04 -43.24
CA GLY B 346 15.27 -3.61 -44.27
C GLY B 346 15.45 -5.11 -44.44
N GLU B 347 16.67 -5.59 -44.29
CA GLU B 347 16.94 -7.02 -44.43
C GLU B 347 16.35 -7.78 -43.25
N GLU B 348 16.13 -9.07 -43.47
CA GLU B 348 15.59 -9.97 -42.46
C GLU B 348 16.69 -10.87 -41.94
N ILE B 349 16.77 -11.02 -40.62
CA ILE B 349 17.82 -11.79 -39.98
C ILE B 349 17.36 -13.23 -39.84
N SER B 350 18.23 -14.17 -40.21
CA SER B 350 17.97 -15.60 -39.99
C SER B 350 18.36 -15.98 -38.56
N HIS B 351 17.65 -15.39 -37.61
CA HIS B 351 17.94 -15.58 -36.21
C HIS B 351 17.88 -17.06 -35.83
N VAL B 352 18.83 -17.49 -35.00
CA VAL B 352 18.88 -18.87 -34.54
C VAL B 352 18.10 -19.01 -33.24
N MET C 1 -112.15 52.84 -74.59
CA MET C 1 -113.03 51.64 -74.74
C MET C 1 -114.42 51.92 -74.17
N ILE C 2 -115.33 50.97 -74.33
CA ILE C 2 -116.71 51.09 -73.86
C ILE C 2 -117.06 49.84 -73.08
N THR C 3 -118.08 49.97 -72.22
CA THR C 3 -118.50 48.87 -71.37
C THR C 3 -118.90 47.65 -72.23
N ARG C 4 -118.41 46.48 -71.83
CA ARG C 4 -118.75 45.25 -72.53
C ARG C 4 -120.25 44.94 -72.41
N GLY C 5 -120.84 45.23 -71.25
CA GLY C 5 -122.27 45.05 -71.09
C GLY C 5 -123.06 45.87 -72.09
N GLU C 6 -122.60 47.09 -72.37
CA GLU C 6 -123.26 47.91 -73.40
C GLU C 6 -123.15 47.26 -74.76
N PHE C 7 -121.99 46.66 -75.08
CA PHE C 7 -121.86 45.95 -76.35
C PHE C 7 -122.83 44.77 -76.43
N PHE C 8 -122.96 44.02 -75.34
CA PHE C 8 -123.91 42.91 -75.33
C PHE C 8 -125.34 43.41 -75.50
N MET C 9 -125.69 44.51 -74.83
CA MET C 9 -127.03 45.08 -74.97
C MET C 9 -127.28 45.51 -76.42
N ILE C 10 -126.29 46.15 -77.04
CA ILE C 10 -126.44 46.59 -78.43
C ILE C 10 -126.62 45.40 -79.35
N LYS C 11 -125.83 44.35 -79.15
CA LYS C 11 -125.95 43.17 -80.01
C LYS C 11 -127.31 42.51 -79.83
N GLU C 12 -127.79 42.39 -78.59
CA GLU C 12 -129.11 41.81 -78.35
C GLU C 12 -130.20 42.66 -78.99
N MET C 13 -130.09 43.99 -78.88
CA MET C 13 -131.08 44.88 -79.48
C MET C 13 -131.09 44.73 -81.00
N TYR C 14 -129.90 44.65 -81.62
CA TYR C 14 -129.83 44.46 -83.06
C TYR C 14 -130.46 43.12 -83.47
N GLU C 15 -130.16 42.06 -82.72
CA GLU C 15 -130.77 40.77 -83.02
C GLU C 15 -132.27 40.81 -82.81
N ARG C 16 -132.75 41.70 -81.94
CA ARG C 16 -134.19 41.81 -81.70
C ARG C 16 -134.92 42.36 -82.92
N GLY C 17 -134.25 43.15 -83.74
CA GLY C 17 -134.86 43.71 -84.94
C GLY C 17 -134.75 45.22 -85.02
N MET C 18 -133.82 45.80 -84.24
CA MET C 18 -133.62 47.24 -84.24
C MET C 18 -132.54 47.61 -85.26
N SER C 19 -132.81 48.63 -86.06
CA SER C 19 -131.86 49.05 -87.07
C SER C 19 -130.61 49.65 -86.42
N ILE C 20 -129.47 49.45 -87.06
CA ILE C 20 -128.21 49.99 -86.54
C ILE C 20 -128.29 51.51 -86.43
N SER C 21 -128.92 52.16 -87.41
CA SER C 21 -129.02 53.62 -87.38
C SER C 21 -129.79 54.10 -86.15
N ASP C 22 -130.91 53.44 -85.83
CA ASP C 22 -131.69 53.83 -84.67
C ASP C 22 -130.90 53.64 -83.38
N ILE C 23 -130.18 52.53 -83.27
CA ILE C 23 -129.37 52.29 -82.07
C ILE C 23 -128.30 53.36 -81.94
N ALA C 24 -127.62 53.68 -83.04
CA ALA C 24 -126.57 54.70 -82.98
C ALA C 24 -127.15 56.05 -82.58
N ARG C 25 -128.31 56.42 -83.15
CA ARG C 25 -128.93 57.69 -82.80
C ARG C 25 -129.34 57.73 -81.33
N GLU C 26 -129.93 56.64 -80.84
CA GLU C 26 -130.45 56.64 -79.47
C GLU C 26 -129.32 56.64 -78.44
N LEU C 27 -128.34 55.76 -78.63
CA LEU C 27 -127.26 55.62 -77.64
C LEU C 27 -126.14 56.63 -77.82
N GLY C 28 -126.10 57.34 -78.95
CA GLY C 28 -125.04 58.30 -79.21
C GLY C 28 -123.73 57.71 -79.67
N ILE C 29 -123.66 56.38 -79.86
CA ILE C 29 -122.45 55.72 -80.31
C ILE C 29 -122.57 55.49 -81.81
N ASP C 30 -121.50 55.81 -82.54
CA ASP C 30 -121.55 55.73 -84.00
C ASP C 30 -121.78 54.31 -84.46
N ARG C 31 -122.44 54.18 -85.62
CA ARG C 31 -122.80 52.87 -86.15
C ARG C 31 -121.56 52.02 -86.43
N LYS C 32 -120.43 52.66 -86.74
CA LYS C 32 -119.22 51.90 -87.06
C LYS C 32 -118.77 51.06 -85.88
N THR C 33 -118.79 51.64 -84.68
CA THR C 33 -118.40 50.90 -83.48
C THR C 33 -119.35 49.72 -83.25
N VAL C 34 -120.65 49.93 -83.43
CA VAL C 34 -121.62 48.87 -83.24
C VAL C 34 -121.34 47.73 -84.23
N ARG C 35 -121.11 48.07 -85.49
CA ARG C 35 -120.82 47.04 -86.48
C ARG C 35 -119.53 46.29 -86.15
N LYS C 36 -118.50 47.03 -85.71
CA LYS C 36 -117.23 46.39 -85.39
C LYS C 36 -117.37 45.42 -84.23
N TYR C 37 -118.10 45.81 -83.19
CA TYR C 37 -118.20 45.00 -81.98
C TYR C 37 -119.30 43.95 -82.06
N ILE C 38 -120.18 44.01 -83.06
CA ILE C 38 -121.19 42.96 -83.22
C ILE C 38 -120.53 41.65 -83.63
N HIS C 39 -119.48 41.73 -84.45
CA HIS C 39 -118.79 40.53 -84.92
C HIS C 39 -117.75 40.03 -83.92
N SER C 40 -117.57 40.70 -82.80
CA SER C 40 -116.57 40.28 -81.82
C SER C 40 -117.01 39.00 -81.15
N PRO C 41 -116.23 37.91 -81.19
CA PRO C 41 -116.66 36.68 -80.53
C PRO C 41 -116.43 36.67 -79.02
N ASN C 42 -115.56 37.54 -78.51
CA ASN C 42 -115.23 37.59 -77.10
C ASN C 42 -115.44 39.01 -76.57
N PRO C 43 -115.65 39.16 -75.25
CA PRO C 43 -115.82 40.50 -74.70
C PRO C 43 -114.53 41.29 -74.80
N PRO C 44 -114.61 42.62 -74.85
CA PRO C 44 -113.38 43.42 -74.94
C PRO C 44 -112.50 43.21 -73.71
N SER C 45 -111.23 42.94 -73.95
CA SER C 45 -110.24 42.74 -72.90
C SER C 45 -109.16 43.82 -73.00
N LYS C 46 -108.14 43.71 -72.16
CA LYS C 46 -107.05 44.67 -72.17
C LYS C 46 -106.39 44.71 -73.55
N SER C 47 -106.03 45.91 -73.98
CA SER C 47 -105.45 46.09 -75.30
C SER C 47 -104.17 45.27 -75.44
N LYS C 48 -104.05 44.55 -76.55
CA LYS C 48 -102.86 43.76 -76.85
C LYS C 48 -101.94 44.64 -77.69
N ARG C 49 -101.07 45.38 -77.00
CA ARG C 49 -100.16 46.31 -77.67
C ARG C 49 -98.85 45.61 -77.99
N LYS C 50 -98.41 45.73 -79.23
CA LYS C 50 -97.25 44.99 -79.74
C LYS C 50 -95.99 45.78 -79.40
N GLN C 51 -95.34 45.42 -78.30
CA GLN C 51 -94.05 45.99 -77.91
C GLN C 51 -94.11 47.52 -77.90
N ARG C 52 -94.95 48.05 -77.02
CA ARG C 52 -95.09 49.50 -76.92
C ARG C 52 -93.77 50.12 -76.48
N LYS C 53 -93.24 51.03 -77.31
CA LYS C 53 -91.97 51.67 -77.07
C LYS C 53 -90.87 50.63 -76.80
N SER C 54 -90.28 50.61 -75.60
CA SER C 54 -89.25 49.62 -75.30
C SER C 54 -89.14 49.48 -73.78
N LYS C 55 -89.63 48.36 -73.25
CA LYS C 55 -89.53 48.12 -71.81
C LYS C 55 -88.13 47.76 -71.37
N LEU C 56 -87.29 47.26 -72.27
CA LEU C 56 -85.97 46.74 -71.91
C LEU C 56 -86.09 45.61 -70.90
N ASP C 57 -87.15 44.81 -71.02
CA ASP C 57 -87.28 43.62 -70.20
C ASP C 57 -86.06 42.71 -70.26
N PRO C 58 -85.44 42.48 -71.41
CA PRO C 58 -84.30 41.53 -71.45
C PRO C 58 -83.18 41.87 -70.50
N PHE C 59 -83.03 43.13 -70.10
CA PHE C 59 -81.98 43.49 -69.15
C PHE C 59 -82.33 43.09 -67.71
N LYS C 60 -83.61 43.07 -67.37
CA LYS C 60 -83.99 42.81 -65.98
C LYS C 60 -83.54 41.43 -65.50
N PRO C 61 -83.68 40.34 -66.27
CA PRO C 61 -83.19 39.05 -65.79
C PRO C 61 -81.71 39.06 -65.43
N TYR C 62 -80.89 39.85 -66.13
CA TYR C 62 -79.48 39.94 -65.76
C TYR C 62 -79.33 40.50 -64.35
N LEU C 63 -80.10 41.54 -64.01
CA LEU C 63 -80.06 42.07 -62.65
C LEU C 63 -80.60 41.06 -61.65
N GLN C 64 -81.61 40.29 -62.05
CA GLN C 64 -82.13 39.24 -61.18
C GLN C 64 -81.03 38.24 -60.84
N LYS C 65 -80.28 37.80 -61.85
CA LYS C 65 -79.18 36.88 -61.61
C LYS C 65 -78.07 37.55 -60.80
N ARG C 66 -77.84 38.84 -61.03
CA ARG C 66 -76.86 39.57 -60.23
C ARG C 66 -77.22 39.52 -58.76
N MET C 67 -78.50 39.72 -58.43
CA MET C 67 -78.92 39.64 -57.04
C MET C 67 -78.82 38.21 -56.52
N LEU C 68 -79.21 37.23 -57.34
CA LEU C 68 -79.18 35.84 -56.89
C LEU C 68 -77.76 35.40 -56.56
N GLU C 69 -76.79 35.79 -57.37
CA GLU C 69 -75.42 35.32 -57.22
C GLU C 69 -74.59 36.25 -56.35
N ASP C 70 -74.42 37.51 -56.77
CA ASP C 70 -73.62 38.48 -56.06
C ASP C 70 -74.40 39.21 -54.96
N GLY C 71 -75.72 39.06 -54.91
CA GLY C 71 -76.50 39.75 -53.90
C GLY C 71 -76.39 41.26 -53.96
N VAL C 72 -76.04 41.81 -55.12
CA VAL C 72 -75.88 43.25 -55.27
C VAL C 72 -77.27 43.84 -55.50
N PHE C 73 -77.87 44.39 -54.45
CA PHE C 73 -79.15 45.07 -54.56
C PHE C 73 -78.99 46.58 -54.78
N ASN C 74 -77.81 47.00 -55.25
CA ASN C 74 -77.55 48.41 -55.54
C ASN C 74 -78.20 48.77 -56.88
N SER C 75 -79.12 49.73 -56.86
CA SER C 75 -79.89 50.03 -58.06
C SER C 75 -79.12 50.94 -59.01
N GLU C 76 -78.55 52.03 -58.49
CA GLU C 76 -77.79 52.94 -59.34
C GLU C 76 -76.65 52.21 -60.02
N LYS C 77 -75.94 51.37 -59.27
CA LYS C 77 -74.79 50.67 -59.83
C LYS C 77 -75.22 49.71 -60.95
N LEU C 78 -76.30 48.96 -60.73
CA LEU C 78 -76.77 48.04 -61.76
C LEU C 78 -77.26 48.78 -62.99
N PHE C 79 -77.96 49.91 -62.79
CA PHE C 79 -78.38 50.71 -63.93
C PHE C 79 -77.17 51.19 -64.73
N PHE C 80 -76.15 51.67 -64.03
CA PHE C 80 -74.95 52.13 -64.71
C PHE C 80 -74.29 50.99 -65.49
N GLU C 81 -74.24 49.80 -64.88
CA GLU C 81 -73.67 48.65 -65.57
C GLU C 81 -74.42 48.34 -66.86
N ILE C 82 -75.75 48.26 -66.77
CA ILE C 82 -76.49 47.90 -67.97
C ILE C 82 -76.47 49.03 -68.99
N ARG C 83 -76.38 50.29 -68.54
CA ARG C 83 -76.16 51.38 -69.47
C ARG C 83 -74.87 51.18 -70.24
N GLN C 84 -73.80 50.78 -69.53
CA GLN C 84 -72.58 50.39 -70.22
C GLN C 84 -72.84 49.21 -71.17
N GLN C 85 -73.81 48.36 -70.84
CA GLN C 85 -74.18 47.24 -71.68
C GLN C 85 -75.14 47.63 -72.81
N GLY C 86 -75.60 48.88 -72.85
CA GLY C 86 -76.47 49.34 -73.92
C GLY C 86 -77.92 49.48 -73.49
N TYR C 87 -78.13 49.99 -72.28
CA TYR C 87 -79.48 50.22 -71.77
C TYR C 87 -79.99 51.56 -72.26
N THR C 88 -81.23 51.59 -72.74
CA THR C 88 -81.86 52.81 -73.21
C THR C 88 -82.92 53.33 -72.24
N GLY C 89 -83.08 52.68 -71.09
CA GLY C 89 -84.06 53.09 -70.11
C GLY C 89 -83.49 54.07 -69.09
N GLY C 90 -84.22 54.23 -67.99
CA GLY C 90 -83.93 55.28 -67.02
C GLY C 90 -83.49 54.77 -65.67
N LYS C 91 -82.52 55.48 -65.08
CA LYS C 91 -81.97 55.08 -63.78
C LYS C 91 -83.08 54.89 -62.76
N THR C 92 -84.07 55.78 -62.78
CA THR C 92 -84.99 55.87 -61.64
C THR C 92 -85.97 54.71 -61.60
N ILE C 93 -86.45 54.24 -62.76
CA ILE C 93 -87.32 53.07 -62.72
C ILE C 93 -86.53 51.82 -62.35
N LEU C 94 -85.24 51.77 -62.67
CA LEU C 94 -84.41 50.68 -62.17
C LEU C 94 -84.20 50.78 -60.68
N LYS C 95 -84.06 52.01 -60.16
CA LYS C 95 -84.05 52.22 -58.71
C LYS C 95 -85.32 51.67 -58.08
N ASP C 96 -86.46 52.05 -58.63
CA ASP C 96 -87.71 51.43 -58.22
C ASP C 96 -87.58 49.92 -58.23
N TYR C 97 -87.32 49.34 -59.40
CA TYR C 97 -87.33 47.89 -59.56
C TYR C 97 -86.44 47.20 -58.54
N MET C 98 -85.22 47.72 -58.34
CA MET C 98 -84.34 47.16 -57.35
C MET C 98 -84.83 47.43 -55.94
N LYS C 99 -85.78 48.37 -55.77
CA LYS C 99 -86.33 48.53 -54.43
C LYS C 99 -87.12 47.31 -54.01
N PRO C 100 -88.24 46.90 -54.68
CA PRO C 100 -88.92 45.67 -54.24
C PRO C 100 -87.94 44.54 -53.95
N PHE C 101 -86.85 44.46 -54.72
CA PHE C 101 -85.84 43.43 -54.46
C PHE C 101 -85.16 43.63 -53.10
N ARG C 102 -84.62 44.83 -52.85
CA ARG C 102 -83.94 45.07 -51.59
C ARG C 102 -84.94 45.12 -50.42
N GLU C 103 -86.18 45.47 -50.70
CA GLU C 103 -87.24 45.49 -49.69
C GLU C 103 -87.63 44.08 -49.29
N THR C 104 -87.69 43.17 -50.27
CA THR C 104 -87.84 41.75 -49.94
C THR C 104 -86.62 41.25 -49.18
N ALA C 105 -85.44 41.75 -49.52
CA ALA C 105 -84.25 41.40 -48.76
C ALA C 105 -84.37 41.89 -47.32
N LYS C 106 -84.92 43.08 -47.12
CA LYS C 106 -85.10 43.61 -45.76
C LYS C 106 -86.21 42.88 -45.03
N LYS C 107 -87.25 42.43 -45.74
CA LYS C 107 -88.22 41.50 -45.17
C LYS C 107 -87.51 40.25 -44.66
N LYS C 108 -86.60 39.70 -45.48
CA LYS C 108 -85.81 38.55 -45.05
C LYS C 108 -84.98 38.89 -43.82
N TYR C 109 -84.43 40.10 -43.78
CA TYR C 109 -83.63 40.51 -42.62
C TYR C 109 -84.48 40.51 -41.36
N THR C 110 -85.72 40.99 -41.47
CA THR C 110 -86.63 41.02 -40.32
C THR C 110 -87.28 39.68 -40.03
N VAL C 111 -86.99 38.65 -40.84
CA VAL C 111 -87.56 37.32 -40.62
C VAL C 111 -87.06 36.78 -39.28
N ARG C 112 -87.97 36.62 -38.32
CA ARG C 112 -87.64 36.14 -36.98
C ARG C 112 -88.65 35.11 -36.53
N TYR C 113 -88.22 34.23 -35.62
CA TYR C 113 -89.07 33.20 -35.05
C TYR C 113 -89.59 32.24 -36.12
N GLU C 114 -88.64 31.59 -36.80
CA GLU C 114 -88.94 30.58 -37.80
C GLU C 114 -88.89 29.18 -37.18
N THR C 115 -89.72 29.00 -36.16
CA THR C 115 -89.76 27.76 -35.39
C THR C 115 -90.89 26.89 -35.90
N LEU C 116 -90.54 25.70 -36.37
CA LEU C 116 -91.50 24.70 -36.79
C LEU C 116 -91.77 23.73 -35.66
N PRO C 117 -92.92 23.05 -35.66
CA PRO C 117 -93.22 22.12 -34.56
C PRO C 117 -92.14 21.08 -34.38
N GLY C 118 -91.59 21.01 -33.18
CA GLY C 118 -90.54 20.05 -32.88
C GLY C 118 -89.25 20.30 -33.62
N GLU C 119 -88.84 21.56 -33.75
CA GLU C 119 -87.60 21.92 -34.43
C GLU C 119 -86.43 22.09 -33.46
N GLN C 120 -86.59 22.96 -32.46
CA GLN C 120 -85.53 23.20 -31.48
C GLN C 120 -86.15 23.51 -30.14
N MET C 121 -85.38 23.24 -29.08
CA MET C 121 -85.81 23.52 -27.72
C MET C 121 -84.98 24.63 -27.08
N GLN C 122 -84.44 25.53 -27.89
CA GLN C 122 -83.82 26.77 -27.44
C GLN C 122 -83.08 26.60 -26.12
N VAL C 123 -81.98 25.84 -26.12
CA VAL C 123 -81.21 25.63 -24.91
C VAL C 123 -80.46 26.89 -24.54
N ASP C 124 -80.39 27.18 -23.24
CA ASP C 124 -79.61 28.30 -22.72
C ASP C 124 -79.22 28.01 -21.29
N TRP C 125 -78.02 28.45 -20.92
CA TRP C 125 -77.47 28.30 -19.58
C TRP C 125 -77.11 29.66 -19.00
N LYS C 126 -77.19 29.78 -17.68
CA LYS C 126 -76.77 31.03 -17.04
C LYS C 126 -76.68 30.83 -15.53
N GLU C 127 -75.64 31.38 -14.93
CA GLU C 127 -75.54 31.42 -13.48
C GLU C 127 -76.47 32.51 -12.95
N VAL C 128 -77.36 32.14 -12.02
CA VAL C 128 -78.43 33.05 -11.61
C VAL C 128 -78.55 33.16 -10.10
N GLY C 129 -77.87 32.26 -9.35
CA GLY C 129 -78.05 32.24 -7.91
C GLY C 129 -76.79 31.86 -7.18
N GLU C 130 -76.82 32.10 -5.87
CA GLU C 130 -75.72 31.76 -4.98
C GLU C 130 -76.30 31.30 -3.65
N VAL C 131 -75.82 30.15 -3.16
CA VAL C 131 -76.32 29.56 -1.93
C VAL C 131 -75.13 28.99 -1.16
N VAL C 132 -75.38 28.68 0.12
CA VAL C 132 -74.34 28.25 1.06
C VAL C 132 -74.61 26.80 1.46
N ILE C 133 -75.12 26.01 0.51
CA ILE C 133 -75.60 24.66 0.77
C ILE C 133 -74.65 23.93 1.71
N GLU C 134 -75.20 23.36 2.79
CA GLU C 134 -74.41 22.64 3.78
C GLU C 134 -73.25 23.48 4.29
N GLY C 135 -73.50 24.77 4.42
CA GLY C 135 -72.47 25.69 4.87
C GLY C 135 -71.38 25.98 3.86
N LYS C 136 -71.56 25.58 2.61
CA LYS C 136 -70.57 25.77 1.57
C LYS C 136 -71.15 26.62 0.45
N LYS C 137 -70.45 27.69 0.10
CA LYS C 137 -70.91 28.56 -0.98
C LYS C 137 -70.90 27.81 -2.31
N VAL C 138 -71.94 28.03 -3.10
CA VAL C 138 -72.06 27.40 -4.41
C VAL C 138 -72.87 28.33 -5.30
N LYS C 139 -72.49 28.38 -6.58
CA LYS C 139 -73.16 29.23 -7.56
C LYS C 139 -74.23 28.43 -8.28
N LEU C 140 -75.47 28.88 -8.20
CA LEU C 140 -76.59 28.19 -8.82
C LEU C 140 -76.61 28.48 -10.32
N SER C 141 -76.69 27.43 -11.12
CA SER C 141 -76.73 27.53 -12.57
C SER C 141 -78.05 26.99 -13.09
N LEU C 142 -78.68 27.77 -13.97
CA LEU C 142 -80.01 27.52 -14.49
C LEU C 142 -79.93 27.20 -15.97
N PHE C 143 -80.78 26.28 -16.40
CA PHE C 143 -80.89 25.81 -17.77
C PHE C 143 -82.33 25.94 -18.22
N VAL C 144 -82.52 26.61 -19.36
CA VAL C 144 -83.86 26.83 -19.92
C VAL C 144 -83.83 26.35 -21.37
N ALA C 145 -84.70 25.41 -21.70
CA ALA C 145 -84.88 24.93 -23.06
C ALA C 145 -86.28 25.33 -23.51
N THR C 146 -86.36 26.32 -24.40
CA THR C 146 -87.64 26.82 -24.89
C THR C 146 -87.98 26.16 -26.23
N LEU C 147 -89.17 25.58 -26.32
CA LEU C 147 -89.54 24.72 -27.44
C LEU C 147 -90.13 25.50 -28.60
N GLY C 148 -89.43 26.55 -29.03
CA GLY C 148 -89.71 27.20 -30.30
C GLY C 148 -91.19 27.45 -30.59
N TYR C 149 -91.70 26.76 -31.61
CA TYR C 149 -93.07 26.98 -32.07
C TYR C 149 -94.06 26.88 -30.92
N SER C 150 -93.98 25.83 -30.11
CA SER C 150 -94.93 25.67 -29.02
C SER C 150 -94.78 26.78 -27.98
N ARG C 151 -93.57 27.27 -27.78
CA ARG C 151 -93.20 28.31 -26.82
C ARG C 151 -93.11 27.73 -25.41
N MET C 152 -93.41 26.45 -25.20
CA MET C 152 -93.18 25.83 -23.91
C MET C 152 -91.69 25.83 -23.59
N LYS C 153 -91.37 25.75 -22.30
CA LYS C 153 -89.98 25.77 -21.87
C LYS C 153 -89.80 24.91 -20.62
N TYR C 154 -88.72 24.14 -20.61
CA TYR C 154 -88.30 23.39 -19.44
C TYR C 154 -87.19 24.16 -18.75
N ALA C 155 -87.37 24.45 -17.46
CA ALA C 155 -86.43 25.24 -16.69
C ALA C 155 -86.00 24.48 -15.44
N VAL C 156 -84.69 24.49 -15.17
CA VAL C 156 -84.17 23.85 -13.97
C VAL C 156 -82.80 24.41 -13.63
N PHE C 157 -82.58 24.76 -12.36
CA PHE C 157 -81.30 25.28 -11.90
C PHE C 157 -80.78 24.37 -10.79
N THR C 158 -79.64 23.71 -11.03
CA THR C 158 -79.18 22.71 -10.08
C THR C 158 -77.80 23.02 -9.48
N THR C 159 -76.71 22.92 -10.24
CA THR C 159 -75.40 23.06 -9.64
C THR C 159 -74.48 24.04 -10.36
N SER C 160 -74.31 23.87 -11.65
CA SER C 160 -73.25 24.52 -12.41
C SER C 160 -73.51 24.27 -13.89
N GLN C 161 -72.54 24.65 -14.73
CA GLN C 161 -72.65 24.54 -16.18
C GLN C 161 -71.77 23.41 -16.73
N ASP C 162 -71.47 22.41 -15.92
CA ASP C 162 -70.66 21.29 -16.39
C ASP C 162 -71.41 20.51 -17.46
N GLN C 163 -70.63 19.90 -18.36
CA GLN C 163 -71.23 19.21 -19.50
C GLN C 163 -72.13 18.07 -19.07
N GLU C 164 -71.74 17.35 -18.01
CA GLU C 164 -72.57 16.23 -17.55
C GLU C 164 -73.93 16.72 -17.09
N HIS C 165 -73.97 17.82 -16.33
CA HIS C 165 -75.25 18.39 -15.94
C HIS C 165 -76.01 18.93 -17.13
N LEU C 166 -75.29 19.44 -18.15
CA LEU C 166 -75.96 19.87 -19.38
C LEU C 166 -76.71 18.70 -20.01
N MET C 167 -76.03 17.56 -20.16
CA MET C 167 -76.68 16.39 -20.76
C MET C 167 -77.82 15.89 -19.88
N GLU C 168 -77.64 15.94 -18.56
CA GLU C 168 -78.71 15.53 -17.66
C GLU C 168 -79.95 16.41 -17.84
N CYS C 169 -79.74 17.72 -17.95
CA CYS C 169 -80.86 18.64 -18.16
C CYS C 169 -81.53 18.40 -19.51
N LEU C 170 -80.74 18.14 -20.55
CA LEU C 170 -81.32 17.82 -21.85
C LEU C 170 -82.17 16.57 -21.77
N ILE C 171 -81.69 15.54 -21.07
CA ILE C 171 -82.45 14.32 -20.92
C ILE C 171 -83.74 14.57 -20.14
N GLN C 172 -83.66 15.39 -19.09
CA GLN C 172 -84.86 15.72 -18.33
C GLN C 172 -85.87 16.44 -19.21
N SER C 173 -85.41 17.38 -20.03
CA SER C 173 -86.31 18.11 -20.92
C SER C 173 -86.94 17.17 -21.94
N PHE C 174 -86.15 16.25 -22.50
CA PHE C 174 -86.71 15.29 -23.45
C PHE C 174 -87.76 14.41 -22.79
N LYS C 175 -87.50 13.93 -21.58
CA LYS C 175 -88.47 13.10 -20.87
C LYS C 175 -89.74 13.87 -20.58
N TYR C 176 -89.62 15.12 -20.13
CA TYR C 176 -90.79 15.93 -19.84
C TYR C 176 -91.59 16.21 -21.11
N PHE C 177 -90.90 16.45 -22.22
CA PHE C 177 -91.57 16.67 -23.50
C PHE C 177 -91.96 15.37 -24.21
N GLY C 178 -91.53 14.23 -23.69
CA GLY C 178 -91.91 12.96 -24.29
C GLY C 178 -91.43 12.76 -25.70
N GLY C 179 -90.18 13.14 -25.98
CA GLY C 179 -89.61 12.92 -27.30
C GLY C 179 -88.45 13.87 -27.55
N VAL C 180 -88.08 13.98 -28.82
CA VAL C 180 -86.91 14.75 -29.23
C VAL C 180 -87.28 15.60 -30.44
N PRO C 181 -86.65 16.78 -30.56
CA PRO C 181 -86.82 17.58 -31.78
C PRO C 181 -85.75 17.27 -32.82
N LYS C 182 -85.92 17.85 -34.00
CA LYS C 182 -85.00 17.62 -35.10
C LYS C 182 -83.59 18.09 -34.75
N LYS C 183 -83.48 19.25 -34.11
CA LYS C 183 -82.19 19.83 -33.78
C LYS C 183 -82.33 20.61 -32.49
N VAL C 184 -81.20 20.96 -31.89
CA VAL C 184 -81.15 21.74 -30.67
C VAL C 184 -80.19 22.90 -30.86
N LEU C 185 -80.63 24.09 -30.46
CA LEU C 185 -79.87 25.33 -30.63
C LEU C 185 -79.42 25.83 -29.28
N PHE C 186 -78.10 25.92 -29.10
CA PHE C 186 -77.47 26.31 -27.85
C PHE C 186 -76.94 27.73 -27.94
N ASP C 187 -76.25 28.15 -26.87
CA ASP C 187 -75.55 29.43 -26.84
C ASP C 187 -74.06 29.17 -26.63
N ASN C 188 -73.24 30.08 -27.15
CA ASN C 188 -71.79 29.92 -27.06
C ASN C 188 -71.37 29.87 -25.58
N MET C 189 -70.52 28.91 -25.25
CA MET C 189 -70.04 28.73 -23.88
C MET C 189 -68.89 27.72 -23.92
N LYS C 190 -68.29 27.49 -22.75
CA LYS C 190 -67.20 26.54 -22.66
C LYS C 190 -67.65 25.13 -23.04
N THR C 191 -68.82 24.73 -22.55
CA THR C 191 -69.37 23.41 -22.86
C THR C 191 -69.96 23.44 -24.27
N VAL C 192 -70.67 22.38 -24.64
CA VAL C 192 -71.28 22.26 -25.96
C VAL C 192 -70.17 22.21 -27.01
N THR C 193 -69.47 23.33 -27.19
CA THR C 193 -68.39 23.43 -28.17
C THR C 193 -67.14 23.91 -27.47
N ASP C 194 -66.05 23.14 -27.61
CA ASP C 194 -64.78 23.56 -27.05
C ASP C 194 -64.27 24.82 -27.73
N GLY C 195 -64.39 24.89 -29.05
CA GLY C 195 -63.92 26.05 -29.78
C GLY C 195 -64.45 26.08 -31.21
N ARG C 196 -64.83 27.27 -31.68
CA ARG C 196 -65.34 27.46 -33.02
C ARG C 196 -64.32 28.26 -33.81
N GLU C 197 -63.87 27.70 -34.93
CA GLU C 197 -62.80 28.30 -35.74
C GLU C 197 -63.33 28.50 -37.16
N GLN C 198 -63.76 29.73 -37.46
CA GLN C 198 -64.14 30.13 -38.81
C GLN C 198 -65.17 29.16 -39.41
N GLY C 199 -66.19 28.86 -38.61
CA GLY C 199 -67.27 27.99 -39.03
C GLY C 199 -67.02 26.52 -38.80
N VAL C 200 -65.78 26.12 -38.53
CA VAL C 200 -65.47 24.73 -38.21
C VAL C 200 -65.77 24.53 -36.72
N VAL C 201 -67.00 24.14 -36.43
CA VAL C 201 -67.48 24.00 -35.05
C VAL C 201 -67.31 22.55 -34.65
N LYS C 202 -66.22 22.26 -33.94
CA LYS C 202 -65.97 20.92 -33.41
C LYS C 202 -66.50 20.88 -31.98
N TRP C 203 -67.71 20.35 -31.81
CA TRP C 203 -68.37 20.40 -30.51
C TRP C 203 -67.62 19.55 -29.49
N ASN C 204 -67.58 18.24 -29.75
CA ASN C 204 -66.98 17.27 -28.84
C ASN C 204 -67.12 15.88 -29.46
N GLN C 205 -66.57 14.87 -28.81
CA GLN C 205 -66.79 13.50 -29.23
C GLN C 205 -67.94 12.86 -28.44
N ARG C 206 -67.86 12.93 -27.12
CA ARG C 206 -68.92 12.36 -26.29
C ARG C 206 -70.24 13.08 -26.52
N PHE C 207 -70.21 14.41 -26.62
CA PHE C 207 -71.43 15.16 -26.88
C PHE C 207 -72.02 14.83 -28.24
N SER C 208 -71.16 14.67 -29.25
CA SER C 208 -71.64 14.27 -30.57
C SER C 208 -72.29 12.89 -30.52
N GLU C 209 -71.67 11.96 -29.79
CA GLU C 209 -72.25 10.63 -29.64
C GLU C 209 -73.60 10.72 -28.96
N PHE C 210 -73.72 11.55 -27.92
CA PHE C 210 -74.98 11.72 -27.22
C PHE C 210 -76.05 12.28 -28.16
N ALA C 211 -75.69 13.30 -28.96
CA ALA C 211 -76.65 13.89 -29.88
C ALA C 211 -77.13 12.88 -30.90
N SER C 212 -76.20 12.10 -31.47
CA SER C 212 -76.59 11.09 -32.43
C SER C 212 -77.45 10.02 -31.77
N TYR C 213 -77.14 9.65 -30.53
CA TYR C 213 -77.91 8.65 -29.82
C TYR C 213 -79.35 9.10 -29.62
N TYR C 214 -79.55 10.33 -29.12
CA TYR C 214 -80.90 10.81 -28.91
C TYR C 214 -81.58 11.20 -30.22
N GLY C 215 -80.81 11.64 -31.21
CA GLY C 215 -81.36 11.92 -32.52
C GLY C 215 -81.13 13.35 -32.98
N PHE C 216 -81.25 14.30 -32.06
CA PHE C 216 -81.09 15.70 -32.42
C PHE C 216 -79.64 15.98 -32.81
N ILE C 217 -79.40 17.22 -33.26
CA ILE C 217 -78.04 17.65 -33.61
C ILE C 217 -77.82 19.06 -33.11
N PRO C 218 -76.58 19.39 -32.76
CA PRO C 218 -76.28 20.76 -32.30
C PRO C 218 -76.25 21.72 -33.47
N LYS C 219 -76.95 22.85 -33.33
CA LYS C 219 -76.98 23.88 -34.36
C LYS C 219 -76.82 25.26 -33.74
N VAL C 220 -75.79 25.41 -32.90
CA VAL C 220 -75.59 26.66 -32.16
C VAL C 220 -75.13 27.74 -33.13
N CYS C 221 -76.08 28.57 -33.57
CA CYS C 221 -75.77 29.66 -34.49
C CYS C 221 -76.56 30.92 -34.17
N ARG C 222 -77.02 31.09 -32.93
CA ARG C 222 -77.79 32.27 -32.57
C ARG C 222 -77.01 33.53 -32.89
N PRO C 223 -77.69 34.68 -32.96
CA PRO C 223 -76.96 35.95 -33.03
C PRO C 223 -76.04 36.09 -31.83
N TYR C 224 -74.78 36.42 -32.10
CA TYR C 224 -73.77 36.55 -31.06
C TYR C 224 -73.71 37.95 -30.47
N ARG C 225 -74.80 38.71 -30.56
CA ARG C 225 -74.90 40.06 -30.04
C ARG C 225 -76.02 40.14 -29.02
N ALA C 226 -76.09 41.27 -28.33
CA ALA C 226 -77.19 41.53 -27.41
C ALA C 226 -78.51 41.74 -28.14
N GLN C 227 -78.49 41.92 -29.46
CA GLN C 227 -79.69 42.14 -30.24
C GLN C 227 -80.11 40.83 -30.91
N THR C 228 -81.38 40.47 -30.74
CA THR C 228 -82.07 39.31 -31.27
C THR C 228 -81.67 38.02 -30.56
N LYS C 229 -80.65 38.03 -29.72
CA LYS C 229 -80.36 36.89 -28.84
C LYS C 229 -80.41 37.30 -27.38
N GLY C 230 -79.68 38.34 -26.98
CA GLY C 230 -79.67 38.74 -25.59
C GLY C 230 -81.00 39.29 -25.13
N LYS C 231 -81.71 40.01 -26.01
CA LYS C 231 -82.97 40.63 -25.63
C LYS C 231 -83.96 39.58 -25.14
N VAL C 232 -84.22 38.55 -25.96
CA VAL C 232 -85.19 37.53 -25.60
C VAL C 232 -84.68 36.70 -24.42
N GLU C 233 -83.37 36.44 -24.39
CA GLU C 233 -82.80 35.65 -23.31
C GLU C 233 -83.04 36.32 -21.96
N ARG C 234 -82.65 37.60 -21.84
CA ARG C 234 -82.87 38.30 -20.58
C ARG C 234 -84.35 38.51 -20.31
N ALA C 235 -85.16 38.73 -21.35
CA ALA C 235 -86.61 38.83 -21.15
C ALA C 235 -87.13 37.60 -20.43
N ILE C 236 -86.91 36.42 -21.00
CA ILE C 236 -87.43 35.19 -20.39
C ILE C 236 -86.77 34.96 -19.04
N GLN C 237 -85.48 35.31 -18.90
CA GLN C 237 -84.79 35.06 -17.65
C GLN C 237 -85.43 35.82 -16.50
N TYR C 238 -85.61 37.14 -16.66
CA TYR C 238 -86.20 37.90 -15.57
C TYR C 238 -87.70 37.67 -15.45
N ILE C 239 -88.38 37.27 -16.53
CA ILE C 239 -89.78 36.89 -16.42
C ILE C 239 -89.90 35.67 -15.51
N MET C 240 -89.03 34.68 -15.69
CA MET C 240 -89.02 33.53 -14.80
C MET C 240 -88.64 33.93 -13.38
N ASP C 241 -87.61 34.78 -13.25
CA ASP C 241 -87.13 35.15 -11.91
C ASP C 241 -88.23 35.84 -11.12
N HIS C 242 -88.92 36.81 -11.73
CA HIS C 242 -89.94 37.56 -11.00
C HIS C 242 -91.15 36.69 -10.70
N PHE C 243 -91.66 35.98 -11.71
CA PHE C 243 -92.89 35.22 -11.52
C PHE C 243 -92.70 34.09 -10.54
N TYR C 244 -91.56 33.39 -10.60
CA TYR C 244 -91.31 32.28 -9.69
C TYR C 244 -90.83 32.78 -8.33
N VAL C 245 -89.66 33.42 -8.31
CA VAL C 245 -89.07 34.01 -7.11
C VAL C 245 -89.31 33.11 -5.89
N GLY C 246 -89.31 31.80 -6.10
CA GLY C 246 -89.58 30.88 -5.02
C GLY C 246 -88.35 30.63 -4.16
N THR C 247 -88.61 30.25 -2.91
CA THR C 247 -87.54 29.92 -1.95
C THR C 247 -88.06 28.73 -1.11
N ALA C 248 -87.71 27.53 -1.55
CA ALA C 248 -88.21 26.32 -0.88
C ALA C 248 -87.44 26.06 0.41
N PHE C 249 -86.12 25.97 0.32
CA PHE C 249 -85.28 25.61 1.46
C PHE C 249 -83.83 25.74 1.03
N GLU C 250 -82.94 25.80 2.03
CA GLU C 250 -81.51 25.93 1.80
C GLU C 250 -81.05 24.95 0.73
N SER C 251 -81.56 23.72 0.77
CA SER C 251 -81.21 22.72 -0.23
C SER C 251 -81.73 23.14 -1.60
N ILE C 252 -80.83 23.23 -2.57
CA ILE C 252 -81.23 23.61 -3.93
C ILE C 252 -82.11 22.54 -4.55
N GLU C 253 -81.97 21.29 -4.11
CA GLU C 253 -82.82 20.23 -4.65
C GLU C 253 -84.29 20.49 -4.35
N GLU C 254 -84.60 20.89 -3.11
CA GLU C 254 -85.98 21.24 -2.77
C GLU C 254 -86.44 22.48 -3.53
N LEU C 255 -85.52 23.43 -3.75
CA LEU C 255 -85.86 24.60 -4.55
C LEU C 255 -86.26 24.19 -5.96
N ASN C 256 -85.52 23.26 -6.56
CA ASN C 256 -85.87 22.78 -7.89
C ASN C 256 -87.15 21.96 -7.87
N PHE C 257 -87.42 21.27 -6.77
CA PHE C 257 -88.69 20.55 -6.64
C PHE C 257 -89.88 21.52 -6.67
N LEU C 258 -89.80 22.60 -5.89
CA LEU C 258 -90.86 23.61 -5.94
C LEU C 258 -90.86 24.33 -7.27
N LEU C 259 -89.71 24.48 -7.91
CA LEU C 259 -89.65 25.07 -9.24
C LEU C 259 -90.40 24.21 -10.25
N HIS C 260 -90.22 22.89 -10.17
CA HIS C 260 -90.95 21.99 -11.06
C HIS C 260 -92.45 22.10 -10.83
N ARG C 261 -92.86 22.16 -9.56
CA ARG C 261 -94.28 22.35 -9.28
C ARG C 261 -94.79 23.66 -9.88
N TRP C 262 -94.03 24.75 -9.69
CA TRP C 262 -94.45 26.04 -10.24
C TRP C 262 -94.51 26.01 -11.76
N LEU C 263 -93.55 25.33 -12.40
CA LEU C 263 -93.56 25.21 -13.86
C LEU C 263 -94.79 24.46 -14.33
N ASP C 264 -95.13 23.36 -13.66
CA ASP C 264 -96.31 22.61 -14.04
C ASP C 264 -97.60 23.37 -13.75
N GLN C 265 -97.57 24.31 -12.80
CA GLN C 265 -98.80 24.99 -12.39
C GLN C 265 -99.05 26.27 -13.20
N VAL C 266 -98.14 27.24 -13.12
CA VAL C 266 -98.44 28.58 -13.63
C VAL C 266 -97.38 29.08 -14.62
N ALA C 267 -96.56 28.18 -15.16
CA ALA C 267 -95.60 28.56 -16.20
C ALA C 267 -95.93 27.89 -17.53
N ASN C 268 -96.03 26.55 -17.56
CA ASN C 268 -96.40 25.85 -18.78
C ASN C 268 -97.89 25.94 -19.07
N ARG C 269 -98.69 26.45 -18.14
CA ARG C 269 -100.13 26.62 -18.32
C ARG C 269 -100.52 28.08 -18.24
N LYS C 270 -99.63 28.97 -18.67
CA LYS C 270 -99.87 30.41 -18.67
C LYS C 270 -100.10 30.87 -20.10
N PRO C 271 -101.34 31.13 -20.52
CA PRO C 271 -101.57 31.52 -21.91
C PRO C 271 -100.84 32.79 -22.29
N ASN C 272 -100.34 32.82 -23.52
CA ASN C 272 -99.70 34.01 -24.06
C ASN C 272 -100.76 35.01 -24.52
N ALA C 273 -100.49 36.30 -24.30
CA ALA C 273 -101.47 37.33 -24.62
C ALA C 273 -101.80 37.33 -26.11
N THR C 274 -100.80 37.21 -26.97
CA THR C 274 -101.04 37.27 -28.41
C THR C 274 -101.78 36.03 -28.90
N THR C 275 -101.19 34.85 -28.70
CA THR C 275 -101.83 33.62 -29.16
C THR C 275 -103.14 33.39 -28.42
N GLY C 276 -103.17 33.63 -27.12
CA GLY C 276 -104.35 33.39 -26.33
C GLY C 276 -104.60 31.94 -25.98
N ILE C 277 -103.64 31.06 -26.24
CA ILE C 277 -103.77 29.64 -25.97
C ILE C 277 -102.58 29.21 -25.13
N SER C 278 -102.83 28.34 -24.15
CA SER C 278 -101.75 27.82 -23.34
C SER C 278 -100.74 27.08 -24.23
N PRO C 279 -99.44 27.31 -24.07
CA PRO C 279 -98.47 26.62 -24.93
C PRO C 279 -98.54 25.11 -24.86
N GLN C 280 -99.17 24.55 -23.83
CA GLN C 280 -99.22 23.10 -23.68
C GLN C 280 -99.92 22.45 -24.86
N GLU C 281 -100.96 23.08 -25.41
CA GLU C 281 -101.65 22.51 -26.56
C GLU C 281 -100.74 22.43 -27.78
N ARG C 282 -100.00 23.50 -28.05
CA ARG C 282 -99.05 23.47 -29.16
C ARG C 282 -97.99 22.42 -28.93
N TRP C 283 -97.50 22.31 -27.70
CA TRP C 283 -96.54 21.25 -27.38
C TRP C 283 -97.11 19.88 -27.68
N ALA C 284 -98.38 19.67 -27.32
CA ALA C 284 -99.02 18.39 -27.59
C ALA C 284 -99.11 18.13 -29.09
N GLU C 285 -99.42 19.17 -29.87
CA GLU C 285 -99.51 19.00 -31.32
C GLU C 285 -98.16 19.05 -32.01
N GLU C 286 -97.09 19.39 -31.29
CA GLU C 286 -95.78 19.42 -31.91
C GLU C 286 -95.26 18.00 -32.15
N SER C 287 -94.20 17.92 -32.95
CA SER C 287 -93.60 16.64 -33.33
C SER C 287 -92.42 16.37 -32.40
N LEU C 288 -92.64 15.50 -31.42
CA LEU C 288 -91.60 15.06 -30.48
C LEU C 288 -91.37 13.57 -30.75
N LYS C 289 -90.42 13.27 -31.62
CA LYS C 289 -90.14 11.89 -31.96
C LYS C 289 -89.74 11.13 -30.71
N PRO C 290 -90.14 9.86 -30.56
CA PRO C 290 -89.87 9.14 -29.30
C PRO C 290 -88.38 9.07 -29.02
N LEU C 291 -88.02 9.41 -27.79
CA LEU C 291 -86.64 9.29 -27.35
C LEU C 291 -86.27 7.81 -27.23
N PRO C 292 -84.97 7.49 -27.27
CA PRO C 292 -84.56 6.07 -27.33
C PRO C 292 -84.99 5.23 -26.13
N LEU C 293 -85.67 5.84 -25.16
CA LEU C 293 -86.20 5.19 -23.96
C LEU C 293 -85.10 4.80 -22.98
N LYS C 294 -83.84 5.12 -23.28
CA LYS C 294 -82.75 4.91 -22.36
C LYS C 294 -81.85 6.14 -22.38
N ASP C 295 -81.13 6.36 -21.29
CA ASP C 295 -80.35 7.58 -21.11
C ASP C 295 -78.88 7.28 -21.42
N TYR C 296 -78.31 8.08 -22.32
CA TYR C 296 -76.86 8.06 -22.51
C TYR C 296 -76.20 8.36 -21.17
N ASP C 297 -75.16 7.59 -20.84
CA ASP C 297 -74.59 7.64 -19.51
C ASP C 297 -74.25 9.07 -19.11
N THR C 298 -74.72 9.46 -17.93
CA THR C 298 -74.52 10.80 -17.38
C THR C 298 -73.54 10.75 -16.21
N SER C 299 -72.50 9.93 -16.34
CA SER C 299 -71.51 9.74 -15.29
C SER C 299 -70.17 10.26 -15.79
N TYR C 300 -69.47 11.00 -14.92
CA TYR C 300 -68.13 11.44 -15.25
C TYR C 300 -67.25 10.23 -15.53
N LEU C 301 -66.56 10.26 -16.67
CA LEU C 301 -65.59 9.24 -17.05
C LEU C 301 -64.19 9.82 -16.85
N SER C 302 -63.36 9.14 -16.06
CA SER C 302 -62.01 9.64 -15.84
C SER C 302 -61.07 8.49 -15.53
N TYR C 303 -59.91 8.47 -16.17
CA TYR C 303 -58.93 7.42 -15.97
C TYR C 303 -58.05 7.74 -14.77
N ARG C 304 -57.56 6.68 -14.13
CA ARG C 304 -56.67 6.81 -12.99
C ARG C 304 -55.66 5.68 -13.00
N LYS C 305 -54.39 6.00 -12.81
CA LYS C 305 -53.35 4.99 -12.71
C LYS C 305 -53.26 4.49 -11.28
N VAL C 306 -53.04 3.19 -11.13
CA VAL C 306 -52.90 2.55 -9.83
C VAL C 306 -51.43 2.38 -9.53
N HIS C 307 -51.00 2.91 -8.39
CA HIS C 307 -49.61 2.75 -7.98
C HIS C 307 -49.33 1.29 -7.68
N TRP C 308 -48.04 0.93 -7.66
CA TRP C 308 -47.66 -0.43 -7.33
C TRP C 308 -48.08 -0.82 -5.92
N ASP C 309 -48.54 0.13 -5.12
CA ASP C 309 -49.14 -0.14 -3.82
C ASP C 309 -50.58 -0.65 -3.95
N GLY C 310 -51.09 -0.80 -5.16
CA GLY C 310 -52.49 -1.12 -5.33
C GLY C 310 -53.38 0.00 -4.86
N SER C 311 -53.00 1.25 -5.14
CA SER C 311 -53.73 2.41 -4.69
C SER C 311 -53.85 3.42 -5.82
N PHE C 312 -54.88 4.25 -5.73
CA PHE C 312 -55.07 5.34 -6.68
C PHE C 312 -55.83 6.46 -5.97
N SER C 313 -56.11 7.52 -6.71
CA SER C 313 -56.75 8.70 -6.14
C SER C 313 -57.90 9.17 -7.02
N TYR C 314 -58.87 9.81 -6.38
CA TYR C 314 -60.02 10.37 -7.09
C TYR C 314 -60.60 11.50 -6.25
N LYS C 315 -60.58 12.71 -6.78
CA LYS C 315 -61.19 13.88 -6.14
C LYS C 315 -60.74 13.99 -4.69
N GLY C 316 -59.46 13.78 -4.45
CA GLY C 316 -58.87 13.96 -3.14
C GLY C 316 -59.03 12.79 -2.18
N GLU C 317 -59.67 11.71 -2.59
CA GLU C 317 -59.80 10.51 -1.77
C GLU C 317 -59.03 9.37 -2.41
N GLN C 318 -58.27 8.64 -1.60
CA GLN C 318 -57.37 7.62 -2.08
C GLN C 318 -57.94 6.25 -1.78
N TRP C 319 -57.99 5.40 -2.80
CA TRP C 319 -58.58 4.07 -2.72
C TRP C 319 -57.50 3.00 -2.84
N LEU C 320 -57.80 1.85 -2.23
CA LEU C 320 -56.89 0.71 -2.16
C LEU C 320 -57.49 -0.42 -2.99
N LEU C 321 -56.81 -0.82 -4.06
CA LEU C 321 -57.23 -1.92 -4.90
C LEU C 321 -56.46 -3.18 -4.52
N SER C 322 -56.60 -4.24 -5.31
CA SER C 322 -55.95 -5.51 -5.07
C SER C 322 -54.67 -5.60 -5.90
N ALA C 323 -54.01 -6.77 -5.81
CA ALA C 323 -52.71 -6.94 -6.45
C ALA C 323 -52.80 -6.81 -7.95
N GLU C 324 -53.81 -7.44 -8.57
CA GLU C 324 -53.87 -7.47 -10.02
C GLU C 324 -53.98 -6.09 -10.62
N TYR C 325 -54.59 -5.15 -9.89
CA TYR C 325 -54.85 -3.81 -10.41
C TYR C 325 -53.68 -2.86 -10.24
N ALA C 326 -52.69 -3.21 -9.42
CA ALA C 326 -51.55 -2.34 -9.21
C ALA C 326 -50.76 -2.17 -10.50
N GLY C 327 -50.41 -0.91 -10.80
CA GLY C 327 -49.62 -0.63 -11.98
C GLY C 327 -50.38 -0.62 -13.28
N LYS C 328 -51.69 -0.37 -13.24
CA LYS C 328 -52.52 -0.37 -14.43
C LYS C 328 -53.53 0.76 -14.35
N GLU C 329 -54.11 1.09 -15.50
CA GLU C 329 -55.00 2.23 -15.65
C GLU C 329 -56.45 1.76 -15.56
N ILE C 330 -57.15 2.20 -14.52
CA ILE C 330 -58.57 1.90 -14.36
C ILE C 330 -59.36 3.11 -14.81
N LEU C 331 -60.67 2.92 -14.99
CA LEU C 331 -61.57 3.98 -15.40
C LEU C 331 -62.64 4.14 -14.33
N VAL C 332 -62.68 5.30 -13.70
CA VAL C 332 -63.69 5.62 -12.72
C VAL C 332 -64.87 6.27 -13.43
N LYS C 333 -66.08 5.81 -13.09
CA LYS C 333 -67.31 6.36 -13.63
C LYS C 333 -68.17 6.77 -12.44
N GLU C 334 -68.50 8.06 -12.37
CA GLU C 334 -69.24 8.61 -11.24
C GLU C 334 -70.54 9.23 -11.73
N ARG C 335 -71.65 8.58 -11.43
CA ARG C 335 -72.95 9.17 -11.75
C ARG C 335 -73.09 10.52 -11.06
N LEU C 336 -73.91 11.39 -11.66
CA LEU C 336 -74.26 12.63 -10.98
C LEU C 336 -75.01 12.36 -9.68
N ASN C 337 -75.53 11.14 -9.52
CA ASN C 337 -76.13 10.75 -8.24
C ASN C 337 -75.13 10.90 -7.10
N GLY C 338 -73.88 10.47 -7.33
CA GLY C 338 -72.84 10.59 -6.33
C GLY C 338 -72.28 9.26 -5.89
N ASP C 339 -72.33 8.26 -6.77
CA ASP C 339 -71.78 6.93 -6.51
C ASP C 339 -70.67 6.65 -7.51
N ILE C 340 -69.55 6.14 -7.01
CA ILE C 340 -68.37 5.89 -7.82
C ILE C 340 -68.32 4.40 -8.15
N ARG C 341 -68.06 4.08 -9.42
CA ARG C 341 -67.94 2.71 -9.88
C ARG C 341 -66.63 2.58 -10.64
N LEU C 342 -65.84 1.56 -10.29
CA LEU C 342 -64.52 1.36 -10.85
C LEU C 342 -64.60 0.24 -11.90
N TYR C 343 -64.30 0.59 -13.15
CA TYR C 343 -64.28 -0.37 -14.24
C TYR C 343 -62.85 -0.52 -14.71
N PHE C 344 -62.35 -1.75 -14.70
CA PHE C 344 -60.99 -2.04 -15.13
C PHE C 344 -61.02 -2.98 -16.33
N ARG C 345 -60.38 -2.57 -17.42
CA ARG C 345 -60.23 -3.42 -18.59
C ARG C 345 -61.59 -3.90 -19.09
N GLY C 346 -62.58 -3.02 -19.04
CA GLY C 346 -63.94 -3.32 -19.48
C GLY C 346 -64.82 -3.93 -18.40
N GLU C 347 -64.24 -4.81 -17.57
CA GLU C 347 -65.01 -5.48 -16.55
C GLU C 347 -65.34 -4.53 -15.40
N GLU C 348 -66.01 -5.05 -14.38
CA GLU C 348 -66.39 -4.31 -13.19
C GLU C 348 -65.70 -4.94 -11.99
N ILE C 349 -65.11 -4.10 -11.14
CA ILE C 349 -64.41 -4.57 -9.95
C ILE C 349 -65.26 -4.26 -8.73
N SER C 350 -64.84 -4.78 -7.59
CA SER C 350 -65.63 -4.65 -6.37
C SER C 350 -65.83 -3.20 -5.99
N HIS C 351 -67.02 -2.88 -5.49
CA HIS C 351 -67.33 -1.53 -5.07
C HIS C 351 -66.46 -1.14 -3.87
N VAL C 352 -66.21 0.16 -3.75
CA VAL C 352 -65.31 0.68 -2.74
C VAL C 352 -66.08 1.17 -1.50
N ASP C 353 -67.33 0.75 -1.35
CA ASP C 353 -68.18 1.14 -0.22
C ASP C 353 -67.98 2.60 0.16
N GLN C 354 -68.23 3.47 -0.83
CA GLN C 354 -68.08 4.90 -0.60
C GLN C 354 -68.97 5.35 0.55
N GLN C 355 -68.41 6.22 1.39
CA GLN C 355 -69.09 6.69 2.60
C GLN C 355 -69.11 8.21 2.61
N LYS C 356 -70.15 8.76 3.25
CA LYS C 356 -70.27 10.22 3.33
C LYS C 356 -69.11 10.84 4.08
N LYS C 357 -68.69 10.21 5.18
CA LYS C 357 -67.58 10.74 5.97
C LYS C 357 -66.25 10.32 5.34
N VAL C 358 -65.37 11.29 5.12
CA VAL C 358 -64.07 11.00 4.53
C VAL C 358 -63.20 10.28 5.55
N ILE C 359 -62.52 9.23 5.11
CA ILE C 359 -61.62 8.45 5.95
C ILE C 359 -60.22 8.57 5.38
N SER C 360 -59.23 8.77 6.27
CA SER C 360 -57.87 8.93 5.84
C SER C 360 -57.31 7.63 5.28
N PHE C 361 -56.26 7.77 4.45
CA PHE C 361 -55.61 6.59 3.88
C PHE C 361 -55.16 5.63 4.97
N ALA C 362 -54.76 6.15 6.12
CA ALA C 362 -54.34 5.27 7.21
C ALA C 362 -55.48 4.37 7.66
N GLU C 363 -56.68 4.92 7.78
CA GLU C 363 -57.83 4.10 8.18
C GLU C 363 -58.16 3.06 7.12
N LYS C 364 -58.01 3.42 5.83
CA LYS C 364 -58.23 2.44 4.78
C LYS C 364 -57.21 1.31 4.85
N ILE C 365 -55.94 1.64 5.12
CA ILE C 365 -54.92 0.60 5.27
C ILE C 365 -55.26 -0.30 6.45
N LYS C 366 -55.67 0.30 7.57
CA LYS C 366 -56.04 -0.50 8.73
C LYS C 366 -57.21 -1.41 8.42
N LYS C 367 -58.21 -0.90 7.69
CA LYS C 367 -59.37 -1.70 7.34
C LYS C 367 -58.99 -2.87 6.45
N LYS C 368 -58.15 -2.62 5.44
CA LYS C 368 -57.72 -3.70 4.57
C LYS C 368 -56.90 -4.72 5.35
N GLN C 369 -56.06 -4.26 6.27
CA GLN C 369 -55.29 -5.16 7.11
C GLN C 369 -56.19 -6.07 7.92
N THR C 370 -57.19 -5.49 8.58
CA THR C 370 -58.12 -6.30 9.38
C THR C 370 -58.90 -7.26 8.49
N GLU C 371 -59.30 -6.80 7.30
CA GLU C 371 -60.04 -7.67 6.38
C GLU C 371 -59.19 -8.86 5.95
N MET C 372 -57.92 -8.61 5.62
CA MET C 372 -57.04 -9.70 5.22
C MET C 372 -56.72 -10.61 6.39
N ALA C 373 -56.75 -10.09 7.62
CA ALA C 373 -56.52 -10.90 8.80
C ALA C 373 -57.58 -11.99 8.91
N MET D 1 -135.72 -48.10 -14.36
CA MET D 1 -136.45 -46.87 -14.79
C MET D 1 -137.17 -47.11 -16.12
N ILE D 2 -137.94 -46.11 -16.56
CA ILE D 2 -138.71 -46.20 -17.79
C ILE D 2 -138.45 -44.94 -18.61
N THR D 3 -138.68 -45.05 -19.92
CA THR D 3 -138.44 -43.94 -20.82
C THR D 3 -139.24 -42.71 -20.41
N ARG D 4 -138.56 -41.55 -20.39
CA ARG D 4 -139.25 -40.31 -20.04
C ARG D 4 -140.30 -39.96 -21.08
N GLY D 5 -140.03 -40.23 -22.35
CA GLY D 5 -141.03 -40.00 -23.38
C GLY D 5 -142.31 -40.78 -23.13
N GLU D 6 -142.18 -42.01 -22.63
CA GLU D 6 -143.35 -42.79 -22.27
C GLU D 6 -144.13 -42.13 -21.14
N PHE D 7 -143.42 -41.58 -20.16
CA PHE D 7 -144.09 -40.85 -19.08
C PHE D 7 -144.85 -39.65 -19.61
N PHE D 8 -144.23 -38.89 -20.53
CA PHE D 8 -144.92 -37.76 -21.13
C PHE D 8 -146.15 -38.20 -21.91
N MET D 9 -146.02 -39.29 -22.66
CA MET D 9 -147.17 -39.81 -23.40
C MET D 9 -148.29 -40.22 -22.46
N ILE D 10 -147.95 -40.89 -21.35
CA ILE D 10 -148.97 -41.31 -20.39
C ILE D 10 -149.65 -40.10 -19.78
N LYS D 11 -148.88 -39.08 -19.41
CA LYS D 11 -149.47 -37.88 -18.82
C LYS D 11 -150.39 -37.18 -19.80
N GLU D 12 -149.97 -37.06 -21.06
CA GLU D 12 -150.81 -36.44 -22.07
C GLU D 12 -152.09 -37.25 -22.29
N MET D 13 -151.98 -38.58 -22.32
CA MET D 13 -153.15 -39.41 -22.49
C MET D 13 -154.12 -39.26 -21.33
N TYR D 14 -153.59 -39.21 -20.10
CA TYR D 14 -154.45 -39.00 -18.94
C TYR D 14 -155.15 -37.65 -19.00
N GLU D 15 -154.41 -36.61 -19.37
CA GLU D 15 -155.01 -35.29 -19.51
C GLU D 15 -156.04 -35.27 -20.64
N ARG D 16 -155.90 -36.16 -21.62
CA ARG D 16 -156.86 -36.22 -22.72
C ARG D 16 -158.23 -36.72 -22.25
N GLY D 17 -158.25 -37.54 -21.20
CA GLY D 17 -159.50 -38.07 -20.67
C GLY D 17 -159.52 -39.57 -20.55
N MET D 18 -158.34 -40.20 -20.58
CA MET D 18 -158.23 -41.64 -20.47
C MET D 18 -158.04 -42.04 -19.01
N SER D 19 -158.81 -43.03 -18.57
CA SER D 19 -158.72 -43.49 -17.19
C SER D 19 -157.37 -44.13 -16.92
N ILE D 20 -156.89 -43.97 -15.69
CA ILE D 20 -155.61 -44.56 -15.30
C ILE D 20 -155.65 -46.07 -15.46
N SER D 21 -156.78 -46.69 -15.11
CA SER D 21 -156.89 -48.14 -15.22
C SER D 21 -156.72 -48.60 -16.66
N ASP D 22 -157.35 -47.90 -17.61
CA ASP D 22 -157.23 -48.29 -19.01
C ASP D 22 -155.80 -48.14 -19.50
N ILE D 23 -155.13 -47.06 -19.11
CA ILE D 23 -153.74 -46.86 -19.51
C ILE D 23 -152.86 -47.97 -18.96
N ALA D 24 -153.05 -48.30 -17.68
CA ALA D 24 -152.24 -49.36 -17.08
C ALA D 24 -152.48 -50.69 -17.76
N ARG D 25 -153.74 -51.01 -18.07
CA ARG D 25 -154.04 -52.26 -18.74
C ARG D 25 -153.43 -52.31 -20.14
N GLU D 26 -153.53 -51.20 -20.89
CA GLU D 26 -153.07 -51.20 -22.27
C GLU D 26 -151.54 -51.24 -22.35
N LEU D 27 -150.87 -50.40 -21.57
CA LEU D 27 -149.42 -50.31 -21.65
C LEU D 27 -148.70 -51.36 -20.80
N GLY D 28 -149.40 -52.05 -19.92
CA GLY D 28 -148.78 -53.04 -19.06
C GLY D 28 -148.04 -52.50 -17.86
N ILE D 29 -148.07 -51.19 -17.66
CA ILE D 29 -147.40 -50.55 -16.53
C ILE D 29 -148.43 -50.30 -15.44
N ASP D 30 -148.08 -50.65 -14.21
CA ASP D 30 -149.04 -50.56 -13.11
C ASP D 30 -149.47 -49.11 -12.88
N ARG D 31 -150.71 -48.96 -12.41
CA ARG D 31 -151.28 -47.63 -12.20
C ARG D 31 -150.48 -46.82 -11.18
N LYS D 32 -149.82 -47.49 -10.23
CA LYS D 32 -149.07 -46.77 -9.21
C LYS D 32 -147.93 -45.97 -9.82
N THR D 33 -147.21 -46.56 -10.78
CA THR D 33 -146.13 -45.83 -11.44
C THR D 33 -146.66 -44.63 -12.20
N VAL D 34 -147.79 -44.80 -12.89
CA VAL D 34 -148.38 -43.70 -13.64
C VAL D 34 -148.75 -42.56 -12.69
N ARG D 35 -149.38 -42.89 -11.57
CA ARG D 35 -149.76 -41.87 -10.61
C ARG D 35 -148.53 -41.17 -10.04
N LYS D 36 -147.48 -41.94 -9.73
CA LYS D 36 -146.28 -41.35 -9.15
C LYS D 36 -145.61 -40.39 -10.13
N TYR D 37 -145.52 -40.78 -11.41
CA TYR D 37 -144.81 -39.96 -12.39
C TYR D 37 -145.67 -38.88 -13.02
N ILE D 38 -146.99 -38.90 -12.81
CA ILE D 38 -147.83 -37.82 -13.30
C ILE D 38 -147.55 -36.52 -12.55
N HIS D 39 -147.26 -36.62 -11.25
CA HIS D 39 -146.98 -35.45 -10.43
C HIS D 39 -145.53 -35.00 -10.54
N SER D 40 -144.70 -35.69 -11.29
CA SER D 40 -143.29 -35.31 -11.40
C SER D 40 -143.16 -34.03 -12.20
N PRO D 41 -142.55 -32.97 -11.65
CA PRO D 41 -142.41 -31.72 -12.42
C PRO D 41 -141.28 -31.75 -13.43
N ASN D 42 -140.32 -32.65 -13.29
CA ASN D 42 -139.17 -32.73 -14.18
C ASN D 42 -139.03 -34.14 -14.74
N PRO D 43 -138.37 -34.31 -15.89
CA PRO D 43 -138.20 -35.64 -16.43
C PRO D 43 -137.29 -36.48 -15.55
N PRO D 44 -137.43 -37.80 -15.58
CA PRO D 44 -136.56 -38.64 -14.74
C PRO D 44 -135.10 -38.48 -15.14
N SER D 45 -134.26 -38.24 -14.13
CA SER D 45 -132.82 -38.09 -14.31
C SER D 45 -132.10 -39.21 -13.57
N LYS D 46 -130.77 -39.15 -13.57
CA LYS D 46 -129.98 -40.15 -12.88
C LYS D 46 -130.33 -40.19 -11.40
N SER D 47 -130.38 -41.40 -10.85
CA SER D 47 -130.77 -41.58 -9.46
C SER D 47 -129.84 -40.81 -8.54
N LYS D 48 -130.43 -40.07 -7.59
CA LYS D 48 -129.68 -39.33 -6.59
C LYS D 48 -129.53 -40.23 -5.37
N ARG D 49 -128.44 -41.01 -5.35
CA ARG D 49 -128.19 -41.97 -4.29
C ARG D 49 -127.36 -41.30 -3.20
N LYS D 50 -127.82 -41.43 -1.95
CA LYS D 50 -127.22 -40.73 -0.82
C LYS D 50 -126.07 -41.56 -0.28
N GLN D 51 -124.85 -41.24 -0.72
CA GLN D 51 -123.63 -41.86 -0.21
C GLN D 51 -123.72 -43.39 -0.28
N ARG D 52 -123.83 -43.90 -1.50
CA ARG D 52 -123.93 -45.33 -1.68
C ARG D 52 -122.65 -46.01 -1.19
N LYS D 53 -122.80 -46.92 -0.23
CA LYS D 53 -121.67 -47.62 0.38
C LYS D 53 -120.63 -46.62 0.89
N SER D 54 -119.41 -46.64 0.34
CA SER D 54 -118.39 -45.68 0.77
C SER D 54 -117.34 -45.56 -0.32
N LYS D 55 -117.33 -44.43 -1.03
CA LYS D 55 -116.34 -44.21 -2.08
C LYS D 55 -114.96 -43.91 -1.52
N LEU D 56 -114.87 -43.43 -0.29
CA LEU D 56 -113.62 -42.96 0.28
C LEU D 56 -113.02 -41.84 -0.57
N ASP D 57 -113.88 -41.00 -1.13
CA ASP D 57 -113.42 -39.81 -1.84
C ASP D 57 -112.49 -38.95 -1.00
N PRO D 58 -112.73 -38.72 0.30
CA PRO D 58 -111.85 -37.81 1.06
C PRO D 58 -110.38 -38.20 1.03
N PHE D 59 -110.06 -39.48 0.80
CA PHE D 59 -108.66 -39.88 0.73
C PHE D 59 -108.01 -39.49 -0.59
N LYS D 60 -108.78 -39.43 -1.68
CA LYS D 60 -108.18 -39.16 -2.98
C LYS D 60 -107.48 -37.81 -3.05
N PRO D 61 -108.04 -36.72 -2.53
CA PRO D 61 -107.30 -35.44 -2.57
C PRO D 61 -105.94 -35.50 -1.92
N TYR D 62 -105.78 -36.32 -0.86
CA TYR D 62 -104.46 -36.47 -0.25
C TYR D 62 -103.47 -37.04 -1.25
N LEU D 63 -103.88 -38.06 -2.02
CA LEU D 63 -103.00 -38.60 -3.05
C LEU D 63 -102.75 -37.58 -4.15
N GLN D 64 -103.76 -36.77 -4.47
CA GLN D 64 -103.57 -35.72 -5.46
C GLN D 64 -102.48 -34.76 -5.01
N LYS D 65 -102.52 -34.34 -3.75
CA LYS D 65 -101.48 -33.45 -3.22
C LYS D 65 -100.14 -34.17 -3.15
N ARG D 66 -100.15 -35.47 -2.85
CA ARG D 66 -98.91 -36.24 -2.85
C ARG D 66 -98.25 -36.20 -4.23
N MET D 67 -99.03 -36.36 -5.28
CA MET D 67 -98.47 -36.27 -6.63
C MET D 67 -98.02 -34.85 -6.94
N LEU D 68 -98.81 -33.86 -6.55
CA LEU D 68 -98.46 -32.48 -6.86
C LEU D 68 -97.13 -32.08 -6.20
N GLU D 69 -96.92 -32.50 -4.96
CA GLU D 69 -95.74 -32.08 -4.20
C GLU D 69 -94.57 -33.06 -4.36
N ASP D 70 -94.77 -34.31 -3.94
CA ASP D 70 -93.72 -35.32 -4.00
C ASP D 70 -93.65 -36.03 -5.35
N GLY D 71 -94.63 -35.84 -6.23
CA GLY D 71 -94.62 -36.51 -7.51
C GLY D 71 -94.62 -38.01 -7.42
N VAL D 72 -95.10 -38.58 -6.31
CA VAL D 72 -95.14 -40.02 -6.12
C VAL D 72 -96.38 -40.54 -6.83
N PHE D 73 -96.19 -41.08 -8.03
CA PHE D 73 -97.27 -41.74 -8.76
C PHE D 73 -97.33 -43.23 -8.50
N ASN D 74 -96.74 -43.70 -7.41
CA ASN D 74 -96.78 -45.11 -7.03
C ASN D 74 -98.13 -45.42 -6.42
N SER D 75 -98.86 -46.36 -7.03
CA SER D 75 -100.22 -46.62 -6.61
C SER D 75 -100.27 -47.54 -5.39
N GLU D 76 -99.54 -48.66 -5.44
CA GLU D 76 -99.53 -49.59 -4.32
C GLU D 76 -99.04 -48.89 -3.05
N LYS D 77 -98.00 -48.08 -3.17
CA LYS D 77 -97.45 -47.41 -2.00
C LYS D 77 -98.45 -46.43 -1.40
N LEU D 78 -99.12 -45.64 -2.24
CA LEU D 78 -100.10 -44.69 -1.74
C LEU D 78 -101.30 -45.41 -1.11
N PHE D 79 -101.75 -46.51 -1.72
CA PHE D 79 -102.82 -47.28 -1.11
C PHE D 79 -102.41 -47.80 0.26
N PHE D 80 -101.19 -48.33 0.37
CA PHE D 80 -100.72 -48.82 1.65
C PHE D 80 -100.66 -47.69 2.68
N GLU D 81 -100.20 -46.51 2.25
CA GLU D 81 -100.14 -45.37 3.17
C GLU D 81 -101.53 -45.02 3.69
N ILE D 82 -102.51 -44.90 2.79
CA ILE D 82 -103.84 -44.50 3.25
C ILE D 82 -104.51 -45.61 4.03
N ARG D 83 -104.20 -46.88 3.72
CA ARG D 83 -104.64 -47.97 4.56
C ARG D 83 -104.12 -47.81 5.99
N GLN D 84 -102.85 -47.45 6.12
CA GLN D 84 -102.33 -47.09 7.43
C GLN D 84 -103.09 -45.90 8.01
N GLN D 85 -103.60 -45.03 7.16
CA GLN D 85 -104.39 -43.88 7.59
C GLN D 85 -105.85 -44.23 7.85
N GLY D 86 -106.27 -45.46 7.57
CA GLY D 86 -107.64 -45.86 7.82
C GLY D 86 -108.48 -45.96 6.58
N TYR D 87 -107.91 -46.48 5.50
CA TYR D 87 -108.63 -46.66 4.25
C TYR D 87 -109.38 -47.99 4.28
N THR D 88 -110.64 -47.96 3.86
CA THR D 88 -111.47 -49.16 3.81
C THR D 88 -111.69 -49.64 2.38
N GLY D 89 -111.06 -49.00 1.40
CA GLY D 89 -111.20 -49.40 0.01
C GLY D 89 -110.15 -50.39 -0.43
N GLY D 90 -110.02 -50.55 -1.74
CA GLY D 90 -109.22 -51.61 -2.32
C GLY D 90 -108.00 -51.14 -3.07
N LYS D 91 -106.90 -51.88 -2.92
CA LYS D 91 -105.64 -51.53 -3.57
C LYS D 91 -105.85 -51.31 -5.06
N THR D 92 -106.65 -52.16 -5.70
CA THR D 92 -106.64 -52.23 -7.15
C THR D 92 -107.34 -51.03 -7.79
N ILE D 93 -108.41 -50.53 -7.20
CA ILE D 93 -109.03 -49.34 -7.76
C ILE D 93 -108.14 -48.12 -7.53
N LEU D 94 -107.34 -48.12 -6.46
CA LEU D 94 -106.35 -47.05 -6.30
C LEU D 94 -105.23 -47.18 -7.33
N LYS D 95 -104.85 -48.42 -7.65
CA LYS D 95 -103.93 -48.65 -8.77
C LYS D 95 -104.48 -48.06 -10.05
N ASP D 96 -105.73 -48.39 -10.37
CA ASP D 96 -106.41 -47.74 -11.48
C ASP D 96 -106.27 -46.23 -11.35
N TYR D 97 -106.79 -45.65 -10.28
CA TYR D 97 -106.84 -44.20 -10.14
C TYR D 97 -105.48 -43.55 -10.35
N MET D 98 -104.45 -44.11 -9.73
CA MET D 98 -103.11 -43.60 -9.92
C MET D 98 -102.61 -43.87 -11.34
N LYS D 99 -103.27 -44.77 -12.09
CA LYS D 99 -102.84 -44.93 -13.48
C LYS D 99 -103.15 -43.68 -14.28
N PRO D 100 -104.41 -43.23 -14.47
CA PRO D 100 -104.62 -41.98 -15.22
C PRO D 100 -103.65 -40.89 -14.81
N PHE D 101 -103.28 -40.84 -13.52
CA PHE D 101 -102.31 -39.85 -13.07
C PHE D 101 -100.93 -40.09 -13.69
N ARG D 102 -100.39 -41.30 -13.55
CA ARG D 102 -99.07 -41.59 -14.11
C ARG D 102 -99.10 -41.62 -15.63
N GLU D 103 -100.25 -41.92 -16.22
CA GLU D 103 -100.43 -41.92 -17.66
C GLU D 103 -100.44 -40.50 -18.21
N THR D 104 -101.07 -39.57 -17.48
CA THR D 104 -100.92 -38.15 -17.80
C THR D 104 -99.48 -37.70 -17.60
N ALA D 105 -98.80 -38.24 -16.60
CA ALA D 105 -97.39 -37.94 -16.43
C ALA D 105 -96.58 -38.44 -17.63
N LYS D 106 -96.91 -39.62 -18.15
CA LYS D 106 -96.23 -40.16 -19.32
C LYS D 106 -96.59 -39.38 -20.59
N LYS D 107 -97.82 -38.90 -20.68
CA LYS D 107 -98.17 -37.93 -21.73
C LYS D 107 -97.26 -36.72 -21.65
N LYS D 108 -97.06 -36.20 -20.43
CA LYS D 108 -96.14 -35.08 -20.24
C LYS D 108 -94.73 -35.46 -20.67
N TYR D 109 -94.32 -36.68 -20.37
CA TYR D 109 -92.99 -37.14 -20.76
C TYR D 109 -92.84 -37.13 -22.27
N THR D 110 -93.87 -37.56 -23.00
CA THR D 110 -93.85 -37.57 -24.45
C THR D 110 -94.12 -36.21 -25.07
N VAL D 111 -94.37 -35.18 -24.26
CA VAL D 111 -94.63 -33.84 -24.77
C VAL D 111 -93.38 -33.33 -25.48
N ARG D 112 -93.47 -33.15 -26.79
CA ARG D 112 -92.35 -32.70 -27.61
C ARG D 112 -92.81 -31.63 -28.58
N TYR D 113 -91.87 -30.78 -29.00
CA TYR D 113 -92.12 -29.72 -29.97
C TYR D 113 -93.16 -28.74 -29.44
N GLU D 114 -92.83 -28.12 -28.32
CA GLU D 114 -93.68 -27.08 -27.73
C GLU D 114 -93.20 -25.70 -28.15
N THR D 115 -93.19 -25.49 -29.46
CA THR D 115 -92.67 -24.27 -30.07
C THR D 115 -93.84 -23.35 -30.38
N LEU D 116 -93.83 -22.17 -29.78
CA LEU D 116 -94.81 -21.12 -30.04
C LEU D 116 -94.26 -20.16 -31.08
N PRO D 117 -95.13 -19.44 -31.80
CA PRO D 117 -94.63 -18.53 -32.84
C PRO D 117 -93.65 -17.51 -32.26
N GLY D 118 -92.46 -17.47 -32.85
CA GLY D 118 -91.42 -16.57 -32.39
C GLY D 118 -90.90 -16.85 -31.00
N GLU D 119 -90.72 -18.12 -30.65
CA GLU D 119 -90.20 -18.51 -29.35
C GLU D 119 -88.70 -18.73 -29.36
N GLN D 120 -88.21 -19.60 -30.24
CA GLN D 120 -86.78 -19.90 -30.32
C GLN D 120 -86.42 -20.19 -31.77
N MET D 121 -85.14 -19.97 -32.09
CA MET D 121 -84.60 -20.24 -33.43
C MET D 121 -83.60 -21.40 -33.40
N GLN D 122 -83.74 -22.31 -32.45
CA GLN D 122 -83.01 -23.58 -32.42
C GLN D 122 -81.60 -23.44 -32.97
N VAL D 123 -80.73 -22.72 -32.26
CA VAL D 123 -79.35 -22.54 -32.70
C VAL D 123 -78.58 -23.84 -32.52
N ASP D 124 -77.71 -24.14 -33.49
CA ASP D 124 -76.83 -25.30 -33.41
C ASP D 124 -75.59 -25.04 -34.27
N TRP D 125 -74.45 -25.53 -33.79
CA TRP D 125 -73.17 -25.40 -34.47
C TRP D 125 -72.58 -26.79 -34.72
N LYS D 126 -71.80 -26.92 -35.79
CA LYS D 126 -71.11 -28.18 -36.03
C LYS D 126 -70.09 -28.02 -37.14
N GLU D 127 -68.91 -28.60 -36.95
CA GLU D 127 -67.92 -28.67 -38.01
C GLU D 127 -68.34 -29.72 -39.02
N VAL D 128 -68.41 -29.33 -40.30
CA VAL D 128 -69.00 -30.21 -41.31
C VAL D 128 -68.15 -30.33 -42.55
N GLY D 129 -67.13 -29.47 -42.69
CA GLY D 129 -66.35 -29.46 -43.91
C GLY D 129 -64.89 -29.13 -43.67
N GLU D 130 -64.09 -29.39 -44.70
CA GLU D 130 -62.66 -29.10 -44.69
C GLU D 130 -62.26 -28.62 -46.08
N VAL D 131 -61.53 -27.51 -46.13
CA VAL D 131 -61.12 -26.90 -47.39
C VAL D 131 -59.69 -26.38 -47.23
N VAL D 132 -59.06 -26.09 -48.37
CA VAL D 132 -57.65 -25.70 -48.43
C VAL D 132 -57.56 -24.25 -48.88
N ILE D 133 -58.52 -23.42 -48.47
CA ILE D 133 -58.68 -22.05 -48.95
C ILE D 133 -57.33 -21.37 -49.07
N GLU D 134 -57.04 -20.81 -50.25
CA GLU D 134 -55.78 -20.11 -50.49
C GLU D 134 -54.59 -21.00 -50.16
N GLY D 135 -54.74 -22.30 -50.44
CA GLY D 135 -53.68 -23.25 -50.15
C GLY D 135 -53.50 -23.57 -48.68
N LYS D 136 -54.43 -23.14 -47.82
CA LYS D 136 -54.32 -23.36 -46.39
C LYS D 136 -55.52 -24.17 -45.91
N LYS D 137 -55.24 -25.27 -45.20
CA LYS D 137 -56.31 -26.10 -44.67
C LYS D 137 -57.11 -25.34 -43.63
N VAL D 138 -58.43 -25.51 -43.68
CA VAL D 138 -59.34 -24.87 -42.74
C VAL D 138 -60.55 -25.76 -42.57
N LYS D 139 -61.08 -25.81 -41.34
CA LYS D 139 -62.24 -26.63 -41.04
C LYS D 139 -63.50 -25.77 -41.14
N LEU D 140 -64.42 -26.19 -42.00
CA LEU D 140 -65.65 -25.45 -42.22
C LEU D 140 -66.64 -25.72 -41.09
N SER D 141 -67.17 -24.65 -40.50
CA SER D 141 -68.13 -24.74 -39.40
C SER D 141 -69.46 -24.16 -39.84
N LEU D 142 -70.53 -24.90 -39.57
CA LEU D 142 -71.88 -24.61 -40.01
C LEU D 142 -72.75 -24.27 -38.81
N PHE D 143 -73.65 -23.30 -39.01
CA PHE D 143 -74.58 -22.82 -38.00
C PHE D 143 -75.97 -22.90 -38.58
N VAL D 144 -76.88 -23.55 -37.84
CA VAL D 144 -78.27 -23.72 -38.25
C VAL D 144 -79.15 -23.22 -37.11
N ALA D 145 -80.00 -22.24 -37.40
CA ALA D 145 -80.99 -21.74 -36.45
C ALA D 145 -82.37 -22.09 -37.00
N THR D 146 -83.03 -23.06 -36.38
CA THR D 146 -84.34 -23.51 -36.81
C THR D 146 -85.43 -22.83 -35.98
N LEU D 147 -86.39 -22.21 -36.67
CA LEU D 147 -87.36 -21.32 -36.02
C LEU D 147 -88.58 -22.07 -35.52
N GLY D 148 -88.35 -23.14 -34.75
CA GLY D 148 -89.40 -23.76 -33.96
C GLY D 148 -90.72 -23.96 -34.68
N TYR D 149 -91.73 -23.23 -34.20
CA TYR D 149 -93.09 -23.39 -34.72
C TYR D 149 -93.13 -23.29 -36.23
N SER D 150 -92.52 -22.24 -36.80
CA SER D 150 -92.55 -22.06 -38.24
C SER D 150 -91.82 -23.18 -38.96
N ARG D 151 -90.77 -23.73 -38.35
CA ARG D 151 -89.91 -24.78 -38.88
C ARG D 151 -88.92 -24.23 -39.91
N MET D 152 -88.98 -22.93 -40.23
CA MET D 152 -87.95 -22.34 -41.08
C MET D 152 -86.60 -22.39 -40.38
N LYS D 153 -85.54 -22.34 -41.17
CA LYS D 153 -84.19 -22.41 -40.61
C LYS D 153 -83.24 -21.59 -41.45
N TYR D 154 -82.36 -20.85 -40.77
CA TYR D 154 -81.27 -20.12 -41.40
C TYR D 154 -80.00 -20.93 -41.23
N ALA D 155 -79.33 -21.23 -42.35
CA ALA D 155 -78.14 -22.07 -42.35
C ALA D 155 -76.99 -21.33 -43.03
N VAL D 156 -75.81 -21.40 -42.42
CA VAL D 156 -74.62 -20.79 -43.00
C VAL D 156 -73.37 -21.40 -42.41
N PHE D 157 -72.41 -21.77 -43.25
CA PHE D 157 -71.15 -22.34 -42.80
C PHE D 157 -70.01 -21.46 -43.31
N THR D 158 -69.26 -20.83 -42.39
CA THR D 158 -68.26 -19.87 -42.82
C THR D 158 -66.83 -20.23 -42.42
N THR D 159 -66.47 -20.17 -41.13
CA THR D 159 -65.08 -20.36 -40.77
C THR D 159 -64.86 -21.37 -39.64
N SER D 160 -65.55 -21.18 -38.53
CA SER D 160 -65.23 -21.86 -37.28
C SER D 160 -66.37 -21.59 -36.29
N GLN D 161 -66.16 -22.00 -35.04
CA GLN D 161 -67.16 -21.86 -33.99
C GLN D 161 -66.80 -20.76 -32.99
N ASP D 162 -66.01 -19.77 -33.41
CA ASP D 162 -65.66 -18.69 -32.51
C ASP D 162 -66.89 -17.86 -32.15
N GLN D 163 -66.84 -17.26 -30.95
CA GLN D 163 -68.00 -16.55 -30.44
C GLN D 163 -68.37 -15.37 -31.34
N GLU D 164 -67.39 -14.68 -31.90
CA GLU D 164 -67.68 -13.55 -32.75
C GLU D 164 -68.46 -13.99 -33.99
N HIS D 165 -68.04 -15.10 -34.61
CA HIS D 165 -68.80 -15.62 -35.74
C HIS D 165 -70.17 -16.13 -35.30
N LEU D 166 -70.28 -16.66 -34.09
CA LEU D 166 -71.59 -17.03 -33.56
C LEU D 166 -72.52 -15.83 -33.54
N MET D 167 -72.07 -14.71 -32.96
CA MET D 167 -72.91 -13.53 -32.90
C MET D 167 -73.21 -13.00 -34.29
N GLU D 168 -72.24 -13.06 -35.20
CA GLU D 168 -72.48 -12.63 -36.58
C GLU D 168 -73.57 -13.46 -37.22
N CYS D 169 -73.54 -14.78 -37.03
CA CYS D 169 -74.56 -15.65 -37.60
C CYS D 169 -75.92 -15.38 -36.97
N LEU D 170 -75.96 -15.13 -35.66
CA LEU D 170 -77.23 -14.78 -35.02
C LEU D 170 -77.80 -13.49 -35.60
N ILE D 171 -76.93 -12.50 -35.83
CA ILE D 171 -77.39 -11.24 -36.41
C ILE D 171 -77.90 -11.46 -37.83
N GLN D 172 -77.19 -12.29 -38.61
CA GLN D 172 -77.65 -12.59 -39.95
C GLN D 172 -79.02 -13.27 -39.93
N SER D 173 -79.21 -14.22 -39.01
CA SER D 173 -80.49 -14.90 -38.91
C SER D 173 -81.60 -13.93 -38.52
N PHE D 174 -81.32 -13.03 -37.58
CA PHE D 174 -82.31 -12.04 -37.17
C PHE D 174 -82.68 -11.13 -38.34
N LYS D 175 -81.68 -10.67 -39.10
CA LYS D 175 -81.96 -9.81 -40.25
C LYS D 175 -82.79 -10.55 -41.29
N TYR D 176 -82.44 -11.80 -41.58
CA TYR D 176 -83.20 -12.58 -42.57
C TYR D 176 -84.62 -12.81 -42.10
N PHE D 177 -84.82 -13.07 -40.80
CA PHE D 177 -86.15 -13.24 -40.24
C PHE D 177 -86.85 -11.93 -39.94
N GLY D 178 -86.15 -10.80 -40.04
CA GLY D 178 -86.78 -9.52 -39.80
C GLY D 178 -87.30 -9.32 -38.39
N GLY D 179 -86.52 -9.74 -37.40
CA GLY D 179 -86.91 -9.52 -36.02
C GLY D 179 -86.21 -10.51 -35.09
N VAL D 180 -86.74 -10.62 -33.88
CA VAL D 180 -86.12 -11.43 -32.83
C VAL D 180 -87.20 -12.26 -32.15
N PRO D 181 -86.84 -13.44 -31.66
CA PRO D 181 -87.76 -14.23 -30.84
C PRO D 181 -87.59 -13.94 -29.36
N LYS D 182 -88.50 -14.52 -28.56
CA LYS D 182 -88.47 -14.29 -27.12
C LYS D 182 -87.18 -14.82 -26.50
N LYS D 183 -86.73 -15.99 -26.95
CA LYS D 183 -85.55 -16.62 -26.39
C LYS D 183 -84.86 -17.41 -27.49
N VAL D 184 -83.61 -17.81 -27.22
CA VAL D 184 -82.83 -18.60 -28.17
C VAL D 184 -82.25 -19.79 -27.42
N LEU D 185 -82.38 -20.98 -28.02
CA LEU D 185 -81.95 -22.23 -27.42
C LEU D 185 -80.75 -22.76 -28.19
N PHE D 186 -79.62 -22.91 -27.48
CA PHE D 186 -78.36 -23.33 -28.07
C PHE D 186 -78.05 -24.76 -27.68
N ASP D 187 -76.86 -25.22 -28.06
CA ASP D 187 -76.33 -26.52 -27.67
C ASP D 187 -75.05 -26.32 -26.87
N ASN D 188 -74.78 -27.25 -25.97
CA ASN D 188 -73.59 -27.15 -25.13
C ASN D 188 -72.34 -27.13 -25.98
N MET D 189 -71.44 -26.20 -25.69
CA MET D 189 -70.19 -26.05 -26.43
C MET D 189 -69.30 -25.09 -25.67
N LYS D 190 -68.09 -24.89 -26.19
CA LYS D 190 -67.14 -23.98 -25.55
C LYS D 190 -67.68 -22.55 -25.53
N THR D 191 -68.27 -22.11 -26.64
CA THR D 191 -68.85 -20.78 -26.73
C THR D 191 -70.19 -20.77 -26.02
N VAL D 192 -70.94 -19.66 -26.17
CA VAL D 192 -72.24 -19.52 -25.53
C VAL D 192 -72.05 -19.50 -24.02
N THR D 193 -71.67 -20.64 -23.45
CA THR D 193 -71.46 -20.77 -22.01
C THR D 193 -70.06 -21.30 -21.76
N ASP D 194 -69.29 -20.57 -20.95
CA ASP D 194 -67.96 -21.04 -20.58
C ASP D 194 -68.04 -22.31 -19.75
N GLY D 195 -68.97 -22.36 -18.80
CA GLY D 195 -69.12 -23.53 -17.96
C GLY D 195 -70.44 -23.52 -17.19
N ARG D 196 -71.07 -24.69 -17.09
CA ARG D 196 -72.33 -24.85 -16.38
C ARG D 196 -72.07 -25.69 -15.13
N GLU D 197 -72.41 -25.12 -13.97
CA GLU D 197 -72.13 -25.75 -12.68
C GLU D 197 -73.44 -25.92 -11.92
N GLN D 198 -74.00 -27.13 -11.98
CA GLN D 198 -75.17 -27.50 -11.18
C GLN D 198 -76.30 -26.49 -11.36
N GLY D 199 -76.58 -26.16 -12.63
CA GLY D 199 -77.65 -25.25 -12.96
C GLY D 199 -77.26 -23.78 -12.97
N VAL D 200 -76.11 -23.44 -12.38
CA VAL D 200 -75.63 -22.06 -12.42
C VAL D 200 -74.91 -21.86 -13.75
N VAL D 201 -75.66 -21.43 -14.76
CA VAL D 201 -75.15 -21.30 -16.12
C VAL D 201 -74.71 -19.85 -16.30
N LYS D 202 -73.41 -19.61 -16.17
CA LYS D 202 -72.83 -18.28 -16.39
C LYS D 202 -72.33 -18.25 -17.83
N TRP D 203 -73.13 -17.67 -18.72
CA TRP D 203 -72.83 -17.72 -20.14
C TRP D 203 -71.58 -16.90 -20.44
N ASN D 204 -71.65 -15.60 -20.20
CA ASN D 204 -70.59 -14.65 -20.51
C ASN D 204 -71.04 -13.26 -20.11
N GLN D 205 -70.16 -12.27 -20.24
CA GLN D 205 -70.56 -10.88 -20.04
C GLN D 205 -70.92 -10.22 -21.36
N ARG D 206 -70.02 -10.30 -22.34
CA ARG D 206 -70.29 -9.71 -23.65
C ARG D 206 -71.48 -10.37 -24.32
N PHE D 207 -71.56 -11.71 -24.23
CA PHE D 207 -72.69 -12.41 -24.82
C PHE D 207 -74.01 -12.04 -24.14
N SER D 208 -73.98 -11.91 -22.81
CA SER D 208 -75.18 -11.48 -22.10
C SER D 208 -75.60 -10.08 -22.53
N GLU D 209 -74.63 -9.17 -22.67
CA GLU D 209 -74.94 -7.83 -23.14
C GLU D 209 -75.54 -7.87 -24.54
N PHE D 210 -75.00 -8.72 -25.42
CA PHE D 210 -75.54 -8.85 -26.76
C PHE D 210 -76.98 -9.36 -26.73
N ALA D 211 -77.24 -10.37 -25.89
CA ALA D 211 -78.58 -10.93 -25.80
C ALA D 211 -79.57 -9.89 -25.29
N SER D 212 -79.18 -9.14 -24.27
CA SER D 212 -80.07 -8.09 -23.75
C SER D 212 -80.28 -7.00 -24.80
N TYR D 213 -79.24 -6.67 -25.55
CA TYR D 213 -79.35 -5.64 -26.58
C TYR D 213 -80.34 -6.05 -27.66
N TYR D 214 -80.21 -7.26 -28.18
CA TYR D 214 -81.15 -7.72 -29.21
C TYR D 214 -82.51 -8.06 -28.63
N GLY D 215 -82.57 -8.51 -27.39
CA GLY D 215 -83.83 -8.76 -26.72
C GLY D 215 -84.00 -10.19 -26.24
N PHE D 216 -83.54 -11.15 -27.04
CA PHE D 216 -83.68 -12.55 -26.69
C PHE D 216 -82.83 -12.88 -25.46
N ILE D 217 -82.96 -14.12 -24.99
CA ILE D 217 -82.17 -14.59 -23.85
C ILE D 217 -81.73 -16.02 -24.13
N PRO D 218 -80.55 -16.40 -23.60
CA PRO D 218 -80.08 -17.78 -23.80
C PRO D 218 -80.83 -18.73 -22.88
N LYS D 219 -81.31 -19.83 -23.45
CA LYS D 219 -82.04 -20.85 -22.69
C LYS D 219 -81.56 -22.24 -23.09
N VAL D 220 -80.24 -22.43 -23.08
CA VAL D 220 -79.66 -23.69 -23.54
C VAL D 220 -79.95 -24.78 -22.52
N CYS D 221 -80.99 -25.58 -22.80
CA CYS D 221 -81.39 -26.66 -21.90
C CYS D 221 -81.83 -27.90 -22.66
N ARG D 222 -81.41 -28.06 -23.92
CA ARG D 222 -81.82 -29.21 -24.70
C ARG D 222 -81.45 -30.51 -23.98
N PRO D 223 -82.06 -31.62 -24.36
CA PRO D 223 -81.59 -32.92 -23.87
C PRO D 223 -80.12 -33.11 -24.22
N TYR D 224 -79.33 -33.49 -23.21
CA TYR D 224 -77.89 -33.66 -23.38
C TYR D 224 -77.52 -35.07 -23.81
N ARG D 225 -78.44 -35.78 -24.44
CA ARG D 225 -78.23 -37.13 -24.93
C ARG D 225 -78.47 -37.19 -26.43
N ALA D 226 -78.11 -38.33 -27.02
CA ALA D 226 -78.38 -38.56 -28.43
C ALA D 226 -79.87 -38.72 -28.72
N GLN D 227 -80.70 -38.88 -27.69
CA GLN D 227 -82.14 -39.04 -27.84
C GLN D 227 -82.84 -37.72 -27.58
N THR D 228 -83.69 -37.31 -28.52
CA THR D 228 -84.53 -36.12 -28.52
C THR D 228 -83.73 -34.85 -28.80
N LYS D 229 -82.40 -34.90 -28.80
CA LYS D 229 -81.58 -33.79 -29.28
C LYS D 229 -80.70 -34.21 -30.45
N GLY D 230 -79.92 -35.29 -30.30
CA GLY D 230 -79.05 -35.70 -31.38
C GLY D 230 -79.80 -36.21 -32.58
N LYS D 231 -80.93 -36.90 -32.36
CA LYS D 231 -81.69 -37.47 -33.47
C LYS D 231 -82.11 -36.39 -34.46
N VAL D 232 -82.78 -35.35 -33.98
CA VAL D 232 -83.26 -34.30 -34.86
C VAL D 232 -82.10 -33.50 -35.43
N GLU D 233 -81.06 -33.29 -34.61
CA GLU D 233 -79.91 -32.53 -35.08
C GLU D 233 -79.26 -33.21 -36.28
N ARG D 234 -78.93 -34.49 -36.15
CA ARG D 234 -78.33 -35.20 -37.27
C ARG D 234 -79.29 -35.36 -38.43
N ALA D 235 -80.59 -35.54 -38.14
CA ALA D 235 -81.58 -35.59 -39.20
C ALA D 235 -81.48 -34.36 -40.09
N ILE D 236 -81.64 -33.18 -39.48
CA ILE D 236 -81.61 -31.94 -40.27
C ILE D 236 -80.23 -31.74 -40.89
N GLN D 237 -79.17 -32.14 -40.19
CA GLN D 237 -77.82 -31.93 -40.71
C GLN D 237 -77.62 -32.68 -42.01
N TYR D 238 -77.91 -33.98 -42.03
CA TYR D 238 -77.69 -34.75 -43.25
C TYR D 238 -78.77 -34.46 -44.29
N ILE D 239 -79.96 -34.03 -43.88
CA ILE D 239 -80.95 -33.59 -44.86
C ILE D 239 -80.43 -32.38 -45.62
N MET D 240 -79.84 -31.42 -44.90
CA MET D 240 -79.22 -30.28 -45.57
C MET D 240 -78.05 -30.71 -46.43
N ASP D 241 -77.19 -31.60 -45.90
CA ASP D 241 -75.99 -32.00 -46.63
C ASP D 241 -76.36 -32.66 -47.96
N HIS D 242 -77.31 -33.60 -47.93
CA HIS D 242 -77.66 -34.33 -49.15
C HIS D 242 -78.38 -33.41 -50.14
N PHE D 243 -79.39 -32.67 -49.67
CA PHE D 243 -80.19 -31.87 -50.60
C PHE D 243 -79.38 -30.75 -51.21
N TYR D 244 -78.51 -30.10 -50.43
CA TYR D 244 -77.71 -29.01 -50.96
C TYR D 244 -76.48 -29.54 -51.71
N VAL D 245 -75.59 -30.22 -50.99
CA VAL D 245 -74.40 -30.84 -51.55
C VAL D 245 -73.77 -29.95 -52.63
N GLY D 246 -73.87 -28.64 -52.46
CA GLY D 246 -73.35 -27.72 -53.45
C GLY D 246 -71.86 -27.53 -53.33
N THR D 247 -71.24 -27.15 -54.46
CA THR D 247 -69.80 -26.86 -54.52
C THR D 247 -69.63 -25.67 -55.47
N ALA D 248 -69.60 -24.47 -54.90
CA ALA D 248 -69.51 -23.26 -55.71
C ALA D 248 -68.09 -23.04 -56.22
N PHE D 249 -67.12 -22.99 -55.31
CA PHE D 249 -65.75 -22.67 -55.65
C PHE D 249 -64.89 -22.86 -54.40
N GLU D 250 -63.58 -22.96 -54.62
CA GLU D 250 -62.63 -23.14 -53.51
C GLU D 250 -62.92 -22.16 -52.38
N SER D 251 -63.25 -20.92 -52.73
CA SER D 251 -63.58 -19.91 -51.72
C SER D 251 -64.86 -20.30 -51.00
N ILE D 252 -64.79 -20.41 -49.67
CA ILE D 252 -65.97 -20.76 -48.89
C ILE D 252 -67.01 -19.66 -48.95
N GLU D 253 -66.58 -18.42 -49.19
CA GLU D 253 -67.54 -17.32 -49.29
C GLU D 253 -68.49 -17.53 -50.47
N GLU D 254 -67.96 -17.94 -51.61
CA GLU D 254 -68.82 -18.24 -52.76
C GLU D 254 -69.70 -19.46 -52.49
N LEU D 255 -69.16 -20.44 -51.75
CA LEU D 255 -69.97 -21.59 -51.37
C LEU D 255 -71.17 -21.14 -50.52
N ASN D 256 -70.95 -20.23 -49.58
CA ASN D 256 -72.04 -19.73 -48.76
C ASN D 256 -73.00 -18.86 -49.57
N PHE D 257 -72.48 -18.17 -50.59
CA PHE D 257 -73.34 -17.41 -51.49
C PHE D 257 -74.31 -18.34 -52.23
N LEU D 258 -73.79 -19.43 -52.80
CA LEU D 258 -74.67 -20.39 -53.44
C LEU D 258 -75.56 -21.11 -52.44
N LEU D 259 -75.07 -21.29 -51.21
CA LEU D 259 -75.89 -21.86 -50.15
C LEU D 259 -77.09 -20.97 -49.83
N HIS D 260 -76.85 -19.66 -49.76
CA HIS D 260 -77.95 -18.73 -49.52
C HIS D 260 -78.96 -18.78 -50.66
N ARG D 261 -78.47 -18.85 -51.90
CA ARG D 261 -79.40 -18.98 -53.03
C ARG D 261 -80.21 -20.26 -52.90
N TRP D 262 -79.56 -21.39 -52.59
CA TRP D 262 -80.26 -22.66 -52.44
C TRP D 262 -81.28 -22.60 -51.30
N LEU D 263 -80.92 -21.96 -50.19
CA LEU D 263 -81.85 -21.82 -49.07
C LEU D 263 -83.07 -21.02 -49.48
N ASP D 264 -82.86 -19.92 -50.20
CA ASP D 264 -83.99 -19.12 -50.65
C ASP D 264 -84.83 -19.85 -51.70
N GLN D 265 -84.24 -20.79 -52.43
CA GLN D 265 -84.96 -21.43 -53.53
C GLN D 265 -85.71 -22.69 -53.08
N VAL D 266 -84.98 -23.69 -52.58
CA VAL D 266 -85.58 -25.02 -52.38
C VAL D 266 -85.40 -25.55 -50.97
N ALA D 267 -85.10 -24.67 -50.01
CA ALA D 267 -85.03 -25.07 -48.61
C ALA D 267 -86.10 -24.37 -47.77
N ASN D 268 -86.14 -23.03 -47.80
CA ASN D 268 -87.18 -22.30 -47.09
C ASN D 268 -88.53 -22.34 -47.81
N ARG D 269 -88.56 -22.83 -49.04
CA ARG D 269 -89.79 -22.94 -49.82
C ARG D 269 -90.10 -24.40 -50.15
N LYS D 270 -89.71 -25.30 -49.26
CA LYS D 270 -89.95 -26.74 -49.44
C LYS D 270 -91.05 -27.18 -48.48
N PRO D 271 -92.28 -27.39 -48.95
CA PRO D 271 -93.36 -27.74 -48.03
C PRO D 271 -93.07 -29.04 -47.28
N ASN D 272 -93.48 -29.07 -46.02
CA ASN D 272 -93.37 -30.28 -45.22
C ASN D 272 -94.51 -31.24 -45.56
N ALA D 273 -94.21 -32.54 -45.55
CA ALA D 273 -95.20 -33.53 -45.95
C ALA D 273 -96.40 -33.51 -45.02
N THR D 274 -96.17 -33.41 -43.71
CA THR D 274 -97.27 -33.44 -42.75
C THR D 274 -98.11 -32.18 -42.83
N THR D 275 -97.49 -31.02 -42.59
CA THR D 275 -98.24 -29.77 -42.63
C THR D 275 -98.78 -29.48 -44.03
N GLY D 276 -97.98 -29.75 -45.05
CA GLY D 276 -98.38 -29.48 -46.42
C GLY D 276 -98.30 -28.03 -46.82
N ILE D 277 -97.69 -27.18 -45.99
CA ILE D 277 -97.56 -25.75 -46.27
C ILE D 277 -96.10 -25.37 -46.15
N SER D 278 -95.64 -24.51 -47.05
CA SER D 278 -94.27 -24.02 -46.99
C SER D 278 -94.05 -23.32 -45.65
N PRO D 279 -92.95 -23.60 -44.95
CA PRO D 279 -92.72 -22.94 -43.65
C PRO D 279 -92.68 -21.41 -43.74
N GLN D 280 -92.49 -20.85 -44.92
CA GLN D 280 -92.38 -19.40 -45.05
C GLN D 280 -93.66 -18.71 -44.57
N GLU D 281 -94.82 -19.31 -44.83
CA GLU D 281 -96.07 -18.69 -44.37
C GLU D 281 -96.12 -18.63 -42.85
N ARG D 282 -95.78 -19.73 -42.18
CA ARG D 282 -95.75 -19.71 -40.72
C ARG D 282 -94.73 -18.71 -40.21
N TRP D 283 -93.58 -18.62 -40.85
CA TRP D 283 -92.59 -17.61 -40.47
C TRP D 283 -93.19 -16.21 -40.58
N ALA D 284 -93.92 -15.96 -41.67
CA ALA D 284 -94.56 -14.66 -41.84
C ALA D 284 -95.56 -14.38 -40.74
N GLU D 285 -96.33 -15.40 -40.34
CA GLU D 285 -97.32 -15.21 -39.29
C GLU D 285 -96.72 -15.31 -37.89
N GLU D 286 -95.45 -15.69 -37.76
CA GLU D 286 -94.82 -15.76 -36.46
C GLU D 286 -94.53 -14.35 -35.93
N SER D 287 -94.22 -14.29 -34.62
CA SER D 287 -93.95 -13.04 -33.93
C SER D 287 -92.44 -12.81 -33.90
N LEU D 288 -91.96 -11.95 -34.79
CA LEU D 288 -90.55 -11.56 -34.85
C LEU D 288 -90.49 -10.08 -34.47
N LYS D 289 -90.30 -9.80 -33.19
CA LYS D 289 -90.25 -8.42 -32.74
C LYS D 289 -89.12 -7.68 -33.44
N PRO D 290 -89.30 -6.42 -33.79
CA PRO D 290 -88.27 -5.72 -34.58
C PRO D 290 -86.93 -5.71 -33.85
N LEU D 291 -85.87 -6.06 -34.58
CA LEU D 291 -84.54 -6.00 -34.04
C LEU D 291 -84.12 -4.54 -33.87
N PRO D 292 -83.13 -4.26 -33.01
CA PRO D 292 -82.80 -2.86 -32.69
C PRO D 292 -82.35 -2.02 -33.88
N LEU D 293 -82.28 -2.62 -35.06
CA LEU D 293 -81.90 -1.96 -36.31
C LEU D 293 -80.42 -1.62 -36.37
N LYS D 294 -79.64 -1.98 -35.35
CA LYS D 294 -78.20 -1.82 -35.36
C LYS D 294 -77.58 -3.08 -34.79
N ASP D 295 -76.34 -3.34 -35.18
CA ASP D 295 -75.66 -4.57 -34.84
C ASP D 295 -74.71 -4.34 -33.67
N TYR D 296 -74.86 -5.14 -32.61
CA TYR D 296 -73.87 -5.18 -31.55
C TYR D 296 -72.52 -5.50 -32.17
N ASP D 297 -71.48 -4.78 -31.74
CA ASP D 297 -70.19 -4.86 -32.41
C ASP D 297 -69.74 -6.31 -32.53
N THR D 298 -69.35 -6.70 -33.75
CA THR D 298 -68.90 -8.05 -34.05
C THR D 298 -67.40 -8.05 -34.34
N SER D 299 -66.65 -7.26 -33.57
CA SER D 299 -65.22 -7.13 -33.74
C SER D 299 -64.51 -7.69 -32.51
N TYR D 300 -63.45 -8.46 -32.75
CA TYR D 300 -62.64 -8.94 -31.65
C TYR D 300 -62.10 -7.76 -30.86
N LEU D 301 -62.29 -7.79 -29.54
CA LEU D 301 -61.74 -6.81 -28.61
C LEU D 301 -60.56 -7.44 -27.89
N SER D 302 -59.39 -6.81 -27.96
CA SER D 302 -58.23 -7.35 -27.28
C SER D 302 -57.27 -6.24 -26.92
N TYR D 303 -56.79 -6.25 -25.68
CA TYR D 303 -55.87 -5.24 -25.20
C TYR D 303 -54.43 -5.61 -25.58
N ARG D 304 -53.60 -4.57 -25.73
CA ARG D 304 -52.19 -4.74 -26.05
C ARG D 304 -51.40 -3.64 -25.39
N LYS D 305 -50.31 -4.01 -24.73
CA LYS D 305 -49.41 -3.05 -24.14
C LYS D 305 -48.40 -2.56 -25.18
N VAL D 306 -48.09 -1.27 -25.13
CA VAL D 306 -47.14 -0.65 -26.05
C VAL D 306 -45.80 -0.54 -25.33
N HIS D 307 -44.77 -1.10 -25.95
CA HIS D 307 -43.43 -1.00 -25.38
C HIS D 307 -42.97 0.46 -25.42
N TRP D 308 -41.96 0.76 -24.60
CA TRP D 308 -41.40 2.11 -24.61
C TRP D 308 -40.82 2.49 -25.95
N ASP D 309 -40.70 1.55 -26.88
CA ASP D 309 -40.33 1.84 -28.25
C ASP D 309 -41.50 2.40 -29.06
N GLY D 310 -42.66 2.58 -28.45
CA GLY D 310 -43.84 2.95 -29.20
C GLY D 310 -44.26 1.85 -30.15
N SER D 311 -44.19 0.60 -29.70
CA SER D 311 -44.51 -0.54 -30.54
C SER D 311 -45.35 -1.53 -29.76
N PHE D 312 -46.13 -2.32 -30.49
CA PHE D 312 -46.90 -3.40 -29.89
C PHE D 312 -47.09 -4.49 -30.93
N SER D 313 -47.81 -5.55 -30.56
CA SER D 313 -47.97 -6.71 -31.41
C SER D 313 -49.44 -7.12 -31.48
N TYR D 314 -49.81 -7.74 -32.60
CA TYR D 314 -51.16 -8.24 -32.79
C TYR D 314 -51.11 -9.36 -33.82
N LYS D 315 -51.48 -10.57 -33.40
CA LYS D 315 -51.58 -11.72 -34.31
C LYS D 315 -50.32 -11.87 -35.16
N GLY D 316 -49.17 -11.69 -34.51
CA GLY D 316 -47.89 -11.92 -35.16
C GLY D 316 -47.37 -10.76 -35.98
N GLU D 317 -48.08 -9.65 -36.06
CA GLU D 317 -47.62 -8.45 -36.76
C GLU D 317 -47.39 -7.33 -35.77
N GLN D 318 -46.26 -6.65 -35.89
CA GLN D 318 -45.83 -5.65 -34.93
C GLN D 318 -46.04 -4.25 -35.52
N TRP D 319 -46.69 -3.40 -34.74
CA TRP D 319 -47.06 -2.05 -35.16
C TRP D 319 -46.27 -1.02 -34.37
N LEU D 320 -46.06 0.14 -35.01
CA LEU D 320 -45.30 1.26 -34.48
C LEU D 320 -46.25 2.41 -34.20
N LEU D 321 -46.37 2.78 -32.93
CA LEU D 321 -47.20 3.92 -32.53
C LEU D 321 -46.31 5.15 -32.33
N SER D 322 -46.90 6.21 -31.79
CA SER D 322 -46.20 7.45 -31.54
C SER D 322 -45.73 7.51 -30.09
N ALA D 323 -45.13 8.65 -29.72
CA ALA D 323 -44.51 8.78 -28.41
C ALA D 323 -45.54 8.69 -27.29
N GLU D 324 -46.69 9.34 -27.45
CA GLU D 324 -47.66 9.41 -26.37
C GLU D 324 -48.18 8.02 -26.00
N TYR D 325 -48.22 7.11 -26.96
CA TYR D 325 -48.80 5.78 -26.75
C TYR D 325 -47.81 4.79 -26.15
N ALA D 326 -46.52 5.09 -26.15
CA ALA D 326 -45.54 4.18 -25.60
C ALA D 326 -45.76 3.99 -24.10
N GLY D 327 -45.72 2.73 -23.66
CA GLY D 327 -45.87 2.43 -22.25
C GLY D 327 -47.28 2.46 -21.73
N LYS D 328 -48.27 2.26 -22.60
CA LYS D 328 -49.67 2.31 -22.20
C LYS D 328 -50.44 1.21 -22.93
N GLU D 329 -51.63 0.92 -22.40
CA GLU D 329 -52.45 -0.20 -22.88
C GLU D 329 -53.49 0.33 -23.87
N ILE D 330 -53.39 -0.10 -25.11
CA ILE D 330 -54.36 0.24 -26.14
C ILE D 330 -55.31 -0.93 -26.31
N LEU D 331 -56.42 -0.69 -26.99
CA LEU D 331 -57.43 -1.72 -27.27
C LEU D 331 -57.57 -1.85 -28.77
N VAL D 332 -57.23 -3.01 -29.30
CA VAL D 332 -57.40 -3.32 -30.71
C VAL D 332 -58.79 -3.90 -30.92
N LYS D 333 -59.48 -3.41 -31.93
CA LYS D 333 -60.80 -3.91 -32.32
C LYS D 333 -60.73 -4.31 -33.78
N GLU D 334 -60.97 -5.58 -34.06
CA GLU D 334 -60.85 -6.11 -35.42
C GLU D 334 -62.18 -6.69 -35.87
N ARG D 335 -62.84 -6.00 -36.79
CA ARG D 335 -64.05 -6.53 -37.38
C ARG D 335 -63.77 -7.89 -38.02
N LEU D 336 -64.81 -8.73 -38.09
CA LEU D 336 -64.70 -9.95 -38.86
C LEU D 336 -64.44 -9.67 -40.34
N ASN D 337 -64.70 -8.44 -40.78
CA ASN D 337 -64.33 -8.05 -42.13
C ASN D 337 -62.85 -8.24 -42.37
N GLY D 338 -62.01 -7.85 -41.41
CA GLY D 338 -60.57 -8.02 -41.53
C GLY D 338 -59.81 -6.71 -41.48
N ASP D 339 -60.39 -5.70 -40.82
CA ASP D 339 -59.75 -4.40 -40.66
C ASP D 339 -59.51 -4.15 -39.18
N ILE D 340 -58.32 -3.69 -38.84
CA ILE D 340 -57.91 -3.46 -37.46
C ILE D 340 -58.03 -1.98 -37.15
N ARG D 341 -58.63 -1.65 -36.00
CA ARG D 341 -58.78 -0.29 -35.56
C ARG D 341 -58.25 -0.18 -34.14
N LEU D 342 -57.39 0.80 -33.90
CA LEU D 342 -56.71 0.96 -32.62
C LEU D 342 -57.40 2.08 -31.84
N TYR D 343 -57.98 1.74 -30.69
CA TYR D 343 -58.62 2.72 -29.83
C TYR D 343 -57.82 2.82 -28.54
N PHE D 344 -57.38 4.03 -28.22
CA PHE D 344 -56.59 4.28 -27.02
C PHE D 344 -57.35 5.23 -26.11
N ARG D 345 -57.56 4.82 -24.86
CA ARG D 345 -58.16 5.67 -23.84
C ARG D 345 -59.51 6.21 -24.32
N GLY D 346 -60.27 5.36 -25.00
CA GLY D 346 -61.58 5.72 -25.52
C GLY D 346 -61.55 6.35 -26.90
N GLU D 347 -60.55 7.18 -27.17
CA GLU D 347 -60.48 7.88 -28.44
C GLU D 347 -60.04 6.92 -29.54
N GLU D 348 -59.89 7.46 -30.75
CA GLU D 348 -59.44 6.72 -31.92
C GLU D 348 -58.13 7.31 -32.40
N ILE D 349 -57.16 6.45 -32.69
CA ILE D 349 -55.86 6.88 -33.16
C ILE D 349 -55.75 6.58 -34.65
N SER D 350 -54.67 7.07 -35.25
CA SER D 350 -54.52 6.96 -36.70
C SER D 350 -54.48 5.50 -37.13
N HIS D 351 -55.10 5.23 -38.28
CA HIS D 351 -55.11 3.88 -38.83
C HIS D 351 -53.69 3.45 -39.21
N VAL D 352 -53.46 2.14 -39.15
CA VAL D 352 -52.14 1.57 -39.38
C VAL D 352 -51.97 1.10 -40.83
N ASP D 353 -52.83 1.56 -41.73
CA ASP D 353 -52.78 1.20 -43.15
C ASP D 353 -52.43 -0.28 -43.32
N GLN D 354 -53.28 -1.13 -42.75
CA GLN D 354 -53.07 -2.56 -42.84
C GLN D 354 -53.03 -3.00 -44.30
N GLN D 355 -52.11 -3.90 -44.62
CA GLN D 355 -51.88 -4.36 -45.98
C GLN D 355 -51.94 -5.88 -46.02
N LYS D 356 -52.35 -6.40 -47.19
CA LYS D 356 -52.46 -7.85 -47.34
C LYS D 356 -51.09 -8.53 -47.20
N LYS D 357 -50.05 -7.92 -47.76
CA LYS D 357 -48.71 -8.49 -47.67
C LYS D 357 -48.09 -8.11 -46.34
N VAL D 358 -47.56 -9.11 -45.63
CA VAL D 358 -46.92 -8.86 -44.34
C VAL D 358 -45.58 -8.19 -44.57
N ILE D 359 -45.30 -7.15 -43.78
CA ILE D 359 -44.05 -6.42 -43.85
C ILE D 359 -43.33 -6.58 -42.52
N SER D 360 -42.01 -6.82 -42.58
CA SER D 360 -41.23 -7.03 -41.39
C SER D 360 -41.12 -5.74 -40.58
N PHE D 361 -40.84 -5.91 -39.28
CA PHE D 361 -40.67 -4.76 -38.40
C PHE D 361 -39.60 -3.81 -38.94
N ALA D 362 -38.56 -4.36 -39.59
CA ALA D 362 -37.52 -3.51 -40.16
C ALA D 362 -38.08 -2.56 -41.21
N GLU D 363 -38.95 -3.08 -42.09
CA GLU D 363 -39.55 -2.23 -43.10
C GLU D 363 -40.45 -1.17 -42.47
N LYS D 364 -41.16 -1.52 -41.40
CA LYS D 364 -41.96 -0.52 -40.70
C LYS D 364 -41.09 0.58 -40.10
N ILE D 365 -39.96 0.20 -39.51
CA ILE D 365 -39.05 1.19 -38.96
C ILE D 365 -38.53 2.10 -40.06
N LYS D 366 -38.15 1.51 -41.20
CA LYS D 366 -37.67 2.30 -42.33
C LYS D 366 -38.74 3.26 -42.81
N LYS D 367 -39.99 2.78 -42.89
CA LYS D 367 -41.08 3.63 -43.36
C LYS D 367 -41.31 4.80 -42.41
N LYS D 368 -41.32 4.53 -41.11
CA LYS D 368 -41.50 5.60 -40.13
C LYS D 368 -40.34 6.58 -40.20
N GLN D 369 -39.12 6.08 -40.39
CA GLN D 369 -37.96 6.95 -40.53
C GLN D 369 -38.11 7.88 -41.72
N THR D 370 -38.48 7.33 -42.88
CA THR D 370 -38.66 8.16 -44.07
C THR D 370 -39.79 9.16 -43.86
N GLU D 371 -40.87 8.73 -43.21
CA GLU D 371 -42.00 9.63 -42.96
C GLU D 371 -41.57 10.79 -42.06
N MET D 372 -40.82 10.51 -41.01
CA MET D 372 -40.35 11.57 -40.12
C MET D 372 -39.32 12.45 -40.81
N ALA D 373 -38.60 11.91 -41.79
CA ALA D 373 -37.64 12.71 -42.54
C ALA D 373 -38.35 13.84 -43.29
N ASN E 1 20.88 6.54 9.79
CA ASN E 1 21.16 7.49 10.89
C ASN E 1 20.93 6.80 12.23
N MET E 2 20.46 7.56 13.24
CA MET E 2 20.21 7.02 14.57
C MET E 2 18.73 7.01 14.93
N LYS E 3 17.97 8.01 14.51
CA LYS E 3 16.54 8.04 14.81
C LYS E 3 15.83 6.83 14.24
N GLU E 4 16.10 6.53 12.97
CA GLU E 4 15.48 5.37 12.33
C GLU E 4 15.92 4.08 13.00
N ARG E 5 17.21 3.98 13.36
CA ARG E 5 17.69 2.79 14.05
C ARG E 5 17.04 2.64 15.41
N ILE E 6 16.86 3.76 16.13
CA ILE E 6 16.19 3.68 17.43
C ILE E 6 14.76 3.21 17.25
N HIS E 7 14.05 3.73 16.24
CA HIS E 7 12.69 3.29 15.99
C HIS E 7 12.64 1.80 15.68
N GLU E 8 13.56 1.33 14.83
CA GLU E 8 13.59 -0.08 14.46
C GLU E 8 13.86 -0.95 15.67
N TYR E 9 14.82 -0.56 16.50
CA TYR E 9 15.17 -1.37 17.66
C TYR E 9 14.04 -1.38 18.69
N CYS E 10 13.37 -0.24 18.88
CA CYS E 10 12.24 -0.22 19.79
C CYS E 10 11.12 -1.12 19.30
N HIS E 11 10.87 -1.14 17.98
CA HIS E 11 9.85 -2.03 17.46
C HIS E 11 10.27 -3.49 17.58
N ARG E 12 11.54 -3.79 17.36
CA ARG E 12 12.00 -5.17 17.45
C ARG E 12 12.01 -5.67 18.89
N LEU E 13 12.16 -4.78 19.86
CA LEU E 13 12.07 -5.14 21.26
C LEU E 13 10.66 -5.04 21.81
N HIS E 14 9.68 -4.72 20.96
CA HIS E 14 8.28 -4.63 21.37
C HIS E 14 8.10 -3.53 22.42
N LEU E 15 8.45 -2.31 22.02
CA LEU E 15 8.31 -1.12 22.85
C LEU E 15 7.67 -0.01 22.01
N PRO E 16 6.40 -0.18 21.63
CA PRO E 16 5.79 0.81 20.71
C PRO E 16 5.70 2.20 21.33
N VAL E 17 5.19 2.30 22.55
CA VAL E 17 5.04 3.61 23.18
C VAL E 17 6.40 4.26 23.36
N MET E 18 7.41 3.47 23.71
CA MET E 18 8.76 4.00 23.82
C MET E 18 9.24 4.55 22.49
N ALA E 19 8.95 3.84 21.39
CA ALA E 19 9.31 4.34 20.08
C ALA E 19 8.59 5.63 19.74
N GLU E 20 7.34 5.77 20.20
CA GLU E 20 6.56 6.97 19.87
C GLU E 20 7.09 8.19 20.62
N ARG E 21 7.37 8.05 21.91
CA ARG E 21 7.58 9.19 22.79
C ARG E 21 9.03 9.41 23.20
N TRP E 22 9.99 8.65 22.66
CA TRP E 22 11.36 8.79 23.12
C TRP E 22 11.91 10.17 22.80
N SER E 23 11.55 10.73 21.65
CA SER E 23 12.02 12.06 21.29
C SER E 23 11.50 13.10 22.27
N ALA E 24 10.20 13.05 22.57
CA ALA E 24 9.61 14.03 23.49
C ALA E 24 10.20 13.89 24.89
N MET E 25 10.39 12.65 25.35
CA MET E 25 10.99 12.44 26.66
C MET E 25 12.43 12.97 26.68
N ALA E 26 13.18 12.74 25.60
CA ALA E 26 14.54 13.27 25.53
C ALA E 26 14.54 14.78 25.59
N GLU E 27 13.63 15.42 24.86
CA GLU E 27 13.56 16.88 24.88
C GLU E 27 13.21 17.40 26.28
N TYR E 28 12.23 16.76 26.93
CA TYR E 28 11.85 17.19 28.27
C TYR E 28 12.99 17.03 29.25
N ALA E 29 13.69 15.89 29.19
CA ALA E 29 14.85 15.70 30.05
C ALA E 29 15.93 16.73 29.76
N SER E 30 16.06 17.13 28.49
CA SER E 30 17.02 18.15 28.12
C SER E 30 16.68 19.48 28.77
N THR E 31 15.42 19.89 28.68
CA THR E 31 15.01 21.20 29.18
C THR E 31 14.96 21.26 30.71
N HIS E 32 15.09 20.13 31.39
CA HIS E 32 15.03 20.10 32.85
C HIS E 32 16.25 19.42 33.47
N ASN E 33 17.26 19.09 32.68
CA ASN E 33 18.49 18.48 33.19
C ASN E 33 18.17 17.21 33.98
N ILE E 34 17.23 16.41 33.48
CA ILE E 34 16.89 15.15 34.13
C ILE E 34 18.04 14.18 33.98
N SER E 35 18.34 13.46 35.06
CA SER E 35 19.42 12.49 35.04
C SER E 35 19.12 11.37 34.06
N TYR E 36 20.17 10.74 33.54
CA TYR E 36 20.00 9.64 32.60
C TYR E 36 19.18 8.51 33.22
N SER E 37 19.44 8.21 34.49
CA SER E 37 18.70 7.15 35.17
C SER E 37 17.21 7.49 35.22
N GLU E 38 16.87 8.73 35.55
CA GLU E 38 15.47 9.13 35.60
C GLU E 38 14.84 9.13 34.21
N PHE E 39 15.61 9.47 33.18
CA PHE E 39 15.11 9.39 31.82
C PHE E 39 14.73 7.95 31.46
N LEU E 40 15.63 7.02 31.74
CA LEU E 40 15.34 5.61 31.50
C LEU E 40 14.14 5.15 32.30
N PHE E 41 14.06 5.59 33.56
CA PHE E 41 12.94 5.21 34.40
C PHE E 41 11.63 5.74 33.84
N ARG E 42 11.62 6.98 33.36
CA ARG E 42 10.42 7.54 32.77
C ARG E 42 9.96 6.71 31.57
N LEU E 43 10.90 6.39 30.68
CA LEU E 43 10.53 5.61 29.50
C LEU E 43 9.97 4.25 29.91
N LEU E 44 10.68 3.55 30.80
CA LEU E 44 10.24 2.22 31.20
C LEU E 44 8.89 2.27 31.91
N GLU E 45 8.68 3.28 32.76
CA GLU E 45 7.43 3.39 33.50
C GLU E 45 6.27 3.65 32.56
N ALA E 46 6.46 4.52 31.57
CA ALA E 46 5.40 4.74 30.60
C ALA E 46 5.07 3.46 29.84
N GLU E 47 6.11 2.74 29.40
CA GLU E 47 5.87 1.49 28.69
C GLU E 47 5.12 0.49 29.57
N ILE E 48 5.50 0.41 30.84
CA ILE E 48 4.85 -0.53 31.77
C ILE E 48 3.39 -0.15 31.95
N VAL E 49 3.09 1.14 32.11
CA VAL E 49 1.72 1.56 32.31
C VAL E 49 0.88 1.19 31.10
N GLU E 50 1.39 1.46 29.90
CA GLU E 50 0.63 1.13 28.69
C GLU E 50 0.44 -0.38 28.55
N LYS E 51 1.49 -1.16 28.85
CA LYS E 51 1.38 -2.61 28.76
C LYS E 51 0.34 -3.14 29.75
N GLN E 52 0.33 -2.61 30.97
CA GLN E 52 -0.65 -3.04 31.96
C GLN E 52 -2.06 -2.67 31.53
N ALA E 53 -2.23 -1.50 30.90
CA ALA E 53 -3.53 -1.14 30.38
C ALA E 53 -4.00 -2.13 29.33
N ARG E 54 -3.12 -2.50 28.40
CA ARG E 54 -3.51 -3.46 27.37
C ARG E 54 -3.77 -4.84 27.98
N SER E 55 -3.01 -5.22 29.01
CA SER E 55 -3.25 -6.48 29.70
C SER E 55 -4.63 -6.50 30.34
N ILE E 56 -5.01 -5.39 30.99
CA ILE E 56 -6.33 -5.32 31.60
C ILE E 56 -7.41 -5.38 30.53
N GLN E 57 -7.15 -4.75 29.37
CA GLN E 57 -8.10 -4.85 28.27
C GLN E 57 -8.30 -6.31 27.85
N THR E 58 -7.20 -7.05 27.71
CA THR E 58 -7.32 -8.44 27.30
C THR E 58 -8.04 -9.26 28.36
N LEU E 59 -7.74 -9.01 29.64
CA LEU E 59 -8.39 -9.76 30.70
C LEU E 59 -9.89 -9.50 30.73
N ILE E 60 -10.29 -8.23 30.56
CA ILE E 60 -11.72 -7.93 30.54
C ILE E 60 -12.37 -8.57 29.32
N LYS E 61 -11.65 -8.62 28.19
CA LYS E 61 -12.19 -9.30 27.02
C LYS E 61 -12.45 -10.77 27.30
N LEU E 62 -11.46 -11.45 27.89
CA LEU E 62 -11.59 -12.89 28.15
C LEU E 62 -12.49 -13.20 29.33
N SER E 63 -12.88 -12.21 30.13
CA SER E 63 -13.75 -12.47 31.26
C SER E 63 -15.11 -12.99 30.83
N LYS E 64 -15.50 -12.76 29.58
CA LYS E 64 -16.78 -13.22 29.06
C LYS E 64 -17.96 -12.62 29.83
N LEU E 65 -17.78 -11.43 30.38
CA LEU E 65 -18.88 -10.75 31.02
C LEU E 65 -19.90 -10.32 29.96
N PRO E 66 -21.21 -10.42 30.26
CA PRO E 66 -22.19 -9.96 29.27
C PRO E 66 -22.08 -8.48 28.97
N TYR E 67 -21.62 -7.69 29.93
CA TYR E 67 -21.47 -6.26 29.77
C TYR E 67 -20.52 -5.76 30.86
N ARG E 68 -20.32 -4.45 30.92
CA ARG E 68 -19.39 -3.84 31.85
C ARG E 68 -20.15 -2.86 32.74
N LYS E 69 -20.04 -3.06 34.06
CA LYS E 69 -20.69 -2.20 35.03
C LYS E 69 -19.76 -2.01 36.22
N THR E 70 -20.08 -1.03 37.06
CA THR E 70 -19.25 -0.69 38.20
C THR E 70 -20.12 -0.16 39.32
N ILE E 71 -19.53 -0.08 40.51
CA ILE E 71 -20.24 0.43 41.68
C ILE E 71 -20.62 1.89 41.51
N ASP E 72 -19.96 2.60 40.58
CA ASP E 72 -20.27 4.01 40.38
C ASP E 72 -21.73 4.21 40.00
N THR E 73 -22.25 3.33 39.14
CA THR E 73 -23.63 3.40 38.68
C THR E 73 -24.61 2.70 39.62
N PHE E 74 -24.23 2.51 40.88
CA PHE E 74 -25.06 1.81 41.85
C PHE E 74 -25.52 2.77 42.93
N ASP E 75 -26.80 2.70 43.27
CA ASP E 75 -27.40 3.54 44.28
C ASP E 75 -27.71 2.68 45.51
N PHE E 76 -27.07 3.00 46.63
CA PHE E 76 -27.29 2.28 47.87
C PHE E 76 -28.50 2.79 48.64
N THR E 77 -29.09 3.93 48.22
CA THR E 77 -30.33 4.37 48.82
C THR E 77 -31.49 3.45 48.44
N ALA E 78 -31.47 2.93 47.21
CA ALA E 78 -32.49 1.98 46.78
C ALA E 78 -32.32 0.59 47.38
N GLN E 79 -31.19 0.33 48.02
CA GLN E 79 -30.92 -0.97 48.67
C GLN E 79 -30.42 -0.72 50.09
N PRO E 80 -31.25 -0.13 50.94
CA PRO E 80 -30.79 0.21 52.30
C PRO E 80 -30.72 -0.97 53.25
N SER E 81 -31.30 -2.12 52.89
CA SER E 81 -31.33 -3.26 53.79
C SER E 81 -29.91 -3.73 54.15
N VAL E 82 -29.04 -3.79 53.15
CA VAL E 82 -27.67 -4.26 53.36
C VAL E 82 -26.76 -3.05 53.53
N ASP E 83 -25.68 -3.25 54.29
CA ASP E 83 -24.77 -2.16 54.60
C ASP E 83 -23.93 -1.79 53.39
N GLU E 84 -23.74 -0.49 53.18
CA GLU E 84 -22.89 -0.03 52.09
C GLU E 84 -21.42 -0.27 52.39
N ARG E 85 -21.02 -0.16 53.66
CA ARG E 85 -19.60 -0.23 53.99
C ARG E 85 -19.02 -1.60 53.64
N ARG E 86 -19.82 -2.66 53.81
CA ARG E 86 -19.31 -4.00 53.54
C ARG E 86 -18.93 -4.15 52.06
N ILE E 87 -19.74 -3.60 51.16
CA ILE E 87 -19.44 -3.70 49.74
C ILE E 87 -18.16 -2.92 49.42
N ARG E 88 -18.02 -1.73 50.01
CA ARG E 88 -16.80 -0.96 49.82
C ARG E 88 -15.59 -1.74 50.31
N GLU E 89 -15.74 -2.44 51.43
CA GLU E 89 -14.66 -3.29 51.93
C GLU E 89 -14.34 -4.40 50.94
N LEU E 90 -15.37 -5.03 50.38
CA LEU E 90 -15.14 -6.05 49.36
C LEU E 90 -14.34 -5.47 48.19
N LEU E 91 -14.59 -4.21 47.84
CA LEU E 91 -13.88 -3.60 46.74
C LEU E 91 -12.37 -3.54 47.00
N THR E 92 -11.95 -3.65 48.26
CA THR E 92 -10.53 -3.74 48.57
C THR E 92 -9.92 -5.09 48.17
N LEU E 93 -10.75 -6.06 47.80
CA LEU E 93 -10.29 -7.37 47.35
C LEU E 93 -9.55 -8.12 48.45
N SER E 94 -9.93 -7.89 49.70
CA SER E 94 -9.37 -8.66 50.80
C SER E 94 -9.88 -10.10 50.80
N PHE E 95 -11.01 -10.35 50.15
CA PHE E 95 -11.55 -11.71 50.09
C PHE E 95 -10.72 -12.62 49.20
N ILE E 96 -9.99 -12.07 48.24
CA ILE E 96 -9.18 -12.90 47.35
C ILE E 96 -8.10 -13.61 48.13
N ASP E 97 -7.52 -12.95 49.13
CA ASP E 97 -6.51 -13.59 49.97
C ASP E 97 -7.15 -14.62 50.91
N ARG E 98 -8.26 -14.25 51.54
CA ARG E 98 -8.95 -15.17 52.44
C ARG E 98 -9.62 -16.32 51.71
N LYS E 99 -9.79 -16.22 50.39
CA LYS E 99 -10.45 -17.24 49.59
C LYS E 99 -11.92 -17.40 49.94
N GLU E 100 -12.51 -16.42 50.63
CA GLU E 100 -13.92 -16.48 50.97
C GLU E 100 -14.78 -16.29 49.73
N ASN E 101 -15.97 -16.88 49.77
CA ASN E 101 -16.91 -16.81 48.67
C ASN E 101 -17.98 -15.75 48.94
N ILE E 102 -18.35 -15.03 47.89
CA ILE E 102 -19.29 -13.91 48.00
C ILE E 102 -20.60 -14.31 47.34
N LEU E 103 -21.68 -14.25 48.10
CA LEU E 103 -23.00 -14.68 47.64
C LEU E 103 -23.97 -13.52 47.70
N PHE E 104 -24.64 -13.26 46.58
CA PHE E 104 -25.71 -12.29 46.49
C PHE E 104 -27.03 -13.02 46.26
N LEU E 105 -27.98 -12.81 47.17
CA LEU E 105 -29.27 -13.45 47.10
C LEU E 105 -30.37 -12.40 47.26
N GLY E 106 -31.34 -12.44 46.35
CA GLY E 106 -32.46 -11.52 46.39
C GLY E 106 -33.40 -11.75 45.23
N PRO E 107 -34.52 -11.02 45.22
CA PRO E 107 -35.50 -11.17 44.14
C PRO E 107 -34.92 -10.73 42.80
N PRO E 108 -35.54 -11.12 41.69
CA PRO E 108 -35.00 -10.75 40.38
C PRO E 108 -34.96 -9.25 40.19
N GLY E 109 -33.95 -8.79 39.45
CA GLY E 109 -33.85 -7.39 39.09
C GLY E 109 -33.43 -6.47 40.21
N ILE E 110 -32.97 -7.00 41.34
CA ILE E 110 -32.59 -6.18 42.48
C ILE E 110 -31.13 -5.74 42.42
N GLY E 111 -30.42 -6.06 41.35
CA GLY E 111 -29.04 -5.64 41.19
C GLY E 111 -27.98 -6.66 41.56
N LYS E 112 -28.34 -7.94 41.63
CA LYS E 112 -27.36 -8.97 41.98
C LYS E 112 -26.21 -9.00 40.97
N THR E 113 -26.54 -9.29 39.71
CA THR E 113 -25.51 -9.40 38.69
C THR E 113 -24.71 -8.12 38.55
N HIS E 114 -25.35 -6.96 38.77
CA HIS E 114 -24.64 -5.70 38.69
C HIS E 114 -23.49 -5.66 39.69
N LEU E 115 -23.79 -5.96 40.96
CA LEU E 115 -22.76 -5.95 41.98
C LEU E 115 -21.70 -7.01 41.74
N ALA E 116 -22.13 -8.20 41.32
CA ALA E 116 -21.16 -9.27 41.07
C ALA E 116 -20.19 -8.87 39.98
N ILE E 117 -20.71 -8.31 38.87
CA ILE E 117 -19.84 -7.91 37.78
C ILE E 117 -18.97 -6.73 38.19
N SER E 118 -19.48 -5.82 39.02
CA SER E 118 -18.65 -4.72 39.49
C SER E 118 -17.46 -5.23 40.28
N ILE E 119 -17.70 -6.17 41.20
CA ILE E 119 -16.59 -6.74 41.97
C ILE E 119 -15.62 -7.48 41.06
N GLY E 120 -16.15 -8.22 40.08
CA GLY E 120 -15.29 -8.87 39.12
C GLY E 120 -14.43 -7.89 38.34
N MET E 121 -15.01 -6.75 37.97
CA MET E 121 -14.25 -5.72 37.27
C MET E 121 -13.14 -5.17 38.15
N GLU E 122 -13.44 -4.94 39.43
CA GLU E 122 -12.41 -4.48 40.34
C GLU E 122 -11.28 -5.50 40.43
N ALA E 123 -11.63 -6.78 40.47
CA ALA E 123 -10.61 -7.83 40.51
C ALA E 123 -9.78 -7.84 39.23
N ILE E 124 -10.43 -7.68 38.07
CA ILE E 124 -9.72 -7.69 36.81
C ILE E 124 -8.78 -6.50 36.72
N ALA E 125 -9.17 -5.37 37.31
CA ALA E 125 -8.35 -4.17 37.21
C ALA E 125 -6.96 -4.39 37.79
N ARG E 126 -6.88 -5.08 38.93
CA ARG E 126 -5.62 -5.29 39.63
C ARG E 126 -4.90 -6.56 39.18
N GLY E 127 -5.21 -7.06 37.98
CA GLY E 127 -4.48 -8.15 37.38
C GLY E 127 -5.05 -9.53 37.62
N TYR E 128 -5.88 -9.71 38.64
CA TYR E 128 -6.44 -11.02 38.92
C TYR E 128 -7.35 -11.46 37.79
N LYS E 129 -7.19 -12.70 37.34
CA LYS E 129 -8.05 -13.25 36.31
C LYS E 129 -9.45 -13.50 36.86
N THR E 130 -10.44 -13.43 35.97
CA THR E 130 -11.82 -13.62 36.35
C THR E 130 -12.57 -14.25 35.19
N TYR E 131 -13.47 -15.17 35.51
CA TYR E 131 -14.29 -15.85 34.51
C TYR E 131 -15.75 -15.80 34.92
N PHE E 132 -16.60 -15.31 34.03
CA PHE E 132 -18.04 -15.19 34.28
C PHE E 132 -18.76 -16.28 33.52
N ILE E 133 -19.69 -16.96 34.21
CA ILE E 133 -20.45 -18.05 33.62
C ILE E 133 -21.78 -18.15 34.35
N THR E 134 -22.76 -18.74 33.68
CA THR E 134 -24.02 -19.10 34.32
C THR E 134 -23.97 -20.56 34.76
N ALA E 135 -24.47 -20.83 35.96
CA ALA E 135 -24.30 -22.14 36.56
C ALA E 135 -24.76 -23.25 35.62
N HIS E 136 -25.98 -23.11 35.10
CA HIS E 136 -26.49 -24.12 34.18
C HIS E 136 -25.61 -24.21 32.94
N ASP E 137 -25.16 -23.07 32.42
CA ASP E 137 -24.27 -23.09 31.26
C ASP E 137 -22.96 -23.81 31.59
N LEU E 138 -22.40 -23.53 32.77
CA LEU E 138 -21.17 -24.21 33.18
C LEU E 138 -21.38 -25.71 33.25
N VAL E 139 -22.49 -26.14 33.83
CA VAL E 139 -22.75 -27.57 33.97
C VAL E 139 -22.92 -28.20 32.60
N ASN E 140 -23.61 -27.52 31.68
CA ASN E 140 -23.79 -28.08 30.35
C ASN E 140 -22.47 -28.20 29.60
N GLN E 141 -21.61 -27.19 29.71
CA GLN E 141 -20.31 -27.26 29.05
C GLN E 141 -19.47 -28.39 29.64
N LEU E 142 -19.50 -28.54 30.96
CA LEU E 142 -18.77 -29.64 31.59
C LEU E 142 -19.31 -30.99 31.14
N ARG E 143 -20.63 -31.11 30.99
CA ARG E 143 -21.20 -32.36 30.51
C ARG E 143 -20.74 -32.66 29.10
N ARG E 144 -20.74 -31.66 28.22
CA ARG E 144 -20.26 -31.89 26.86
C ARG E 144 -18.81 -32.31 26.86
N ALA E 145 -17.98 -31.64 27.67
CA ALA E 145 -16.56 -32.00 27.74
C ALA E 145 -16.39 -33.42 28.24
N ASP E 146 -17.16 -33.82 29.25
CA ASP E 146 -17.07 -35.18 29.76
C ASP E 146 -17.48 -36.20 28.71
N GLN E 147 -18.53 -35.89 27.95
CA GLN E 147 -18.92 -36.77 26.86
C GLN E 147 -17.80 -36.91 25.83
N GLU E 148 -17.14 -35.80 25.50
CA GLU E 148 -16.02 -35.86 24.57
C GLU E 148 -14.78 -36.49 25.18
N GLY E 149 -14.73 -36.66 26.50
CA GLY E 149 -13.65 -37.34 27.17
C GLY E 149 -12.57 -36.41 27.72
N LYS E 150 -12.48 -35.19 27.21
CA LYS E 150 -11.50 -34.22 27.69
C LYS E 150 -12.12 -33.27 28.71
N LEU E 151 -12.54 -33.86 29.84
CA LEU E 151 -13.20 -33.09 30.89
C LEU E 151 -12.20 -32.27 31.69
N GLU E 152 -11.00 -32.82 31.92
CA GLU E 152 -10.03 -32.14 32.78
C GLU E 152 -9.64 -30.79 32.21
N LYS E 153 -9.60 -30.65 30.88
CA LYS E 153 -9.26 -29.36 30.29
C LYS E 153 -10.26 -28.28 30.70
N LYS E 154 -11.56 -28.56 30.52
CA LYS E 154 -12.57 -27.59 30.91
C LYS E 154 -12.59 -27.38 32.41
N LEU E 155 -12.35 -28.45 33.18
CA LEU E 155 -12.30 -28.31 34.63
C LEU E 155 -11.19 -27.34 35.05
N ARG E 156 -10.02 -27.46 34.43
CA ARG E 156 -8.94 -26.52 34.70
C ARG E 156 -9.32 -25.12 34.23
N VAL E 157 -10.00 -25.02 33.10
CA VAL E 157 -10.44 -23.71 32.63
C VAL E 157 -11.31 -23.03 33.67
N PHE E 158 -12.19 -23.79 34.31
CA PHE E 158 -13.09 -23.22 35.31
C PHE E 158 -12.43 -23.02 36.68
N VAL E 159 -11.39 -23.79 36.99
CA VAL E 159 -10.82 -23.76 38.34
C VAL E 159 -9.66 -22.76 38.42
N LYS E 160 -8.93 -22.61 37.32
CA LYS E 160 -7.76 -21.73 37.33
C LYS E 160 -8.10 -20.29 37.66
N PRO E 161 -9.14 -19.68 37.09
CA PRO E 161 -9.40 -18.26 37.34
C PRO E 161 -9.51 -17.96 38.83
N THR E 162 -8.89 -16.86 39.24
CA THR E 162 -8.92 -16.46 40.65
C THR E 162 -10.33 -16.18 41.11
N VAL E 163 -11.12 -15.50 40.29
CA VAL E 163 -12.50 -15.15 40.61
C VAL E 163 -13.42 -15.82 39.59
N LEU E 164 -14.40 -16.57 40.10
CA LEU E 164 -15.40 -17.22 39.26
C LEU E 164 -16.75 -16.61 39.61
N ILE E 165 -17.43 -16.08 38.60
CA ILE E 165 -18.73 -15.45 38.78
C ILE E 165 -19.79 -16.38 38.20
N ILE E 166 -20.37 -17.22 39.06
CA ILE E 166 -21.44 -18.12 38.67
C ILE E 166 -22.76 -17.43 38.93
N ASP E 167 -23.52 -17.16 37.87
CA ASP E 167 -24.77 -16.42 37.96
C ASP E 167 -25.91 -17.29 37.46
N GLN E 168 -27.13 -16.88 37.82
CA GLN E 168 -28.34 -17.57 37.38
C GLN E 168 -28.30 -19.04 37.75
N MET E 169 -28.02 -19.31 39.03
CA MET E 169 -27.96 -20.69 39.50
C MET E 169 -29.30 -21.37 39.36
N GLY E 170 -30.39 -20.68 39.69
CA GLY E 170 -31.72 -21.23 39.65
C GLY E 170 -32.52 -20.92 38.40
N TYR E 171 -31.96 -20.15 37.46
CA TYR E 171 -32.72 -19.76 36.28
C TYR E 171 -33.16 -20.97 35.48
N LEU E 172 -32.27 -21.93 35.27
CA LEU E 172 -32.55 -23.12 34.49
C LEU E 172 -32.13 -24.35 35.25
N LYS E 173 -32.81 -25.47 34.99
CA LYS E 173 -32.56 -26.73 35.67
C LYS E 173 -32.21 -27.79 34.63
N LEU E 174 -30.94 -28.19 34.60
CA LEU E 174 -30.51 -29.28 33.74
C LEU E 174 -30.77 -30.62 34.44
N ASP E 175 -30.62 -31.70 33.66
CA ASP E 175 -30.71 -33.06 34.15
C ASP E 175 -29.97 -33.17 35.49
N PRO E 176 -30.61 -33.69 36.54
CA PRO E 176 -29.93 -33.76 37.85
C PRO E 176 -28.60 -34.49 37.81
N ASN E 177 -28.44 -35.47 36.92
CA ASN E 177 -27.20 -36.24 36.89
C ASN E 177 -25.98 -35.37 36.62
N SER E 178 -26.17 -34.19 36.03
CA SER E 178 -25.05 -33.30 35.71
C SER E 178 -24.64 -32.41 36.87
N ALA E 179 -25.36 -32.43 37.99
CA ALA E 179 -24.99 -31.60 39.13
C ALA E 179 -23.63 -31.98 39.70
N HIS E 180 -23.16 -33.19 39.43
CA HIS E 180 -21.83 -33.58 39.90
C HIS E 180 -20.76 -32.69 39.27
N TYR E 181 -21.00 -32.16 38.07
CA TYR E 181 -20.04 -31.22 37.50
C TYR E 181 -19.93 -29.95 38.34
N LEU E 182 -21.08 -29.41 38.75
CA LEU E 182 -21.06 -28.23 39.61
C LEU E 182 -20.38 -28.54 40.93
N PHE E 183 -20.67 -29.72 41.49
CA PHE E 183 -20.00 -30.11 42.73
C PHE E 183 -18.50 -30.20 42.53
N GLN E 184 -18.07 -30.76 41.40
CA GLN E 184 -16.64 -30.87 41.11
C GLN E 184 -16.01 -29.50 41.08
N VAL E 185 -16.65 -28.56 40.39
CA VAL E 185 -16.04 -27.22 40.29
C VAL E 185 -15.97 -26.59 41.67
N ILE E 186 -17.05 -26.67 42.45
CA ILE E 186 -17.07 -25.98 43.73
C ILE E 186 -16.07 -26.59 44.70
N ALA E 187 -15.94 -27.92 44.67
CA ALA E 187 -15.03 -28.59 45.59
C ALA E 187 -13.58 -28.37 45.18
N ARG E 188 -13.29 -28.37 43.87
CA ARG E 188 -11.92 -28.15 43.42
C ARG E 188 -11.48 -26.74 43.73
N ARG E 189 -12.37 -25.75 43.57
CA ARG E 189 -12.02 -24.39 43.96
C ARG E 189 -12.09 -24.17 45.46
N TYR E 190 -12.58 -25.16 46.22
CA TYR E 190 -12.72 -25.00 47.67
C TYR E 190 -11.36 -24.74 48.31
N GLU E 191 -11.31 -23.72 49.18
CA GLU E 191 -10.11 -23.36 49.92
C GLU E 191 -8.95 -22.98 49.00
N HIS E 192 -9.22 -22.72 47.73
CA HIS E 192 -8.21 -22.28 46.79
C HIS E 192 -8.49 -20.90 46.20
N ALA E 193 -9.70 -20.68 45.72
CA ALA E 193 -10.05 -19.42 45.07
C ALA E 193 -11.47 -19.01 45.47
N PRO E 194 -11.74 -17.70 45.52
CA PRO E 194 -13.12 -17.25 45.78
C PRO E 194 -14.07 -17.61 44.65
N ILE E 195 -15.34 -17.67 45.01
CA ILE E 195 -16.42 -17.85 44.04
C ILE E 195 -17.46 -16.76 44.30
N ILE E 196 -17.90 -16.10 43.24
CA ILE E 196 -18.94 -15.08 43.32
C ILE E 196 -20.21 -15.70 42.75
N LEU E 197 -21.21 -15.90 43.62
CA LEU E 197 -22.47 -16.50 43.25
C LEU E 197 -23.58 -15.46 43.39
N THR E 198 -24.56 -15.52 42.49
CA THR E 198 -25.68 -14.60 42.51
C THR E 198 -26.93 -15.36 42.07
N SER E 199 -27.95 -15.38 42.92
CA SER E 199 -29.16 -16.11 42.56
C SER E 199 -30.31 -15.68 43.47
N ASN E 200 -31.53 -16.04 43.03
CA ASN E 200 -32.76 -15.61 43.69
C ASN E 200 -33.51 -16.76 44.33
N LYS E 201 -32.83 -17.87 44.61
CA LYS E 201 -33.45 -19.05 45.20
C LYS E 201 -32.79 -19.35 46.53
N SER E 202 -33.62 -19.60 47.55
CA SER E 202 -33.11 -19.85 48.89
C SER E 202 -32.21 -21.08 48.89
N PHE E 203 -31.50 -21.26 50.01
CA PHE E 203 -30.57 -22.38 50.11
C PHE E 203 -31.26 -23.72 50.18
N GLY E 204 -32.55 -23.76 50.54
CA GLY E 204 -33.28 -25.01 50.57
C GLY E 204 -33.69 -25.54 49.22
N GLU E 205 -33.78 -24.66 48.22
CA GLU E 205 -34.22 -25.07 46.89
C GLU E 205 -33.11 -25.73 46.07
N TRP E 206 -31.88 -25.76 46.58
CA TRP E 206 -30.79 -26.33 45.80
C TRP E 206 -31.00 -27.81 45.53
N GLY E 207 -31.51 -28.55 46.52
CA GLY E 207 -31.80 -29.95 46.29
C GLY E 207 -32.77 -30.17 45.15
N GLU E 208 -33.77 -29.29 45.05
CA GLU E 208 -34.73 -29.38 43.95
C GLU E 208 -34.08 -29.00 42.63
N ILE E 209 -33.28 -27.93 42.63
CA ILE E 209 -32.70 -27.43 41.39
C ILE E 209 -31.74 -28.46 40.80
N VAL E 210 -30.89 -29.04 41.64
CA VAL E 210 -29.93 -30.05 41.18
C VAL E 210 -30.53 -31.45 41.16
N GLY E 211 -31.73 -31.62 41.68
CA GLY E 211 -32.34 -32.94 41.74
C GLY E 211 -31.57 -33.90 42.61
N ASP E 212 -31.03 -33.41 43.73
CA ASP E 212 -30.32 -34.26 44.67
C ASP E 212 -30.14 -33.52 45.99
N SER E 213 -30.56 -34.13 47.10
CA SER E 213 -30.55 -33.45 48.39
C SER E 213 -29.16 -33.42 48.99
N VAL E 214 -28.53 -34.58 49.13
CA VAL E 214 -27.22 -34.64 49.79
C VAL E 214 -26.16 -33.95 48.96
N LEU E 215 -26.25 -34.06 47.63
CA LEU E 215 -25.29 -33.37 46.78
C LEU E 215 -25.36 -31.86 46.98
N ALA E 216 -26.58 -31.31 46.98
CA ALA E 216 -26.74 -29.88 47.23
C ALA E 216 -26.27 -29.51 48.63
N THR E 217 -26.55 -30.37 49.61
CA THR E 217 -26.11 -30.10 50.97
C THR E 217 -24.60 -30.00 51.05
N ALA E 218 -23.89 -30.92 50.38
CA ALA E 218 -22.43 -30.86 50.38
C ALA E 218 -21.92 -29.64 49.63
N MET E 219 -22.53 -29.33 48.48
CA MET E 219 -22.13 -28.15 47.73
C MET E 219 -22.23 -26.91 48.61
N LEU E 220 -23.35 -26.77 49.31
CA LEU E 220 -23.53 -25.60 50.17
C LEU E 220 -22.59 -25.65 51.37
N ASP E 221 -22.36 -26.83 51.93
CA ASP E 221 -21.44 -26.93 53.06
C ASP E 221 -20.06 -26.42 52.68
N ARG E 222 -19.62 -26.70 51.46
CA ARG E 222 -18.30 -26.23 51.02
C ARG E 222 -18.34 -24.77 50.59
N LEU E 223 -19.40 -24.35 49.91
CA LEU E 223 -19.48 -22.99 49.38
C LEU E 223 -19.74 -21.96 50.46
N LEU E 224 -20.28 -22.38 51.61
CA LEU E 224 -20.64 -21.46 52.68
C LEU E 224 -19.66 -21.47 53.84
N HIS E 225 -18.67 -22.37 53.83
CA HIS E 225 -17.71 -22.44 54.92
C HIS E 225 -17.01 -21.09 55.12
N HIS E 226 -16.29 -20.65 54.09
CA HIS E 226 -15.64 -19.35 54.10
C HIS E 226 -16.36 -18.48 53.07
N SER E 227 -17.27 -17.64 53.54
CA SER E 227 -18.08 -16.82 52.64
C SER E 227 -18.62 -15.63 53.41
N ILE E 228 -19.15 -14.68 52.65
CA ILE E 228 -19.85 -13.52 53.19
C ILE E 228 -21.13 -13.39 52.37
N ILE E 229 -22.25 -13.78 52.96
CA ILE E 229 -23.53 -13.83 52.25
C ILE E 229 -24.25 -12.50 52.41
N PHE E 230 -24.67 -11.92 51.28
CA PHE E 230 -25.47 -10.71 51.27
C PHE E 230 -26.86 -11.04 50.77
N ASN E 231 -27.86 -10.76 51.60
CA ASN E 231 -29.25 -10.96 51.24
C ASN E 231 -29.87 -9.60 50.92
N LEU E 232 -30.31 -9.43 49.68
CA LEU E 232 -30.89 -8.18 49.22
C LEU E 232 -32.41 -8.29 49.26
N LYS E 233 -33.04 -7.47 50.10
CA LYS E 233 -34.49 -7.45 50.26
C LYS E 233 -35.03 -6.18 49.61
N GLY E 234 -35.95 -6.35 48.67
CA GLY E 234 -36.52 -5.20 47.99
C GLY E 234 -37.43 -5.63 46.86
N GLU E 235 -37.47 -4.79 45.83
CA GLU E 235 -38.32 -5.02 44.67
C GLU E 235 -37.52 -4.73 43.42
N SER E 236 -37.98 -5.29 42.30
CA SER E 236 -37.31 -5.09 41.02
C SER E 236 -37.09 -3.61 40.76
N TYR E 237 -35.81 -3.22 40.67
CA TYR E 237 -35.49 -1.81 40.45
C TYR E 237 -36.23 -1.28 39.23
N ARG E 238 -35.92 -1.84 38.06
CA ARG E 238 -36.30 -1.22 36.79
C ARG E 238 -37.76 -0.79 36.77
N LEU E 239 -38.65 -1.64 37.26
CA LEU E 239 -40.08 -1.31 37.26
C LEU E 239 -40.52 -0.67 38.57
N ARG E 240 -40.37 -1.41 39.68
CA ARG E 240 -40.98 -0.98 40.93
C ARG E 240 -40.36 0.31 41.45
N GLU E 241 -39.03 0.43 41.39
CA GLU E 241 -38.39 1.59 41.97
C GLU E 241 -38.81 2.87 41.24
N LYS E 242 -38.80 2.82 39.90
CA LYS E 242 -39.21 3.99 39.15
C LYS E 242 -40.69 4.29 39.37
N ARG E 243 -41.52 3.26 39.40
CA ARG E 243 -42.96 3.49 39.59
C ARG E 243 -43.24 4.12 40.94
N LEU E 244 -42.54 3.67 41.99
CA LEU E 244 -42.80 4.17 43.33
C LEU E 244 -42.12 5.51 43.61
N GLN E 245 -41.06 5.86 42.86
CA GLN E 245 -40.39 7.13 43.08
C GLN E 245 -40.89 8.24 42.16
N GLU E 246 -41.55 7.92 41.05
CA GLU E 246 -42.13 8.95 40.21
C GLU E 246 -43.37 9.58 40.83
N GLU E 247 -43.99 8.91 41.80
CA GLU E 247 -45.18 9.43 42.44
C GLU E 247 -44.90 10.79 43.10
N ASN F 1 12.11 3.27 45.82
CA ASN F 1 13.24 4.01 45.17
C ASN F 1 13.07 3.97 43.65
N MET F 2 14.18 4.12 42.93
CA MET F 2 14.17 4.14 41.48
C MET F 2 14.94 2.99 40.84
N LYS F 3 16.12 2.67 41.36
CA LYS F 3 16.94 1.62 40.75
C LYS F 3 16.21 0.28 40.76
N GLU F 4 15.62 -0.07 41.90
CA GLU F 4 14.91 -1.35 41.98
C GLU F 4 13.70 -1.37 41.04
N ARG F 5 12.98 -0.25 40.94
CA ARG F 5 11.86 -0.18 40.02
C ARG F 5 12.33 -0.28 38.58
N ILE F 6 13.49 0.32 38.26
CA ILE F 6 14.04 0.18 36.92
C ILE F 6 14.36 -1.28 36.64
N HIS F 7 14.96 -1.97 37.60
CA HIS F 7 15.27 -3.38 37.41
C HIS F 7 13.99 -4.19 37.18
N GLU F 8 12.96 -3.93 37.98
CA GLU F 8 11.70 -4.65 37.85
C GLU F 8 11.07 -4.41 36.49
N TYR F 9 11.06 -3.16 36.03
CA TYR F 9 10.49 -2.87 34.72
C TYR F 9 11.30 -3.51 33.61
N CYS F 10 12.62 -3.51 33.73
CA CYS F 10 13.46 -4.15 32.72
C CYS F 10 13.17 -5.63 32.63
N HIS F 11 12.99 -6.30 33.77
CA HIS F 11 12.71 -7.73 33.75
C HIS F 11 11.24 -8.05 33.47
N ARG F 12 10.35 -7.05 33.53
CA ARG F 12 8.97 -7.24 33.14
C ARG F 12 8.73 -6.93 31.66
N LEU F 13 9.64 -6.20 31.03
CA LEU F 13 9.55 -5.91 29.60
C LEU F 13 10.50 -6.77 28.78
N HIS F 14 11.09 -7.80 29.38
CA HIS F 14 12.02 -8.69 28.69
C HIS F 14 13.21 -7.90 28.16
N LEU F 15 13.94 -7.29 29.09
CA LEU F 15 15.15 -6.51 28.79
C LEU F 15 16.27 -6.99 29.70
N PRO F 16 16.82 -8.18 29.44
CA PRO F 16 17.84 -8.73 30.34
C PRO F 16 19.09 -7.86 30.44
N VAL F 17 19.67 -7.48 29.30
CA VAL F 17 20.96 -6.80 29.31
C VAL F 17 20.84 -5.45 30.03
N MET F 18 19.81 -4.69 29.70
CA MET F 18 19.65 -3.37 30.29
C MET F 18 19.59 -3.46 31.82
N ALA F 19 19.03 -4.54 32.34
CA ALA F 19 18.93 -4.68 33.80
C ALA F 19 20.29 -4.53 34.47
N GLU F 20 21.35 -5.00 33.82
CA GLU F 20 22.71 -4.96 34.37
C GLU F 20 23.52 -3.78 33.86
N ARG F 21 23.55 -3.57 32.54
CA ARG F 21 24.46 -2.59 31.95
C ARG F 21 23.95 -1.16 32.02
N TRP F 22 22.71 -0.93 32.47
CA TRP F 22 22.20 0.43 32.47
C TRP F 22 22.99 1.33 33.41
N SER F 23 23.39 0.80 34.58
CA SER F 23 24.19 1.61 35.50
C SER F 23 25.54 1.94 34.91
N ALA F 24 26.21 0.95 34.29
CA ALA F 24 27.52 1.20 33.70
C ALA F 24 27.42 2.21 32.57
N MET F 25 26.39 2.10 31.73
CA MET F 25 26.23 3.04 30.64
C MET F 25 25.87 4.44 31.14
N ALA F 26 25.11 4.52 32.24
CA ALA F 26 24.86 5.82 32.84
C ALA F 26 26.16 6.43 33.35
N GLU F 27 27.00 5.63 33.98
CA GLU F 27 28.31 6.10 34.41
C GLU F 27 29.11 6.63 33.22
N TYR F 28 29.13 5.87 32.14
CA TYR F 28 29.88 6.27 30.95
C TYR F 28 29.34 7.57 30.38
N ALA F 29 28.01 7.69 30.28
CA ALA F 29 27.43 8.92 29.74
C ALA F 29 27.75 10.12 30.63
N SER F 30 27.67 9.93 31.95
CA SER F 30 28.02 11.02 32.86
C SER F 30 29.47 11.44 32.68
N THR F 31 30.37 10.47 32.52
CA THR F 31 31.78 10.80 32.33
C THR F 31 32.03 11.54 31.03
N HIS F 32 31.07 11.53 30.09
CA HIS F 32 31.23 12.22 28.83
C HIS F 32 30.02 13.07 28.44
N ASN F 33 29.01 13.16 29.29
CA ASN F 33 27.83 13.99 29.03
C ASN F 33 27.21 13.64 27.68
N ILE F 34 27.05 12.34 27.43
CA ILE F 34 26.44 11.90 26.19
C ILE F 34 24.99 12.36 26.13
N SER F 35 24.50 12.59 24.91
CA SER F 35 23.12 12.99 24.72
C SER F 35 22.17 11.87 25.12
N TYR F 36 20.95 12.25 25.48
CA TYR F 36 19.95 11.27 25.89
C TYR F 36 19.64 10.30 24.76
N SER F 37 19.50 10.84 23.53
CA SER F 37 19.20 9.98 22.39
C SER F 37 20.31 8.96 22.17
N GLU F 38 21.56 9.39 22.26
CA GLU F 38 22.68 8.46 22.06
C GLU F 38 22.76 7.44 23.19
N PHE F 39 22.45 7.86 24.42
CA PHE F 39 22.42 6.93 25.54
C PHE F 39 21.37 5.84 25.31
N LEU F 40 20.17 6.25 24.91
CA LEU F 40 19.11 5.28 24.61
C LEU F 40 19.52 4.37 23.46
N PHE F 41 20.15 4.94 22.44
CA PHE F 41 20.59 4.14 21.30
C PHE F 41 21.62 3.12 21.71
N ARG F 42 22.56 3.50 22.58
CA ARG F 42 23.55 2.54 23.05
C ARG F 42 22.91 1.41 23.81
N LEU F 43 21.97 1.74 24.72
CA LEU F 43 21.27 0.70 25.45
C LEU F 43 20.57 -0.26 24.50
N LEU F 44 19.80 0.28 23.56
CA LEU F 44 19.03 -0.55 22.65
C LEU F 44 19.95 -1.39 21.76
N GLU F 45 21.05 -0.81 21.30
CA GLU F 45 21.98 -1.53 20.45
C GLU F 45 22.59 -2.71 21.19
N ALA F 46 23.02 -2.49 22.43
CA ALA F 46 23.57 -3.60 23.21
C ALA F 46 22.52 -4.68 23.42
N GLU F 47 21.28 -4.28 23.74
CA GLU F 47 20.22 -5.26 23.94
C GLU F 47 19.98 -6.07 22.68
N ILE F 48 19.93 -5.40 21.52
CA ILE F 48 19.67 -6.10 20.27
C ILE F 48 20.80 -7.05 19.93
N VAL F 49 22.04 -6.61 20.14
CA VAL F 49 23.19 -7.47 19.83
C VAL F 49 23.13 -8.74 20.67
N GLU F 50 22.89 -8.58 21.98
CA GLU F 50 22.84 -9.77 22.84
C GLU F 50 21.65 -10.65 22.50
N LYS F 51 20.50 -10.03 22.17
CA LYS F 51 19.34 -10.82 21.77
C LYS F 51 19.63 -11.65 20.53
N GLN F 52 20.28 -11.05 19.53
CA GLN F 52 20.64 -11.79 18.33
C GLN F 52 21.63 -12.90 18.63
N ALA F 53 22.59 -12.63 19.53
CA ALA F 53 23.54 -13.66 19.92
C ALA F 53 22.81 -14.86 20.53
N ARG F 54 21.90 -14.60 21.48
CA ARG F 54 21.16 -15.69 22.11
C ARG F 54 20.30 -16.43 21.10
N SER F 55 19.67 -15.69 20.17
CA SER F 55 18.85 -16.34 19.15
C SER F 55 19.69 -17.26 18.28
N ILE F 56 20.89 -16.81 17.89
CA ILE F 56 21.74 -17.64 17.06
C ILE F 56 22.21 -18.87 17.83
N GLN F 57 22.54 -18.70 19.11
CA GLN F 57 22.89 -19.86 19.92
C GLN F 57 21.76 -20.87 19.96
N THR F 58 20.54 -20.39 20.16
CA THR F 58 19.38 -21.29 20.18
C THR F 58 19.20 -21.99 18.84
N LEU F 59 19.36 -21.26 17.74
CA LEU F 59 19.21 -21.86 16.43
C LEU F 59 20.25 -22.96 16.20
N ILE F 60 21.50 -22.69 16.61
CA ILE F 60 22.54 -23.71 16.47
C ILE F 60 22.19 -24.92 17.32
N LYS F 61 21.70 -24.69 18.54
CA LYS F 61 21.31 -25.81 19.40
C LYS F 61 20.24 -26.66 18.72
N LEU F 62 19.21 -26.03 18.17
CA LEU F 62 18.14 -26.78 17.53
C LEU F 62 18.63 -27.53 16.30
N SER F 63 19.68 -27.02 15.65
CA SER F 63 20.11 -27.61 14.38
C SER F 63 20.64 -29.02 14.55
N LYS F 64 21.07 -29.38 15.76
CA LYS F 64 21.65 -30.69 16.05
C LYS F 64 23.00 -30.89 15.37
N LEU F 65 23.67 -29.81 14.98
CA LEU F 65 24.96 -29.93 14.33
C LEU F 65 25.96 -30.56 15.30
N PRO F 66 26.71 -31.59 14.88
CA PRO F 66 27.65 -32.22 15.81
C PRO F 66 28.69 -31.26 16.36
N TYR F 67 29.15 -30.32 15.54
CA TYR F 67 30.14 -29.35 15.98
C TYR F 67 30.10 -28.15 15.05
N ARG F 68 30.64 -27.03 15.52
CA ARG F 68 30.62 -25.78 14.78
C ARG F 68 31.85 -25.70 13.89
N LYS F 69 31.62 -25.55 12.58
CA LYS F 69 32.69 -25.37 11.62
C LYS F 69 32.36 -24.18 10.72
N THR F 70 33.40 -23.50 10.27
CA THR F 70 33.25 -22.33 9.42
C THR F 70 34.22 -22.42 8.25
N ILE F 71 33.87 -21.76 7.15
CA ILE F 71 34.74 -21.75 5.99
C ILE F 71 36.08 -21.11 6.33
N ASP F 72 36.08 -20.16 7.27
CA ASP F 72 37.33 -19.54 7.70
C ASP F 72 38.28 -20.58 8.26
N THR F 73 37.75 -21.64 8.85
CA THR F 73 38.58 -22.74 9.34
C THR F 73 39.01 -23.68 8.22
N PHE F 74 38.31 -23.67 7.09
CA PHE F 74 38.58 -24.61 6.01
C PHE F 74 39.69 -24.06 5.13
N ASP F 75 40.86 -24.69 5.18
CA ASP F 75 41.94 -24.34 4.28
C ASP F 75 41.60 -24.80 2.87
N PHE F 76 41.96 -23.98 1.88
CA PHE F 76 41.72 -24.30 0.48
C PHE F 76 42.97 -24.72 -0.26
N THR F 77 44.16 -24.32 0.21
CA THR F 77 45.39 -24.80 -0.39
C THR F 77 45.50 -26.31 -0.28
N ALA F 78 45.12 -26.86 0.88
CA ALA F 78 45.13 -28.30 1.08
C ALA F 78 44.06 -29.01 0.26
N GLN F 79 43.10 -28.29 -0.29
CA GLN F 79 42.02 -28.86 -1.09
C GLN F 79 41.95 -28.14 -2.42
N PRO F 80 42.90 -28.42 -3.32
CA PRO F 80 42.91 -27.76 -4.63
C PRO F 80 41.89 -28.29 -5.61
N SER F 81 41.10 -29.30 -5.23
CA SER F 81 40.10 -29.84 -6.16
C SER F 81 39.08 -28.78 -6.54
N VAL F 82 38.63 -27.99 -5.57
CA VAL F 82 37.65 -26.95 -5.80
C VAL F 82 38.31 -25.59 -5.57
N ASP F 83 37.61 -24.54 -5.98
CA ASP F 83 38.11 -23.17 -5.89
C ASP F 83 37.29 -22.37 -4.90
N GLU F 84 37.96 -21.42 -4.23
CA GLU F 84 37.28 -20.58 -3.24
C GLU F 84 36.08 -19.86 -3.84
N ARG F 85 36.15 -19.54 -5.13
CA ARG F 85 35.10 -18.72 -5.74
C ARG F 85 33.74 -19.41 -5.65
N ARG F 86 33.67 -20.67 -6.11
CA ARG F 86 32.40 -21.39 -6.08
C ARG F 86 31.91 -21.57 -4.65
N ILE F 87 32.80 -21.92 -3.73
CA ILE F 87 32.39 -22.20 -2.36
C ILE F 87 31.83 -20.95 -1.71
N ARG F 88 32.52 -19.83 -1.86
CA ARG F 88 32.04 -18.58 -1.27
C ARG F 88 30.74 -18.12 -1.92
N GLU F 89 30.59 -18.31 -3.23
CA GLU F 89 29.34 -17.95 -3.88
C GLU F 89 28.19 -18.79 -3.34
N LEU F 90 28.45 -20.08 -3.09
CA LEU F 90 27.46 -20.89 -2.39
C LEU F 90 27.18 -20.32 -1.00
N LEU F 91 28.23 -19.88 -0.31
CA LEU F 91 28.07 -19.30 1.01
C LEU F 91 27.24 -18.03 0.98
N THR F 92 27.11 -17.38 -0.18
CA THR F 92 26.20 -16.26 -0.30
C THR F 92 24.75 -16.68 -0.12
N LEU F 93 24.45 -17.98 -0.24
CA LEU F 93 23.11 -18.52 0.01
C LEU F 93 22.10 -18.04 -1.03
N SER F 94 22.48 -18.15 -2.30
CA SER F 94 21.55 -17.90 -3.41
C SER F 94 20.81 -19.16 -3.82
N PHE F 95 21.40 -20.33 -3.59
CA PHE F 95 20.75 -21.59 -3.96
C PHE F 95 19.43 -21.74 -3.22
N ILE F 96 19.31 -21.17 -2.02
CA ILE F 96 18.05 -21.25 -1.28
C ILE F 96 16.93 -20.58 -2.07
N ASP F 97 17.21 -19.39 -2.60
CA ASP F 97 16.23 -18.72 -3.46
C ASP F 97 16.02 -19.52 -4.74
N ARG F 98 17.10 -20.05 -5.31
CA ARG F 98 16.99 -20.89 -6.50
C ARG F 98 16.57 -22.31 -6.19
N LYS F 99 16.53 -22.69 -4.91
CA LYS F 99 16.10 -24.03 -4.50
C LYS F 99 17.00 -25.12 -5.09
N GLU F 100 18.25 -24.76 -5.39
CA GLU F 100 19.20 -25.73 -5.89
C GLU F 100 19.71 -26.60 -4.75
N ASN F 101 19.74 -27.91 -4.97
CA ASN F 101 20.30 -28.84 -4.00
C ASN F 101 21.79 -28.98 -4.24
N ILE F 102 22.52 -29.20 -3.16
CA ILE F 102 23.98 -29.24 -3.19
C ILE F 102 24.43 -30.64 -2.81
N LEU F 103 25.29 -31.23 -3.65
CA LEU F 103 25.79 -32.58 -3.44
C LEU F 103 27.30 -32.56 -3.48
N PHE F 104 27.93 -33.13 -2.47
CA PHE F 104 29.37 -33.28 -2.38
C PHE F 104 29.72 -34.76 -2.52
N LEU F 105 30.71 -35.05 -3.36
CA LEU F 105 31.15 -36.42 -3.62
C LEU F 105 32.66 -36.46 -3.58
N GLY F 106 33.22 -37.42 -2.85
CA GLY F 106 34.65 -37.57 -2.76
C GLY F 106 35.08 -38.69 -1.84
N PRO F 107 36.38 -38.94 -1.76
CA PRO F 107 36.89 -39.99 -0.89
C PRO F 107 36.73 -39.61 0.57
N PRO F 108 36.86 -40.58 1.48
CA PRO F 108 36.71 -40.27 2.91
C PRO F 108 37.75 -39.25 3.36
N GLY F 109 37.32 -38.36 4.26
CA GLY F 109 38.23 -37.40 4.85
C GLY F 109 38.59 -36.24 3.95
N ILE F 110 37.98 -36.12 2.78
CA ILE F 110 38.31 -35.04 1.86
C ILE F 110 37.88 -33.70 2.44
N GLY F 111 36.69 -33.65 3.05
CA GLY F 111 36.20 -32.42 3.64
C GLY F 111 34.78 -32.08 3.21
N LYS F 112 34.12 -33.01 2.52
CA LYS F 112 32.78 -32.75 2.02
C LYS F 112 31.75 -32.56 3.12
N THR F 113 32.06 -32.92 4.36
CA THR F 113 31.18 -32.63 5.48
C THR F 113 31.49 -31.29 6.13
N HIS F 114 32.76 -30.89 6.13
CA HIS F 114 33.13 -29.60 6.68
C HIS F 114 32.45 -28.47 5.92
N LEU F 115 32.43 -28.56 4.59
CA LEU F 115 31.76 -27.54 3.79
C LEU F 115 30.27 -27.49 4.07
N ALA F 116 29.63 -28.66 4.19
CA ALA F 116 28.21 -28.69 4.49
C ALA F 116 27.92 -28.06 5.84
N ILE F 117 28.74 -28.37 6.85
CA ILE F 117 28.53 -27.81 8.17
C ILE F 117 28.74 -26.30 8.14
N SER F 118 29.73 -25.83 7.39
CA SER F 118 29.94 -24.39 7.26
C SER F 118 28.75 -23.71 6.59
N ILE F 119 28.20 -24.34 5.55
CA ILE F 119 27.04 -23.78 4.87
C ILE F 119 25.86 -23.70 5.83
N GLY F 120 25.63 -24.77 6.61
CA GLY F 120 24.56 -24.74 7.58
C GLY F 120 24.76 -23.67 8.63
N MET F 121 26.00 -23.51 9.09
CA MET F 121 26.29 -22.48 10.08
C MET F 121 26.00 -21.09 9.54
N GLU F 122 26.42 -20.83 8.30
CA GLU F 122 26.14 -19.52 7.69
C GLU F 122 24.64 -19.31 7.51
N ALA F 123 23.92 -20.34 7.08
CA ALA F 123 22.48 -20.22 6.93
C ALA F 123 21.83 -19.89 8.26
N ILE F 124 22.28 -20.53 9.34
CA ILE F 124 21.77 -20.21 10.67
C ILE F 124 22.10 -18.75 11.00
N ALA F 125 23.32 -18.33 10.72
CA ALA F 125 23.74 -16.97 11.05
C ALA F 125 22.91 -15.93 10.31
N ARG F 126 22.42 -16.26 9.12
CA ARG F 126 21.63 -15.34 8.31
C ARG F 126 20.13 -15.52 8.51
N GLY F 127 19.73 -16.12 9.63
CA GLY F 127 18.32 -16.21 9.99
C GLY F 127 17.61 -17.44 9.49
N TYR F 128 18.23 -18.24 8.64
CA TYR F 128 17.58 -19.45 8.15
C TYR F 128 17.67 -20.55 9.20
N LYS F 129 16.85 -21.57 9.03
CA LYS F 129 16.80 -22.72 9.92
C LYS F 129 17.39 -23.93 9.21
N THR F 130 18.29 -24.63 9.91
CA THR F 130 19.00 -25.77 9.34
C THR F 130 18.87 -26.97 10.27
N TYR F 131 18.74 -28.16 9.68
CA TYR F 131 18.69 -29.41 10.41
C TYR F 131 19.73 -30.35 9.84
N PHE F 132 20.63 -30.84 10.69
CA PHE F 132 21.70 -31.74 10.28
C PHE F 132 21.38 -33.13 10.78
N ILE F 133 21.23 -34.08 9.86
CA ILE F 133 20.89 -35.45 10.18
C ILE F 133 21.74 -36.38 9.32
N THR F 134 22.15 -37.50 9.89
CA THR F 134 22.82 -38.54 9.12
C THR F 134 21.79 -39.43 8.45
N ALA F 135 22.11 -39.88 7.23
CA ALA F 135 21.15 -40.67 6.47
C ALA F 135 20.69 -41.89 7.24
N HIS F 136 21.62 -42.59 7.89
CA HIS F 136 21.26 -43.77 8.66
C HIS F 136 20.29 -43.42 9.79
N ASP F 137 20.61 -42.36 10.55
CA ASP F 137 19.73 -41.95 11.64
C ASP F 137 18.39 -41.46 11.10
N LEU F 138 18.41 -40.74 9.98
CA LEU F 138 17.16 -40.30 9.36
C LEU F 138 16.28 -41.50 9.04
N VAL F 139 16.86 -42.53 8.41
CA VAL F 139 16.08 -43.70 8.03
C VAL F 139 15.54 -44.40 9.26
N ASN F 140 16.38 -44.56 10.29
CA ASN F 140 15.94 -45.25 11.49
C ASN F 140 14.79 -44.51 12.17
N GLN F 141 14.91 -43.19 12.28
CA GLN F 141 13.86 -42.40 12.91
C GLN F 141 12.58 -42.45 12.11
N LEU F 142 12.68 -42.40 10.78
CA LEU F 142 11.49 -42.50 9.95
C LEU F 142 10.82 -43.86 10.10
N ARG F 143 11.62 -44.92 10.17
CA ARG F 143 11.06 -46.26 10.35
C ARG F 143 10.34 -46.35 11.69
N ARG F 144 10.94 -45.83 12.75
CA ARG F 144 10.28 -45.85 14.05
C ARG F 144 8.98 -45.05 14.02
N ALA F 145 9.01 -43.89 13.37
CA ALA F 145 7.80 -43.07 13.28
C ALA F 145 6.69 -43.81 12.55
N ASP F 146 7.02 -44.48 11.45
CA ASP F 146 6.03 -45.27 10.73
C ASP F 146 5.50 -46.39 11.60
N GLN F 147 6.38 -47.03 12.37
CA GLN F 147 5.94 -48.08 13.28
C GLN F 147 4.94 -47.55 14.30
N GLU F 148 5.21 -46.38 14.87
CA GLU F 148 4.31 -45.78 15.84
C GLU F 148 3.16 -45.01 15.21
N GLY F 149 3.12 -44.91 13.89
CA GLY F 149 2.07 -44.19 13.21
C GLY F 149 2.25 -42.68 13.16
N LYS F 150 3.34 -42.16 13.72
CA LYS F 150 3.62 -40.73 13.72
C LYS F 150 4.55 -40.32 12.59
N LEU F 151 4.50 -41.03 11.46
CA LEU F 151 5.40 -40.73 10.36
C LEU F 151 5.17 -39.31 9.84
N GLU F 152 3.93 -38.85 9.84
CA GLU F 152 3.64 -37.49 9.38
C GLU F 152 4.34 -36.45 10.24
N LYS F 153 4.36 -36.67 11.56
CA LYS F 153 5.04 -35.73 12.45
C LYS F 153 6.51 -35.58 12.08
N LYS F 154 7.22 -36.70 11.95
CA LYS F 154 8.65 -36.63 11.65
C LYS F 154 8.89 -36.10 10.25
N LEU F 155 8.02 -36.42 9.30
CA LEU F 155 8.16 -35.86 7.96
C LEU F 155 8.02 -34.34 7.99
N ARG F 156 7.04 -33.83 8.74
CA ARG F 156 6.91 -32.38 8.88
C ARG F 156 8.14 -31.80 9.56
N VAL F 157 8.67 -32.48 10.57
CA VAL F 157 9.83 -31.98 11.28
C VAL F 157 11.04 -31.91 10.34
N PHE F 158 11.19 -32.88 9.45
CA PHE F 158 12.32 -32.92 8.54
C PHE F 158 12.11 -32.06 7.29
N VAL F 159 10.89 -31.64 7.00
CA VAL F 159 10.63 -30.84 5.80
C VAL F 159 10.57 -29.37 6.16
N LYS F 160 10.15 -29.06 7.38
CA LYS F 160 10.06 -27.66 7.80
C LYS F 160 11.38 -26.92 7.68
N PRO F 161 12.52 -27.47 8.08
CA PRO F 161 13.78 -26.70 8.02
C PRO F 161 14.07 -26.21 6.62
N THR F 162 14.58 -24.98 6.54
CA THR F 162 14.92 -24.40 5.24
C THR F 162 16.04 -25.18 4.56
N VAL F 163 17.05 -25.59 5.34
CA VAL F 163 18.20 -26.33 4.82
C VAL F 163 18.32 -27.63 5.60
N LEU F 164 18.28 -28.75 4.89
CA LEU F 164 18.43 -30.07 5.48
C LEU F 164 19.74 -30.66 4.99
N ILE F 165 20.65 -30.96 5.92
CA ILE F 165 21.96 -31.50 5.61
C ILE F 165 21.94 -32.99 5.93
N ILE F 166 21.95 -33.81 4.90
CA ILE F 166 21.91 -35.26 5.04
C ILE F 166 23.34 -35.77 4.88
N ASP F 167 23.87 -36.36 5.94
CA ASP F 167 25.26 -36.80 5.99
C ASP F 167 25.33 -38.33 6.05
N GLN F 168 26.53 -38.85 5.82
CA GLN F 168 26.78 -40.29 5.87
C GLN F 168 25.88 -41.03 4.89
N MET F 169 26.07 -40.74 3.60
CA MET F 169 25.32 -41.36 2.52
C MET F 169 26.26 -42.21 1.68
N GLY F 170 25.78 -43.38 1.29
CA GLY F 170 26.54 -44.29 0.44
C GLY F 170 27.36 -45.33 1.18
N TYR F 171 28.04 -44.92 2.26
CA TYR F 171 28.85 -45.87 3.01
C TYR F 171 28.02 -47.04 3.51
N LEU F 172 26.80 -46.77 3.97
CA LEU F 172 25.90 -47.79 4.48
C LEU F 172 24.90 -48.17 3.39
N LYS F 173 24.70 -49.46 3.19
CA LYS F 173 23.76 -49.94 2.19
C LYS F 173 22.33 -49.85 2.72
N LEU F 174 21.39 -49.66 1.79
CA LEU F 174 19.99 -49.42 2.13
C LEU F 174 19.10 -50.48 1.53
N ASP F 175 18.03 -50.81 2.25
CA ASP F 175 17.00 -51.73 1.78
C ASP F 175 15.90 -50.95 1.08
N PRO F 176 15.02 -51.64 0.35
CA PRO F 176 13.95 -50.91 -0.36
C PRO F 176 13.09 -50.06 0.56
N ASN F 177 12.89 -50.48 1.81
CA ASN F 177 12.13 -49.64 2.74
C ASN F 177 12.84 -48.32 2.95
N SER F 178 14.12 -48.38 3.31
CA SER F 178 14.92 -47.16 3.43
C SER F 178 14.99 -46.41 2.11
N ALA F 179 14.99 -47.13 0.99
CA ALA F 179 15.00 -46.48 -0.31
C ALA F 179 13.77 -45.60 -0.49
N HIS F 180 12.59 -46.14 -0.17
CA HIS F 180 11.38 -45.34 -0.34
C HIS F 180 11.31 -44.23 0.70
N TYR F 181 11.86 -44.45 1.89
CA TYR F 181 11.92 -43.35 2.87
C TYR F 181 12.76 -42.20 2.34
N LEU F 182 13.93 -42.50 1.79
CA LEU F 182 14.77 -41.47 1.21
C LEU F 182 14.08 -40.79 0.03
N PHE F 183 13.41 -41.57 -0.81
CA PHE F 183 12.70 -40.99 -1.95
C PHE F 183 11.61 -40.03 -1.48
N GLN F 184 10.87 -40.42 -0.44
CA GLN F 184 9.84 -39.54 0.11
C GLN F 184 10.45 -38.26 0.65
N VAL F 185 11.57 -38.37 1.36
CA VAL F 185 12.21 -37.19 1.91
C VAL F 185 12.63 -36.25 0.78
N ILE F 186 13.23 -36.81 -0.27
CA ILE F 186 13.67 -35.99 -1.40
C ILE F 186 12.46 -35.33 -2.07
N ALA F 187 11.39 -36.09 -2.30
CA ALA F 187 10.23 -35.56 -2.98
C ALA F 187 9.61 -34.42 -2.19
N ARG F 188 9.51 -34.57 -0.87
CA ARG F 188 8.93 -33.50 -0.05
C ARG F 188 9.77 -32.24 -0.11
N ARG F 189 11.10 -32.39 -0.17
CA ARG F 189 12.01 -31.26 -0.27
C ARG F 189 12.54 -31.07 -1.68
N TYR F 190 11.75 -31.42 -2.68
CA TYR F 190 12.12 -31.25 -4.09
C TYR F 190 11.40 -30.02 -4.64
N GLU F 191 12.17 -29.03 -5.07
CA GLU F 191 11.65 -27.75 -5.54
C GLU F 191 10.93 -26.99 -4.42
N HIS F 192 11.14 -27.40 -3.17
CA HIS F 192 10.56 -26.75 -2.00
C HIS F 192 11.60 -26.23 -1.04
N ALA F 193 12.70 -26.97 -0.85
CA ALA F 193 13.77 -26.53 0.04
C ALA F 193 15.05 -27.22 -0.37
N PRO F 194 16.20 -26.55 -0.29
CA PRO F 194 17.45 -27.20 -0.70
C PRO F 194 17.80 -28.38 0.20
N ILE F 195 18.51 -29.34 -0.38
CA ILE F 195 19.05 -30.49 0.33
C ILE F 195 20.55 -30.51 0.13
N ILE F 196 21.30 -30.58 1.23
CA ILE F 196 22.75 -30.65 1.21
C ILE F 196 23.13 -32.07 1.58
N LEU F 197 23.72 -32.80 0.64
CA LEU F 197 24.02 -34.21 0.81
C LEU F 197 25.49 -34.46 0.52
N THR F 198 26.11 -35.31 1.33
CA THR F 198 27.50 -35.72 1.16
C THR F 198 27.55 -37.23 1.01
N SER F 199 28.22 -37.70 -0.05
CA SER F 199 28.30 -39.12 -0.34
C SER F 199 29.69 -39.44 -0.87
N ASN F 200 29.95 -40.74 -1.04
CA ASN F 200 31.22 -41.22 -1.56
C ASN F 200 31.04 -42.16 -2.75
N LYS F 201 29.82 -42.33 -3.23
CA LYS F 201 29.53 -43.24 -4.34
C LYS F 201 28.96 -42.45 -5.51
N SER F 202 29.34 -42.85 -6.72
CA SER F 202 28.78 -42.24 -7.91
C SER F 202 27.27 -42.45 -7.94
N PHE F 203 26.61 -41.69 -8.82
CA PHE F 203 25.15 -41.77 -8.90
C PHE F 203 24.69 -43.16 -9.33
N GLY F 204 25.41 -43.78 -10.27
CA GLY F 204 25.02 -45.11 -10.73
C GLY F 204 25.00 -46.13 -9.61
N GLU F 205 25.94 -46.01 -8.67
CA GLU F 205 26.02 -46.98 -7.58
C GLU F 205 24.82 -46.89 -6.64
N TRP F 206 24.07 -45.79 -6.67
CA TRP F 206 22.93 -45.65 -5.77
C TRP F 206 21.91 -46.77 -5.98
N GLY F 207 21.84 -47.32 -7.19
CA GLY F 207 20.94 -48.44 -7.43
C GLY F 207 21.28 -49.62 -6.53
N GLU F 208 22.56 -49.94 -6.42
CA GLU F 208 22.98 -51.00 -5.51
C GLU F 208 22.89 -50.56 -4.06
N ILE F 209 23.16 -49.28 -3.79
CA ILE F 209 23.11 -48.79 -2.41
C ILE F 209 21.72 -48.95 -1.83
N VAL F 210 20.69 -48.65 -2.62
CA VAL F 210 19.30 -48.75 -2.16
C VAL F 210 18.65 -50.07 -2.55
N GLY F 211 19.28 -50.85 -3.42
CA GLY F 211 18.70 -52.13 -3.81
C GLY F 211 17.51 -52.01 -4.74
N ASP F 212 17.35 -50.88 -5.42
CA ASP F 212 16.23 -50.69 -6.35
C ASP F 212 16.71 -49.75 -7.45
N SER F 213 17.00 -50.31 -8.62
CA SER F 213 17.52 -49.51 -9.71
C SER F 213 16.53 -48.44 -10.15
N VAL F 214 15.26 -48.80 -10.28
CA VAL F 214 14.26 -47.84 -10.74
C VAL F 214 14.09 -46.72 -9.72
N LEU F 215 13.97 -47.08 -8.44
CA LEU F 215 13.78 -46.06 -7.41
C LEU F 215 15.01 -45.17 -7.28
N ALA F 216 16.21 -45.77 -7.35
CA ALA F 216 17.42 -44.96 -7.31
C ALA F 216 17.49 -44.01 -8.49
N THR F 217 17.12 -44.50 -9.69
CA THR F 217 17.12 -43.63 -10.86
C THR F 217 16.13 -42.50 -10.70
N ALA F 218 14.95 -42.78 -10.14
CA ALA F 218 13.97 -41.73 -9.92
C ALA F 218 14.50 -40.69 -8.94
N MET F 219 15.10 -41.14 -7.84
CA MET F 219 15.68 -40.22 -6.88
C MET F 219 16.73 -39.33 -7.54
N LEU F 220 17.63 -39.95 -8.31
CA LEU F 220 18.70 -39.20 -8.96
C LEU F 220 18.13 -38.20 -9.96
N ASP F 221 17.14 -38.61 -10.74
CA ASP F 221 16.55 -37.71 -11.73
C ASP F 221 15.89 -36.52 -11.07
N ARG F 222 15.13 -36.76 -10.00
CA ARG F 222 14.47 -35.65 -9.30
C ARG F 222 15.49 -34.74 -8.63
N LEU F 223 16.52 -35.32 -8.02
CA LEU F 223 17.52 -34.52 -7.33
C LEU F 223 18.33 -33.66 -8.29
N LEU F 224 18.80 -34.26 -9.38
CA LEU F 224 19.63 -33.55 -10.34
C LEU F 224 18.87 -32.50 -11.12
N HIS F 225 17.53 -32.50 -11.06
CA HIS F 225 16.77 -31.45 -11.74
C HIS F 225 17.14 -30.07 -11.21
N HIS F 226 17.39 -29.98 -9.91
CA HIS F 226 17.92 -28.76 -9.28
C HIS F 226 19.08 -29.22 -8.39
N SER F 227 20.29 -29.26 -8.95
CA SER F 227 21.42 -29.79 -8.22
C SER F 227 22.68 -29.03 -8.57
N ILE F 228 23.64 -29.05 -7.64
CA ILE F 228 24.99 -28.57 -7.85
C ILE F 228 25.93 -29.64 -7.33
N ILE F 229 26.80 -30.14 -8.18
CA ILE F 229 27.67 -31.27 -7.86
C ILE F 229 29.05 -30.74 -7.50
N PHE F 230 29.71 -31.42 -6.56
CA PHE F 230 31.07 -31.07 -6.13
C PHE F 230 31.86 -32.37 -6.02
N ASN F 231 32.71 -32.63 -7.03
CA ASN F 231 33.58 -33.80 -7.03
C ASN F 231 34.89 -33.39 -6.38
N LEU F 232 35.08 -33.80 -5.13
CA LEU F 232 36.27 -33.45 -4.36
C LEU F 232 37.26 -34.61 -4.42
N LYS F 233 38.52 -34.27 -4.73
CA LYS F 233 39.58 -35.27 -4.86
C LYS F 233 40.80 -34.77 -4.12
N GLY F 234 41.38 -35.62 -3.29
CA GLY F 234 42.59 -35.24 -2.57
C GLY F 234 42.88 -36.21 -1.44
N GLU F 235 44.09 -36.09 -0.92
CA GLU F 235 44.51 -36.89 0.21
C GLU F 235 43.70 -36.53 1.45
N SER F 236 43.33 -37.55 2.22
CA SER F 236 42.49 -37.33 3.39
C SER F 236 43.17 -36.38 4.38
N TYR F 237 42.45 -35.31 4.72
CA TYR F 237 43.00 -34.33 5.65
C TYR F 237 43.23 -34.94 7.02
N ARG F 238 42.44 -35.92 7.42
CA ARG F 238 42.70 -36.63 8.66
C ARG F 238 44.07 -37.29 8.63
N LEU F 239 44.36 -37.99 7.54
CA LEU F 239 45.65 -38.66 7.41
C LEU F 239 46.80 -37.65 7.38
N ARG F 240 46.61 -36.54 6.66
CA ARG F 240 47.67 -35.54 6.60
C ARG F 240 47.91 -34.90 7.96
N GLU F 241 46.84 -34.61 8.71
CA GLU F 241 47.02 -34.07 10.05
C GLU F 241 47.72 -35.07 10.96
N LYS F 242 47.38 -36.35 10.83
CA LYS F 242 48.06 -37.38 11.62
C LYS F 242 49.54 -37.44 11.26
N ARG F 243 49.86 -37.36 9.98
CA ARG F 243 51.26 -37.36 9.56
C ARG F 243 52.00 -36.16 10.14
N LEU F 244 51.38 -34.99 10.08
CA LEU F 244 52.03 -33.79 10.62
C LEU F 244 52.23 -33.91 12.12
N GLN F 245 51.25 -34.50 12.83
CA GLN F 245 51.43 -34.73 14.26
C GLN F 245 52.58 -35.70 14.52
N GLU F 246 52.70 -36.74 13.69
CA GLU F 246 53.82 -37.67 13.84
C GLU F 246 55.14 -36.96 13.67
N GLU F 247 55.25 -36.12 12.65
CA GLU F 247 56.49 -35.37 12.41
C GLU F 247 56.43 -34.01 13.09
N ASN G 1 45.79 -31.25 54.01
CA ASN G 1 45.66 -31.39 55.49
C ASN G 1 44.78 -32.59 55.82
N MET G 2 44.03 -32.50 56.92
CA MET G 2 43.20 -33.60 57.41
C MET G 2 41.72 -33.27 57.40
N LYS G 3 41.34 -32.05 57.76
CA LYS G 3 39.92 -31.69 57.79
C LYS G 3 39.30 -31.77 56.40
N GLU G 4 40.02 -31.27 55.38
CA GLU G 4 39.48 -31.27 54.03
C GLU G 4 39.20 -32.69 53.56
N ARG G 5 40.13 -33.61 53.81
CA ARG G 5 39.92 -35.00 53.40
C ARG G 5 38.75 -35.62 54.14
N ILE G 6 38.61 -35.31 55.43
CA ILE G 6 37.47 -35.82 56.20
C ILE G 6 36.16 -35.33 55.58
N HIS G 7 36.07 -34.04 55.30
CA HIS G 7 34.85 -33.49 54.73
C HIS G 7 34.57 -34.09 53.36
N GLU G 8 35.60 -34.23 52.53
CA GLU G 8 35.42 -34.79 51.20
C GLU G 8 34.89 -36.22 51.27
N TYR G 9 35.49 -37.04 52.15
CA TYR G 9 35.03 -38.42 52.29
C TYR G 9 33.62 -38.48 52.84
N CYS G 10 33.28 -37.61 53.80
CA CYS G 10 31.93 -37.58 54.32
C CYS G 10 30.92 -37.25 53.22
N HIS G 11 31.26 -36.26 52.38
CA HIS G 11 30.38 -35.92 51.26
C HIS G 11 30.26 -37.07 50.28
N ARG G 12 31.38 -37.74 49.97
CA ARG G 12 31.32 -38.88 49.07
C ARG G 12 30.47 -40.00 49.64
N LEU G 13 30.46 -40.16 50.96
CA LEU G 13 29.58 -41.11 51.62
C LEU G 13 28.19 -40.52 51.89
N HIS G 14 27.97 -39.27 51.50
CA HIS G 14 26.65 -38.62 51.64
C HIS G 14 26.27 -38.49 53.11
N LEU G 15 27.20 -37.98 53.91
CA LEU G 15 26.96 -37.69 55.32
C LEU G 15 27.48 -36.30 55.66
N PRO G 16 26.90 -35.27 55.03
CA PRO G 16 27.38 -33.90 55.32
C PRO G 16 26.90 -33.39 56.68
N VAL G 17 25.65 -33.65 57.04
CA VAL G 17 25.17 -33.27 58.36
C VAL G 17 25.97 -33.99 59.44
N MET G 18 26.35 -35.25 59.17
CA MET G 18 27.23 -35.95 60.09
C MET G 18 28.54 -35.20 60.27
N ALA G 19 29.13 -34.76 59.14
CA ALA G 19 30.41 -34.05 59.22
C ALA G 19 30.27 -32.74 60.00
N GLU G 20 29.20 -31.99 59.75
CA GLU G 20 29.00 -30.73 60.45
C GLU G 20 28.83 -30.95 61.94
N ARG G 21 27.83 -31.75 62.32
CA ARG G 21 27.65 -32.10 63.72
C ARG G 21 28.83 -32.89 64.27
N TRP G 22 29.61 -33.52 63.39
CA TRP G 22 30.80 -34.23 63.86
C TRP G 22 31.85 -33.26 64.37
N SER G 23 32.01 -32.11 63.72
CA SER G 23 32.88 -31.07 64.28
C SER G 23 32.36 -30.58 65.62
N ALA G 24 31.05 -30.34 65.71
CA ALA G 24 30.46 -29.87 66.96
C ALA G 24 30.65 -30.91 68.06
N MET G 25 30.42 -32.19 67.75
CA MET G 25 30.57 -33.23 68.76
C MET G 25 32.03 -33.49 69.08
N ALA G 26 32.94 -33.24 68.13
CA ALA G 26 34.36 -33.32 68.43
C ALA G 26 34.76 -32.24 69.43
N GLU G 27 34.26 -31.02 69.23
CA GLU G 27 34.48 -29.97 70.23
C GLU G 27 33.87 -30.36 71.56
N TYR G 28 32.67 -30.94 71.54
CA TYR G 28 32.01 -31.37 72.76
C TYR G 28 32.85 -32.40 73.52
N ALA G 29 33.38 -33.39 72.80
CA ALA G 29 34.22 -34.40 73.42
C ALA G 29 35.51 -33.78 73.95
N SER G 30 36.09 -32.84 73.21
CA SER G 30 37.27 -32.14 73.70
C SER G 30 36.96 -31.38 74.99
N THR G 31 35.71 -30.93 75.15
CA THR G 31 35.34 -30.24 76.38
C THR G 31 35.00 -31.20 77.51
N HIS G 32 34.42 -32.36 77.21
CA HIS G 32 33.97 -33.28 78.24
C HIS G 32 34.59 -34.68 78.13
N ASN G 33 35.51 -34.89 77.19
CA ASN G 33 36.20 -36.18 77.06
C ASN G 33 35.21 -37.32 76.90
N ILE G 34 34.43 -37.26 75.82
CA ILE G 34 33.46 -38.30 75.52
C ILE G 34 34.17 -39.49 74.90
N SER G 35 33.69 -40.69 75.24
CA SER G 35 34.25 -41.90 74.65
C SER G 35 34.02 -41.91 73.14
N TYR G 36 34.95 -42.53 72.41
CA TYR G 36 34.84 -42.60 70.96
C TYR G 36 33.53 -43.24 70.54
N SER G 37 33.07 -44.27 71.27
CA SER G 37 31.82 -44.92 70.94
C SER G 37 30.65 -43.94 71.02
N GLU G 38 30.53 -43.24 72.14
CA GLU G 38 29.44 -42.28 72.29
C GLU G 38 29.55 -41.16 71.27
N PHE G 39 30.78 -40.73 70.96
CA PHE G 39 30.98 -39.70 69.95
C PHE G 39 30.42 -40.14 68.59
N LEU G 40 30.83 -41.32 68.13
CA LEU G 40 30.33 -41.85 66.86
C LEU G 40 28.83 -42.07 66.93
N PHE G 41 28.31 -42.45 68.09
CA PHE G 41 26.87 -42.60 68.24
C PHE G 41 26.16 -41.27 68.04
N ARG G 42 26.69 -40.20 68.62
CA ARG G 42 26.12 -38.88 68.39
C ARG G 42 26.11 -38.57 66.89
N LEU G 43 27.25 -38.79 66.23
CA LEU G 43 27.34 -38.48 64.80
C LEU G 43 26.26 -39.22 64.03
N LEU G 44 26.19 -40.54 64.21
CA LEU G 44 25.31 -41.36 63.39
C LEU G 44 23.84 -41.14 63.75
N GLU G 45 23.55 -40.94 65.04
CA GLU G 45 22.16 -40.69 65.44
C GLU G 45 21.66 -39.38 64.87
N ALA G 46 22.49 -38.33 64.90
CA ALA G 46 22.05 -37.06 64.31
C ALA G 46 21.92 -37.17 62.80
N GLU G 47 22.84 -37.91 62.17
CA GLU G 47 22.69 -38.18 60.74
C GLU G 47 21.37 -38.88 60.45
N ILE G 48 21.01 -39.85 61.29
CA ILE G 48 19.74 -40.56 61.13
C ILE G 48 18.59 -39.60 61.28
N VAL G 49 18.66 -38.70 62.27
CA VAL G 49 17.58 -37.74 62.48
C VAL G 49 17.37 -36.90 61.23
N GLU G 50 18.47 -36.33 60.69
CA GLU G 50 18.33 -35.48 59.52
C GLU G 50 17.84 -36.28 58.31
N LYS G 51 18.41 -37.47 58.11
CA LYS G 51 18.04 -38.28 56.95
C LYS G 51 16.58 -38.69 57.01
N GLN G 52 16.10 -39.11 58.18
CA GLN G 52 14.71 -39.51 58.31
C GLN G 52 13.76 -38.32 58.20
N ALA G 53 14.16 -37.15 58.69
CA ALA G 53 13.34 -35.96 58.48
C ALA G 53 13.17 -35.68 57.00
N ARG G 54 14.29 -35.66 56.25
CA ARG G 54 14.21 -35.41 54.81
C ARG G 54 13.42 -36.51 54.11
N SER G 55 13.60 -37.76 54.54
CA SER G 55 12.90 -38.88 53.92
C SER G 55 11.40 -38.76 54.14
N ILE G 56 10.99 -38.40 55.36
CA ILE G 56 9.56 -38.26 55.65
C ILE G 56 8.98 -37.09 54.87
N GLN G 57 9.74 -35.99 54.74
CA GLN G 57 9.26 -34.88 53.93
C GLN G 57 9.03 -35.33 52.49
N THR G 58 10.03 -35.99 51.89
CA THR G 58 9.90 -36.43 50.51
C THR G 58 8.85 -37.52 50.35
N LEU G 59 8.59 -38.31 51.41
CA LEU G 59 7.55 -39.32 51.36
C LEU G 59 6.16 -38.68 51.38
N ILE G 60 5.97 -37.69 52.25
CA ILE G 60 4.71 -36.95 52.24
C ILE G 60 4.51 -36.29 50.88
N LYS G 61 5.59 -35.79 50.28
CA LYS G 61 5.50 -35.29 48.91
C LYS G 61 5.10 -36.39 47.95
N LEU G 62 5.64 -37.60 48.15
CA LEU G 62 5.29 -38.72 47.29
C LEU G 62 3.81 -39.05 47.41
N SER G 63 3.30 -39.11 48.64
CA SER G 63 1.88 -39.31 48.84
C SER G 63 1.12 -38.05 48.42
N LYS G 64 -0.11 -38.25 47.94
CA LYS G 64 -0.94 -37.17 47.45
C LYS G 64 -1.89 -36.65 48.53
N LEU G 65 -1.57 -36.85 49.80
CA LEU G 65 -2.43 -36.37 50.87
C LEU G 65 -2.62 -34.86 50.73
N PRO G 66 -3.84 -34.34 50.83
CA PRO G 66 -4.06 -32.92 50.53
C PRO G 66 -3.29 -31.99 51.44
N TYR G 67 -3.13 -32.33 52.72
CA TYR G 67 -2.48 -31.43 53.66
C TYR G 67 -1.78 -32.26 54.74
N ARG G 68 -0.81 -31.63 55.40
CA ARG G 68 -0.11 -32.23 56.53
C ARG G 68 -0.79 -31.79 57.82
N LYS G 69 -1.86 -32.49 58.17
CA LYS G 69 -2.63 -32.20 59.36
C LYS G 69 -2.42 -33.31 60.39
N THR G 70 -2.20 -32.91 61.64
CA THR G 70 -1.98 -33.84 62.73
C THR G 70 -3.20 -33.89 63.64
N ILE G 71 -3.34 -35.03 64.34
CA ILE G 71 -4.48 -35.21 65.24
C ILE G 71 -4.49 -34.12 66.31
N ASP G 72 -3.31 -33.60 66.67
CA ASP G 72 -3.25 -32.54 67.67
C ASP G 72 -4.06 -31.33 67.24
N THR G 73 -4.12 -31.04 65.94
CA THR G 73 -4.88 -29.91 65.44
C THR G 73 -6.39 -30.13 65.54
N PHE G 74 -6.84 -31.34 65.86
CA PHE G 74 -8.24 -31.70 65.91
C PHE G 74 -8.76 -31.64 67.35
N ASP G 75 -10.04 -31.30 67.48
CA ASP G 75 -10.70 -31.22 68.77
C ASP G 75 -11.80 -32.27 68.84
N PHE G 76 -11.83 -33.01 69.95
CA PHE G 76 -12.85 -34.04 70.15
C PHE G 76 -14.11 -33.51 70.81
N THR G 77 -13.98 -32.47 71.62
CA THR G 77 -15.15 -31.94 72.32
C THR G 77 -16.20 -31.44 71.33
N ALA G 78 -15.75 -30.80 70.25
CA ALA G 78 -16.66 -30.31 69.23
C ALA G 78 -17.39 -31.45 68.52
N GLN G 79 -16.91 -32.69 68.65
CA GLN G 79 -17.53 -33.87 68.04
C GLN G 79 -17.76 -34.90 69.13
N PRO G 80 -18.85 -34.78 69.87
CA PRO G 80 -19.11 -35.79 70.93
C PRO G 80 -19.26 -37.20 70.41
N SER G 81 -19.66 -37.37 69.14
CA SER G 81 -19.97 -38.70 68.63
C SER G 81 -18.73 -39.60 68.53
N VAL G 82 -17.53 -39.01 68.49
CA VAL G 82 -16.31 -39.80 68.36
C VAL G 82 -15.77 -40.12 69.75
N ASP G 83 -14.94 -41.15 69.82
CA ASP G 83 -14.27 -41.56 71.06
C ASP G 83 -12.77 -41.53 70.84
N GLU G 84 -12.05 -40.89 71.76
CA GLU G 84 -10.60 -40.82 71.64
C GLU G 84 -9.96 -42.21 71.66
N ARG G 85 -10.58 -43.15 72.36
CA ARG G 85 -9.99 -44.48 72.49
C ARG G 85 -9.77 -45.13 71.13
N ARG G 86 -10.83 -45.20 70.32
CA ARG G 86 -10.72 -45.88 69.03
C ARG G 86 -9.78 -45.12 68.09
N ILE G 87 -9.85 -43.80 68.09
CA ILE G 87 -9.00 -43.01 67.20
C ILE G 87 -7.54 -43.25 67.54
N ARG G 88 -7.19 -43.20 68.83
CA ARG G 88 -5.80 -43.40 69.21
C ARG G 88 -5.37 -44.86 69.02
N GLU G 89 -6.29 -45.81 69.18
CA GLU G 89 -5.96 -47.20 68.87
C GLU G 89 -5.61 -47.34 67.40
N LEU G 90 -6.36 -46.67 66.52
CA LEU G 90 -5.99 -46.64 65.11
C LEU G 90 -4.63 -45.98 64.92
N LEU G 91 -4.38 -44.89 65.67
CA LEU G 91 -3.09 -44.23 65.59
C LEU G 91 -1.95 -45.19 65.95
N THR G 92 -2.23 -46.16 66.81
CA THR G 92 -1.23 -47.17 67.14
C THR G 92 -0.85 -48.05 65.96
N LEU G 93 -1.63 -48.01 64.87
CA LEU G 93 -1.33 -48.75 63.65
C LEU G 93 -1.43 -50.27 63.85
N SER G 94 -2.31 -50.72 64.75
CA SER G 94 -2.55 -52.15 64.87
C SER G 94 -3.25 -52.70 63.64
N PHE G 95 -4.04 -51.86 62.95
CA PHE G 95 -4.75 -52.31 61.76
C PHE G 95 -3.78 -52.72 60.66
N ILE G 96 -2.62 -52.06 60.58
CA ILE G 96 -1.64 -52.43 59.57
C ILE G 96 -1.17 -53.86 59.78
N ASP G 97 -0.87 -54.22 61.04
CA ASP G 97 -0.50 -55.59 61.35
C ASP G 97 -1.65 -56.54 61.08
N ARG G 98 -2.87 -56.15 61.47
CA ARG G 98 -4.05 -57.00 61.30
C ARG G 98 -4.66 -56.89 59.90
N LYS G 99 -4.25 -55.93 59.10
CA LYS G 99 -4.79 -55.72 57.76
C LYS G 99 -6.31 -55.50 57.83
N GLU G 100 -6.69 -54.45 58.53
CA GLU G 100 -8.09 -54.08 58.72
C GLU G 100 -8.41 -52.86 57.87
N ASN G 101 -9.50 -52.93 57.12
CA ASN G 101 -9.92 -51.84 56.24
C ASN G 101 -10.75 -50.86 57.06
N ILE G 102 -10.21 -49.65 57.23
CA ILE G 102 -10.87 -48.63 58.02
C ILE G 102 -11.84 -47.87 57.13
N LEU G 103 -13.08 -47.71 57.62
CA LEU G 103 -14.13 -47.02 56.88
C LEU G 103 -14.74 -45.93 57.74
N PHE G 104 -14.96 -44.78 57.13
CA PHE G 104 -15.62 -43.64 57.79
C PHE G 104 -16.91 -43.33 57.05
N LEU G 105 -18.00 -43.18 57.81
CA LEU G 105 -19.31 -42.87 57.26
C LEU G 105 -19.94 -41.74 58.06
N GLY G 106 -20.67 -40.87 57.37
CA GLY G 106 -21.37 -39.78 58.00
C GLY G 106 -21.64 -38.64 57.06
N PRO G 107 -22.54 -37.73 57.45
CA PRO G 107 -22.84 -36.57 56.62
C PRO G 107 -21.64 -35.66 56.47
N PRO G 108 -21.71 -34.67 55.59
CA PRO G 108 -20.53 -33.82 55.33
C PRO G 108 -20.18 -32.96 56.53
N GLY G 109 -18.90 -32.62 56.61
CA GLY G 109 -18.42 -31.65 57.57
C GLY G 109 -18.05 -32.20 58.93
N ILE G 110 -18.28 -33.49 59.18
CA ILE G 110 -17.97 -34.04 60.50
C ILE G 110 -16.47 -33.99 60.76
N GLY G 111 -15.66 -34.35 59.77
CA GLY G 111 -14.22 -34.35 59.92
C GLY G 111 -13.59 -35.69 59.66
N LYS G 112 -14.33 -36.60 59.02
CA LYS G 112 -13.81 -37.93 58.75
C LYS G 112 -12.55 -37.87 57.88
N THR G 113 -12.57 -37.03 56.85
CA THR G 113 -11.40 -36.89 56.00
C THR G 113 -10.21 -36.35 56.79
N HIS G 114 -10.47 -35.45 57.73
CA HIS G 114 -9.40 -34.92 58.57
C HIS G 114 -8.73 -36.03 59.35
N LEU G 115 -9.53 -36.89 59.98
CA LEU G 115 -8.98 -38.00 60.76
C LEU G 115 -8.22 -38.97 59.87
N ALA G 116 -8.78 -39.28 58.70
CA ALA G 116 -8.09 -40.18 57.77
C ALA G 116 -6.74 -39.62 57.36
N ILE G 117 -6.70 -38.32 57.05
CA ILE G 117 -5.44 -37.69 56.64
C ILE G 117 -4.44 -37.72 57.81
N SER G 118 -4.91 -37.49 59.03
CA SER G 118 -4.01 -37.55 60.18
C SER G 118 -3.43 -38.96 60.33
N ILE G 119 -4.27 -39.99 60.17
CA ILE G 119 -3.79 -41.35 60.23
C ILE G 119 -2.74 -41.60 59.14
N GLY G 120 -3.00 -41.09 57.93
CA GLY G 120 -2.02 -41.22 56.87
C GLY G 120 -0.72 -40.53 57.20
N MET G 121 -0.80 -39.36 57.84
CA MET G 121 0.42 -38.65 58.24
C MET G 121 1.21 -39.47 59.24
N GLU G 122 0.53 -40.08 60.20
CA GLU G 122 1.24 -40.95 61.14
C GLU G 122 1.90 -42.12 60.42
N ALA G 123 1.16 -42.74 59.49
CA ALA G 123 1.70 -43.90 58.78
C ALA G 123 2.93 -43.53 57.97
N ILE G 124 2.89 -42.37 57.31
CA ILE G 124 4.04 -41.95 56.50
C ILE G 124 5.17 -41.43 57.38
N ALA G 125 4.88 -40.98 58.59
CA ALA G 125 5.95 -40.58 59.50
C ALA G 125 6.65 -41.81 60.09
N ARG G 126 5.94 -42.93 60.19
CA ARG G 126 6.53 -44.17 60.67
C ARG G 126 7.12 -45.02 59.55
N GLY G 127 7.43 -44.40 58.41
CA GLY G 127 8.12 -45.08 57.32
C GLY G 127 7.20 -45.78 56.34
N TYR G 128 6.04 -46.26 56.78
CA TYR G 128 5.15 -46.97 55.89
C TYR G 128 4.71 -46.07 54.75
N LYS G 129 4.74 -46.62 53.53
CA LYS G 129 4.32 -45.85 52.36
C LYS G 129 2.83 -45.56 52.42
N THR G 130 2.46 -44.36 51.98
CA THR G 130 1.07 -43.94 51.94
C THR G 130 0.76 -43.32 50.60
N TYR G 131 -0.49 -43.50 50.15
CA TYR G 131 -0.94 -42.95 48.89
C TYR G 131 -2.39 -42.53 49.02
N PHE G 132 -2.66 -41.25 48.77
CA PHE G 132 -4.00 -40.70 48.86
C PHE G 132 -4.58 -40.53 47.45
N ILE G 133 -5.88 -40.76 47.31
CA ILE G 133 -6.54 -40.64 46.03
C ILE G 133 -8.03 -40.53 46.27
N THR G 134 -8.74 -39.89 45.34
CA THR G 134 -10.19 -39.82 45.36
C THR G 134 -10.76 -40.89 44.44
N ALA G 135 -11.93 -41.41 44.82
CA ALA G 135 -12.55 -42.48 44.03
C ALA G 135 -12.66 -42.09 42.57
N HIS G 136 -13.16 -40.88 42.31
CA HIS G 136 -13.32 -40.42 40.93
C HIS G 136 -11.98 -40.39 40.20
N ASP G 137 -10.97 -39.79 40.82
CA ASP G 137 -9.65 -39.71 40.20
C ASP G 137 -9.05 -41.09 40.01
N LEU G 138 -9.20 -41.96 41.02
CA LEU G 138 -8.70 -43.32 40.90
C LEU G 138 -9.31 -44.01 39.68
N VAL G 139 -10.62 -43.93 39.54
CA VAL G 139 -11.30 -44.60 38.44
C VAL G 139 -10.86 -44.00 37.11
N ASN G 140 -10.77 -42.67 37.03
CA ASN G 140 -10.37 -42.03 35.79
C ASN G 140 -8.98 -42.49 35.38
N GLN G 141 -8.03 -42.49 36.33
CA GLN G 141 -6.67 -42.90 36.01
C GLN G 141 -6.62 -44.36 35.59
N LEU G 142 -7.38 -45.22 36.27
CA LEU G 142 -7.40 -46.63 35.90
C LEU G 142 -7.95 -46.82 34.49
N ARG G 143 -9.03 -46.10 34.15
CA ARG G 143 -9.59 -46.23 32.81
C ARG G 143 -8.60 -45.74 31.75
N ARG G 144 -7.93 -44.61 32.00
CA ARG G 144 -6.95 -44.13 31.05
C ARG G 144 -5.80 -45.13 30.91
N ALA G 145 -5.38 -45.73 32.01
CA ALA G 145 -4.31 -46.74 31.95
C ALA G 145 -4.75 -47.93 31.11
N ASP G 146 -5.98 -48.41 31.32
CA ASP G 146 -6.47 -49.52 30.51
C ASP G 146 -6.51 -49.13 29.03
N GLN G 147 -6.90 -47.90 28.74
CA GLN G 147 -6.89 -47.43 27.35
C GLN G 147 -5.49 -47.46 26.77
N GLU G 148 -4.49 -47.00 27.55
CA GLU G 148 -3.12 -46.94 27.07
C GLU G 148 -2.39 -48.27 27.16
N GLY G 149 -2.99 -49.28 27.77
CA GLY G 149 -2.35 -50.58 27.90
C GLY G 149 -1.43 -50.73 29.08
N LYS G 150 -1.26 -49.69 29.90
CA LYS G 150 -0.42 -49.73 31.09
C LYS G 150 -1.24 -49.96 32.35
N LEU G 151 -2.31 -50.75 32.24
CA LEU G 151 -3.19 -50.97 33.39
C LEU G 151 -2.43 -51.59 34.55
N GLU G 152 -1.59 -52.59 34.26
CA GLU G 152 -0.82 -53.23 35.32
C GLU G 152 0.04 -52.22 36.07
N LYS G 153 0.60 -51.24 35.36
CA LYS G 153 1.45 -50.25 36.01
C LYS G 153 0.68 -49.48 37.08
N LYS G 154 -0.48 -48.93 36.70
CA LYS G 154 -1.26 -48.16 37.66
C LYS G 154 -1.82 -49.05 38.76
N LEU G 155 -2.19 -50.29 38.44
CA LEU G 155 -2.64 -51.20 39.48
C LEU G 155 -1.55 -51.45 40.51
N ARG G 156 -0.31 -51.64 40.07
CA ARG G 156 0.79 -51.76 41.00
C ARG G 156 0.96 -50.47 41.80
N VAL G 157 0.89 -49.32 41.13
CA VAL G 157 1.09 -48.05 41.82
C VAL G 157 0.06 -47.86 42.91
N PHE G 158 -1.15 -48.35 42.70
CA PHE G 158 -2.21 -48.24 43.70
C PHE G 158 -2.18 -49.35 44.73
N VAL G 159 -1.53 -50.47 44.43
CA VAL G 159 -1.46 -51.61 45.34
C VAL G 159 -0.18 -51.61 46.16
N LYS G 160 0.93 -51.17 45.57
CA LYS G 160 2.19 -51.13 46.30
C LYS G 160 2.11 -50.31 47.58
N PRO G 161 1.47 -49.14 47.62
CA PRO G 161 1.44 -48.34 48.85
C PRO G 161 0.95 -49.15 50.04
N THR G 162 1.65 -49.02 51.16
CA THR G 162 1.27 -49.74 52.37
C THR G 162 -0.10 -49.30 52.86
N VAL G 163 -0.41 -48.01 52.76
CA VAL G 163 -1.66 -47.45 53.24
C VAL G 163 -2.26 -46.66 52.08
N LEU G 164 -3.29 -47.21 51.46
CA LEU G 164 -4.02 -46.53 50.38
C LEU G 164 -5.27 -45.89 50.97
N ILE G 165 -5.47 -44.61 50.67
CA ILE G 165 -6.60 -43.84 51.17
C ILE G 165 -7.47 -43.46 49.98
N ILE G 166 -8.74 -43.81 50.04
CA ILE G 166 -9.73 -43.45 49.02
C ILE G 166 -10.71 -42.47 49.66
N ASP G 167 -10.85 -41.31 49.03
CA ASP G 167 -11.64 -40.22 49.60
C ASP G 167 -12.74 -39.80 48.63
N GLN G 168 -13.77 -39.16 49.20
CA GLN G 168 -14.93 -38.69 48.44
C GLN G 168 -15.55 -39.82 47.64
N MET G 169 -15.86 -40.92 48.34
CA MET G 169 -16.50 -42.08 47.74
C MET G 169 -18.00 -41.97 47.99
N GLY G 170 -18.76 -41.58 46.97
CA GLY G 170 -20.20 -41.56 47.06
C GLY G 170 -20.85 -40.30 46.49
N TYR G 171 -20.18 -39.16 46.61
CA TYR G 171 -20.76 -37.92 46.10
C TYR G 171 -20.93 -37.98 44.59
N LEU G 172 -19.95 -38.53 43.88
CA LEU G 172 -20.01 -38.67 42.44
C LEU G 172 -20.39 -40.10 42.08
N LYS G 173 -21.25 -40.25 41.08
CA LYS G 173 -21.75 -41.56 40.69
C LYS G 173 -20.79 -42.24 39.72
N LEU G 174 -20.77 -43.57 39.78
CA LEU G 174 -19.84 -44.38 38.99
C LEU G 174 -20.60 -45.32 38.08
N ASP G 175 -20.08 -45.51 36.87
CA ASP G 175 -20.63 -46.42 35.88
C ASP G 175 -20.06 -47.81 36.04
N PRO G 176 -20.71 -48.84 35.50
CA PRO G 176 -20.24 -50.21 35.75
C PRO G 176 -18.79 -50.44 35.36
N ASN G 177 -18.31 -49.81 34.29
CA ASN G 177 -16.89 -49.92 33.96
C ASN G 177 -16.05 -49.40 35.12
N SER G 178 -16.44 -48.24 35.67
CA SER G 178 -15.77 -47.72 36.86
C SER G 178 -15.89 -48.69 38.03
N ALA G 179 -17.04 -49.36 38.14
CA ALA G 179 -17.22 -50.34 39.21
C ALA G 179 -16.19 -51.45 39.10
N HIS G 180 -15.97 -51.98 37.90
CA HIS G 180 -15.00 -53.06 37.74
C HIS G 180 -13.58 -52.54 37.94
N TYR G 181 -13.30 -51.31 37.52
CA TYR G 181 -11.98 -50.73 37.74
C TYR G 181 -11.68 -50.63 39.23
N LEU G 182 -12.66 -50.19 40.02
CA LEU G 182 -12.48 -50.15 41.48
C LEU G 182 -12.36 -51.55 42.05
N PHE G 183 -13.13 -52.50 41.52
CA PHE G 183 -13.11 -53.87 42.02
C PHE G 183 -11.73 -54.49 41.83
N GLN G 184 -11.06 -54.17 40.72
CA GLN G 184 -9.72 -54.69 40.50
C GLN G 184 -8.79 -54.29 41.63
N VAL G 185 -8.79 -53.02 42.00
CA VAL G 185 -7.94 -52.55 43.10
C VAL G 185 -8.34 -53.22 44.40
N ILE G 186 -9.64 -53.31 44.66
CA ILE G 186 -10.10 -53.93 45.91
C ILE G 186 -9.61 -55.36 46.00
N ALA G 187 -9.73 -56.11 44.90
CA ALA G 187 -9.30 -57.51 44.89
C ALA G 187 -7.79 -57.61 45.10
N ARG G 188 -7.01 -56.76 44.40
CA ARG G 188 -5.57 -56.82 44.57
C ARG G 188 -5.16 -56.50 46.00
N ARG G 189 -5.92 -55.64 46.68
CA ARG G 189 -5.66 -55.30 48.08
C ARG G 189 -6.64 -55.98 49.02
N TYR G 190 -7.14 -57.15 48.66
CA TYR G 190 -8.13 -57.83 49.49
C TYR G 190 -7.55 -58.15 50.87
N GLU G 191 -6.40 -58.83 50.90
CA GLU G 191 -5.76 -59.23 52.16
C GLU G 191 -4.26 -59.01 52.06
N HIS G 192 -3.85 -57.87 51.52
CA HIS G 192 -2.44 -57.55 51.35
C HIS G 192 -2.02 -56.29 52.07
N ALA G 193 -2.89 -55.28 52.14
CA ALA G 193 -2.58 -54.04 52.86
C ALA G 193 -3.88 -53.34 53.20
N PRO G 194 -3.91 -52.56 54.27
CA PRO G 194 -5.15 -51.90 54.67
C PRO G 194 -5.57 -50.82 53.69
N ILE G 195 -6.87 -50.55 53.67
CA ILE G 195 -7.45 -49.45 52.90
C ILE G 195 -8.23 -48.56 53.84
N ILE G 196 -8.00 -47.26 53.76
CA ILE G 196 -8.74 -46.26 54.54
C ILE G 196 -9.66 -45.54 53.58
N LEU G 197 -10.97 -45.64 53.82
CA LEU G 197 -11.97 -45.09 52.92
C LEU G 197 -12.92 -44.19 53.71
N THR G 198 -13.39 -43.14 53.04
CA THR G 198 -14.35 -42.21 53.60
C THR G 198 -15.52 -42.06 52.63
N SER G 199 -16.73 -42.04 53.17
CA SER G 199 -17.92 -41.94 52.35
C SER G 199 -19.04 -41.33 53.17
N ASN G 200 -20.09 -40.87 52.47
CA ASN G 200 -21.27 -40.30 53.09
C ASN G 200 -22.52 -41.15 52.88
N LYS G 201 -22.45 -42.19 52.05
CA LYS G 201 -23.59 -43.03 51.75
C LYS G 201 -23.54 -44.32 52.55
N SER G 202 -24.72 -44.88 52.83
CA SER G 202 -24.79 -46.18 53.46
C SER G 202 -24.37 -47.27 52.48
N PHE G 203 -24.06 -48.44 53.02
CA PHE G 203 -23.55 -49.53 52.19
C PHE G 203 -24.54 -49.92 51.11
N GLY G 204 -25.83 -49.91 51.43
CA GLY G 204 -26.82 -50.31 50.45
C GLY G 204 -26.82 -49.44 49.22
N GLU G 205 -26.58 -48.14 49.39
CA GLU G 205 -26.60 -47.22 48.24
C GLU G 205 -25.44 -47.47 47.28
N TRP G 206 -24.43 -48.24 47.70
CA TRP G 206 -23.30 -48.49 46.82
C TRP G 206 -23.73 -49.17 45.54
N GLY G 207 -24.83 -49.94 45.58
CA GLY G 207 -25.34 -50.53 44.35
C GLY G 207 -25.71 -49.47 43.32
N GLU G 208 -26.40 -48.41 43.77
CA GLU G 208 -26.71 -47.31 42.86
C GLU G 208 -25.47 -46.51 42.51
N ILE G 209 -24.54 -46.37 43.46
CA ILE G 209 -23.33 -45.61 43.20
C ILE G 209 -22.52 -46.23 42.07
N VAL G 210 -22.39 -47.57 42.09
CA VAL G 210 -21.55 -48.27 41.12
C VAL G 210 -22.33 -48.75 39.91
N GLY G 211 -23.66 -48.72 39.95
CA GLY G 211 -24.45 -49.17 38.82
C GLY G 211 -24.58 -50.67 38.69
N ASP G 212 -24.28 -51.42 39.76
CA ASP G 212 -24.39 -52.87 39.71
C ASP G 212 -24.48 -53.37 41.14
N SER G 213 -25.59 -54.05 41.47
CA SER G 213 -25.79 -54.52 42.83
C SER G 213 -24.79 -55.62 43.20
N VAL G 214 -24.52 -56.53 42.27
CA VAL G 214 -23.64 -57.67 42.58
C VAL G 214 -22.20 -57.21 42.77
N LEU G 215 -21.73 -56.31 41.91
CA LEU G 215 -20.39 -55.75 42.10
C LEU G 215 -20.28 -55.02 43.43
N ALA G 216 -21.32 -54.24 43.77
CA ALA G 216 -21.31 -53.57 45.06
C ALA G 216 -21.25 -54.56 46.20
N THR G 217 -22.02 -55.65 46.10
CA THR G 217 -22.03 -56.66 47.16
C THR G 217 -20.64 -57.28 47.30
N ALA G 218 -20.01 -57.65 46.18
CA ALA G 218 -18.70 -58.28 46.24
C ALA G 218 -17.66 -57.34 46.83
N MET G 219 -17.65 -56.08 46.36
CA MET G 219 -16.69 -55.12 46.88
C MET G 219 -16.91 -54.87 48.36
N LEU G 220 -18.17 -54.74 48.78
CA LEU G 220 -18.46 -54.53 50.20
C LEU G 220 -18.02 -55.72 51.02
N ASP G 221 -18.25 -56.94 50.54
CA ASP G 221 -17.83 -58.12 51.28
C ASP G 221 -16.31 -58.13 51.45
N ARG G 222 -15.59 -57.90 50.36
CA ARG G 222 -14.13 -57.93 50.43
C ARG G 222 -13.60 -56.82 51.34
N LEU G 223 -14.22 -55.64 51.28
CA LEU G 223 -13.74 -54.52 52.09
C LEU G 223 -14.07 -54.72 53.57
N LEU G 224 -15.23 -55.28 53.87
CA LEU G 224 -15.71 -55.42 55.24
C LEU G 224 -15.30 -56.74 55.89
N HIS G 225 -14.64 -57.63 55.14
CA HIS G 225 -14.19 -58.89 55.74
C HIS G 225 -13.32 -58.61 56.96
N HIS G 226 -12.38 -57.68 56.84
CA HIS G 226 -11.55 -57.22 57.94
C HIS G 226 -11.63 -55.69 57.95
N SER G 227 -12.51 -55.13 58.77
CA SER G 227 -12.76 -53.70 58.75
C SER G 227 -13.19 -53.22 60.13
N ILE G 228 -13.03 -51.92 60.34
CA ILE G 228 -13.48 -51.24 61.54
C ILE G 228 -14.17 -49.96 61.09
N ILE G 229 -15.49 -49.90 61.26
CA ILE G 229 -16.28 -48.80 60.73
C ILE G 229 -16.41 -47.72 61.79
N PHE G 230 -16.64 -46.48 61.34
CA PHE G 230 -16.86 -45.32 62.21
C PHE G 230 -18.05 -44.56 61.65
N ASN G 231 -19.24 -44.84 62.17
CA ASN G 231 -20.46 -44.14 61.77
C ASN G 231 -20.59 -42.90 62.64
N LEU G 232 -20.05 -41.79 62.15
CA LEU G 232 -20.04 -40.54 62.89
C LEU G 232 -21.20 -39.66 62.47
N LYS G 233 -21.70 -38.87 63.43
CA LYS G 233 -22.79 -37.96 63.19
C LYS G 233 -22.57 -36.69 64.01
N GLY G 234 -23.14 -35.60 63.54
CA GLY G 234 -23.02 -34.33 64.24
C GLY G 234 -23.23 -33.17 63.30
N GLU G 235 -23.01 -31.97 63.85
CA GLU G 235 -23.18 -30.74 63.10
C GLU G 235 -21.95 -30.48 62.24
N SER G 236 -22.19 -29.96 61.03
CA SER G 236 -21.08 -29.68 60.11
C SER G 236 -20.13 -28.66 60.70
N TYR G 237 -18.86 -29.07 60.84
CA TYR G 237 -17.88 -28.16 61.44
C TYR G 237 -17.65 -26.94 60.58
N ARG G 238 -17.81 -27.07 59.26
CA ARG G 238 -17.72 -25.88 58.40
C ARG G 238 -18.79 -24.87 58.78
N LEU G 239 -20.03 -25.32 58.93
CA LEU G 239 -21.11 -24.42 59.31
C LEU G 239 -20.89 -23.84 60.70
N ARG G 240 -20.41 -24.65 61.63
CA ARG G 240 -20.16 -24.14 62.97
C ARG G 240 -19.05 -23.10 62.99
N GLU G 241 -17.99 -23.32 62.21
CA GLU G 241 -16.92 -22.32 62.11
C GLU G 241 -17.45 -21.04 61.48
N LYS G 242 -18.30 -21.16 60.46
CA LYS G 242 -18.91 -19.97 59.86
C LYS G 242 -19.74 -19.22 60.90
N ARG G 243 -20.51 -19.95 61.70
CA ARG G 243 -21.31 -19.31 62.75
C ARG G 243 -20.41 -18.59 63.75
N LEU G 244 -19.32 -19.24 64.17
CA LEU G 244 -18.41 -18.61 65.12
C LEU G 244 -17.79 -17.36 64.53
N GLN G 245 -17.41 -17.40 63.24
CA GLN G 245 -16.90 -16.22 62.58
C GLN G 245 -17.94 -15.11 62.56
N GLU G 246 -19.20 -15.46 62.31
CA GLU G 246 -20.27 -14.47 62.35
C GLU G 246 -20.36 -13.82 63.72
N GLU G 247 -20.31 -14.62 64.78
CA GLU G 247 -20.36 -14.09 66.13
C GLU G 247 -18.95 -13.87 66.67
N ASN H 1 21.92 -49.73 75.33
CA ASN H 1 23.35 -49.66 74.95
C ASN H 1 23.55 -48.60 73.86
N MET H 2 24.80 -48.45 73.42
CA MET H 2 25.13 -47.40 72.45
C MET H 2 25.91 -47.98 71.27
N LYS H 3 26.72 -49.00 71.52
CA LYS H 3 27.50 -49.61 70.45
C LYS H 3 26.60 -50.24 69.39
N GLU H 4 25.54 -50.93 69.83
CA GLU H 4 24.63 -51.55 68.88
C GLU H 4 23.92 -50.51 68.03
N ARG H 5 23.55 -49.37 68.65
CA ARG H 5 22.97 -48.28 67.88
C ARG H 5 23.96 -47.75 66.86
N ILE H 6 25.24 -47.67 67.23
CA ILE H 6 26.27 -47.24 66.29
C ILE H 6 26.32 -48.18 65.10
N HIS H 7 26.33 -49.48 65.37
CA HIS H 7 26.40 -50.46 64.28
C HIS H 7 25.17 -50.36 63.39
N GLU H 8 23.98 -50.24 63.98
CA GLU H 8 22.75 -50.15 63.20
C GLU H 8 22.75 -48.90 62.34
N TYR H 9 23.15 -47.77 62.90
CA TYR H 9 23.17 -46.52 62.14
C TYR H 9 24.18 -46.60 61.00
N CYS H 10 25.36 -47.17 61.26
CA CYS H 10 26.36 -47.32 60.20
C CYS H 10 25.83 -48.19 59.07
N HIS H 11 25.17 -49.30 59.41
CA HIS H 11 24.59 -50.15 58.37
C HIS H 11 23.50 -49.40 57.59
N ARG H 12 22.67 -48.63 58.29
CA ARG H 12 21.64 -47.86 57.60
C ARG H 12 22.25 -46.79 56.70
N LEU H 13 23.44 -46.31 57.03
CA LEU H 13 24.14 -45.30 56.26
C LEU H 13 25.04 -45.89 55.19
N HIS H 14 25.01 -47.21 55.01
CA HIS H 14 25.82 -47.89 54.00
C HIS H 14 27.31 -47.86 54.33
N LEU H 15 27.65 -47.90 55.62
CA LEU H 15 29.04 -47.87 56.07
C LEU H 15 29.31 -49.08 56.97
N PRO H 16 29.14 -50.29 56.45
CA PRO H 16 29.54 -51.47 57.24
C PRO H 16 31.03 -51.49 57.56
N VAL H 17 31.86 -51.00 56.65
CA VAL H 17 33.30 -50.96 56.90
C VAL H 17 33.60 -50.08 58.11
N MET H 18 32.99 -48.90 58.16
CA MET H 18 33.17 -48.02 59.31
C MET H 18 32.62 -48.65 60.57
N ALA H 19 31.48 -49.35 60.47
CA ALA H 19 30.91 -50.02 61.63
C ALA H 19 31.88 -51.05 62.20
N GLU H 20 32.53 -51.82 61.32
CA GLU H 20 33.45 -52.85 61.79
C GLU H 20 34.77 -52.25 62.29
N ARG H 21 35.27 -51.23 61.59
CA ARG H 21 36.61 -50.70 61.90
C ARG H 21 36.60 -49.80 63.13
N TRP H 22 35.51 -49.06 63.36
CA TRP H 22 35.55 -47.99 64.35
C TRP H 22 35.87 -48.52 65.75
N SER H 23 35.54 -49.77 66.04
CA SER H 23 35.91 -50.32 67.35
C SER H 23 37.43 -50.38 67.49
N ALA H 24 38.11 -50.99 66.52
CA ALA H 24 39.56 -51.12 66.58
C ALA H 24 40.23 -49.76 66.47
N MET H 25 39.72 -48.88 65.62
CA MET H 25 40.32 -47.55 65.47
C MET H 25 40.12 -46.71 66.74
N ALA H 26 38.98 -46.84 67.40
CA ALA H 26 38.78 -46.16 68.68
C ALA H 26 39.71 -46.71 69.75
N GLU H 27 39.91 -48.04 69.77
CA GLU H 27 40.90 -48.61 70.68
C GLU H 27 42.29 -48.04 70.40
N TYR H 28 42.65 -47.93 69.12
CA TYR H 28 43.93 -47.37 68.73
C TYR H 28 44.05 -45.93 69.22
N ALA H 29 43.00 -45.12 69.02
CA ALA H 29 43.04 -43.73 69.45
C ALA H 29 43.19 -43.63 70.96
N SER H 30 42.48 -44.48 71.71
CA SER H 30 42.61 -44.48 73.16
C SER H 30 44.04 -44.85 73.58
N THR H 31 44.63 -45.84 72.91
CA THR H 31 45.97 -46.27 73.28
C THR H 31 47.00 -45.19 73.03
N HIS H 32 46.79 -44.34 72.01
CA HIS H 32 47.72 -43.28 71.67
C HIS H 32 47.13 -41.89 71.88
N ASN H 33 45.93 -41.79 72.45
CA ASN H 33 45.27 -40.51 72.68
C ASN H 33 45.18 -39.71 71.37
N ILE H 34 44.83 -40.40 70.29
CA ILE H 34 44.68 -39.74 69.01
C ILE H 34 43.50 -38.79 69.04
N SER H 35 43.60 -37.69 68.29
CA SER H 35 42.50 -36.73 68.20
C SER H 35 41.30 -37.37 67.50
N TYR H 36 40.11 -36.93 67.89
CA TYR H 36 38.91 -37.41 67.22
C TYR H 36 38.95 -37.06 65.73
N SER H 37 39.57 -35.95 65.38
CA SER H 37 39.71 -35.59 63.97
C SER H 37 40.47 -36.65 63.21
N GLU H 38 41.63 -37.07 63.71
CA GLU H 38 42.40 -38.09 63.02
C GLU H 38 41.72 -39.46 63.13
N PHE H 39 40.95 -39.68 64.19
CA PHE H 39 40.19 -40.93 64.28
C PHE H 39 39.19 -41.04 63.13
N LEU H 40 38.38 -39.99 62.93
CA LEU H 40 37.46 -40.02 61.78
C LEU H 40 38.22 -40.00 60.46
N PHE H 41 39.38 -39.36 60.42
CA PHE H 41 40.19 -39.39 59.21
C PHE H 41 40.56 -40.83 58.85
N ARG H 42 41.03 -41.60 59.83
CA ARG H 42 41.36 -43.00 59.58
C ARG H 42 40.12 -43.77 59.16
N LEU H 43 39.01 -43.56 59.86
CA LEU H 43 37.77 -44.26 59.52
C LEU H 43 37.38 -44.03 58.07
N LEU H 44 37.32 -42.76 57.67
CA LEU H 44 36.91 -42.42 56.31
C LEU H 44 37.93 -42.89 55.29
N GLU H 45 39.22 -42.77 55.59
CA GLU H 45 40.24 -43.27 54.68
C GLU H 45 40.04 -44.75 54.40
N ALA H 46 39.89 -45.55 55.47
CA ALA H 46 39.72 -46.99 55.28
C ALA H 46 38.43 -47.30 54.53
N GLU H 47 37.34 -46.62 54.89
CA GLU H 47 36.07 -46.88 54.24
C GLU H 47 36.15 -46.57 52.74
N ILE H 48 36.74 -45.43 52.39
CA ILE H 48 36.86 -45.06 50.99
C ILE H 48 37.79 -46.00 50.26
N VAL H 49 38.85 -46.47 50.94
CA VAL H 49 39.75 -47.43 50.30
C VAL H 49 39.00 -48.71 49.95
N GLU H 50 38.24 -49.25 50.91
CA GLU H 50 37.48 -50.47 50.64
C GLU H 50 36.44 -50.24 49.56
N LYS H 51 35.76 -49.09 49.60
CA LYS H 51 34.76 -48.78 48.58
C LYS H 51 35.40 -48.71 47.20
N GLN H 52 36.58 -48.09 47.10
CA GLN H 52 37.27 -47.99 45.82
C GLN H 52 37.68 -49.37 45.32
N ALA H 53 38.17 -50.22 46.21
CA ALA H 53 38.53 -51.58 45.79
C ALA H 53 37.31 -52.33 45.28
N ARG H 54 36.18 -52.22 46.00
CA ARG H 54 34.96 -52.87 45.55
C ARG H 54 34.51 -52.32 44.20
N SER H 55 34.59 -51.01 44.02
CA SER H 55 34.18 -50.41 42.75
C SER H 55 35.07 -50.88 41.61
N ILE H 56 36.38 -50.97 41.86
CA ILE H 56 37.30 -51.43 40.82
C ILE H 56 36.98 -52.88 40.44
N GLN H 57 36.77 -53.74 41.44
CA GLN H 57 36.42 -55.12 41.14
C GLN H 57 35.09 -55.22 40.40
N THR H 58 34.12 -54.40 40.79
CA THR H 58 32.83 -54.40 40.11
C THR H 58 32.98 -53.95 38.66
N LEU H 59 33.79 -52.92 38.42
CA LEU H 59 34.03 -52.49 37.04
C LEU H 59 34.71 -53.59 36.23
N ILE H 60 35.67 -54.29 36.83
CA ILE H 60 36.29 -55.41 36.15
C ILE H 60 35.25 -56.47 35.82
N LYS H 61 34.31 -56.71 36.75
CA LYS H 61 33.23 -57.66 36.48
C LYS H 61 32.39 -57.19 35.30
N LEU H 62 32.04 -55.90 35.27
CA LEU H 62 31.29 -55.37 34.14
C LEU H 62 32.10 -55.48 32.85
N SER H 63 33.38 -55.12 32.91
CA SER H 63 34.25 -55.29 31.77
C SER H 63 34.40 -56.77 31.44
N LYS H 64 34.28 -57.11 30.16
CA LYS H 64 34.36 -58.49 29.71
C LYS H 64 35.82 -58.93 29.59
N LEU H 65 36.53 -58.83 30.70
CA LEU H 65 37.94 -59.20 30.75
C LEU H 65 38.06 -60.71 30.95
N PRO H 66 38.61 -61.45 29.99
CA PRO H 66 38.77 -62.90 30.19
C PRO H 66 39.71 -63.24 31.32
N TYR H 67 40.59 -62.33 31.72
CA TYR H 67 41.53 -62.57 32.80
C TYR H 67 42.21 -61.26 33.16
N ARG H 68 42.81 -61.23 34.34
CA ARG H 68 43.47 -60.03 34.86
C ARG H 68 44.97 -60.15 34.66
N LYS H 69 45.56 -59.16 34.00
CA LYS H 69 47.00 -59.14 33.75
C LYS H 69 47.46 -57.69 33.76
N THR H 70 48.67 -57.46 34.27
CA THR H 70 49.20 -56.13 34.44
C THR H 70 50.46 -55.94 33.60
N ILE H 71 50.74 -54.68 33.28
CA ILE H 71 51.86 -54.35 32.41
C ILE H 71 53.17 -54.84 33.02
N ASP H 72 53.29 -54.76 34.35
CA ASP H 72 54.51 -55.20 35.01
C ASP H 72 54.85 -56.64 34.64
N THR H 73 53.83 -57.46 34.34
CA THR H 73 54.08 -58.83 33.92
C THR H 73 54.78 -58.90 32.57
N PHE H 74 54.72 -57.84 31.78
CA PHE H 74 55.26 -57.85 30.42
C PHE H 74 56.77 -57.63 30.48
N ASP H 75 57.54 -58.69 30.25
CA ASP H 75 58.99 -58.57 30.18
C ASP H 75 59.38 -57.95 28.84
N PHE H 76 59.95 -56.75 28.90
CA PHE H 76 60.32 -56.04 27.69
C PHE H 76 61.65 -56.52 27.10
N THR H 77 62.47 -57.22 27.89
CA THR H 77 63.73 -57.73 27.37
C THR H 77 63.48 -58.79 26.29
N ALA H 78 62.49 -59.66 26.51
CA ALA H 78 62.15 -60.67 25.51
C ALA H 78 61.57 -60.07 24.24
N GLN H 79 61.16 -58.80 24.28
CA GLN H 79 60.58 -58.11 23.12
C GLN H 79 61.36 -56.81 22.91
N PRO H 80 62.53 -56.88 22.24
CA PRO H 80 63.29 -55.65 22.01
C PRO H 80 62.55 -54.62 21.17
N SER H 81 61.56 -55.03 20.39
CA SER H 81 60.86 -54.09 19.52
C SER H 81 60.14 -53.01 20.33
N VAL H 82 59.48 -53.40 21.41
CA VAL H 82 58.72 -52.43 22.21
C VAL H 82 59.68 -51.52 22.96
N ASP H 83 59.25 -50.28 23.18
CA ASP H 83 60.00 -49.29 23.93
C ASP H 83 59.27 -49.00 25.23
N GLU H 84 59.98 -49.14 26.36
CA GLU H 84 59.36 -48.94 27.65
C GLU H 84 58.81 -47.52 27.79
N ARG H 85 59.46 -46.55 27.16
CA ARG H 85 59.01 -45.16 27.26
C ARG H 85 57.58 -45.02 26.75
N ARG H 86 57.31 -45.52 25.55
CA ARG H 86 55.97 -45.36 24.96
C ARG H 86 54.93 -46.16 25.73
N ILE H 87 55.30 -47.36 26.20
CA ILE H 87 54.36 -48.16 26.98
C ILE H 87 53.98 -47.43 28.27
N ARG H 88 54.97 -46.86 28.96
CA ARG H 88 54.68 -46.12 30.18
C ARG H 88 53.85 -44.88 29.87
N GLU H 89 54.13 -44.21 28.76
CA GLU H 89 53.32 -43.07 28.36
C GLU H 89 51.87 -43.48 28.17
N LEU H 90 51.65 -44.64 27.55
CA LEU H 90 50.29 -45.17 27.44
C LEU H 90 49.70 -45.43 28.81
N LEU H 91 50.49 -46.00 29.72
CA LEU H 91 50.01 -46.24 31.08
C LEU H 91 49.58 -44.95 31.75
N THR H 92 50.20 -43.83 31.39
CA THR H 92 49.81 -42.55 31.96
C THR H 92 48.38 -42.14 31.57
N LEU H 93 47.79 -42.80 30.58
CA LEU H 93 46.41 -42.55 30.17
C LEU H 93 46.21 -41.13 29.66
N SER H 94 47.24 -40.55 29.04
CA SER H 94 47.08 -39.25 28.39
C SER H 94 46.30 -39.37 27.08
N PHE H 95 46.23 -40.56 26.51
CA PHE H 95 45.50 -40.74 25.26
C PHE H 95 44.01 -40.43 25.44
N ILE H 96 43.47 -40.70 26.63
CA ILE H 96 42.07 -40.41 26.89
C ILE H 96 41.83 -38.91 26.76
N ASP H 97 42.70 -38.11 27.36
CA ASP H 97 42.60 -36.65 27.23
C ASP H 97 42.81 -36.23 25.78
N ARG H 98 43.79 -36.82 25.10
CA ARG H 98 44.08 -36.47 23.72
C ARG H 98 43.19 -37.20 22.72
N LYS H 99 42.42 -38.19 23.17
CA LYS H 99 41.51 -38.92 22.29
C LYS H 99 42.27 -39.59 21.14
N GLU H 100 43.19 -40.47 21.52
CA GLU H 100 44.02 -41.19 20.57
C GLU H 100 43.60 -42.65 20.53
N ASN H 101 43.40 -43.18 19.33
CA ASN H 101 43.02 -44.57 19.13
C ASN H 101 44.29 -45.41 19.02
N ILE H 102 44.51 -46.29 19.99
CA ILE H 102 45.73 -47.08 20.07
C ILE H 102 45.55 -48.35 19.26
N LEU H 103 46.52 -48.64 18.39
CA LEU H 103 46.49 -49.81 17.53
C LEU H 103 47.76 -50.63 17.74
N PHE H 104 47.60 -51.95 17.79
CA PHE H 104 48.71 -52.87 17.89
C PHE H 104 48.69 -53.83 16.71
N LEU H 105 49.85 -53.99 16.07
CA LEU H 105 49.98 -54.85 14.90
C LEU H 105 51.25 -55.69 15.04
N GLY H 106 51.17 -56.91 14.49
CA GLY H 106 52.31 -57.80 14.48
C GLY H 106 51.89 -59.25 14.35
N PRO H 107 52.86 -60.13 14.12
CA PRO H 107 52.56 -61.57 14.03
C PRO H 107 52.04 -62.09 15.36
N PRO H 108 51.39 -63.26 15.35
CA PRO H 108 50.76 -63.75 16.58
C PRO H 108 51.78 -64.06 17.67
N GLY H 109 51.33 -63.92 18.91
CA GLY H 109 52.10 -64.35 20.06
C GLY H 109 53.06 -63.33 20.65
N ILE H 110 53.13 -62.12 20.08
CA ILE H 110 54.07 -61.12 20.59
C ILE H 110 53.70 -60.73 22.02
N GLY H 111 52.43 -60.47 22.27
CA GLY H 111 51.98 -60.05 23.58
C GLY H 111 51.25 -58.73 23.57
N LYS H 112 50.83 -58.29 22.38
CA LYS H 112 50.14 -57.01 22.27
C LYS H 112 48.81 -57.03 23.01
N THR H 113 48.05 -58.12 22.89
CA THR H 113 46.79 -58.21 23.60
C THR H 113 46.99 -58.13 25.12
N HIS H 114 48.10 -58.67 25.60
CA HIS H 114 48.42 -58.54 27.02
C HIS H 114 48.58 -57.07 27.41
N LEU H 115 49.28 -56.30 26.59
CA LEU H 115 49.44 -54.87 26.85
C LEU H 115 48.09 -54.15 26.83
N ALA H 116 47.24 -54.50 25.85
CA ALA H 116 45.93 -53.86 25.77
C ALA H 116 45.12 -54.16 27.03
N ILE H 117 45.13 -55.41 27.48
CA ILE H 117 44.37 -55.78 28.66
C ILE H 117 44.94 -55.09 29.90
N SER H 118 46.26 -54.94 29.97
CA SER H 118 46.86 -54.22 31.10
C SER H 118 46.43 -52.77 31.12
N ILE H 119 46.41 -52.12 29.95
CA ILE H 119 45.96 -50.72 29.89
C ILE H 119 44.49 -50.64 30.29
N GLY H 120 43.67 -51.59 29.83
CA GLY H 120 42.28 -51.59 30.25
C GLY H 120 42.12 -51.77 31.75
N MET H 121 42.95 -52.64 32.34
CA MET H 121 42.91 -52.83 33.79
C MET H 121 43.27 -51.56 34.53
N GLU H 122 44.30 -50.85 34.05
CA GLU H 122 44.65 -49.57 34.65
C GLU H 122 43.51 -48.57 34.54
N ALA H 123 42.87 -48.52 33.36
CA ALA H 123 41.75 -47.61 33.19
C ALA H 123 40.61 -47.93 34.15
N ILE H 124 40.32 -49.22 34.32
CA ILE H 124 39.30 -49.63 35.28
C ILE H 124 39.69 -49.20 36.69
N ALA H 125 40.96 -49.40 37.05
CA ALA H 125 41.43 -49.07 38.39
C ALA H 125 41.27 -47.57 38.66
N ARG H 126 41.60 -46.73 37.67
CA ARG H 126 41.53 -45.29 37.85
C ARG H 126 40.12 -44.74 37.72
N GLY H 127 39.11 -45.60 37.59
CA GLY H 127 37.73 -45.18 37.57
C GLY H 127 37.13 -45.06 36.18
N TYR H 128 37.96 -44.97 35.14
CA TYR H 128 37.45 -44.89 33.78
C TYR H 128 36.82 -46.21 33.38
N LYS H 129 35.57 -46.16 32.93
CA LYS H 129 34.88 -47.37 32.50
C LYS H 129 35.60 -47.98 31.30
N THR H 130 35.69 -49.30 31.31
CA THR H 130 36.36 -50.04 30.24
C THR H 130 35.48 -51.20 29.81
N TYR H 131 35.52 -51.50 28.51
CA TYR H 131 34.79 -52.63 27.96
C TYR H 131 35.70 -53.38 26.99
N PHE H 132 35.49 -54.69 26.90
CA PHE H 132 36.29 -55.56 26.06
C PHE H 132 35.36 -56.39 25.19
N ILE H 133 35.76 -56.58 23.93
CA ILE H 133 34.95 -57.35 22.98
C ILE H 133 35.84 -57.75 21.83
N THR H 134 35.49 -58.86 21.17
CA THR H 134 36.17 -59.30 19.97
C THR H 134 35.38 -58.86 18.75
N ALA H 135 36.10 -58.75 17.62
CA ALA H 135 35.46 -58.30 16.39
C ALA H 135 34.31 -59.21 16.01
N HIS H 136 34.53 -60.53 16.06
CA HIS H 136 33.48 -61.48 15.69
C HIS H 136 32.31 -61.40 16.66
N ASP H 137 32.60 -61.36 17.96
CA ASP H 137 31.52 -61.25 18.95
C ASP H 137 30.77 -59.94 18.81
N LEU H 138 31.49 -58.84 18.58
CA LEU H 138 30.84 -57.56 18.36
C LEU H 138 29.89 -57.64 17.17
N VAL H 139 30.37 -58.23 16.07
CA VAL H 139 29.56 -58.34 14.86
C VAL H 139 28.32 -59.17 15.13
N ASN H 140 28.48 -60.30 15.81
CA ASN H 140 27.33 -61.16 16.07
C ASN H 140 26.30 -60.48 16.96
N GLN H 141 26.77 -59.81 18.02
CA GLN H 141 25.86 -59.13 18.92
C GLN H 141 25.11 -58.02 18.19
N LEU H 142 25.83 -57.25 17.36
CA LEU H 142 25.17 -56.19 16.60
C LEU H 142 24.17 -56.76 15.61
N ARG H 143 24.49 -57.88 14.97
CA ARG H 143 23.56 -58.51 14.04
C ARG H 143 22.28 -58.91 14.78
N ARG H 144 22.41 -59.58 15.91
CA ARG H 144 21.23 -60.00 16.66
C ARG H 144 20.43 -58.80 17.14
N ALA H 145 21.10 -57.75 17.59
CA ALA H 145 20.40 -56.55 18.05
C ALA H 145 19.62 -55.91 16.90
N ASP H 146 20.25 -55.80 15.73
CA ASP H 146 19.54 -55.23 14.58
C ASP H 146 18.35 -56.09 14.20
N GLN H 147 18.49 -57.41 14.28
CA GLN H 147 17.36 -58.29 14.01
C GLN H 147 16.24 -58.04 14.99
N GLU H 148 16.57 -57.84 16.28
CA GLU H 148 15.57 -57.62 17.30
C GLU H 148 15.07 -56.18 17.36
N GLY H 149 15.70 -55.26 16.64
CA GLY H 149 15.30 -53.87 16.67
C GLY H 149 15.90 -53.06 17.79
N LYS H 150 16.75 -53.66 18.63
CA LYS H 150 17.42 -52.95 19.72
C LYS H 150 18.84 -52.53 19.33
N LEU H 151 19.06 -52.20 18.05
CA LEU H 151 20.40 -51.88 17.60
C LEU H 151 20.98 -50.69 18.35
N GLU H 152 20.16 -49.64 18.55
CA GLU H 152 20.63 -48.48 19.29
C GLU H 152 21.12 -48.86 20.68
N LYS H 153 20.45 -49.83 21.31
CA LYS H 153 20.84 -50.22 22.67
C LYS H 153 22.25 -50.77 22.69
N LYS H 154 22.57 -51.71 21.79
CA LYS H 154 23.91 -52.28 21.77
C LYS H 154 24.95 -51.27 21.29
N LEU H 155 24.57 -50.42 20.32
CA LEU H 155 25.48 -49.35 19.91
C LEU H 155 25.86 -48.49 21.10
N ARG H 156 24.89 -48.12 21.93
CA ARG H 156 25.19 -47.36 23.13
C ARG H 156 26.00 -48.18 24.11
N VAL H 157 25.75 -49.48 24.19
CA VAL H 157 26.51 -50.33 25.10
C VAL H 157 27.98 -50.31 24.72
N PHE H 158 28.28 -50.28 23.43
CA PHE H 158 29.66 -50.26 22.96
C PHE H 158 30.25 -48.86 22.89
N VAL H 159 29.42 -47.82 22.92
CA VAL H 159 29.92 -46.45 22.85
C VAL H 159 30.17 -45.86 24.24
N LYS H 160 29.27 -46.14 25.18
CA LYS H 160 29.40 -45.59 26.53
C LYS H 160 30.75 -45.90 27.16
N PRO H 161 31.29 -47.12 27.07
CA PRO H 161 32.59 -47.39 27.70
C PRO H 161 33.65 -46.36 27.34
N THR H 162 34.23 -45.73 28.36
CA THR H 162 35.24 -44.71 28.11
C THR H 162 36.41 -45.27 27.32
N VAL H 163 36.68 -46.56 27.46
CA VAL H 163 37.77 -47.22 26.73
C VAL H 163 37.25 -48.56 26.24
N LEU H 164 37.05 -48.68 24.93
CA LEU H 164 36.62 -49.92 24.31
C LEU H 164 37.81 -50.63 23.71
N ILE H 165 37.87 -51.94 23.93
CA ILE H 165 39.01 -52.76 23.49
C ILE H 165 38.47 -53.80 22.52
N ILE H 166 38.69 -53.58 21.23
CA ILE H 166 38.36 -54.54 20.19
C ILE H 166 39.55 -55.45 19.99
N ASP H 167 39.32 -56.76 20.07
CA ASP H 167 40.38 -57.75 20.03
C ASP H 167 40.14 -58.75 18.92
N GLN H 168 41.22 -59.40 18.49
CA GLN H 168 41.17 -60.43 17.45
C GLN H 168 40.51 -59.90 16.19
N MET H 169 40.92 -58.69 15.79
CA MET H 169 40.44 -58.06 14.56
C MET H 169 41.35 -58.50 13.42
N GLY H 170 40.86 -59.40 12.57
CA GLY H 170 41.63 -59.87 11.43
C GLY H 170 41.69 -61.37 11.31
N TYR H 171 41.72 -62.07 12.44
CA TYR H 171 41.78 -63.52 12.41
C TYR H 171 40.56 -64.11 11.71
N LEU H 172 39.39 -63.52 11.95
CA LEU H 172 38.15 -63.96 11.33
C LEU H 172 37.73 -62.94 10.28
N LYS H 173 37.34 -63.42 9.11
CA LYS H 173 36.93 -62.54 8.02
C LYS H 173 35.50 -62.02 8.25
N LEU H 174 35.23 -60.84 7.72
CA LEU H 174 33.97 -60.15 7.94
C LEU H 174 33.26 -59.89 6.61
N ASP H 175 31.94 -60.05 6.62
CA ASP H 175 31.09 -59.76 5.48
C ASP H 175 30.70 -58.29 5.48
N PRO H 176 30.24 -57.76 4.35
CA PRO H 176 29.95 -56.32 4.29
C PRO H 176 28.93 -55.86 5.32
N ASN H 177 27.93 -56.68 5.65
CA ASN H 177 27.00 -56.31 6.70
C ASN H 177 27.73 -56.09 8.02
N SER H 178 28.62 -57.03 8.37
CA SER H 178 29.47 -56.84 9.55
C SER H 178 30.36 -55.63 9.40
N ALA H 179 30.80 -55.32 8.17
CA ALA H 179 31.61 -54.14 7.96
C ALA H 179 30.85 -52.88 8.34
N HIS H 180 29.58 -52.77 7.91
CA HIS H 180 28.79 -51.60 8.27
C HIS H 180 28.47 -51.58 9.76
N TYR H 181 28.25 -52.75 10.35
CA TYR H 181 28.01 -52.81 11.79
C TYR H 181 29.20 -52.26 12.56
N LEU H 182 30.42 -52.65 12.16
CA LEU H 182 31.62 -52.13 12.79
C LEU H 182 31.79 -50.64 12.51
N PHE H 183 31.46 -50.21 11.29
CA PHE H 183 31.61 -48.81 10.92
C PHE H 183 30.73 -47.92 11.78
N GLN H 184 29.51 -48.38 12.09
CA GLN H 184 28.64 -47.59 12.95
C GLN H 184 29.29 -47.32 14.30
N VAL H 185 29.88 -48.34 14.90
CA VAL H 185 30.55 -48.16 16.19
C VAL H 185 31.72 -47.20 16.03
N ILE H 186 32.52 -47.39 14.98
CA ILE H 186 33.69 -46.53 14.80
C ILE H 186 33.25 -45.07 14.67
N ALA H 187 32.21 -44.82 13.88
CA ALA H 187 31.73 -43.46 13.68
C ALA H 187 31.20 -42.87 14.98
N ARG H 188 30.39 -43.64 15.72
CA ARG H 188 29.88 -43.13 16.99
C ARG H 188 31.00 -42.81 17.96
N ARG H 189 32.13 -43.53 17.86
CA ARG H 189 33.28 -43.29 18.72
C ARG H 189 34.40 -42.55 17.98
N TYR H 190 34.08 -41.84 16.90
CA TYR H 190 35.11 -41.22 16.09
C TYR H 190 35.93 -40.23 16.90
N GLU H 191 35.28 -39.30 17.60
CA GLU H 191 35.96 -38.26 18.36
C GLU H 191 35.30 -38.07 19.71
N HIS H 192 34.95 -39.16 20.37
CA HIS H 192 34.34 -39.11 21.69
C HIS H 192 35.11 -39.89 22.73
N ALA H 193 35.60 -41.08 22.40
CA ALA H 193 36.33 -41.92 23.34
C ALA H 193 37.43 -42.65 22.59
N PRO H 194 38.53 -43.00 23.26
CA PRO H 194 39.57 -43.78 22.59
C PRO H 194 39.13 -45.22 22.36
N ILE H 195 39.80 -45.85 21.39
CA ILE H 195 39.59 -47.26 21.07
C ILE H 195 40.95 -47.95 21.05
N ILE H 196 41.06 -49.08 21.73
CA ILE H 196 42.28 -49.87 21.77
C ILE H 196 42.02 -51.14 20.96
N LEU H 197 42.76 -51.30 19.87
CA LEU H 197 42.54 -52.40 18.94
C LEU H 197 43.85 -53.15 18.71
N THR H 198 43.72 -54.46 18.52
CA THR H 198 44.84 -55.34 18.24
C THR H 198 44.51 -56.20 17.04
N SER H 199 45.48 -56.32 16.12
CA SER H 199 45.27 -57.08 14.90
C SER H 199 46.60 -57.63 14.42
N ASN H 200 46.52 -58.62 13.54
CA ASN H 200 47.69 -59.25 12.94
C ASN H 200 47.80 -58.96 11.45
N LYS H 201 46.86 -58.24 10.86
CA LYS H 201 46.85 -57.94 9.44
C LYS H 201 47.20 -56.48 9.22
N SER H 202 47.94 -56.22 8.14
CA SER H 202 48.25 -54.85 7.77
C SER H 202 46.99 -54.12 7.32
N PHE H 203 47.04 -52.79 7.38
CA PHE H 203 45.86 -51.98 7.07
C PHE H 203 45.34 -52.29 5.68
N GLY H 204 46.24 -52.60 4.73
CA GLY H 204 45.79 -52.90 3.38
C GLY H 204 44.87 -54.11 3.32
N GLU H 205 45.14 -55.12 4.14
CA GLU H 205 44.35 -56.34 4.12
C GLU H 205 42.93 -56.11 4.61
N TRP H 206 42.66 -54.99 5.28
CA TRP H 206 41.32 -54.75 5.81
C TRP H 206 40.30 -54.70 4.70
N GLY H 207 40.71 -54.30 3.49
CA GLY H 207 39.78 -54.32 2.37
C GLY H 207 39.25 -55.71 2.09
N GLU H 208 40.14 -56.70 2.06
CA GLU H 208 39.71 -58.08 1.90
C GLU H 208 38.96 -58.57 3.14
N ILE H 209 39.38 -58.11 4.32
CA ILE H 209 38.75 -58.57 5.56
C ILE H 209 37.28 -58.16 5.58
N VAL H 210 36.96 -56.95 5.10
CA VAL H 210 35.61 -56.43 5.18
C VAL H 210 34.83 -56.61 3.89
N GLY H 211 35.48 -56.99 2.80
CA GLY H 211 34.79 -57.16 1.54
C GLY H 211 34.37 -55.88 0.87
N ASP H 212 35.00 -54.76 1.21
CA ASP H 212 34.68 -53.47 0.60
C ASP H 212 35.85 -52.53 0.84
N SER H 213 36.52 -52.11 -0.24
CA SER H 213 37.69 -51.26 -0.10
C SER H 213 37.32 -49.90 0.47
N VAL H 214 36.18 -49.34 0.05
CA VAL H 214 35.84 -47.97 0.45
C VAL H 214 35.50 -47.92 1.95
N LEU H 215 34.72 -48.88 2.43
CA LEU H 215 34.42 -48.93 3.86
C LEU H 215 35.70 -49.12 4.67
N ALA H 216 36.60 -49.98 4.20
CA ALA H 216 37.87 -50.14 4.88
C ALA H 216 38.64 -48.83 4.93
N THR H 217 38.66 -48.09 3.82
CA THR H 217 39.36 -46.81 3.80
C THR H 217 38.75 -45.84 4.79
N ALA H 218 37.42 -45.75 4.83
CA ALA H 218 36.76 -44.82 5.74
C ALA H 218 37.05 -45.18 7.19
N MET H 219 36.92 -46.47 7.53
CA MET H 219 37.20 -46.90 8.90
C MET H 219 38.64 -46.63 9.27
N LEU H 220 39.58 -46.92 8.35
CA LEU H 220 40.99 -46.67 8.63
C LEU H 220 41.26 -45.18 8.84
N ASP H 221 40.66 -44.33 8.02
CA ASP H 221 40.86 -42.90 8.18
C ASP H 221 40.34 -42.43 9.53
N ARG H 222 39.13 -42.84 9.89
CA ARG H 222 38.56 -42.42 11.17
C ARG H 222 39.40 -42.96 12.33
N LEU H 223 39.92 -44.17 12.20
CA LEU H 223 40.70 -44.78 13.28
C LEU H 223 42.07 -44.14 13.42
N LEU H 224 42.69 -43.77 12.31
CA LEU H 224 44.05 -43.26 12.30
C LEU H 224 44.13 -41.74 12.40
N HIS H 225 43.00 -41.04 12.34
CA HIS H 225 43.04 -39.58 12.47
C HIS H 225 43.76 -39.18 13.75
N HIS H 226 43.38 -39.80 14.87
CA HIS H 226 44.03 -39.60 16.17
C HIS H 226 44.36 -40.99 16.70
N SER H 227 45.62 -41.39 16.61
CA SER H 227 46.00 -42.76 16.94
C SER H 227 47.49 -42.80 17.29
N ILE H 228 47.88 -43.93 17.88
CA ILE H 228 49.29 -44.23 18.15
C ILE H 228 49.47 -45.72 17.86
N ILE H 229 50.15 -46.04 16.77
CA ILE H 229 50.25 -47.40 16.28
C ILE H 229 51.56 -48.01 16.74
N PHE H 230 51.59 -49.35 16.80
CA PHE H 230 52.79 -50.10 17.15
C PHE H 230 52.83 -51.36 16.28
N ASN H 231 53.70 -51.36 15.27
CA ASN H 231 53.91 -52.53 14.43
C ASN H 231 55.02 -53.37 15.07
N LEU H 232 54.64 -54.10 16.11
CA LEU H 232 55.60 -54.87 16.88
C LEU H 232 55.94 -56.18 16.18
N LYS H 233 57.19 -56.60 16.33
CA LYS H 233 57.68 -57.84 15.73
C LYS H 233 58.67 -58.49 16.68
N GLY H 234 58.86 -59.78 16.50
CA GLY H 234 59.78 -60.53 17.35
C GLY H 234 59.46 -62.02 17.33
N GLU H 235 59.80 -62.68 18.43
CA GLU H 235 59.61 -64.11 18.58
C GLU H 235 58.37 -64.38 19.42
N SER H 236 57.57 -65.36 18.99
CA SER H 236 56.33 -65.69 19.68
C SER H 236 56.61 -66.07 21.12
N TYR H 237 56.07 -65.28 22.05
CA TYR H 237 56.26 -65.56 23.47
C TYR H 237 55.74 -66.95 23.84
N ARG H 238 54.65 -67.38 23.20
CA ARG H 238 54.16 -68.74 23.45
C ARG H 238 55.21 -69.78 23.05
N LEU H 239 55.84 -69.58 21.89
CA LEU H 239 56.89 -70.51 21.47
C LEU H 239 58.08 -70.47 22.40
N ARG H 240 58.43 -69.28 22.90
CA ARG H 240 59.57 -69.18 23.81
C ARG H 240 59.27 -69.90 25.13
N GLU H 241 58.06 -69.74 25.66
CA GLU H 241 57.68 -70.48 26.86
C GLU H 241 57.69 -71.98 26.60
N LYS H 242 57.22 -72.39 25.43
CA LYS H 242 57.26 -73.81 25.07
C LYS H 242 58.68 -74.33 25.03
N ARG H 243 59.59 -73.57 24.43
CA ARG H 243 60.99 -73.98 24.36
C ARG H 243 61.60 -74.08 25.76
N LEU H 244 61.30 -73.11 26.63
CA LEU H 244 61.81 -73.17 27.99
C LEU H 244 61.27 -74.39 28.72
N GLN H 245 59.99 -74.71 28.51
CA GLN H 245 59.43 -75.93 29.09
C GLN H 245 60.16 -77.17 28.57
N GLU H 246 60.48 -77.18 27.28
CA GLU H 246 61.22 -78.30 26.71
C GLU H 246 62.58 -78.45 27.39
N GLU H 247 63.28 -77.32 27.57
CA GLU H 247 64.60 -77.35 28.21
C GLU H 247 64.50 -76.92 29.66
N ASN I 1 37.44 -94.40 54.17
CA ASN I 1 37.12 -95.42 55.20
C ASN I 1 35.75 -96.04 54.94
N MET I 2 34.84 -95.99 55.91
CA MET I 2 33.51 -96.57 55.79
C MET I 2 32.41 -95.51 55.79
N LYS I 3 32.38 -94.66 56.83
CA LYS I 3 31.32 -93.66 56.92
C LYS I 3 31.39 -92.67 55.76
N GLU I 4 32.59 -92.20 55.43
CA GLU I 4 32.72 -91.22 54.35
C GLU I 4 32.26 -91.80 53.02
N ARG I 5 32.64 -93.05 52.73
CA ARG I 5 32.20 -93.68 51.49
C ARG I 5 30.69 -93.83 51.46
N ILE I 6 30.10 -94.24 52.58
CA ILE I 6 28.64 -94.39 52.64
C ILE I 6 27.96 -93.07 52.38
N HIS I 7 28.44 -92.00 53.02
CA HIS I 7 27.83 -90.68 52.83
C HIS I 7 27.96 -90.23 51.39
N GLU I 8 29.14 -90.41 50.79
CA GLU I 8 29.34 -90.01 49.40
C GLU I 8 28.43 -90.79 48.47
N TYR I 9 28.28 -92.10 48.71
CA TYR I 9 27.41 -92.91 47.86
C TYR I 9 25.96 -92.48 47.98
N CYS I 10 25.51 -92.20 49.21
CA CYS I 10 24.14 -91.73 49.40
C CYS I 10 23.92 -90.42 48.67
N HIS I 11 24.88 -89.50 48.76
CA HIS I 11 24.76 -88.25 48.01
C HIS I 11 24.73 -88.49 46.51
N ARG I 12 25.58 -89.38 46.02
CA ARG I 12 25.63 -89.65 44.58
C ARG I 12 24.34 -90.26 44.08
N LEU I 13 23.64 -91.02 44.92
CA LEU I 13 22.33 -91.56 44.57
C LEU I 13 21.18 -90.71 45.09
N HIS I 14 21.46 -89.50 45.58
CA HIS I 14 20.43 -88.60 46.07
C HIS I 14 19.64 -89.25 47.21
N LEU I 15 20.36 -89.77 48.19
CA LEU I 15 19.75 -90.48 49.30
C LEU I 15 20.13 -89.83 50.63
N PRO I 16 19.93 -88.52 50.79
CA PRO I 16 20.23 -87.91 52.10
C PRO I 16 19.26 -88.34 53.18
N VAL I 17 17.98 -88.51 52.83
CA VAL I 17 17.01 -89.01 53.80
C VAL I 17 17.43 -90.37 54.32
N MET I 18 17.79 -91.27 53.41
CA MET I 18 18.34 -92.56 53.83
C MET I 18 19.69 -92.38 54.52
N ALA I 19 20.50 -91.43 54.04
CA ALA I 19 21.81 -91.21 54.63
C ALA I 19 21.69 -90.90 56.12
N GLU I 20 20.64 -90.18 56.52
CA GLU I 20 20.44 -89.82 57.92
C GLU I 20 19.67 -90.89 58.68
N ARG I 21 18.63 -91.47 58.07
CA ARG I 21 17.79 -92.42 58.78
C ARG I 21 18.42 -93.80 58.91
N TRP I 22 19.43 -94.12 58.10
CA TRP I 22 20.18 -95.36 58.35
C TRP I 22 21.06 -95.19 59.59
N SER I 23 21.58 -93.99 59.83
CA SER I 23 22.32 -93.74 61.06
C SER I 23 21.47 -93.99 62.29
N ALA I 24 20.15 -93.82 62.19
CA ALA I 24 19.22 -94.09 63.28
C ALA I 24 18.67 -95.50 63.22
N MET I 25 18.23 -95.94 62.04
CA MET I 25 17.60 -97.24 61.93
C MET I 25 18.60 -98.38 62.13
N ALA I 26 19.88 -98.14 61.84
CA ALA I 26 20.89 -99.15 62.16
C ALA I 26 20.99 -99.38 63.65
N GLU I 27 21.00 -98.29 64.44
CA GLU I 27 20.98 -98.43 65.89
C GLU I 27 19.68 -99.10 66.35
N TYR I 28 18.56 -98.71 65.75
CA TYR I 28 17.27 -99.30 66.10
C TYR I 28 17.31 -100.82 65.89
N ALA I 29 17.78 -101.25 64.72
CA ALA I 29 17.84 -102.68 64.42
C ALA I 29 18.83 -103.40 65.33
N SER I 30 19.98 -102.78 65.59
CA SER I 30 20.96 -103.38 66.49
C SER I 30 20.34 -103.61 67.87
N THR I 31 19.54 -102.67 68.34
CA THR I 31 18.86 -102.85 69.62
C THR I 31 17.87 -104.01 69.57
N HIS I 32 17.15 -104.16 68.47
CA HIS I 32 16.09 -105.15 68.34
C HIS I 32 16.45 -106.30 67.41
N ASN I 33 17.63 -106.30 66.80
CA ASN I 33 18.05 -107.36 65.88
C ASN I 33 17.04 -107.53 64.75
N ILE I 34 16.68 -106.42 64.11
CA ILE I 34 15.71 -106.46 63.02
C ILE I 34 16.32 -107.14 61.81
N SER I 35 15.47 -107.78 61.02
CA SER I 35 15.93 -108.45 59.80
C SER I 35 16.47 -107.42 58.81
N TYR I 36 17.42 -107.85 57.98
CA TYR I 36 18.00 -106.95 57.00
C TYR I 36 16.96 -106.46 56.00
N SER I 37 16.08 -107.35 55.55
CA SER I 37 15.03 -106.94 54.62
C SER I 37 14.12 -105.91 55.26
N GLU I 38 13.75 -106.11 56.53
CA GLU I 38 12.89 -105.15 57.22
C GLU I 38 13.60 -103.81 57.41
N PHE I 39 14.89 -103.84 57.71
CA PHE I 39 15.65 -102.60 57.85
C PHE I 39 15.67 -101.83 56.53
N LEU I 40 15.92 -102.55 55.43
CA LEU I 40 15.89 -101.89 54.11
C LEU I 40 14.50 -101.36 53.81
N PHE I 41 13.46 -102.10 54.19
CA PHE I 41 12.10 -101.63 53.97
C PHE I 41 11.84 -100.35 54.75
N ARG I 42 12.29 -100.29 56.00
CA ARG I 42 12.13 -99.06 56.78
C ARG I 42 12.82 -97.89 56.11
N LEU I 43 14.08 -98.09 55.70
CA LEU I 43 14.82 -97.00 55.08
C LEU I 43 14.14 -96.54 53.79
N LEU I 44 13.73 -97.49 52.95
CA LEU I 44 13.08 -97.14 51.70
C LEU I 44 11.75 -96.43 51.93
N GLU I 45 10.97 -96.90 52.91
CA GLU I 45 9.70 -96.26 53.20
C GLU I 45 9.90 -94.82 53.63
N ALA I 46 10.87 -94.59 54.52
CA ALA I 46 11.12 -93.22 54.97
C ALA I 46 11.62 -92.35 53.82
N GLU I 47 12.52 -92.89 52.99
CA GLU I 47 13.01 -92.14 51.85
C GLU I 47 11.88 -91.75 50.91
N ILE I 48 10.99 -92.71 50.61
CA ILE I 48 9.88 -92.43 49.71
C ILE I 48 8.91 -91.44 50.33
N VAL I 49 8.70 -91.51 51.64
CA VAL I 49 7.82 -90.56 52.30
C VAL I 49 8.38 -89.14 52.17
N GLU I 50 9.67 -88.98 52.44
CA GLU I 50 10.27 -87.65 52.33
C GLU I 50 10.26 -87.17 50.88
N LYS I 51 10.52 -88.07 49.93
CA LYS I 51 10.45 -87.69 48.52
C LYS I 51 9.05 -87.26 48.13
N GLN I 52 8.03 -87.97 48.62
CA GLN I 52 6.65 -87.59 48.32
C GLN I 52 6.32 -86.23 48.91
N ALA I 53 6.79 -85.97 50.13
CA ALA I 53 6.54 -84.65 50.74
C ALA I 53 7.20 -83.55 49.92
N ARG I 54 8.45 -83.76 49.50
CA ARG I 54 9.14 -82.74 48.70
C ARG I 54 8.45 -82.57 47.35
N SER I 55 8.00 -83.66 46.73
CA SER I 55 7.30 -83.56 45.46
C SER I 55 5.98 -82.80 45.61
N ILE I 56 5.27 -83.04 46.71
CA ILE I 56 4.02 -82.31 46.96
C ILE I 56 4.30 -80.83 47.11
N GLN I 57 5.36 -80.49 47.87
CA GLN I 57 5.71 -79.08 48.02
C GLN I 57 6.06 -78.45 46.68
N THR I 58 6.84 -79.18 45.86
CA THR I 58 7.23 -78.65 44.55
C THR I 58 6.01 -78.45 43.67
N LEU I 59 5.07 -79.41 43.69
CA LEU I 59 3.85 -79.27 42.89
C LEU I 59 3.04 -78.07 43.35
N ILE I 60 2.92 -77.87 44.66
CA ILE I 60 2.22 -76.71 45.18
C ILE I 60 2.88 -75.43 44.69
N LYS I 61 4.22 -75.42 44.69
CA LYS I 61 4.94 -74.24 44.18
C LYS I 61 4.64 -74.02 42.70
N LEU I 62 4.63 -75.09 41.91
CA LEU I 62 4.38 -74.95 40.48
C LEU I 62 3.00 -74.37 40.21
N SER I 63 1.97 -74.96 40.80
CA SER I 63 0.63 -74.43 40.64
C SER I 63 0.53 -73.05 41.27
N LYS I 64 -0.08 -72.11 40.53
CA LYS I 64 -0.21 -70.74 41.00
C LYS I 64 -1.39 -70.62 41.97
N LEU I 65 -1.30 -71.37 43.06
CA LEU I 65 -2.33 -71.34 44.09
C LEU I 65 -2.10 -70.11 44.98
N PRO I 66 -3.04 -69.17 45.06
CA PRO I 66 -2.80 -67.98 45.90
C PRO I 66 -2.63 -68.31 47.37
N TYR I 67 -3.22 -69.40 47.85
CA TYR I 67 -3.13 -69.79 49.25
C TYR I 67 -3.49 -71.27 49.37
N ARG I 68 -3.18 -71.83 50.54
CA ARG I 68 -3.44 -73.24 50.82
C ARG I 68 -4.64 -73.37 51.72
N LYS I 69 -5.58 -74.23 51.32
CA LYS I 69 -6.80 -74.46 52.09
C LYS I 69 -7.31 -75.86 51.77
N THR I 70 -7.78 -76.54 52.81
CA THR I 70 -8.25 -77.92 52.69
C THR I 70 -9.72 -78.02 53.11
N ILE I 71 -10.42 -79.00 52.55
CA ILE I 71 -11.82 -79.21 52.90
C ILE I 71 -11.98 -79.51 54.38
N ASP I 72 -10.90 -79.90 55.06
CA ASP I 72 -10.96 -80.10 56.50
C ASP I 72 -11.34 -78.80 57.21
N THR I 73 -10.76 -77.69 56.79
CA THR I 73 -11.10 -76.38 57.35
C THR I 73 -12.23 -75.73 56.53
N PHE I 74 -13.35 -76.44 56.49
CA PHE I 74 -14.51 -76.00 55.72
C PHE I 74 -15.75 -76.59 56.39
N ASP I 75 -16.50 -75.76 57.12
CA ASP I 75 -17.68 -76.20 57.82
C ASP I 75 -18.88 -76.16 56.87
N PHE I 76 -19.54 -77.29 56.70
CA PHE I 76 -20.73 -77.36 55.85
C PHE I 76 -21.98 -76.85 56.54
N THR I 77 -21.94 -76.64 57.86
CA THR I 77 -23.10 -76.09 58.55
C THR I 77 -23.41 -74.69 58.04
N ALA I 78 -22.37 -73.88 57.81
CA ALA I 78 -22.57 -72.54 57.27
C ALA I 78 -23.05 -72.57 55.83
N GLN I 79 -22.98 -73.71 55.15
CA GLN I 79 -23.42 -73.87 53.77
C GLN I 79 -24.32 -75.09 53.68
N PRO I 80 -25.56 -75.00 54.17
CA PRO I 80 -26.48 -76.14 54.05
C PRO I 80 -26.81 -76.51 52.61
N SER I 81 -26.66 -75.58 51.66
CA SER I 81 -27.08 -75.85 50.30
C SER I 81 -26.26 -76.99 49.68
N VAL I 82 -24.95 -77.00 49.90
CA VAL I 82 -24.11 -78.01 49.26
C VAL I 82 -24.49 -79.39 49.78
N ASP I 83 -24.14 -80.41 48.99
CA ASP I 83 -24.31 -81.80 49.36
C ASP I 83 -22.94 -82.38 49.66
N GLU I 84 -22.69 -82.74 50.91
CA GLU I 84 -21.39 -83.28 51.29
C GLU I 84 -21.07 -84.52 50.46
N ARG I 85 -22.08 -85.33 50.15
CA ARG I 85 -21.85 -86.52 49.34
C ARG I 85 -21.24 -86.16 47.99
N ARG I 86 -21.83 -85.17 47.31
CA ARG I 86 -21.31 -84.77 46.01
C ARG I 86 -19.90 -84.21 46.12
N ILE I 87 -19.64 -83.41 47.15
CA ILE I 87 -18.31 -82.82 47.31
C ILE I 87 -17.27 -83.92 47.50
N ARG I 88 -17.58 -84.90 48.35
CA ARG I 88 -16.62 -85.98 48.59
C ARG I 88 -16.50 -86.89 47.37
N GLU I 89 -17.58 -87.06 46.60
CA GLU I 89 -17.46 -87.80 45.35
C GLU I 89 -16.52 -87.09 44.39
N LEU I 90 -16.60 -85.76 44.33
CA LEU I 90 -15.62 -85.01 43.56
C LEU I 90 -14.21 -85.23 44.11
N LEU I 91 -14.07 -85.25 45.44
CA LEU I 91 -12.78 -85.53 46.05
C LEU I 91 -12.24 -86.88 45.60
N THR I 92 -13.14 -87.85 45.35
CA THR I 92 -12.70 -89.14 44.85
C THR I 92 -12.04 -89.05 43.48
N LEU I 93 -12.24 -87.94 42.77
CA LEU I 93 -11.62 -87.71 41.46
C LEU I 93 -12.09 -88.72 40.41
N SER I 94 -13.35 -89.14 40.51
CA SER I 94 -13.91 -89.99 39.47
C SER I 94 -14.15 -89.23 38.17
N PHE I 95 -14.23 -87.89 38.24
CA PHE I 95 -14.47 -87.09 37.05
C PHE I 95 -13.27 -87.06 36.11
N ILE I 96 -12.06 -87.28 36.63
CA ILE I 96 -10.87 -87.19 35.80
C ILE I 96 -10.92 -88.20 34.68
N ASP I 97 -11.30 -89.45 35.00
CA ASP I 97 -11.39 -90.48 33.97
C ASP I 97 -12.43 -90.13 32.92
N ARG I 98 -13.58 -89.61 33.35
CA ARG I 98 -14.65 -89.25 32.43
C ARG I 98 -14.43 -87.90 31.75
N LYS I 99 -13.49 -87.10 32.25
CA LYS I 99 -13.24 -85.76 31.70
C LYS I 99 -14.50 -84.91 31.77
N GLU I 100 -14.97 -84.69 33.00
CA GLU I 100 -16.15 -83.89 33.27
C GLU I 100 -15.72 -82.53 33.82
N ASN I 101 -16.26 -81.46 33.24
CA ASN I 101 -15.91 -80.11 33.67
C ASN I 101 -16.76 -79.71 34.87
N ILE I 102 -16.10 -79.29 35.95
CA ILE I 102 -16.78 -78.95 37.19
C ILE I 102 -16.99 -77.44 37.24
N LEU I 103 -18.21 -77.02 37.55
CA LEU I 103 -18.57 -75.61 37.60
C LEU I 103 -19.20 -75.29 38.94
N PHE I 104 -18.80 -74.17 39.53
CA PHE I 104 -19.36 -73.68 40.78
C PHE I 104 -20.02 -72.33 40.50
N LEU I 105 -21.36 -72.32 40.49
CA LEU I 105 -22.13 -71.13 40.19
C LEU I 105 -22.86 -70.67 41.44
N GLY I 106 -22.77 -69.38 41.74
CA GLY I 106 -23.45 -68.80 42.87
C GLY I 106 -23.00 -67.39 43.17
N PRO I 107 -23.72 -66.71 44.05
CA PRO I 107 -23.35 -65.34 44.42
C PRO I 107 -22.05 -65.32 45.21
N PRO I 108 -21.40 -64.16 45.31
CA PRO I 108 -20.11 -64.10 46.01
C PRO I 108 -20.27 -64.36 47.50
N GLY I 109 -19.17 -64.84 48.10
CA GLY I 109 -19.11 -65.07 49.53
C GLY I 109 -19.40 -66.49 49.96
N ILE I 110 -19.95 -67.33 49.08
CA ILE I 110 -20.26 -68.70 49.45
C ILE I 110 -18.98 -69.48 49.71
N GLY I 111 -17.99 -69.33 48.82
CA GLY I 111 -16.74 -70.05 48.94
C GLY I 111 -16.49 -70.96 47.76
N LYS I 112 -17.06 -70.63 46.60
CA LYS I 112 -16.92 -71.47 45.43
C LYS I 112 -15.47 -71.61 44.98
N THR I 113 -14.59 -70.70 45.39
CA THR I 113 -13.17 -70.84 45.11
C THR I 113 -12.44 -71.66 46.16
N HIS I 114 -12.93 -71.64 47.40
CA HIS I 114 -12.32 -72.43 48.46
C HIS I 114 -12.37 -73.92 48.13
N LEU I 115 -13.52 -74.40 47.65
CA LEU I 115 -13.64 -75.80 47.29
C LEU I 115 -12.75 -76.15 46.11
N ALA I 116 -12.65 -75.25 45.13
CA ALA I 116 -11.77 -75.50 44.00
C ALA I 116 -10.32 -75.63 44.45
N ILE I 117 -9.88 -74.74 45.34
CA ILE I 117 -8.50 -74.82 45.82
C ILE I 117 -8.28 -76.07 46.65
N SER I 118 -9.27 -76.48 47.44
CA SER I 118 -9.15 -77.72 48.20
C SER I 118 -9.02 -78.92 47.26
N ILE I 119 -9.83 -78.95 46.20
CA ILE I 119 -9.73 -80.04 45.23
C ILE I 119 -8.36 -80.03 44.57
N GLY I 120 -7.84 -78.84 44.25
CA GLY I 120 -6.50 -78.77 43.68
C GLY I 120 -5.45 -79.30 44.63
N MET I 121 -5.56 -78.97 45.92
CA MET I 121 -4.62 -79.49 46.90
C MET I 121 -4.69 -81.00 47.00
N GLU I 122 -5.91 -81.55 46.99
CA GLU I 122 -6.05 -83.00 47.03
C GLU I 122 -5.45 -83.64 45.79
N ALA I 123 -5.65 -83.04 44.62
CA ALA I 123 -5.06 -83.55 43.39
C ALA I 123 -3.54 -83.53 43.47
N ILE I 124 -2.98 -82.45 44.01
CA ILE I 124 -1.53 -82.38 44.17
C ILE I 124 -1.05 -83.49 45.10
N ALA I 125 -1.77 -83.70 46.20
CA ALA I 125 -1.39 -84.76 47.13
C ALA I 125 -1.44 -86.13 46.45
N ARG I 126 -2.41 -86.33 45.56
CA ARG I 126 -2.55 -87.60 44.86
C ARG I 126 -1.67 -87.69 43.62
N GLY I 127 -0.91 -86.64 43.30
CA GLY I 127 0.05 -86.67 42.22
C GLY I 127 -0.43 -86.07 40.91
N TYR I 128 -1.73 -85.83 40.77
CA TYR I 128 -2.24 -85.25 39.54
C TYR I 128 -1.74 -83.82 39.37
N LYS I 129 -1.33 -83.48 38.15
CA LYS I 129 -0.86 -82.13 37.87
C LYS I 129 -2.03 -81.16 37.83
N THR I 130 -1.89 -80.04 38.53
CA THR I 130 -2.94 -79.02 38.61
C THR I 130 -2.33 -77.64 38.42
N TYR I 131 -3.04 -76.79 37.70
CA TYR I 131 -2.64 -75.41 37.47
C TYR I 131 -3.82 -74.50 37.72
N PHE I 132 -3.56 -73.35 38.35
CA PHE I 132 -4.57 -72.37 38.70
C PHE I 132 -4.32 -71.09 37.93
N ILE I 133 -5.40 -70.43 37.51
CA ILE I 133 -5.30 -69.20 36.75
C ILE I 133 -6.61 -68.45 36.87
N THR I 134 -6.54 -67.13 36.79
CA THR I 134 -7.73 -66.29 36.74
C THR I 134 -8.14 -66.07 35.29
N ALA I 135 -9.45 -66.02 35.05
CA ALA I 135 -9.94 -65.83 33.69
C ALA I 135 -9.34 -64.58 33.06
N HIS I 136 -9.32 -63.48 33.81
CA HIS I 136 -8.68 -62.27 33.31
C HIS I 136 -7.19 -62.49 33.08
N ASP I 137 -6.51 -63.15 34.03
CA ASP I 137 -5.09 -63.42 33.87
C ASP I 137 -4.84 -64.37 32.72
N LEU I 138 -5.69 -65.39 32.56
CA LEU I 138 -5.56 -66.30 31.42
C LEU I 138 -5.71 -65.55 30.10
N VAL I 139 -6.69 -64.66 30.02
CA VAL I 139 -6.89 -63.87 28.80
C VAL I 139 -5.66 -63.01 28.53
N ASN I 140 -5.13 -62.37 29.57
CA ASN I 140 -3.95 -61.53 29.40
C ASN I 140 -2.77 -62.35 28.89
N GLN I 141 -2.54 -63.52 29.49
CA GLN I 141 -1.43 -64.35 29.07
C GLN I 141 -1.60 -64.80 27.62
N LEU I 142 -2.82 -65.20 27.24
CA LEU I 142 -3.05 -65.61 25.86
C LEU I 142 -2.81 -64.46 24.89
N ARG I 143 -3.28 -63.26 25.24
CA ARG I 143 -3.10 -62.11 24.36
C ARG I 143 -1.62 -61.78 24.19
N ARG I 144 -0.86 -61.78 25.30
CA ARG I 144 0.56 -61.50 25.20
C ARG I 144 1.28 -62.58 24.41
N ALA I 145 0.88 -63.84 24.57
CA ALA I 145 1.47 -64.91 23.80
C ALA I 145 1.22 -64.71 22.31
N ASP I 146 0.01 -64.35 21.93
CA ASP I 146 -0.28 -64.08 20.53
C ASP I 146 0.54 -62.90 20.02
N GLN I 147 0.70 -61.86 20.85
CA GLN I 147 1.48 -60.70 20.46
C GLN I 147 2.93 -61.08 20.20
N GLU I 148 3.51 -61.90 21.06
CA GLU I 148 4.92 -62.27 20.98
C GLU I 148 5.16 -63.48 20.08
N GLY I 149 4.12 -64.06 19.49
CA GLY I 149 4.27 -65.21 18.62
C GLY I 149 4.39 -66.54 19.33
N LYS I 150 4.30 -66.56 20.66
CA LYS I 150 4.38 -67.79 21.44
C LYS I 150 2.99 -68.27 21.89
N LEU I 151 1.96 -68.03 21.08
CA LEU I 151 0.62 -68.45 21.46
C LEU I 151 0.54 -69.96 21.60
N GLU I 152 1.16 -70.69 20.67
CA GLU I 152 1.17 -72.15 20.78
C GLU I 152 1.86 -72.59 22.07
N LYS I 153 2.92 -71.89 22.46
CA LYS I 153 3.63 -72.26 23.69
C LYS I 153 2.73 -72.14 24.91
N LYS I 154 2.02 -71.01 25.03
CA LYS I 154 1.15 -70.82 26.19
C LYS I 154 -0.08 -71.72 26.13
N LEU I 155 -0.59 -72.02 24.92
CA LEU I 155 -1.66 -73.00 24.81
C LEU I 155 -1.19 -74.37 25.30
N ARG I 156 0.03 -74.76 24.95
CA ARG I 156 0.59 -75.99 25.49
C ARG I 156 0.71 -75.91 27.00
N VAL I 157 1.15 -74.76 27.51
CA VAL I 157 1.33 -74.59 28.96
C VAL I 157 0.00 -74.78 29.68
N PHE I 158 -1.09 -74.27 29.10
CA PHE I 158 -2.40 -74.34 29.74
C PHE I 158 -3.14 -75.64 29.43
N VAL I 159 -2.69 -76.42 28.47
CA VAL I 159 -3.32 -77.69 28.13
C VAL I 159 -2.65 -78.86 28.85
N LYS I 160 -1.33 -78.80 29.02
CA LYS I 160 -0.62 -79.89 29.69
C LYS I 160 -1.16 -80.20 31.08
N PRO I 161 -1.46 -79.22 31.92
CA PRO I 161 -1.96 -79.56 33.27
C PRO I 161 -3.19 -80.45 33.22
N THR I 162 -3.25 -81.43 34.11
CA THR I 162 -4.37 -82.35 34.13
C THR I 162 -5.63 -81.69 34.66
N VAL I 163 -5.50 -80.69 35.52
CA VAL I 163 -6.64 -80.00 36.11
C VAL I 163 -6.36 -78.50 36.05
N LEU I 164 -7.06 -77.79 35.18
CA LEU I 164 -6.93 -76.35 35.05
C LEU I 164 -8.09 -75.66 35.76
N ILE I 165 -7.76 -74.76 36.67
CA ILE I 165 -8.76 -74.11 37.52
C ILE I 165 -8.83 -72.64 37.09
N ILE I 166 -9.90 -72.29 36.38
CA ILE I 166 -10.16 -70.91 35.99
C ILE I 166 -10.99 -70.25 37.09
N ASP I 167 -10.54 -69.09 37.57
CA ASP I 167 -11.18 -68.40 38.68
C ASP I 167 -11.67 -67.03 38.24
N GLN I 168 -12.71 -66.55 38.93
CA GLN I 168 -13.28 -65.23 38.70
C GLN I 168 -13.70 -65.06 37.24
N MET I 169 -14.58 -65.94 36.80
CA MET I 169 -15.16 -65.89 35.46
C MET I 169 -16.55 -65.28 35.58
N GLY I 170 -16.68 -64.00 35.21
CA GLY I 170 -17.96 -63.33 35.24
C GLY I 170 -17.90 -61.93 35.81
N TYR I 171 -17.01 -61.71 36.78
CA TYR I 171 -16.88 -60.37 37.37
C TYR I 171 -16.41 -59.36 36.33
N LEU I 172 -15.44 -59.74 35.50
CA LEU I 172 -14.86 -58.87 34.50
C LEU I 172 -15.39 -59.27 33.12
N LYS I 173 -15.92 -58.29 32.39
CA LYS I 173 -16.45 -58.56 31.06
C LYS I 173 -15.32 -58.80 30.07
N LEU I 174 -15.62 -59.59 29.04
CA LEU I 174 -14.64 -60.00 28.04
C LEU I 174 -15.06 -59.52 26.66
N ASP I 175 -14.10 -58.99 25.92
CA ASP I 175 -14.32 -58.62 24.52
C ASP I 175 -14.24 -59.86 23.64
N PRO I 176 -14.76 -59.78 22.41
CA PRO I 176 -14.71 -60.97 21.53
C PRO I 176 -13.31 -61.49 21.31
N ASN I 177 -12.29 -60.64 21.36
CA ASN I 177 -10.91 -61.12 21.27
C ASN I 177 -10.61 -62.05 22.43
N SER I 178 -10.88 -61.60 23.66
CA SER I 178 -10.72 -62.46 24.81
C SER I 178 -11.65 -63.67 24.72
N ALA I 179 -12.81 -63.52 24.08
CA ALA I 179 -13.70 -64.65 23.89
C ALA I 179 -13.03 -65.74 23.06
N HIS I 180 -12.38 -65.35 21.96
CA HIS I 180 -11.69 -66.35 21.14
C HIS I 180 -10.47 -66.91 21.86
N TYR I 181 -9.79 -66.08 22.65
CA TYR I 181 -8.66 -66.56 23.43
C TYR I 181 -9.11 -67.67 24.39
N LEU I 182 -10.22 -67.44 25.09
CA LEU I 182 -10.75 -68.46 25.99
C LEU I 182 -11.24 -69.68 25.22
N PHE I 183 -11.86 -69.46 24.06
CA PHE I 183 -12.39 -70.57 23.27
C PHE I 183 -11.27 -71.48 22.80
N GLN I 184 -10.12 -70.92 22.46
CA GLN I 184 -8.98 -71.75 22.07
C GLN I 184 -8.63 -72.75 23.17
N VAL I 185 -8.51 -72.26 24.41
CA VAL I 185 -8.19 -73.14 25.53
C VAL I 185 -9.29 -74.16 25.74
N ILE I 186 -10.56 -73.72 25.67
CA ILE I 186 -11.66 -74.65 25.90
C ILE I 186 -11.64 -75.76 24.86
N ALA I 187 -11.45 -75.40 23.59
CA ALA I 187 -11.42 -76.40 22.52
C ALA I 187 -10.25 -77.35 22.68
N ARG I 188 -9.07 -76.83 23.01
CA ARG I 188 -7.93 -77.72 23.23
C ARG I 188 -8.18 -78.65 24.40
N ARG I 189 -8.93 -78.20 25.41
CA ARG I 189 -9.32 -79.02 26.55
C ARG I 189 -10.76 -79.50 26.44
N TYR I 190 -11.29 -79.63 25.23
CA TYR I 190 -12.68 -80.04 25.05
C TYR I 190 -12.93 -81.41 25.67
N GLU I 191 -12.12 -82.40 25.31
CA GLU I 191 -12.24 -83.76 25.85
C GLU I 191 -10.85 -84.31 26.15
N HIS I 192 -10.02 -83.49 26.78
CA HIS I 192 -8.64 -83.86 27.09
C HIS I 192 -8.29 -83.78 28.57
N ALA I 193 -8.88 -82.83 29.31
CA ALA I 193 -8.60 -82.71 30.73
C ALA I 193 -9.73 -81.94 31.39
N PRO I 194 -10.15 -82.32 32.61
CA PRO I 194 -11.23 -81.58 33.26
C PRO I 194 -10.85 -80.14 33.54
N ILE I 195 -11.85 -79.26 33.52
CA ILE I 195 -11.70 -77.85 33.83
C ILE I 195 -12.56 -77.53 35.03
N ILE I 196 -11.97 -76.89 36.04
CA ILE I 196 -12.68 -76.45 37.23
C ILE I 196 -12.87 -74.94 37.11
N LEU I 197 -14.11 -74.49 37.15
CA LEU I 197 -14.44 -73.08 36.95
C LEU I 197 -15.38 -72.61 38.04
N THR I 198 -15.24 -71.33 38.40
CA THR I 198 -16.10 -70.68 39.37
C THR I 198 -16.65 -69.41 38.75
N SER I 199 -17.95 -69.19 38.89
CA SER I 199 -18.60 -68.03 38.29
C SER I 199 -19.80 -67.62 39.14
N ASN I 200 -20.27 -66.40 38.89
CA ASN I 200 -21.43 -65.86 39.58
C ASN I 200 -22.56 -65.49 38.63
N LYS I 201 -22.36 -65.61 37.33
CA LYS I 201 -23.37 -65.27 36.35
C LYS I 201 -23.98 -66.53 35.75
N SER I 202 -25.25 -66.42 35.35
CA SER I 202 -25.92 -67.53 34.69
C SER I 202 -25.36 -67.72 33.28
N PHE I 203 -25.61 -68.92 32.73
CA PHE I 203 -25.08 -69.25 31.41
C PHE I 203 -25.53 -68.23 30.36
N GLY I 204 -26.76 -67.72 30.49
CA GLY I 204 -27.25 -66.77 29.52
C GLY I 204 -26.42 -65.50 29.46
N GLU I 205 -25.97 -65.02 30.62
CA GLU I 205 -25.20 -63.79 30.67
C GLU I 205 -23.84 -63.92 29.99
N TRP I 206 -23.35 -65.14 29.79
CA TRP I 206 -22.05 -65.31 29.16
C TRP I 206 -22.00 -64.70 27.78
N GLY I 207 -23.14 -64.61 27.09
CA GLY I 207 -23.16 -63.98 25.79
C GLY I 207 -22.72 -62.53 25.85
N GLU I 208 -23.24 -61.77 26.82
CA GLU I 208 -22.80 -60.40 27.01
C GLU I 208 -21.41 -60.36 27.63
N ILE I 209 -21.06 -61.34 28.46
CA ILE I 209 -19.75 -61.35 29.10
C ILE I 209 -18.65 -61.44 28.04
N VAL I 210 -18.85 -62.28 27.03
CA VAL I 210 -17.83 -62.51 26.01
C VAL I 210 -18.00 -61.62 24.79
N GLY I 211 -19.07 -60.83 24.73
CA GLY I 211 -19.27 -59.94 23.61
C GLY I 211 -19.52 -60.64 22.30
N ASP I 212 -19.94 -61.91 22.32
CA ASP I 212 -20.20 -62.66 21.11
C ASP I 212 -21.14 -63.80 21.46
N SER I 213 -22.38 -63.75 20.97
CA SER I 213 -23.36 -64.77 21.31
C SER I 213 -22.95 -66.14 20.78
N VAL I 214 -22.44 -66.19 19.54
CA VAL I 214 -22.10 -67.48 18.94
C VAL I 214 -20.92 -68.12 19.67
N LEU I 215 -19.89 -67.32 19.99
CA LEU I 215 -18.78 -67.86 20.76
C LEU I 215 -19.21 -68.31 22.13
N ALA I 216 -20.12 -67.56 22.77
CA ALA I 216 -20.64 -67.97 24.06
C ALA I 216 -21.36 -69.31 23.95
N THR I 217 -22.18 -69.47 22.91
CA THR I 217 -22.88 -70.74 22.72
C THR I 217 -21.90 -71.88 22.51
N ALA I 218 -20.89 -71.67 21.67
CA ALA I 218 -19.92 -72.73 21.40
C ALA I 218 -19.17 -73.13 22.68
N MET I 219 -18.71 -72.13 23.44
CA MET I 219 -17.98 -72.43 24.67
C MET I 219 -18.88 -73.13 25.68
N LEU I 220 -20.12 -72.67 25.83
CA LEU I 220 -21.03 -73.31 26.76
C LEU I 220 -21.34 -74.74 26.36
N ASP I 221 -21.51 -74.99 25.05
CA ASP I 221 -21.74 -76.36 24.60
C ASP I 221 -20.55 -77.25 24.89
N ARG I 222 -19.35 -76.80 24.51
CA ARG I 222 -18.15 -77.62 24.72
C ARG I 222 -17.82 -77.76 26.20
N LEU I 223 -18.33 -76.87 27.06
CA LEU I 223 -18.09 -76.97 28.49
C LEU I 223 -19.11 -77.86 29.19
N LEU I 224 -20.38 -77.78 28.79
CA LEU I 224 -21.46 -78.54 29.42
C LEU I 224 -21.69 -79.90 28.76
N HIS I 225 -20.97 -80.21 27.69
CA HIS I 225 -21.10 -81.53 27.08
C HIS I 225 -20.81 -82.62 28.11
N HIS I 226 -19.72 -82.47 28.86
CA HIS I 226 -19.36 -83.37 29.96
C HIS I 226 -19.01 -82.48 31.15
N SER I 227 -19.98 -82.29 32.05
CA SER I 227 -19.78 -81.35 33.15
C SER I 227 -20.68 -81.73 34.32
N ILE I 228 -20.35 -81.16 35.48
CA ILE I 228 -21.18 -81.23 36.67
C ILE I 228 -21.25 -79.83 37.26
N ILE I 229 -22.46 -79.31 37.45
CA ILE I 229 -22.68 -77.95 37.91
C ILE I 229 -23.06 -77.97 39.37
N PHE I 230 -22.64 -76.93 40.10
CA PHE I 230 -22.94 -76.77 41.53
C PHE I 230 -23.51 -75.37 41.73
N ASN I 231 -24.83 -75.24 41.62
CA ASN I 231 -25.51 -73.98 41.85
C ASN I 231 -25.72 -73.82 43.35
N LEU I 232 -24.75 -73.18 44.00
CA LEU I 232 -24.76 -73.02 45.45
C LEU I 232 -25.38 -71.68 45.84
N LYS I 233 -26.04 -71.68 47.00
CA LYS I 233 -26.69 -70.49 47.52
C LYS I 233 -26.45 -70.41 49.02
N GLY I 234 -26.45 -69.19 49.55
CA GLY I 234 -26.28 -69.00 50.97
C GLY I 234 -25.67 -67.65 51.27
N GLU I 235 -25.62 -67.34 52.56
CA GLU I 235 -25.06 -66.08 53.04
C GLU I 235 -23.55 -66.03 52.81
N SER I 236 -23.02 -64.81 52.70
CA SER I 236 -21.60 -64.62 52.45
C SER I 236 -20.81 -64.86 53.72
N TYR I 237 -19.82 -65.76 53.63
CA TYR I 237 -19.07 -66.15 54.82
C TYR I 237 -18.28 -64.98 55.39
N ARG I 238 -17.78 -64.09 54.54
CA ARG I 238 -17.08 -62.92 55.04
C ARG I 238 -18.00 -62.06 55.90
N LEU I 239 -19.22 -61.82 55.42
CA LEU I 239 -20.17 -61.03 56.19
C LEU I 239 -20.56 -61.73 57.48
N ARG I 240 -20.74 -63.06 57.43
CA ARG I 240 -21.09 -63.77 58.66
C ARG I 240 -19.96 -63.73 59.67
N GLU I 241 -18.71 -63.84 59.22
CA GLU I 241 -17.58 -63.73 60.12
C GLU I 241 -17.50 -62.33 60.72
N LYS I 242 -17.76 -61.30 59.91
CA LYS I 242 -17.79 -59.94 60.43
C LYS I 242 -18.87 -59.79 61.49
N ARG I 243 -20.06 -60.36 61.23
CA ARG I 243 -21.14 -60.31 62.21
C ARG I 243 -20.74 -61.00 63.50
N LEU I 244 -20.11 -62.17 63.39
CA LEU I 244 -19.69 -62.89 64.59
C LEU I 244 -18.67 -62.09 65.38
N GLN I 245 -17.73 -61.44 64.68
CA GLN I 245 -16.78 -60.58 65.36
C GLN I 245 -17.49 -59.42 66.06
N GLU I 246 -18.50 -58.84 65.40
CA GLU I 246 -19.26 -57.76 66.02
C GLU I 246 -19.94 -58.22 67.30
N GLU I 247 -20.56 -59.40 67.26
CA GLU I 247 -21.24 -59.93 68.44
C GLU I 247 -20.31 -60.85 69.23
N ASN J 1 2.71 -108.27 51.25
CA ASN J 1 4.03 -108.69 51.76
C ASN J 1 5.00 -107.51 51.80
N MET J 2 6.27 -107.79 52.05
CA MET J 2 7.31 -106.77 52.12
C MET J 2 8.21 -106.72 50.91
N LYS J 3 8.42 -107.86 50.23
CA LYS J 3 9.32 -107.87 49.08
C LYS J 3 8.78 -106.98 47.96
N GLU J 4 7.47 -107.03 47.71
CA GLU J 4 6.88 -106.18 46.68
C GLU J 4 7.07 -104.71 47.02
N ARG J 5 6.86 -104.34 48.29
CA ARG J 5 7.01 -102.95 48.68
C ARG J 5 8.45 -102.49 48.51
N ILE J 6 9.41 -103.33 48.90
CA ILE J 6 10.82 -102.97 48.75
C ILE J 6 11.16 -102.80 47.27
N HIS J 7 10.69 -103.72 46.43
CA HIS J 7 10.96 -103.63 45.00
C HIS J 7 10.37 -102.35 44.41
N GLU J 8 9.13 -102.03 44.78
CA GLU J 8 8.50 -100.82 44.27
C GLU J 8 9.25 -99.57 44.72
N TYR J 9 9.66 -99.53 46.00
CA TYR J 9 10.41 -98.39 46.50
C TYR J 9 11.72 -98.22 45.75
N CYS J 10 12.43 -99.34 45.52
CA CYS J 10 13.69 -99.25 44.80
C CYS J 10 13.47 -98.79 43.36
N HIS J 11 12.44 -99.31 42.70
CA HIS J 11 12.17 -98.92 41.32
C HIS J 11 11.85 -97.43 41.24
N ARG J 12 11.06 -96.91 42.19
CA ARG J 12 10.73 -95.49 42.19
C ARG J 12 11.89 -94.63 42.67
N LEU J 13 12.89 -95.22 43.32
CA LEU J 13 14.00 -94.49 43.90
C LEU J 13 15.26 -94.57 43.05
N HIS J 14 15.19 -95.20 41.87
CA HIS J 14 16.34 -95.32 40.98
C HIS J 14 17.45 -96.14 41.62
N LEU J 15 17.08 -97.22 42.30
CA LEU J 15 18.04 -98.13 42.94
C LEU J 15 17.71 -99.56 42.55
N PRO J 16 17.78 -99.90 41.26
CA PRO J 16 17.54 -101.29 40.87
C PRO J 16 18.69 -102.22 41.24
N VAL J 17 19.92 -101.72 41.20
CA VAL J 17 21.07 -102.54 41.59
C VAL J 17 20.93 -102.98 43.04
N MET J 18 20.60 -102.03 43.92
CA MET J 18 20.36 -102.38 45.32
C MET J 18 19.14 -103.26 45.47
N ALA J 19 18.10 -103.01 44.66
CA ALA J 19 16.89 -103.82 44.74
C ALA J 19 17.19 -105.29 44.45
N GLU J 20 18.03 -105.55 43.45
CA GLU J 20 18.33 -106.92 43.06
C GLU J 20 19.32 -107.59 44.01
N ARG J 21 20.23 -106.82 44.62
CA ARG J 21 21.33 -107.40 45.39
C ARG J 21 21.05 -107.46 46.89
N TRP J 22 20.09 -106.70 47.40
CA TRP J 22 19.88 -106.69 48.85
C TRP J 22 19.42 -108.06 49.35
N SER J 23 18.70 -108.82 48.53
CA SER J 23 18.28 -110.15 48.96
C SER J 23 19.48 -111.06 49.18
N ALA J 24 20.37 -111.16 48.19
CA ALA J 24 21.53 -112.03 48.31
C ALA J 24 22.48 -111.54 49.40
N MET J 25 22.69 -110.23 49.48
CA MET J 25 23.57 -109.69 50.51
C MET J 25 23.00 -109.93 51.90
N ALA J 26 21.68 -109.79 52.07
CA ALA J 26 21.05 -110.07 53.35
C ALA J 26 21.19 -111.55 53.70
N GLU J 27 21.01 -112.43 52.71
CA GLU J 27 21.21 -113.86 52.95
C GLU J 27 22.63 -114.12 53.44
N TYR J 28 23.62 -113.54 52.75
CA TYR J 28 25.01 -113.75 53.13
C TYR J 28 25.28 -113.20 54.53
N ALA J 29 24.73 -112.02 54.85
CA ALA J 29 24.93 -111.44 56.17
C ALA J 29 24.31 -112.34 57.25
N SER J 30 23.13 -112.88 56.98
CA SER J 30 22.50 -113.78 57.94
C SER J 30 23.34 -115.03 58.14
N THR J 31 23.92 -115.56 57.06
CA THR J 31 24.78 -116.74 57.19
C THR J 31 25.98 -116.47 58.09
N HIS J 32 26.42 -115.21 58.16
CA HIS J 32 27.58 -114.83 58.96
C HIS J 32 27.27 -113.77 60.00
N ASN J 33 26.02 -113.29 60.08
CA ASN J 33 25.61 -112.29 61.06
C ASN J 33 26.46 -111.03 60.94
N ILE J 34 26.42 -110.42 59.76
CA ILE J 34 27.14 -109.19 59.51
C ILE J 34 26.40 -108.02 60.13
N SER J 35 27.14 -107.01 60.57
CA SER J 35 26.55 -105.83 61.17
C SER J 35 25.72 -105.07 60.14
N TYR J 36 24.71 -104.35 60.62
CA TYR J 36 23.83 -103.60 59.72
C TYR J 36 24.59 -102.52 58.97
N SER J 37 25.51 -101.84 59.65
CA SER J 37 26.30 -100.81 58.98
C SER J 37 27.13 -101.41 57.85
N GLU J 38 27.78 -102.55 58.11
CA GLU J 38 28.58 -103.20 57.07
C GLU J 38 27.69 -103.69 55.92
N PHE J 39 26.51 -104.20 56.24
CA PHE J 39 25.57 -104.63 55.20
C PHE J 39 25.17 -103.46 54.31
N LEU J 40 24.86 -102.32 54.92
CA LEU J 40 24.54 -101.13 54.13
C LEU J 40 25.73 -100.68 53.31
N PHE J 41 26.93 -100.78 53.87
CA PHE J 41 28.14 -100.43 53.13
C PHE J 41 28.28 -101.31 51.90
N ARG J 42 28.03 -102.62 52.04
CA ARG J 42 28.09 -103.52 50.89
C ARG J 42 27.06 -103.11 49.85
N LEU J 43 25.83 -102.83 50.29
CA LEU J 43 24.78 -102.45 49.36
C LEU J 43 25.19 -101.21 48.56
N LEU J 44 25.65 -100.17 49.27
CA LEU J 44 26.03 -98.93 48.60
C LEU J 44 27.23 -99.14 47.69
N GLU J 45 28.20 -99.94 48.12
CA GLU J 45 29.35 -100.23 47.28
C GLU J 45 28.92 -100.85 45.95
N ALA J 46 28.07 -101.87 46.01
CA ALA J 46 27.62 -102.51 44.78
C ALA J 46 26.81 -101.53 43.94
N GLU J 47 25.94 -100.74 44.58
CA GLU J 47 25.14 -99.78 43.85
C GLU J 47 26.01 -98.80 43.09
N ILE J 48 27.03 -98.25 43.76
CA ILE J 48 27.89 -97.26 43.12
C ILE J 48 28.73 -97.91 42.04
N VAL J 49 29.20 -99.14 42.27
CA VAL J 49 29.98 -99.82 41.24
C VAL J 49 29.16 -99.94 39.96
N GLU J 50 27.94 -100.44 40.09
CA GLU J 50 27.11 -100.62 38.90
C GLU J 50 26.75 -99.28 38.26
N LYS J 51 26.41 -98.29 39.08
CA LYS J 51 26.04 -96.98 38.56
C LYS J 51 27.20 -96.35 37.80
N GLN J 52 28.40 -96.42 38.36
CA GLN J 52 29.57 -95.86 37.70
C GLN J 52 29.90 -96.62 36.42
N ALA J 53 29.73 -97.94 36.42
CA ALA J 53 29.92 -98.69 35.19
C ALA J 53 28.95 -98.22 34.12
N ARG J 54 27.67 -98.05 34.47
CA ARG J 54 26.69 -97.58 33.50
C ARG J 54 27.02 -96.17 33.02
N SER J 55 27.45 -95.29 33.92
CA SER J 55 27.81 -93.94 33.53
C SER J 55 29.00 -93.93 32.57
N ILE J 56 30.01 -94.76 32.84
CA ILE J 56 31.16 -94.84 31.96
C ILE J 56 30.75 -95.38 30.60
N GLN J 57 29.86 -96.38 30.58
CA GLN J 57 29.37 -96.90 29.31
C GLN J 57 28.64 -95.81 28.53
N THR J 58 27.80 -95.03 29.21
CA THR J 58 27.09 -93.95 28.53
C THR J 58 28.05 -92.91 28.00
N LEU J 59 29.08 -92.55 28.77
CA LEU J 59 30.07 -91.59 28.31
C LEU J 59 30.81 -92.11 27.08
N ILE J 60 31.17 -93.39 27.09
CA ILE J 60 31.82 -93.98 25.93
C ILE J 60 30.90 -93.92 24.73
N LYS J 61 29.60 -94.19 24.94
CA LYS J 61 28.65 -94.11 23.85
C LYS J 61 28.60 -92.70 23.28
N LEU J 62 28.56 -91.69 24.15
CA LEU J 62 28.57 -90.31 23.68
C LEU J 62 29.87 -89.99 22.95
N SER J 63 31.00 -90.43 23.50
CA SER J 63 32.28 -90.19 22.85
C SER J 63 32.33 -90.95 21.53
N LYS J 64 32.82 -90.27 20.49
CA LYS J 64 32.88 -90.85 19.14
C LYS J 64 34.19 -91.62 19.02
N LEU J 65 34.20 -92.82 19.60
CA LEU J 65 35.37 -93.68 19.57
C LEU J 65 35.11 -94.85 18.63
N PRO J 66 35.89 -95.01 17.56
CA PRO J 66 35.65 -96.17 16.67
C PRO J 66 35.81 -97.50 17.37
N TYR J 67 36.70 -97.59 18.36
CA TYR J 67 36.94 -98.83 19.08
C TYR J 67 37.58 -98.51 20.42
N ARG J 68 37.57 -99.51 21.30
CA ARG J 68 38.12 -99.36 22.65
C ARG J 68 39.48 -100.04 22.73
N LYS J 69 40.46 -99.33 23.27
CA LYS J 69 41.81 -99.86 23.43
C LYS J 69 42.49 -99.14 24.58
N THR J 70 43.44 -99.83 25.21
CA THR J 70 44.16 -99.30 26.36
C THR J 70 45.66 -99.49 26.17
N ILE J 71 46.44 -98.76 26.97
CA ILE J 71 47.89 -98.81 26.86
C ILE J 71 48.39 -100.24 27.03
N ASP J 72 47.63 -101.08 27.73
CA ASP J 72 48.05 -102.46 27.92
C ASP J 72 48.32 -103.16 26.59
N THR J 73 47.51 -102.84 25.57
CA THR J 73 47.72 -103.42 24.26
C THR J 73 49.01 -102.92 23.61
N PHE J 74 49.51 -101.76 24.02
CA PHE J 74 50.67 -101.13 23.39
C PHE J 74 51.94 -101.75 23.94
N ASP J 75 52.46 -102.75 23.22
CA ASP J 75 53.76 -103.31 23.54
C ASP J 75 54.85 -102.26 23.30
N PHE J 76 55.57 -101.89 24.36
CA PHE J 76 56.61 -100.88 24.23
C PHE J 76 57.83 -101.43 23.48
N THR J 77 58.05 -102.75 23.55
CA THR J 77 59.20 -103.33 22.87
C THR J 77 59.10 -103.14 21.35
N ALA J 78 57.90 -103.31 20.80
CA ALA J 78 57.71 -103.13 19.36
C ALA J 78 57.96 -101.69 18.93
N GLN J 79 57.90 -100.74 19.86
CA GLN J 79 58.13 -99.32 19.58
C GLN J 79 59.18 -98.80 20.56
N PRO J 80 60.46 -99.09 20.31
CA PRO J 80 61.51 -98.63 21.25
C PRO J 80 61.58 -97.13 21.39
N SER J 81 61.10 -96.36 20.41
CA SER J 81 61.19 -94.91 20.49
C SER J 81 60.44 -94.37 21.70
N VAL J 82 59.24 -94.90 21.96
CA VAL J 82 58.45 -94.41 23.09
C VAL J 82 59.14 -94.76 24.40
N ASP J 83 58.82 -94.00 25.44
CA ASP J 83 59.33 -94.22 26.78
C ASP J 83 58.17 -94.55 27.71
N GLU J 84 58.33 -95.61 28.50
CA GLU J 84 57.27 -95.99 29.42
C GLU J 84 56.96 -94.88 30.42
N ARG J 85 58.00 -94.24 30.94
CA ARG J 85 57.81 -93.20 31.95
C ARG J 85 56.91 -92.09 31.42
N ARG J 86 57.25 -91.54 30.25
CA ARG J 86 56.49 -90.41 29.72
C ARG J 86 55.06 -90.81 29.37
N ILE J 87 54.88 -91.99 28.77
CA ILE J 87 53.54 -92.43 28.41
C ILE J 87 52.68 -92.60 29.65
N ARG J 88 53.25 -93.20 30.70
CA ARG J 88 52.49 -93.37 31.94
C ARG J 88 52.21 -92.03 32.60
N GLU J 89 53.15 -91.09 32.51
CA GLU J 89 52.90 -89.75 33.03
C GLU J 89 51.71 -89.10 32.31
N LEU J 90 51.65 -89.26 30.98
CA LEU J 90 50.49 -88.78 30.24
C LEU J 90 49.22 -89.47 30.71
N LEU J 91 49.29 -90.79 30.90
CA LEU J 91 48.13 -91.56 31.34
C LEU J 91 47.67 -91.13 32.72
N THR J 92 48.55 -90.57 33.55
CA THR J 92 48.13 -90.07 34.85
C THR J 92 47.13 -88.94 34.73
N LEU J 93 47.06 -88.29 33.56
CA LEU J 93 46.14 -87.19 33.29
C LEU J 93 46.41 -85.96 34.14
N SER J 94 47.56 -85.90 34.82
CA SER J 94 47.89 -84.71 35.60
C SER J 94 48.13 -83.50 34.72
N PHE J 95 48.47 -83.71 33.44
CA PHE J 95 48.65 -82.59 32.52
C PHE J 95 47.36 -81.80 32.32
N ILE J 96 46.21 -82.42 32.54
CA ILE J 96 44.94 -81.72 32.36
C ILE J 96 44.87 -80.52 33.30
N ASP J 97 45.34 -80.69 34.55
CA ASP J 97 45.37 -79.57 35.48
C ASP J 97 46.24 -78.44 34.96
N ARG J 98 47.39 -78.78 34.38
CA ARG J 98 48.28 -77.80 33.78
C ARG J 98 47.78 -77.29 32.43
N LYS J 99 46.80 -77.96 31.83
CA LYS J 99 46.28 -77.58 30.53
C LYS J 99 47.38 -77.63 29.47
N GLU J 100 47.98 -78.81 29.33
CA GLU J 100 49.04 -79.06 28.37
C GLU J 100 48.48 -79.90 27.23
N ASN J 101 48.61 -79.40 26.01
CA ASN J 101 48.09 -80.10 24.83
C ASN J 101 49.13 -81.11 24.34
N ILE J 102 48.69 -82.33 24.14
CA ILE J 102 49.58 -83.44 23.77
C ILE J 102 49.52 -83.63 22.26
N LEU J 103 50.69 -83.77 21.64
CA LEU J 103 50.81 -83.96 20.20
C LEU J 103 51.64 -85.20 19.91
N PHE J 104 51.17 -86.02 18.99
CA PHE J 104 51.86 -87.24 18.57
C PHE J 104 52.17 -87.11 17.08
N LEU J 105 53.46 -87.01 16.76
CA LEU J 105 53.93 -86.85 15.39
C LEU J 105 54.74 -88.07 14.97
N GLY J 106 54.49 -88.54 13.75
CA GLY J 106 55.20 -89.67 13.21
C GLY J 106 54.59 -90.17 11.91
N PRO J 107 55.32 -91.02 11.20
CA PRO J 107 54.80 -91.57 9.95
C PRO J 107 53.62 -92.49 10.20
N PRO J 108 52.77 -92.71 9.20
CA PRO J 108 51.59 -93.56 9.41
C PRO J 108 51.97 -94.97 9.79
N GLY J 109 51.11 -95.59 10.61
CA GLY J 109 51.25 -96.99 10.97
C GLY J 109 51.93 -97.24 12.31
N ILE J 110 52.58 -96.24 12.89
CA ILE J 110 53.25 -96.45 14.17
C ILE J 110 52.23 -96.76 15.25
N GLY J 111 51.11 -96.04 15.27
CA GLY J 111 50.11 -96.21 16.30
C GLY J 111 49.99 -94.96 17.17
N LYS J 112 50.32 -93.81 16.61
CA LYS J 112 50.22 -92.56 17.35
C LYS J 112 48.81 -92.34 17.90
N THR J 113 47.79 -92.81 17.18
CA THR J 113 46.42 -92.67 17.66
C THR J 113 46.11 -93.66 18.77
N HIS J 114 46.86 -94.75 18.89
CA HIS J 114 46.60 -95.73 19.92
C HIS J 114 46.76 -95.12 21.32
N LEU J 115 47.85 -94.39 21.53
CA LEU J 115 48.08 -93.76 22.83
C LEU J 115 47.00 -92.73 23.14
N ALA J 116 46.61 -91.95 22.13
CA ALA J 116 45.56 -90.96 22.35
C ALA J 116 44.24 -91.62 22.73
N ILE J 117 43.88 -92.70 22.04
CA ILE J 117 42.64 -93.41 22.35
C ILE J 117 42.71 -94.00 23.76
N SER J 118 43.87 -94.55 24.13
CA SER J 118 44.01 -95.09 25.49
C SER J 118 43.84 -94.00 26.54
N ILE J 119 44.45 -92.84 26.31
CA ILE J 119 44.32 -91.73 27.27
C ILE J 119 42.86 -91.28 27.35
N GLY J 120 42.19 -91.19 26.20
CA GLY J 120 40.78 -90.81 26.21
C GLY J 120 39.92 -91.81 26.96
N MET J 121 40.19 -93.10 26.77
CA MET J 121 39.45 -94.12 27.49
C MET J 121 39.68 -94.02 28.99
N GLU J 122 40.93 -93.76 29.40
CA GLU J 122 41.21 -93.57 30.82
C GLU J 122 40.46 -92.37 31.37
N ALA J 123 40.45 -91.26 30.62
CA ALA J 123 39.72 -90.08 31.07
C ALA J 123 38.24 -90.35 31.20
N ILE J 124 37.66 -91.08 30.23
CA ILE J 124 36.24 -91.42 30.30
C ILE J 124 35.97 -92.29 31.52
N ALA J 125 36.85 -93.27 31.78
CA ALA J 125 36.67 -94.12 32.95
C ALA J 125 36.71 -93.30 34.23
N ARG J 126 37.64 -92.34 34.32
CA ARG J 126 37.71 -91.48 35.49
C ARG J 126 36.55 -90.50 35.57
N GLY J 127 35.73 -90.40 34.52
CA GLY J 127 34.54 -89.58 34.53
C GLY J 127 34.65 -88.28 33.77
N TYR J 128 35.87 -87.81 33.48
CA TYR J 128 36.02 -86.58 32.72
C TYR J 128 35.48 -86.77 31.31
N LYS J 129 34.72 -85.80 30.84
CA LYS J 129 34.16 -85.86 29.49
C LYS J 129 35.27 -85.84 28.46
N THR J 130 35.14 -86.69 27.44
CA THR J 130 36.12 -86.77 26.37
C THR J 130 35.38 -86.92 25.04
N TYR J 131 35.83 -86.15 24.05
CA TYR J 131 35.27 -86.21 22.70
C TYR J 131 36.40 -86.45 21.72
N PHE J 132 36.13 -87.27 20.71
CA PHE J 132 37.11 -87.62 19.69
C PHE J 132 36.52 -87.32 18.32
N ILE J 133 37.35 -86.76 17.43
CA ILE J 133 36.90 -86.42 16.09
C ILE J 133 38.12 -86.22 15.21
N THR J 134 37.93 -86.33 13.90
CA THR J 134 38.98 -86.01 12.94
C THR J 134 38.85 -84.57 12.48
N ALA J 135 39.97 -84.00 12.03
CA ALA J 135 39.97 -82.59 11.63
C ALA J 135 39.01 -82.36 10.46
N HIS J 136 39.00 -83.26 9.48
CA HIS J 136 38.12 -83.09 8.32
C HIS J 136 36.65 -83.15 8.75
N ASP J 137 36.31 -84.09 9.63
CA ASP J 137 34.94 -84.19 10.10
C ASP J 137 34.53 -82.94 10.88
N LEU J 138 35.43 -82.41 11.71
CA LEU J 138 35.15 -81.17 12.42
C LEU J 138 34.93 -80.03 11.44
N VAL J 139 35.75 -79.95 10.40
CA VAL J 139 35.59 -78.90 9.40
C VAL J 139 34.22 -79.01 8.74
N ASN J 140 33.84 -80.22 8.34
CA ASN J 140 32.53 -80.42 7.71
C ASN J 140 31.39 -80.04 8.65
N GLN J 141 31.49 -80.44 9.92
CA GLN J 141 30.44 -80.15 10.87
C GLN J 141 30.29 -78.65 11.09
N LEU J 142 31.41 -77.93 11.21
CA LEU J 142 31.32 -76.49 11.38
C LEU J 142 30.83 -75.80 10.12
N ARG J 143 31.18 -76.35 8.95
CA ARG J 143 30.62 -75.83 7.71
C ARG J 143 29.09 -75.95 7.70
N ARG J 144 28.58 -77.13 8.05
CA ARG J 144 27.14 -77.30 8.13
C ARG J 144 26.53 -76.37 9.17
N ALA J 145 27.24 -76.16 10.29
CA ALA J 145 26.74 -75.26 11.32
C ALA J 145 26.60 -73.84 10.79
N ASP J 146 27.62 -73.36 10.06
CA ASP J 146 27.51 -72.05 9.44
C ASP J 146 26.36 -72.01 8.44
N GLN J 147 26.18 -73.10 7.68
CA GLN J 147 25.07 -73.15 6.73
C GLN J 147 23.73 -73.00 7.43
N GLU J 148 23.56 -73.67 8.57
CA GLU J 148 22.31 -73.65 9.32
C GLU J 148 22.24 -72.56 10.37
N GLY J 149 23.32 -71.81 10.58
CA GLY J 149 23.33 -70.74 11.56
C GLY J 149 23.55 -71.17 12.98
N LYS J 150 23.75 -72.46 13.24
CA LYS J 150 23.96 -72.98 14.58
C LYS J 150 25.44 -73.15 14.91
N LEU J 151 26.30 -72.30 14.34
CA LEU J 151 27.73 -72.43 14.58
C LEU J 151 28.07 -72.31 16.06
N GLU J 152 27.36 -71.45 16.78
CA GLU J 152 27.58 -71.32 18.22
C GLU J 152 27.33 -72.65 18.92
N LYS J 153 26.28 -73.37 18.52
CA LYS J 153 25.96 -74.64 19.15
C LYS J 153 27.07 -75.66 18.94
N LYS J 154 27.60 -75.74 17.72
CA LYS J 154 28.64 -76.72 17.44
C LYS J 154 29.95 -76.33 18.13
N LEU J 155 30.27 -75.04 18.17
CA LEU J 155 31.45 -74.62 18.93
C LEU J 155 31.30 -74.97 20.41
N ARG J 156 30.11 -74.75 20.96
CA ARG J 156 29.89 -75.08 22.36
C ARG J 156 30.01 -76.57 22.61
N VAL J 157 29.44 -77.40 21.74
CA VAL J 157 29.50 -78.84 21.97
C VAL J 157 30.91 -79.37 21.76
N PHE J 158 31.71 -78.71 20.93
CA PHE J 158 33.10 -79.11 20.71
C PHE J 158 34.06 -78.53 21.74
N VAL J 159 33.65 -77.53 22.50
CA VAL J 159 34.52 -76.94 23.51
C VAL J 159 34.18 -77.51 24.88
N LYS J 160 32.94 -77.92 25.08
CA LYS J 160 32.53 -78.47 26.37
C LYS J 160 33.36 -79.67 26.79
N PRO J 161 33.67 -80.63 25.93
CA PRO J 161 34.42 -81.81 26.37
C PRO J 161 35.72 -81.42 27.05
N THR J 162 36.01 -82.08 28.17
CA THR J 162 37.22 -81.76 28.93
C THR J 162 38.47 -82.17 28.17
N VAL J 163 38.38 -83.19 27.32
CA VAL J 163 39.51 -83.68 26.55
C VAL J 163 39.04 -83.87 25.11
N LEU J 164 39.50 -83.01 24.22
CA LEU J 164 39.16 -83.07 22.80
C LEU J 164 40.33 -83.68 22.03
N ILE J 165 40.05 -84.73 21.26
CA ILE J 165 41.08 -85.49 20.57
C ILE J 165 40.87 -85.31 19.07
N ILE J 166 41.76 -84.54 18.43
CA ILE J 166 41.72 -84.31 17.00
C ILE J 166 42.63 -85.33 16.33
N ASP J 167 42.10 -86.04 15.33
CA ASP J 167 42.83 -87.12 14.67
C ASP J 167 42.87 -86.86 13.17
N GLN J 168 43.81 -87.53 12.51
CA GLN J 168 43.99 -87.43 11.06
C GLN J 168 44.18 -85.98 10.63
N MET J 169 44.97 -85.23 11.41
CA MET J 169 45.31 -83.85 11.07
C MET J 169 46.59 -83.87 10.24
N GLY J 170 46.45 -83.69 8.93
CA GLY J 170 47.59 -83.67 8.05
C GLY J 170 47.38 -84.48 6.79
N TYR J 171 46.61 -85.57 6.89
CA TYR J 171 46.36 -86.39 5.71
C TYR J 171 45.60 -85.62 4.65
N LEU J 172 44.59 -84.84 5.06
CA LEU J 172 43.75 -84.10 4.15
C LEU J 172 44.07 -82.61 4.24
N LYS J 173 44.19 -81.97 3.09
CA LYS J 173 44.52 -80.54 3.04
C LYS J 173 43.29 -79.70 3.35
N LEU J 174 43.52 -78.54 3.97
CA LEU J 174 42.45 -77.68 4.45
C LEU J 174 42.49 -76.34 3.74
N ASP J 175 41.31 -75.81 3.41
CA ASP J 175 41.14 -74.50 2.83
C ASP J 175 41.11 -73.43 3.91
N PRO J 176 41.32 -72.16 3.56
CA PRO J 176 41.36 -71.11 4.59
C PRO J 176 40.10 -71.04 5.45
N ASN J 177 38.93 -71.34 4.88
CA ASN J 177 37.71 -71.35 5.69
C ASN J 177 37.81 -72.39 6.80
N SER J 178 38.24 -73.61 6.44
CA SER J 178 38.49 -74.63 7.45
C SER J 178 39.58 -74.19 8.41
N ALA J 179 40.56 -73.42 7.93
CA ALA J 179 41.59 -72.91 8.81
C ALA J 179 40.99 -71.99 9.87
N HIS J 180 40.07 -71.11 9.47
CA HIS J 180 39.45 -70.21 10.44
C HIS J 180 38.55 -70.97 11.41
N TYR J 181 37.85 -72.00 10.92
CA TYR J 181 37.05 -72.83 11.82
C TYR J 181 37.94 -73.48 12.88
N LEU J 182 39.03 -74.10 12.43
CA LEU J 182 39.94 -74.75 13.37
C LEU J 182 40.55 -73.73 14.34
N PHE J 183 40.85 -72.53 13.85
CA PHE J 183 41.39 -71.50 14.72
C PHE J 183 40.36 -71.08 15.77
N GLN J 184 39.09 -70.98 15.38
CA GLN J 184 38.04 -70.71 16.35
C GLN J 184 38.05 -71.77 17.44
N VAL J 185 38.09 -73.04 17.04
CA VAL J 185 38.08 -74.12 18.04
C VAL J 185 39.28 -74.01 18.96
N ILE J 186 40.47 -73.80 18.38
CA ILE J 186 41.69 -73.76 19.17
C ILE J 186 41.64 -72.59 20.15
N ALA J 187 41.22 -71.42 19.67
CA ALA J 187 41.15 -70.24 20.54
C ALA J 187 40.17 -70.47 21.67
N ARG J 188 39.02 -71.07 21.38
CA ARG J 188 38.08 -71.40 22.45
C ARG J 188 38.70 -72.39 23.43
N ARG J 189 39.61 -73.25 22.96
CA ARG J 189 40.29 -74.21 23.82
C ARG J 189 41.77 -73.87 24.01
N TYR J 190 42.11 -72.58 23.89
CA TYR J 190 43.52 -72.19 24.02
C TYR J 190 44.07 -72.51 25.40
N GLU J 191 43.38 -72.06 26.46
CA GLU J 191 43.82 -72.27 27.83
C GLU J 191 42.63 -72.65 28.70
N HIS J 192 41.80 -73.54 28.18
CA HIS J 192 40.60 -73.99 28.88
C HIS J 192 40.55 -75.50 29.06
N ALA J 193 41.03 -76.27 28.07
CA ALA J 193 41.03 -77.72 28.15
C ALA J 193 42.11 -78.27 27.24
N PRO J 194 42.80 -79.34 27.63
CA PRO J 194 43.86 -79.88 26.76
C PRO J 194 43.29 -80.47 25.48
N ILE J 195 44.14 -80.51 24.46
CA ILE J 195 43.81 -81.12 23.17
C ILE J 195 44.85 -82.19 22.88
N ILE J 196 44.39 -83.37 22.51
CA ILE J 196 45.27 -84.48 22.14
C ILE J 196 45.16 -84.65 20.63
N LEU J 197 46.24 -84.35 19.93
CA LEU J 197 46.26 -84.36 18.47
C LEU J 197 47.30 -85.33 17.96
N THR J 198 46.99 -85.97 16.84
CA THR J 198 47.91 -86.87 16.17
C THR J 198 48.05 -86.42 14.71
N SER J 199 49.29 -86.29 14.25
CA SER J 199 49.55 -85.80 12.91
C SER J 199 50.74 -86.51 12.31
N ASN J 200 50.80 -86.51 10.98
CA ASN J 200 51.91 -87.09 10.23
C ASN J 200 52.74 -86.05 9.50
N LYS J 201 52.44 -84.76 9.65
CA LYS J 201 53.14 -83.69 8.98
C LYS J 201 53.86 -82.81 9.99
N SER J 202 55.01 -82.27 9.58
CA SER J 202 55.76 -81.37 10.42
C SER J 202 55.03 -80.04 10.56
N PHE J 203 55.38 -79.29 11.61
CA PHE J 203 54.74 -78.01 11.86
C PHE J 203 54.85 -77.09 10.65
N GLY J 204 55.95 -77.18 9.91
CA GLY J 204 56.11 -76.33 8.74
C GLY J 204 55.05 -76.57 7.69
N GLU J 205 54.71 -77.84 7.46
CA GLU J 205 53.71 -78.18 6.45
C GLU J 205 52.34 -77.64 6.79
N TRP J 206 52.08 -77.33 8.06
CA TRP J 206 50.75 -76.87 8.45
C TRP J 206 50.34 -75.62 7.68
N GLY J 207 51.32 -74.80 7.28
CA GLY J 207 50.99 -73.61 6.52
C GLY J 207 50.30 -73.94 5.21
N GLU J 208 50.86 -74.88 4.45
CA GLU J 208 50.21 -75.33 3.22
C GLU J 208 48.95 -76.14 3.54
N ILE J 209 48.93 -76.84 4.67
CA ILE J 209 47.76 -77.64 5.03
C ILE J 209 46.55 -76.73 5.21
N VAL J 210 46.73 -75.60 5.89
CA VAL J 210 45.60 -74.72 6.20
C VAL J 210 45.41 -73.62 5.16
N GLY J 211 46.32 -73.50 4.18
CA GLY J 211 46.17 -72.49 3.16
C GLY J 211 46.38 -71.08 3.63
N ASP J 212 47.06 -70.89 4.77
CA ASP J 212 47.31 -69.56 5.31
C ASP J 212 48.46 -69.65 6.29
N SER J 213 49.58 -69.00 5.97
CA SER J 213 50.75 -69.07 6.83
C SER J 213 50.51 -68.41 8.18
N VAL J 214 49.84 -67.25 8.19
CA VAL J 214 49.64 -66.52 9.43
C VAL J 214 48.69 -67.28 10.35
N LEU J 215 47.60 -67.83 9.79
CA LEU J 215 46.70 -68.65 10.59
C LEU J 215 47.43 -69.86 11.14
N ALA J 216 48.27 -70.50 10.33
CA ALA J 216 49.05 -71.63 10.81
C ALA J 216 49.94 -71.24 11.96
N THR J 217 50.63 -70.10 11.84
CA THR J 217 51.51 -69.64 12.92
C THR J 217 50.73 -69.36 14.18
N ALA J 218 49.57 -68.70 14.06
CA ALA J 218 48.76 -68.38 15.23
C ALA J 218 48.27 -69.66 15.91
N MET J 219 47.79 -70.62 15.11
CA MET J 219 47.31 -71.87 15.69
C MET J 219 48.45 -72.63 16.36
N LEU J 220 49.63 -72.64 15.73
CA LEU J 220 50.77 -73.32 16.34
C LEU J 220 51.16 -72.66 17.66
N ASP J 221 51.17 -71.32 17.70
CA ASP J 221 51.50 -70.64 18.95
C ASP J 221 50.49 -70.99 20.04
N ARG J 222 49.19 -70.91 19.71
CA ARG J 222 48.17 -71.19 20.71
C ARG J 222 48.25 -72.62 21.21
N LEU J 223 48.48 -73.58 20.29
CA LEU J 223 48.52 -74.98 20.66
C LEU J 223 49.78 -75.31 21.46
N LEU J 224 50.92 -74.77 21.06
CA LEU J 224 52.20 -75.14 21.66
C LEU J 224 52.56 -74.31 22.87
N HIS J 225 51.80 -73.26 23.20
CA HIS J 225 52.10 -72.47 24.39
C HIS J 225 52.25 -73.38 25.60
N HIS J 226 51.31 -74.32 25.77
CA HIS J 226 51.36 -75.33 26.81
C HIS J 226 51.09 -76.67 26.14
N SER J 227 52.15 -77.39 25.80
CA SER J 227 52.02 -78.63 25.05
C SER J 227 53.20 -79.55 25.33
N ILE J 228 53.08 -80.78 24.84
CA ILE J 228 54.15 -81.77 24.88
C ILE J 228 54.06 -82.58 23.59
N ILE J 229 55.18 -82.70 22.87
CA ILE J 229 55.22 -83.35 21.57
C ILE J 229 56.06 -84.62 21.68
N PHE J 230 55.59 -85.69 21.05
CA PHE J 230 56.32 -86.96 20.97
C PHE J 230 56.47 -87.32 19.49
N ASN J 231 57.68 -87.14 18.96
CA ASN J 231 57.98 -87.47 17.57
C ASN J 231 58.30 -88.96 17.50
N LEU J 232 57.25 -89.77 17.52
CA LEU J 232 57.40 -91.21 17.48
C LEU J 232 57.85 -91.66 16.10
N LYS J 233 58.86 -92.52 16.05
CA LYS J 233 59.41 -93.03 14.80
C LYS J 233 59.61 -94.53 14.91
N GLY J 234 59.30 -95.25 13.84
CA GLY J 234 59.46 -96.68 13.83
C GLY J 234 58.71 -97.32 12.69
N GLU J 235 58.85 -98.63 12.60
CA GLU J 235 58.19 -99.40 11.55
C GLU J 235 56.68 -99.36 11.74
N SER J 236 55.95 -99.36 10.62
CA SER J 236 54.49 -99.31 10.68
C SER J 236 53.96 -100.60 11.29
N TYR J 237 53.20 -100.47 12.37
CA TYR J 237 52.67 -101.65 13.05
C TYR J 237 51.71 -102.43 12.14
N ARG J 238 50.98 -101.73 11.27
CA ARG J 238 50.13 -102.44 10.32
C ARG J 238 50.97 -103.29 9.38
N LEU J 239 52.09 -102.75 8.89
CA LEU J 239 52.97 -103.53 8.02
C LEU J 239 53.56 -104.72 8.77
N ARG J 240 53.94 -104.53 10.03
CA ARG J 240 54.49 -105.65 10.80
C ARG J 240 53.44 -106.73 11.04
N GLU J 241 52.20 -106.33 11.31
CA GLU J 241 51.12 -107.31 11.46
C GLU J 241 50.88 -108.04 10.15
N LYS J 242 50.94 -107.33 9.02
CA LYS J 242 50.80 -107.98 7.72
C LYS J 242 51.91 -109.01 7.51
N ARG J 243 53.15 -108.65 7.86
CA ARG J 243 54.26 -109.59 7.72
C ARG J 243 54.05 -110.81 8.63
N LEU J 244 53.57 -110.59 9.86
CA LEU J 244 53.28 -111.70 10.74
C LEU J 244 52.21 -112.62 10.15
N GLN J 245 51.18 -112.02 9.56
CA GLN J 245 50.17 -112.82 8.86
C GLN J 245 50.80 -113.62 7.73
N GLU J 246 51.73 -113.01 7.00
CA GLU J 246 52.42 -113.73 5.94
C GLU J 246 53.17 -114.93 6.49
N GLU J 247 53.86 -114.76 7.61
CA GLU J 247 54.56 -115.87 8.25
C GLU J 247 53.68 -116.51 9.32
N ASN K 1 14.83 -128.81 5.29
CA ASN K 1 13.64 -129.70 5.25
C ASN K 1 12.53 -129.07 4.41
N MET K 2 11.28 -129.27 4.81
CA MET K 2 10.13 -128.77 4.07
C MET K 2 9.48 -127.57 4.74
N LYS K 3 9.08 -127.69 6.01
CA LYS K 3 8.36 -126.62 6.67
C LYS K 3 9.20 -125.36 6.76
N GLU K 4 10.48 -125.49 7.12
CA GLU K 4 11.34 -124.31 7.23
C GLU K 4 11.49 -123.61 5.89
N ARG K 5 11.65 -124.38 4.81
CA ARG K 5 11.72 -123.77 3.48
C ARG K 5 10.41 -123.10 3.11
N ILE K 6 9.27 -123.70 3.49
CA ILE K 6 7.98 -123.08 3.23
C ILE K 6 7.89 -121.73 3.92
N HIS K 7 8.27 -121.69 5.20
CA HIS K 7 8.21 -120.43 5.95
C HIS K 7 9.16 -119.40 5.35
N GLU K 8 10.37 -119.81 4.99
CA GLU K 8 11.33 -118.90 4.40
C GLU K 8 10.81 -118.34 3.08
N TYR K 9 10.22 -119.18 2.24
CA TYR K 9 9.69 -118.72 0.97
C TYR K 9 8.52 -117.77 1.18
N CYS K 10 7.65 -118.07 2.14
CA CYS K 10 6.53 -117.16 2.42
C CYS K 10 7.04 -115.80 2.87
N HIS K 11 8.06 -115.78 3.73
CA HIS K 11 8.62 -114.51 4.18
C HIS K 11 9.33 -113.77 3.05
N ARG K 12 10.04 -114.51 2.18
CA ARG K 12 10.71 -113.86 1.05
C ARG K 12 9.69 -113.23 0.11
N LEU K 13 8.57 -113.92 -0.14
CA LEU K 13 7.47 -113.34 -0.89
C LEU K 13 6.73 -112.28 -0.09
N HIS K 14 7.10 -112.07 1.18
CA HIS K 14 6.47 -111.07 2.04
C HIS K 14 5.01 -111.46 2.32
N LEU K 15 4.81 -112.72 2.71
CA LEU K 15 3.47 -113.26 2.95
C LEU K 15 3.49 -114.17 4.17
N PRO K 16 3.91 -113.67 5.32
CA PRO K 16 3.73 -114.45 6.56
C PRO K 16 2.26 -114.70 6.85
N VAL K 17 1.39 -113.77 6.48
CA VAL K 17 -0.05 -114.02 6.56
C VAL K 17 -0.41 -115.26 5.75
N MET K 18 0.03 -115.30 4.49
CA MET K 18 -0.19 -116.49 3.68
C MET K 18 0.47 -117.71 4.31
N ALA K 19 1.57 -117.51 5.04
CA ALA K 19 2.19 -118.63 5.75
C ALA K 19 1.23 -119.21 6.78
N GLU K 20 0.56 -118.34 7.54
CA GLU K 20 -0.40 -118.85 8.53
C GLU K 20 -1.69 -119.31 7.88
N ARG K 21 -2.09 -118.71 6.75
CA ARG K 21 -3.34 -119.09 6.12
C ARG K 21 -3.29 -120.51 5.56
N TRP K 22 -2.15 -120.91 5.00
CA TRP K 22 -2.03 -122.30 4.56
C TRP K 22 -1.91 -123.24 5.75
N SER K 23 -1.36 -122.77 6.87
CA SER K 23 -1.31 -123.60 8.06
C SER K 23 -2.70 -124.04 8.49
N ALA K 24 -3.73 -123.24 8.18
CA ALA K 24 -5.11 -123.56 8.51
C ALA K 24 -5.85 -124.19 7.34
N MET K 25 -5.69 -123.63 6.14
CA MET K 25 -6.40 -124.14 4.97
C MET K 25 -5.92 -125.53 4.59
N ALA K 26 -4.64 -125.86 4.84
CA ALA K 26 -4.16 -127.21 4.59
C ALA K 26 -4.89 -128.21 5.48
N GLU K 27 -5.04 -127.90 6.77
CA GLU K 27 -5.80 -128.77 7.66
C GLU K 27 -7.25 -128.87 7.21
N TYR K 28 -7.84 -127.74 6.82
CA TYR K 28 -9.23 -127.75 6.37
C TYR K 28 -9.40 -128.66 5.15
N ALA K 29 -8.49 -128.54 4.18
CA ALA K 29 -8.55 -129.39 2.99
C ALA K 29 -8.35 -130.85 3.36
N SER K 30 -7.40 -131.13 4.26
CA SER K 30 -7.19 -132.51 4.70
C SER K 30 -8.46 -133.07 5.35
N THR K 31 -9.26 -132.23 5.99
CA THR K 31 -10.51 -132.69 6.58
C THR K 31 -11.59 -132.91 5.55
N HIS K 32 -11.48 -132.30 4.36
CA HIS K 32 -12.53 -132.39 3.36
C HIS K 32 -12.03 -132.67 1.94
N ASN K 33 -10.74 -132.86 1.74
CA ASN K 33 -10.18 -133.11 0.41
C ASN K 33 -10.61 -132.03 -0.58
N ILE K 34 -10.29 -130.79 -0.23
CA ILE K 34 -10.64 -129.66 -1.08
C ILE K 34 -9.78 -129.65 -2.33
N SER K 35 -10.35 -129.15 -3.42
CA SER K 35 -9.59 -129.04 -4.66
C SER K 35 -8.44 -128.05 -4.52
N TYR K 36 -7.40 -128.25 -5.33
CA TYR K 36 -6.24 -127.38 -5.25
C TYR K 36 -6.59 -125.94 -5.61
N SER K 37 -7.46 -125.76 -6.61
CA SER K 37 -7.87 -124.42 -6.99
C SER K 37 -8.59 -123.71 -5.85
N GLU K 38 -9.52 -124.40 -5.20
CA GLU K 38 -10.23 -123.79 -4.08
C GLU K 38 -9.30 -123.54 -2.91
N PHE K 39 -8.33 -124.43 -2.69
CA PHE K 39 -7.34 -124.23 -1.64
C PHE K 39 -6.53 -122.96 -1.88
N LEU K 40 -5.98 -122.81 -3.08
CA LEU K 40 -5.22 -121.60 -3.41
C LEU K 40 -6.11 -120.37 -3.34
N PHE K 41 -7.36 -120.49 -3.76
CA PHE K 41 -8.28 -119.36 -3.65
C PHE K 41 -8.49 -118.95 -2.21
N ARG K 42 -8.65 -119.93 -1.31
CA ARG K 42 -8.77 -119.61 0.11
C ARG K 42 -7.53 -118.88 0.61
N LEU K 43 -6.35 -119.40 0.28
CA LEU K 43 -5.11 -118.77 0.73
C LEU K 43 -5.04 -117.33 0.24
N LEU K 44 -5.25 -117.13 -1.06
CA LEU K 44 -5.12 -115.80 -1.65
C LEU K 44 -6.16 -114.84 -1.09
N GLU K 45 -7.40 -115.31 -0.93
CA GLU K 45 -8.46 -114.44 -0.41
C GLU K 45 -8.17 -114.02 1.02
N ALA K 46 -7.73 -114.96 1.86
CA ALA K 46 -7.39 -114.60 3.24
C ALA K 46 -6.22 -113.61 3.26
N GLU K 47 -5.20 -113.85 2.43
CA GLU K 47 -4.07 -112.94 2.37
C GLU K 47 -4.53 -111.54 1.95
N ILE K 48 -5.39 -111.46 0.94
CA ILE K 48 -5.87 -110.18 0.44
C ILE K 48 -6.68 -109.47 1.51
N VAL K 49 -7.55 -110.20 2.21
CA VAL K 49 -8.37 -109.59 3.25
C VAL K 49 -7.49 -109.01 4.35
N GLU K 50 -6.50 -109.79 4.81
CA GLU K 50 -5.63 -109.32 5.87
C GLU K 50 -4.82 -108.11 5.42
N LYS K 51 -4.25 -108.17 4.21
CA LYS K 51 -3.47 -107.04 3.71
C LYS K 51 -4.32 -105.79 3.55
N GLN K 52 -5.55 -105.95 3.06
CA GLN K 52 -6.45 -104.81 2.92
C GLN K 52 -6.80 -104.21 4.28
N ALA K 53 -7.04 -105.06 5.28
CA ALA K 53 -7.33 -104.54 6.61
C ALA K 53 -6.13 -103.77 7.17
N ARG K 54 -4.93 -104.31 7.01
CA ARG K 54 -3.74 -103.62 7.49
C ARG K 54 -3.53 -102.30 6.75
N SER K 55 -3.76 -102.29 5.43
CA SER K 55 -3.63 -101.06 4.66
C SER K 55 -4.65 -100.02 5.11
N ILE K 56 -5.88 -100.45 5.37
CA ILE K 56 -6.91 -99.52 5.86
C ILE K 56 -6.50 -98.94 7.20
N GLN K 57 -5.98 -99.78 8.11
CA GLN K 57 -5.53 -99.28 9.39
C GLN K 57 -4.39 -98.28 9.23
N THR K 58 -3.45 -98.58 8.32
CA THR K 58 -2.35 -97.65 8.06
C THR K 58 -2.85 -96.34 7.51
N LEU K 59 -3.83 -96.38 6.59
CA LEU K 59 -4.40 -95.16 6.06
C LEU K 59 -5.09 -94.34 7.16
N ILE K 60 -5.81 -95.02 8.06
CA ILE K 60 -6.43 -94.31 9.17
C ILE K 60 -5.36 -93.65 10.04
N LYS K 61 -4.28 -94.37 10.32
CA LYS K 61 -3.22 -93.82 11.16
C LYS K 61 -2.57 -92.60 10.50
N LEU K 62 -2.29 -92.69 9.20
CA LEU K 62 -1.64 -91.58 8.50
C LEU K 62 -2.51 -90.34 8.51
N SER K 63 -3.79 -90.50 8.23
CA SER K 63 -4.70 -89.35 8.24
C SER K 63 -4.91 -88.85 9.66
N LYS K 64 -4.91 -87.54 9.83
CA LYS K 64 -5.10 -86.91 11.14
C LYS K 64 -6.58 -86.94 11.50
N LEU K 65 -7.04 -88.16 11.83
CA LEU K 65 -8.43 -88.36 12.23
C LEU K 65 -8.52 -88.31 13.74
N PRO K 66 -9.17 -87.31 14.33
CA PRO K 66 -9.22 -87.26 15.80
C PRO K 66 -9.90 -88.47 16.43
N TYR K 67 -10.92 -89.02 15.78
CA TYR K 67 -11.61 -90.19 16.29
C TYR K 67 -12.37 -90.85 15.15
N ARG K 68 -12.70 -92.12 15.34
CA ARG K 68 -13.41 -92.91 14.34
C ARG K 68 -14.89 -92.94 14.69
N LYS K 69 -15.72 -92.62 13.70
CA LYS K 69 -17.17 -92.65 13.87
C LYS K 69 -17.82 -92.98 12.54
N THR K 70 -18.92 -93.73 12.60
CA THR K 70 -19.63 -94.18 11.41
C THR K 70 -21.04 -93.61 11.41
N ILE K 71 -21.56 -93.36 10.21
CA ILE K 71 -22.92 -92.84 10.08
C ILE K 71 -23.93 -93.81 10.69
N ASP K 72 -23.58 -95.09 10.79
CA ASP K 72 -24.47 -96.05 11.44
C ASP K 72 -24.71 -95.66 12.89
N THR K 73 -23.67 -95.22 13.59
CA THR K 73 -23.79 -94.74 14.96
C THR K 73 -24.21 -93.26 14.98
N PHE K 74 -25.30 -92.95 14.30
CA PHE K 74 -25.81 -91.59 14.21
C PHE K 74 -27.32 -91.67 14.02
N ASP K 75 -28.06 -91.03 14.92
CA ASP K 75 -29.51 -91.07 14.91
C ASP K 75 -30.05 -89.84 14.20
N PHE K 76 -30.81 -90.06 13.13
CA PHE K 76 -31.43 -88.98 12.38
C PHE K 76 -32.78 -88.56 12.97
N THR K 77 -33.36 -89.37 13.85
CA THR K 77 -34.64 -89.00 14.46
C THR K 77 -34.50 -87.76 15.32
N ALA K 78 -33.40 -87.67 16.09
CA ALA K 78 -33.15 -86.50 16.92
C ALA K 78 -32.87 -85.26 16.10
N GLN K 79 -32.59 -85.39 14.80
CA GLN K 79 -32.30 -84.27 13.91
C GLN K 79 -33.22 -84.36 12.71
N PRO K 80 -34.45 -83.86 12.82
CA PRO K 80 -35.35 -83.88 11.66
C PRO K 80 -34.83 -83.11 10.46
N SER K 81 -33.93 -82.15 10.67
CA SER K 81 -33.43 -81.35 9.56
C SER K 81 -32.73 -82.22 8.52
N VAL K 82 -31.88 -83.14 8.97
CA VAL K 82 -31.14 -84.00 8.04
C VAL K 82 -32.12 -85.00 7.41
N ASP K 83 -32.05 -85.12 6.09
CA ASP K 83 -32.84 -86.09 5.35
C ASP K 83 -31.97 -87.30 5.06
N GLU K 84 -32.41 -88.48 5.52
CA GLU K 84 -31.61 -89.68 5.33
C GLU K 84 -31.30 -89.92 3.86
N ARG K 85 -32.20 -89.54 2.96
CA ARG K 85 -31.95 -89.71 1.54
C ARG K 85 -30.67 -88.99 1.13
N ARG K 86 -30.55 -87.70 1.46
CA ARG K 86 -29.39 -86.93 1.06
C ARG K 86 -28.13 -87.43 1.76
N ILE K 87 -28.24 -87.81 3.03
CA ILE K 87 -27.08 -88.30 3.76
C ILE K 87 -26.54 -89.56 3.11
N ARG K 88 -27.43 -90.50 2.77
CA ARG K 88 -26.99 -91.73 2.12
C ARG K 88 -26.50 -91.47 0.70
N GLU K 89 -27.07 -90.48 0.01
CA GLU K 89 -26.53 -90.10 -1.29
C GLU K 89 -25.10 -89.61 -1.16
N LEU K 90 -24.81 -88.82 -0.13
CA LEU K 90 -23.44 -88.43 0.15
C LEU K 90 -22.58 -89.65 0.46
N LEU K 91 -23.12 -90.59 1.25
CA LEU K 91 -22.37 -91.80 1.57
C LEU K 91 -22.02 -92.58 0.31
N THR K 92 -22.86 -92.50 -0.73
CA THR K 92 -22.55 -93.16 -1.99
C THR K 92 -21.30 -92.59 -2.64
N LEU K 93 -20.86 -91.40 -2.22
CA LEU K 93 -19.65 -90.76 -2.74
C LEU K 93 -19.77 -90.41 -4.22
N SER K 94 -21.00 -90.19 -4.69
CA SER K 94 -21.18 -89.76 -6.07
C SER K 94 -20.54 -88.39 -6.32
N PHE K 95 -20.39 -87.58 -5.27
CA PHE K 95 -19.80 -86.26 -5.43
C PHE K 95 -18.35 -86.34 -5.86
N ILE K 96 -17.65 -87.41 -5.48
CA ILE K 96 -16.24 -87.54 -5.85
C ILE K 96 -16.10 -87.60 -7.37
N ASP K 97 -16.95 -88.38 -8.04
CA ASP K 97 -16.92 -88.42 -9.49
C ASP K 97 -17.30 -87.07 -10.08
N ARG K 98 -18.29 -86.41 -9.51
CA ARG K 98 -18.75 -85.12 -10.02
C ARG K 98 -17.90 -83.94 -9.53
N LYS K 99 -16.96 -84.18 -8.63
CA LYS K 99 -16.11 -83.12 -8.09
C LYS K 99 -16.95 -82.01 -7.46
N GLU K 100 -17.90 -82.43 -6.61
CA GLU K 100 -18.80 -81.51 -5.93
C GLU K 100 -18.34 -81.37 -4.47
N ASN K 101 -18.10 -80.12 -4.05
CA ASN K 101 -17.69 -79.86 -2.68
C ASN K 101 -18.88 -79.92 -1.74
N ILE K 102 -18.65 -80.47 -0.55
CA ILE K 102 -19.70 -80.66 0.44
C ILE K 102 -19.43 -79.70 1.60
N LEU K 103 -20.46 -78.95 1.98
CA LEU K 103 -20.37 -77.98 3.07
C LEU K 103 -21.48 -78.23 4.06
N PHE K 104 -21.13 -78.23 5.35
CA PHE K 104 -22.10 -78.40 6.43
C PHE K 104 -22.12 -77.13 7.26
N LEU K 105 -23.28 -76.48 7.33
CA LEU K 105 -23.46 -75.23 8.05
C LEU K 105 -24.55 -75.38 9.09
N GLY K 106 -24.39 -74.68 10.21
CA GLY K 106 -25.37 -74.70 11.27
C GLY K 106 -24.77 -74.38 12.63
N PRO K 107 -25.63 -74.23 13.63
CA PRO K 107 -25.15 -73.93 14.98
C PRO K 107 -24.38 -75.11 15.55
N PRO K 108 -23.46 -74.87 16.49
CA PRO K 108 -22.67 -75.96 17.05
C PRO K 108 -23.55 -76.98 17.78
N GLY K 109 -23.10 -78.24 17.74
CA GLY K 109 -23.72 -79.31 18.49
C GLY K 109 -24.58 -80.25 17.66
N ILE K 110 -24.96 -79.86 16.44
CA ILE K 110 -25.83 -80.71 15.64
C ILE K 110 -25.11 -81.99 15.26
N GLY K 111 -23.85 -81.89 14.81
CA GLY K 111 -23.08 -83.07 14.46
C GLY K 111 -22.62 -83.11 13.01
N LYS K 112 -22.40 -81.93 12.42
CA LYS K 112 -21.92 -81.87 11.04
C LYS K 112 -20.56 -82.55 10.90
N THR K 113 -19.62 -82.25 11.80
CA THR K 113 -18.33 -82.89 11.73
C THR K 113 -18.42 -84.40 11.89
N HIS K 114 -19.48 -84.89 12.54
CA HIS K 114 -19.70 -86.33 12.58
C HIS K 114 -19.91 -86.88 11.19
N LEU K 115 -20.74 -86.23 10.38
CA LEU K 115 -20.95 -86.67 9.00
C LEU K 115 -19.67 -86.53 8.19
N ALA K 116 -18.93 -85.44 8.40
CA ALA K 116 -17.67 -85.27 7.68
C ALA K 116 -16.71 -86.41 7.98
N ILE K 117 -16.57 -86.76 9.26
CA ILE K 117 -15.64 -87.82 9.65
C ILE K 117 -16.12 -89.17 9.13
N SER K 118 -17.44 -89.40 9.14
CA SER K 118 -17.96 -90.65 8.60
C SER K 118 -17.64 -90.78 7.12
N ILE K 119 -17.79 -89.69 6.36
CA ILE K 119 -17.46 -89.73 4.94
C ILE K 119 -15.96 -89.96 4.76
N GLY K 120 -15.13 -89.36 5.62
CA GLY K 120 -13.71 -89.62 5.55
C GLY K 120 -13.37 -91.09 5.78
N MET K 121 -14.01 -91.71 6.78
CA MET K 121 -13.77 -93.12 7.04
C MET K 121 -14.24 -93.98 5.89
N GLU K 122 -15.38 -93.64 5.29
CA GLU K 122 -15.84 -94.37 4.11
C GLU K 122 -14.84 -94.25 2.96
N ALA K 123 -14.28 -93.05 2.76
CA ALA K 123 -13.28 -92.87 1.73
C ALA K 123 -12.05 -93.74 1.99
N ILE K 124 -11.60 -93.79 3.25
CA ILE K 124 -10.47 -94.64 3.58
C ILE K 124 -10.79 -96.09 3.28
N ALA K 125 -11.99 -96.54 3.68
CA ALA K 125 -12.36 -97.93 3.48
C ALA K 125 -12.41 -98.29 1.99
N ARG K 126 -12.95 -97.39 1.18
CA ARG K 126 -13.10 -97.65 -0.26
C ARG K 126 -11.85 -97.30 -1.06
N GLY K 127 -10.80 -96.80 -0.41
CA GLY K 127 -9.54 -96.50 -1.07
C GLY K 127 -9.33 -95.03 -1.37
N TYR K 128 -10.39 -94.23 -1.34
CA TYR K 128 -10.25 -92.79 -1.60
C TYR K 128 -9.46 -92.15 -0.47
N LYS K 129 -8.39 -91.43 -0.83
CA LYS K 129 -7.56 -90.78 0.16
C LYS K 129 -8.28 -89.57 0.75
N THR K 130 -8.21 -89.44 2.07
CA THR K 130 -8.82 -88.33 2.78
C THR K 130 -7.88 -87.82 3.86
N TYR K 131 -7.79 -86.50 3.97
CA TYR K 131 -6.97 -85.85 4.98
C TYR K 131 -7.83 -84.83 5.72
N PHE K 132 -7.87 -84.93 7.04
CA PHE K 132 -8.70 -84.07 7.88
C PHE K 132 -7.80 -83.09 8.63
N ILE K 133 -8.14 -81.80 8.55
CA ILE K 133 -7.34 -80.76 9.17
C ILE K 133 -8.25 -79.61 9.57
N THR K 134 -7.83 -78.87 10.59
CA THR K 134 -8.55 -77.68 11.03
C THR K 134 -8.02 -76.44 10.30
N ALA K 135 -8.88 -75.43 10.17
CA ALA K 135 -8.48 -74.22 9.46
C ALA K 135 -7.31 -73.53 10.15
N HIS K 136 -7.34 -73.45 11.48
CA HIS K 136 -6.25 -72.83 12.22
C HIS K 136 -4.94 -73.57 11.96
N ASP K 137 -4.96 -74.90 12.10
CA ASP K 137 -3.76 -75.70 11.88
C ASP K 137 -3.30 -75.61 10.42
N LEU K 138 -4.24 -75.61 9.48
CA LEU K 138 -3.87 -75.48 8.08
C LEU K 138 -3.17 -74.16 7.81
N VAL K 139 -3.71 -73.07 8.37
CA VAL K 139 -3.10 -71.75 8.19
C VAL K 139 -1.70 -71.73 8.78
N ASN K 140 -1.56 -72.29 9.99
CA ASN K 140 -0.25 -72.31 10.63
C ASN K 140 0.75 -73.11 9.80
N GLN K 141 0.32 -74.26 9.29
CA GLN K 141 1.21 -75.09 8.49
C GLN K 141 1.62 -74.39 7.20
N LEU K 142 0.68 -73.71 6.54
CA LEU K 142 1.02 -72.97 5.33
C LEU K 142 2.00 -71.84 5.63
N ARG K 143 1.79 -71.14 6.75
CA ARG K 143 2.74 -70.08 7.13
C ARG K 143 4.12 -70.66 7.40
N ARG K 144 4.19 -71.80 8.09
CA ARG K 144 5.49 -72.44 8.32
C ARG K 144 6.14 -72.83 7.00
N ALA K 145 5.35 -73.36 6.06
CA ALA K 145 5.90 -73.73 4.77
C ALA K 145 6.48 -72.51 4.05
N ASP K 146 5.76 -71.40 4.08
CA ASP K 146 6.28 -70.18 3.46
C ASP K 146 7.56 -69.72 4.16
N GLN K 147 7.59 -69.80 5.49
CA GLN K 147 8.76 -69.34 6.23
C GLN K 147 9.99 -70.20 5.91
N GLU K 148 9.82 -71.51 5.85
CA GLU K 148 10.95 -72.43 5.68
C GLU K 148 11.30 -72.70 4.22
N GLY K 149 10.52 -72.18 3.28
CA GLY K 149 10.81 -72.36 1.87
C GLY K 149 10.31 -73.65 1.26
N LYS K 150 9.58 -74.47 2.01
CA LYS K 150 9.01 -75.71 1.50
C LYS K 150 7.51 -75.57 1.23
N LEU K 151 7.09 -74.40 0.75
CA LEU K 151 5.68 -74.18 0.46
C LEU K 151 5.17 -75.17 -0.58
N GLU K 152 6.00 -75.45 -1.59
CA GLU K 152 5.59 -76.41 -2.62
C GLU K 152 5.33 -77.78 -2.01
N LYS K 153 6.17 -78.22 -1.07
CA LYS K 153 5.99 -79.53 -0.47
C LYS K 153 4.68 -79.61 0.31
N LYS K 154 4.39 -78.60 1.12
CA LYS K 154 3.16 -78.62 1.91
C LYS K 154 1.93 -78.52 1.02
N LEU K 155 1.98 -77.66 0.00
CA LEU K 155 0.85 -77.58 -0.93
C LEU K 155 0.65 -78.91 -1.64
N ARG K 156 1.74 -79.56 -2.03
CA ARG K 156 1.64 -80.87 -2.68
C ARG K 156 0.99 -81.89 -1.76
N VAL K 157 1.46 -81.98 -0.51
CA VAL K 157 0.93 -83.00 0.39
C VAL K 157 -0.50 -82.69 0.82
N PHE K 158 -0.92 -81.42 0.76
CA PHE K 158 -2.29 -81.07 1.10
C PHE K 158 -3.23 -81.05 -0.10
N VAL K 159 -2.70 -81.14 -1.32
CA VAL K 159 -3.53 -81.19 -2.51
C VAL K 159 -3.62 -82.59 -3.11
N LYS K 160 -2.58 -83.41 -3.00
CA LYS K 160 -2.64 -84.77 -3.53
C LYS K 160 -3.83 -85.56 -2.99
N PRO K 161 -4.17 -85.50 -1.71
CA PRO K 161 -5.27 -86.34 -1.21
C PRO K 161 -6.56 -86.08 -1.96
N THR K 162 -7.31 -87.16 -2.21
CA THR K 162 -8.56 -87.06 -2.95
C THR K 162 -9.59 -86.21 -2.23
N VAL K 163 -9.61 -86.27 -0.90
CA VAL K 163 -10.58 -85.52 -0.09
C VAL K 163 -9.82 -84.72 0.95
N LEU K 164 -10.18 -83.45 1.10
CA LEU K 164 -9.63 -82.58 2.13
C LEU K 164 -10.77 -82.08 2.99
N ILE K 165 -10.74 -82.40 4.28
CA ILE K 165 -11.80 -82.05 5.22
C ILE K 165 -11.29 -80.90 6.08
N ILE K 166 -11.69 -79.69 5.75
CA ILE K 166 -11.36 -78.50 6.53
C ILE K 166 -12.42 -78.35 7.61
N ASP K 167 -11.98 -78.23 8.87
CA ASP K 167 -12.88 -78.17 10.01
C ASP K 167 -12.60 -76.90 10.81
N GLN K 168 -13.59 -76.50 11.59
CA GLN K 168 -13.50 -75.31 12.44
C GLN K 168 -13.22 -74.06 11.62
N MET K 169 -13.90 -73.93 10.48
CA MET K 169 -13.78 -72.75 9.62
C MET K 169 -14.86 -71.77 10.05
N GLY K 170 -14.46 -70.75 10.80
CA GLY K 170 -15.38 -69.73 11.27
C GLY K 170 -15.20 -69.37 12.72
N TYR K 171 -14.82 -70.36 13.54
CA TYR K 171 -14.60 -70.08 14.96
C TYR K 171 -13.45 -69.10 15.15
N LEU K 172 -12.39 -69.26 14.39
CA LEU K 172 -11.20 -68.41 14.48
C LEU K 172 -11.16 -67.45 13.30
N LYS K 173 -10.93 -66.18 13.58
CA LYS K 173 -10.85 -65.17 12.52
C LYS K 173 -9.50 -65.24 11.83
N LEU K 174 -9.50 -64.98 10.52
CA LEU K 174 -8.32 -65.12 9.69
C LEU K 174 -7.88 -63.76 9.16
N ASP K 175 -6.57 -63.50 9.22
CA ASP K 175 -5.98 -62.30 8.67
C ASP K 175 -5.80 -62.44 7.16
N PRO K 176 -5.60 -61.33 6.45
CA PRO K 176 -5.49 -61.43 4.98
C PRO K 176 -4.39 -62.36 4.51
N ASN K 177 -3.28 -62.47 5.25
CA ASN K 177 -2.24 -63.42 4.86
C ASN K 177 -2.76 -64.84 4.91
N SER K 178 -3.40 -65.21 6.03
CA SER K 178 -4.06 -66.51 6.11
C SER K 178 -5.14 -66.64 5.05
N ALA K 179 -5.79 -65.53 4.69
CA ALA K 179 -6.77 -65.58 3.62
C ALA K 179 -6.14 -65.98 2.30
N HIS K 180 -4.95 -65.43 1.99
CA HIS K 180 -4.28 -65.78 0.75
C HIS K 180 -3.77 -67.22 0.79
N TYR K 181 -3.33 -67.68 1.96
CA TYR K 181 -2.92 -69.08 2.08
C TYR K 181 -4.10 -70.00 1.80
N LEU K 182 -5.25 -69.71 2.40
CA LEU K 182 -6.45 -70.50 2.16
C LEU K 182 -6.87 -70.43 0.69
N PHE K 183 -6.71 -69.25 0.08
CA PHE K 183 -7.04 -69.11 -1.34
C PHE K 183 -6.13 -69.97 -2.20
N GLN K 184 -4.84 -70.02 -1.88
CA GLN K 184 -3.94 -70.92 -2.59
C GLN K 184 -4.40 -72.37 -2.46
N VAL K 185 -4.74 -72.79 -1.23
CA VAL K 185 -5.18 -74.16 -1.03
C VAL K 185 -6.42 -74.45 -1.87
N ILE K 186 -7.38 -73.52 -1.86
CA ILE K 186 -8.61 -73.72 -2.62
C ILE K 186 -8.32 -73.78 -4.11
N ALA K 187 -7.49 -72.86 -4.61
CA ALA K 187 -7.23 -72.78 -6.04
C ALA K 187 -6.54 -74.05 -6.54
N ARG K 188 -5.58 -74.56 -5.77
CA ARG K 188 -4.93 -75.81 -6.18
C ARG K 188 -5.95 -76.94 -6.25
N ARG K 189 -7.04 -76.86 -5.49
CA ARG K 189 -8.10 -77.85 -5.49
C ARG K 189 -9.39 -77.30 -6.09
N TYR K 190 -9.28 -76.34 -7.01
CA TYR K 190 -10.47 -75.71 -7.56
C TYR K 190 -11.35 -76.72 -8.28
N GLU K 191 -10.77 -77.48 -9.21
CA GLU K 191 -11.50 -78.50 -9.96
C GLU K 191 -10.66 -79.76 -10.11
N HIS K 192 -9.98 -80.15 -9.03
CA HIS K 192 -9.13 -81.33 -9.04
C HIS K 192 -9.53 -82.36 -7.99
N ALA K 193 -10.12 -81.94 -6.87
CA ALA K 193 -10.49 -82.87 -5.81
C ALA K 193 -11.61 -82.24 -4.99
N PRO K 194 -12.60 -83.03 -4.54
CA PRO K 194 -13.66 -82.45 -3.71
C PRO K 194 -13.12 -81.98 -2.37
N ILE K 195 -13.81 -81.00 -1.79
CA ILE K 195 -13.48 -80.45 -0.49
C ILE K 195 -14.70 -80.57 0.41
N ILE K 196 -14.47 -81.08 1.63
CA ILE K 196 -15.51 -81.18 2.65
C ILE K 196 -15.19 -80.15 3.73
N LEU K 197 -16.17 -79.30 4.04
CA LEU K 197 -15.97 -78.21 4.99
C LEU K 197 -17.14 -78.15 5.95
N THR K 198 -16.84 -77.73 7.18
CA THR K 198 -17.84 -77.52 8.22
C THR K 198 -17.65 -76.14 8.80
N SER K 199 -18.74 -75.38 8.92
CA SER K 199 -18.66 -74.02 9.43
C SER K 199 -19.94 -73.67 10.17
N ASN K 200 -19.86 -72.59 10.95
CA ASN K 200 -20.99 -72.10 11.73
C ASN K 200 -21.39 -70.68 11.34
N LYS K 201 -20.73 -70.07 10.36
CA LYS K 201 -21.03 -68.72 9.93
C LYS K 201 -21.63 -68.73 8.53
N SER K 202 -22.49 -67.74 8.27
CA SER K 202 -23.05 -67.59 6.94
C SER K 202 -21.98 -67.12 5.96
N PHE K 203 -22.25 -67.31 4.67
CA PHE K 203 -21.27 -66.97 3.64
C PHE K 203 -20.90 -65.49 3.71
N GLY K 204 -21.85 -64.63 4.06
CA GLY K 204 -21.56 -63.22 4.13
C GLY K 204 -20.50 -62.88 5.16
N GLU K 205 -20.52 -63.58 6.30
CA GLU K 205 -19.57 -63.30 7.37
C GLU K 205 -18.15 -63.67 6.99
N TRP K 206 -17.97 -64.51 5.95
CA TRP K 206 -16.63 -64.92 5.57
C TRP K 206 -15.76 -63.73 5.17
N GLY K 207 -16.38 -62.65 4.68
CA GLY K 207 -15.62 -61.47 4.33
C GLY K 207 -14.88 -60.90 5.54
N GLU K 208 -15.57 -60.78 6.67
CA GLU K 208 -14.92 -60.33 7.89
C GLU K 208 -14.04 -61.42 8.48
N ILE K 209 -14.40 -62.69 8.31
CA ILE K 209 -13.60 -63.79 8.85
C ILE K 209 -12.20 -63.77 8.22
N VAL K 210 -12.12 -63.58 6.91
CA VAL K 210 -10.83 -63.62 6.21
C VAL K 210 -10.20 -62.24 6.07
N GLY K 211 -10.92 -61.17 6.41
CA GLY K 211 -10.35 -59.84 6.31
C GLY K 211 -10.22 -59.31 4.91
N ASP K 212 -10.97 -59.86 3.95
CA ASP K 212 -10.91 -59.39 2.57
C ASP K 212 -12.19 -59.83 1.87
N SER K 213 -13.01 -58.87 1.45
CA SER K 213 -14.27 -59.20 0.80
C SER K 213 -14.05 -59.87 -0.55
N VAL K 214 -13.09 -59.38 -1.34
CA VAL K 214 -12.89 -59.93 -2.67
C VAL K 214 -12.34 -61.34 -2.61
N LEU K 215 -11.39 -61.59 -1.70
CA LEU K 215 -10.89 -62.95 -1.52
C LEU K 215 -12.00 -63.87 -1.04
N ALA K 216 -12.84 -63.39 -0.13
CA ALA K 216 -13.96 -64.20 0.33
C ALA K 216 -14.88 -64.55 -0.84
N THR K 217 -15.18 -63.58 -1.69
CA THR K 217 -16.05 -63.83 -2.83
C THR K 217 -15.42 -64.85 -3.78
N ALA K 218 -14.13 -64.70 -4.08
CA ALA K 218 -13.48 -65.63 -4.99
C ALA K 218 -13.46 -67.05 -4.41
N MET K 219 -13.13 -67.18 -3.13
CA MET K 219 -13.10 -68.50 -2.50
C MET K 219 -14.49 -69.11 -2.47
N LEU K 220 -15.51 -68.32 -2.15
CA LEU K 220 -16.88 -68.83 -2.13
C LEU K 220 -17.31 -69.28 -3.52
N ASP K 221 -16.98 -68.50 -4.55
CA ASP K 221 -17.34 -68.89 -5.91
C ASP K 221 -16.66 -70.19 -6.30
N ARG K 222 -15.37 -70.32 -6.01
CA ARG K 222 -14.66 -71.55 -6.37
C ARG K 222 -15.20 -72.74 -5.58
N LEU K 223 -15.60 -72.51 -4.32
CA LEU K 223 -16.08 -73.60 -3.49
C LEU K 223 -17.48 -74.03 -3.89
N LEU K 224 -18.34 -73.08 -4.27
CA LEU K 224 -19.74 -73.36 -4.57
C LEU K 224 -20.02 -73.56 -6.05
N HIS K 225 -19.01 -73.45 -6.91
CA HIS K 225 -19.23 -73.70 -8.33
C HIS K 225 -19.78 -75.11 -8.54
N HIS K 226 -19.15 -76.09 -7.91
CA HIS K 226 -19.63 -77.48 -7.90
C HIS K 226 -19.68 -77.91 -6.44
N SER K 227 -20.85 -77.83 -5.83
CA SER K 227 -20.98 -78.12 -4.41
C SER K 227 -22.40 -78.53 -4.08
N ILE K 228 -22.57 -79.08 -2.88
CA ILE K 228 -23.86 -79.40 -2.30
C ILE K 228 -23.79 -78.99 -0.84
N ILE K 229 -24.60 -78.00 -0.46
CA ILE K 229 -24.55 -77.41 0.87
C ILE K 229 -25.64 -78.02 1.75
N PHE K 230 -25.34 -78.19 3.03
CA PHE K 230 -26.29 -78.72 4.01
C PHE K 230 -26.31 -77.78 5.20
N ASN K 231 -27.31 -76.89 5.25
CA ASN K 231 -27.47 -75.95 6.36
C ASN K 231 -28.40 -76.59 7.39
N LEU K 232 -27.80 -77.26 8.37
CA LEU K 232 -28.56 -77.99 9.38
C LEU K 232 -28.87 -77.07 10.57
N LYS K 233 -30.09 -77.19 11.08
CA LYS K 233 -30.53 -76.40 12.22
C LYS K 233 -31.29 -77.29 13.18
N GLY K 234 -31.21 -76.97 14.47
CA GLY K 234 -31.90 -77.74 15.47
C GLY K 234 -31.23 -77.60 16.82
N GLU K 235 -31.54 -78.54 17.70
CA GLU K 235 -31.01 -78.54 19.06
C GLU K 235 -29.63 -79.19 19.10
N SER K 236 -28.77 -78.68 19.98
CA SER K 236 -27.41 -79.18 20.08
C SER K 236 -27.39 -80.57 20.70
N TYR K 237 -26.74 -81.52 20.02
CA TYR K 237 -26.68 -82.88 20.54
C TYR K 237 -25.96 -82.93 21.87
N ARG K 238 -24.92 -82.10 22.05
CA ARG K 238 -24.23 -82.06 23.33
C ARG K 238 -25.17 -81.62 24.44
N LEU K 239 -25.99 -80.59 24.18
CA LEU K 239 -26.94 -80.13 25.19
C LEU K 239 -27.98 -81.20 25.49
N ARG K 240 -28.48 -81.88 24.47
CA ARG K 240 -29.47 -82.94 24.71
C ARG K 240 -28.87 -84.07 25.52
N GLU K 241 -27.62 -84.45 25.21
CA GLU K 241 -26.96 -85.51 25.98
C GLU K 241 -26.74 -85.08 27.43
N LYS K 242 -26.35 -83.81 27.63
CA LYS K 242 -26.19 -83.31 28.99
C LYS K 242 -27.51 -83.35 29.75
N ARG K 243 -28.60 -82.96 29.09
CA ARG K 243 -29.92 -83.01 29.74
C ARG K 243 -30.28 -84.45 30.08
N LEU K 244 -30.02 -85.39 29.17
CA LEU K 244 -30.31 -86.79 29.44
C LEU K 244 -29.50 -87.29 30.63
N GLN K 245 -28.22 -86.92 30.70
CA GLN K 245 -27.41 -87.31 31.84
C GLN K 245 -27.96 -86.73 33.14
N GLU K 246 -28.40 -85.47 33.09
CA GLU K 246 -29.00 -84.85 34.28
C GLU K 246 -30.24 -85.60 34.72
N GLU K 247 -31.10 -85.99 33.78
CA GLU K 247 -32.33 -86.70 34.11
C GLU K 247 -32.12 -88.21 34.00
N ASN L 1 -16.92 -116.19 -10.98
CA ASN L 1 -16.04 -117.40 -11.01
C ASN L 1 -14.93 -117.29 -9.98
N MET L 2 -14.01 -118.26 -9.98
CA MET L 2 -12.92 -118.31 -9.01
C MET L 2 -11.55 -118.14 -9.64
N LYS L 3 -11.34 -118.66 -10.85
CA LYS L 3 -10.01 -118.58 -11.46
C LYS L 3 -9.60 -117.14 -11.72
N GLU L 4 -10.54 -116.31 -12.18
CA GLU L 4 -10.24 -114.90 -12.38
C GLU L 4 -9.88 -114.23 -11.06
N ARG L 5 -10.60 -114.56 -9.98
CA ARG L 5 -10.26 -114.02 -8.68
C ARG L 5 -8.88 -114.49 -8.23
N ILE L 6 -8.54 -115.74 -8.52
CA ILE L 6 -7.20 -116.24 -8.20
C ILE L 6 -6.14 -115.43 -8.93
N HIS L 7 -6.38 -115.18 -10.22
CA HIS L 7 -5.42 -114.40 -11.01
C HIS L 7 -5.28 -112.99 -10.45
N GLU L 8 -6.40 -112.36 -10.11
CA GLU L 8 -6.36 -110.99 -9.58
C GLU L 8 -5.62 -110.94 -8.26
N TYR L 9 -5.90 -111.90 -7.37
CA TYR L 9 -5.21 -111.93 -6.08
C TYR L 9 -3.72 -112.16 -6.28
N CYS L 10 -3.35 -113.05 -7.21
CA CYS L 10 -1.93 -113.27 -7.49
C CYS L 10 -1.26 -112.01 -7.99
N HIS L 11 -1.91 -111.28 -8.89
CA HIS L 11 -1.36 -110.02 -9.36
C HIS L 11 -1.20 -109.03 -8.22
N ARG L 12 -2.21 -108.91 -7.36
CA ARG L 12 -2.17 -107.93 -6.28
C ARG L 12 -1.08 -108.28 -5.26
N LEU L 13 -0.93 -109.55 -4.93
CA LEU L 13 0.07 -110.01 -3.98
C LEU L 13 1.46 -110.11 -4.60
N HIS L 14 1.64 -109.66 -5.84
CA HIS L 14 2.92 -109.72 -6.53
C HIS L 14 3.33 -111.16 -6.81
N LEU L 15 2.38 -111.97 -7.29
CA LEU L 15 2.63 -113.38 -7.52
C LEU L 15 2.05 -113.84 -8.86
N PRO L 16 2.27 -113.10 -9.95
CA PRO L 16 1.72 -113.57 -11.24
C PRO L 16 2.40 -114.82 -11.74
N VAL L 17 3.73 -114.90 -11.63
CA VAL L 17 4.43 -116.12 -12.00
C VAL L 17 3.96 -117.28 -11.15
N MET L 18 3.64 -117.03 -9.87
CA MET L 18 3.07 -118.06 -9.03
C MET L 18 1.72 -118.53 -9.58
N ALA L 19 0.90 -117.59 -10.06
CA ALA L 19 -0.38 -117.96 -10.65
C ALA L 19 -0.16 -118.84 -11.88
N GLU L 20 0.76 -118.44 -12.76
CA GLU L 20 1.06 -119.26 -13.93
C GLU L 20 1.59 -120.62 -13.51
N ARG L 21 2.47 -120.65 -12.51
CA ARG L 21 3.04 -121.92 -12.07
C ARG L 21 2.04 -122.74 -11.27
N TRP L 22 1.04 -122.09 -10.65
CA TRP L 22 -0.07 -122.85 -10.09
C TRP L 22 -0.84 -123.55 -11.20
N SER L 23 -1.01 -122.89 -12.34
CA SER L 23 -1.76 -123.51 -13.45
C SER L 23 -1.09 -124.81 -13.88
N ALA L 24 0.24 -124.84 -13.91
CA ALA L 24 0.96 -126.06 -14.27
C ALA L 24 0.92 -127.09 -13.14
N MET L 25 1.18 -126.65 -11.90
CA MET L 25 1.33 -127.58 -10.79
C MET L 25 -0.01 -128.21 -10.42
N ALA L 26 -1.11 -127.48 -10.58
CA ALA L 26 -2.43 -128.07 -10.34
C ALA L 26 -2.70 -129.20 -11.30
N GLU L 27 -2.37 -129.02 -12.58
CA GLU L 27 -2.49 -130.11 -13.54
C GLU L 27 -1.57 -131.27 -13.15
N TYR L 28 -0.34 -130.95 -12.76
CA TYR L 28 0.60 -132.00 -12.35
C TYR L 28 0.04 -132.80 -11.18
N ALA L 29 -0.56 -132.13 -10.20
CA ALA L 29 -1.14 -132.82 -9.06
C ALA L 29 -2.36 -133.63 -9.49
N SER L 30 -3.15 -133.09 -10.42
CA SER L 30 -4.28 -133.85 -10.94
C SER L 30 -3.81 -135.13 -11.61
N THR L 31 -2.59 -135.14 -12.16
CA THR L 31 -2.05 -136.36 -12.73
C THR L 31 -1.57 -137.33 -11.65
N HIS L 32 -1.19 -136.83 -10.47
CA HIS L 32 -0.59 -137.67 -9.44
C HIS L 32 -1.21 -137.50 -8.05
N ASN L 33 -2.24 -136.67 -7.90
CA ASN L 33 -2.90 -136.47 -6.62
C ASN L 33 -1.90 -136.13 -5.51
N ILE L 34 -1.23 -134.99 -5.68
CA ILE L 34 -0.23 -134.53 -4.71
C ILE L 34 -0.94 -133.97 -3.49
N SER L 35 -0.27 -134.08 -2.34
CA SER L 35 -0.80 -133.51 -1.11
C SER L 35 -0.81 -131.99 -1.20
N TYR L 36 -1.70 -131.36 -0.42
CA TYR L 36 -1.84 -129.91 -0.48
C TYR L 36 -0.60 -129.21 0.04
N SER L 37 -0.03 -129.69 1.14
CA SER L 37 1.18 -129.08 1.69
C SER L 37 2.33 -129.16 0.70
N GLU L 38 2.52 -130.35 0.10
CA GLU L 38 3.58 -130.51 -0.89
C GLU L 38 3.32 -129.65 -2.12
N PHE L 39 2.05 -129.52 -2.51
CA PHE L 39 1.70 -128.68 -3.65
C PHE L 39 2.06 -127.22 -3.39
N LEU L 40 1.72 -126.71 -2.21
CA LEU L 40 2.09 -125.34 -1.87
C LEU L 40 3.61 -125.20 -1.76
N PHE L 41 4.28 -126.26 -1.28
CA PHE L 41 5.74 -126.23 -1.25
C PHE L 41 6.32 -126.10 -2.64
N ARG L 42 5.75 -126.84 -3.61
CA ARG L 42 6.21 -126.71 -4.99
C ARG L 42 5.96 -125.32 -5.52
N LEU L 43 4.78 -124.76 -5.25
CA LEU L 43 4.46 -123.41 -5.69
C LEU L 43 5.50 -122.43 -5.15
N LEU L 44 5.78 -122.50 -3.85
CA LEU L 44 6.74 -121.59 -3.24
C LEU L 44 8.13 -121.81 -3.81
N GLU L 45 8.52 -123.07 -4.02
CA GLU L 45 9.84 -123.34 -4.58
C GLU L 45 10.02 -122.66 -5.93
N ALA L 46 9.06 -122.88 -6.84
CA ALA L 46 9.21 -122.33 -8.18
C ALA L 46 9.12 -120.81 -8.18
N GLU L 47 8.18 -120.27 -7.39
CA GLU L 47 8.03 -118.81 -7.34
C GLU L 47 9.30 -118.16 -6.78
N ILE L 48 9.90 -118.75 -5.75
CA ILE L 48 11.12 -118.20 -5.17
C ILE L 48 12.28 -118.36 -6.15
N VAL L 49 12.32 -119.46 -6.90
CA VAL L 49 13.36 -119.60 -7.91
C VAL L 49 13.29 -118.46 -8.91
N GLU L 50 12.09 -118.19 -9.44
CA GLU L 50 11.94 -117.12 -10.42
C GLU L 50 12.24 -115.76 -9.80
N LYS L 51 11.78 -115.54 -8.57
CA LYS L 51 12.02 -114.25 -7.90
C LYS L 51 13.51 -114.04 -7.67
N GLN L 52 14.23 -115.08 -7.25
CA GLN L 52 15.66 -114.97 -7.04
C GLN L 52 16.39 -114.71 -8.36
N ALA L 53 15.96 -115.36 -9.44
CA ALA L 53 16.57 -115.09 -10.74
C ALA L 53 16.36 -113.63 -11.12
N ARG L 54 15.15 -113.12 -10.95
CA ARG L 54 14.88 -111.72 -11.28
C ARG L 54 15.68 -110.78 -10.40
N SER L 55 15.81 -111.10 -9.11
CA SER L 55 16.60 -110.27 -8.21
C SER L 55 18.06 -110.24 -8.60
N ILE L 56 18.61 -111.40 -8.98
CA ILE L 56 20.01 -111.44 -9.41
C ILE L 56 20.20 -110.63 -10.68
N GLN L 57 19.26 -110.75 -11.63
CA GLN L 57 19.36 -109.95 -12.84
C GLN L 57 19.30 -108.46 -12.53
N THR L 58 18.41 -108.05 -11.62
CA THR L 58 18.31 -106.65 -11.25
C THR L 58 19.59 -106.16 -10.58
N LEU L 59 20.17 -106.99 -9.71
CA LEU L 59 21.43 -106.62 -9.07
C LEU L 59 22.54 -106.46 -10.10
N ILE L 60 22.62 -107.38 -11.06
CA ILE L 60 23.60 -107.25 -12.13
C ILE L 60 23.38 -105.95 -12.90
N LYS L 61 22.12 -105.60 -13.13
CA LYS L 61 21.81 -104.32 -13.77
C LYS L 61 22.33 -103.15 -12.93
N LEU L 62 22.14 -103.23 -11.61
CA LEU L 62 22.56 -102.16 -10.70
C LEU L 62 24.01 -102.38 -10.28
N SER L 63 24.88 -102.39 -11.28
CA SER L 63 26.32 -102.56 -11.08
C SER L 63 27.03 -102.27 -12.39
N LYS L 64 28.29 -101.84 -12.27
CA LYS L 64 29.10 -101.51 -13.44
C LYS L 64 29.82 -102.76 -13.97
N LEU L 65 29.07 -103.82 -14.24
CA LEU L 65 29.65 -105.06 -14.70
C LEU L 65 29.71 -105.04 -16.23
N PRO L 66 30.89 -104.90 -16.84
CA PRO L 66 30.94 -104.87 -18.31
C PRO L 66 30.46 -106.16 -18.95
N TYR L 67 30.61 -107.30 -18.26
CA TYR L 67 30.20 -108.58 -18.82
C TYR L 67 30.07 -109.58 -17.69
N ARG L 68 29.43 -110.71 -17.99
CA ARG L 68 29.21 -111.78 -17.04
C ARG L 68 30.16 -112.92 -17.33
N LYS L 69 30.89 -113.37 -16.32
CA LYS L 69 31.85 -114.45 -16.46
C LYS L 69 31.97 -115.17 -15.12
N THR L 70 32.05 -116.49 -15.17
CA THR L 70 32.09 -117.31 -13.97
C THR L 70 33.42 -118.04 -13.86
N ILE L 71 33.84 -118.25 -12.61
CA ILE L 71 35.12 -118.89 -12.33
C ILE L 71 35.20 -120.28 -12.96
N ASP L 72 34.05 -120.85 -13.31
CA ASP L 72 34.06 -122.17 -13.96
C ASP L 72 34.85 -122.12 -15.27
N THR L 73 34.68 -121.06 -16.06
CA THR L 73 35.39 -120.96 -17.32
C THR L 73 36.89 -120.71 -17.14
N PHE L 74 37.32 -120.35 -15.94
CA PHE L 74 38.72 -120.03 -15.68
C PHE L 74 39.54 -121.32 -15.73
N ASP L 75 40.29 -121.52 -16.81
CA ASP L 75 41.18 -122.67 -16.95
C ASP L 75 42.42 -122.41 -16.10
N PHE L 76 42.45 -123.02 -14.91
CA PHE L 76 43.57 -122.81 -14.01
C PHE L 76 44.87 -123.36 -14.58
N THR L 77 44.80 -124.39 -15.42
CA THR L 77 46.00 -124.95 -16.02
C THR L 77 46.69 -123.92 -16.92
N ALA L 78 45.91 -123.13 -17.66
CA ALA L 78 46.48 -122.09 -18.50
C ALA L 78 47.24 -121.05 -17.69
N GLN L 79 46.96 -120.94 -16.39
CA GLN L 79 47.62 -119.99 -15.50
C GLN L 79 48.22 -120.77 -14.35
N PRO L 80 49.44 -121.27 -14.48
CA PRO L 80 50.04 -122.04 -13.38
C PRO L 80 50.16 -121.26 -12.09
N SER L 81 50.28 -119.93 -12.16
CA SER L 81 50.51 -119.14 -10.95
C SER L 81 49.33 -119.26 -9.99
N VAL L 82 48.10 -119.19 -10.51
CA VAL L 82 46.93 -119.25 -9.64
C VAL L 82 46.75 -120.68 -9.12
N ASP L 83 46.37 -120.79 -7.86
CA ASP L 83 46.12 -122.08 -7.21
C ASP L 83 44.63 -122.28 -7.05
N GLU L 84 44.14 -123.46 -7.42
CA GLU L 84 42.72 -123.74 -7.32
C GLU L 84 42.24 -123.64 -5.88
N ARG L 85 43.02 -124.17 -4.93
CA ARG L 85 42.63 -124.13 -3.53
C ARG L 85 42.38 -122.70 -3.07
N ARG L 86 43.35 -121.80 -3.32
CA ARG L 86 43.22 -120.42 -2.86
C ARG L 86 42.06 -119.72 -3.55
N ILE L 87 41.89 -119.94 -4.86
CA ILE L 87 40.80 -119.30 -5.59
C ILE L 87 39.45 -119.74 -5.02
N ARG L 88 39.29 -121.03 -4.77
CA ARG L 88 38.04 -121.51 -4.19
C ARG L 88 37.86 -121.01 -2.77
N GLU L 89 38.94 -120.86 -2.01
CA GLU L 89 38.84 -120.25 -0.69
C GLU L 89 38.32 -118.82 -0.79
N LEU L 90 38.79 -118.07 -1.78
CA LEU L 90 38.24 -116.75 -2.04
C LEU L 90 36.76 -116.84 -2.39
N LEU L 91 36.39 -117.83 -3.22
CA LEU L 91 34.99 -118.02 -3.57
C LEU L 91 34.14 -118.28 -2.33
N THR L 92 34.72 -118.90 -1.30
CA THR L 92 33.96 -119.15 -0.08
C THR L 92 33.54 -117.87 0.62
N LEU L 93 34.19 -116.74 0.31
CA LEU L 93 33.84 -115.43 0.88
C LEU L 93 34.07 -115.38 2.38
N SER L 94 34.98 -116.21 2.89
CA SER L 94 35.34 -116.12 4.30
C SER L 94 36.17 -114.86 4.59
N PHE L 95 36.94 -114.41 3.60
CA PHE L 95 37.72 -113.19 3.77
C PHE L 95 36.82 -112.00 4.10
N ILE L 96 35.58 -112.03 3.62
CA ILE L 96 34.64 -110.95 3.94
C ILE L 96 34.39 -110.90 5.43
N ASP L 97 34.17 -112.07 6.06
CA ASP L 97 34.05 -112.11 7.51
C ASP L 97 35.37 -111.75 8.18
N ARG L 98 36.49 -112.05 7.53
CA ARG L 98 37.80 -111.74 8.07
C ARG L 98 38.28 -110.33 7.73
N LYS L 99 37.58 -109.62 6.85
CA LYS L 99 37.95 -108.27 6.45
C LYS L 99 39.38 -108.22 5.91
N GLU L 100 39.59 -108.98 4.83
CA GLU L 100 40.88 -109.04 4.16
C GLU L 100 40.76 -108.43 2.77
N ASN L 101 41.64 -107.48 2.46
CA ASN L 101 41.64 -106.81 1.17
C ASN L 101 42.42 -107.66 0.17
N ILE L 102 41.73 -108.12 -0.86
CA ILE L 102 42.33 -109.01 -1.84
C ILE L 102 42.86 -108.20 -3.02
N LEU L 103 44.06 -108.54 -3.47
CA LEU L 103 44.73 -107.82 -4.54
C LEU L 103 45.23 -108.79 -5.59
N PHE L 104 45.10 -108.39 -6.86
CA PHE L 104 45.60 -109.15 -8.00
C PHE L 104 46.60 -108.27 -8.74
N LEU L 105 47.88 -108.60 -8.60
CA LEU L 105 48.96 -107.85 -9.22
C LEU L 105 49.62 -108.71 -10.30
N GLY L 106 49.78 -108.14 -11.49
CA GLY L 106 50.43 -108.83 -12.58
C GLY L 106 50.36 -108.05 -13.88
N PRO L 107 51.12 -108.49 -14.88
CA PRO L 107 51.11 -107.81 -16.18
C PRO L 107 49.77 -107.99 -16.87
N PRO L 108 49.43 -107.11 -17.82
CA PRO L 108 48.13 -107.22 -18.49
C PRO L 108 47.99 -108.53 -19.25
N GLY L 109 46.74 -109.01 -19.32
CA GLY L 109 46.40 -110.18 -20.09
C GLY L 109 46.28 -111.47 -19.29
N ILE L 110 46.77 -111.50 -18.05
CA ILE L 110 46.73 -112.73 -17.28
C ILE L 110 45.29 -113.12 -16.97
N GLY L 111 44.48 -112.16 -16.51
CA GLY L 111 43.09 -112.44 -16.20
C GLY L 111 42.70 -112.18 -14.76
N LYS L 112 43.34 -111.22 -14.11
CA LYS L 112 42.97 -110.85 -12.75
C LYS L 112 41.53 -110.37 -12.68
N THR L 113 41.13 -109.52 -13.62
CA THR L 113 39.76 -109.03 -13.62
C THR L 113 38.77 -110.17 -13.79
N HIS L 114 39.19 -111.28 -14.40
CA HIS L 114 38.32 -112.44 -14.50
C HIS L 114 37.96 -112.97 -13.11
N LEU L 115 38.98 -113.18 -12.26
CA LEU L 115 38.72 -113.64 -10.91
C LEU L 115 37.90 -112.61 -10.12
N ALA L 116 38.25 -111.33 -10.28
CA ALA L 116 37.51 -110.29 -9.57
C ALA L 116 36.03 -110.34 -9.94
N ILE L 117 35.73 -110.43 -11.24
CA ILE L 117 34.35 -110.41 -11.71
C ILE L 117 33.62 -111.68 -11.26
N SER L 118 34.31 -112.82 -11.29
CA SER L 118 33.67 -114.06 -10.83
C SER L 118 33.28 -113.95 -9.36
N ILE L 119 34.18 -113.42 -8.52
CA ILE L 119 33.86 -113.24 -7.12
C ILE L 119 32.70 -112.27 -6.94
N GLY L 120 32.69 -111.20 -7.74
CA GLY L 120 31.58 -110.26 -7.67
C GLY L 120 30.25 -110.90 -8.01
N MET L 121 30.23 -111.72 -9.07
CA MET L 121 29.00 -112.39 -9.46
C MET L 121 28.54 -113.37 -8.38
N GLU L 122 29.49 -114.10 -7.78
CA GLU L 122 29.12 -115.00 -6.69
C GLU L 122 28.53 -114.23 -5.52
N ALA L 123 29.12 -113.09 -5.18
CA ALA L 123 28.58 -112.26 -4.10
C ALA L 123 27.17 -111.78 -4.42
N ILE L 124 26.94 -111.37 -5.67
CA ILE L 124 25.61 -110.93 -6.07
C ILE L 124 24.62 -112.07 -5.94
N ALA L 125 25.00 -113.26 -6.40
CA ALA L 125 24.09 -114.41 -6.31
C ALA L 125 23.78 -114.75 -4.86
N ARG L 126 24.78 -114.72 -3.99
CA ARG L 126 24.57 -115.04 -2.58
C ARG L 126 23.92 -113.91 -1.79
N GLY L 127 23.85 -112.70 -2.35
CA GLY L 127 23.26 -111.57 -1.68
C GLY L 127 24.27 -110.58 -1.13
N TYR L 128 25.54 -110.95 -1.03
CA TYR L 128 26.56 -110.02 -0.58
C TYR L 128 26.61 -108.81 -1.51
N LYS L 129 26.62 -107.62 -0.92
CA LYS L 129 26.68 -106.40 -1.72
C LYS L 129 28.05 -106.24 -2.35
N THR L 130 28.08 -106.03 -3.67
CA THR L 130 29.33 -105.85 -4.39
C THR L 130 29.13 -104.78 -5.45
N TYR L 131 30.06 -103.82 -5.50
CA TYR L 131 30.03 -102.74 -6.47
C TYR L 131 31.37 -102.70 -7.19
N PHE L 132 31.33 -102.79 -8.52
CA PHE L 132 32.52 -102.73 -9.35
C PHE L 132 32.68 -101.32 -9.91
N ILE L 133 33.91 -100.83 -9.95
CA ILE L 133 34.19 -99.49 -10.46
C ILE L 133 35.64 -99.43 -10.91
N THR L 134 35.90 -98.61 -11.92
CA THR L 134 37.25 -98.36 -12.40
C THR L 134 37.83 -97.15 -11.70
N ALA L 135 39.16 -97.09 -11.65
CA ALA L 135 39.83 -95.99 -10.96
C ALA L 135 39.48 -94.65 -11.61
N HIS L 136 39.50 -94.59 -12.94
CA HIS L 136 39.20 -93.34 -13.63
C HIS L 136 37.78 -92.89 -13.37
N ASP L 137 36.81 -93.80 -13.51
CA ASP L 137 35.41 -93.44 -13.29
C ASP L 137 35.16 -93.07 -11.84
N LEU L 138 35.76 -93.82 -10.90
CA LEU L 138 35.59 -93.48 -9.48
C LEU L 138 36.14 -92.09 -9.18
N VAL L 139 37.33 -91.78 -9.71
CA VAL L 139 37.92 -90.47 -9.49
C VAL L 139 37.03 -89.37 -10.06
N ASN L 140 36.53 -89.58 -11.29
CA ASN L 140 35.67 -88.58 -11.90
C ASN L 140 34.42 -88.35 -11.07
N GLN L 141 33.78 -89.45 -10.64
CA GLN L 141 32.55 -89.32 -9.86
C GLN L 141 32.82 -88.60 -8.54
N LEU L 142 33.90 -88.95 -7.85
CA LEU L 142 34.20 -88.28 -6.59
C LEU L 142 34.49 -86.80 -6.79
N ARG L 143 35.23 -86.46 -7.85
CA ARG L 143 35.55 -85.07 -8.12
C ARG L 143 34.28 -84.27 -8.42
N ARG L 144 33.42 -84.79 -9.30
CA ARG L 144 32.18 -84.10 -9.61
C ARG L 144 31.29 -83.98 -8.38
N ALA L 145 31.30 -85.00 -7.52
CA ALA L 145 30.52 -84.94 -6.28
C ALA L 145 31.02 -83.82 -5.38
N ASP L 146 32.34 -83.71 -5.22
CA ASP L 146 32.89 -82.62 -4.44
C ASP L 146 32.53 -81.27 -5.05
N GLN L 147 32.54 -81.19 -6.38
CA GLN L 147 32.19 -79.94 -7.05
C GLN L 147 30.74 -79.56 -6.77
N GLU L 148 29.83 -80.52 -6.84
CA GLU L 148 28.40 -80.26 -6.71
C GLU L 148 27.90 -80.37 -5.27
N GLY L 149 28.77 -80.68 -4.32
CA GLY L 149 28.37 -80.79 -2.93
C GLY L 149 27.74 -82.13 -2.56
N LYS L 150 27.65 -83.06 -3.50
CA LYS L 150 27.11 -84.39 -3.24
C LYS L 150 28.21 -85.40 -2.94
N LEU L 151 29.35 -84.93 -2.41
CA LEU L 151 30.46 -85.83 -2.11
C LEU L 151 30.06 -86.87 -1.06
N GLU L 152 29.31 -86.44 -0.04
CA GLU L 152 28.87 -87.38 0.98
C GLU L 152 28.03 -88.49 0.37
N LYS L 153 27.17 -88.15 -0.59
CA LYS L 153 26.31 -89.16 -1.21
C LYS L 153 27.15 -90.22 -1.92
N LYS L 154 28.14 -89.79 -2.70
CA LYS L 154 28.92 -90.75 -3.46
C LYS L 154 29.84 -91.55 -2.55
N LEU L 155 30.39 -90.92 -1.51
CA LEU L 155 31.16 -91.68 -0.54
C LEU L 155 30.30 -92.75 0.13
N ARG L 156 29.06 -92.39 0.51
CA ARG L 156 28.16 -93.36 1.12
C ARG L 156 27.85 -94.50 0.17
N VAL L 157 27.55 -94.19 -1.09
CA VAL L 157 27.17 -95.24 -2.03
C VAL L 157 28.37 -96.09 -2.43
N PHE L 158 29.60 -95.57 -2.32
CA PHE L 158 30.79 -96.35 -2.60
C PHE L 158 31.32 -97.11 -1.39
N VAL L 159 30.88 -96.76 -0.18
CA VAL L 159 31.35 -97.43 1.02
C VAL L 159 30.33 -98.48 1.46
N LYS L 160 29.06 -98.24 1.17
CA LYS L 160 28.03 -99.20 1.54
C LYS L 160 28.27 -100.60 0.97
N PRO L 161 28.68 -100.76 -0.29
CA PRO L 161 28.86 -102.11 -0.83
C PRO L 161 29.85 -102.91 0.02
N THR L 162 29.53 -104.19 0.22
CA THR L 162 30.38 -105.04 1.05
C THR L 162 31.69 -105.38 0.33
N VAL L 163 31.68 -105.43 -0.99
CA VAL L 163 32.87 -105.74 -1.79
C VAL L 163 33.02 -104.64 -2.83
N LEU L 164 33.94 -103.72 -2.61
CA LEU L 164 34.24 -102.66 -3.56
C LEU L 164 35.38 -103.14 -4.45
N ILE L 165 35.08 -103.36 -5.73
CA ILE L 165 36.05 -103.91 -6.68
C ILE L 165 36.58 -102.75 -7.50
N ILE L 166 37.77 -102.28 -7.16
CA ILE L 166 38.45 -101.22 -7.90
C ILE L 166 39.29 -101.86 -9.00
N ASP L 167 39.11 -101.39 -10.23
CA ASP L 167 39.77 -101.98 -11.38
C ASP L 167 40.61 -100.94 -12.12
N GLN L 168 41.60 -101.43 -12.86
CA GLN L 168 42.48 -100.58 -13.66
C GLN L 168 43.17 -99.53 -12.79
N MET L 169 43.70 -99.98 -11.66
CA MET L 169 44.47 -99.12 -10.77
C MET L 169 45.95 -99.24 -11.15
N GLY L 170 46.43 -98.25 -11.92
CA GLY L 170 47.83 -98.24 -12.31
C GLY L 170 48.03 -97.85 -13.78
N TYR L 171 47.08 -98.22 -14.63
CA TYR L 171 47.18 -97.85 -16.03
C TYR L 171 47.15 -96.33 -16.21
N LEU L 172 46.29 -95.65 -15.45
CA LEU L 172 46.14 -94.20 -15.51
C LEU L 172 46.79 -93.58 -14.29
N LYS L 173 47.59 -92.53 -14.51
CA LYS L 173 48.25 -91.84 -13.41
C LYS L 173 47.27 -90.91 -12.70
N LEU L 174 47.47 -90.77 -11.39
CA LEU L 174 46.56 -90.02 -10.54
C LEU L 174 47.25 -88.78 -9.99
N ASP L 175 46.54 -87.65 -10.05
CA ASP L 175 47.00 -86.41 -9.44
C ASP L 175 46.71 -86.43 -7.95
N PRO L 176 47.36 -85.54 -7.16
CA PRO L 176 47.14 -85.57 -5.71
C PRO L 176 45.68 -85.38 -5.32
N ASN L 177 44.88 -84.66 -6.11
CA ASN L 177 43.46 -84.54 -5.79
C ASN L 177 42.77 -85.91 -5.87
N SER L 178 42.97 -86.62 -6.98
CA SER L 178 42.46 -87.98 -7.08
C SER L 178 43.05 -88.87 -6.00
N ALA L 179 44.30 -88.60 -5.61
CA ALA L 179 44.91 -89.37 -4.52
C ALA L 179 44.14 -89.17 -3.22
N HIS L 180 43.74 -87.92 -2.93
CA HIS L 180 42.99 -87.66 -1.71
C HIS L 180 41.59 -88.25 -1.79
N TYR L 181 40.97 -88.23 -2.97
CA TYR L 181 39.67 -88.88 -3.11
C TYR L 181 39.77 -90.38 -2.82
N LEU L 182 40.77 -91.04 -3.42
CA LEU L 182 40.97 -92.46 -3.17
C LEU L 182 41.28 -92.72 -1.71
N PHE L 183 42.06 -91.83 -1.08
CA PHE L 183 42.37 -91.98 0.34
C PHE L 183 41.11 -91.87 1.18
N GLN L 184 40.22 -90.93 0.84
CA GLN L 184 38.94 -90.85 1.55
C GLN L 184 38.17 -92.16 1.43
N VAL L 185 38.10 -92.71 0.21
CA VAL L 185 37.38 -93.96 0.02
C VAL L 185 37.99 -95.07 0.88
N ILE L 186 39.32 -95.18 0.84
CA ILE L 186 40.00 -96.24 1.58
C ILE L 186 39.78 -96.07 3.08
N ALA L 187 39.90 -94.84 3.58
CA ALA L 187 39.71 -94.59 5.00
C ALA L 187 38.31 -94.95 5.44
N ARG L 188 37.29 -94.58 4.63
CA ARG L 188 35.94 -95.01 4.95
C ARG L 188 35.80 -96.51 4.92
N ARG L 189 36.61 -97.20 4.10
CA ARG L 189 36.61 -98.65 4.02
C ARG L 189 37.86 -99.26 4.64
N TYR L 190 38.43 -98.61 5.66
CA TYR L 190 39.66 -99.10 6.26
C TYR L 190 39.47 -100.48 6.88
N GLU L 191 38.49 -100.61 7.76
CA GLU L 191 38.20 -101.88 8.42
C GLU L 191 36.69 -102.09 8.50
N HIS L 192 35.98 -101.74 7.43
CA HIS L 192 34.53 -101.85 7.39
C HIS L 192 34.02 -102.81 6.33
N ALA L 193 34.78 -103.01 5.25
CA ALA L 193 34.37 -103.91 4.18
C ALA L 193 35.58 -104.23 3.32
N PRO L 194 35.75 -105.46 2.86
CA PRO L 194 36.92 -105.78 2.04
C PRO L 194 36.91 -105.05 0.71
N ILE L 195 38.12 -104.87 0.17
CA ILE L 195 38.33 -104.27 -1.14
C ILE L 195 39.06 -105.27 -2.01
N ILE L 196 38.55 -105.50 -3.21
CA ILE L 196 39.19 -106.36 -4.20
C ILE L 196 39.74 -105.46 -5.29
N LEU L 197 41.06 -105.36 -5.38
CA LEU L 197 41.71 -104.43 -6.29
C LEU L 197 42.62 -105.19 -7.26
N THR L 198 42.60 -104.77 -8.52
CA THR L 198 43.45 -105.35 -9.55
C THR L 198 44.36 -104.26 -10.09
N SER L 199 45.65 -104.57 -10.20
CA SER L 199 46.63 -103.59 -10.65
C SER L 199 47.77 -104.29 -11.36
N ASN L 200 48.61 -103.49 -12.03
CA ASN L 200 49.78 -104.00 -12.73
C ASN L 200 51.08 -103.40 -12.25
N LYS L 201 51.05 -102.40 -11.37
CA LYS L 201 52.24 -101.74 -10.87
C LYS L 201 52.60 -102.26 -9.48
N SER L 202 53.89 -102.21 -9.16
CA SER L 202 54.33 -102.58 -7.82
C SER L 202 53.92 -101.52 -6.81
N PHE L 203 54.00 -101.89 -5.52
CA PHE L 203 53.57 -100.98 -4.47
C PHE L 203 54.39 -99.68 -4.49
N GLY L 204 55.69 -99.78 -4.72
CA GLY L 204 56.52 -98.59 -4.74
C GLY L 204 56.09 -97.59 -5.79
N GLU L 205 55.67 -98.08 -6.96
CA GLU L 205 55.27 -97.19 -8.05
C GLU L 205 54.02 -96.39 -7.71
N TRP L 206 53.25 -96.82 -6.71
CA TRP L 206 52.05 -96.08 -6.34
C TRP L 206 52.37 -94.64 -5.95
N GLY L 207 53.57 -94.40 -5.43
CA GLY L 207 53.95 -93.03 -5.11
C GLY L 207 53.93 -92.13 -6.32
N GLU L 208 54.53 -92.60 -7.42
CA GLU L 208 54.48 -91.83 -8.66
C GLU L 208 53.08 -91.83 -9.27
N ILE L 209 52.33 -92.93 -9.11
CA ILE L 209 50.99 -93.00 -9.66
C ILE L 209 50.10 -91.94 -9.04
N VAL L 210 50.18 -91.76 -7.72
CA VAL L 210 49.32 -90.81 -7.02
C VAL L 210 49.97 -89.44 -6.84
N GLY L 211 51.28 -89.32 -7.10
CA GLY L 211 51.94 -88.03 -6.97
C GLY L 211 52.20 -87.59 -5.54
N ASP L 212 52.19 -88.52 -4.58
CA ASP L 212 52.44 -88.17 -3.19
C ASP L 212 52.92 -89.42 -2.47
N SER L 213 54.18 -89.40 -2.02
CA SER L 213 54.76 -90.57 -1.36
C SER L 213 54.05 -90.88 -0.05
N VAL L 214 53.74 -89.84 0.74
CA VAL L 214 53.16 -90.08 2.05
C VAL L 214 51.73 -90.61 1.93
N LEU L 215 50.94 -90.04 1.02
CA LEU L 215 49.59 -90.56 0.80
C LEU L 215 49.64 -92.00 0.30
N ALA L 216 50.57 -92.31 -0.61
CA ALA L 216 50.70 -93.67 -1.10
C ALA L 216 51.06 -94.62 0.03
N THR L 217 51.99 -94.21 0.91
CA THR L 217 52.38 -95.05 2.04
C THR L 217 51.20 -95.29 2.97
N ALA L 218 50.44 -94.24 3.28
CA ALA L 218 49.30 -94.41 4.17
C ALA L 218 48.25 -95.33 3.57
N MET L 219 47.94 -95.14 2.28
CA MET L 219 46.96 -96.00 1.62
C MET L 219 47.45 -97.44 1.58
N LEU L 220 48.73 -97.65 1.28
CA LEU L 220 49.27 -99.01 1.27
C LEU L 220 49.18 -99.65 2.65
N ASP L 221 49.53 -98.90 3.70
CA ASP L 221 49.45 -99.46 5.04
C ASP L 221 48.03 -99.86 5.38
N ARG L 222 47.07 -98.95 5.14
CA ARG L 222 45.68 -99.24 5.49
C ARG L 222 45.15 -100.41 4.67
N LEU L 223 45.49 -100.49 3.39
CA LEU L 223 44.96 -101.54 2.53
C LEU L 223 45.60 -102.90 2.84
N LEU L 224 46.89 -102.91 3.14
CA LEU L 224 47.63 -104.14 3.35
C LEU L 224 47.68 -104.57 4.82
N HIS L 225 47.09 -103.81 5.72
CA HIS L 225 46.99 -104.26 7.11
C HIS L 225 46.33 -105.64 7.18
N HIS L 226 45.22 -105.80 6.50
CA HIS L 226 44.53 -107.09 6.37
C HIS L 226 44.30 -107.32 4.87
N SER L 227 45.21 -108.06 4.24
CA SER L 227 45.15 -108.24 2.80
C SER L 227 45.75 -109.58 2.42
N ILE L 228 45.38 -110.04 1.21
CA ILE L 228 45.95 -111.24 0.61
C ILE L 228 46.22 -110.94 -0.86
N ILE L 229 47.49 -110.74 -1.20
CA ILE L 229 47.87 -110.31 -2.54
C ILE L 229 48.15 -111.54 -3.40
N PHE L 230 47.58 -111.56 -4.60
CA PHE L 230 47.78 -112.64 -5.56
C PHE L 230 48.64 -112.09 -6.70
N ASN L 231 49.95 -112.34 -6.62
CA ASN L 231 50.88 -111.92 -7.66
C ASN L 231 50.88 -112.97 -8.76
N LEU L 232 50.08 -112.74 -9.81
CA LEU L 232 49.93 -113.70 -10.89
C LEU L 232 50.94 -113.40 -11.99
N LYS L 233 51.59 -114.44 -12.48
CA LYS L 233 52.57 -114.34 -13.56
C LYS L 233 52.29 -115.41 -14.59
N GLY L 234 52.45 -115.07 -15.86
CA GLY L 234 52.24 -116.03 -16.92
C GLY L 234 52.04 -115.33 -18.26
N GLU L 235 51.68 -116.13 -19.25
CA GLU L 235 51.45 -115.62 -20.60
C GLU L 235 50.16 -114.81 -20.66
N SER L 236 50.14 -113.85 -21.59
CA SER L 236 48.97 -112.99 -21.75
C SER L 236 47.86 -113.76 -22.44
N TYR L 237 46.70 -113.85 -21.78
CA TYR L 237 45.60 -114.65 -22.29
C TYR L 237 45.10 -114.11 -23.63
N ARG L 238 45.07 -112.78 -23.77
CA ARG L 238 44.64 -112.18 -25.03
C ARG L 238 45.56 -112.61 -26.17
N LEU L 239 46.88 -112.55 -25.95
CA LEU L 239 47.81 -112.94 -26.99
C LEU L 239 47.72 -114.44 -27.29
N ARG L 240 47.53 -115.26 -26.25
CA ARG L 240 47.37 -116.69 -26.51
C ARG L 240 46.11 -116.97 -27.33
N GLU L 241 45.01 -116.29 -27.03
CA GLU L 241 43.80 -116.47 -27.81
C GLU L 241 43.98 -116.00 -29.24
N LYS L 242 44.70 -114.88 -29.42
CA LYS L 242 45.00 -114.40 -30.77
C LYS L 242 45.82 -115.43 -31.54
N ARG L 243 46.82 -116.03 -30.89
CA ARG L 243 47.61 -117.07 -31.54
C ARG L 243 46.76 -118.27 -31.89
N LEU L 244 45.86 -118.67 -30.99
CA LEU L 244 44.96 -119.78 -31.28
C LEU L 244 44.09 -119.49 -32.49
N GLN L 245 43.55 -118.27 -32.58
CA GLN L 245 42.78 -117.89 -33.75
C GLN L 245 43.63 -117.92 -35.01
N GLU L 246 44.86 -117.43 -34.92
CA GLU L 246 45.74 -117.42 -36.09
C GLU L 246 46.03 -118.82 -36.59
N GLU L 247 46.31 -119.75 -35.67
CA GLU L 247 46.64 -121.12 -36.06
C GLU L 247 45.36 -121.94 -36.25
N ASN M 1 11.31 -105.38 -54.41
CA ASN M 1 10.08 -105.34 -55.25
C ASN M 1 9.57 -103.90 -55.37
N MET M 2 8.27 -103.69 -55.23
CA MET M 2 7.66 -102.38 -55.39
C MET M 2 7.08 -101.85 -54.08
N LYS M 3 6.19 -102.60 -53.44
CA LYS M 3 5.50 -102.07 -52.27
C LYS M 3 6.44 -101.93 -51.07
N GLU M 4 7.30 -102.91 -50.85
CA GLU M 4 8.26 -102.82 -49.74
C GLU M 4 9.22 -101.65 -49.95
N ARG M 5 9.72 -101.49 -51.18
CA ARG M 5 10.59 -100.35 -51.47
C ARG M 5 9.84 -99.04 -51.29
N ILE M 6 8.57 -99.00 -51.69
CA ILE M 6 7.76 -97.79 -51.50
C ILE M 6 7.62 -97.46 -50.02
N HIS M 7 7.34 -98.48 -49.20
CA HIS M 7 7.21 -98.25 -47.77
C HIS M 7 8.52 -97.76 -47.17
N GLU M 8 9.64 -98.35 -47.58
CA GLU M 8 10.94 -97.89 -47.11
C GLU M 8 11.18 -96.44 -47.50
N TYR M 9 10.84 -96.08 -48.75
CA TYR M 9 10.97 -94.70 -49.18
C TYR M 9 10.16 -93.77 -48.31
N CYS M 10 8.88 -94.09 -48.12
CA CYS M 10 8.00 -93.21 -47.37
C CYS M 10 8.48 -93.04 -45.94
N HIS M 11 8.93 -94.13 -45.29
CA HIS M 11 9.43 -94.01 -43.93
C HIS M 11 10.77 -93.29 -43.88
N ARG M 12 11.58 -93.37 -44.95
CA ARG M 12 12.77 -92.56 -45.02
C ARG M 12 12.43 -91.08 -45.07
N LEU M 13 11.39 -90.72 -45.83
CA LEU M 13 10.91 -89.35 -45.85
C LEU M 13 10.27 -88.94 -44.53
N HIS M 14 10.12 -89.88 -43.59
CA HIS M 14 9.54 -89.60 -42.27
C HIS M 14 8.03 -89.37 -42.38
N LEU M 15 7.39 -90.10 -43.29
CA LEU M 15 5.97 -89.90 -43.59
C LEU M 15 5.27 -91.24 -43.72
N PRO M 16 5.12 -91.98 -42.62
CA PRO M 16 4.24 -93.16 -42.66
C PRO M 16 2.81 -92.80 -42.98
N VAL M 17 2.36 -91.62 -42.56
CA VAL M 17 1.03 -91.14 -42.94
C VAL M 17 0.95 -91.01 -44.45
N MET M 18 1.99 -90.45 -45.08
CA MET M 18 2.07 -90.45 -46.53
C MET M 18 2.04 -91.87 -47.07
N ALA M 19 2.75 -92.79 -46.41
CA ALA M 19 2.79 -94.17 -46.85
C ALA M 19 1.39 -94.76 -46.96
N GLU M 20 0.61 -94.64 -45.89
CA GLU M 20 -0.75 -95.18 -45.90
C GLU M 20 -1.69 -94.35 -46.77
N ARG M 21 -1.45 -93.04 -46.86
CA ARG M 21 -2.39 -92.18 -47.58
C ARG M 21 -2.23 -92.29 -49.08
N TRP M 22 -1.00 -92.49 -49.58
CA TRP M 22 -0.85 -92.71 -51.01
C TRP M 22 -1.54 -93.97 -51.47
N SER M 23 -1.67 -94.97 -50.58
CA SER M 23 -2.41 -96.16 -50.95
C SER M 23 -3.87 -95.83 -51.25
N ALA M 24 -4.52 -95.11 -50.34
CA ALA M 24 -5.93 -94.76 -50.53
C ALA M 24 -6.12 -93.90 -51.77
N MET M 25 -5.28 -92.88 -51.94
CA MET M 25 -5.44 -91.95 -53.07
C MET M 25 -5.03 -92.58 -54.39
N ALA M 26 -4.06 -93.50 -54.39
CA ALA M 26 -3.72 -94.22 -55.61
C ALA M 26 -4.84 -95.17 -56.00
N GLU M 27 -5.45 -95.86 -55.03
CA GLU M 27 -6.61 -96.68 -55.33
C GLU M 27 -7.73 -95.83 -55.88
N TYR M 28 -7.94 -94.64 -55.29
CA TYR M 28 -8.96 -93.72 -55.79
C TYR M 28 -8.65 -93.28 -57.22
N ALA M 29 -7.38 -92.97 -57.50
CA ALA M 29 -7.00 -92.54 -58.85
C ALA M 29 -7.26 -93.65 -59.86
N SER M 30 -6.91 -94.89 -59.51
CA SER M 30 -7.17 -96.01 -60.41
C SER M 30 -8.66 -96.22 -60.62
N THR M 31 -9.46 -96.02 -59.56
CA THR M 31 -10.90 -96.23 -59.66
C THR M 31 -11.58 -95.16 -60.50
N HIS M 32 -10.94 -94.01 -60.71
CA HIS M 32 -11.55 -92.90 -61.44
C HIS M 32 -10.63 -92.28 -62.47
N ASN M 33 -9.44 -92.84 -62.68
CA ASN M 33 -8.49 -92.34 -63.67
C ASN M 33 -8.20 -90.85 -63.46
N ILE M 34 -7.67 -90.54 -62.28
CA ILE M 34 -7.33 -89.18 -61.92
C ILE M 34 -5.99 -88.81 -62.53
N SER M 35 -5.88 -87.58 -63.01
CA SER M 35 -4.63 -87.10 -63.58
C SER M 35 -3.51 -87.21 -62.55
N TYR M 36 -2.28 -87.34 -63.03
CA TYR M 36 -1.14 -87.46 -62.13
C TYR M 36 -0.94 -86.19 -61.30
N SER M 37 -1.17 -85.03 -61.91
CA SER M 37 -1.04 -83.78 -61.17
C SER M 37 -2.03 -83.73 -60.01
N GLU M 38 -3.29 -84.07 -60.28
CA GLU M 38 -4.30 -84.07 -59.21
C GLU M 38 -4.00 -85.15 -58.19
N PHE M 39 -3.47 -86.29 -58.62
CA PHE M 39 -3.08 -87.33 -57.68
C PHE M 39 -2.03 -86.83 -56.70
N LEU M 40 -0.96 -86.21 -57.21
CA LEU M 40 0.05 -85.64 -56.33
C LEU M 40 -0.53 -84.54 -55.47
N PHE M 41 -1.44 -83.74 -56.02
CA PHE M 41 -2.08 -82.70 -55.24
C PHE M 41 -2.83 -83.30 -54.05
N ARG M 42 -3.56 -84.38 -54.27
CA ARG M 42 -4.26 -85.04 -53.17
C ARG M 42 -3.27 -85.58 -52.14
N LEU M 43 -2.21 -86.25 -52.62
CA LEU M 43 -1.20 -86.77 -51.69
C LEU M 43 -0.68 -85.65 -50.80
N LEU M 44 -0.25 -84.56 -51.42
CA LEU M 44 0.35 -83.45 -50.68
C LEU M 44 -0.67 -82.79 -49.76
N GLU M 45 -1.91 -82.63 -50.21
CA GLU M 45 -2.94 -82.01 -49.38
C GLU M 45 -3.16 -82.82 -48.12
N ALA M 46 -3.37 -84.14 -48.27
CA ALA M 46 -3.61 -84.96 -47.09
C ALA M 46 -2.40 -84.98 -46.17
N GLU M 47 -1.20 -85.13 -46.74
CA GLU M 47 0.00 -85.16 -45.91
C GLU M 47 0.18 -83.86 -45.15
N ILE M 48 -0.04 -82.73 -45.81
CA ILE M 48 0.11 -81.43 -45.17
C ILE M 48 -0.93 -81.23 -44.09
N VAL M 49 -2.18 -81.66 -44.34
CA VAL M 49 -3.21 -81.52 -43.32
C VAL M 49 -2.82 -82.30 -42.08
N GLU M 50 -2.39 -83.55 -42.26
CA GLU M 50 -2.01 -84.37 -41.10
C GLU M 50 -0.80 -83.79 -40.40
N LYS M 51 0.21 -83.33 -41.16
CA LYS M 51 1.39 -82.73 -40.55
C LYS M 51 1.03 -81.50 -39.73
N GLN M 52 0.15 -80.64 -40.27
CA GLN M 52 -0.23 -79.43 -39.55
C GLN M 52 -1.04 -79.77 -38.31
N ALA M 53 -1.91 -80.77 -38.39
CA ALA M 53 -2.66 -81.20 -37.20
C ALA M 53 -1.71 -81.70 -36.12
N ARG M 54 -0.73 -82.53 -36.49
CA ARG M 54 0.23 -83.03 -35.51
C ARG M 54 1.07 -81.90 -34.95
N SER M 55 1.45 -80.93 -35.78
CA SER M 55 2.21 -79.78 -35.30
C SER M 55 1.41 -78.96 -34.31
N ILE M 56 0.12 -78.75 -34.59
CA ILE M 56 -0.74 -78.02 -33.67
C ILE M 56 -0.86 -78.75 -32.34
N GLN M 57 -1.04 -80.08 -32.40
CA GLN M 57 -1.12 -80.85 -31.16
C GLN M 57 0.19 -80.75 -30.38
N THR M 58 1.32 -80.84 -31.06
CA THR M 58 2.61 -80.73 -30.39
C THR M 58 2.78 -79.35 -29.75
N LEU M 59 2.38 -78.29 -30.47
CA LEU M 59 2.47 -76.94 -29.91
C LEU M 59 1.61 -76.81 -28.66
N ILE M 60 0.39 -77.36 -28.70
CA ILE M 60 -0.46 -77.33 -27.52
C ILE M 60 0.18 -78.09 -26.38
N LYS M 61 0.81 -79.22 -26.68
CA LYS M 61 1.50 -80.00 -25.64
C LYS M 61 2.62 -79.17 -25.01
N LEU M 62 3.45 -78.53 -25.84
CA LEU M 62 4.56 -77.75 -25.31
C LEU M 62 4.05 -76.59 -24.45
N SER M 63 3.03 -75.88 -24.93
CA SER M 63 2.44 -74.80 -24.15
C SER M 63 1.75 -75.37 -22.93
N LYS M 64 1.97 -74.74 -21.77
CA LYS M 64 1.40 -75.21 -20.51
C LYS M 64 0.01 -74.61 -20.31
N LEU M 65 -0.89 -74.96 -21.22
CA LEU M 65 -2.27 -74.50 -21.14
C LEU M 65 -3.02 -75.33 -20.11
N PRO M 66 -3.60 -74.73 -19.07
CA PRO M 66 -4.29 -75.55 -18.06
C PRO M 66 -5.46 -76.32 -18.63
N TYR M 67 -6.14 -75.79 -19.64
CA TYR M 67 -7.26 -76.48 -20.26
C TYR M 67 -7.53 -75.85 -21.62
N ARG M 68 -8.18 -76.63 -22.50
CA ARG M 68 -8.51 -76.20 -23.85
C ARG M 68 -9.94 -75.68 -23.89
N LYS M 69 -10.12 -74.50 -24.46
CA LYS M 69 -11.43 -73.88 -24.58
C LYS M 69 -11.41 -72.92 -25.76
N THR M 70 -12.57 -72.77 -26.39
CA THR M 70 -12.70 -71.93 -27.58
C THR M 70 -13.84 -70.95 -27.41
N ILE M 71 -13.73 -69.81 -28.09
CA ILE M 71 -14.75 -68.77 -28.00
C ILE M 71 -16.10 -69.29 -28.44
N ASP M 72 -16.13 -70.39 -29.18
CA ASP M 72 -17.42 -70.99 -29.57
C ASP M 72 -18.25 -71.32 -28.35
N THR M 73 -17.63 -71.83 -27.30
CA THR M 73 -18.34 -72.17 -26.06
C THR M 73 -18.34 -70.99 -25.10
N PHE M 74 -18.81 -69.83 -25.59
CA PHE M 74 -18.91 -68.62 -24.80
C PHE M 74 -20.28 -67.99 -25.02
N ASP M 75 -20.78 -67.33 -23.97
CA ASP M 75 -22.09 -66.69 -24.01
C ASP M 75 -21.90 -65.18 -24.05
N PHE M 76 -22.41 -64.56 -25.11
CA PHE M 76 -22.36 -63.11 -25.27
C PHE M 76 -23.68 -62.44 -24.92
N THR M 77 -24.68 -63.20 -24.48
CA THR M 77 -25.98 -62.65 -24.07
C THR M 77 -26.07 -62.44 -22.57
N ALA M 78 -25.60 -63.40 -21.77
CA ALA M 78 -25.63 -63.27 -20.32
C ALA M 78 -24.63 -62.24 -19.81
N GLN M 79 -23.73 -61.75 -20.66
CA GLN M 79 -22.71 -60.78 -20.29
C GLN M 79 -22.80 -59.59 -21.23
N PRO M 80 -23.73 -58.66 -20.97
CA PRO M 80 -23.86 -57.49 -21.86
C PRO M 80 -22.62 -56.63 -21.91
N SER M 81 -21.73 -56.72 -20.92
CA SER M 81 -20.55 -55.86 -20.90
C SER M 81 -19.67 -56.10 -22.12
N VAL M 82 -19.46 -57.37 -22.48
CA VAL M 82 -18.63 -57.70 -23.63
C VAL M 82 -19.39 -57.37 -24.92
N ASP M 83 -18.67 -56.86 -25.91
CA ASP M 83 -19.21 -56.57 -27.23
C ASP M 83 -18.63 -57.54 -28.23
N GLU M 84 -19.50 -58.21 -28.99
CA GLU M 84 -19.04 -59.21 -29.96
C GLU M 84 -18.09 -58.59 -30.98
N ARG M 85 -18.26 -57.31 -31.29
CA ARG M 85 -17.37 -56.65 -32.23
C ARG M 85 -15.92 -56.71 -31.77
N ARG M 86 -15.67 -56.30 -30.53
CA ARG M 86 -14.30 -56.29 -30.00
C ARG M 86 -13.77 -57.71 -29.82
N ILE M 87 -14.63 -58.64 -29.40
CA ILE M 87 -14.19 -60.03 -29.26
C ILE M 87 -13.74 -60.58 -30.60
N ARG M 88 -14.51 -60.34 -31.66
CA ARG M 88 -14.12 -60.81 -32.97
C ARG M 88 -12.87 -60.10 -33.47
N GLU M 89 -12.72 -58.82 -33.16
CA GLU M 89 -11.49 -58.12 -33.51
C GLU M 89 -10.28 -58.77 -32.85
N LEU M 90 -10.42 -59.14 -31.58
CA LEU M 90 -9.35 -59.89 -30.90
C LEU M 90 -9.11 -61.23 -31.60
N LEU M 91 -10.17 -61.94 -31.95
CA LEU M 91 -10.02 -63.21 -32.65
C LEU M 91 -9.27 -63.04 -33.95
N THR M 92 -9.39 -61.88 -34.60
CA THR M 92 -8.62 -61.62 -35.82
C THR M 92 -7.13 -61.59 -35.56
N LEU M 93 -6.71 -61.45 -34.30
CA LEU M 93 -5.30 -61.41 -33.92
C LEU M 93 -4.57 -60.24 -34.57
N SER M 94 -5.27 -59.13 -34.80
CA SER M 94 -4.62 -57.92 -35.27
C SER M 94 -3.74 -57.29 -34.21
N PHE M 95 -3.97 -57.60 -32.94
CA PHE M 95 -3.14 -57.05 -31.87
C PHE M 95 -1.70 -57.53 -31.99
N ILE M 96 -1.49 -58.76 -32.46
CA ILE M 96 -0.14 -59.28 -32.63
C ILE M 96 0.61 -58.44 -33.65
N ASP M 97 -0.04 -58.13 -34.78
CA ASP M 97 0.58 -57.29 -35.79
C ASP M 97 0.80 -55.87 -35.26
N ARG M 98 -0.17 -55.34 -34.52
CA ARG M 98 -0.10 -53.98 -34.02
C ARG M 98 0.55 -53.87 -32.64
N LYS M 99 1.01 -55.00 -32.08
CA LYS M 99 1.72 -55.00 -30.79
C LYS M 99 0.90 -54.29 -29.72
N GLU M 100 -0.28 -54.83 -29.45
CA GLU M 100 -1.18 -54.30 -28.44
C GLU M 100 -1.33 -55.31 -27.31
N ASN M 101 -1.13 -54.86 -26.07
CA ASN M 101 -1.30 -55.72 -24.91
C ASN M 101 -2.77 -55.82 -24.55
N ILE M 102 -3.27 -57.04 -24.40
CA ILE M 102 -4.68 -57.29 -24.12
C ILE M 102 -4.81 -57.64 -22.65
N LEU M 103 -5.64 -56.87 -21.93
CA LEU M 103 -5.80 -57.05 -20.49
C LEU M 103 -7.28 -57.14 -20.16
N PHE M 104 -7.61 -58.00 -19.20
CA PHE M 104 -8.97 -58.19 -18.72
C PHE M 104 -9.01 -57.86 -17.23
N LEU M 105 -10.00 -57.05 -16.83
CA LEU M 105 -10.17 -56.64 -15.45
C LEU M 105 -11.62 -56.85 -15.03
N GLY M 106 -11.81 -57.25 -13.78
CA GLY M 106 -13.13 -57.48 -13.25
C GLY M 106 -13.12 -58.44 -12.08
N PRO M 107 -14.18 -58.42 -11.28
CA PRO M 107 -14.24 -59.31 -10.11
C PRO M 107 -14.23 -60.77 -10.53
N PRO M 108 -14.04 -61.69 -9.57
CA PRO M 108 -13.93 -63.11 -9.93
C PRO M 108 -15.21 -63.66 -10.52
N GLY M 109 -15.06 -64.68 -11.36
CA GLY M 109 -16.18 -65.44 -11.87
C GLY M 109 -16.77 -64.94 -13.18
N ILE M 110 -16.34 -63.78 -13.67
CA ILE M 110 -16.91 -63.26 -14.91
C ILE M 110 -16.55 -64.15 -16.10
N GLY M 111 -15.28 -64.54 -16.18
CA GLY M 111 -14.83 -65.37 -17.29
C GLY M 111 -13.74 -64.72 -18.12
N LYS M 112 -12.99 -63.80 -17.50
CA LYS M 112 -11.91 -63.13 -18.22
C LYS M 112 -10.88 -64.12 -18.75
N THR M 113 -10.70 -65.25 -18.07
CA THR M 113 -9.70 -66.22 -18.50
C THR M 113 -10.13 -66.95 -19.76
N HIS M 114 -11.45 -67.14 -19.96
CA HIS M 114 -11.93 -67.91 -21.10
C HIS M 114 -11.56 -67.24 -22.42
N LEU M 115 -11.81 -65.95 -22.53
CA LEU M 115 -11.50 -65.24 -23.78
C LEU M 115 -10.00 -65.25 -24.06
N ALA M 116 -9.19 -65.03 -23.02
CA ALA M 116 -7.74 -65.03 -23.20
C ALA M 116 -7.26 -66.40 -23.67
N ILE M 117 -7.77 -67.48 -23.07
CA ILE M 117 -7.33 -68.81 -23.45
C ILE M 117 -7.80 -69.14 -24.86
N SER M 118 -9.00 -68.70 -25.24
CA SER M 118 -9.46 -68.91 -26.61
C SER M 118 -8.57 -68.19 -27.61
N ILE M 119 -8.20 -66.94 -27.30
CA ILE M 119 -7.30 -66.20 -28.19
C ILE M 119 -5.95 -66.89 -28.29
N GLY M 120 -5.44 -67.40 -27.15
CA GLY M 120 -4.19 -68.14 -27.20
C GLY M 120 -4.28 -69.39 -28.04
N MET M 121 -5.40 -70.12 -27.93
CA MET M 121 -5.59 -71.31 -28.75
C MET M 121 -5.63 -70.97 -30.23
N GLU M 122 -6.33 -69.88 -30.59
CA GLU M 122 -6.35 -69.47 -31.98
C GLU M 122 -4.96 -69.08 -32.47
N ALA M 123 -4.20 -68.37 -31.63
CA ALA M 123 -2.83 -68.00 -32.00
C ALA M 123 -1.97 -69.24 -32.22
N ILE M 124 -2.09 -70.23 -31.34
CA ILE M 124 -1.34 -71.47 -31.52
C ILE M 124 -1.74 -72.16 -32.82
N ALA M 125 -3.04 -72.22 -33.10
CA ALA M 125 -3.51 -72.88 -34.31
C ALA M 125 -2.98 -72.19 -35.56
N ARG M 126 -2.98 -70.85 -35.57
CA ARG M 126 -2.48 -70.12 -36.73
C ARG M 126 -0.97 -70.17 -36.88
N GLY M 127 -0.25 -70.71 -35.88
CA GLY M 127 1.19 -70.84 -35.93
C GLY M 127 1.93 -69.93 -34.97
N TYR M 128 1.28 -68.91 -34.42
CA TYR M 128 1.93 -68.04 -33.46
C TYR M 128 2.29 -68.82 -32.20
N LYS M 129 3.42 -68.47 -31.61
CA LYS M 129 3.87 -69.12 -30.37
C LYS M 129 3.23 -68.41 -29.19
N THR M 130 2.44 -69.16 -28.41
CA THR M 130 1.75 -68.63 -27.25
C THR M 130 2.03 -69.50 -26.04
N TYR M 131 2.33 -68.87 -24.90
CA TYR M 131 2.62 -69.55 -23.66
C TYR M 131 1.73 -68.99 -22.57
N PHE M 132 1.36 -69.86 -21.63
CA PHE M 132 0.45 -69.52 -20.54
C PHE M 132 1.12 -69.78 -19.21
N ILE M 133 0.88 -68.89 -18.24
CA ILE M 133 1.47 -69.03 -16.91
C ILE M 133 0.69 -68.14 -15.97
N THR M 134 0.72 -68.46 -14.68
CA THR M 134 0.11 -67.64 -13.65
C THR M 134 1.16 -66.72 -13.03
N ALA M 135 0.68 -65.64 -12.41
CA ALA M 135 1.60 -64.70 -11.77
C ALA M 135 2.41 -65.40 -10.69
N HIS M 136 1.75 -66.22 -9.87
CA HIS M 136 2.47 -66.99 -8.86
C HIS M 136 3.50 -67.91 -9.51
N ASP M 137 3.07 -68.67 -10.52
CA ASP M 137 3.98 -69.58 -11.20
C ASP M 137 5.11 -68.84 -11.91
N LEU M 138 4.79 -67.72 -12.56
CA LEU M 138 5.82 -66.95 -13.24
C LEU M 138 6.85 -66.42 -12.25
N VAL M 139 6.38 -65.89 -11.11
CA VAL M 139 7.31 -65.39 -10.09
C VAL M 139 8.18 -66.53 -9.56
N ASN M 140 7.57 -67.69 -9.30
CA ASN M 140 8.34 -68.84 -8.84
C ASN M 140 9.41 -69.22 -9.86
N GLN M 141 9.03 -69.27 -11.14
CA GLN M 141 9.98 -69.63 -12.18
C GLN M 141 11.14 -68.64 -12.24
N LEU M 142 10.83 -67.35 -12.18
CA LEU M 142 11.89 -66.33 -12.23
C LEU M 142 12.81 -66.45 -11.02
N ARG M 143 12.25 -66.64 -9.83
CA ARG M 143 13.08 -66.77 -8.63
C ARG M 143 13.98 -67.99 -8.71
N ARG M 144 13.42 -69.14 -9.13
CA ARG M 144 14.23 -70.34 -9.24
C ARG M 144 15.31 -70.19 -10.30
N ALA M 145 14.99 -69.52 -11.41
CA ALA M 145 15.98 -69.30 -12.45
C ALA M 145 17.13 -68.44 -11.93
N ASP M 146 16.79 -67.38 -11.18
CA ASP M 146 17.84 -66.54 -10.59
C ASP M 146 18.69 -67.35 -9.61
N GLN M 147 18.03 -68.20 -8.81
CA GLN M 147 18.76 -68.97 -7.80
C GLN M 147 19.71 -69.98 -8.45
N GLU M 148 19.26 -70.66 -9.51
CA GLU M 148 20.03 -71.73 -10.12
C GLU M 148 21.02 -71.25 -11.17
N GLY M 149 21.05 -69.94 -11.45
CA GLY M 149 21.97 -69.40 -12.42
C GLY M 149 21.51 -69.49 -13.87
N LYS M 150 20.32 -70.03 -14.12
CA LYS M 150 19.76 -70.11 -15.47
C LYS M 150 18.69 -69.05 -15.70
N LEU M 151 18.89 -67.86 -15.12
CA LEU M 151 17.92 -66.78 -15.29
C LEU M 151 17.79 -66.40 -16.76
N GLU M 152 18.90 -66.38 -17.50
CA GLU M 152 18.84 -66.03 -18.91
C GLU M 152 17.97 -67.02 -19.69
N LYS M 153 18.09 -68.31 -19.39
CA LYS M 153 17.33 -69.31 -20.14
C LYS M 153 15.83 -69.14 -19.91
N LYS M 154 15.42 -68.94 -18.66
CA LYS M 154 13.99 -68.78 -18.38
C LYS M 154 13.46 -67.46 -18.90
N LEU M 155 14.26 -66.39 -18.82
CA LEU M 155 13.84 -65.14 -19.44
C LEU M 155 13.65 -65.30 -20.94
N ARG M 156 14.56 -66.03 -21.59
CA ARG M 156 14.42 -66.28 -23.02
C ARG M 156 13.17 -67.08 -23.32
N VAL M 157 12.90 -68.14 -22.55
CA VAL M 157 11.75 -68.98 -22.84
C VAL M 157 10.45 -68.26 -22.53
N PHE M 158 10.48 -67.27 -21.64
CA PHE M 158 9.28 -66.48 -21.35
C PHE M 158 9.09 -65.30 -22.30
N VAL M 159 10.16 -64.80 -22.91
CA VAL M 159 10.06 -63.62 -23.78
C VAL M 159 9.86 -64.03 -25.24
N LYS M 160 10.54 -65.08 -25.69
CA LYS M 160 10.43 -65.50 -27.09
C LYS M 160 9.00 -65.77 -27.51
N PRO M 161 8.15 -66.43 -26.73
CA PRO M 161 6.79 -66.68 -27.18
C PRO M 161 6.10 -65.40 -27.62
N THR M 162 5.44 -65.47 -28.79
CA THR M 162 4.81 -64.29 -29.34
C THR M 162 3.75 -63.73 -28.40
N VAL M 163 3.08 -64.60 -27.65
CA VAL M 163 2.07 -64.20 -26.68
C VAL M 163 2.41 -64.84 -25.34
N LEU M 164 2.38 -64.03 -24.28
CA LEU M 164 2.60 -64.51 -22.92
C LEU M 164 1.37 -64.16 -22.10
N ILE M 165 0.68 -65.19 -21.59
CA ILE M 165 -0.59 -65.03 -20.91
C ILE M 165 -0.33 -65.17 -19.42
N ILE M 166 -0.27 -64.03 -18.73
CA ILE M 166 -0.11 -64.00 -17.28
C ILE M 166 -1.49 -64.03 -16.64
N ASP M 167 -1.69 -64.96 -15.72
CA ASP M 167 -2.99 -65.19 -15.10
C ASP M 167 -2.88 -65.03 -13.59
N GLN M 168 -4.03 -64.79 -12.95
CA GLN M 168 -4.14 -64.65 -11.50
C GLN M 168 -3.20 -63.56 -10.97
N MET M 169 -3.21 -62.43 -11.65
CA MET M 169 -2.44 -61.25 -11.24
C MET M 169 -3.32 -60.40 -10.34
N GLY M 170 -3.11 -60.51 -9.02
CA GLY M 170 -3.83 -59.70 -8.07
C GLY M 170 -4.34 -60.47 -6.87
N TYR M 171 -4.71 -61.73 -7.08
CA TYR M 171 -5.17 -62.55 -5.97
C TYR M 171 -4.06 -62.76 -4.94
N LEU M 172 -2.84 -62.95 -5.40
CA LEU M 172 -1.69 -63.17 -4.53
C LEU M 172 -0.86 -61.90 -4.47
N LYS M 173 -0.54 -61.46 -3.26
CA LYS M 173 0.27 -60.26 -3.07
C LYS M 173 1.74 -60.57 -3.35
N LEU M 174 2.44 -59.59 -3.90
CA LEU M 174 3.83 -59.73 -4.32
C LEU M 174 4.74 -58.85 -3.48
N ASP M 175 5.95 -59.34 -3.24
CA ASP M 175 6.99 -58.60 -2.55
C ASP M 175 7.84 -57.82 -3.55
N PRO M 176 8.63 -56.86 -3.08
CA PRO M 176 9.46 -56.09 -4.02
C PRO M 176 10.40 -56.95 -4.87
N ASN M 177 10.88 -58.07 -4.34
CA ASN M 177 11.71 -58.95 -5.15
C ASN M 177 10.93 -59.49 -6.35
N SER M 178 9.76 -60.08 -6.08
CA SER M 178 8.89 -60.51 -7.17
C SER M 178 8.48 -59.34 -8.05
N ALA M 179 8.37 -58.15 -7.46
CA ALA M 179 8.06 -56.97 -8.26
C ALA M 179 9.17 -56.70 -9.28
N HIS M 180 10.43 -56.83 -8.86
CA HIS M 180 11.53 -56.58 -9.79
C HIS M 180 11.64 -57.69 -10.82
N TYR M 181 11.33 -58.93 -10.43
CA TYR M 181 11.30 -60.02 -11.41
C TYR M 181 10.25 -59.75 -12.49
N LEU M 182 9.04 -59.38 -12.06
CA LEU M 182 7.99 -59.05 -13.01
C LEU M 182 8.37 -57.85 -13.87
N PHE M 183 9.04 -56.87 -13.27
CA PHE M 183 9.52 -55.72 -14.02
C PHE M 183 10.51 -56.14 -15.10
N GLN M 184 11.42 -57.06 -14.77
CA GLN M 184 12.35 -57.57 -15.77
C GLN M 184 11.60 -58.24 -16.92
N VAL M 185 10.60 -59.06 -16.59
CA VAL M 185 9.84 -59.73 -17.65
C VAL M 185 9.16 -58.70 -18.54
N ILE M 186 8.52 -57.70 -17.91
CA ILE M 186 7.79 -56.69 -18.68
C ILE M 186 8.75 -55.89 -19.55
N ALA M 187 9.88 -55.49 -19.00
CA ALA M 187 10.86 -54.73 -19.79
C ALA M 187 11.36 -55.53 -20.97
N ARG M 188 11.65 -56.82 -20.76
CA ARG M 188 12.04 -57.66 -21.90
C ARG M 188 10.91 -57.76 -22.92
N ARG M 189 9.66 -57.69 -22.47
CA ARG M 189 8.52 -57.69 -23.36
C ARG M 189 7.88 -56.31 -23.47
N TYR M 190 8.70 -55.25 -23.42
CA TYR M 190 8.19 -53.90 -23.49
C TYR M 190 7.47 -53.63 -24.81
N GLU M 191 8.21 -53.68 -25.92
CA GLU M 191 7.67 -53.47 -27.25
C GLU M 191 8.21 -54.53 -28.20
N HIS M 192 8.27 -55.78 -27.72
CA HIS M 192 8.75 -56.91 -28.52
C HIS M 192 7.69 -57.95 -28.80
N ALA M 193 6.75 -58.16 -27.88
CA ALA M 193 5.68 -59.14 -28.07
C ALA M 193 4.49 -58.74 -27.24
N PRO M 194 3.26 -58.93 -27.74
CA PRO M 194 2.09 -58.58 -26.92
C PRO M 194 1.99 -59.46 -25.67
N ILE M 195 1.36 -58.90 -24.64
CA ILE M 195 1.11 -59.60 -23.39
C ILE M 195 -0.39 -59.66 -23.17
N ILE M 196 -0.88 -60.84 -22.79
CA ILE M 196 -2.27 -61.03 -22.41
C ILE M 196 -2.31 -61.26 -20.90
N LEU M 197 -3.10 -60.44 -20.20
CA LEU M 197 -3.14 -60.48 -18.75
C LEU M 197 -4.58 -60.47 -18.27
N THR M 198 -4.80 -61.09 -17.11
CA THR M 198 -6.10 -61.11 -16.45
C THR M 198 -5.91 -60.77 -14.99
N SER M 199 -6.78 -59.91 -14.46
CA SER M 199 -6.64 -59.47 -13.08
C SER M 199 -8.01 -59.04 -12.55
N ASN M 200 -8.09 -58.91 -11.23
CA ASN M 200 -9.30 -58.49 -10.55
C ASN M 200 -9.13 -57.19 -9.76
N LYS M 201 -7.93 -56.61 -9.76
CA LYS M 201 -7.63 -55.41 -9.00
C LYS M 201 -7.44 -54.23 -9.93
N SER M 202 -7.86 -53.05 -9.45
CA SER M 202 -7.65 -51.83 -10.21
C SER M 202 -6.16 -51.49 -10.27
N PHE M 203 -5.81 -50.67 -11.27
CA PHE M 203 -4.41 -50.32 -11.46
C PHE M 203 -3.82 -49.68 -10.20
N GLY M 204 -4.63 -48.91 -9.47
CA GLY M 204 -4.13 -48.28 -8.26
C GLY M 204 -3.67 -49.28 -7.23
N GLU M 205 -4.39 -50.41 -7.11
CA GLU M 205 -4.03 -51.42 -6.13
C GLU M 205 -2.70 -52.08 -6.43
N TRP M 206 -2.20 -51.98 -7.66
CA TRP M 206 -0.95 -52.62 -8.02
C TRP M 206 0.21 -52.11 -7.17
N GLY M 207 0.12 -50.86 -6.70
CA GLY M 207 1.17 -50.34 -5.82
C GLY M 207 1.30 -51.17 -4.55
N GLU M 208 0.16 -51.49 -3.92
CA GLU M 208 0.20 -52.36 -2.75
C GLU M 208 0.50 -53.80 -3.15
N ILE M 209 0.08 -54.22 -4.33
CA ILE M 209 0.32 -55.60 -4.76
C ILE M 209 1.81 -55.87 -4.87
N VAL M 210 2.56 -54.92 -5.46
CA VAL M 210 4.00 -55.11 -5.67
C VAL M 210 4.84 -54.58 -4.53
N GLY M 211 4.24 -53.94 -3.54
CA GLY M 211 5.00 -53.44 -2.40
C GLY M 211 5.95 -52.32 -2.71
N ASP M 212 5.76 -51.63 -3.84
CA ASP M 212 6.63 -50.52 -4.21
C ASP M 212 5.88 -49.65 -5.21
N SER M 213 5.56 -48.42 -4.81
CA SER M 213 4.70 -47.57 -5.63
C SER M 213 5.36 -47.23 -6.96
N VAL M 214 6.64 -46.86 -6.92
CA VAL M 214 7.30 -46.42 -8.15
C VAL M 214 7.45 -47.57 -9.13
N LEU M 215 7.75 -48.77 -8.63
CA LEU M 215 7.80 -49.93 -9.52
C LEU M 215 6.45 -50.19 -10.16
N ALA M 216 5.38 -50.07 -9.37
CA ALA M 216 4.04 -50.24 -9.93
C ALA M 216 3.76 -49.21 -11.01
N THR M 217 4.13 -47.95 -10.77
CA THR M 217 3.90 -46.91 -11.76
C THR M 217 4.68 -47.19 -13.04
N ALA M 218 5.95 -47.58 -12.91
CA ALA M 218 6.76 -47.87 -14.09
C ALA M 218 6.19 -49.04 -14.88
N MET M 219 5.81 -50.12 -14.18
CA MET M 219 5.25 -51.27 -14.86
C MET M 219 3.93 -50.92 -15.54
N LEU M 220 3.08 -50.13 -14.86
CA LEU M 220 1.83 -49.72 -15.46
C LEU M 220 2.06 -48.89 -16.71
N ASP M 221 3.00 -47.94 -16.67
CA ASP M 221 3.29 -47.14 -17.85
C ASP M 221 3.79 -48.01 -18.99
N ARG M 222 4.73 -48.91 -18.70
CA ARG M 222 5.27 -49.77 -19.76
C ARG M 222 4.18 -50.65 -20.37
N LEU M 223 3.30 -51.21 -19.54
CA LEU M 223 2.28 -52.12 -20.05
C LEU M 223 1.20 -51.37 -20.81
N LEU M 224 0.80 -50.19 -20.33
CA LEU M 224 -0.32 -49.46 -20.90
C LEU M 224 0.10 -48.48 -21.99
N HIS M 225 1.40 -48.37 -22.29
CA HIS M 225 1.80 -47.56 -23.43
C HIS M 225 1.16 -48.05 -24.71
N HIS M 226 1.07 -49.37 -24.88
CA HIS M 226 0.34 -50.01 -25.97
C HIS M 226 -0.49 -51.13 -25.36
N SER M 227 -1.75 -50.85 -25.04
CA SER M 227 -2.61 -51.83 -24.39
C SER M 227 -4.05 -51.58 -24.76
N ILE M 228 -4.87 -52.62 -24.62
CA ILE M 228 -6.32 -52.55 -24.75
C ILE M 228 -6.90 -53.40 -23.63
N ILE M 229 -7.63 -52.77 -22.71
CA ILE M 229 -8.11 -53.43 -21.51
C ILE M 229 -9.62 -53.59 -21.61
N PHE M 230 -10.11 -54.78 -21.29
CA PHE M 230 -11.54 -55.08 -21.25
C PHE M 230 -11.96 -55.18 -19.79
N ASN M 231 -12.62 -54.13 -19.30
CA ASN M 231 -13.12 -54.09 -17.93
C ASN M 231 -14.51 -54.69 -17.92
N LEU M 232 -14.59 -55.98 -17.62
CA LEU M 232 -15.85 -56.71 -17.61
C LEU M 232 -16.42 -56.78 -16.20
N LYS M 233 -17.73 -56.60 -16.10
CA LYS M 233 -18.43 -56.63 -14.83
C LYS M 233 -19.78 -57.32 -15.01
N GLY M 234 -20.23 -58.00 -13.97
CA GLY M 234 -21.52 -58.65 -14.00
C GLY M 234 -21.54 -59.85 -13.07
N GLU M 235 -22.44 -60.77 -13.37
CA GLU M 235 -22.63 -61.96 -12.54
C GLU M 235 -21.54 -62.99 -12.81
N SER M 236 -21.17 -63.72 -11.75
CA SER M 236 -20.15 -64.75 -11.85
C SER M 236 -20.71 -66.00 -12.52
N TYR M 237 -19.99 -66.49 -13.53
CA TYR M 237 -20.46 -67.67 -14.25
C TYR M 237 -20.57 -68.88 -13.31
N ARG M 238 -19.63 -69.02 -12.37
CA ARG M 238 -19.70 -70.12 -11.43
C ARG M 238 -20.99 -70.07 -10.61
N LEU M 239 -21.32 -68.89 -10.08
CA LEU M 239 -22.53 -68.75 -9.29
C LEU M 239 -23.77 -68.99 -10.14
N ARG M 240 -23.79 -68.49 -11.38
CA ARG M 240 -24.93 -68.71 -12.25
C ARG M 240 -25.11 -70.19 -12.56
N GLU M 241 -24.01 -70.91 -12.82
CA GLU M 241 -24.10 -72.34 -13.05
C GLU M 241 -24.61 -73.07 -11.83
N LYS M 242 -24.12 -72.69 -10.64
CA LYS M 242 -24.61 -73.31 -9.42
C LYS M 242 -26.11 -73.08 -9.24
N ARG M 243 -26.56 -71.85 -9.50
CA ARG M 243 -27.99 -71.56 -9.39
C ARG M 243 -28.80 -72.37 -10.39
N LEU M 244 -28.30 -72.48 -11.62
CA LEU M 244 -29.02 -73.24 -12.64
C LEU M 244 -29.11 -74.71 -12.26
N GLN M 245 -28.03 -75.27 -11.72
CA GLN M 245 -28.08 -76.65 -11.24
C GLN M 245 -29.06 -76.79 -10.09
N GLU M 246 -29.10 -75.80 -9.19
CA GLU M 246 -30.05 -75.85 -8.08
C GLU M 246 -31.49 -75.86 -8.58
N GLU M 247 -31.80 -75.03 -9.56
CA GLU M 247 -33.15 -74.96 -10.12
C GLU M 247 -33.30 -75.93 -11.29
N ASN N 1 -3.60 -72.11 -58.50
CA ASN N 1 -3.60 -73.26 -59.45
C ASN N 1 -3.08 -74.52 -58.76
N MET N 2 -2.79 -75.55 -59.55
CA MET N 2 -2.37 -76.84 -59.00
C MET N 2 -0.85 -76.93 -58.84
N LYS N 3 -0.09 -76.46 -59.82
CA LYS N 3 1.37 -76.58 -59.74
C LYS N 3 1.93 -75.79 -58.56
N GLU N 4 1.45 -74.56 -58.36
CA GLU N 4 1.97 -73.73 -57.30
C GLU N 4 1.70 -74.34 -55.93
N ARG N 5 0.48 -74.83 -55.71
CA ARG N 5 0.16 -75.48 -54.44
C ARG N 5 0.97 -76.76 -54.26
N ILE N 6 1.17 -77.51 -55.34
CA ILE N 6 2.00 -78.71 -55.28
C ILE N 6 3.41 -78.35 -54.80
N HIS N 7 4.01 -77.32 -55.41
CA HIS N 7 5.35 -76.91 -55.01
C HIS N 7 5.37 -76.41 -53.57
N GLU N 8 4.35 -75.66 -53.17
CA GLU N 8 4.24 -75.19 -51.80
C GLU N 8 4.29 -76.36 -50.83
N TYR N 9 3.42 -77.36 -51.05
CA TYR N 9 3.40 -78.51 -50.17
C TYR N 9 4.71 -79.28 -50.20
N CYS N 10 5.30 -79.42 -51.39
CA CYS N 10 6.56 -80.15 -51.51
C CYS N 10 7.66 -79.49 -50.68
N HIS N 11 7.76 -78.16 -50.76
CA HIS N 11 8.77 -77.46 -49.97
C HIS N 11 8.44 -77.50 -48.49
N ARG N 12 7.15 -77.43 -48.14
CA ARG N 12 6.77 -77.53 -46.74
C ARG N 12 7.17 -78.88 -46.14
N LEU N 13 7.03 -79.95 -46.92
CA LEU N 13 7.53 -81.26 -46.53
C LEU N 13 9.03 -81.39 -46.76
N HIS N 14 9.71 -80.30 -47.14
CA HIS N 14 11.15 -80.31 -47.39
C HIS N 14 11.49 -81.20 -48.59
N LEU N 15 10.78 -80.98 -49.70
CA LEU N 15 10.93 -81.82 -50.88
C LEU N 15 10.90 -80.97 -52.15
N PRO N 16 11.87 -80.08 -52.33
CA PRO N 16 12.08 -79.50 -53.67
C PRO N 16 12.40 -80.57 -54.68
N VAL N 17 13.01 -81.68 -54.24
CA VAL N 17 13.15 -82.84 -55.09
C VAL N 17 11.78 -83.30 -55.59
N MET N 18 10.78 -83.28 -54.71
CA MET N 18 9.44 -83.69 -55.09
C MET N 18 8.87 -82.78 -56.17
N ALA N 19 9.10 -81.48 -56.05
CA ALA N 19 8.69 -80.56 -57.11
C ALA N 19 9.40 -80.89 -58.41
N GLU N 20 10.70 -81.16 -58.36
CA GLU N 20 11.46 -81.45 -59.57
C GLU N 20 11.08 -82.80 -60.15
N ARG N 21 11.06 -83.84 -59.32
CA ARG N 21 10.80 -85.18 -59.84
C ARG N 21 9.36 -85.34 -60.32
N TRP N 22 8.41 -84.69 -59.64
CA TRP N 22 7.03 -84.77 -60.10
C TRP N 22 6.88 -84.20 -61.49
N SER N 23 7.60 -83.11 -61.80
CA SER N 23 7.58 -82.60 -63.16
C SER N 23 8.06 -83.66 -64.15
N ALA N 24 9.21 -84.26 -63.89
CA ALA N 24 9.79 -85.22 -64.82
C ALA N 24 8.92 -86.46 -64.95
N MET N 25 8.51 -87.04 -63.81
CA MET N 25 7.71 -88.26 -63.85
C MET N 25 6.34 -87.99 -64.45
N ALA N 26 5.74 -86.84 -64.15
CA ALA N 26 4.45 -86.49 -64.75
C ALA N 26 4.57 -86.35 -66.25
N GLU N 27 5.62 -85.68 -66.74
CA GLU N 27 5.82 -85.58 -68.18
C GLU N 27 5.99 -86.96 -68.80
N TYR N 28 6.80 -87.80 -68.17
CA TYR N 28 7.06 -89.13 -68.72
C TYR N 28 5.77 -89.96 -68.76
N ALA N 29 4.96 -89.90 -67.71
CA ALA N 29 3.74 -90.69 -67.66
C ALA N 29 2.69 -90.15 -68.63
N SER N 30 2.63 -88.82 -68.79
CA SER N 30 1.73 -88.26 -69.78
C SER N 30 2.19 -88.63 -71.19
N THR N 31 3.48 -88.87 -71.38
CA THR N 31 4.01 -89.37 -72.64
C THR N 31 4.08 -90.89 -72.69
N HIS N 32 3.62 -91.59 -71.66
CA HIS N 32 3.66 -93.04 -71.60
C HIS N 32 2.35 -93.53 -70.97
N ASN N 33 2.32 -94.80 -70.61
CA ASN N 33 1.19 -95.41 -69.90
C ASN N 33 1.72 -95.98 -68.60
N ILE N 34 1.76 -95.13 -67.57
CA ILE N 34 2.27 -95.51 -66.26
C ILE N 34 1.09 -95.57 -65.30
N SER N 35 0.82 -96.76 -64.77
CA SER N 35 -0.22 -96.90 -63.77
C SER N 35 0.13 -96.06 -62.55
N TYR N 36 -0.90 -95.51 -61.90
CA TYR N 36 -0.67 -94.55 -60.82
C TYR N 36 0.27 -95.11 -59.75
N SER N 37 0.17 -96.41 -59.48
CA SER N 37 1.09 -97.02 -58.52
C SER N 37 2.53 -96.91 -59.00
N GLU N 38 2.78 -97.19 -60.29
CA GLU N 38 4.14 -97.12 -60.82
C GLU N 38 4.63 -95.67 -60.88
N PHE N 39 3.74 -94.73 -61.21
CA PHE N 39 4.10 -93.32 -61.18
C PHE N 39 4.55 -92.90 -59.79
N LEU N 40 3.79 -93.30 -58.77
CA LEU N 40 4.20 -93.02 -57.40
C LEU N 40 5.52 -93.71 -57.05
N PHE N 41 5.70 -94.94 -57.51
CA PHE N 41 6.96 -95.65 -57.25
C PHE N 41 8.13 -94.87 -57.83
N ARG N 42 8.00 -94.39 -59.06
CA ARG N 42 9.07 -93.58 -59.66
C ARG N 42 9.29 -92.29 -58.87
N LEU N 43 8.20 -91.66 -58.44
CA LEU N 43 8.31 -90.46 -57.61
C LEU N 43 9.15 -90.73 -56.37
N LEU N 44 8.81 -91.78 -55.63
CA LEU N 44 9.53 -92.10 -54.41
C LEU N 44 10.97 -92.49 -54.71
N GLU N 45 11.19 -93.18 -55.84
CA GLU N 45 12.55 -93.53 -56.24
C GLU N 45 13.41 -92.28 -56.40
N ALA N 46 12.91 -91.29 -57.14
CA ALA N 46 13.68 -90.07 -57.33
C ALA N 46 13.89 -89.35 -56.01
N GLU N 47 12.84 -89.27 -55.19
CA GLU N 47 12.95 -88.60 -53.89
C GLU N 47 14.07 -89.22 -53.07
N ILE N 48 14.09 -90.55 -52.98
CA ILE N 48 15.05 -91.21 -52.11
C ILE N 48 16.43 -91.22 -52.72
N VAL N 49 16.55 -91.22 -54.04
CA VAL N 49 17.88 -91.09 -54.64
C VAL N 49 18.50 -89.76 -54.25
N GLU N 50 17.76 -88.67 -54.44
CA GLU N 50 18.29 -87.36 -54.08
C GLU N 50 18.52 -87.25 -52.58
N LYS N 51 17.61 -87.81 -51.78
CA LYS N 51 17.74 -87.74 -50.33
C LYS N 51 18.97 -88.49 -49.85
N GLN N 52 19.24 -89.68 -50.42
CA GLN N 52 20.42 -90.44 -50.05
C GLN N 52 21.70 -89.72 -50.49
N ALA N 53 21.68 -89.09 -51.67
CA ALA N 53 22.82 -88.29 -52.07
C ALA N 53 23.10 -87.18 -51.07
N ARG N 54 22.05 -86.46 -50.67
CA ARG N 54 22.23 -85.39 -49.69
C ARG N 54 22.70 -85.92 -48.35
N SER N 55 22.16 -87.05 -47.92
CA SER N 55 22.59 -87.64 -46.65
C SER N 55 24.06 -88.04 -46.67
N ILE N 56 24.51 -88.65 -47.77
CA ILE N 56 25.91 -89.02 -47.89
C ILE N 56 26.79 -87.77 -47.89
N GLN N 57 26.37 -86.74 -48.62
CA GLN N 57 27.15 -85.49 -48.61
C GLN N 57 27.23 -84.90 -47.21
N THR N 58 26.12 -84.90 -46.47
CA THR N 58 26.13 -84.37 -45.12
C THR N 58 27.03 -85.19 -44.20
N LEU N 59 26.98 -86.53 -44.33
CA LEU N 59 27.84 -87.37 -43.51
C LEU N 59 29.31 -87.11 -43.81
N ILE N 60 29.66 -86.95 -45.08
CA ILE N 60 31.04 -86.64 -45.44
C ILE N 60 31.43 -85.27 -44.88
N LYS N 61 30.50 -84.32 -44.90
CA LYS N 61 30.74 -83.01 -44.31
C LYS N 61 31.06 -83.14 -42.83
N LEU N 62 30.27 -83.95 -42.11
CA LEU N 62 30.57 -84.21 -40.70
C LEU N 62 31.88 -84.96 -40.56
N SER N 63 32.14 -85.92 -41.44
CA SER N 63 33.37 -86.69 -41.39
C SER N 63 34.56 -85.81 -41.75
N LYS N 64 35.72 -86.19 -41.21
CA LYS N 64 36.97 -85.44 -41.40
C LYS N 64 37.99 -86.29 -42.15
N LEU N 65 37.55 -86.99 -43.19
CA LEU N 65 38.44 -87.80 -43.98
C LEU N 65 39.41 -86.91 -44.75
N PRO N 66 40.61 -87.42 -45.07
CA PRO N 66 41.60 -86.58 -45.76
C PRO N 66 41.21 -86.30 -47.21
N TYR N 67 40.78 -87.33 -47.93
CA TYR N 67 40.35 -87.17 -49.31
C TYR N 67 39.48 -88.35 -49.69
N ARG N 68 38.74 -88.18 -50.78
CA ARG N 68 37.80 -89.20 -51.25
C ARG N 68 38.50 -90.13 -52.24
N LYS N 69 38.34 -91.43 -52.03
CA LYS N 69 38.89 -92.42 -52.93
C LYS N 69 38.14 -93.73 -52.72
N THR N 70 38.18 -94.59 -53.75
CA THR N 70 37.43 -95.84 -53.75
C THR N 70 38.39 -97.01 -53.94
N ILE N 71 37.98 -98.17 -53.42
CA ILE N 71 38.82 -99.36 -53.53
C ILE N 71 39.04 -99.71 -55.00
N ASP N 72 38.01 -99.54 -55.83
CA ASP N 72 38.17 -99.79 -57.26
C ASP N 72 39.30 -98.97 -57.85
N THR N 73 39.53 -97.77 -57.32
CA THR N 73 40.65 -96.95 -57.78
C THR N 73 41.99 -97.59 -57.46
N PHE N 74 42.02 -98.52 -56.50
CA PHE N 74 43.27 -99.19 -56.13
C PHE N 74 43.57 -100.31 -57.10
N ASP N 75 44.74 -100.28 -57.71
CA ASP N 75 45.19 -101.35 -58.60
C ASP N 75 46.02 -102.34 -57.81
N PHE N 76 45.75 -103.64 -58.04
CA PHE N 76 46.45 -104.70 -57.33
C PHE N 76 47.60 -105.29 -58.14
N THR N 77 47.61 -105.10 -59.46
CA THR N 77 48.73 -105.59 -60.26
C THR N 77 50.02 -104.87 -59.88
N ALA N 78 49.96 -103.56 -59.66
CA ALA N 78 51.15 -102.81 -59.27
C ALA N 78 51.59 -103.13 -57.85
N GLN N 79 50.72 -103.74 -57.04
CA GLN N 79 51.04 -104.12 -55.66
C GLN N 79 50.63 -105.57 -55.47
N PRO N 80 51.43 -106.51 -55.98
CA PRO N 80 51.07 -107.93 -55.82
C PRO N 80 51.03 -108.38 -54.37
N SER N 81 51.64 -107.64 -53.44
CA SER N 81 51.68 -108.08 -52.06
C SER N 81 50.28 -108.23 -51.48
N VAL N 82 49.40 -107.26 -51.74
CA VAL N 82 48.04 -107.33 -51.24
C VAL N 82 47.29 -108.44 -51.96
N ASP N 83 46.33 -109.04 -51.26
CA ASP N 83 45.50 -110.12 -51.80
C ASP N 83 44.07 -109.61 -51.93
N GLU N 84 43.51 -109.76 -53.13
CA GLU N 84 42.15 -109.27 -53.38
C GLU N 84 41.14 -110.00 -52.51
N ARG N 85 41.41 -111.25 -52.14
CA ARG N 85 40.48 -111.99 -51.30
C ARG N 85 40.26 -111.28 -49.97
N ARG N 86 41.34 -110.99 -49.25
CA ARG N 86 41.21 -110.36 -47.94
C ARG N 86 40.72 -108.93 -48.07
N ILE N 87 41.17 -108.21 -49.10
CA ILE N 87 40.73 -106.84 -49.30
C ILE N 87 39.22 -106.79 -49.50
N ARG N 88 38.68 -107.69 -50.34
CA ARG N 88 37.25 -107.71 -50.58
C ARG N 88 36.48 -108.22 -49.36
N GLU N 89 37.07 -109.13 -48.59
CA GLU N 89 36.44 -109.54 -47.34
C GLU N 89 36.31 -108.35 -46.39
N LEU N 90 37.34 -107.51 -46.34
CA LEU N 90 37.21 -106.27 -45.57
C LEU N 90 36.15 -105.36 -46.18
N LEU N 91 36.11 -105.26 -47.51
CA LEU N 91 35.12 -104.42 -48.16
C LEU N 91 33.71 -104.81 -47.76
N THR N 92 33.46 -106.12 -47.60
CA THR N 92 32.15 -106.56 -47.12
C THR N 92 31.86 -106.06 -45.71
N LEU N 93 32.88 -105.59 -44.99
CA LEU N 93 32.74 -105.04 -43.64
C LEU N 93 32.23 -106.07 -42.65
N SER N 94 32.41 -107.36 -42.94
CA SER N 94 32.05 -108.38 -41.97
C SER N 94 32.89 -108.26 -40.70
N PHE N 95 34.08 -107.68 -40.81
CA PHE N 95 34.93 -107.50 -39.64
C PHE N 95 34.29 -106.54 -38.64
N ILE N 96 33.55 -105.55 -39.13
CA ILE N 96 32.91 -104.60 -38.21
C ILE N 96 31.90 -105.31 -37.32
N ASP N 97 31.08 -106.19 -37.90
CA ASP N 97 30.12 -106.93 -37.10
C ASP N 97 30.81 -107.85 -36.11
N ARG N 98 32.01 -108.33 -36.43
CA ARG N 98 32.78 -109.18 -35.54
C ARG N 98 33.64 -108.38 -34.56
N LYS N 99 33.64 -107.06 -34.65
CA LYS N 99 34.43 -106.20 -33.77
C LYS N 99 35.92 -106.55 -33.86
N GLU N 100 36.42 -106.47 -35.09
CA GLU N 100 37.82 -106.76 -35.39
C GLU N 100 38.49 -105.48 -35.88
N ASN N 101 39.61 -105.12 -35.27
CA ASN N 101 40.35 -103.92 -35.64
C ASN N 101 41.31 -104.25 -36.78
N ILE N 102 41.48 -103.30 -37.70
CA ILE N 102 42.32 -103.46 -38.87
C ILE N 102 43.57 -102.61 -38.69
N LEU N 103 44.73 -103.21 -38.94
CA LEU N 103 46.01 -102.52 -38.83
C LEU N 103 46.79 -102.70 -40.12
N PHE N 104 47.34 -101.61 -40.64
CA PHE N 104 48.19 -101.62 -41.81
C PHE N 104 49.61 -101.28 -41.39
N LEU N 105 50.57 -102.10 -41.83
CA LEU N 105 51.98 -101.90 -41.50
C LEU N 105 52.82 -102.06 -42.75
N GLY N 106 53.93 -101.32 -42.79
CA GLY N 106 54.83 -101.35 -43.91
C GLY N 106 55.47 -100.01 -44.17
N PRO N 107 56.48 -99.98 -45.05
CA PRO N 107 57.14 -98.72 -45.35
C PRO N 107 56.18 -97.76 -46.05
N PRO N 108 56.37 -96.45 -45.87
CA PRO N 108 55.46 -95.49 -46.52
C PRO N 108 55.53 -95.57 -48.04
N GLY N 109 54.45 -95.08 -48.67
CA GLY N 109 54.36 -95.04 -50.11
C GLY N 109 53.65 -96.22 -50.74
N ILE N 110 53.34 -97.27 -49.98
CA ILE N 110 52.67 -98.44 -50.57
C ILE N 110 51.23 -98.10 -50.93
N GLY N 111 50.51 -97.43 -50.03
CA GLY N 111 49.13 -97.07 -50.28
C GLY N 111 48.13 -97.66 -49.30
N LYS N 112 48.58 -97.93 -48.08
CA LYS N 112 47.67 -98.45 -47.06
C LYS N 112 46.57 -97.46 -46.72
N THR N 113 46.90 -96.17 -46.63
CA THR N 113 45.89 -95.17 -46.31
C THR N 113 44.80 -95.16 -47.37
N HIS N 114 45.13 -95.48 -48.62
CA HIS N 114 44.10 -95.56 -49.65
C HIS N 114 43.07 -96.62 -49.31
N LEU N 115 43.54 -97.82 -48.93
CA LEU N 115 42.61 -98.89 -48.59
C LEU N 115 41.78 -98.53 -47.36
N ALA N 116 42.43 -97.94 -46.35
CA ALA N 116 41.69 -97.54 -45.15
C ALA N 116 40.60 -96.53 -45.52
N ILE N 117 40.94 -95.53 -46.34
CA ILE N 117 39.97 -94.51 -46.72
C ILE N 117 38.85 -95.11 -47.54
N SER N 118 39.17 -96.05 -48.43
CA SER N 118 38.12 -96.69 -49.23
C SER N 118 37.15 -97.45 -48.34
N ILE N 119 37.68 -98.18 -47.35
CA ILE N 119 36.80 -98.90 -46.42
C ILE N 119 35.92 -97.91 -45.66
N GLY N 120 36.50 -96.79 -45.22
CA GLY N 120 35.71 -95.79 -44.52
C GLY N 120 34.61 -95.21 -45.40
N MET N 121 34.92 -94.94 -46.66
CA MET N 121 33.92 -94.39 -47.58
C MET N 121 32.80 -95.38 -47.83
N GLU N 122 33.14 -96.67 -47.99
CA GLU N 122 32.11 -97.69 -48.15
C GLU N 122 31.22 -97.77 -46.91
N ALA N 123 31.84 -97.70 -45.72
CA ALA N 123 31.05 -97.71 -44.50
C ALA N 123 30.11 -96.52 -44.43
N ILE N 124 30.58 -95.34 -44.83
CA ILE N 124 29.72 -94.17 -44.85
C ILE N 124 28.56 -94.37 -45.81
N ALA N 125 28.84 -94.91 -46.99
CA ALA N 125 27.79 -95.15 -47.97
C ALA N 125 26.75 -96.12 -47.43
N ARG N 126 27.20 -97.18 -46.75
CA ARG N 126 26.28 -98.16 -46.20
C ARG N 126 25.53 -97.64 -44.97
N GLY N 127 25.90 -96.48 -44.45
CA GLY N 127 25.22 -95.86 -43.31
C GLY N 127 25.98 -95.94 -42.01
N TYR N 128 27.02 -96.77 -41.92
CA TYR N 128 27.80 -96.85 -40.69
C TYR N 128 28.59 -95.56 -40.49
N LYS N 129 28.57 -95.05 -39.26
CA LYS N 129 29.32 -93.85 -38.94
C LYS N 129 30.82 -94.11 -39.05
N THR N 130 31.54 -93.16 -39.64
CA THR N 130 32.99 -93.28 -39.80
C THR N 130 33.63 -91.92 -39.57
N TYR N 131 34.67 -91.90 -38.76
CA TYR N 131 35.42 -90.69 -38.46
C TYR N 131 36.90 -90.95 -38.66
N PHE N 132 37.62 -89.91 -39.05
CA PHE N 132 39.05 -90.00 -39.36
C PHE N 132 39.80 -88.95 -38.57
N ILE N 133 41.02 -89.30 -38.16
CA ILE N 133 41.89 -88.37 -37.46
C ILE N 133 43.31 -88.91 -37.49
N THR N 134 44.28 -88.01 -37.52
CA THR N 134 45.68 -88.41 -37.41
C THR N 134 46.09 -88.51 -35.95
N ALA N 135 47.13 -89.32 -35.71
CA ALA N 135 47.57 -89.54 -34.33
C ALA N 135 47.96 -88.23 -33.66
N HIS N 136 48.73 -87.40 -34.37
CA HIS N 136 49.15 -86.12 -33.80
C HIS N 136 47.94 -85.22 -33.54
N ASP N 137 47.04 -85.11 -34.50
CA ASP N 137 45.86 -84.27 -34.33
C ASP N 137 44.94 -84.81 -33.24
N LEU N 138 44.77 -86.14 -33.18
CA LEU N 138 43.95 -86.72 -32.14
C LEU N 138 44.54 -86.44 -30.75
N VAL N 139 45.86 -86.59 -30.62
CA VAL N 139 46.52 -86.30 -29.35
C VAL N 139 46.34 -84.83 -28.99
N ASN N 140 46.49 -83.94 -29.96
CA ASN N 140 46.28 -82.51 -29.69
C ASN N 140 44.87 -82.25 -29.21
N GLN N 141 43.88 -82.87 -29.87
CA GLN N 141 42.49 -82.68 -29.46
C GLN N 141 42.26 -83.17 -28.04
N LEU N 142 42.79 -84.35 -27.71
CA LEU N 142 42.60 -84.89 -26.36
C LEU N 142 43.27 -84.00 -25.32
N ARG N 143 44.49 -83.53 -25.60
CA ARG N 143 45.19 -82.67 -24.66
C ARG N 143 44.44 -81.36 -24.44
N ARG N 144 43.96 -80.75 -25.53
CA ARG N 144 43.22 -79.50 -25.40
C ARG N 144 41.93 -79.72 -24.64
N ALA N 145 41.26 -80.85 -24.89
CA ALA N 145 40.03 -81.17 -24.16
C ALA N 145 40.30 -81.30 -22.66
N ASP N 146 41.38 -81.98 -22.30
CA ASP N 146 41.73 -82.09 -20.89
C ASP N 146 42.05 -80.73 -20.30
N GLN N 147 42.76 -79.88 -21.05
CA GLN N 147 43.11 -78.56 -20.55
C GLN N 147 41.87 -77.71 -20.32
N GLU N 148 40.92 -77.74 -21.25
CA GLU N 148 39.73 -76.89 -21.18
C GLU N 148 38.60 -77.50 -20.37
N GLY N 149 38.75 -78.73 -19.88
CA GLY N 149 37.70 -79.38 -19.13
C GLY N 149 36.65 -80.07 -19.99
N LYS N 150 36.76 -80.00 -21.32
CA LYS N 150 35.84 -80.67 -22.22
C LYS N 150 36.33 -82.06 -22.62
N LEU N 151 37.11 -82.72 -21.75
CA LEU N 151 37.61 -84.05 -22.05
C LEU N 151 36.46 -85.04 -22.24
N GLU N 152 35.44 -84.96 -21.39
CA GLU N 152 34.33 -85.91 -21.48
C GLU N 152 33.62 -85.79 -22.82
N LYS N 153 33.40 -84.56 -23.30
CA LYS N 153 32.69 -84.38 -24.56
C LYS N 153 33.48 -84.96 -25.73
N LYS N 154 34.79 -84.71 -25.77
CA LYS N 154 35.60 -85.23 -26.86
C LYS N 154 35.71 -86.75 -26.80
N LEU N 155 35.84 -87.31 -25.60
CA LEU N 155 35.86 -88.76 -25.47
C LEU N 155 34.55 -89.36 -25.95
N ARG N 156 33.42 -88.74 -25.59
CA ARG N 156 32.14 -89.24 -26.03
C ARG N 156 32.01 -89.18 -27.56
N VAL N 157 32.42 -88.06 -28.16
CA VAL N 157 32.26 -87.91 -29.60
C VAL N 157 33.28 -88.74 -30.37
N PHE N 158 34.36 -89.19 -29.73
CA PHE N 158 35.32 -90.07 -30.37
C PHE N 158 35.07 -91.54 -30.08
N VAL N 159 34.20 -91.86 -29.13
CA VAL N 159 33.87 -93.25 -28.84
C VAL N 159 32.56 -93.63 -29.50
N LYS N 160 31.63 -92.68 -29.59
CA LYS N 160 30.35 -92.95 -30.22
C LYS N 160 30.48 -93.44 -31.66
N PRO N 161 31.37 -92.89 -32.50
CA PRO N 161 31.40 -93.30 -33.91
C PRO N 161 31.60 -94.80 -34.06
N THR N 162 30.90 -95.38 -35.04
CA THR N 162 30.99 -96.82 -35.26
C THR N 162 32.38 -97.22 -35.73
N VAL N 163 33.01 -96.39 -36.56
CA VAL N 163 34.34 -96.65 -37.09
C VAL N 163 35.21 -95.43 -36.84
N LEU N 164 36.40 -95.65 -36.29
CA LEU N 164 37.39 -94.61 -36.05
C LEU N 164 38.68 -94.98 -36.77
N ILE N 165 39.27 -94.03 -37.49
CA ILE N 165 40.44 -94.28 -38.31
C ILE N 165 41.56 -93.38 -37.80
N ILE N 166 42.50 -93.98 -37.06
CA ILE N 166 43.69 -93.28 -36.60
C ILE N 166 44.76 -93.41 -37.67
N ASP N 167 45.37 -92.29 -38.05
CA ASP N 167 46.34 -92.25 -39.13
C ASP N 167 47.62 -91.60 -38.65
N GLN N 168 48.71 -91.88 -39.37
CA GLN N 168 50.03 -91.33 -39.07
C GLN N 168 50.46 -91.69 -37.64
N MET N 169 50.24 -92.94 -37.25
CA MET N 169 50.68 -93.45 -35.95
C MET N 169 52.08 -94.03 -36.12
N GLY N 170 53.09 -93.28 -35.70
CA GLY N 170 54.46 -93.72 -35.82
C GLY N 170 55.40 -92.64 -36.31
N TYR N 171 54.89 -91.74 -37.15
CA TYR N 171 55.73 -90.64 -37.64
C TYR N 171 56.15 -89.73 -36.50
N LEU N 172 55.23 -89.42 -35.59
CA LEU N 172 55.48 -88.50 -34.49
C LEU N 172 55.54 -89.28 -33.18
N LYS N 173 56.60 -89.04 -32.39
CA LYS N 173 56.75 -89.72 -31.12
C LYS N 173 55.79 -89.17 -30.09
N LEU N 174 55.37 -90.04 -29.16
CA LEU N 174 54.37 -89.71 -28.16
C LEU N 174 54.98 -89.75 -26.77
N ASP N 175 54.73 -88.71 -25.98
CA ASP N 175 55.12 -88.67 -24.58
C ASP N 175 54.16 -89.50 -23.75
N PRO N 176 54.54 -89.86 -22.52
CA PRO N 176 53.64 -90.70 -21.71
C PRO N 176 52.25 -90.11 -21.50
N ASN N 177 52.12 -88.79 -21.49
CA ASN N 177 50.79 -88.19 -21.36
C ASN N 177 49.93 -88.52 -22.58
N SER N 178 50.47 -88.30 -23.78
CA SER N 178 49.77 -88.71 -24.99
C SER N 178 49.55 -90.21 -25.01
N ALA N 179 50.49 -90.97 -24.44
CA ALA N 179 50.30 -92.41 -24.35
C ALA N 179 49.08 -92.76 -23.52
N HIS N 180 48.89 -92.08 -22.39
CA HIS N 180 47.74 -92.36 -21.55
C HIS N 180 46.44 -91.89 -22.21
N TYR N 181 46.49 -90.78 -22.95
CA TYR N 181 45.32 -90.37 -23.71
C TYR N 181 44.92 -91.43 -24.74
N LEU N 182 45.90 -91.92 -25.49
CA LEU N 182 45.63 -92.97 -26.47
C LEU N 182 45.12 -94.23 -25.80
N PHE N 183 45.67 -94.56 -24.62
CA PHE N 183 45.20 -95.73 -23.88
C PHE N 183 43.75 -95.56 -23.46
N GLN N 184 43.39 -94.35 -22.99
CA GLN N 184 42.00 -94.08 -22.67
C GLN N 184 41.11 -94.32 -23.90
N VAL N 185 41.52 -93.80 -25.05
CA VAL N 185 40.73 -93.98 -26.27
C VAL N 185 40.55 -95.46 -26.57
N ILE N 186 41.66 -96.22 -26.53
CA ILE N 186 41.60 -97.64 -26.87
C ILE N 186 40.74 -98.40 -25.89
N ALA N 187 40.89 -98.11 -24.58
CA ALA N 187 40.11 -98.81 -23.57
C ALA N 187 38.62 -98.53 -23.75
N ARG N 188 38.26 -97.29 -24.04
CA ARG N 188 36.87 -97.00 -24.35
C ARG N 188 36.41 -97.77 -25.58
N ARG N 189 37.29 -97.94 -26.56
CA ARG N 189 37.00 -98.72 -27.77
C ARG N 189 37.61 -100.10 -27.73
N TYR N 190 37.69 -100.72 -26.55
CA TYR N 190 38.30 -102.04 -26.42
C TYR N 190 37.53 -103.08 -27.23
N GLU N 191 36.27 -103.33 -26.85
CA GLU N 191 35.43 -104.32 -27.51
C GLU N 191 34.05 -103.71 -27.79
N HIS N 192 34.05 -102.50 -28.34
CA HIS N 192 32.83 -101.77 -28.63
C HIS N 192 32.70 -101.37 -30.09
N ALA N 193 33.80 -101.03 -30.74
CA ALA N 193 33.78 -100.62 -32.14
C ALA N 193 35.14 -100.90 -32.76
N PRO N 194 35.20 -101.22 -34.04
CA PRO N 194 36.50 -101.45 -34.68
C PRO N 194 37.31 -100.18 -34.82
N ILE N 195 38.63 -100.35 -34.93
CA ILE N 195 39.56 -99.26 -35.16
C ILE N 195 40.41 -99.62 -36.37
N ILE N 196 40.52 -98.68 -37.32
CA ILE N 196 41.35 -98.85 -38.50
C ILE N 196 42.56 -97.94 -38.33
N LEU N 197 43.75 -98.54 -38.26
CA LEU N 197 44.97 -97.80 -37.99
C LEU N 197 46.01 -98.13 -39.05
N THR N 198 46.85 -97.15 -39.35
CA THR N 198 47.96 -97.32 -40.29
C THR N 198 49.24 -96.82 -39.62
N SER N 199 50.32 -97.58 -39.77
CA SER N 199 51.58 -97.25 -39.13
C SER N 199 52.73 -97.77 -39.97
N ASN N 200 53.91 -97.19 -39.73
CA ASN N 200 55.13 -97.59 -40.42
C ASN N 200 56.15 -98.23 -39.49
N LYS N 201 55.83 -98.39 -38.20
CA LYS N 201 56.75 -98.94 -37.22
C LYS N 201 56.21 -100.28 -36.73
N SER N 202 57.14 -101.19 -36.43
CA SER N 202 56.77 -102.48 -35.88
C SER N 202 56.23 -102.33 -34.47
N PHE N 203 55.54 -103.37 -34.00
CA PHE N 203 54.91 -103.32 -32.69
C PHE N 203 55.93 -103.04 -31.59
N GLY N 204 57.14 -103.58 -31.73
CA GLY N 204 58.15 -103.36 -30.71
C GLY N 204 58.51 -101.89 -30.54
N GLU N 205 58.59 -101.16 -31.66
CA GLU N 205 58.95 -99.75 -31.59
C GLU N 205 57.91 -98.91 -30.87
N TRP N 206 56.68 -99.42 -30.72
CA TRP N 206 55.65 -98.66 -30.04
C TRP N 206 56.05 -98.32 -28.61
N GLY N 207 56.88 -99.17 -27.98
CA GLY N 207 57.33 -98.87 -26.64
C GLY N 207 58.08 -97.55 -26.55
N GLU N 208 59.00 -97.32 -27.48
CA GLU N 208 59.70 -96.04 -27.53
C GLU N 208 58.81 -94.94 -28.09
N ILE N 209 57.87 -95.30 -28.97
CA ILE N 209 56.98 -94.27 -29.55
C ILE N 209 56.14 -93.63 -28.46
N VAL N 210 55.58 -94.45 -27.55
CA VAL N 210 54.70 -93.93 -26.50
C VAL N 210 55.45 -93.55 -25.24
N GLY N 211 56.75 -93.81 -25.17
CA GLY N 211 57.53 -93.44 -24.00
C GLY N 211 57.22 -94.25 -22.76
N ASP N 212 56.62 -95.42 -22.91
CA ASP N 212 56.29 -96.27 -21.76
C ASP N 212 56.08 -97.68 -22.27
N SER N 213 56.94 -98.61 -21.83
CA SER N 213 56.84 -99.99 -22.32
C SER N 213 55.54 -100.66 -21.88
N VAL N 214 55.14 -100.43 -20.62
CA VAL N 214 53.97 -101.14 -20.10
C VAL N 214 52.69 -100.63 -20.77
N LEU N 215 52.59 -99.32 -20.98
CA LEU N 215 51.44 -98.78 -21.70
C LEU N 215 51.38 -99.33 -23.11
N ALA N 216 52.53 -99.40 -23.78
CA ALA N 216 52.56 -99.96 -25.13
C ALA N 216 52.10 -101.42 -25.12
N THR N 217 52.57 -102.19 -24.15
CA THR N 217 52.17 -103.60 -24.06
C THR N 217 50.68 -103.73 -23.84
N ALA N 218 50.12 -102.93 -22.93
CA ALA N 218 48.68 -103.01 -22.66
C ALA N 218 47.87 -102.62 -23.88
N MET N 219 48.25 -101.53 -24.55
CA MET N 219 47.52 -101.08 -25.73
C MET N 219 47.62 -102.12 -26.84
N LEU N 220 48.81 -102.69 -27.04
CA LEU N 220 48.95 -103.72 -28.07
C LEU N 220 48.12 -104.95 -27.75
N ASP N 221 48.10 -105.38 -26.49
CA ASP N 221 47.28 -106.52 -26.12
C ASP N 221 45.81 -106.26 -26.41
N ARG N 222 45.30 -105.11 -25.95
CA ARG N 222 43.89 -104.81 -26.15
C ARG N 222 43.56 -104.69 -27.64
N LEU N 223 44.44 -104.05 -28.42
CA LEU N 223 44.17 -103.87 -29.84
C LEU N 223 44.23 -105.20 -30.59
N LEU N 224 45.22 -106.04 -30.30
CA LEU N 224 45.45 -107.27 -31.04
C LEU N 224 44.64 -108.44 -30.50
N HIS N 225 43.88 -108.26 -29.43
CA HIS N 225 43.01 -109.34 -28.98
C HIS N 225 42.05 -109.78 -30.08
N HIS N 226 41.48 -108.81 -30.81
CA HIS N 226 40.60 -109.08 -31.95
C HIS N 226 40.97 -108.08 -33.04
N SER N 227 41.88 -108.47 -33.94
CA SER N 227 42.34 -107.58 -34.99
C SER N 227 42.91 -108.39 -36.14
N ILE N 228 43.09 -107.71 -37.27
CA ILE N 228 43.74 -108.27 -38.45
C ILE N 228 44.77 -107.26 -38.92
N ILE N 229 45.99 -107.72 -39.21
CA ILE N 229 47.11 -106.87 -39.56
C ILE N 229 47.57 -107.22 -40.97
N PHE N 230 47.79 -106.19 -41.79
CA PHE N 230 48.29 -106.33 -43.15
C PHE N 230 49.72 -105.78 -43.19
N ASN N 231 50.70 -106.68 -43.30
CA ASN N 231 52.10 -106.29 -43.40
C ASN N 231 52.46 -106.20 -44.89
N LEU N 232 52.14 -105.05 -45.47
CA LEU N 232 52.33 -104.83 -46.90
C LEU N 232 53.73 -104.26 -47.16
N LYS N 233 54.35 -104.77 -48.23
CA LYS N 233 55.67 -104.32 -48.64
C LYS N 233 55.72 -104.24 -50.15
N GLY N 234 56.63 -103.41 -50.66
CA GLY N 234 56.79 -103.25 -52.10
C GLY N 234 57.57 -102.01 -52.47
N GLU N 235 57.04 -101.25 -53.43
CA GLU N 235 57.69 -100.05 -53.94
C GLU N 235 56.83 -98.83 -53.64
N SER N 236 57.50 -97.73 -53.29
CA SER N 236 56.81 -96.49 -52.96
C SER N 236 56.13 -95.94 -54.21
N TYR N 237 54.80 -96.02 -54.24
CA TYR N 237 54.05 -95.63 -55.43
C TYR N 237 54.33 -94.18 -55.82
N ARG N 238 54.56 -93.31 -54.83
CA ARG N 238 54.88 -91.92 -55.15
C ARG N 238 56.15 -91.83 -56.00
N LEU N 239 57.22 -92.49 -55.55
CA LEU N 239 58.47 -92.46 -56.29
C LEU N 239 58.33 -93.15 -57.63
N ARG N 240 57.59 -94.25 -57.69
CA ARG N 240 57.40 -94.94 -58.97
C ARG N 240 56.65 -94.05 -59.96
N GLU N 241 55.61 -93.36 -59.51
CA GLU N 241 54.88 -92.44 -60.39
C GLU N 241 55.76 -91.28 -60.81
N LYS N 242 56.60 -90.76 -59.91
CA LYS N 242 57.52 -89.71 -60.29
C LYS N 242 58.48 -90.18 -61.38
N ARG N 243 59.01 -91.39 -61.24
CA ARG N 243 59.88 -91.95 -62.26
C ARG N 243 59.13 -92.11 -63.58
N LEU N 244 57.90 -92.60 -63.53
CA LEU N 244 57.11 -92.76 -64.74
C LEU N 244 56.88 -91.42 -65.44
N GLN N 245 56.58 -90.38 -64.66
CA GLN N 245 56.44 -89.05 -65.24
C GLN N 245 57.76 -88.58 -65.85
N GLU N 246 58.88 -88.87 -65.20
CA GLU N 246 60.18 -88.51 -65.76
C GLU N 246 60.39 -89.19 -67.11
N GLU N 247 60.06 -90.46 -67.22
CA GLU N 247 60.18 -91.18 -68.48
C GLU N 247 58.89 -91.08 -69.29
N ASN O 1 22.11 -7.36 5.63
CA ASN O 1 22.98 -8.34 4.94
C ASN O 1 23.68 -7.66 3.77
N MET O 2 23.94 -8.41 2.69
CA MET O 2 24.61 -7.87 1.51
C MET O 2 23.70 -7.82 0.29
N LYS O 3 22.80 -8.80 0.12
CA LYS O 3 21.90 -8.78 -1.02
C LYS O 3 21.02 -7.54 -1.01
N GLU O 4 20.43 -7.23 0.15
CA GLU O 4 19.59 -6.04 0.25
C GLU O 4 20.40 -4.77 0.03
N ARG O 5 21.63 -4.73 0.57
CA ARG O 5 22.48 -3.56 0.36
C ARG O 5 22.85 -3.40 -1.11
N ILE O 6 23.12 -4.52 -1.79
CA ILE O 6 23.43 -4.44 -3.21
C ILE O 6 22.23 -3.91 -3.98
N HIS O 7 21.03 -4.40 -3.65
CA HIS O 7 19.83 -3.91 -4.32
C HIS O 7 19.66 -2.42 -4.10
N GLU O 8 19.84 -1.97 -2.86
CA GLU O 8 19.67 -0.56 -2.53
C GLU O 8 20.68 0.30 -3.28
N TYR O 9 21.94 -0.14 -3.31
CA TYR O 9 22.97 0.64 -3.98
C TYR O 9 22.75 0.68 -5.49
N CYS O 10 22.32 -0.44 -6.07
CA CYS O 10 22.02 -0.44 -7.50
C CYS O 10 20.88 0.51 -7.82
N HIS O 11 19.86 0.55 -6.96
CA HIS O 11 18.76 1.48 -7.19
C HIS O 11 19.21 2.92 -7.01
N ARG O 12 20.07 3.18 -6.02
CA ARG O 12 20.52 4.55 -5.78
C ARG O 12 21.46 5.03 -6.88
N LEU O 13 22.16 4.12 -7.55
CA LEU O 13 23.00 4.46 -8.69
C LEU O 13 22.25 4.41 -10.00
N HIS O 14 20.94 4.13 -9.98
CA HIS O 14 20.12 4.08 -11.18
C HIS O 14 20.61 2.98 -12.12
N LEU O 15 20.59 1.75 -11.60
CA LEU O 15 20.96 0.56 -12.35
C LEU O 15 19.90 -0.51 -12.12
N PRO O 16 18.69 -0.30 -12.62
CA PRO O 16 17.60 -1.26 -12.32
C PRO O 16 17.87 -2.65 -12.87
N VAL O 17 18.25 -2.75 -14.14
CA VAL O 17 18.49 -4.06 -14.73
C VAL O 17 19.63 -4.76 -14.01
N MET O 18 20.66 -4.01 -13.64
CA MET O 18 21.76 -4.59 -12.87
C MET O 18 21.26 -5.14 -11.55
N ALA O 19 20.36 -4.40 -10.88
CA ALA O 19 19.79 -4.89 -9.64
C ALA O 19 18.97 -6.16 -9.85
N GLU O 20 18.30 -6.26 -11.00
CA GLU O 20 17.45 -7.43 -11.26
C GLU O 20 18.29 -8.68 -11.52
N ARG O 21 19.34 -8.55 -12.33
CA ARG O 21 20.02 -9.72 -12.90
C ARG O 21 21.39 -9.99 -12.29
N TRP O 22 21.80 -9.26 -11.25
CA TRP O 22 23.16 -9.45 -10.74
C TRP O 22 23.33 -10.85 -10.16
N SER O 23 22.29 -11.37 -9.50
CA SER O 23 22.39 -12.72 -8.94
C SER O 23 22.57 -13.76 -10.05
N ALA O 24 21.76 -13.67 -11.11
CA ALA O 24 21.86 -14.63 -12.20
C ALA O 24 23.21 -14.53 -12.90
N MET O 25 23.68 -13.31 -13.12
CA MET O 25 24.99 -13.13 -13.75
C MET O 25 26.10 -13.71 -12.87
N ALA O 26 25.99 -13.49 -11.55
CA ALA O 26 26.98 -14.06 -10.63
C ALA O 26 26.97 -15.57 -10.70
N GLU O 27 25.78 -16.18 -10.72
CA GLU O 27 25.69 -17.63 -10.81
C GLU O 27 26.30 -18.14 -12.11
N TYR O 28 25.98 -17.49 -13.23
CA TYR O 28 26.51 -17.93 -14.50
C TYR O 28 28.03 -17.82 -14.54
N ALA O 29 28.57 -16.70 -14.03
CA ALA O 29 30.02 -16.56 -13.97
C ALA O 29 30.62 -17.62 -13.06
N SER O 30 29.91 -18.00 -12.01
CA SER O 30 30.37 -19.06 -11.11
C SER O 30 30.49 -20.38 -11.85
N THR O 31 29.44 -20.75 -12.59
CA THR O 31 29.39 -22.05 -13.25
C THR O 31 30.33 -22.13 -14.46
N HIS O 32 30.90 -21.01 -14.90
CA HIS O 32 31.78 -21.00 -16.06
C HIS O 32 33.14 -20.36 -15.75
N ASN O 33 33.43 -20.06 -14.49
CA ASN O 33 34.72 -19.50 -14.11
C ASN O 33 35.03 -18.23 -14.91
N ILE O 34 34.00 -17.40 -15.10
CA ILE O 34 34.19 -16.13 -15.80
C ILE O 34 35.02 -15.19 -14.95
N SER O 35 35.97 -14.50 -15.59
CA SER O 35 36.82 -13.57 -14.87
C SER O 35 36.00 -12.43 -14.29
N TYR O 36 36.51 -11.83 -13.22
CA TYR O 36 35.81 -10.70 -12.58
C TYR O 36 35.61 -9.56 -13.56
N SER O 37 36.63 -9.28 -14.38
CA SER O 37 36.52 -8.21 -15.36
C SER O 37 35.40 -8.50 -16.35
N GLU O 38 35.30 -9.73 -16.83
CA GLU O 38 34.24 -10.08 -17.77
C GLU O 38 32.87 -10.05 -17.09
N PHE O 39 32.80 -10.40 -15.82
CA PHE O 39 31.55 -10.29 -15.08
C PHE O 39 31.08 -8.83 -15.02
N LEU O 40 31.99 -7.93 -14.67
CA LEU O 40 31.66 -6.51 -14.64
C LEU O 40 31.26 -6.02 -16.01
N PHE O 41 31.98 -6.46 -17.05
CA PHE O 41 31.66 -6.07 -18.41
C PHE O 41 30.27 -6.54 -18.81
N ARG O 42 29.92 -7.77 -18.45
CA ARG O 42 28.59 -8.29 -18.77
C ARG O 42 27.51 -7.42 -18.13
N LEU O 43 27.68 -7.13 -16.84
CA LEU O 43 26.67 -6.33 -16.15
C LEU O 43 26.55 -4.95 -16.81
N LEU O 44 27.68 -4.29 -17.04
CA LEU O 44 27.65 -2.95 -17.62
C LEU O 44 27.06 -2.96 -19.01
N GLU O 45 27.40 -3.97 -19.82
CA GLU O 45 26.90 -4.05 -21.18
C GLU O 45 25.39 -4.26 -21.20
N ALA O 46 24.88 -5.12 -20.32
CA ALA O 46 23.44 -5.29 -20.25
C ALA O 46 22.75 -3.99 -19.85
N GLU O 47 23.30 -3.30 -18.85
CA GLU O 47 22.70 -2.04 -18.44
C GLU O 47 22.72 -1.02 -19.58
N ILE O 48 23.82 -0.96 -20.32
CA ILE O 48 23.95 -0.03 -21.44
C ILE O 48 22.92 -0.35 -22.52
N VAL O 49 22.75 -1.63 -22.84
CA VAL O 49 21.79 -2.01 -23.87
C VAL O 49 20.39 -1.59 -23.46
N GLU O 50 20.01 -1.87 -22.22
CA GLU O 50 18.68 -1.50 -21.76
C GLU O 50 18.49 0.02 -21.76
N LYS O 51 19.52 0.76 -21.32
CA LYS O 51 19.42 2.21 -21.30
C LYS O 51 19.27 2.76 -22.71
N GLN O 52 20.02 2.22 -23.67
CA GLN O 52 19.90 2.68 -25.05
C GLN O 52 18.53 2.35 -25.61
N ALA O 53 17.96 1.20 -25.25
CA ALA O 53 16.61 0.89 -25.68
C ALA O 53 15.62 1.92 -25.16
N ARG O 54 15.72 2.25 -23.88
CA ARG O 54 14.80 3.25 -23.32
C ARG O 54 15.03 4.63 -23.94
N SER O 55 16.28 4.96 -24.25
CA SER O 55 16.58 6.22 -24.91
C SER O 55 15.93 6.28 -26.29
N ILE O 56 16.00 5.18 -27.04
CA ILE O 56 15.37 5.15 -28.36
C ILE O 56 13.86 5.26 -28.21
N GLN O 57 13.30 4.63 -27.16
CA GLN O 57 11.87 4.78 -26.91
C GLN O 57 11.50 6.25 -26.70
N THR O 58 12.29 6.95 -25.88
CA THR O 58 11.98 8.36 -25.62
C THR O 58 12.13 9.18 -26.89
N LEU O 59 13.16 8.91 -27.69
CA LEU O 59 13.36 9.67 -28.91
C LEU O 59 12.22 9.45 -29.89
N ILE O 60 11.76 8.20 -30.03
CA ILE O 60 10.63 7.95 -30.92
C ILE O 60 9.37 8.62 -30.39
N LYS O 61 9.22 8.67 -29.06
CA LYS O 61 8.07 9.38 -28.49
C LYS O 61 8.10 10.86 -28.85
N LEU O 62 9.26 11.49 -28.68
CA LEU O 62 9.37 12.93 -28.94
C LEU O 62 9.44 13.26 -30.42
N SER O 63 9.62 12.27 -31.29
CA SER O 63 9.68 12.55 -32.72
C SER O 63 8.37 13.12 -33.25
N LYS O 64 7.27 12.92 -32.53
CA LYS O 64 5.96 13.43 -32.93
C LYS O 64 5.52 12.86 -34.29
N LEU O 65 5.97 11.66 -34.61
CA LEU O 65 5.50 11.01 -35.81
C LEU O 65 4.03 10.62 -35.65
N PRO O 66 3.21 10.76 -36.70
CA PRO O 66 1.81 10.35 -36.57
C PRO O 66 1.66 8.87 -36.29
N TYR O 67 2.59 8.06 -36.75
CA TYR O 67 2.56 6.62 -36.55
C TYR O 67 3.96 6.08 -36.79
N ARG O 68 4.12 4.76 -36.73
CA ARG O 68 5.40 4.11 -36.86
C ARG O 68 5.35 3.15 -38.04
N LYS O 69 6.28 3.32 -38.99
CA LYS O 69 6.36 2.47 -40.16
C LYS O 69 7.83 2.25 -40.50
N THR O 70 8.09 1.26 -41.35
CA THR O 70 9.44 0.88 -41.71
C THR O 70 9.46 0.36 -43.13
N ILE O 71 10.67 0.25 -43.69
CA ILE O 71 10.85 -0.25 -45.04
C ILE O 71 10.40 -1.70 -45.17
N ASP O 72 10.29 -2.41 -44.05
CA ASP O 72 9.88 -3.81 -44.10
C ASP O 72 8.50 -3.95 -44.73
N THR O 73 7.59 -3.04 -44.40
CA THR O 73 6.22 -3.07 -44.92
C THR O 73 6.09 -2.35 -46.25
N PHE O 74 7.19 -2.18 -46.98
CA PHE O 74 7.19 -1.46 -48.25
C PHE O 74 7.49 -2.42 -49.39
N ASP O 75 6.72 -2.31 -50.47
CA ASP O 75 6.87 -3.15 -51.65
C ASP O 75 7.44 -2.29 -52.77
N PHE O 76 8.64 -2.65 -53.23
CA PHE O 76 9.28 -1.93 -54.33
C PHE O 76 8.81 -2.42 -55.69
N THR O 77 8.06 -3.52 -55.75
CA THR O 77 7.46 -3.93 -57.02
C THR O 77 6.36 -2.97 -57.44
N ALA O 78 5.61 -2.43 -56.48
CA ALA O 78 4.58 -1.45 -56.78
C ALA O 78 5.14 -0.07 -57.12
N GLN O 79 6.44 0.16 -56.90
CA GLN O 79 7.09 1.41 -57.21
C GLN O 79 8.38 1.15 -57.99
N PRO O 80 8.26 0.57 -59.18
CA PRO O 80 9.46 0.20 -59.95
C PRO O 80 10.15 1.37 -60.62
N SER O 81 9.52 2.54 -60.69
CA SER O 81 10.11 3.66 -61.40
C SER O 81 11.44 4.08 -60.77
N VAL O 82 11.49 4.12 -59.44
CA VAL O 82 12.69 4.55 -58.72
C VAL O 82 13.47 3.31 -58.29
N ASP O 83 14.78 3.46 -58.19
CA ASP O 83 15.64 2.33 -57.87
C ASP O 83 15.52 1.95 -56.40
N GLU O 84 15.48 0.64 -56.14
CA GLU O 84 15.43 0.17 -54.76
C GLU O 84 16.77 0.36 -54.05
N ARG O 85 17.88 0.22 -54.78
CA ARG O 85 19.19 0.24 -54.14
C ARG O 85 19.46 1.59 -53.48
N ARG O 86 18.99 2.68 -54.10
CA ARG O 86 19.25 4.00 -53.55
C ARG O 86 18.61 4.16 -52.17
N ILE O 87 17.39 3.65 -52.00
CA ILE O 87 16.73 3.75 -50.70
C ILE O 87 17.48 2.94 -49.66
N ARG O 88 17.93 1.74 -50.04
CA ARG O 88 18.72 0.93 -49.12
C ARG O 88 19.99 1.66 -48.72
N GLU O 89 20.61 2.35 -49.68
CA GLU O 89 21.79 3.15 -49.37
C GLU O 89 21.45 4.26 -48.38
N LEU O 90 20.32 4.93 -48.60
CA LEU O 90 19.88 5.96 -47.65
C LEU O 90 19.74 5.37 -46.25
N LEU O 91 19.28 4.13 -46.16
CA LEU O 91 19.11 3.50 -44.86
C LEU O 91 20.43 3.39 -44.11
N THR O 92 21.57 3.47 -44.81
CA THR O 92 22.86 3.51 -44.14
C THR O 92 23.12 4.83 -43.43
N LEU O 93 22.27 5.84 -43.66
CA LEU O 93 22.39 7.14 -43.00
C LEU O 93 23.69 7.85 -43.38
N SER O 94 24.18 7.61 -44.60
CA SER O 94 25.34 8.36 -45.07
C SER O 94 24.99 9.81 -45.38
N PHE O 95 23.72 10.11 -45.59
CA PHE O 95 23.31 11.49 -45.87
C PHE O 95 23.41 12.38 -44.65
N ILE O 96 23.35 11.81 -43.44
CA ILE O 96 23.43 12.63 -42.24
C ILE O 96 24.79 13.29 -42.14
N ASP O 97 25.85 12.60 -42.55
CA ASP O 97 27.18 13.19 -42.55
C ASP O 97 27.32 14.23 -43.67
N ARG O 98 26.86 13.89 -44.87
CA ARG O 98 26.92 14.82 -45.99
C ARG O 98 25.98 16.00 -45.84
N LYS O 99 25.01 15.93 -44.93
CA LYS O 99 24.03 16.98 -44.72
C LYS O 99 23.12 17.18 -45.92
N GLU O 100 23.07 16.22 -46.84
CA GLU O 100 22.20 16.32 -48.00
C GLU O 100 20.75 16.18 -47.59
N ASN O 101 19.87 16.80 -48.38
CA ASN O 101 18.44 16.79 -48.12
C ASN O 101 17.75 15.75 -49.01
N ILE O 102 16.77 15.06 -48.45
CA ILE O 102 16.09 13.96 -49.14
C ILE O 102 14.67 14.42 -49.46
N LEU O 103 14.32 14.39 -50.74
CA LEU O 103 13.02 14.87 -51.22
C LEU O 103 12.26 13.75 -51.89
N PHE O 104 11.03 13.54 -51.46
CA PHE O 104 10.12 12.58 -52.08
C PHE O 104 8.98 13.37 -52.73
N LEU O 105 8.82 13.17 -54.04
CA LEU O 105 7.80 13.87 -54.80
C LEU O 105 7.01 12.85 -55.63
N GLY O 106 5.69 12.93 -55.54
CA GLY O 106 4.82 12.05 -56.30
C GLY O 106 3.36 12.32 -56.00
N PRO O 107 2.47 11.64 -56.71
CA PRO O 107 1.03 11.83 -56.49
C PRO O 107 0.62 11.39 -55.10
N PRO O 108 -0.56 11.81 -54.63
CA PRO O 108 -0.99 11.44 -53.28
C PRO O 108 -1.12 9.94 -53.13
N GLY O 109 -0.84 9.46 -51.92
CA GLY O 109 -1.03 8.06 -51.59
C GLY O 109 -0.03 7.11 -52.20
N ILE O 110 1.07 7.62 -52.78
CA ILE O 110 2.05 6.76 -53.42
C ILE O 110 3.12 6.28 -52.46
N GLY O 111 3.01 6.59 -51.17
CA GLY O 111 3.95 6.12 -50.19
C GLY O 111 5.04 7.10 -49.78
N LYS O 112 4.85 8.40 -50.05
CA LYS O 112 5.86 9.38 -49.68
C LYS O 112 6.11 9.39 -48.18
N THR O 113 5.06 9.71 -47.41
CA THR O 113 5.22 9.79 -45.96
C THR O 113 5.70 8.48 -45.37
N HIS O 114 5.31 7.35 -45.95
CA HIS O 114 5.76 6.06 -45.46
C HIS O 114 7.28 5.98 -45.50
N LEU O 115 7.87 6.27 -46.67
CA LEU O 115 9.32 6.20 -46.81
C LEU O 115 10.01 7.24 -45.92
N ALA O 116 9.46 8.45 -45.86
CA ALA O 116 10.08 9.48 -45.04
C ALA O 116 10.12 9.06 -43.58
N ILE O 117 9.00 8.54 -43.07
CA ILE O 117 8.96 8.12 -41.68
C ILE O 117 9.86 6.90 -41.45
N SER O 118 9.96 6.01 -42.43
CA SER O 118 10.86 4.87 -42.28
C SER O 118 12.30 5.34 -42.12
N ILE O 119 12.73 6.27 -42.97
CA ILE O 119 14.09 6.79 -42.86
C ILE O 119 14.28 7.50 -41.53
N GLY O 120 13.27 8.27 -41.10
CA GLY O 120 13.35 8.91 -39.80
C GLY O 120 13.49 7.92 -38.68
N MET O 121 12.77 6.79 -38.76
CA MET O 121 12.88 5.75 -37.76
C MET O 121 14.27 5.15 -37.74
N GLU O 122 14.85 4.91 -38.92
CA GLU O 122 16.21 4.40 -38.97
C GLU O 122 17.17 5.39 -38.32
N ALA O 123 16.97 6.68 -38.55
CA ALA O 123 17.82 7.69 -37.92
C ALA O 123 17.65 7.69 -36.41
N ILE O 124 16.40 7.57 -35.93
CA ILE O 124 16.14 7.57 -34.50
C ILE O 124 16.78 6.35 -33.85
N ALA O 125 16.81 5.23 -34.56
CA ALA O 125 17.34 4.00 -33.98
C ALA O 125 18.78 4.17 -33.54
N ARG O 126 19.60 4.83 -34.37
CA ARG O 126 21.02 4.99 -34.10
C ARG O 126 21.33 6.25 -33.28
N GLY O 127 20.35 6.77 -32.55
CA GLY O 127 20.57 7.84 -31.61
C GLY O 127 20.33 9.23 -32.14
N TYR O 128 20.34 9.43 -33.45
CA TYR O 128 20.13 10.76 -34.01
C TYR O 128 18.72 11.24 -33.71
N LYS O 129 18.61 12.49 -33.24
CA LYS O 129 17.31 13.08 -32.98
C LYS O 129 16.58 13.37 -34.29
N THR O 130 15.25 13.34 -34.24
CA THR O 130 14.44 13.57 -35.41
C THR O 130 13.14 14.24 -34.98
N TYR O 131 12.68 15.19 -35.79
CA TYR O 131 11.43 15.90 -35.53
C TYR O 131 10.57 15.90 -36.78
N PHE O 132 9.33 15.45 -36.63
CA PHE O 132 8.38 15.38 -37.74
C PHE O 132 7.37 16.50 -37.60
N ILE O 133 7.12 17.20 -38.71
CA ILE O 133 6.20 18.32 -38.73
C ILE O 133 5.63 18.46 -40.14
N THR O 134 4.48 19.10 -40.23
CA THR O 134 3.92 19.48 -41.52
C THR O 134 4.28 20.94 -41.81
N ALA O 135 4.67 21.21 -43.06
CA ALA O 135 5.23 22.51 -43.40
C ALA O 135 4.32 23.64 -42.95
N HIS O 136 3.04 23.55 -43.33
CA HIS O 136 2.10 24.59 -42.93
C HIS O 136 1.99 24.67 -41.40
N ASP O 137 1.97 23.51 -40.73
CA ASP O 137 1.92 23.53 -39.27
C ASP O 137 3.16 24.19 -38.69
N LEU O 138 4.33 23.88 -39.24
CA LEU O 138 5.57 24.51 -38.77
C LEU O 138 5.51 26.02 -38.94
N VAL O 139 5.04 26.47 -40.09
CA VAL O 139 4.96 27.91 -40.34
C VAL O 139 3.98 28.57 -39.38
N ASN O 140 2.85 27.92 -39.12
CA ASN O 140 1.88 28.50 -38.20
C ASN O 140 2.43 28.58 -36.79
N GLN O 141 3.12 27.54 -36.33
CA GLN O 141 3.71 27.58 -35.00
C GLN O 141 4.77 28.67 -34.91
N LEU O 142 5.59 28.82 -35.95
CA LEU O 142 6.59 29.87 -35.95
C LEU O 142 5.94 31.25 -35.93
N ARG O 143 4.83 31.41 -36.65
CA ARG O 143 4.13 32.69 -36.64
C ARG O 143 3.59 32.99 -35.24
N ARG O 144 3.01 32.00 -34.58
CA ARG O 144 2.51 32.24 -33.22
C ARG O 144 3.65 32.60 -32.29
N ALA O 145 4.78 31.89 -32.40
CA ALA O 145 5.93 32.20 -31.55
C ALA O 145 6.43 33.62 -31.81
N ASP O 146 6.49 34.02 -33.07
CA ASP O 146 6.93 35.38 -33.39
C ASP O 146 5.98 36.42 -32.83
N GLN O 147 4.68 36.16 -32.91
CA GLN O 147 3.71 37.07 -32.31
C GLN O 147 3.93 37.17 -30.80
N GLU O 148 4.19 36.04 -30.14
CA GLU O 148 4.47 36.08 -28.71
C GLU O 148 5.84 36.67 -28.38
N GLY O 149 6.71 36.81 -29.37
CA GLY O 149 8.00 37.44 -29.19
C GLY O 149 9.15 36.48 -28.94
N LYS O 150 8.85 35.26 -28.51
CA LYS O 150 9.89 34.25 -28.26
C LYS O 150 10.02 33.31 -29.46
N LEU O 151 10.43 33.90 -30.59
CA LEU O 151 10.56 33.14 -31.83
C LEU O 151 11.82 32.28 -31.82
N GLU O 152 12.90 32.78 -31.24
CA GLU O 152 14.17 32.06 -31.29
C GLU O 152 14.08 30.71 -30.62
N LYS O 153 13.26 30.58 -29.58
CA LYS O 153 13.10 29.29 -28.91
C LYS O 153 12.55 28.24 -29.88
N LYS O 154 11.44 28.56 -30.56
CA LYS O 154 10.87 27.62 -31.51
C LYS O 154 11.80 27.40 -32.69
N LEU O 155 12.52 28.44 -33.12
CA LEU O 155 13.47 28.29 -34.20
C LEU O 155 14.56 27.28 -33.84
N ARG O 156 15.08 27.36 -32.61
CA ARG O 156 16.05 26.39 -32.15
C ARG O 156 15.41 25.00 -32.04
N VAL O 157 14.16 24.94 -31.61
CA VAL O 157 13.47 23.66 -31.53
C VAL O 157 13.45 22.99 -32.90
N PHE O 158 13.20 23.78 -33.94
CA PHE O 158 13.12 23.22 -35.29
C PHE O 158 14.49 22.98 -35.93
N VAL O 159 15.53 23.71 -35.50
CA VAL O 159 16.82 23.64 -36.18
C VAL O 159 17.73 22.61 -35.52
N LYS O 160 17.59 22.44 -34.21
CA LYS O 160 18.47 21.52 -33.48
C LYS O 160 18.36 20.09 -33.98
N PRO O 161 17.18 19.53 -34.21
CA PRO O 161 17.09 18.12 -34.58
C PRO O 161 17.94 17.80 -35.80
N THR O 162 18.64 16.67 -35.74
CA THR O 162 19.50 16.27 -36.85
C THR O 162 18.69 16.03 -38.11
N VAL O 163 17.54 15.38 -37.98
CA VAL O 163 16.67 15.07 -39.11
C VAL O 163 15.34 15.78 -38.90
N LEU O 164 14.93 16.56 -39.90
CA LEU O 164 13.65 17.25 -39.89
C LEU O 164 12.80 16.69 -41.02
N ILE O 165 11.62 16.20 -40.68
CA ILE O 165 10.71 15.60 -41.65
C ILE O 165 9.56 16.57 -41.88
N ILE O 166 9.68 17.42 -42.89
CA ILE O 166 8.64 18.37 -43.25
C ILE O 166 7.76 17.72 -44.31
N ASP O 167 6.50 17.49 -43.97
CA ASP O 167 5.57 16.79 -44.84
C ASP O 167 4.39 17.71 -45.17
N GLN O 168 3.67 17.33 -46.23
CA GLN O 168 2.48 18.06 -46.65
C GLN O 168 2.79 19.53 -46.89
N MET O 169 3.83 19.77 -47.69
CA MET O 169 4.22 21.14 -48.01
C MET O 169 3.12 21.88 -48.74
N GLY O 170 2.47 21.22 -49.70
CA GLY O 170 1.44 21.81 -50.51
C GLY O 170 0.01 21.54 -50.05
N TYR O 171 -0.18 20.77 -48.97
CA TYR O 171 -1.52 20.42 -48.55
C TYR O 171 -2.34 21.65 -48.20
N LEU O 172 -1.74 22.59 -47.47
CA LEU O 172 -2.42 23.79 -47.03
C LEU O 172 -1.56 25.01 -47.33
N LYS O 173 -2.22 26.14 -47.55
CA LYS O 173 -1.55 27.39 -47.90
C LYS O 173 -1.90 28.45 -46.86
N LEU O 174 -0.93 28.81 -46.03
CA LEU O 174 -1.11 29.89 -45.08
C LEU O 174 -0.82 31.23 -45.76
N ASP O 175 -1.17 32.31 -45.05
CA ASP O 175 -0.86 33.67 -45.47
C ASP O 175 0.55 33.73 -46.04
N PRO O 176 0.74 34.26 -47.25
CA PRO O 176 2.10 34.30 -47.82
C PRO O 176 3.13 34.98 -46.94
N ASN O 177 2.72 35.97 -46.14
CA ASN O 177 3.69 36.69 -45.32
C ASN O 177 4.43 35.78 -44.35
N SER O 178 3.86 34.62 -44.03
CA SER O 178 4.49 33.70 -43.08
C SER O 178 5.52 32.78 -43.73
N ALA O 179 5.67 32.82 -45.05
CA ALA O 179 6.65 31.96 -45.70
C ALA O 179 8.08 32.27 -45.28
N HIS O 180 8.31 33.47 -44.75
CA HIS O 180 9.65 33.81 -44.27
C HIS O 180 10.05 32.90 -43.11
N TYR O 181 9.08 32.39 -42.34
CA TYR O 181 9.42 31.43 -41.30
C TYR O 181 9.99 30.15 -41.90
N LEU O 182 9.35 29.64 -42.95
CA LEU O 182 9.88 28.45 -43.62
C LEU O 182 11.25 28.72 -44.20
N PHE O 183 11.42 29.91 -44.80
CA PHE O 183 12.74 30.25 -45.33
C PHE O 183 13.77 30.29 -44.22
N GLN O 184 13.40 30.85 -43.07
CA GLN O 184 14.33 30.92 -41.94
C GLN O 184 14.75 29.52 -41.52
N VAL O 185 13.78 28.61 -41.41
CA VAL O 185 14.15 27.26 -40.98
C VAL O 185 15.06 26.61 -41.99
N ILE O 186 14.72 26.71 -43.28
CA ILE O 186 15.49 26.01 -44.30
C ILE O 186 16.90 26.58 -44.40
N ALA O 187 17.03 27.90 -44.29
CA ALA O 187 18.34 28.53 -44.40
C ALA O 187 19.19 28.26 -43.16
N ARG O 188 18.58 28.28 -41.97
CA ARG O 188 19.34 28.01 -40.76
C ARG O 188 19.84 26.58 -40.74
N ARG O 189 19.01 25.63 -41.18
CA ARG O 189 19.48 24.24 -41.28
C ARG O 189 20.37 24.01 -42.49
N TYR O 190 20.52 25.01 -43.37
CA TYR O 190 21.32 24.84 -44.58
C TYR O 190 22.77 24.52 -44.22
N GLU O 191 23.32 23.49 -44.86
CA GLU O 191 24.71 23.08 -44.68
C GLU O 191 25.00 22.67 -43.24
N HIS O 192 23.98 22.43 -42.44
CA HIS O 192 24.15 21.98 -41.06
C HIS O 192 23.51 20.62 -40.81
N ALA O 193 22.26 20.43 -41.21
CA ALA O 193 21.54 19.20 -40.96
C ALA O 193 20.69 18.83 -42.16
N PRO O 194 20.46 17.53 -42.39
CA PRO O 194 19.55 17.13 -43.47
C PRO O 194 18.11 17.53 -43.19
N ILE O 195 17.36 17.63 -44.28
CA ILE O 195 15.91 17.85 -44.22
C ILE O 195 15.24 16.80 -45.09
N ILE O 196 14.21 16.17 -44.57
CA ILE O 196 13.42 15.19 -45.29
C ILE O 196 12.10 15.86 -45.66
N LEU O 197 11.89 16.08 -46.95
CA LEU O 197 10.71 16.72 -47.47
C LEU O 197 9.90 15.73 -48.29
N THR O 198 8.57 15.83 -48.22
CA THR O 198 7.69 14.95 -48.96
C THR O 198 6.47 15.75 -49.41
N SER O 199 6.23 15.81 -50.71
CA SER O 199 5.08 16.57 -51.18
C SER O 199 4.75 16.18 -52.63
N ASN O 200 3.56 16.57 -53.07
CA ASN O 200 3.01 16.18 -54.35
C ASN O 200 2.88 17.35 -55.31
N LYS O 201 3.62 18.44 -55.08
CA LYS O 201 3.56 19.62 -55.91
C LYS O 201 4.92 19.88 -56.52
N SER O 202 4.94 20.15 -57.84
CA SER O 202 6.18 20.37 -58.54
C SER O 202 6.93 21.57 -57.95
N PHE O 203 8.19 21.72 -58.36
CA PHE O 203 9.01 22.79 -57.84
C PHE O 203 8.56 24.16 -58.32
N GLY O 204 7.80 24.24 -59.41
CA GLY O 204 7.31 25.51 -59.89
C GLY O 204 6.15 26.07 -59.09
N GLU O 205 5.41 25.21 -58.38
CA GLU O 205 4.24 25.64 -57.64
C GLU O 205 4.59 26.28 -56.29
N TRP O 206 5.87 26.26 -55.90
CA TRP O 206 6.24 26.80 -54.60
C TRP O 206 5.95 28.29 -54.51
N GLY O 207 6.21 29.03 -55.58
CA GLY O 207 5.89 30.45 -55.58
C GLY O 207 4.43 30.71 -55.32
N GLU O 208 3.56 29.87 -55.88
CA GLU O 208 2.13 30.00 -55.64
C GLU O 208 1.78 29.62 -54.21
N ILE O 209 2.35 28.53 -53.72
CA ILE O 209 2.00 28.02 -52.39
C ILE O 209 2.40 29.02 -51.32
N VAL O 210 3.61 29.57 -51.42
CA VAL O 210 4.09 30.54 -50.44
C VAL O 210 3.67 31.97 -50.79
N GLY O 211 3.07 32.17 -51.95
CA GLY O 211 2.69 33.51 -52.37
C GLY O 211 3.86 34.43 -52.55
N ASP O 212 4.98 33.91 -53.07
CA ASP O 212 6.15 34.73 -53.34
C ASP O 212 7.10 33.96 -54.25
N SER O 213 7.50 34.58 -55.37
CA SER O 213 8.30 33.88 -56.36
C SER O 213 9.77 33.79 -55.94
N VAL O 214 10.38 34.93 -55.63
CA VAL O 214 11.81 34.95 -55.32
C VAL O 214 12.08 34.22 -54.01
N LEU O 215 11.17 34.35 -53.04
CA LEU O 215 11.34 33.64 -51.78
C LEU O 215 11.36 32.13 -52.00
N ALA O 216 10.41 31.62 -52.78
CA ALA O 216 10.39 30.20 -53.09
C ALA O 216 11.63 29.79 -53.88
N THR O 217 12.07 30.66 -54.80
CA THR O 217 13.26 30.35 -55.58
C THR O 217 14.47 30.20 -54.67
N ALA O 218 14.63 31.09 -53.71
CA ALA O 218 15.75 30.99 -52.77
C ALA O 218 15.63 29.76 -51.88
N MET O 219 14.41 29.49 -51.38
CA MET O 219 14.21 28.31 -50.57
C MET O 219 14.64 27.06 -51.32
N LEU O 220 14.22 26.94 -52.58
CA LEU O 220 14.59 25.77 -53.37
C LEU O 220 16.08 25.77 -53.71
N ASP O 221 16.66 26.94 -53.98
CA ASP O 221 18.09 27.01 -54.26
C ASP O 221 18.89 26.45 -53.10
N ARG O 222 18.46 26.74 -51.87
CA ARG O 222 19.19 26.23 -50.71
C ARG O 222 18.83 24.76 -50.41
N LEU O 223 17.57 24.39 -50.56
CA LEU O 223 17.12 23.04 -50.22
C LEU O 223 17.58 22.00 -51.24
N LEU O 224 17.90 22.42 -52.46
CA LEU O 224 18.27 21.51 -53.52
C LEU O 224 19.77 21.47 -53.80
N HIS O 225 20.55 22.34 -53.15
CA HIS O 225 21.99 22.35 -53.39
C HIS O 225 22.60 20.99 -53.11
N HIS O 226 22.50 20.53 -51.86
CA HIS O 226 22.96 19.21 -51.47
C HIS O 226 21.72 18.38 -51.14
N SER O 227 21.29 17.56 -52.10
CA SER O 227 20.07 16.79 -51.92
C SER O 227 20.09 15.60 -52.88
N ILE O 228 19.17 14.68 -52.63
CA ILE O 228 18.93 13.54 -53.51
C ILE O 228 17.42 13.46 -53.69
N ILE O 229 16.94 13.88 -54.86
CA ILE O 229 15.51 13.98 -55.12
C ILE O 229 15.01 12.68 -55.72
N PHE O 230 13.95 12.13 -55.12
CA PHE O 230 13.29 10.94 -55.63
C PHE O 230 11.91 11.33 -56.12
N ASN O 231 11.65 11.07 -57.41
CA ASN O 231 10.35 11.32 -58.02
C ASN O 231 9.63 9.99 -58.17
N LEU O 232 8.49 9.85 -57.50
CA LEU O 232 7.71 8.63 -57.53
C LEU O 232 6.57 8.79 -58.52
N LYS O 233 6.59 7.98 -59.58
CA LYS O 233 5.58 8.01 -60.63
C LYS O 233 4.70 6.76 -60.48
N GLY O 234 3.39 6.97 -60.34
CA GLY O 234 2.49 5.86 -60.19
C GLY O 234 1.08 6.33 -59.89
N GLU O 235 0.37 5.50 -59.13
CA GLU O 235 -1.02 5.78 -58.77
C GLU O 235 -1.20 5.47 -57.30
N SER O 236 -2.25 6.07 -56.72
CA SER O 236 -2.56 5.86 -55.31
C SER O 236 -2.59 4.38 -54.99
N TYR O 237 -1.69 3.94 -54.11
CA TYR O 237 -1.63 2.53 -53.76
C TYR O 237 -2.98 2.03 -53.29
N ARG O 238 -3.47 2.59 -52.19
CA ARG O 238 -4.59 2.00 -51.45
C ARG O 238 -5.75 1.63 -52.36
N LEU O 239 -6.10 2.50 -53.31
CA LEU O 239 -7.21 2.22 -54.21
C LEU O 239 -6.73 1.58 -55.51
N ARG O 240 -5.89 2.30 -56.27
CA ARG O 240 -5.58 1.87 -57.63
C ARG O 240 -4.82 0.56 -57.64
N GLU O 241 -3.83 0.40 -56.76
CA GLU O 241 -3.01 -0.80 -56.81
C GLU O 241 -3.84 -2.04 -56.53
N LYS O 242 -4.68 -1.99 -55.49
CA LYS O 242 -5.52 -3.13 -55.18
C LYS O 242 -6.52 -3.38 -56.30
N ARG O 243 -7.12 -2.32 -56.84
CA ARG O 243 -8.11 -2.50 -57.90
C ARG O 243 -7.49 -3.15 -59.13
N LEU O 244 -6.27 -2.73 -59.49
CA LEU O 244 -5.63 -3.24 -60.69
C LEU O 244 -4.98 -4.60 -60.49
N GLN O 245 -4.65 -4.98 -59.25
CA GLN O 245 -4.04 -6.28 -59.00
C GLN O 245 -5.04 -7.36 -58.63
N GLU O 246 -6.25 -7.00 -58.18
CA GLU O 246 -7.26 -8.00 -57.92
C GLU O 246 -7.85 -8.59 -59.19
N GLU O 247 -7.68 -7.92 -60.32
CA GLU O 247 -8.22 -8.41 -61.59
C GLU O 247 -7.63 -9.78 -61.94
N ASN P 1 38.34 -4.24 -27.72
CA ASN P 1 38.77 -4.99 -26.52
C ASN P 1 37.68 -4.94 -25.45
N MET P 2 38.07 -5.12 -24.19
CA MET P 2 37.14 -5.13 -23.07
C MET P 2 37.37 -3.99 -22.08
N LYS P 3 38.62 -3.71 -21.73
CA LYS P 3 38.91 -2.70 -20.73
C LYS P 3 38.39 -1.32 -21.17
N GLU P 4 38.66 -0.96 -22.43
CA GLU P 4 38.20 0.33 -22.93
C GLU P 4 36.69 0.40 -22.97
N ARG P 5 36.03 -0.70 -23.36
CA ARG P 5 34.58 -0.71 -23.36
C ARG P 5 34.03 -0.61 -21.95
N ILE P 6 34.69 -1.24 -20.97
CA ILE P 6 34.28 -1.10 -19.59
C ILE P 6 34.39 0.35 -19.15
N HIS P 7 35.49 1.00 -19.51
CA HIS P 7 35.66 2.41 -19.14
C HIS P 7 34.55 3.26 -19.76
N GLU P 8 34.26 3.02 -21.04
CA GLU P 8 33.23 3.79 -21.73
C GLU P 8 31.87 3.59 -21.08
N TYR P 9 31.53 2.34 -20.75
CA TYR P 9 30.24 2.09 -20.10
C TYR P 9 30.19 2.72 -18.72
N CYS P 10 31.29 2.68 -17.98
CA CYS P 10 31.31 3.29 -16.66
C CYS P 10 31.08 4.79 -16.75
N HIS P 11 31.69 5.44 -17.74
CA HIS P 11 31.51 6.88 -17.89
C HIS P 11 30.21 7.25 -18.60
N ARG P 12 29.53 6.28 -19.23
CA ARG P 12 28.22 6.53 -19.79
C ARG P 12 27.09 6.24 -18.82
N LEU P 13 27.36 5.49 -17.75
CA LEU P 13 26.38 5.22 -16.71
C LEU P 13 26.62 6.05 -15.46
N HIS P 14 27.48 7.07 -15.55
CA HIS P 14 27.79 7.93 -14.41
C HIS P 14 28.35 7.10 -13.25
N LEU P 15 29.48 6.45 -13.51
CA LEU P 15 30.20 5.64 -12.53
C LEU P 15 31.65 6.08 -12.50
N PRO P 16 31.95 7.25 -11.94
CA PRO P 16 33.34 7.75 -11.98
C PRO P 16 34.33 6.84 -11.28
N VAL P 17 34.04 6.46 -10.04
CA VAL P 17 35.02 5.73 -9.23
C VAL P 17 35.34 4.39 -9.88
N MET P 18 34.31 3.65 -10.29
CA MET P 18 34.52 2.34 -10.86
C MET P 18 35.45 2.40 -12.07
N ALA P 19 35.38 3.49 -12.83
CA ALA P 19 36.24 3.63 -14.01
C ALA P 19 37.70 3.41 -13.67
N GLU P 20 38.13 3.86 -12.48
CA GLU P 20 39.52 3.76 -12.06
C GLU P 20 39.78 2.56 -11.15
N ARG P 21 38.96 2.37 -10.12
CA ARG P 21 39.25 1.37 -9.09
C ARG P 21 38.86 -0.05 -9.50
N TRP P 22 38.18 -0.24 -10.63
CA TRP P 22 37.74 -1.58 -10.98
C TRP P 22 38.92 -2.52 -11.20
N SER P 23 39.98 -2.02 -11.85
CA SER P 23 41.15 -2.86 -12.06
C SER P 23 41.82 -3.23 -10.75
N ALA P 24 41.97 -2.26 -9.85
CA ALA P 24 42.60 -2.55 -8.55
C ALA P 24 41.77 -3.54 -7.76
N MET P 25 40.45 -3.38 -7.76
CA MET P 25 39.59 -4.30 -7.03
C MET P 25 39.59 -5.69 -7.66
N ALA P 26 39.70 -5.76 -8.99
CA ALA P 26 39.85 -7.07 -9.63
C ALA P 26 41.15 -7.72 -9.21
N GLU P 27 42.23 -6.96 -9.15
CA GLU P 27 43.50 -7.48 -8.65
C GLU P 27 43.34 -8.02 -7.24
N TYR P 28 42.69 -7.24 -6.37
CA TYR P 28 42.50 -7.66 -4.99
C TYR P 28 41.68 -8.93 -4.90
N ALA P 29 40.58 -9.01 -5.67
CA ALA P 29 39.75 -10.21 -5.65
C ALA P 29 40.52 -11.42 -6.14
N SER P 30 41.31 -11.26 -7.21
CA SER P 30 42.12 -12.37 -7.71
C SER P 30 43.11 -12.83 -6.65
N THR P 31 43.73 -11.89 -5.94
CA THR P 31 44.69 -12.27 -4.90
C THR P 31 44.03 -13.00 -3.74
N HIS P 32 42.70 -12.95 -3.64
CA HIS P 32 41.99 -13.62 -2.56
C HIS P 32 40.79 -14.43 -3.04
N ASN P 33 40.54 -14.49 -4.35
CA ASN P 33 39.44 -15.28 -4.91
C ASN P 33 38.11 -14.89 -4.25
N ILE P 34 37.87 -13.58 -4.15
CA ILE P 34 36.64 -13.10 -3.57
C ILE P 34 35.46 -13.51 -4.45
N SER P 35 34.30 -13.71 -3.82
CA SER P 35 33.10 -14.07 -4.55
C SER P 35 32.65 -12.92 -5.45
N TYR P 36 31.94 -13.27 -6.52
CA TYR P 36 31.46 -12.25 -7.45
C TYR P 36 30.53 -11.27 -6.76
N SER P 37 29.63 -11.78 -5.92
CA SER P 37 28.70 -10.89 -5.21
C SER P 37 29.46 -9.91 -4.33
N GLU P 38 30.46 -10.39 -3.60
CA GLU P 38 31.23 -9.49 -2.73
C GLU P 38 32.04 -8.49 -3.54
N PHE P 39 32.57 -8.92 -4.69
CA PHE P 39 33.28 -7.99 -5.56
C PHE P 39 32.37 -6.86 -6.04
N LEU P 40 31.18 -7.23 -6.50
CA LEU P 40 30.20 -6.23 -6.92
C LEU P 40 29.81 -5.32 -5.77
N PHE P 41 29.63 -5.90 -4.58
CA PHE P 41 29.27 -5.10 -3.41
C PHE P 41 30.37 -4.12 -3.06
N ARG P 42 31.63 -4.54 -3.14
CA ARG P 42 32.73 -3.62 -2.86
C ARG P 42 32.75 -2.47 -3.85
N LEU P 43 32.59 -2.79 -5.14
CA LEU P 43 32.55 -1.73 -6.15
C LEU P 43 31.44 -0.74 -5.85
N LEU P 44 30.23 -1.24 -5.61
CA LEU P 44 29.08 -0.37 -5.39
C LEU P 44 29.26 0.44 -4.11
N GLU P 45 29.79 -0.17 -3.06
CA GLU P 45 29.99 0.54 -1.80
C GLU P 45 30.98 1.68 -1.97
N ALA P 46 32.09 1.43 -2.66
CA ALA P 46 33.05 2.51 -2.90
C ALA P 46 32.41 3.63 -3.71
N GLU P 47 31.65 3.26 -4.75
CA GLU P 47 30.99 4.28 -5.57
C GLU P 47 30.03 5.10 -4.74
N ILE P 48 29.23 4.46 -3.89
CA ILE P 48 28.26 5.18 -3.08
C ILE P 48 28.95 6.09 -2.08
N VAL P 49 30.02 5.61 -1.46
CA VAL P 49 30.74 6.44 -0.48
C VAL P 49 31.27 7.69 -1.15
N GLU P 50 31.92 7.54 -2.32
CA GLU P 50 32.46 8.71 -3.00
C GLU P 50 31.36 9.63 -3.49
N LYS P 51 30.24 9.07 -3.97
CA LYS P 51 29.11 9.89 -4.39
C LYS P 51 28.59 10.73 -3.24
N GLN P 52 28.43 10.11 -2.05
CA GLN P 52 27.96 10.86 -0.90
C GLN P 52 28.96 11.93 -0.49
N ALA P 53 30.26 11.62 -0.57
CA ALA P 53 31.28 12.62 -0.27
C ALA P 53 31.15 13.82 -1.18
N ARG P 54 31.03 13.59 -2.49
CA ARG P 54 30.90 14.69 -3.43
C ARG P 54 29.62 15.47 -3.19
N SER P 55 28.52 14.77 -2.89
CA SER P 55 27.26 15.46 -2.61
C SER P 55 27.39 16.36 -1.39
N ILE P 56 28.05 15.88 -0.33
CA ILE P 56 28.21 16.69 0.86
C ILE P 56 29.10 17.90 0.58
N GLN P 57 30.17 17.69 -0.21
CA GLN P 57 30.99 18.83 -0.59
C GLN P 57 30.18 19.87 -1.33
N THR P 58 29.34 19.43 -2.27
CA THR P 58 28.50 20.37 -3.01
C THR P 58 27.53 21.10 -2.08
N LEU P 59 26.93 20.38 -1.14
CA LEU P 59 26.00 21.00 -0.21
C LEU P 59 26.70 22.06 0.63
N ILE P 60 27.91 21.75 1.11
CA ILE P 60 28.66 22.72 1.89
C ILE P 60 28.97 23.94 1.03
N LYS P 61 29.36 23.72 -0.22
CA LYS P 61 29.64 24.83 -1.12
C LYS P 61 28.42 25.74 -1.27
N LEU P 62 27.25 25.14 -1.51
CA LEU P 62 26.04 25.93 -1.68
C LEU P 62 25.66 26.68 -0.41
N SER P 63 26.04 26.15 0.75
CA SER P 63 25.59 26.73 2.02
C SER P 63 26.15 28.12 2.23
N LYS P 64 27.27 28.46 1.58
CA LYS P 64 27.95 29.74 1.74
C LYS P 64 28.56 29.90 3.12
N LEU P 65 28.79 28.80 3.83
CA LEU P 65 29.38 28.89 5.15
C LEU P 65 30.79 29.47 5.06
N PRO P 66 31.14 30.48 5.86
CA PRO P 66 32.47 31.06 5.75
C PRO P 66 33.59 30.06 5.97
N TYR P 67 33.40 29.12 6.89
CA TYR P 67 34.40 28.11 7.17
C TYR P 67 33.73 26.92 7.85
N ARG P 68 34.42 25.78 7.81
CA ARG P 68 33.89 24.55 8.36
C ARG P 68 34.27 24.43 9.83
N LYS P 69 33.26 24.31 10.69
CA LYS P 69 33.47 24.10 12.11
C LYS P 69 32.60 22.94 12.57
N THR P 70 33.10 22.22 13.58
CA THR P 70 32.40 21.07 14.13
C THR P 70 32.41 21.14 15.65
N ILE P 71 31.41 20.51 16.26
CA ILE P 71 31.35 20.48 17.71
C ILE P 71 32.57 19.79 18.29
N ASP P 72 33.14 18.83 17.55
CA ASP P 72 34.35 18.17 18.01
C ASP P 72 35.48 19.16 18.20
N THR P 73 35.49 20.24 17.42
CA THR P 73 36.47 21.30 17.57
C THR P 73 36.13 22.24 18.73
N PHE P 74 34.87 22.27 19.16
CA PHE P 74 34.42 23.21 20.17
C PHE P 74 34.70 22.63 21.55
N ASP P 75 35.66 23.22 22.26
CA ASP P 75 35.90 22.84 23.64
C ASP P 75 34.76 23.34 24.52
N PHE P 76 34.38 22.51 25.50
CA PHE P 76 33.31 22.86 26.43
C PHE P 76 33.82 23.25 27.81
N THR P 77 35.03 22.80 28.18
CA THR P 77 35.61 23.25 29.44
C THR P 77 35.82 24.76 29.44
N ALA P 78 36.29 25.30 28.31
CA ALA P 78 36.47 26.73 28.19
C ALA P 78 35.15 27.50 28.14
N GLN P 79 34.03 26.81 27.96
CA GLN P 79 32.71 27.43 27.89
C GLN P 79 31.78 26.72 28.87
N PRO P 80 31.96 26.98 30.17
CA PRO P 80 31.10 26.34 31.18
C PRO P 80 29.71 26.92 31.30
N SER P 81 29.38 27.95 30.51
CA SER P 81 28.04 28.54 30.60
C SER P 81 26.97 27.52 30.23
N VAL P 82 27.22 26.73 29.18
CA VAL P 82 26.27 25.72 28.73
C VAL P 82 26.89 24.34 28.96
N ASP P 83 26.05 23.32 28.81
CA ASP P 83 26.45 21.93 29.05
C ASP P 83 26.41 21.14 27.74
N GLU P 84 27.32 20.17 27.64
CA GLU P 84 27.40 19.35 26.44
C GLU P 84 26.07 18.67 26.14
N ARG P 85 25.29 18.36 27.16
CA ARG P 85 24.08 17.59 26.96
C ARG P 85 23.10 18.32 26.04
N ARG P 86 22.80 19.58 26.35
CA ARG P 86 21.86 20.35 25.54
C ARG P 86 22.40 20.53 24.13
N ILE P 87 23.68 20.84 23.99
CA ILE P 87 24.24 21.12 22.68
C ILE P 87 24.18 19.88 21.80
N ARG P 88 24.57 18.73 22.34
CA ARG P 88 24.54 17.51 21.56
C ARG P 88 23.11 17.08 21.23
N GLU P 89 22.17 17.30 22.16
CA GLU P 89 20.78 16.99 21.86
C GLU P 89 20.26 17.86 20.72
N LEU P 90 20.67 19.14 20.70
CA LEU P 90 20.37 19.98 19.55
C LEU P 90 21.02 19.40 18.30
N LEU P 91 22.25 18.91 18.42
CA LEU P 91 22.96 18.32 17.29
C LEU P 91 22.25 17.08 16.77
N THR P 92 21.39 16.45 17.58
CA THR P 92 20.58 15.37 17.07
C THR P 92 19.58 15.83 16.01
N LEU P 93 19.32 17.14 15.94
CA LEU P 93 18.47 17.72 14.90
C LEU P 93 17.01 17.29 15.07
N SER P 94 16.50 17.40 16.29
CA SER P 94 15.08 17.20 16.54
C SER P 94 14.28 18.49 16.41
N PHE P 95 14.92 19.64 16.62
CA PHE P 95 14.23 20.92 16.50
C PHE P 95 13.68 21.11 15.10
N ILE P 96 14.33 20.53 14.09
CA ILE P 96 13.83 20.64 12.72
C ILE P 96 12.45 20.02 12.61
N ASP P 97 12.28 18.82 13.18
CA ASP P 97 10.96 18.20 13.22
C ASP P 97 10.01 19.02 14.08
N ARG P 98 10.50 19.53 15.21
CA ARG P 98 9.68 20.38 16.07
C ARG P 98 9.61 21.82 15.58
N LYS P 99 10.40 22.18 14.58
CA LYS P 99 10.38 23.52 14.00
C LYS P 99 10.74 24.58 15.03
N GLU P 100 11.50 24.19 16.05
CA GLU P 100 11.95 25.14 17.07
C GLU P 100 13.09 25.97 16.52
N ASN P 101 13.02 27.28 16.71
CA ASN P 101 14.09 28.18 16.34
C ASN P 101 15.10 28.27 17.47
N ILE P 102 16.36 28.46 17.11
CA ILE P 102 17.47 28.45 18.06
C ILE P 102 18.11 29.83 18.07
N LEU P 103 18.25 30.40 19.27
CA LEU P 103 18.82 31.73 19.44
C LEU P 103 19.96 31.65 20.44
N PHE P 104 21.11 32.20 20.05
CA PHE P 104 22.28 32.29 20.91
C PHE P 104 22.51 33.76 21.26
N LEU P 105 22.75 34.03 22.54
CA LEU P 105 22.97 35.38 23.03
C LEU P 105 24.16 35.37 23.96
N GLY P 106 25.09 36.30 23.76
CA GLY P 106 26.26 36.40 24.61
C GLY P 106 27.21 37.49 24.18
N PRO P 107 28.27 37.70 24.96
CA PRO P 107 29.25 38.74 24.61
C PRO P 107 30.05 38.34 23.38
N PRO P 108 30.76 39.29 22.77
CA PRO P 108 31.54 38.96 21.57
C PRO P 108 32.59 37.90 21.87
N GLY P 109 32.81 37.02 20.89
CA GLY P 109 33.84 36.02 21.00
C GLY P 109 33.52 34.85 21.91
N ILE P 110 32.29 34.78 22.43
CA ILE P 110 31.93 33.70 23.33
C ILE P 110 31.92 32.36 22.59
N GLY P 111 31.39 32.34 21.37
CA GLY P 111 31.34 31.12 20.58
C GLY P 111 29.97 30.84 20.02
N LYS P 112 29.05 31.80 20.13
CA LYS P 112 27.68 31.59 19.67
C LYS P 112 27.58 31.42 18.17
N THR P 113 28.62 31.75 17.41
CA THR P 113 28.64 31.48 15.98
C THR P 113 29.25 30.12 15.66
N HIS P 114 30.22 29.68 16.46
CA HIS P 114 30.81 28.37 16.25
C HIS P 114 29.76 27.28 16.39
N LEU P 115 28.90 27.38 17.40
CA LEU P 115 27.85 26.39 17.60
C LEU P 115 26.87 26.39 16.43
N ALA P 116 26.50 27.58 15.94
CA ALA P 116 25.59 27.65 14.81
C ALA P 116 26.20 27.02 13.57
N ILE P 117 27.49 27.30 13.32
CA ILE P 117 28.15 26.72 12.16
C ILE P 117 28.24 25.20 12.30
N SER P 118 28.51 24.71 13.50
CA SER P 118 28.54 23.27 13.72
C SER P 118 27.17 22.64 13.47
N ILE P 119 26.11 23.29 13.93
CA ILE P 119 24.76 22.78 13.71
C ILE P 119 24.46 22.74 12.22
N GLY P 120 24.81 23.80 11.49
CA GLY P 120 24.61 23.80 10.05
C GLY P 120 25.39 22.71 9.36
N MET P 121 26.63 22.50 9.79
CA MET P 121 27.45 21.45 9.20
C MET P 121 26.83 20.07 9.42
N GLU P 122 26.36 19.82 10.63
CA GLU P 122 25.72 18.53 10.91
C GLU P 122 24.43 18.37 10.10
N ALA P 123 23.64 19.43 9.99
CA ALA P 123 22.43 19.36 9.18
C ALA P 123 22.76 19.04 7.73
N ILE P 124 23.82 19.66 7.20
CA ILE P 124 24.25 19.32 5.84
C ILE P 124 24.68 17.87 5.77
N ALA P 125 25.43 17.39 6.77
CA ALA P 125 25.92 16.02 6.75
C ALA P 125 24.76 15.02 6.80
N ARG P 126 23.64 15.38 7.41
CA ARG P 126 22.49 14.50 7.51
C ARG P 126 21.47 14.73 6.40
N GLY P 127 21.89 15.32 5.30
CA GLY P 127 21.03 15.45 4.13
C GLY P 127 20.21 16.71 4.07
N TYR P 128 20.17 17.51 5.13
CA TYR P 128 19.40 18.74 5.12
C TYR P 128 20.18 19.83 4.38
N LYS P 129 19.46 20.88 4.00
CA LYS P 129 20.04 22.02 3.29
C LYS P 129 20.08 23.22 4.23
N THR P 130 21.24 23.87 4.27
CA THR P 130 21.47 24.99 5.18
C THR P 130 22.00 26.19 4.39
N TYR P 131 21.56 27.39 4.78
CA TYR P 131 22.04 28.62 4.19
C TYR P 131 22.50 29.54 5.32
N PHE P 132 23.76 29.99 5.23
CA PHE P 132 24.36 30.85 6.23
C PHE P 132 24.47 32.25 5.67
N ILE P 133 23.80 33.21 6.30
CA ILE P 133 23.79 34.59 5.84
C ILE P 133 23.93 35.50 7.06
N THR P 134 24.65 36.60 6.89
CA THR P 134 24.71 37.63 7.92
C THR P 134 23.52 38.56 7.80
N ALA P 135 23.01 39.02 8.94
CA ALA P 135 21.80 39.84 8.94
C ALA P 135 21.98 41.07 8.07
N HIS P 136 23.14 41.73 8.17
CA HIS P 136 23.39 42.91 7.35
C HIS P 136 23.34 42.58 5.86
N ASP P 137 24.04 41.51 5.47
CA ASP P 137 24.04 41.11 4.06
C ASP P 137 22.64 40.67 3.62
N LEU P 138 21.93 39.97 4.49
CA LEU P 138 20.56 39.59 4.17
C LEU P 138 19.71 40.81 3.87
N VAL P 139 19.79 41.82 4.74
CA VAL P 139 18.99 43.03 4.55
C VAL P 139 19.38 43.73 3.26
N ASN P 140 20.68 43.85 3.01
CA ASN P 140 21.14 44.54 1.81
C ASN P 140 20.65 43.83 0.55
N GLN P 141 20.78 42.50 0.52
CA GLN P 141 20.34 41.74 -0.65
C GLN P 141 18.84 41.85 -0.84
N LEU P 142 18.07 41.81 0.25
CA LEU P 142 16.63 41.96 0.14
C LEU P 142 16.26 43.34 -0.39
N ARG P 143 16.95 44.37 0.08
CA ARG P 143 16.68 45.72 -0.40
C ARG P 143 16.98 45.83 -1.89
N ARG P 144 18.10 45.27 -2.33
CA ARG P 144 18.42 45.30 -3.75
C ARG P 144 17.37 44.54 -4.56
N ALA P 145 16.93 43.39 -4.06
CA ALA P 145 15.92 42.61 -4.77
C ALA P 145 14.62 43.40 -4.90
N ASP P 146 14.21 44.07 -3.83
CA ASP P 146 13.01 44.90 -3.91
C ASP P 146 13.19 46.04 -4.90
N GLN P 147 14.39 46.63 -4.94
CA GLN P 147 14.66 47.69 -5.90
C GLN P 147 14.51 47.18 -7.32
N GLU P 148 15.04 46.00 -7.60
CA GLU P 148 14.95 45.41 -8.93
C GLU P 148 13.63 44.69 -9.18
N GLY P 149 12.75 44.60 -8.19
CA GLY P 149 11.49 43.93 -8.34
C GLY P 149 11.55 42.42 -8.22
N LYS P 150 12.72 41.85 -7.95
CA LYS P 150 12.89 40.41 -7.80
C LYS P 150 12.88 39.99 -6.34
N LEU P 151 12.14 40.71 -5.49
CA LEU P 151 12.13 40.39 -4.07
C LEU P 151 11.58 38.98 -3.83
N GLU P 152 10.60 38.57 -4.63
CA GLU P 152 10.04 37.23 -4.47
C GLU P 152 11.09 36.16 -4.70
N LYS P 153 11.96 36.36 -5.70
CA LYS P 153 13.01 35.38 -5.98
C LYS P 153 13.91 35.19 -4.76
N LYS P 154 14.41 36.28 -4.20
CA LYS P 154 15.32 36.17 -3.06
C LYS P 154 14.60 35.64 -1.83
N LEU P 155 13.33 36.02 -1.64
CA LEU P 155 12.57 35.47 -0.52
C LEU P 155 12.43 33.95 -0.65
N ARG P 156 12.14 33.47 -1.86
CA ARG P 156 12.08 32.02 -2.07
C ARG P 156 13.43 31.38 -1.82
N VAL P 157 14.50 32.05 -2.25
CA VAL P 157 15.84 31.49 -2.07
C VAL P 157 16.18 31.38 -0.59
N PHE P 158 15.75 32.36 0.21
CA PHE P 158 16.05 32.37 1.64
C PHE P 158 15.07 31.54 2.46
N VAL P 159 13.92 31.16 1.91
CA VAL P 159 12.93 30.39 2.66
C VAL P 159 13.07 28.91 2.32
N LYS P 160 13.51 28.60 1.11
CA LYS P 160 13.66 27.21 0.71
C LYS P 160 14.57 26.42 1.63
N PRO P 161 15.73 26.93 2.05
CA PRO P 161 16.64 26.12 2.88
C PRO P 161 15.95 25.64 4.15
N THR P 162 16.25 24.39 4.52
CA THR P 162 15.67 23.82 5.73
C THR P 162 16.14 24.57 6.97
N VAL P 163 17.41 24.93 7.03
CA VAL P 163 18.00 25.64 8.17
C VAL P 163 18.63 26.92 7.66
N LEU P 164 18.18 28.05 8.19
CA LEU P 164 18.72 29.36 7.85
C LEU P 164 19.44 29.91 9.07
N ILE P 165 20.74 30.16 8.92
CA ILE P 165 21.58 30.67 10.00
C ILE P 165 21.82 32.15 9.76
N ILE P 166 21.19 32.99 10.57
CA ILE P 166 21.31 34.44 10.46
C ILE P 166 22.32 34.89 11.50
N ASP P 167 23.43 35.45 11.03
CA ASP P 167 24.54 35.85 11.88
C ASP P 167 24.69 37.37 11.89
N GLN P 168 25.48 37.86 12.84
CA GLN P 168 25.76 39.28 12.98
C GLN P 168 24.47 40.07 13.17
N MET P 169 23.79 39.78 14.28
CA MET P 169 22.55 40.44 14.64
C MET P 169 22.76 41.27 15.90
N GLY P 170 22.18 42.46 15.91
CA GLY P 170 22.27 43.36 17.06
C GLY P 170 23.40 44.36 17.03
N TYR P 171 24.60 43.91 16.62
CA TYR P 171 25.73 44.82 16.57
C TYR P 171 25.44 46.02 15.67
N LEU P 172 24.79 45.78 14.54
CA LEU P 172 24.45 46.83 13.58
C LEU P 172 23.00 47.25 13.80
N LYS P 173 22.77 48.55 13.84
CA LYS P 173 21.42 49.07 14.01
C LYS P 173 20.66 49.03 12.70
N LEU P 174 19.33 48.88 12.81
CA LEU P 174 18.46 48.68 11.66
C LEU P 174 17.42 49.78 11.57
N ASP P 175 17.07 50.14 10.34
CA ASP P 175 16.01 51.10 10.06
C ASP P 175 14.68 50.36 9.90
N PRO P 176 13.57 51.09 9.91
CA PRO P 176 12.27 50.41 9.77
C PRO P 176 12.15 49.58 8.50
N ASN P 177 12.81 49.99 7.41
CA ASN P 177 12.79 49.16 6.20
C ASN P 177 13.42 47.81 6.47
N SER P 178 14.64 47.82 7.01
CA SER P 178 15.29 46.59 7.41
C SER P 178 14.48 45.85 8.46
N ALA P 179 13.79 46.58 9.33
CA ALA P 179 12.95 45.94 10.34
C ALA P 179 11.86 45.11 9.69
N HIS P 180 11.17 45.68 8.70
CA HIS P 180 10.10 44.93 8.05
C HIS P 180 10.67 43.80 7.19
N TYR P 181 11.86 43.99 6.62
CA TYR P 181 12.49 42.89 5.89
C TYR P 181 12.76 41.71 6.82
N LEU P 182 13.32 41.98 7.99
CA LEU P 182 13.57 40.93 8.97
C LEU P 182 12.27 40.28 9.42
N PHE P 183 11.25 41.10 9.66
CA PHE P 183 9.96 40.55 10.08
C PHE P 183 9.38 39.64 9.01
N GLN P 184 9.48 40.03 7.74
CA GLN P 184 9.00 39.18 6.66
C GLN P 184 9.77 37.87 6.61
N VAL P 185 11.10 37.94 6.76
CA VAL P 185 11.90 36.72 6.74
C VAL P 185 11.48 35.79 7.87
N ILE P 186 11.28 36.34 9.07
CA ILE P 186 10.88 35.52 10.20
C ILE P 186 9.50 34.91 9.95
N ALA P 187 8.56 35.72 9.46
CA ALA P 187 7.20 35.23 9.23
C ALA P 187 7.19 34.09 8.22
N ARG P 188 7.96 34.23 7.13
CA ARG P 188 7.99 33.19 6.12
C ARG P 188 8.56 31.89 6.69
N ARG P 189 9.55 32.00 7.58
CA ARG P 189 10.16 30.84 8.22
C ARG P 189 9.67 30.64 9.65
N TYR P 190 8.43 31.03 9.92
CA TYR P 190 7.81 30.86 11.24
C TYR P 190 6.87 29.67 11.20
N GLU P 191 7.16 28.66 12.00
CA GLU P 191 6.42 27.40 12.01
C GLU P 191 6.54 26.67 10.69
N HIS P 192 7.51 27.05 9.86
CA HIS P 192 7.78 26.40 8.58
C HIS P 192 9.18 25.83 8.49
N ALA P 193 10.17 26.53 9.06
CA ALA P 193 11.55 26.04 9.04
C ALA P 193 12.30 26.70 10.18
N PRO P 194 13.22 25.99 10.85
CA PRO P 194 13.94 26.61 11.96
C PRO P 194 14.82 27.76 11.51
N ILE P 195 15.03 28.70 12.41
CA ILE P 195 15.94 29.83 12.22
C ILE P 195 16.98 29.79 13.33
N ILE P 196 18.25 29.82 12.95
CA ILE P 196 19.36 29.85 13.90
C ILE P 196 19.94 31.26 13.87
N LEU P 197 19.82 31.96 14.98
CA LEU P 197 20.21 33.36 15.06
C LEU P 197 21.17 33.56 16.21
N THR P 198 22.19 34.40 15.99
CA THR P 198 23.17 34.75 17.01
C THR P 198 23.16 36.25 17.18
N SER P 199 23.02 36.71 18.43
CA SER P 199 22.95 38.14 18.72
C SER P 199 23.69 38.42 20.02
N ASN P 200 23.83 39.70 20.32
CA ASN P 200 24.50 40.15 21.54
C ASN P 200 23.64 41.11 22.36
N LYS P 201 22.39 41.33 21.96
CA LYS P 201 21.50 42.25 22.63
C LYS P 201 20.28 41.51 23.17
N SER P 202 19.83 41.90 24.35
CA SER P 202 18.62 41.33 24.90
C SER P 202 17.44 41.60 23.98
N PHE P 203 16.34 40.87 24.23
CA PHE P 203 15.17 41.00 23.37
C PHE P 203 14.59 42.41 23.42
N GLY P 204 14.57 43.01 24.61
CA GLY P 204 14.02 44.36 24.72
C GLY P 204 14.75 45.36 23.87
N GLU P 205 16.07 45.22 23.74
CA GLU P 205 16.86 46.15 22.95
C GLU P 205 16.53 46.10 21.47
N TRP P 206 15.89 45.02 21.00
CA TRP P 206 15.58 44.91 19.58
C TRP P 206 14.70 46.07 19.12
N GLY P 207 13.89 46.63 20.01
CA GLY P 207 13.09 47.79 19.64
C GLY P 207 13.95 48.94 19.17
N GLU P 208 15.02 49.22 19.91
CA GLU P 208 15.96 50.26 19.48
C GLU P 208 16.80 49.80 18.30
N ILE P 209 17.14 48.51 18.25
CA ILE P 209 17.96 48.00 17.14
C ILE P 209 17.26 48.21 15.81
N VAL P 210 15.95 47.95 15.77
CA VAL P 210 15.19 48.09 14.53
C VAL P 210 14.47 49.43 14.44
N GLY P 211 14.43 50.21 15.51
CA GLY P 211 13.77 51.50 15.46
C GLY P 211 12.27 51.44 15.41
N ASP P 212 11.67 50.33 15.84
CA ASP P 212 10.21 50.19 15.84
C ASP P 212 9.85 49.24 16.98
N SER P 213 9.35 49.81 18.07
CA SER P 213 9.03 49.00 19.24
C SER P 213 7.96 47.97 18.93
N VAL P 214 6.90 48.37 18.23
CA VAL P 214 5.81 47.47 17.93
C VAL P 214 6.28 46.33 17.03
N LEU P 215 7.02 46.67 15.97
CA LEU P 215 7.49 45.66 15.04
C LEU P 215 8.49 44.72 15.72
N ALA P 216 9.39 45.28 16.53
CA ALA P 216 10.32 44.43 17.26
C ALA P 216 9.60 43.49 18.21
N THR P 217 8.57 44.00 18.90
CA THR P 217 7.80 43.15 19.80
C THR P 217 7.09 42.05 19.04
N ALA P 218 6.54 42.37 17.86
CA ALA P 218 5.89 41.35 17.05
C ALA P 218 6.89 40.28 16.61
N MET P 219 8.07 40.71 16.16
CA MET P 219 9.09 39.75 15.77
C MET P 219 9.45 38.84 16.93
N LEU P 220 9.68 39.43 18.10
CA LEU P 220 10.07 38.65 19.27
C LEU P 220 8.96 37.68 19.68
N ASP P 221 7.71 38.13 19.65
CA ASP P 221 6.60 37.27 20.04
C ASP P 221 6.47 36.09 19.09
N ARG P 222 6.57 36.35 17.77
CA ARG P 222 6.46 35.25 16.81
C ARG P 222 7.65 34.30 16.93
N LEU P 223 8.85 34.84 17.13
CA LEU P 223 10.04 33.99 17.21
C LEU P 223 10.02 33.13 18.46
N LEU P 224 9.70 33.72 19.61
CA LEU P 224 9.71 32.99 20.87
C LEU P 224 8.59 31.97 20.98
N HIS P 225 7.60 32.01 20.07
CA HIS P 225 6.55 31.01 20.11
C HIS P 225 7.12 29.62 19.92
N HIS P 226 8.14 29.49 19.07
CA HIS P 226 8.91 28.26 18.90
C HIS P 226 10.38 28.66 18.96
N SER P 227 10.96 28.66 20.16
CA SER P 227 12.31 29.14 20.32
C SER P 227 13.04 28.34 21.38
N ILE P 228 14.37 28.33 21.27
CA ILE P 228 15.26 27.80 22.29
C ILE P 228 16.36 28.83 22.49
N ILE P 229 16.51 29.31 23.72
CA ILE P 229 17.41 30.40 24.03
C ILE P 229 18.69 29.82 24.62
N PHE P 230 19.82 30.47 24.32
CA PHE P 230 21.13 30.08 24.85
C PHE P 230 21.86 31.34 25.29
N ASN P 231 21.88 31.58 26.61
CA ASN P 231 22.59 32.72 27.17
C ASN P 231 24.00 32.26 27.51
N LEU P 232 24.96 32.65 26.66
CA LEU P 232 26.35 32.25 26.82
C LEU P 232 27.12 33.37 27.51
N LYS P 233 27.87 33.00 28.55
CA LYS P 233 28.65 33.96 29.33
C LYS P 233 30.05 33.40 29.52
N GLY P 234 31.05 34.23 29.26
CA GLY P 234 32.42 33.80 29.47
C GLY P 234 33.39 34.75 28.80
N GLU P 235 34.66 34.58 29.17
CA GLU P 235 35.73 35.35 28.57
C GLU P 235 35.88 35.00 27.09
N SER P 236 36.12 36.03 26.27
CA SER P 236 36.21 35.82 24.83
C SER P 236 37.32 34.84 24.49
N TYR P 237 36.95 33.79 23.75
CA TYR P 237 37.93 32.78 23.38
C TYR P 237 39.00 33.36 22.47
N ARG P 238 38.67 34.36 21.67
CA ARG P 238 39.69 35.05 20.89
C ARG P 238 40.75 35.66 21.78
N LEU P 239 40.31 36.37 22.83
CA LEU P 239 41.25 36.99 23.76
C LEU P 239 42.07 35.95 24.50
N ARG P 240 41.43 34.86 24.91
CA ARG P 240 42.17 33.81 25.63
C ARG P 240 43.21 33.16 24.72
N GLU P 241 42.85 32.89 23.46
CA GLU P 241 43.82 32.33 22.52
C GLU P 241 44.97 33.29 22.29
N LYS P 242 44.67 34.59 22.17
CA LYS P 242 45.73 35.58 22.01
C LYS P 242 46.65 35.60 23.22
N ARG P 243 46.08 35.53 24.43
CA ARG P 243 46.89 35.48 25.64
C ARG P 243 47.79 34.24 25.64
N LEU P 244 47.23 33.09 25.29
CA LEU P 244 48.04 31.87 25.26
C LEU P 244 49.15 31.97 24.24
N GLN P 245 48.86 32.58 23.08
CA GLN P 245 49.91 32.79 22.09
C GLN P 245 51.00 33.71 22.63
N GLU P 246 50.60 34.76 23.36
CA GLU P 246 51.60 35.64 23.95
C GLU P 246 52.49 34.89 24.93
N GLU P 247 51.89 34.06 25.78
CA GLU P 247 52.67 33.28 26.74
C GLU P 247 53.01 31.92 26.16
N ASN Q 1 70.70 29.02 -12.22
CA ASN Q 1 71.55 29.14 -13.45
C ASN Q 1 71.12 30.37 -14.26
N MET Q 2 71.24 30.29 -15.58
CA MET Q 2 70.94 31.41 -16.47
C MET Q 2 69.79 31.13 -17.41
N LYS Q 3 69.68 29.92 -17.95
CA LYS Q 3 68.59 29.62 -18.87
C LYS Q 3 67.23 29.72 -18.19
N GLU Q 4 67.12 29.22 -16.96
CA GLU Q 4 65.85 29.25 -16.26
C GLU Q 4 65.38 30.68 -16.05
N ARG Q 5 66.29 31.57 -15.64
CA ARG Q 5 65.92 32.97 -15.44
C ARG Q 5 65.50 33.61 -16.76
N ILE Q 6 66.20 33.30 -17.85
CA ILE Q 6 65.83 33.84 -19.15
C ILE Q 6 64.41 33.41 -19.52
N HIS Q 7 64.12 32.11 -19.37
CA HIS Q 7 62.80 31.61 -19.71
C HIS Q 7 61.73 32.23 -18.82
N GLU Q 8 62.00 32.35 -17.52
CA GLU Q 8 61.03 32.94 -16.61
C GLU Q 8 60.73 34.39 -16.98
N TYR Q 9 61.77 35.16 -17.27
CA TYR Q 9 61.55 36.56 -17.65
C TYR Q 9 60.82 36.67 -18.97
N CYS Q 10 61.13 35.81 -19.94
CA CYS Q 10 60.42 35.81 -21.20
C CYS Q 10 58.94 35.52 -20.99
N HIS Q 11 58.62 34.54 -20.14
CA HIS Q 11 57.22 34.24 -19.84
C HIS Q 11 56.55 35.41 -19.15
N ARG Q 12 57.24 36.04 -18.20
CA ARG Q 12 56.66 37.19 -17.51
C ARG Q 12 56.40 38.33 -18.48
N LEU Q 13 57.24 38.48 -19.50
CA LEU Q 13 57.01 39.45 -20.56
C LEU Q 13 56.09 38.90 -21.66
N HIS Q 14 55.63 37.66 -21.52
CA HIS Q 14 54.68 37.07 -22.47
C HIS Q 14 55.31 36.93 -23.85
N LEU Q 15 56.52 36.37 -23.88
CA LEU Q 15 57.23 36.09 -25.13
C LEU Q 15 57.79 34.67 -25.07
N PRO Q 16 56.91 33.66 -24.96
CA PRO Q 16 57.42 32.28 -24.92
C PRO Q 16 57.89 31.77 -26.26
N VAL Q 17 57.17 32.06 -27.33
CA VAL Q 17 57.63 31.68 -28.66
C VAL Q 17 58.95 32.36 -28.98
N MET Q 18 59.12 33.61 -28.52
CA MET Q 18 60.41 34.27 -28.66
C MET Q 18 61.50 33.47 -27.97
N ALA Q 19 61.23 33.03 -26.73
CA ALA Q 19 62.24 32.27 -25.99
C ALA Q 19 62.58 30.96 -26.69
N GLU Q 20 61.57 30.25 -27.19
CA GLU Q 20 61.82 28.99 -27.88
C GLU Q 20 62.65 29.20 -29.13
N ARG Q 21 62.14 30.03 -30.05
CA ARG Q 21 62.91 30.36 -31.24
C ARG Q 21 64.19 31.10 -30.91
N TRP Q 22 64.26 31.72 -29.73
CA TRP Q 22 65.50 32.38 -29.32
C TRP Q 22 66.60 31.37 -29.06
N SER Q 23 66.27 30.22 -28.48
CA SER Q 23 67.26 29.15 -28.36
C SER Q 23 67.70 28.66 -29.73
N ALA Q 24 66.73 28.46 -30.64
CA ALA Q 24 67.06 28.01 -31.99
C ALA Q 24 67.94 29.02 -32.70
N MET Q 25 67.61 30.30 -32.59
CA MET Q 25 68.40 31.34 -33.26
C MET Q 25 69.74 31.54 -32.58
N ALA Q 26 69.83 31.27 -31.27
CA ALA Q 26 71.12 31.30 -30.60
C ALA Q 26 72.02 30.19 -31.13
N GLU Q 27 71.47 28.99 -31.31
CA GLU Q 27 72.23 27.92 -31.95
C GLU Q 27 72.63 28.33 -33.36
N TYR Q 28 71.70 28.95 -34.10
CA TYR Q 28 71.99 29.38 -35.46
C TYR Q 28 73.15 30.37 -35.50
N ALA Q 29 73.14 31.35 -34.59
CA ALA Q 29 74.22 32.32 -34.53
C ALA Q 29 75.53 31.65 -34.14
N SER Q 30 75.47 30.70 -33.19
CA SER Q 30 76.67 29.95 -32.84
C SER Q 30 77.22 29.19 -34.04
N THR Q 31 76.34 28.79 -34.96
CA THR Q 31 76.81 28.08 -36.15
C THR Q 31 77.30 29.04 -37.23
N HIS Q 32 76.71 30.23 -37.35
CA HIS Q 32 77.04 31.15 -38.42
C HIS Q 32 77.50 32.53 -37.93
N ASN Q 33 77.62 32.72 -36.62
CA ASN Q 33 78.11 33.98 -36.06
C ASN Q 33 77.29 35.17 -36.56
N ILE Q 34 76.00 35.15 -36.21
CA ILE Q 34 75.09 36.22 -36.58
C ILE Q 34 75.29 37.39 -35.64
N SER Q 35 75.18 38.61 -36.19
CA SER Q 35 75.28 39.80 -35.36
C SER Q 35 74.13 39.84 -34.34
N TYR Q 36 74.41 40.44 -33.19
CA TYR Q 36 73.41 40.51 -32.14
C TYR Q 36 72.15 41.21 -32.64
N SER Q 37 72.30 42.23 -33.48
CA SER Q 37 71.14 42.94 -34.01
C SER Q 37 70.26 42.01 -34.82
N GLU Q 38 70.85 41.30 -35.78
CA GLU Q 38 70.08 40.37 -36.61
C GLU Q 38 69.48 39.26 -35.75
N PHE Q 39 70.21 38.80 -34.74
CA PHE Q 39 69.69 37.77 -33.84
C PHE Q 39 68.41 38.25 -33.14
N LEU Q 40 68.48 39.43 -32.51
CA LEU Q 40 67.30 39.98 -31.85
C LEU Q 40 66.19 40.25 -32.85
N PHE Q 41 66.54 40.63 -34.08
CA PHE Q 41 65.52 40.83 -35.10
C PHE Q 41 64.81 39.53 -35.41
N ARG Q 42 65.56 38.43 -35.54
CA ARG Q 42 64.92 37.14 -35.73
C ARG Q 42 63.95 36.84 -34.59
N LEU Q 43 64.42 37.03 -33.35
CA LEU Q 43 63.57 36.74 -32.20
C LEU Q 43 62.27 37.52 -32.29
N LEU Q 44 62.37 38.84 -32.45
CA LEU Q 44 61.20 39.70 -32.36
C LEU Q 44 60.30 39.52 -33.58
N GLU Q 45 60.87 39.32 -34.76
CA GLU Q 45 60.06 39.11 -35.95
C GLU Q 45 59.26 37.82 -35.84
N ALA Q 46 59.88 36.75 -35.36
CA ALA Q 46 59.13 35.50 -35.19
C ALA Q 46 58.07 35.64 -34.11
N GLU Q 47 58.40 36.35 -33.03
CA GLU Q 47 57.39 36.64 -32.02
C GLU Q 47 56.21 37.40 -32.62
N ILE Q 48 56.50 38.37 -33.49
CA ILE Q 48 55.44 39.12 -34.16
C ILE Q 48 54.62 38.19 -35.03
N VAL Q 49 55.27 37.28 -35.75
CA VAL Q 49 54.53 36.35 -36.61
C VAL Q 49 53.55 35.54 -35.79
N GLU Q 50 54.04 34.94 -34.69
CA GLU Q 50 53.16 34.11 -33.87
C GLU Q 50 52.05 34.94 -33.25
N LYS Q 51 52.39 36.12 -32.71
CA LYS Q 51 51.40 36.95 -32.04
C LYS Q 51 50.32 37.41 -33.01
N GLN Q 52 50.72 37.83 -34.21
CA GLN Q 52 49.74 38.28 -35.19
C GLN Q 52 48.90 37.12 -35.73
N ALA Q 53 49.48 35.93 -35.87
CA ALA Q 53 48.66 34.77 -36.24
C ALA Q 53 47.59 34.52 -35.20
N ARG Q 54 47.97 34.47 -33.92
CA ARG Q 54 46.99 34.24 -32.86
C ARG Q 54 45.97 35.37 -32.81
N SER Q 55 46.42 36.61 -33.00
CA SER Q 55 45.53 37.76 -32.96
C SER Q 55 44.51 37.69 -34.09
N ILE Q 56 44.95 37.33 -35.30
CA ILE Q 56 44.03 37.24 -36.42
C ILE Q 56 43.05 36.09 -36.21
N GLN Q 57 43.52 34.98 -35.65
CA GLN Q 57 42.59 33.89 -35.33
C GLN Q 57 41.51 34.36 -34.36
N THR Q 58 41.93 35.00 -33.26
CA THR Q 58 40.96 35.45 -32.27
C THR Q 58 40.09 36.58 -32.80
N LEU Q 59 40.59 37.36 -33.77
CA LEU Q 59 39.79 38.41 -34.38
C LEU Q 59 38.71 37.83 -35.28
N ILE Q 60 39.08 36.82 -36.09
CA ILE Q 60 38.07 36.13 -36.89
C ILE Q 60 37.03 35.50 -35.98
N LYS Q 61 37.47 34.96 -34.83
CA LYS Q 61 36.52 34.48 -33.85
C LYS Q 61 35.63 35.61 -33.34
N LEU Q 62 36.22 36.80 -33.13
CA LEU Q 62 35.44 37.94 -32.67
C LEU Q 62 34.38 38.32 -33.71
N SER Q 63 34.77 38.38 -34.97
CA SER Q 63 33.81 38.62 -36.04
C SER Q 63 32.91 37.40 -36.21
N LYS Q 64 31.67 37.64 -36.61
CA LYS Q 64 30.69 36.60 -36.79
C LYS Q 64 30.62 36.10 -38.22
N LEU Q 65 31.68 36.27 -39.00
CA LEU Q 65 31.68 35.81 -40.37
C LEU Q 65 31.39 34.31 -40.40
N PRO Q 66 30.49 33.83 -41.26
CA PRO Q 66 30.09 32.42 -41.19
C PRO Q 66 31.23 31.45 -41.42
N TYR Q 67 32.17 31.77 -42.30
CA TYR Q 67 33.25 30.85 -42.63
C TYR Q 67 34.50 31.64 -43.00
N ARG Q 68 35.65 30.96 -42.90
CA ARG Q 68 36.92 31.53 -43.32
C ARG Q 68 37.21 31.10 -44.76
N LYS Q 69 36.62 31.82 -45.70
CA LYS Q 69 36.78 31.56 -47.11
C LYS Q 69 37.63 32.64 -47.76
N THR Q 70 38.58 32.22 -48.59
CA THR Q 70 39.47 33.12 -49.28
C THR Q 70 39.11 33.20 -50.76
N ILE Q 71 39.48 34.33 -51.37
CA ILE Q 71 39.19 34.54 -52.79
C ILE Q 71 39.82 33.44 -53.64
N ASP Q 72 40.94 32.88 -53.17
CA ASP Q 72 41.59 31.81 -53.91
C ASP Q 72 40.65 30.63 -54.11
N THR Q 73 39.77 30.36 -53.15
CA THR Q 73 38.81 29.26 -53.27
C THR Q 73 37.73 29.53 -54.29
N PHE Q 74 37.63 30.76 -54.81
CA PHE Q 74 36.59 31.16 -55.74
C PHE Q 74 37.10 31.10 -57.18
N ASP Q 75 36.18 30.80 -58.10
CA ASP Q 75 36.49 30.72 -59.52
C ASP Q 75 35.72 31.81 -60.25
N PHE Q 76 36.43 32.54 -61.12
CA PHE Q 76 35.81 33.60 -61.91
C PHE Q 76 35.24 33.11 -63.23
N THR Q 77 35.82 32.05 -63.79
CA THR Q 77 35.34 31.56 -65.08
C THR Q 77 33.89 31.10 -64.98
N ALA Q 78 33.52 30.46 -63.88
CA ALA Q 78 32.15 30.02 -63.67
C ALA Q 78 31.18 31.19 -63.56
N GLN Q 79 31.68 32.40 -63.35
CA GLN Q 79 30.85 33.61 -63.25
C GLN Q 79 31.40 34.64 -64.23
N PRO Q 80 31.03 34.56 -65.50
CA PRO Q 80 31.53 35.54 -66.48
C PRO Q 80 31.14 36.97 -66.15
N SER Q 81 30.03 37.18 -65.42
CA SER Q 81 29.51 38.51 -65.20
C SER Q 81 30.44 39.37 -64.34
N VAL Q 82 31.31 38.75 -63.55
CA VAL Q 82 32.20 39.50 -62.66
C VAL Q 82 33.50 39.78 -63.39
N ASP Q 83 34.23 40.78 -62.90
CA ASP Q 83 35.54 41.15 -63.42
C ASP Q 83 36.56 41.08 -62.30
N GLU Q 84 37.68 40.40 -62.57
CA GLU Q 84 38.72 40.28 -61.55
C GLU Q 84 39.27 41.65 -61.14
N ARG Q 85 39.27 42.60 -62.06
CA ARG Q 85 39.86 43.91 -61.78
C ARG Q 85 39.19 44.56 -60.58
N ARG Q 86 37.86 44.68 -60.62
CA ARG Q 86 37.15 45.37 -59.55
C ARG Q 86 37.24 44.60 -58.24
N ILE Q 87 37.14 43.27 -58.30
CA ILE Q 87 37.22 42.46 -57.09
C ILE Q 87 38.56 42.65 -56.42
N ARG Q 88 39.64 42.57 -57.19
CA ARG Q 88 40.96 42.73 -56.59
C ARG Q 88 41.23 44.17 -56.15
N GLU Q 89 40.66 45.15 -56.85
CA GLU Q 89 40.76 46.53 -56.39
C GLU Q 89 40.10 46.68 -55.03
N LEU Q 90 38.94 46.05 -54.83
CA LEU Q 90 38.33 46.02 -53.51
C LEU Q 90 39.23 45.31 -52.52
N LEU Q 91 39.86 44.21 -52.94
CA LEU Q 91 40.79 43.51 -52.06
C LEU Q 91 41.93 44.41 -51.62
N THR Q 92 42.29 45.39 -52.44
CA THR Q 92 43.31 46.36 -52.05
C THR Q 92 42.88 47.24 -50.88
N LEU Q 93 41.59 47.25 -50.54
CA LEU Q 93 41.07 47.99 -49.40
C LEU Q 93 41.17 49.51 -49.59
N SER Q 94 41.08 49.98 -50.84
CA SER Q 94 41.02 51.41 -51.06
C SER Q 94 39.71 52.00 -50.56
N PHE Q 95 38.64 51.20 -50.54
CA PHE Q 95 37.35 51.69 -50.06
C PHE Q 95 37.41 52.08 -48.59
N ILE Q 96 38.23 51.38 -47.80
CA ILE Q 96 38.36 51.73 -46.39
C ILE Q 96 38.91 53.13 -46.25
N ASP Q 97 39.95 53.47 -47.02
CA ASP Q 97 40.48 54.82 -47.01
C ASP Q 97 39.45 55.81 -47.52
N ARG Q 98 38.75 55.46 -48.60
CA ARG Q 98 37.76 56.35 -49.20
C ARG Q 98 36.40 56.28 -48.52
N LYS Q 99 36.17 55.32 -47.64
CA LYS Q 99 34.89 55.14 -46.96
C LYS Q 99 33.76 54.99 -47.99
N GLU Q 100 33.87 53.93 -48.78
CA GLU Q 100 32.90 53.60 -49.82
C GLU Q 100 32.07 52.41 -49.38
N ASN Q 101 30.75 52.53 -49.49
CA ASN Q 101 29.84 51.46 -49.09
C ASN Q 101 29.68 50.50 -50.26
N ILE Q 102 30.16 49.27 -50.07
CA ILE Q 102 30.13 48.26 -51.12
C ILE Q 102 28.79 47.55 -51.06
N LEU Q 103 28.13 47.42 -52.21
CA LEU Q 103 26.83 46.79 -52.32
C LEU Q 103 26.88 45.70 -53.38
N PHE Q 104 26.27 44.56 -53.07
CA PHE Q 104 26.14 43.44 -54.01
C PHE Q 104 24.67 43.20 -54.27
N LEU Q 105 24.31 43.06 -55.55
CA LEU Q 105 22.94 42.80 -55.95
C LEU Q 105 22.92 41.68 -56.98
N GLY Q 106 21.89 40.84 -56.92
CA GLY Q 106 21.71 39.78 -57.87
C GLY Q 106 20.86 38.65 -57.34
N PRO Q 107 20.39 37.77 -58.22
CA PRO Q 107 19.59 36.63 -57.78
C PRO Q 107 20.39 35.69 -56.91
N PRO Q 108 19.75 34.71 -56.29
CA PRO Q 108 20.45 33.82 -55.36
C PRO Q 108 21.46 32.94 -56.07
N GLY Q 109 22.49 32.55 -55.31
CA GLY Q 109 23.44 31.55 -55.76
C GLY Q 109 24.60 32.08 -56.57
N ILE Q 110 24.64 33.37 -56.90
CA ILE Q 110 25.73 33.89 -57.71
C ILE Q 110 27.05 33.79 -56.96
N GLY Q 111 27.05 34.14 -55.68
CA GLY Q 111 28.25 34.08 -54.88
C GLY Q 111 28.63 35.40 -54.26
N LYS Q 112 27.68 36.34 -54.23
CA LYS Q 112 27.96 37.66 -53.67
C LYS Q 112 28.38 37.56 -52.20
N THR Q 113 27.67 36.74 -51.43
CA THR Q 113 28.04 36.57 -50.03
C THR Q 113 29.43 35.98 -49.89
N HIS Q 114 29.80 35.08 -50.79
CA HIS Q 114 31.14 34.51 -50.77
C HIS Q 114 32.20 35.58 -50.94
N LEU Q 115 32.01 36.46 -51.92
CA LEU Q 115 32.96 37.54 -52.15
C LEU Q 115 33.01 38.49 -50.97
N ALA Q 116 31.85 38.84 -50.42
CA ALA Q 116 31.83 39.73 -49.26
C ALA Q 116 32.58 39.12 -48.09
N ILE Q 117 32.37 37.83 -47.83
CA ILE Q 117 33.07 37.16 -46.74
C ILE Q 117 34.58 37.15 -47.00
N SER Q 118 34.99 36.91 -48.24
CA SER Q 118 36.41 36.93 -48.55
C SER Q 118 37.01 38.31 -48.30
N ILE Q 119 36.29 39.37 -48.68
CA ILE Q 119 36.75 40.72 -48.41
C ILE Q 119 36.87 40.95 -46.90
N GLY Q 120 35.89 40.47 -46.14
CA GLY Q 120 35.97 40.58 -44.69
C GLY Q 120 37.16 39.83 -44.12
N MET Q 121 37.46 38.65 -44.68
CA MET Q 121 38.64 37.90 -44.22
C MET Q 121 39.91 38.68 -44.49
N GLU Q 122 40.02 39.30 -45.66
CA GLU Q 122 41.19 40.14 -45.92
C GLU Q 122 41.28 41.29 -44.93
N ALA Q 123 40.14 41.95 -44.68
CA ALA Q 123 40.14 43.10 -43.77
C ALA Q 123 40.57 42.69 -42.37
N ILE Q 124 40.08 41.55 -41.89
CA ILE Q 124 40.44 41.10 -40.55
C ILE Q 124 41.85 40.53 -40.51
N ALA Q 125 42.38 40.07 -41.64
CA ALA Q 125 43.77 39.64 -41.68
C ALA Q 125 44.72 40.82 -41.67
N ARG Q 126 44.28 41.97 -42.18
CA ARG Q 126 45.08 43.18 -42.16
C ARG Q 126 44.85 44.02 -40.91
N GLY Q 127 44.35 43.42 -39.84
CA GLY Q 127 44.21 44.07 -38.55
C GLY Q 127 42.90 44.82 -38.36
N TYR Q 128 42.31 45.33 -39.44
CA TYR Q 128 41.08 46.08 -39.31
C TYR Q 128 39.98 45.22 -38.72
N LYS Q 129 39.25 45.77 -37.75
CA LYS Q 129 38.16 45.04 -37.12
C LYS Q 129 37.03 44.79 -38.12
N THR Q 130 36.43 43.62 -38.03
CA THR Q 130 35.32 43.24 -38.90
C THR Q 130 34.20 42.65 -38.06
N TYR Q 131 32.96 42.88 -38.50
CA TYR Q 131 31.79 42.36 -37.82
C TYR Q 131 30.74 41.99 -38.85
N PHE Q 132 30.33 40.72 -38.85
CA PHE Q 132 29.34 40.21 -39.77
C PHE Q 132 27.99 40.07 -39.06
N ILE Q 133 26.91 40.36 -39.78
CA ILE Q 133 25.57 40.27 -39.20
C ILE Q 133 24.58 40.21 -40.34
N THR Q 134 23.42 39.61 -40.07
CA THR Q 134 22.31 39.59 -41.01
C THR Q 134 21.32 40.69 -40.65
N ALA Q 135 20.68 41.24 -41.67
CA ALA Q 135 19.74 42.34 -41.46
C ALA Q 135 18.70 41.98 -40.40
N HIS Q 136 18.11 40.78 -40.53
CA HIS Q 136 17.10 40.36 -39.57
C HIS Q 136 17.67 40.29 -38.16
N ASP Q 137 18.82 39.64 -38.00
CA ASP Q 137 19.44 39.52 -36.68
C ASP Q 137 19.83 40.88 -36.14
N LEU Q 138 20.38 41.74 -37.01
CA LEU Q 138 20.74 43.09 -36.57
C LEU Q 138 19.53 43.82 -36.01
N VAL Q 139 18.42 43.78 -36.75
CA VAL Q 139 17.21 44.48 -36.31
C VAL Q 139 16.69 43.89 -35.01
N ASN Q 140 16.66 42.56 -34.91
CA ASN Q 140 16.16 41.91 -33.70
C ASN Q 140 16.99 42.34 -32.50
N GLN Q 141 18.33 42.29 -32.63
CA GLN Q 141 19.19 42.65 -31.53
C GLN Q 141 19.01 44.12 -31.15
N LEU Q 142 18.88 45.00 -32.14
CA LEU Q 142 18.68 46.42 -31.85
C LEU Q 142 17.37 46.64 -31.12
N ARG Q 143 16.29 45.96 -31.54
CA ARG Q 143 15.01 46.12 -30.86
C ARG Q 143 15.09 45.62 -29.42
N ARG Q 144 15.73 44.46 -29.20
CA ARG Q 144 15.87 43.96 -27.85
C ARG Q 144 16.70 44.92 -26.99
N ALA Q 145 17.74 45.50 -27.57
CA ALA Q 145 18.56 46.47 -26.84
C ALA Q 145 17.73 47.68 -26.45
N ASP Q 146 16.93 48.20 -27.38
CA ASP Q 146 16.07 49.33 -27.06
C ASP Q 146 15.09 48.98 -25.95
N GLN Q 147 14.56 47.75 -25.98
CA GLN Q 147 13.67 47.30 -24.91
C GLN Q 147 14.39 47.29 -23.57
N GLU Q 148 15.63 46.79 -23.55
CA GLU Q 148 16.39 46.68 -22.31
C GLU Q 148 17.05 47.99 -21.90
N GLY Q 149 17.01 49.02 -22.74
CA GLY Q 149 17.63 50.29 -22.41
C GLY Q 149 19.10 50.39 -22.74
N LYS Q 150 19.71 49.34 -23.28
CA LYS Q 150 21.12 49.34 -23.66
C LYS Q 150 21.29 49.57 -25.16
N LEU Q 151 20.42 50.40 -25.74
CA LEU Q 151 20.49 50.64 -27.19
C LEU Q 151 21.83 51.22 -27.59
N GLU Q 152 22.33 52.19 -26.82
CA GLU Q 152 23.61 52.80 -27.14
C GLU Q 152 24.73 51.75 -27.18
N LYS Q 153 24.67 50.75 -26.29
CA LYS Q 153 25.71 49.73 -26.28
C LYS Q 153 25.76 48.97 -27.59
N LYS Q 154 24.61 48.47 -28.04
CA LYS Q 154 24.59 47.71 -29.29
C LYS Q 154 24.89 48.61 -30.48
N LEU Q 155 24.44 49.86 -30.45
CA LEU Q 155 24.78 50.78 -31.54
C LEU Q 155 26.29 50.98 -31.63
N ARG Q 156 26.97 51.13 -30.50
CA ARG Q 156 28.42 51.20 -30.52
C ARG Q 156 29.01 49.90 -31.05
N VAL Q 157 28.49 48.77 -30.59
CA VAL Q 157 29.04 47.48 -31.01
C VAL Q 157 28.93 47.30 -32.51
N PHE Q 158 27.88 47.84 -33.11
CA PHE Q 158 27.70 47.75 -34.55
C PHE Q 158 28.42 48.85 -35.32
N VAL Q 159 28.76 49.95 -34.65
CA VAL Q 159 29.43 51.08 -35.31
C VAL Q 159 30.94 51.02 -35.12
N LYS Q 160 31.41 50.55 -33.97
CA LYS Q 160 32.84 50.46 -33.74
C LYS Q 160 33.56 49.62 -34.79
N PRO Q 161 33.05 48.47 -35.23
CA PRO Q 161 33.79 47.66 -36.21
C PRO Q 161 34.19 48.48 -37.43
N THR Q 162 35.45 48.30 -37.86
CA THR Q 162 35.94 49.03 -39.02
C THR Q 162 35.19 48.63 -40.28
N VAL Q 163 34.83 47.35 -40.40
CA VAL Q 163 34.15 46.82 -41.58
C VAL Q 163 32.92 46.07 -41.08
N LEU Q 164 31.75 46.66 -41.25
CA LEU Q 164 30.49 46.02 -40.89
C LEU Q 164 29.87 45.42 -42.14
N ILE Q 165 29.49 44.15 -42.05
CA ILE Q 165 28.90 43.42 -43.17
C ILE Q 165 27.46 43.07 -42.80
N ILE Q 166 26.53 43.47 -43.66
CA ILE Q 166 25.11 43.16 -43.50
C ILE Q 166 24.73 42.20 -44.62
N ASP Q 167 24.18 41.06 -44.25
CA ASP Q 167 23.89 39.99 -45.20
C ASP Q 167 22.42 39.62 -45.16
N GLN Q 168 21.96 39.00 -46.26
CA GLN Q 168 20.57 38.58 -46.41
C GLN Q 168 19.62 39.74 -46.18
N MET Q 169 19.86 40.84 -46.89
CA MET Q 169 19.02 42.03 -46.83
C MET Q 169 18.02 41.97 -47.98
N GLY Q 170 16.78 41.62 -47.67
CA GLY Q 170 15.72 41.65 -48.66
C GLY Q 170 14.82 40.42 -48.64
N TYR Q 171 15.38 39.26 -48.33
CA TYR Q 171 14.56 38.04 -48.32
C TYR Q 171 13.47 38.12 -47.26
N LEU Q 172 13.79 38.65 -46.08
CA LEU Q 172 12.84 38.81 -45.00
C LEU Q 172 12.37 40.27 -44.96
N LYS Q 173 11.07 40.45 -44.73
CA LYS Q 173 10.48 41.78 -44.73
C LYS Q 173 10.63 42.44 -43.36
N LEU Q 174 10.73 43.76 -43.37
CA LEU Q 174 10.97 44.55 -42.17
C LEU Q 174 9.83 45.53 -41.93
N ASP Q 175 9.48 45.71 -40.66
CA ASP Q 175 8.45 46.65 -40.24
C ASP Q 175 9.05 48.02 -39.99
N PRO Q 176 8.23 49.08 -39.97
CA PRO Q 176 8.80 50.43 -39.85
C PRO Q 176 9.68 50.62 -38.62
N ASN Q 177 9.35 49.98 -37.50
CA ASN Q 177 10.25 50.04 -36.35
C ASN Q 177 11.61 49.49 -36.72
N SER Q 178 11.62 48.34 -37.40
CA SER Q 178 12.87 47.78 -37.89
C SER Q 178 13.55 48.73 -38.86
N ALA Q 179 12.76 49.45 -39.67
CA ALA Q 179 13.34 50.41 -40.60
C ALA Q 179 14.10 51.50 -39.85
N HIS Q 180 13.52 52.03 -38.77
CA HIS Q 180 14.21 53.07 -38.01
C HIS Q 180 15.41 52.50 -37.28
N TYR Q 181 15.31 51.27 -36.80
CA TYR Q 181 16.46 50.65 -36.13
C TYR Q 181 17.63 50.52 -37.10
N LEU Q 182 17.37 50.10 -38.33
CA LEU Q 182 18.43 50.03 -39.34
C LEU Q 182 18.93 51.43 -39.69
N PHE Q 183 18.03 52.41 -39.77
CA PHE Q 183 18.41 53.77 -40.11
C PHE Q 183 19.37 54.34 -39.08
N GLN Q 184 19.17 54.02 -37.80
CA GLN Q 184 20.09 54.49 -36.77
C GLN Q 184 21.52 54.05 -37.08
N VAL Q 185 21.71 52.77 -37.38
CA VAL Q 185 23.04 52.26 -37.68
C VAL Q 185 23.58 52.93 -38.93
N ILE Q 186 22.74 53.06 -39.96
CA ILE Q 186 23.21 53.67 -41.21
C ILE Q 186 23.69 55.09 -40.94
N ALA Q 187 22.93 55.85 -40.17
CA ALA Q 187 23.30 57.24 -39.86
C ALA Q 187 24.60 57.29 -39.07
N ARG Q 188 24.73 56.43 -38.05
CA ARG Q 188 25.95 56.43 -37.26
C ARG Q 188 27.16 56.08 -38.10
N ARG Q 189 26.98 55.23 -39.12
CA ARG Q 189 28.06 54.87 -40.04
C ARG Q 189 27.93 55.56 -41.39
N TYR Q 190 27.35 56.77 -41.41
CA TYR Q 190 27.14 57.46 -42.68
C TYR Q 190 28.47 57.76 -43.37
N GLU Q 191 29.40 58.39 -42.65
CA GLU Q 191 30.70 58.75 -43.21
C GLU Q 191 31.80 58.48 -42.19
N HIS Q 192 31.73 57.33 -41.52
CA HIS Q 192 32.69 56.97 -40.50
C HIS Q 192 33.44 55.69 -40.80
N ALA Q 193 32.78 54.71 -41.42
CA ALA Q 193 33.43 53.45 -41.79
C ALA Q 193 32.62 52.79 -42.89
N PRO Q 194 33.25 51.99 -43.75
CA PRO Q 194 32.52 51.38 -44.85
C PRO Q 194 31.54 50.32 -44.37
N ILE Q 195 30.51 50.09 -45.18
CA ILE Q 195 29.54 49.03 -44.97
C ILE Q 195 29.50 48.16 -46.21
N ILE Q 196 29.59 46.85 -46.02
CA ILE Q 196 29.48 45.87 -47.10
C ILE Q 196 28.13 45.18 -46.95
N LEU Q 197 27.29 45.34 -47.97
CA LEU Q 197 25.92 44.83 -47.92
C LEU Q 197 25.66 43.94 -49.13
N THR Q 198 24.83 42.93 -48.93
CA THR Q 198 24.42 42.02 -49.98
C THR Q 198 22.90 41.92 -49.99
N SER Q 199 22.30 41.93 -51.18
CA SER Q 199 20.86 41.88 -51.30
C SER Q 199 20.49 41.30 -52.64
N ASN Q 200 19.22 40.89 -52.77
CA ASN Q 200 18.69 40.35 -54.01
C ASN Q 200 17.62 41.25 -54.63
N LYS Q 201 17.18 42.29 -53.94
CA LYS Q 201 16.14 43.17 -54.42
C LYS Q 201 16.73 44.45 -54.99
N SER Q 202 16.02 45.05 -55.94
CA SER Q 202 16.41 46.34 -56.46
C SER Q 202 16.14 47.43 -55.42
N PHE Q 203 16.77 48.58 -55.63
CA PHE Q 203 16.67 49.66 -54.65
C PHE Q 203 15.24 50.10 -54.44
N GLY Q 204 14.44 50.13 -55.51
CA GLY Q 204 13.07 50.57 -55.39
C GLY Q 204 12.25 49.72 -54.44
N GLU Q 205 12.50 48.41 -54.43
CA GLU Q 205 11.73 47.51 -53.57
C GLU Q 205 12.02 47.73 -52.09
N TRP Q 206 13.10 48.45 -51.76
CA TRP Q 206 13.42 48.68 -50.36
C TRP Q 206 12.29 49.40 -49.64
N GLY Q 207 11.50 50.20 -50.35
CA GLY Q 207 10.34 50.81 -49.73
C GLY Q 207 9.37 49.78 -49.19
N GLU Q 208 9.08 48.75 -49.97
CA GLU Q 208 8.23 47.68 -49.48
C GLU Q 208 8.94 46.83 -48.43
N ILE Q 209 10.25 46.65 -48.58
CA ILE Q 209 11.00 45.84 -47.61
C ILE Q 209 10.92 46.46 -46.22
N VAL Q 210 11.08 47.79 -46.14
CA VAL Q 210 11.14 48.47 -44.85
C VAL Q 210 9.78 48.99 -44.40
N GLY Q 211 8.77 49.00 -45.28
CA GLY Q 211 7.47 49.49 -44.91
C GLY Q 211 7.34 51.00 -44.88
N ASP Q 212 8.27 51.72 -45.49
CA ASP Q 212 8.21 53.18 -45.51
C ASP Q 212 9.06 53.67 -46.66
N SER Q 213 8.44 54.38 -47.62
CA SER Q 213 9.17 54.84 -48.79
C SER Q 213 10.21 55.90 -48.43
N VAL Q 214 9.86 56.81 -47.52
CA VAL Q 214 10.77 57.91 -47.19
C VAL Q 214 11.98 57.41 -46.43
N LEU Q 215 11.77 56.50 -45.48
CA LEU Q 215 12.90 55.90 -44.78
C LEU Q 215 13.81 55.15 -45.74
N ALA Q 216 13.20 54.40 -46.67
CA ALA Q 216 14.00 53.71 -47.68
C ALA Q 216 14.81 54.69 -48.50
N THR Q 217 14.19 55.80 -48.92
CA THR Q 217 14.89 56.79 -49.71
C THR Q 217 16.07 57.37 -48.94
N ALA Q 218 15.85 57.73 -47.67
CA ALA Q 218 16.93 58.31 -46.87
C ALA Q 218 18.07 57.33 -46.68
N MET Q 219 17.74 56.09 -46.33
CA MET Q 219 18.78 55.08 -46.13
C MET Q 219 19.55 54.82 -47.42
N LEU Q 220 18.83 54.72 -48.55
CA LEU Q 220 19.50 54.51 -49.82
C LEU Q 220 20.41 55.67 -50.16
N ASP Q 221 19.96 56.90 -49.92
CA ASP Q 221 20.80 58.06 -50.21
C ASP Q 221 22.07 58.02 -49.38
N ARG Q 222 21.93 57.78 -48.08
CA ARG Q 222 23.11 57.76 -47.21
C ARG Q 222 24.05 56.62 -47.58
N LEU Q 223 23.50 55.46 -47.95
CA LEU Q 223 24.34 54.31 -48.29
C LEU Q 223 25.04 54.51 -49.63
N LEU Q 224 24.36 55.10 -50.59
CA LEU Q 224 24.86 55.25 -51.96
C LEU Q 224 25.63 56.54 -52.18
N HIS Q 225 25.69 57.42 -51.18
CA HIS Q 225 26.46 58.65 -51.34
C HIS Q 225 27.90 58.33 -51.73
N HIS Q 226 28.51 57.37 -51.05
CA HIS Q 226 29.85 56.87 -51.38
C HIS Q 226 29.74 55.34 -51.45
N SER Q 227 29.56 54.81 -52.65
CA SER Q 227 29.30 53.38 -52.81
C SER Q 227 29.83 52.91 -54.16
N ILE Q 228 30.05 51.60 -54.23
CA ILE Q 228 30.44 50.91 -55.46
C ILE Q 228 29.57 49.67 -55.57
N ILE Q 229 28.67 49.65 -56.53
CA ILE Q 229 27.68 48.58 -56.63
C ILE Q 229 28.21 47.50 -57.56
N PHE Q 230 27.71 46.27 -57.36
CA PHE Q 230 28.05 45.11 -58.19
C PHE Q 230 26.75 44.39 -58.52
N ASN Q 231 26.17 44.71 -59.68
CA ASN Q 231 24.96 44.06 -60.15
C ASN Q 231 25.37 42.81 -60.92
N LEU Q 232 25.43 41.68 -60.21
CA LEU Q 232 25.87 40.43 -60.79
C LEU Q 232 24.68 39.59 -61.22
N LYS Q 233 24.88 38.81 -62.28
CA LYS Q 233 23.85 37.94 -62.81
C LYS Q 233 24.49 36.66 -63.31
N GLY Q 234 23.72 35.59 -63.32
CA GLY Q 234 24.22 34.31 -63.80
C GLY Q 234 23.42 33.17 -63.22
N GLU Q 235 23.90 31.95 -63.53
CA GLU Q 235 23.25 30.74 -63.07
C GLU Q 235 23.64 30.45 -61.63
N SER Q 236 22.67 29.95 -60.85
CA SER Q 236 22.93 29.65 -59.44
C SER Q 236 24.01 28.59 -59.31
N TYR Q 237 25.09 28.95 -58.61
CA TYR Q 237 26.20 28.01 -58.46
C TYR Q 237 25.78 26.79 -57.66
N ARG Q 238 24.83 26.93 -56.74
CA ARG Q 238 24.31 25.76 -56.04
C ARG Q 238 23.70 24.78 -57.02
N LEU Q 239 22.85 25.26 -57.91
CA LEU Q 239 22.22 24.40 -58.90
C LEU Q 239 23.26 23.79 -59.84
N ARG Q 240 24.24 24.58 -60.24
CA ARG Q 240 25.28 24.05 -61.13
C ARG Q 240 26.11 22.97 -60.46
N GLU Q 241 26.44 23.16 -59.18
CA GLU Q 241 27.16 22.13 -58.44
C GLU Q 241 26.31 20.87 -58.30
N LYS Q 242 25.01 21.03 -58.05
CA LYS Q 242 24.12 19.87 -58.00
C LYS Q 242 24.11 19.14 -59.33
N ARG Q 243 24.05 19.88 -60.43
CA ARG Q 243 24.08 19.26 -61.75
C ARG Q 243 25.38 18.50 -61.97
N LEU Q 244 26.51 19.10 -61.58
CA LEU Q 244 27.80 18.43 -61.75
C LEU Q 244 27.86 17.16 -60.91
N GLN Q 245 27.34 17.21 -59.69
CA GLN Q 245 27.27 16.02 -58.85
C GLN Q 245 26.41 14.95 -59.51
N GLU Q 246 25.30 15.35 -60.12
CA GLU Q 246 24.46 14.39 -60.84
C GLU Q 246 25.24 13.73 -61.97
N GLU Q 247 25.98 14.52 -62.74
CA GLU Q 247 26.78 13.96 -63.83
C GLU Q 247 28.21 13.69 -63.34
N ASN R 1 66.46 48.04 -43.63
CA ASN R 1 67.32 47.92 -42.43
C ASN R 1 66.75 46.87 -41.47
N MET R 2 67.43 46.68 -40.34
CA MET R 2 67.03 45.63 -39.40
C MET R 2 66.90 46.20 -37.98
N LYS R 3 67.72 47.19 -37.65
CA LYS R 3 67.66 47.78 -36.32
C LYS R 3 66.31 48.45 -36.07
N GLU R 4 65.80 49.18 -37.07
CA GLU R 4 64.51 49.84 -36.90
C GLU R 4 63.40 48.83 -36.72
N ARG R 5 63.46 47.70 -37.44
CA ARG R 5 62.49 46.64 -37.23
C ARG R 5 62.59 46.09 -35.82
N ILE R 6 63.81 45.96 -35.30
CA ILE R 6 64.00 45.50 -33.92
C ILE R 6 63.30 46.46 -32.96
N HIS R 7 63.53 47.76 -33.14
CA HIS R 7 62.92 48.75 -32.25
C HIS R 7 61.40 48.70 -32.34
N GLU R 8 60.86 48.61 -33.56
CA GLU R 8 59.41 48.57 -33.73
C GLU R 8 58.81 47.34 -33.08
N TYR R 9 59.44 46.18 -33.28
CA TYR R 9 58.93 44.95 -32.69
C TYR R 9 58.99 45.01 -31.16
N CYS R 10 60.09 45.54 -30.61
CA CYS R 10 60.19 45.66 -29.16
C CYS R 10 59.10 46.56 -28.61
N HIS R 11 58.84 47.69 -29.28
CA HIS R 11 57.76 48.57 -28.83
C HIS R 11 56.41 47.87 -28.93
N ARG R 12 56.18 47.12 -30.01
CA ARG R 12 54.92 46.38 -30.15
C ARG R 12 54.77 45.32 -29.07
N LEU R 13 55.89 44.79 -28.57
CA LEU R 13 55.91 43.76 -27.55
C LEU R 13 55.94 44.34 -26.15
N HIS R 14 55.85 45.66 -26.01
CA HIS R 14 55.85 46.32 -24.70
C HIS R 14 57.21 46.24 -24.01
N LEU R 15 58.29 46.25 -24.79
CA LEU R 15 59.65 46.17 -24.26
C LEU R 15 60.47 47.35 -24.76
N PRO R 16 60.06 48.59 -24.46
CA PRO R 16 60.90 49.74 -24.80
C PRO R 16 62.26 49.70 -24.10
N VAL R 17 62.31 49.19 -22.87
CA VAL R 17 63.58 49.11 -22.16
C VAL R 17 64.54 48.19 -22.91
N MET R 18 64.06 47.04 -23.35
CA MET R 18 64.90 46.14 -24.13
C MET R 18 65.31 46.78 -25.45
N ALA R 19 64.38 47.52 -26.08
CA ALA R 19 64.70 48.19 -27.33
C ALA R 19 65.85 49.18 -27.15
N GLU R 20 65.82 49.93 -26.05
CA GLU R 20 66.86 50.92 -25.81
C GLU R 20 68.17 50.28 -25.36
N ARG R 21 68.09 49.25 -24.53
CA ARG R 21 69.29 48.68 -23.92
C ARG R 21 70.03 47.76 -24.89
N TRP R 22 69.32 47.05 -25.77
CA TRP R 22 69.94 45.97 -26.52
C TRP R 22 71.09 46.46 -27.38
N SER R 23 71.07 47.72 -27.81
CA SER R 23 72.20 48.24 -28.57
C SER R 23 73.47 48.25 -27.72
N ALA R 24 73.39 48.85 -26.52
CA ALA R 24 74.56 48.93 -25.65
C ALA R 24 74.97 47.54 -25.16
N MET R 25 73.99 46.70 -24.84
CA MET R 25 74.32 45.35 -24.37
C MET R 25 74.95 44.51 -25.47
N ALA R 26 74.49 44.67 -26.71
CA ALA R 26 75.12 43.98 -27.83
C ALA R 26 76.54 44.48 -28.05
N GLU R 27 76.75 45.80 -27.93
CA GLU R 27 78.11 46.32 -28.00
C GLU R 27 78.99 45.72 -26.90
N TYR R 28 78.44 45.61 -25.69
CA TYR R 28 79.17 45.00 -24.58
C TYR R 28 79.53 43.55 -24.90
N ALA R 29 78.57 42.79 -25.42
CA ALA R 29 78.82 41.39 -25.74
C ALA R 29 79.90 41.27 -26.81
N SER R 30 79.85 42.13 -27.83
CA SER R 30 80.88 42.11 -28.87
C SER R 30 82.24 42.43 -28.28
N THR R 31 82.31 43.41 -27.38
CA THR R 31 83.60 43.79 -26.81
C THR R 31 84.20 42.67 -25.98
N HIS R 32 83.35 41.85 -25.33
CA HIS R 32 83.82 40.75 -24.49
C HIS R 32 83.46 39.39 -25.04
N ASN R 33 82.88 39.32 -26.25
CA ASN R 33 82.48 38.05 -26.86
C ASN R 33 81.55 37.28 -25.92
N ILE R 34 80.61 38.00 -25.30
CA ILE R 34 79.66 37.35 -24.41
C ILE R 34 78.74 36.44 -25.20
N SER R 35 78.31 35.35 -24.57
CA SER R 35 77.37 34.43 -25.20
C SER R 35 76.03 35.12 -25.42
N TYR R 36 75.33 34.72 -26.49
CA TYR R 36 73.99 35.24 -26.72
C TYR R 36 73.07 34.92 -25.55
N SER R 37 73.29 33.78 -24.90
CA SER R 37 72.49 33.43 -23.73
C SER R 37 72.62 34.48 -22.65
N GLU R 38 73.85 34.85 -22.30
CA GLU R 38 74.05 35.85 -21.26
C GLU R 38 73.64 37.24 -21.75
N PHE R 39 73.72 37.49 -23.06
CA PHE R 39 73.24 38.75 -23.60
C PHE R 39 71.74 38.91 -23.35
N LEU R 40 70.94 37.89 -23.72
CA LEU R 40 69.51 37.96 -23.42
C LEU R 40 69.26 37.94 -21.92
N PHE R 41 70.11 37.26 -21.16
CA PHE R 41 69.96 37.28 -19.71
C PHE R 41 70.06 38.71 -19.17
N ARG R 42 71.09 39.45 -19.62
CA ARG R 42 71.22 40.84 -19.20
C ARG R 42 70.03 41.66 -19.66
N LEU R 43 69.60 41.47 -20.91
CA LEU R 43 68.46 42.22 -21.42
C LEU R 43 67.23 42.02 -20.55
N LEU R 44 66.88 40.76 -20.29
CA LEU R 44 65.69 40.46 -19.51
C LEU R 44 65.84 40.90 -18.07
N GLU R 45 67.03 40.73 -17.48
CA GLU R 45 67.25 41.21 -16.12
C GLU R 45 66.97 42.70 -16.02
N ALA R 46 67.56 43.48 -16.93
CA ALA R 46 67.36 44.93 -16.88
C ALA R 46 65.90 45.30 -17.11
N GLU R 47 65.26 44.65 -18.09
CA GLU R 47 63.88 44.96 -18.39
C GLU R 47 62.99 44.67 -17.20
N ILE R 48 63.17 43.51 -16.56
CA ILE R 48 62.36 43.15 -15.41
C ILE R 48 62.65 44.07 -14.23
N VAL R 49 63.91 44.50 -14.08
CA VAL R 49 64.23 45.44 -13.01
C VAL R 49 63.48 46.75 -13.20
N GLU R 50 63.52 47.29 -14.41
CA GLU R 50 62.81 48.54 -14.67
C GLU R 50 61.31 48.37 -14.50
N LYS R 51 60.77 47.24 -14.98
CA LYS R 51 59.34 46.98 -14.83
C LYS R 51 58.95 46.90 -13.35
N GLN R 52 59.78 46.24 -12.54
CA GLN R 52 59.50 46.13 -11.12
C GLN R 52 59.54 47.50 -10.45
N ALA R 53 60.52 48.33 -10.82
CA ALA R 53 60.57 49.67 -10.25
C ALA R 53 59.33 50.47 -10.62
N ARG R 54 58.91 50.39 -11.89
CA ARG R 54 57.71 51.09 -12.31
C ARG R 54 56.48 50.58 -11.57
N SER R 55 56.38 49.26 -11.39
CA SER R 55 55.25 48.69 -10.68
C SER R 55 55.22 49.15 -9.23
N ILE R 56 56.39 49.19 -8.58
CA ILE R 56 56.46 49.63 -7.19
C ILE R 56 56.02 51.09 -7.08
N GLN R 57 56.52 51.95 -7.98
CA GLN R 57 56.12 53.35 -7.95
C GLN R 57 54.62 53.50 -8.22
N THR R 58 54.09 52.71 -9.16
CA THR R 58 52.66 52.76 -9.45
C THR R 58 51.84 52.33 -8.24
N LEU R 59 52.27 51.27 -7.55
CA LEU R 59 51.57 50.85 -6.34
C LEU R 59 51.62 51.93 -5.28
N ILE R 60 52.76 52.59 -5.12
CA ILE R 60 52.85 53.70 -4.17
C ILE R 60 51.87 54.80 -4.57
N LYS R 61 51.74 55.06 -5.88
CA LYS R 61 50.77 56.04 -6.35
C LYS R 61 49.36 55.62 -5.97
N LEU R 62 49.03 54.36 -6.19
CA LEU R 62 47.71 53.86 -5.80
C LEU R 62 47.52 53.95 -4.29
N SER R 63 48.54 53.54 -3.54
CA SER R 63 48.49 53.70 -2.09
C SER R 63 48.44 55.18 -1.73
N LYS R 64 47.54 55.54 -0.81
CA LYS R 64 47.37 56.94 -0.40
C LYS R 64 48.43 57.31 0.63
N LEU R 65 49.69 57.18 0.21
CA LEU R 65 50.81 57.50 1.09
C LEU R 65 51.09 59.00 1.03
N PRO R 66 50.93 59.73 2.13
CA PRO R 66 51.23 61.17 2.09
C PRO R 66 52.69 61.47 1.82
N TYR R 67 53.58 60.52 2.05
CA TYR R 67 55.01 60.72 1.83
C TYR R 67 55.71 59.38 1.96
N ARG R 68 56.93 59.31 1.43
CA ARG R 68 57.72 58.09 1.44
C ARG R 68 58.76 58.17 2.55
N LYS R 69 58.76 57.16 3.42
CA LYS R 69 59.71 57.10 4.52
C LYS R 69 60.02 55.63 4.79
N THR R 70 61.27 55.35 5.17
CA THR R 70 61.74 54.00 5.35
C THR R 70 62.18 53.78 6.80
N ILE R 71 62.14 52.51 7.21
CA ILE R 71 62.45 52.15 8.59
C ILE R 71 63.87 52.59 8.95
N ASP R 72 64.80 52.49 8.01
CA ASP R 72 66.18 52.89 8.28
C ASP R 72 66.25 54.32 8.79
N THR R 73 65.30 55.17 8.38
CA THR R 73 65.27 56.54 8.88
C THR R 73 64.96 56.60 10.37
N PHE R 74 64.37 55.55 10.94
CA PHE R 74 63.93 55.56 12.33
C PHE R 74 65.12 55.29 13.24
N ASP R 75 65.60 56.32 13.92
CA ASP R 75 66.67 56.17 14.89
C ASP R 75 66.11 55.54 16.16
N PHE R 76 66.54 54.32 16.47
CA PHE R 76 66.03 53.61 17.63
C PHE R 76 66.70 54.06 18.94
N THR R 77 67.86 54.72 18.85
CA THR R 77 68.52 55.20 20.06
C THR R 77 67.68 56.27 20.75
N ALA R 78 67.08 57.18 19.97
CA ALA R 78 66.22 58.20 20.53
C ALA R 78 64.94 57.64 21.13
N GLN R 79 64.61 56.39 20.84
CA GLN R 79 63.40 55.73 21.35
C GLN R 79 63.83 54.41 21.99
N PRO R 80 64.31 54.45 23.24
CA PRO R 80 64.70 53.19 23.90
C PRO R 80 63.56 52.20 24.06
N SER R 81 62.31 52.65 24.04
CA SER R 81 61.19 51.74 24.25
C SER R 81 61.12 50.68 23.16
N VAL R 82 61.31 51.08 21.89
CA VAL R 82 61.20 50.13 20.80
C VAL R 82 62.38 49.18 20.82
N ASP R 83 62.14 47.95 20.36
CA ASP R 83 63.17 46.93 20.24
C ASP R 83 63.42 46.65 18.77
N GLU R 84 64.69 46.75 18.35
CA GLU R 84 65.02 46.56 16.96
C GLU R 84 64.65 45.15 16.49
N ARG R 85 64.71 44.16 17.38
CA ARG R 85 64.38 42.79 16.99
C ARG R 85 62.95 42.71 16.47
N ARG R 86 61.99 43.23 17.24
CA ARG R 86 60.58 43.13 16.84
C ARG R 86 60.30 43.95 15.60
N ILE R 87 60.92 45.12 15.48
CA ILE R 87 60.72 45.95 14.30
C ILE R 87 61.22 45.22 13.05
N ARG R 88 62.40 44.61 13.14
CA ARG R 88 62.92 43.86 12.00
C ARG R 88 62.04 42.65 11.70
N GLU R 89 61.54 41.99 12.73
CA GLU R 89 60.62 40.88 12.51
C GLU R 89 59.39 41.34 11.74
N LEU R 90 58.86 42.52 12.09
CA LEU R 90 57.77 43.09 11.32
C LEU R 90 58.19 43.36 9.89
N LEU R 91 59.40 43.88 9.70
CA LEU R 91 59.90 44.13 8.34
C LEU R 91 59.95 42.85 7.53
N THR R 92 60.16 41.71 8.19
CA THR R 92 60.18 40.43 7.49
C THR R 92 58.82 40.09 6.88
N LEU R 93 57.75 40.78 7.28
CA LEU R 93 56.42 40.58 6.71
C LEU R 93 55.89 39.18 6.96
N SER R 94 56.27 38.56 8.09
CA SER R 94 55.69 37.28 8.46
C SER R 94 54.27 37.44 8.99
N PHE R 95 53.89 38.64 9.40
CA PHE R 95 52.53 38.86 9.90
C PHE R 95 51.49 38.59 8.82
N ILE R 96 51.83 38.88 7.55
CA ILE R 96 50.92 38.62 6.46
C ILE R 96 50.59 37.14 6.39
N ASP R 97 51.62 36.30 6.47
CA ASP R 97 51.41 34.85 6.49
C ASP R 97 50.64 34.44 7.74
N ARG R 98 50.98 35.00 8.89
CA ARG R 98 50.32 34.66 10.13
C ARG R 98 49.02 35.44 10.35
N LYS R 99 48.74 36.44 9.53
CA LYS R 99 47.51 37.22 9.63
C LYS R 99 47.39 37.88 11.01
N GLU R 100 48.37 38.72 11.32
CA GLU R 100 48.43 39.42 12.59
C GLU R 100 48.13 40.89 12.37
N ASN R 101 47.23 41.44 13.18
CA ASN R 101 46.86 42.85 13.10
C ASN R 101 47.80 43.64 14.00
N ILE R 102 48.61 44.50 13.41
CA ILE R 102 49.63 45.25 14.13
C ILE R 102 49.02 46.54 14.66
N LEU R 103 49.23 46.80 15.95
CA LEU R 103 48.70 47.99 16.61
C LEU R 103 49.84 48.75 17.27
N PHE R 104 49.79 50.08 17.14
CA PHE R 104 50.75 50.97 17.77
C PHE R 104 50.01 51.93 18.69
N LEU R 105 50.50 52.06 19.93
CA LEU R 105 49.89 52.93 20.92
C LEU R 105 50.97 53.73 21.63
N GLY R 106 50.62 54.96 22.02
CA GLY R 106 51.52 55.81 22.76
C GLY R 106 51.17 57.27 22.61
N PRO R 107 51.80 58.12 23.42
CA PRO R 107 51.55 59.57 23.31
C PRO R 107 52.01 60.10 21.97
N PRO R 108 51.55 61.28 21.57
CA PRO R 108 51.86 61.79 20.23
C PRO R 108 53.35 62.04 20.04
N GLY R 109 53.79 61.90 18.79
CA GLY R 109 55.13 62.30 18.40
C GLY R 109 56.21 61.24 18.54
N ILE R 110 55.86 60.03 19.00
CA ILE R 110 56.87 58.99 19.20
C ILE R 110 57.49 58.59 17.86
N GLY R 111 56.65 58.38 16.85
CA GLY R 111 57.12 57.96 15.55
C GLY R 111 56.51 56.66 15.08
N LYS R 112 55.42 56.25 15.73
CA LYS R 112 54.77 54.99 15.35
C LYS R 112 54.21 55.06 13.94
N THR R 113 53.59 56.17 13.56
CA THR R 113 53.07 56.30 12.21
C THR R 113 54.18 56.19 11.17
N HIS R 114 55.38 56.69 11.51
CA HIS R 114 56.51 56.53 10.62
C HIS R 114 56.83 55.05 10.39
N LEU R 115 56.82 54.26 11.47
CA LEU R 115 57.06 52.82 11.35
C LEU R 115 55.99 52.16 10.49
N ALA R 116 54.72 52.54 10.72
CA ALA R 116 53.64 51.95 9.93
C ALA R 116 53.82 52.26 8.46
N ILE R 117 54.16 53.51 8.13
CA ILE R 117 54.34 53.89 6.74
C ILE R 117 55.54 53.16 6.13
N SER R 118 56.60 52.97 6.92
CA SER R 118 57.75 52.22 6.43
C SER R 118 57.38 50.78 6.11
N ILE R 119 56.61 50.14 7.00
CA ILE R 119 56.17 48.77 6.74
C ILE R 119 55.29 48.72 5.50
N GLY R 120 54.40 49.70 5.33
CA GLY R 120 53.59 49.76 4.13
C GLY R 120 54.42 49.92 2.88
N MET R 121 55.48 50.75 2.95
CA MET R 121 56.37 50.93 1.81
C MET R 121 57.07 49.63 1.47
N GLU R 122 57.53 48.89 2.47
CA GLU R 122 58.15 47.60 2.21
C GLU R 122 57.16 46.64 1.56
N ALA R 123 55.92 46.62 2.07
CA ALA R 123 54.91 45.75 1.48
C ALA R 123 54.65 46.10 0.02
N ILE R 124 54.59 47.40 -0.28
CA ILE R 124 54.42 47.84 -1.67
C ILE R 124 55.61 47.37 -2.51
N ALA R 125 56.82 47.52 -1.98
CA ALA R 125 58.02 47.16 -2.72
C ALA R 125 58.02 45.66 -3.05
N ARG R 126 57.62 44.83 -2.09
CA ARG R 126 57.63 43.39 -2.29
C ARG R 126 56.44 42.89 -3.10
N GLY R 127 55.61 43.78 -3.62
CA GLY R 127 54.51 43.41 -4.48
C GLY R 127 53.16 43.33 -3.79
N TYR R 128 53.14 43.24 -2.47
CA TYR R 128 51.89 43.18 -1.75
C TYR R 128 51.18 44.52 -1.82
N LYS R 129 49.93 44.52 -2.27
CA LYS R 129 49.16 45.75 -2.35
C LYS R 129 48.99 46.36 -0.96
N THR R 130 49.10 47.67 -0.89
CA THR R 130 48.96 48.40 0.36
C THR R 130 48.05 49.60 0.15
N TYR R 131 47.27 49.91 1.18
CA TYR R 131 46.39 51.07 1.16
C TYR R 131 46.50 51.80 2.49
N PHE R 132 46.33 53.12 2.44
CA PHE R 132 46.44 53.97 3.61
C PHE R 132 45.20 54.84 3.71
N ILE R 133 44.71 55.03 4.93
CA ILE R 133 43.52 55.85 5.15
C ILE R 133 43.48 56.24 6.62
N THR R 134 42.83 57.36 6.92
CA THR R 134 42.61 57.80 8.28
C THR R 134 41.21 57.39 8.72
N ALA R 135 41.04 57.27 10.04
CA ALA R 135 39.75 56.86 10.59
C ALA R 135 38.65 57.82 10.15
N HIS R 136 38.90 59.12 10.28
CA HIS R 136 37.89 60.11 9.91
C HIS R 136 37.60 60.06 8.41
N ASP R 137 38.65 59.99 7.59
CA ASP R 137 38.44 59.91 6.15
C ASP R 137 37.73 58.63 5.76
N LEU R 138 38.10 57.51 6.38
CA LEU R 138 37.41 56.25 6.12
C LEU R 138 35.93 56.37 6.44
N VAL R 139 35.62 56.96 7.60
CA VAL R 139 34.23 57.11 8.03
C VAL R 139 33.47 57.98 7.03
N ASN R 140 34.07 59.10 6.62
CA ASN R 140 33.37 60.00 5.71
C ASN R 140 33.12 59.34 4.36
N GLN R 141 34.14 58.64 3.82
CA GLN R 141 33.98 57.98 2.54
C GLN R 141 32.90 56.91 2.62
N LEU R 142 32.90 56.13 3.71
CA LEU R 142 31.88 55.09 3.86
C LEU R 142 30.49 55.71 4.00
N ARG R 143 30.37 56.83 4.71
CA ARG R 143 29.09 57.51 4.83
C ARG R 143 28.58 57.93 3.47
N ARG R 144 29.42 58.58 2.68
CA ARG R 144 29.00 59.04 1.36
C ARG R 144 28.65 57.86 0.46
N ALA R 145 29.42 56.78 0.53
CA ALA R 145 29.13 55.60 -0.29
C ALA R 145 27.78 55.00 0.10
N ASP R 146 27.51 54.89 1.40
CA ASP R 146 26.21 54.35 1.84
C ASP R 146 25.08 55.26 1.38
N GLN R 147 25.29 56.57 1.43
CA GLN R 147 24.28 57.49 0.92
C GLN R 147 24.03 57.26 -0.56
N GLU R 148 25.09 57.05 -1.33
CA GLU R 148 24.96 56.84 -2.77
C GLU R 148 24.57 55.42 -3.14
N GLY R 149 24.56 54.49 -2.20
CA GLY R 149 24.23 53.11 -2.49
C GLY R 149 25.37 52.27 -2.98
N LYS R 150 26.58 52.83 -3.08
CA LYS R 150 27.77 52.09 -3.50
C LYS R 150 28.60 51.63 -2.32
N LEU R 151 27.94 51.30 -1.19
CA LEU R 151 28.69 50.94 0.01
C LEU R 151 29.56 49.72 -0.22
N GLU R 152 29.03 48.71 -0.92
CA GLU R 152 29.82 47.51 -1.20
C GLU R 152 31.09 47.86 -1.95
N LYS R 153 31.01 48.84 -2.85
CA LYS R 153 32.18 49.20 -3.65
C LYS R 153 33.31 49.70 -2.76
N LYS R 154 33.01 50.64 -1.85
CA LYS R 154 34.06 51.16 -0.98
C LYS R 154 34.51 50.13 0.04
N LEU R 155 33.58 49.31 0.53
CA LEU R 155 33.98 48.21 1.42
C LEU R 155 35.01 47.32 0.73
N ARG R 156 34.76 46.98 -0.53
CA ARG R 156 35.74 46.19 -1.27
C ARG R 156 37.02 46.97 -1.51
N VAL R 157 36.91 48.28 -1.72
CA VAL R 157 38.11 49.09 -1.92
C VAL R 157 39.01 49.03 -0.69
N PHE R 158 38.41 49.00 0.49
CA PHE R 158 39.18 48.94 1.73
C PHE R 158 39.54 47.52 2.14
N VAL R 159 38.89 46.51 1.58
CA VAL R 159 39.18 45.12 1.94
C VAL R 159 40.23 44.52 1.01
N LYS R 160 40.15 44.81 -0.28
CA LYS R 160 41.09 44.23 -1.24
C LYS R 160 42.54 44.50 -0.87
N PRO R 161 42.94 45.70 -0.45
CA PRO R 161 44.35 45.92 -0.10
C PRO R 161 44.90 44.85 0.84
N THR R 162 45.98 44.19 0.41
CA THR R 162 46.56 43.14 1.23
C THR R 162 46.99 43.67 2.59
N VAL R 163 47.32 44.95 2.68
CA VAL R 163 47.73 45.58 3.93
C VAL R 163 47.06 46.95 4.00
N LEU R 164 46.07 47.08 4.88
CA LEU R 164 45.39 48.35 5.11
C LEU R 164 45.95 49.04 6.33
N ILE R 165 46.19 50.33 6.22
CA ILE R 165 46.82 51.12 7.29
C ILE R 165 45.82 52.19 7.71
N ILE R 166 45.16 51.97 8.85
CA ILE R 166 44.28 52.96 9.44
C ILE R 166 45.09 53.83 10.38
N ASP R 167 45.01 55.14 10.18
CA ASP R 167 45.84 56.09 10.90
C ASP R 167 44.98 57.12 11.61
N GLN R 168 45.57 57.73 12.64
CA GLN R 168 44.90 58.77 13.43
C GLN R 168 43.57 58.28 13.97
N MET R 169 43.59 57.07 14.53
CA MET R 169 42.42 56.47 15.16
C MET R 169 42.41 56.89 16.63
N GLY R 170 41.53 57.82 16.98
CA GLY R 170 41.42 58.27 18.35
C GLY R 170 41.43 59.78 18.50
N TYR R 171 42.21 60.46 17.66
CA TYR R 171 42.28 61.91 17.74
C TYR R 171 40.91 62.55 17.51
N LEU R 172 40.14 62.00 16.58
CA LEU R 172 38.80 62.48 16.27
C LEU R 172 37.78 61.48 16.79
N LYS R 173 36.75 62.00 17.47
CA LYS R 173 35.71 61.15 18.04
C LYS R 173 34.74 60.68 16.94
N LEU R 174 34.15 59.51 17.17
CA LEU R 174 33.30 58.86 16.19
C LEU R 174 31.90 58.64 16.75
N ASP R 175 30.89 58.85 15.91
CA ASP R 175 29.50 58.60 16.25
C ASP R 175 29.15 57.14 15.99
N PRO R 176 28.05 56.64 16.56
CA PRO R 176 27.74 55.21 16.40
C PRO R 176 27.60 54.77 14.95
N ASN R 177 27.07 55.63 14.08
CA ASN R 177 27.00 55.27 12.67
C ASN R 177 28.40 55.02 12.11
N SER R 178 29.34 55.91 12.41
CA SER R 178 30.73 55.69 12.04
C SER R 178 31.28 54.44 12.72
N ALA R 179 30.83 54.14 13.93
CA ALA R 179 31.28 52.93 14.60
C ALA R 179 30.89 51.69 13.81
N HIS R 180 29.64 51.64 13.33
CA HIS R 180 29.22 50.49 12.54
C HIS R 180 29.92 50.46 11.19
N TYR R 181 30.16 51.63 10.60
CA TYR R 181 30.89 51.68 9.33
C TYR R 181 32.29 51.08 9.49
N LEU R 182 32.98 51.44 10.58
CA LEU R 182 34.30 50.86 10.85
C LEU R 182 34.20 49.37 11.16
N PHE R 183 33.15 48.97 11.89
CA PHE R 183 32.99 47.57 12.25
C PHE R 183 32.82 46.70 11.02
N GLN R 184 32.09 47.20 10.01
CA GLN R 184 31.93 46.43 8.78
C GLN R 184 33.29 46.12 8.15
N VAL R 185 34.16 47.12 8.06
CA VAL R 185 35.49 46.89 7.50
C VAL R 185 36.27 45.89 8.35
N ILE R 186 36.22 46.07 9.67
CA ILE R 186 36.97 45.17 10.55
C ILE R 186 36.50 43.73 10.35
N ALA R 187 35.19 43.53 10.30
CA ALA R 187 34.64 42.19 10.13
C ALA R 187 35.04 41.60 8.78
N ARG R 188 34.92 42.39 7.70
CA ARG R 188 35.31 41.88 6.39
C ARG R 188 36.78 41.51 6.35
N ARG R 189 37.61 42.19 7.15
CA ARG R 189 39.04 41.90 7.22
C ARG R 189 39.41 41.14 8.49
N TYR R 190 38.45 40.45 9.10
CA TYR R 190 38.71 39.80 10.39
C TYR R 190 39.83 38.77 10.27
N GLU R 191 39.73 37.86 9.31
CA GLU R 191 40.71 36.79 9.14
C GLU R 191 41.05 36.60 7.68
N HIS R 192 41.23 37.70 6.96
CA HIS R 192 41.61 37.65 5.55
C HIS R 192 42.89 38.39 5.24
N ALA R 193 43.09 39.57 5.83
CA ALA R 193 44.29 40.37 5.57
C ALA R 193 44.68 41.08 6.86
N PRO R 194 45.97 41.38 7.05
CA PRO R 194 46.37 42.14 8.23
C PRO R 194 45.93 43.59 8.15
N ILE R 195 45.86 44.21 9.33
CA ILE R 195 45.54 45.63 9.46
C ILE R 195 46.59 46.27 10.35
N ILE R 196 47.15 47.39 9.91
CA ILE R 196 48.14 48.14 10.66
C ILE R 196 47.48 49.42 11.14
N LEU R 197 47.36 49.57 12.45
CA LEU R 197 46.64 50.69 13.05
C LEU R 197 47.52 51.40 14.06
N THR R 198 47.35 52.72 14.14
CA THR R 198 48.07 53.56 15.08
C THR R 198 47.08 54.44 15.81
N SER R 199 47.24 54.54 17.13
CA SER R 199 46.33 55.32 17.95
C SER R 199 47.07 55.83 19.18
N ASN R 200 46.48 56.85 19.82
CA ASN R 200 47.03 57.43 21.03
C ASN R 200 46.16 57.15 22.25
N LYS R 201 45.04 56.48 22.09
CA LYS R 201 44.11 56.20 23.19
C LYS R 201 44.19 54.73 23.56
N SER R 202 44.07 54.45 24.86
CA SER R 202 44.02 53.08 25.33
C SER R 202 42.75 52.39 24.85
N PHE R 203 42.78 51.07 24.84
CA PHE R 203 41.64 50.30 24.32
C PHE R 203 40.36 50.65 25.06
N GLY R 204 40.47 50.94 26.36
CA GLY R 204 39.27 51.26 27.13
C GLY R 204 38.57 52.51 26.61
N GLU R 205 39.33 53.50 26.16
CA GLU R 205 38.75 54.74 25.69
C GLU R 205 37.95 54.56 24.40
N TRP R 206 38.14 53.44 23.70
CA TRP R 206 37.43 53.24 22.44
C TRP R 206 35.92 53.24 22.64
N GLY R 207 35.47 52.84 23.84
CA GLY R 207 34.04 52.90 24.11
C GLY R 207 33.50 54.31 24.00
N GLU R 208 34.21 55.27 24.61
CA GLU R 208 33.82 56.67 24.47
C GLU R 208 34.04 57.17 23.05
N ILE R 209 35.10 56.68 22.40
CA ILE R 209 35.41 57.14 21.04
C ILE R 209 34.28 56.79 20.09
N VAL R 210 33.70 55.60 20.24
CA VAL R 210 32.68 55.12 19.32
C VAL R 210 31.26 55.35 19.82
N GLY R 211 31.09 55.71 21.08
CA GLY R 211 29.76 55.92 21.61
C GLY R 211 28.96 54.66 21.85
N ASP R 212 29.64 53.51 21.96
CA ASP R 212 28.96 52.25 22.23
C ASP R 212 29.98 51.26 22.77
N SER R 213 29.78 50.85 24.02
CA SER R 213 30.75 49.95 24.65
C SER R 213 30.79 48.59 23.95
N VAL R 214 29.62 48.08 23.55
CA VAL R 214 29.57 46.72 23.01
C VAL R 214 30.25 46.66 21.64
N LEU R 215 29.99 47.64 20.78
CA LEU R 215 30.67 47.68 19.49
C LEU R 215 32.18 47.82 19.67
N ALA R 216 32.60 48.65 20.62
CA ALA R 216 34.02 48.77 20.90
C ALA R 216 34.60 47.43 21.34
N THR R 217 33.88 46.70 22.20
CA THR R 217 34.36 45.40 22.64
C THR R 217 34.49 44.43 21.48
N ALA R 218 33.49 44.39 20.61
CA ALA R 218 33.53 43.48 19.47
C ALA R 218 34.69 43.81 18.54
N MET R 219 34.85 45.10 18.22
CA MET R 219 35.94 45.50 17.34
C MET R 219 37.29 45.18 17.96
N LEU R 220 37.43 45.44 19.27
CA LEU R 220 38.69 45.14 19.94
C LEU R 220 38.98 43.65 19.94
N ASP R 221 37.97 42.82 20.19
CA ASP R 221 38.17 41.39 20.18
C ASP R 221 38.62 40.91 18.79
N ARG R 222 37.92 41.37 17.75
CA ARG R 222 38.29 40.95 16.40
C ARG R 222 39.69 41.44 16.04
N LEU R 223 40.05 42.63 16.49
CA LEU R 223 41.35 43.20 16.15
C LEU R 223 42.48 42.52 16.90
N LEU R 224 42.24 42.14 18.15
CA LEU R 224 43.27 41.58 19.01
C LEU R 224 43.34 40.06 18.97
N HIS R 225 42.40 39.40 18.29
CA HIS R 225 42.47 37.94 18.20
C HIS R 225 43.83 37.50 17.66
N HIS R 226 44.26 38.12 16.56
CA HIS R 226 45.58 37.88 15.98
C HIS R 226 46.23 39.25 15.79
N SER R 227 47.15 39.61 16.67
CA SER R 227 47.70 40.96 16.67
C SER R 227 49.08 40.95 17.34
N ILE R 228 49.79 42.06 17.16
CA ILE R 228 51.06 42.32 17.84
C ILE R 228 51.07 43.79 18.20
N ILE R 229 50.91 44.10 19.48
CA ILE R 229 50.72 45.47 19.93
C ILE R 229 52.05 46.03 20.41
N PHE R 230 52.15 47.36 20.41
CA PHE R 230 53.33 48.06 20.91
C PHE R 230 52.85 49.33 21.62
N ASN R 231 52.88 49.31 22.95
CA ASN R 231 52.55 50.50 23.75
C ASN R 231 53.83 51.28 23.97
N LEU R 232 54.23 52.01 22.94
CA LEU R 232 55.49 52.74 22.96
C LEU R 232 55.34 54.04 23.74
N LYS R 233 56.42 54.42 24.42
CA LYS R 233 56.46 55.65 25.21
C LYS R 233 57.85 56.26 25.11
N GLY R 234 57.92 57.55 25.38
CA GLY R 234 59.20 58.25 25.32
C GLY R 234 58.99 59.74 25.16
N GLU R 235 59.97 60.38 24.53
CA GLU R 235 59.97 61.82 24.31
C GLU R 235 59.56 62.12 22.88
N SER R 236 58.70 63.13 22.72
CA SER R 236 58.19 63.49 21.39
C SER R 236 59.34 63.84 20.46
N TYR R 237 59.49 63.06 19.39
CA TYR R 237 60.54 63.32 18.41
C TYR R 237 60.42 64.72 17.82
N ARG R 238 59.19 65.20 17.63
CA ARG R 238 59.02 66.57 17.15
C ARG R 238 59.61 67.57 18.13
N LEU R 239 59.35 67.37 19.43
CA LEU R 239 59.92 68.27 20.43
C LEU R 239 61.44 68.18 20.47
N ARG R 240 61.98 66.97 20.29
CA ARG R 240 63.44 66.82 20.30
C ARG R 240 64.07 67.54 19.11
N GLU R 241 63.46 67.41 17.93
CA GLU R 241 63.96 68.14 16.76
C GLU R 241 63.85 69.65 16.99
N LYS R 242 62.76 70.09 17.60
CA LYS R 242 62.61 71.51 17.93
C LYS R 242 63.70 71.98 18.87
N ARG R 243 64.00 71.19 19.89
CA ARG R 243 65.05 71.56 20.84
C ARG R 243 66.41 71.62 20.15
N LEU R 244 66.69 70.65 19.28
CA LEU R 244 67.96 70.68 18.55
C LEU R 244 68.05 71.92 17.66
N GLN R 245 66.93 72.28 17.01
CA GLN R 245 66.91 73.50 16.23
C GLN R 245 67.18 74.72 17.10
N GLU R 246 66.61 74.74 18.31
CA GLU R 246 66.87 75.84 19.23
C GLU R 246 68.35 75.93 19.57
N GLU R 247 68.97 74.79 19.86
CA GLU R 247 70.39 74.77 20.21
C GLU R 247 71.22 74.32 19.01
N ASN S 1 66.50 92.40 -16.89
CA ASN S 1 66.95 93.43 -17.88
C ASN S 1 65.74 94.09 -18.53
N MET S 2 65.66 94.07 -19.88
CA MET S 2 64.58 94.69 -20.61
C MET S 2 63.70 93.67 -21.32
N LYS S 3 64.30 92.81 -22.16
CA LYS S 3 63.51 91.84 -22.91
C LYS S 3 62.80 90.87 -21.98
N GLU S 4 63.50 90.35 -20.97
CA GLU S 4 62.88 89.39 -20.06
C GLU S 4 61.69 90.01 -19.33
N ARG S 5 61.85 91.24 -18.84
CA ARG S 5 60.74 91.90 -18.16
C ARG S 5 59.56 92.10 -19.08
N ILE S 6 59.83 92.51 -20.32
CA ILE S 6 58.75 92.72 -21.29
C ILE S 6 58.01 91.42 -21.54
N HIS S 7 58.75 90.33 -21.74
CA HIS S 7 58.12 89.04 -22.00
C HIS S 7 57.29 88.59 -20.81
N GLU S 8 57.82 88.75 -19.60
CA GLU S 8 57.08 88.35 -18.40
C GLU S 8 55.82 89.17 -18.25
N TYR S 9 55.89 90.49 -18.52
CA TYR S 9 54.71 91.33 -18.40
C TYR S 9 53.66 90.95 -19.42
N CYS S 10 54.08 90.68 -20.67
CA CYS S 10 53.13 90.26 -21.68
C CYS S 10 52.45 88.95 -21.28
N HIS S 11 53.21 88.01 -20.75
CA HIS S 11 52.60 86.77 -20.27
C HIS S 11 51.63 87.02 -19.12
N ARG S 12 52.01 87.90 -18.19
CA ARG S 12 51.15 88.18 -17.05
C ARG S 12 49.84 88.84 -17.47
N LEU S 13 49.87 89.61 -18.56
CA LEU S 13 48.65 90.20 -19.11
C LEU S 13 48.07 89.38 -20.25
N HIS S 14 48.56 88.16 -20.46
CA HIS S 14 48.04 87.29 -21.51
C HIS S 14 48.18 87.95 -22.88
N LEU S 15 49.37 88.43 -23.17
CA LEU S 15 49.63 89.15 -24.42
C LEU S 15 50.75 88.47 -25.21
N PRO S 16 50.65 87.17 -25.47
CA PRO S 16 51.69 86.53 -26.31
C PRO S 16 51.65 86.98 -27.75
N VAL S 17 50.44 87.20 -28.29
CA VAL S 17 50.32 87.72 -29.65
C VAL S 17 51.03 89.06 -29.77
N MET S 18 50.76 89.96 -28.82
CA MET S 18 51.49 91.22 -28.78
C MET S 18 52.97 90.99 -28.46
N ALA S 19 53.25 90.02 -27.59
CA ALA S 19 54.63 89.74 -27.22
C ALA S 19 55.48 89.42 -28.44
N GLU S 20 54.89 88.73 -29.42
CA GLU S 20 55.62 88.36 -30.63
C GLU S 20 55.55 89.44 -31.70
N ARG S 21 54.38 90.07 -31.88
CA ARG S 21 54.21 91.04 -32.96
C ARG S 21 54.82 92.40 -32.64
N TRP S 22 55.10 92.69 -31.37
CA TRP S 22 55.89 93.90 -31.08
C TRP S 22 57.34 93.70 -31.48
N SER S 23 57.86 92.47 -31.35
CA SER S 23 59.20 92.18 -31.82
C SER S 23 59.34 92.44 -33.31
N ALA S 24 58.24 92.32 -34.07
CA ALA S 24 58.23 92.60 -35.50
C ALA S 24 57.81 94.03 -35.79
N MET S 25 56.74 94.50 -35.15
CA MET S 25 56.23 95.83 -35.45
C MET S 25 57.16 96.93 -34.96
N ALA S 26 57.96 96.64 -33.92
CA ALA S 26 58.97 97.61 -33.51
C ALA S 26 60.01 97.82 -34.60
N GLU S 27 60.48 96.73 -35.21
CA GLU S 27 61.39 96.85 -36.35
C GLU S 27 60.71 97.56 -37.52
N TYR S 28 59.44 97.21 -37.77
CA TYR S 28 58.69 97.85 -38.85
C TYR S 28 58.64 99.36 -38.64
N ALA S 29 58.28 99.80 -37.44
CA ALA S 29 58.18 101.22 -37.15
C ALA S 29 59.55 101.90 -37.21
N SER S 30 60.58 101.23 -36.70
CA SER S 30 61.92 101.79 -36.76
C SER S 30 62.33 102.03 -38.22
N THR S 31 61.98 101.10 -39.10
CA THR S 31 62.28 101.29 -40.52
C THR S 31 61.52 102.48 -41.09
N HIS S 32 60.27 102.67 -40.70
CA HIS S 32 59.41 103.70 -41.26
C HIS S 32 59.13 104.85 -40.30
N ASN S 33 59.65 104.81 -39.08
CA ASN S 33 59.43 105.87 -38.10
C ASN S 33 57.94 106.09 -37.86
N ILE S 34 57.22 105.00 -37.61
CA ILE S 34 55.78 105.09 -37.38
C ILE S 34 55.50 105.76 -36.05
N SER S 35 54.36 106.44 -35.97
CA SER S 35 53.97 107.11 -34.73
C SER S 35 53.72 106.08 -33.63
N TYR S 36 53.94 106.48 -32.39
CA TYR S 36 53.73 105.58 -31.27
C TYR S 36 52.29 105.13 -31.16
N SER S 37 51.34 106.06 -31.36
CA SER S 37 49.93 105.70 -31.32
C SER S 37 49.60 104.69 -32.41
N GLU S 38 50.13 104.88 -33.61
CA GLU S 38 49.87 103.94 -34.71
C GLU S 38 50.49 102.59 -34.42
N PHE S 39 51.68 102.56 -33.83
CA PHE S 39 52.32 101.30 -33.47
C PHE S 39 51.47 100.55 -32.45
N LEU S 40 50.98 101.25 -31.43
CA LEU S 40 50.10 100.63 -30.44
C LEU S 40 48.82 100.15 -31.09
N PHE S 41 48.28 100.92 -32.04
CA PHE S 41 47.08 100.50 -32.75
C PHE S 41 47.32 99.21 -33.53
N ARG S 42 48.47 99.12 -34.21
CA ARG S 42 48.80 97.89 -34.93
C ARG S 42 48.86 96.70 -33.98
N LEU S 43 49.58 96.87 -32.87
CA LEU S 43 49.72 95.76 -31.93
C LEU S 43 48.37 95.34 -31.38
N LEU S 44 47.54 96.31 -30.97
CA LEU S 44 46.23 96.01 -30.42
C LEU S 44 45.34 95.34 -31.46
N GLU S 45 45.37 95.82 -32.70
CA GLU S 45 44.55 95.23 -33.75
C GLU S 45 44.93 93.77 -33.96
N ALA S 46 46.24 93.49 -34.04
CA ALA S 46 46.67 92.11 -34.24
C ALA S 46 46.30 91.24 -33.04
N GLU S 47 46.47 91.76 -31.83
CA GLU S 47 46.11 91.00 -30.64
C GLU S 47 44.63 90.67 -30.64
N ILE S 48 43.78 91.66 -30.96
CA ILE S 48 42.34 91.43 -30.98
C ILE S 48 41.95 90.46 -32.08
N VAL S 49 42.63 90.53 -33.23
CA VAL S 49 42.34 89.60 -34.31
C VAL S 49 42.63 88.16 -33.87
N GLU S 50 43.80 87.95 -33.26
CA GLU S 50 44.15 86.61 -32.81
C GLU S 50 43.20 86.14 -31.71
N LYS S 51 42.83 87.05 -30.80
CA LYS S 51 41.87 86.70 -29.75
C LYS S 51 40.53 86.31 -30.35
N GLN S 52 40.08 87.04 -31.36
CA GLN S 52 38.80 86.72 -32.01
C GLN S 52 38.88 85.36 -32.70
N ALA S 53 40.01 85.07 -33.35
CA ALA S 53 40.16 83.76 -33.98
C ALA S 53 40.10 82.64 -32.95
N ARG S 54 40.81 82.80 -31.83
CA ARG S 54 40.80 81.78 -30.79
C ARG S 54 39.41 81.65 -30.18
N SER S 55 38.70 82.76 -29.99
CA SER S 55 37.35 82.71 -29.45
C SER S 55 36.41 81.99 -30.41
N ILE S 56 36.56 82.24 -31.70
CA ILE S 56 35.73 81.55 -32.69
C ILE S 56 36.00 80.05 -32.66
N GLN S 57 37.28 79.67 -32.57
CA GLN S 57 37.60 78.25 -32.48
C GLN S 57 37.00 77.63 -31.23
N THR S 58 37.11 78.33 -30.10
CA THR S 58 36.55 77.81 -28.85
C THR S 58 35.04 77.66 -28.94
N LEU S 59 34.36 78.66 -29.54
CA LEU S 59 32.91 78.57 -29.71
C LEU S 59 32.54 77.38 -30.59
N ILE S 60 33.28 77.18 -31.69
CA ILE S 60 33.02 76.03 -32.54
C ILE S 60 33.18 74.74 -31.75
N LYS S 61 34.21 74.68 -30.91
CA LYS S 61 34.40 73.50 -30.07
C LYS S 61 33.23 73.29 -29.12
N LEU S 62 32.75 74.38 -28.50
CA LEU S 62 31.64 74.26 -27.55
C LEU S 62 30.39 73.73 -28.23
N SER S 63 29.99 74.34 -29.34
CA SER S 63 28.83 73.87 -30.07
C SER S 63 29.11 72.48 -30.63
N LYS S 64 28.14 71.58 -30.46
CA LYS S 64 28.29 70.20 -30.93
C LYS S 64 27.99 70.11 -32.43
N LEU S 65 28.78 70.84 -33.20
CA LEU S 65 28.64 70.83 -34.65
C LEU S 65 29.34 69.59 -35.21
N PRO S 66 28.64 68.69 -35.88
CA PRO S 66 29.32 67.48 -36.39
C PRO S 66 30.39 67.79 -37.41
N TYR S 67 30.27 68.88 -38.14
CA TYR S 67 31.25 69.25 -39.16
C TYR S 67 31.10 70.74 -39.46
N ARG S 68 32.09 71.28 -40.16
CA ARG S 68 32.12 72.69 -40.52
C ARG S 68 31.77 72.85 -41.99
N LYS S 69 30.82 73.75 -42.26
CA LYS S 69 30.38 74.01 -43.63
C LYS S 69 29.83 75.42 -43.70
N THR S 70 30.15 76.12 -44.79
CA THR S 70 29.75 77.50 -44.97
C THR S 70 28.90 77.65 -46.24
N ILE S 71 28.03 78.66 -46.23
CA ILE S 71 27.18 78.92 -47.39
C ILE S 71 28.01 79.20 -48.63
N ASP S 72 29.29 79.55 -48.46
CA ASP S 72 30.16 79.73 -49.61
C ASP S 72 30.27 78.44 -50.41
N THR S 73 30.41 77.31 -49.73
CA THR S 73 30.47 76.01 -50.40
C THR S 73 29.05 75.41 -50.49
N PHE S 74 28.19 76.15 -51.17
CA PHE S 74 26.79 75.76 -51.33
C PHE S 74 26.28 76.39 -52.62
N ASP S 75 26.13 75.58 -53.66
CA ASP S 75 25.68 76.04 -54.96
C ASP S 75 24.15 76.05 -54.98
N PHE S 76 23.57 77.21 -55.25
CA PHE S 76 22.12 77.34 -55.35
C PHE S 76 21.57 76.86 -56.68
N THR S 77 22.43 76.64 -57.68
CA THR S 77 21.97 76.11 -58.95
C THR S 77 21.36 74.73 -58.78
N ALA S 78 21.98 73.88 -57.96
CA ALA S 78 21.44 72.56 -57.67
C ALA S 78 20.15 72.62 -56.86
N GLN S 79 19.82 73.78 -56.28
CA GLN S 79 18.60 73.96 -55.50
C GLN S 79 17.89 75.22 -55.98
N PRO S 80 17.24 75.16 -57.15
CA PRO S 80 16.50 76.34 -57.63
C PRO S 80 15.34 76.73 -56.72
N SER S 81 14.82 75.81 -55.91
CA SER S 81 13.64 76.11 -55.11
C SER S 81 13.91 77.23 -54.10
N VAL S 82 15.07 77.19 -53.44
CA VAL S 82 15.34 78.18 -52.40
C VAL S 82 15.43 79.57 -53.02
N ASP S 83 15.23 80.58 -52.18
CA ASP S 83 15.39 81.98 -52.56
C ASP S 83 16.65 82.50 -51.91
N GLU S 84 17.65 82.83 -52.72
CA GLU S 84 18.91 83.33 -52.18
C GLU S 84 18.68 84.56 -51.31
N ARG S 85 17.73 85.41 -51.70
CA ARG S 85 17.43 86.61 -50.93
C ARG S 85 17.03 86.24 -49.50
N ARG S 86 16.11 85.28 -49.36
CA ARG S 86 15.67 84.88 -48.03
C ARG S 86 16.81 84.27 -47.22
N ILE S 87 17.64 83.44 -47.86
CA ILE S 87 18.74 82.82 -47.15
C ILE S 87 19.70 83.87 -46.62
N ARG S 88 20.04 84.86 -47.46
CA ARG S 88 20.97 85.89 -47.02
C ARG S 88 20.32 86.83 -46.00
N GLU S 89 19.00 87.04 -46.08
CA GLU S 89 18.32 87.79 -45.04
C GLU S 89 18.42 87.06 -43.70
N LEU S 90 18.27 85.74 -43.72
CA LEU S 90 18.51 84.95 -42.52
C LEU S 90 19.95 85.12 -42.05
N LEU S 91 20.91 85.12 -42.99
CA LEU S 91 22.30 85.35 -42.63
C LEU S 91 22.48 86.69 -41.92
N THR S 92 21.66 87.68 -42.29
CA THR S 92 21.73 88.97 -41.61
C THR S 92 21.36 88.87 -40.13
N LEU S 93 20.71 87.78 -39.72
CA LEU S 93 20.36 87.54 -38.33
C LEU S 93 19.36 88.58 -37.80
N SER S 94 18.47 89.05 -38.67
CA SER S 94 17.40 89.92 -38.21
C SER S 94 16.37 89.19 -37.37
N PHE S 95 16.30 87.86 -37.50
CA PHE S 95 15.33 87.07 -36.73
C PHE S 95 15.66 87.01 -35.25
N ILE S 96 16.93 87.18 -34.88
CA ILE S 96 17.32 87.06 -33.48
C ILE S 96 16.61 88.11 -32.64
N ASP S 97 16.55 89.35 -33.11
CA ASP S 97 15.87 90.40 -32.36
C ASP S 97 14.39 90.09 -32.21
N ARG S 98 13.75 89.61 -33.28
CA ARG S 98 12.34 89.29 -33.26
C ARG S 98 12.02 87.95 -32.61
N LYS S 99 13.04 87.10 -32.40
CA LYS S 99 12.84 85.77 -31.84
C LYS S 99 11.88 84.96 -32.71
N GLU S 100 12.29 84.75 -33.95
CA GLU S 100 11.52 83.97 -34.92
C GLU S 100 12.16 82.60 -35.09
N ASN S 101 11.35 81.55 -35.01
CA ASN S 101 11.84 80.19 -35.13
C ASN S 101 11.93 79.81 -36.60
N ILE S 102 13.11 79.35 -37.01
CA ILE S 102 13.37 79.02 -38.41
C ILE S 102 13.18 77.52 -38.59
N LEU S 103 12.43 77.13 -39.62
CA LEU S 103 12.13 75.73 -39.90
C LEU S 103 12.48 75.43 -41.35
N PHE S 104 13.13 74.28 -41.56
CA PHE S 104 13.47 73.79 -42.90
C PHE S 104 12.74 72.48 -43.11
N LEU S 105 11.70 72.51 -43.95
CA LEU S 105 10.88 71.35 -44.23
C LEU S 105 11.09 70.90 -45.66
N GLY S 106 11.31 69.60 -45.85
CA GLY S 106 11.48 69.04 -47.16
C GLY S 106 11.97 67.61 -47.13
N PRO S 107 11.95 66.93 -48.27
CA PRO S 107 12.43 65.55 -48.33
C PRO S 107 13.93 65.48 -48.12
N PRO S 108 14.45 64.30 -47.80
CA PRO S 108 15.89 64.18 -47.52
C PRO S 108 16.73 64.43 -48.76
N GLY S 109 17.97 64.86 -48.53
CA GLY S 109 18.94 65.08 -49.58
C GLY S 109 19.03 66.49 -50.09
N ILE S 110 18.07 67.36 -49.75
CA ILE S 110 18.12 68.74 -50.21
C ILE S 110 19.30 69.48 -49.59
N GLY S 111 19.49 69.30 -48.28
CA GLY S 111 20.56 69.98 -47.56
C GLY S 111 20.03 70.91 -46.49
N LYS S 112 18.85 70.59 -45.96
CA LYS S 112 18.24 71.45 -44.95
C LYS S 112 19.07 71.54 -43.68
N THR S 113 19.99 70.60 -43.45
CA THR S 113 20.90 70.69 -42.33
C THR S 113 22.17 71.47 -42.68
N HIS S 114 22.57 71.45 -43.94
CA HIS S 114 23.74 72.21 -44.35
C HIS S 114 23.55 73.71 -44.12
N LEU S 115 22.37 74.22 -44.47
CA LEU S 115 22.09 75.64 -44.25
C LEU S 115 22.05 75.97 -42.77
N ALA S 116 21.47 75.08 -41.96
CA ALA S 116 21.44 75.32 -40.52
C ALA S 116 22.85 75.39 -39.95
N ILE S 117 23.73 74.48 -40.37
CA ILE S 117 25.10 74.50 -39.86
C ILE S 117 25.84 75.74 -40.35
N SER S 118 25.59 76.16 -41.59
CA SER S 118 26.20 77.39 -42.07
C SER S 118 25.75 78.60 -41.26
N ILE S 119 24.45 78.67 -40.96
CA ILE S 119 23.94 79.77 -40.13
C ILE S 119 24.58 79.72 -38.74
N GLY S 120 24.74 78.52 -38.18
CA GLY S 120 25.42 78.41 -36.90
C GLY S 120 26.85 78.89 -36.95
N MET S 121 27.57 78.55 -38.03
CA MET S 121 28.94 79.02 -38.18
C MET S 121 28.99 80.53 -38.28
N GLU S 122 28.06 81.13 -39.04
CA GLU S 122 28.03 82.59 -39.14
C GLU S 122 27.73 83.22 -37.79
N ALA S 123 26.81 82.63 -37.03
CA ALA S 123 26.50 83.14 -35.71
C ALA S 123 27.73 83.07 -34.79
N ILE S 124 28.46 81.96 -34.86
CA ILE S 124 29.68 81.84 -34.07
C ILE S 124 30.68 82.92 -34.47
N ALA S 125 30.83 83.15 -35.78
CA ALA S 125 31.75 84.18 -36.24
C ALA S 125 31.33 85.56 -35.73
N ARG S 126 30.02 85.80 -35.67
CA ARG S 126 29.51 87.08 -35.19
C ARG S 126 29.40 87.16 -33.67
N GLY S 127 29.75 86.09 -32.96
CA GLY S 127 29.81 86.10 -31.51
C GLY S 127 28.59 85.53 -30.81
N TYR S 128 27.48 85.34 -31.53
CA TYR S 128 26.29 84.79 -30.91
C TYR S 128 26.51 83.34 -30.48
N LYS S 129 26.05 83.01 -29.29
CA LYS S 129 26.19 81.64 -28.78
C LYS S 129 25.22 80.71 -29.51
N THR S 130 25.74 79.58 -29.97
CA THR S 130 24.95 78.61 -30.71
C THR S 130 25.25 77.21 -30.19
N TYR S 131 24.21 76.39 -30.10
CA TYR S 131 24.34 75.00 -29.69
C TYR S 131 23.55 74.12 -30.65
N PHE S 132 24.11 72.96 -30.97
CA PHE S 132 23.52 72.02 -31.90
C PHE S 132 23.18 70.73 -31.16
N ILE S 133 22.06 70.12 -31.53
CA ILE S 133 21.61 68.88 -30.89
C ILE S 133 20.65 68.18 -31.84
N THR S 134 20.60 66.86 -31.74
CA THR S 134 19.63 66.07 -32.47
C THR S 134 18.38 65.87 -31.61
N ALA S 135 17.22 65.87 -32.26
CA ALA S 135 15.97 65.72 -31.52
C ALA S 135 15.99 64.46 -30.67
N HIS S 136 16.45 63.35 -31.25
CA HIS S 136 16.58 62.12 -30.47
C HIS S 136 17.60 62.29 -29.34
N ASP S 137 18.74 62.91 -29.64
CA ASP S 137 19.75 63.13 -28.61
C ASP S 137 19.24 64.10 -27.55
N LEU S 138 18.51 65.14 -27.96
CA LEU S 138 17.93 66.06 -26.99
C LEU S 138 16.95 65.33 -26.07
N VAL S 139 16.10 64.48 -26.64
CA VAL S 139 15.15 63.71 -25.84
C VAL S 139 15.90 62.82 -24.86
N ASN S 140 16.95 62.15 -25.33
CA ASN S 140 17.72 61.27 -24.45
C ASN S 140 18.33 62.05 -23.30
N GLN S 141 18.93 63.21 -23.61
CA GLN S 141 19.55 64.01 -22.57
C GLN S 141 18.52 64.48 -21.55
N LEU S 142 17.35 64.92 -22.03
CA LEU S 142 16.30 65.35 -21.10
C LEU S 142 15.84 64.21 -20.22
N ARG S 143 15.65 63.02 -20.80
CA ARG S 143 15.20 61.88 -20.03
C ARG S 143 16.22 61.50 -18.95
N ARG S 144 17.50 61.46 -19.32
CA ARG S 144 18.53 61.13 -18.36
C ARG S 144 18.62 62.20 -17.27
N ALA S 145 18.46 63.47 -17.64
CA ALA S 145 18.46 64.53 -16.64
C ALA S 145 17.32 64.35 -15.65
N ASP S 146 16.13 64.04 -16.15
CA ASP S 146 15.00 63.80 -15.25
C ASP S 146 15.27 62.60 -14.35
N GLN S 147 15.89 61.54 -14.91
CA GLN S 147 16.20 60.36 -14.11
C GLN S 147 17.17 60.70 -12.99
N GLU S 148 18.20 61.50 -13.29
CA GLU S 148 19.23 61.81 -12.31
C GLU S 148 18.90 63.03 -11.46
N GLY S 149 17.74 63.65 -11.65
CA GLY S 149 17.34 64.80 -10.87
C GLY S 149 17.93 66.11 -11.32
N LYS S 150 18.70 66.12 -12.40
CA LYS S 150 19.30 67.34 -12.95
C LYS S 150 18.54 67.86 -14.16
N LEU S 151 17.22 67.66 -14.20
CA LEU S 151 16.43 68.12 -15.34
C LEU S 151 16.51 69.63 -15.48
N GLU S 152 16.42 70.36 -14.36
CA GLU S 152 16.56 71.81 -14.42
C GLU S 152 17.92 72.21 -14.97
N LYS S 153 18.97 71.47 -14.61
CA LYS S 153 20.31 71.80 -15.10
C LYS S 153 20.38 71.70 -16.62
N LYS S 154 19.87 70.59 -17.17
CA LYS S 154 19.93 70.42 -18.62
C LYS S 154 18.98 71.36 -19.35
N LEU S 155 17.83 71.69 -18.74
CA LEU S 155 16.96 72.70 -19.32
C LEU S 155 17.68 74.05 -19.39
N ARG S 156 18.41 74.40 -18.33
CA ARG S 156 19.23 75.61 -18.37
C ARG S 156 20.28 75.50 -19.48
N VAL S 157 20.91 74.33 -19.61
CA VAL S 157 21.96 74.15 -20.60
C VAL S 157 21.40 74.37 -22.00
N PHE S 158 20.17 73.90 -22.25
CA PHE S 158 19.57 74.01 -23.58
C PHE S 158 18.84 75.34 -23.79
N VAL S 159 18.61 76.12 -22.75
CA VAL S 159 17.95 77.41 -22.88
C VAL S 159 18.96 78.55 -22.99
N LYS S 160 20.09 78.45 -22.29
CA LYS S 160 21.10 79.50 -22.34
C LYS S 160 21.58 79.81 -23.75
N PRO S 161 21.85 78.83 -24.62
CA PRO S 161 22.33 79.17 -25.96
C PRO S 161 21.37 80.10 -26.69
N THR S 162 21.94 81.07 -27.41
CA THR S 162 21.11 82.03 -28.13
C THR S 162 20.45 81.40 -29.34
N VAL S 163 21.07 80.39 -29.93
CA VAL S 163 20.53 79.73 -31.13
C VAL S 163 20.67 78.22 -30.92
N LEU S 164 19.54 77.55 -30.70
CA LEU S 164 19.52 76.10 -30.53
C LEU S 164 19.04 75.45 -31.82
N ILE S 165 19.85 74.53 -32.33
CA ILE S 165 19.60 73.90 -33.62
C ILE S 165 19.22 72.44 -33.36
N ILE S 166 17.93 72.14 -33.49
CA ILE S 166 17.44 70.77 -33.37
C ILE S 166 17.47 70.13 -34.76
N ASP S 167 18.08 68.95 -34.85
CA ASP S 167 18.27 68.27 -36.13
C ASP S 167 17.56 66.92 -36.12
N GLN S 168 17.19 66.46 -37.32
CA GLN S 168 16.56 65.16 -37.52
C GLN S 168 15.30 65.03 -36.66
N MET S 169 14.37 65.95 -36.87
CA MET S 169 13.07 65.93 -36.21
C MET S 169 12.05 65.37 -37.19
N GLY S 170 11.67 64.11 -37.00
CA GLY S 170 10.68 63.47 -37.85
C GLY S 170 11.05 62.06 -38.27
N TYR S 171 12.34 61.80 -38.45
CA TYR S 171 12.77 60.45 -38.84
C TYR S 171 12.44 59.44 -37.75
N LEU S 172 12.67 59.81 -36.49
CA LEU S 172 12.45 58.92 -35.36
C LEU S 172 11.19 59.35 -34.62
N LYS S 173 10.28 58.40 -34.41
CA LYS S 173 9.03 58.70 -33.72
C LYS S 173 9.28 58.92 -32.23
N LEU S 174 8.43 59.73 -31.62
CA LEU S 174 8.56 60.11 -30.22
C LEU S 174 7.34 59.67 -29.43
N ASP S 175 7.59 59.12 -28.25
CA ASP S 175 6.52 58.77 -27.31
C ASP S 175 6.07 60.02 -26.57
N PRO S 176 4.88 59.97 -25.95
CA PRO S 176 4.40 61.17 -25.23
C PRO S 176 5.36 61.64 -24.16
N ASN S 177 6.15 60.76 -23.55
CA ASN S 177 7.17 61.20 -22.61
C ASN S 177 8.18 62.10 -23.30
N SER S 178 8.73 61.64 -24.42
CA SER S 178 9.62 62.48 -25.22
C SER S 178 8.88 63.72 -25.71
N ALA S 179 7.57 63.62 -25.95
CA ALA S 179 6.81 64.78 -26.36
C ALA S 179 6.83 65.86 -25.28
N HIS S 180 6.62 65.46 -24.03
CA HIS S 180 6.66 66.44 -22.94
C HIS S 180 8.08 66.95 -22.72
N TYR S 181 9.08 66.09 -22.90
CA TYR S 181 10.47 66.54 -22.78
C TYR S 181 10.76 67.64 -23.79
N LEU S 182 10.35 67.44 -25.04
CA LEU S 182 10.55 68.46 -26.07
C LEU S 182 9.72 69.71 -25.77
N PHE S 183 8.49 69.53 -25.27
CA PHE S 183 7.62 70.66 -24.97
C PHE S 183 8.22 71.55 -23.89
N GLN S 184 8.87 70.94 -22.90
CA GLN S 184 9.53 71.74 -21.87
C GLN S 184 10.53 72.71 -22.48
N VAL S 185 11.39 72.20 -23.37
CA VAL S 185 12.39 73.06 -24.02
C VAL S 185 11.70 74.12 -24.87
N ILE S 186 10.67 73.72 -25.63
CA ILE S 186 9.99 74.68 -26.49
C ILE S 186 9.38 75.80 -25.66
N ALA S 187 8.72 75.45 -24.56
CA ALA S 187 8.09 76.47 -23.71
C ALA S 187 9.12 77.38 -23.08
N ARG S 188 10.23 76.81 -22.59
CA ARG S 188 11.28 77.66 -22.03
C ARG S 188 11.87 78.59 -23.08
N ARG S 189 11.91 78.15 -24.34
CA ARG S 189 12.36 78.96 -25.45
C ARG S 189 11.20 79.49 -26.28
N TYR S 190 10.03 79.65 -25.68
CA TYR S 190 8.85 80.11 -26.41
C TYR S 190 9.10 81.48 -27.04
N GLU S 191 9.54 82.45 -26.23
CA GLU S 191 9.83 83.80 -26.71
C GLU S 191 11.11 84.31 -26.05
N HIS S 192 12.12 83.45 -26.02
CA HIS S 192 13.40 83.78 -25.38
C HIS S 192 14.60 83.66 -26.30
N ALA S 193 14.58 82.72 -27.26
CA ALA S 193 15.70 82.58 -28.18
C ALA S 193 15.22 81.84 -29.42
N PRO S 194 15.68 82.21 -30.62
CA PRO S 194 15.24 81.50 -31.82
C PRO S 194 15.67 80.04 -31.81
N ILE S 195 14.84 79.21 -32.44
CA ILE S 195 15.11 77.79 -32.60
C ILE S 195 15.20 77.48 -34.09
N ILE S 196 16.28 76.81 -34.50
CA ILE S 196 16.46 76.37 -35.87
C ILE S 196 16.20 74.88 -35.91
N LEU S 197 15.25 74.47 -36.75
CA LEU S 197 14.82 73.08 -36.81
C LEU S 197 14.76 72.62 -38.25
N THR S 198 15.07 71.34 -38.46
CA THR S 198 14.99 70.70 -39.77
C THR S 198 14.13 69.46 -39.65
N SER S 199 13.21 69.28 -40.59
CA SER S 199 12.29 68.15 -40.55
C SER S 199 11.89 67.77 -41.97
N ASN S 200 11.33 66.58 -42.10
CA ASN S 200 10.85 66.07 -43.37
C ASN S 200 9.36 65.75 -43.36
N LYS S 201 8.69 65.87 -42.23
CA LYS S 201 7.28 65.58 -42.11
C LYS S 201 6.47 66.87 -42.03
N SER S 202 5.24 66.80 -42.52
CA SER S 202 4.33 67.94 -42.43
C SER S 202 3.88 68.15 -40.98
N PHE S 203 3.38 69.34 -40.70
CA PHE S 203 2.96 69.68 -39.34
C PHE S 203 1.91 68.69 -38.83
N GLY S 204 1.03 68.22 -39.71
CA GLY S 204 0.00 67.30 -39.29
C GLY S 204 0.56 66.00 -38.73
N GLU S 205 1.63 65.49 -39.35
CA GLU S 205 2.21 64.23 -38.91
C GLU S 205 2.83 64.32 -37.52
N TRP S 206 3.12 65.53 -37.04
CA TRP S 206 3.73 65.67 -35.73
C TRP S 206 2.87 65.07 -34.63
N GLY S 207 1.55 65.03 -34.83
CA GLY S 207 0.69 64.41 -33.84
C GLY S 207 1.02 62.94 -33.63
N GLU S 208 1.20 62.20 -34.72
CA GLU S 208 1.62 60.81 -34.60
C GLU S 208 3.09 60.71 -34.20
N ILE S 209 3.91 61.67 -34.60
CA ILE S 209 5.33 61.63 -34.27
C ILE S 209 5.51 61.69 -32.75
N VAL S 210 4.75 62.55 -32.08
CA VAL S 210 4.89 62.76 -30.64
C VAL S 210 3.96 61.89 -29.82
N GLY S 211 3.07 61.14 -30.47
CA GLY S 211 2.16 60.27 -29.74
C GLY S 211 1.17 61.00 -28.87
N ASP S 212 0.90 62.28 -29.14
CA ASP S 212 -0.05 63.05 -28.37
C ASP S 212 -0.51 64.22 -29.21
N SER S 213 -1.77 64.21 -29.63
CA SER S 213 -2.28 65.27 -30.50
C SER S 213 -2.26 66.63 -29.81
N VAL S 214 -2.65 66.68 -28.54
CA VAL S 214 -2.73 67.95 -27.84
C VAL S 214 -1.33 68.54 -27.64
N LEU S 215 -0.36 67.71 -27.25
CA LEU S 215 1.01 68.20 -27.12
C LEU S 215 1.56 68.66 -28.47
N ALA S 216 1.24 67.92 -29.54
CA ALA S 216 1.67 68.34 -30.86
C ALA S 216 1.09 69.70 -31.21
N THR S 217 -0.20 69.90 -30.93
CA THR S 217 -0.82 71.20 -31.21
C THR S 217 -0.16 72.30 -30.42
N ALA S 218 0.09 72.07 -29.13
CA ALA S 218 0.70 73.10 -28.29
C ALA S 218 2.10 73.45 -28.79
N MET S 219 2.90 72.44 -29.10
CA MET S 219 4.26 72.69 -29.59
C MET S 219 4.24 73.41 -30.93
N LEU S 220 3.35 72.99 -31.84
CA LEU S 220 3.27 73.65 -33.14
C LEU S 220 2.82 75.09 -33.00
N ASP S 221 1.87 75.37 -32.09
CA ASP S 221 1.45 76.75 -31.88
C ASP S 221 2.59 77.59 -31.33
N ARG S 222 3.25 77.11 -30.28
CA ARG S 222 4.34 77.88 -29.68
C ARG S 222 5.54 78.00 -30.60
N LEU S 223 5.66 77.12 -31.60
CA LEU S 223 6.76 77.19 -32.55
C LEU S 223 6.44 78.11 -33.73
N LEU S 224 5.21 78.07 -34.23
CA LEU S 224 4.80 78.86 -35.39
C LEU S 224 4.26 80.23 -35.01
N HIS S 225 4.14 80.53 -33.72
CA HIS S 225 3.70 81.87 -33.32
C HIS S 225 4.62 82.93 -33.91
N HIS S 226 5.92 82.73 -33.80
CA HIS S 226 6.93 83.61 -34.41
C HIS S 226 7.92 82.69 -35.12
N SER S 227 7.74 82.52 -36.43
CA SER S 227 8.56 81.57 -37.17
C SER S 227 8.63 81.96 -38.64
N ILE S 228 9.60 81.37 -39.33
CA ILE S 228 9.72 81.45 -40.78
C ILE S 228 9.99 80.04 -41.29
N ILE S 229 9.16 79.57 -42.22
CA ILE S 229 9.24 78.21 -42.72
C ILE S 229 9.87 78.22 -44.10
N PHE S 230 10.63 77.16 -44.41
CA PHE S 230 11.29 77.00 -45.70
C PHE S 230 10.93 75.61 -46.23
N ASN S 231 9.84 75.53 -46.99
CA ASN S 231 9.42 74.28 -47.62
C ASN S 231 10.21 74.12 -48.91
N LEU S 232 11.35 73.44 -48.80
CA LEU S 232 12.26 73.27 -49.93
C LEU S 232 11.98 71.94 -50.64
N LYS S 233 12.20 71.94 -51.96
CA LYS S 233 11.99 70.77 -52.79
C LYS S 233 13.13 70.66 -53.80
N GLY S 234 13.42 69.45 -54.21
CA GLY S 234 14.45 69.22 -55.22
C GLY S 234 15.07 67.85 -55.07
N GLU S 235 15.91 67.53 -56.04
CA GLU S 235 16.61 66.24 -56.06
C GLU S 235 17.62 66.15 -54.93
N SER S 236 17.92 64.92 -54.53
CA SER S 236 18.85 64.67 -53.43
C SER S 236 20.28 64.88 -53.91
N TYR S 237 21.01 65.75 -53.21
CA TYR S 237 22.36 66.09 -53.63
C TYR S 237 23.29 64.88 -53.60
N ARG S 238 23.11 63.99 -52.62
CA ARG S 238 23.93 62.79 -52.58
C ARG S 238 23.74 61.95 -53.83
N LEU S 239 22.48 61.76 -54.24
CA LEU S 239 22.21 60.99 -55.46
C LEU S 239 22.76 61.69 -56.69
N ARG S 240 22.63 63.02 -56.75
CA ARG S 240 23.16 63.74 -57.91
C ARG S 240 24.68 63.64 -57.98
N GLU S 241 25.36 63.72 -56.83
CA GLU S 241 26.80 63.55 -56.81
C GLU S 241 27.19 62.14 -57.24
N LYS S 242 26.44 61.14 -56.79
CA LYS S 242 26.71 59.77 -57.23
C LYS S 242 26.53 59.64 -58.74
N ARG S 243 25.48 60.25 -59.28
CA ARG S 243 25.26 60.23 -60.72
C ARG S 243 26.41 60.89 -61.46
N LEU S 244 26.87 62.04 -60.97
CA LEU S 244 27.99 62.73 -61.61
C LEU S 244 29.24 61.88 -61.58
N GLN S 245 29.50 61.22 -60.46
CA GLN S 245 30.64 60.31 -60.39
C GLN S 245 30.50 59.18 -61.39
N GLU S 246 29.28 58.64 -61.53
CA GLU S 246 29.05 57.58 -62.50
C GLU S 246 29.35 58.04 -63.92
N GLU S 247 28.89 59.24 -64.28
CA GLU S 247 29.13 59.77 -65.61
C GLU S 247 30.38 60.65 -65.61
N ASN T 1 38.33 107.48 -36.53
CA ASN T 1 39.69 107.86 -36.08
C ASN T 1 40.42 106.63 -35.51
N MET T 2 41.57 106.87 -34.89
CA MET T 2 42.38 105.81 -34.30
C MET T 2 42.31 105.75 -32.79
N LYS T 3 42.08 106.89 -32.13
CA LYS T 3 42.03 106.89 -30.66
C LYS T 3 40.88 106.02 -30.15
N GLU T 4 39.72 106.13 -30.79
CA GLU T 4 38.58 105.32 -30.38
C GLU T 4 38.88 103.83 -30.54
N ARG T 5 39.52 103.45 -31.65
CA ARG T 5 39.84 102.05 -31.88
C ARG T 5 40.83 101.55 -30.84
N ILE T 6 41.84 102.35 -30.52
CA ILE T 6 42.82 101.95 -29.50
C ILE T 6 42.13 101.78 -28.16
N HIS T 7 41.27 102.72 -27.79
CA HIS T 7 40.57 102.64 -26.52
C HIS T 7 39.69 101.39 -26.45
N GLU T 8 38.96 101.10 -27.53
CA GLU T 8 38.11 99.92 -27.55
C GLU T 8 38.94 98.65 -27.45
N TYR T 9 40.06 98.59 -28.17
CA TYR T 9 40.92 97.40 -28.09
C TYR T 9 41.44 97.21 -26.68
N CYS T 10 41.89 98.29 -26.05
CA CYS T 10 42.40 98.17 -24.68
C CYS T 10 41.30 97.74 -23.71
N HIS T 11 40.10 98.30 -23.85
CA HIS T 11 39.01 97.94 -22.96
C HIS T 11 38.65 96.46 -23.13
N ARG T 12 38.63 95.96 -24.36
CA ARG T 12 38.33 94.55 -24.60
C ARG T 12 39.50 93.64 -24.23
N LEU T 13 40.70 94.20 -24.10
CA LEU T 13 41.90 93.41 -23.84
C LEU T 13 42.34 93.47 -22.39
N HIS T 14 41.56 94.11 -21.52
CA HIS T 14 41.88 94.20 -20.10
C HIS T 14 43.17 94.97 -19.87
N LEU T 15 43.36 96.06 -20.62
CA LEU T 15 44.53 96.93 -20.50
C LEU T 15 44.08 98.38 -20.39
N PRO T 16 43.32 98.72 -19.35
CA PRO T 16 42.94 100.13 -19.17
C PRO T 16 44.09 101.01 -18.72
N VAL T 17 45.00 100.48 -17.91
CA VAL T 17 46.16 101.26 -17.48
C VAL T 17 46.99 101.68 -18.68
N MET T 18 47.26 100.73 -19.58
CA MET T 18 47.98 101.06 -20.81
C MET T 18 47.16 101.99 -21.69
N ALA T 19 45.84 101.79 -21.72
CA ALA T 19 44.98 102.63 -22.55
C ALA T 19 45.08 104.09 -22.12
N GLU T 20 45.10 104.34 -20.81
CA GLU T 20 45.14 105.70 -20.30
C GLU T 20 46.53 106.32 -20.41
N ARG T 21 47.59 105.52 -20.29
CA ARG T 21 48.94 106.05 -20.19
C ARG T 21 49.68 106.10 -21.52
N TRP T 22 49.24 105.37 -22.54
CA TRP T 22 49.99 105.35 -23.78
C TRP T 22 50.01 106.73 -24.45
N SER T 23 48.95 107.53 -24.26
CA SER T 23 48.95 108.86 -24.84
C SER T 23 50.05 109.73 -24.24
N ALA T 24 50.11 109.81 -22.91
CA ALA T 24 51.11 110.64 -22.25
C ALA T 24 52.51 110.11 -22.50
N MET T 25 52.69 108.78 -22.44
CA MET T 25 54.00 108.20 -22.69
C MET T 25 54.46 108.45 -24.12
N ALA T 26 53.54 108.34 -25.09
CA ALA T 26 53.88 108.64 -26.47
C ALA T 26 54.25 110.10 -26.64
N GLU T 27 53.52 111.00 -25.99
CA GLU T 27 53.88 112.42 -26.03
C GLU T 27 55.28 112.62 -25.49
N TYR T 28 55.59 112.02 -24.34
CA TYR T 28 56.92 112.17 -23.75
C TYR T 28 57.99 111.60 -24.66
N ALA T 29 57.73 110.44 -25.27
CA ALA T 29 58.70 109.84 -26.17
C ALA T 29 58.94 110.74 -27.39
N SER T 30 57.88 111.32 -27.92
CA SER T 30 58.04 112.24 -29.05
C SER T 30 58.86 113.45 -28.66
N THR T 31 58.63 113.97 -27.45
CA THR T 31 59.42 115.13 -26.99
C THR T 31 60.91 114.80 -26.92
N HIS T 32 61.25 113.53 -26.71
CA HIS T 32 62.64 113.10 -26.60
C HIS T 32 63.02 112.03 -27.61
N ASN T 33 62.09 111.59 -28.47
CA ASN T 33 62.37 110.60 -29.51
C ASN T 33 62.91 109.31 -28.89
N ILE T 34 62.11 108.72 -28.02
CA ILE T 34 62.46 107.47 -27.37
C ILE T 34 62.24 106.32 -28.34
N SER T 35 63.06 105.27 -28.22
CA SER T 35 62.94 104.11 -29.07
C SER T 35 61.62 103.39 -28.81
N TYR T 36 61.12 102.71 -29.84
CA TYR T 36 59.84 102.00 -29.71
C TYR T 36 59.92 100.90 -28.66
N SER T 37 61.04 100.18 -28.61
CA SER T 37 61.19 99.13 -27.60
C SER T 37 61.13 99.71 -26.19
N GLU T 38 61.83 100.84 -25.97
CA GLU T 38 61.81 101.46 -24.65
C GLU T 38 60.42 101.99 -24.32
N PHE T 39 59.72 102.54 -25.31
CA PHE T 39 58.36 103.02 -25.10
C PHE T 39 57.44 101.87 -24.67
N LEU T 40 57.55 100.74 -25.36
CA LEU T 40 56.76 99.57 -24.97
C LEU T 40 57.14 99.09 -23.58
N PHE T 41 58.43 99.14 -23.27
CA PHE T 41 58.88 98.76 -21.92
C PHE T 41 58.23 99.65 -20.87
N ARG T 42 58.18 100.96 -21.12
CA ARG T 42 57.52 101.88 -20.19
C ARG T 42 56.05 101.52 -20.04
N LEU T 43 55.37 101.27 -21.17
CA LEU T 43 53.96 100.94 -21.11
C LEU T 43 53.73 99.70 -20.26
N LEU T 44 54.50 98.64 -20.52
CA LEU T 44 54.32 97.38 -19.78
C LEU T 44 54.68 97.56 -18.31
N GLU T 45 55.73 98.33 -18.02
CA GLU T 45 56.09 98.59 -16.63
C GLU T 45 54.93 99.24 -15.88
N ALA T 46 54.35 100.30 -16.45
CA ALA T 46 53.24 100.96 -15.78
C ALA T 46 52.04 100.02 -15.65
N GLU T 47 51.76 99.25 -16.71
CA GLU T 47 50.64 98.33 -16.67
C GLU T 47 50.80 97.32 -15.54
N ILE T 48 51.99 96.73 -15.42
CA ILE T 48 52.22 95.73 -14.39
C ILE T 48 52.20 96.36 -13.01
N VAL T 49 52.75 97.57 -12.87
CA VAL T 49 52.72 98.23 -11.57
C VAL T 49 51.29 98.40 -11.11
N GLU T 50 50.44 98.94 -11.97
CA GLU T 50 49.05 99.16 -11.58
C GLU T 50 48.32 97.84 -11.34
N LYS T 51 48.54 96.85 -12.20
CA LYS T 51 47.88 95.56 -12.04
C LYS T 51 48.28 94.90 -10.73
N GLN T 52 49.56 94.94 -10.40
CA GLN T 52 50.03 94.33 -9.15
C GLN T 52 49.49 95.09 -7.95
N ALA T 53 49.40 96.42 -8.04
CA ALA T 53 48.80 97.18 -6.96
C ALA T 53 47.34 96.76 -6.75
N ARG T 54 46.58 96.63 -7.84
CA ARG T 54 45.19 96.20 -7.72
C ARG T 54 45.09 94.79 -7.15
N SER T 55 45.97 93.88 -7.59
CA SER T 55 45.95 92.52 -7.07
C SER T 55 46.26 92.49 -5.58
N ILE T 56 47.24 93.28 -5.14
CA ILE T 56 47.57 93.33 -3.72
C ILE T 56 46.41 93.90 -2.93
N GLN T 57 45.75 94.93 -3.46
CA GLN T 57 44.57 95.48 -2.80
C GLN T 57 43.47 94.43 -2.67
N THR T 58 43.24 93.67 -3.73
CA THR T 58 42.22 92.62 -3.68
C THR T 58 42.59 91.55 -2.66
N LEU T 59 43.86 91.15 -2.62
CA LEU T 59 44.30 90.16 -1.64
C LEU T 59 44.11 90.67 -0.22
N ILE T 60 44.44 91.94 0.03
CA ILE T 60 44.22 92.52 1.34
C ILE T 60 42.74 92.51 1.68
N LYS T 61 41.88 92.82 0.70
CA LYS T 61 40.45 92.78 0.94
C LYS T 61 40.01 91.39 1.33
N LEU T 62 40.50 90.37 0.62
CA LEU T 62 40.15 88.99 0.97
C LEU T 62 40.68 88.63 2.35
N SER T 63 41.92 89.03 2.65
CA SER T 63 42.49 88.76 3.96
C SER T 63 41.72 89.52 5.03
N LYS T 64 41.40 88.85 6.13
CA LYS T 64 40.62 89.44 7.21
C LYS T 64 41.57 90.16 8.16
N LEU T 65 41.99 91.36 7.73
CA LEU T 65 42.90 92.18 8.51
C LEU T 65 42.15 93.37 9.08
N PRO T 66 42.07 93.53 10.40
CA PRO T 66 41.37 94.69 10.96
C PRO T 66 41.98 96.02 10.53
N TYR T 67 43.30 96.06 10.33
CA TYR T 67 43.98 97.29 9.94
C TYR T 67 45.31 96.92 9.31
N ARG T 68 45.91 97.90 8.64
CA ARG T 68 47.18 97.72 7.94
C ARG T 68 48.29 98.35 8.75
N LYS T 69 49.38 97.61 8.95
CA LYS T 69 50.54 98.09 9.69
C LYS T 69 51.77 97.33 9.22
N THR T 70 52.92 97.98 9.34
CA THR T 70 54.19 97.42 8.91
C THR T 70 55.23 97.55 10.02
N ILE T 71 56.32 96.79 9.88
CA ILE T 71 57.37 96.79 10.89
C ILE T 71 57.92 98.20 11.10
N ASP T 72 57.80 99.05 10.09
CA ASP T 72 58.30 100.42 10.22
C ASP T 72 57.68 101.12 11.42
N THR T 73 56.39 100.84 11.69
CA THR T 73 55.75 101.44 12.85
C THR T 73 56.30 100.90 14.17
N PHE T 74 56.92 99.72 14.15
CA PHE T 74 57.39 99.06 15.37
C PHE T 74 58.74 99.64 15.75
N ASP T 75 58.72 100.62 16.65
CA ASP T 75 59.95 101.13 17.24
C ASP T 75 60.60 100.05 18.10
N PHE T 76 61.81 99.64 17.74
CA PHE T 76 62.50 98.60 18.50
C PHE T 76 62.98 99.12 19.84
N THR T 77 63.24 100.42 19.95
CA THR T 77 63.71 100.97 21.22
C THR T 77 62.67 100.80 22.31
N ALA T 78 61.40 101.02 21.98
CA ALA T 78 60.33 100.86 22.97
C ALA T 78 60.20 99.42 23.44
N GLN T 79 60.72 98.46 22.68
CA GLN T 79 60.66 97.04 23.03
C GLN T 79 62.08 96.48 22.93
N PRO T 80 62.92 96.72 23.94
CA PRO T 80 64.31 96.22 23.87
C PRO T 80 64.40 94.71 23.79
N SER T 81 63.38 93.97 24.23
CA SER T 81 63.45 92.52 24.21
C SER T 81 63.62 91.99 22.80
N VAL T 82 62.88 92.56 21.84
CA VAL T 82 62.97 92.09 20.46
C VAL T 82 64.35 92.39 19.89
N ASP T 83 64.73 91.62 18.88
CA ASP T 83 65.99 91.81 18.16
C ASP T 83 65.70 92.17 16.72
N GLU T 84 66.36 93.21 16.22
CA GLU T 84 66.14 93.62 14.84
C GLU T 84 66.50 92.51 13.86
N ARG T 85 67.61 91.83 14.10
CA ARG T 85 68.06 90.79 13.20
C ARG T 85 67.00 89.71 13.02
N ARG T 86 66.49 89.17 14.13
CA ARG T 86 65.54 88.07 14.04
C ARG T 86 64.22 88.52 13.41
N ILE T 87 63.74 89.71 13.77
CA ILE T 87 62.50 90.20 13.21
C ILE T 87 62.63 90.39 11.71
N ARG T 88 63.75 90.96 11.26
CA ARG T 88 63.96 91.14 9.83
C ARG T 88 64.12 89.80 9.12
N GLU T 89 64.76 88.83 9.78
CA GLU T 89 64.84 87.49 9.20
C GLU T 89 63.45 86.89 9.00
N LEU T 90 62.56 87.07 9.99
CA LEU T 90 61.18 86.64 9.81
C LEU T 90 60.53 87.37 8.65
N LEU T 91 60.74 88.68 8.57
CA LEU T 91 60.16 89.48 7.50
C LEU T 91 60.66 89.05 6.12
N THR T 92 61.85 88.45 6.04
CA THR T 92 62.34 87.95 4.77
C THR T 92 61.44 86.86 4.22
N LEU T 93 60.63 86.22 5.05
CA LEU T 93 59.70 85.16 4.68
C LEU T 93 60.41 83.91 4.17
N SER T 94 61.73 83.80 4.37
CA SER T 94 62.45 82.60 3.98
C SER T 94 62.02 81.39 4.79
N PHE T 95 61.48 81.60 6.00
CA PHE T 95 61.01 80.49 6.81
C PHE T 95 59.85 79.74 6.14
N ILE T 96 59.13 80.40 5.24
CA ILE T 96 58.01 79.74 4.56
C ILE T 96 58.51 78.54 3.77
N ASP T 97 59.67 78.68 3.12
CA ASP T 97 60.25 77.55 2.40
C ASP T 97 60.56 76.39 3.34
N ARG T 98 61.08 76.70 4.53
CA ARG T 98 61.36 75.69 5.54
C ARG T 98 60.09 75.22 6.26
N LYS T 99 58.98 75.93 6.11
CA LYS T 99 57.73 75.58 6.78
C LYS T 99 57.91 75.61 8.30
N GLU T 100 58.33 76.77 8.80
CA GLU T 100 58.55 76.99 10.22
C GLU T 100 57.42 77.87 10.75
N ASN T 101 56.72 77.39 11.77
CA ASN T 101 55.60 78.11 12.36
C ASN T 101 56.12 79.09 13.41
N ILE T 102 55.70 80.34 13.30
CA ILE T 102 56.19 81.41 14.16
C ILE T 102 55.19 81.62 15.29
N LEU T 103 55.70 81.72 16.51
CA LEU T 103 54.88 81.93 17.71
C LEU T 103 55.39 83.14 18.47
N PHE T 104 54.46 84.00 18.90
CA PHE T 104 54.77 85.19 19.68
C PHE T 104 54.06 85.07 21.02
N LEU T 105 54.85 84.94 22.09
CA LEU T 105 54.34 84.78 23.44
C LEU T 105 54.74 85.98 24.29
N GLY T 106 53.78 86.46 25.08
CA GLY T 106 54.03 87.58 25.97
C GLY T 106 52.76 88.11 26.58
N PRO T 107 52.89 88.94 27.61
CA PRO T 107 51.71 89.53 28.26
C PRO T 107 51.00 90.48 27.32
N PRO T 108 49.70 90.75 27.55
CA PRO T 108 48.96 91.63 26.66
C PRO T 108 49.54 93.03 26.62
N GLY T 109 49.42 93.66 25.45
CA GLY T 109 49.81 95.05 25.28
C GLY T 109 51.19 95.26 24.68
N ILE T 110 52.02 94.23 24.63
CA ILE T 110 53.36 94.40 24.07
C ILE T 110 53.28 94.73 22.58
N GLY T 111 52.40 94.05 21.85
CA GLY T 111 52.29 94.24 20.41
C GLY T 111 52.71 93.00 19.66
N LYS T 112 52.56 91.83 20.30
CA LYS T 112 52.91 90.58 19.64
C LYS T 112 52.17 90.41 18.32
N THR T 113 50.94 90.91 18.23
CA THR T 113 50.18 90.82 16.99
C THR T 113 50.68 91.80 15.94
N HIS T 114 51.37 92.86 16.35
CA HIS T 114 51.87 93.84 15.39
C HIS T 114 52.85 93.21 14.41
N LEU T 115 53.81 92.44 14.93
CA LEU T 115 54.79 91.80 14.06
C LEU T 115 54.11 90.79 13.13
N ALA T 116 53.15 90.03 13.64
CA ALA T 116 52.44 89.08 12.80
C ALA T 116 51.68 89.78 11.68
N ILE T 117 51.01 90.88 11.99
CA ILE T 117 50.27 91.62 10.97
C ILE T 117 51.24 92.19 9.94
N SER T 118 52.39 92.70 10.39
CA SER T 118 53.38 93.22 9.44
C SER T 118 53.87 92.13 8.51
N ILE T 119 54.17 90.95 9.05
CA ILE T 119 54.63 89.83 8.22
C ILE T 119 53.55 89.43 7.23
N GLY T 120 52.30 89.37 7.69
CA GLY T 120 51.21 89.04 6.77
C GLY T 120 51.05 90.06 5.67
N MET T 121 51.18 91.35 6.00
CA MET T 121 51.10 92.39 4.99
C MET T 121 52.23 92.25 3.97
N GLU T 122 53.45 91.96 4.45
CA GLU T 122 54.56 91.73 3.53
C GLU T 122 54.28 90.55 2.61
N ALA T 123 53.76 89.46 3.17
CA ALA T 123 53.45 88.30 2.35
C ALA T 123 52.39 88.61 1.31
N ILE T 124 51.35 89.37 1.70
CA ILE T 124 50.32 89.76 0.74
C ILE T 124 50.91 90.63 -0.36
N ALA T 125 51.79 91.57 0.01
CA ALA T 125 52.42 92.41 -0.99
C ALA T 125 53.24 91.59 -1.97
N ARG T 126 53.98 90.59 -1.46
CA ARG T 126 54.75 89.71 -2.32
C ARG T 126 53.87 88.77 -3.14
N GLY T 127 52.57 88.70 -2.85
CA GLY T 127 51.63 87.92 -3.62
C GLY T 127 51.18 86.63 -2.98
N TYR T 128 51.92 86.13 -1.99
CA TYR T 128 51.52 84.90 -1.32
C TYR T 128 50.22 85.13 -0.57
N LYS T 129 49.29 84.18 -0.70
CA LYS T 129 48.01 84.29 -0.02
C LYS T 129 48.21 84.24 1.48
N THR T 130 47.49 85.11 2.20
CA THR T 130 47.57 85.17 3.65
C THR T 130 46.16 85.35 4.20
N TYR T 131 45.85 84.59 5.25
CA TYR T 131 44.56 84.68 5.92
C TYR T 131 44.82 84.89 7.41
N PHE T 132 44.00 85.73 8.03
CA PHE T 132 44.11 86.06 9.44
C PHE T 132 42.78 85.80 10.13
N ILE T 133 42.84 85.22 11.33
CA ILE T 133 41.63 84.91 12.08
C ILE T 133 42.01 84.68 13.53
N THR T 134 41.03 84.82 14.42
CA THR T 134 41.22 84.48 15.82
C THR T 134 40.77 83.04 16.08
N ALA T 135 41.33 82.44 17.13
CA ALA T 135 41.03 81.04 17.43
C ALA T 135 39.54 80.85 17.71
N HIS T 136 38.94 81.76 18.48
CA HIS T 136 37.53 81.65 18.81
C HIS T 136 36.66 81.74 17.55
N ASP T 137 36.99 82.68 16.66
CA ASP T 137 36.23 82.82 15.43
C ASP T 137 36.37 81.58 14.56
N LEU T 138 37.58 81.01 14.48
CA LEU T 138 37.77 79.77 13.73
C LEU T 138 36.94 78.65 14.33
N VAL T 139 36.91 78.55 15.66
CA VAL T 139 36.11 77.52 16.32
C VAL T 139 34.64 77.69 15.96
N ASN T 140 34.13 78.92 16.04
CA ASN T 140 32.73 79.16 15.70
C ASN T 140 32.43 78.81 14.25
N GLN T 141 33.33 79.20 13.34
CA GLN T 141 33.11 78.93 11.93
C GLN T 141 33.09 77.43 11.65
N LEU T 142 34.00 76.68 12.25
CA LEU T 142 33.99 75.23 12.04
C LEU T 142 32.79 74.58 12.70
N ARG T 143 32.33 75.12 13.82
CA ARG T 143 31.10 74.65 14.43
C ARG T 143 29.92 74.81 13.47
N ARG T 144 29.79 76.01 12.88
CA ARG T 144 28.73 76.23 11.91
C ARG T 144 28.89 75.31 10.70
N ALA T 145 30.14 75.06 10.29
CA ALA T 145 30.38 74.16 9.17
C ALA T 145 29.89 72.76 9.47
N ASP T 146 30.19 72.25 10.68
CA ASP T 146 29.67 70.95 11.08
C ASP T 146 28.15 70.96 11.12
N GLN T 147 27.56 72.06 11.59
CA GLN T 147 26.11 72.17 11.63
C GLN T 147 25.51 72.06 10.23
N GLU T 148 26.13 72.71 9.25
CA GLU T 148 25.63 72.73 7.88
C GLU T 148 26.21 71.63 7.01
N GLY T 149 27.16 70.84 7.53
CA GLY T 149 27.74 69.76 6.76
C GLY T 149 28.84 70.16 5.80
N LYS T 150 29.20 71.45 5.75
CA LYS T 150 30.23 71.94 4.85
C LYS T 150 31.59 72.05 5.55
N LEU T 151 31.86 71.18 6.52
CA LEU T 151 33.12 71.26 7.25
C LEU T 151 34.31 71.13 6.31
N GLU T 152 34.19 70.27 5.30
CA GLU T 152 35.27 70.12 4.33
C GLU T 152 35.57 71.45 3.65
N LYS T 153 34.53 72.20 3.30
CA LYS T 153 34.73 73.48 2.62
C LYS T 153 35.49 74.46 3.50
N LYS T 154 35.12 74.54 4.78
CA LYS T 154 35.79 75.48 5.67
C LYS T 154 37.23 75.05 5.95
N LEU T 155 37.45 73.74 6.12
CA LEU T 155 38.82 73.28 6.28
C LEU T 155 39.66 73.60 5.05
N ARG T 156 39.08 73.43 3.86
CA ARG T 156 39.81 73.74 2.64
C ARG T 156 40.12 75.23 2.54
N VAL T 157 39.15 76.09 2.86
CA VAL T 157 39.39 77.52 2.74
C VAL T 157 40.37 78.01 3.81
N PHE T 158 40.44 77.32 4.95
CA PHE T 158 41.38 77.69 6.00
C PHE T 158 42.76 77.06 5.81
N VAL T 159 42.89 76.06 4.96
CA VAL T 159 44.18 75.43 4.72
C VAL T 159 44.82 76.00 3.45
N LYS T 160 43.99 76.44 2.51
CA LYS T 160 44.52 76.99 1.26
C LYS T 160 45.47 78.15 1.48
N PRO T 161 45.18 79.12 2.35
CA PRO T 161 46.09 80.26 2.50
C PRO T 161 47.51 79.82 2.80
N THR T 162 48.47 80.45 2.12
CA THR T 162 49.87 80.09 2.31
C THR T 162 50.37 80.47 3.70
N VAL T 163 49.79 81.50 4.30
CA VAL T 163 50.20 81.97 5.63
C VAL T 163 48.92 82.18 6.44
N LEU T 164 48.68 81.32 7.41
CA LEU T 164 47.52 81.41 8.29
C LEU T 164 47.95 81.99 9.63
N ILE T 165 47.29 83.05 10.06
CA ILE T 165 47.67 83.78 11.27
C ILE T 165 46.55 83.63 12.28
N ILE T 166 46.81 82.84 13.32
CA ILE T 166 45.85 82.63 14.41
C ILE T 166 46.16 83.63 15.51
N ASP T 167 45.15 84.36 15.95
CA ASP T 167 45.32 85.42 16.94
C ASP T 167 44.39 85.19 18.13
N GLN T 168 44.73 85.83 19.25
CA GLN T 168 43.94 85.74 20.47
C GLN T 168 43.76 84.30 20.91
N MET T 169 44.84 83.51 20.81
CA MET T 169 44.84 82.12 21.26
C MET T 169 45.30 82.11 22.72
N GLY T 170 44.35 81.95 23.64
CA GLY T 170 44.68 81.90 25.04
C GLY T 170 43.74 82.73 25.90
N TYR T 171 43.25 83.85 25.34
CA TYR T 171 42.34 84.70 26.09
C TYR T 171 41.05 83.96 26.42
N LEU T 172 40.50 83.22 25.46
CA LEU T 172 39.24 82.50 25.62
C LEU T 172 39.50 81.01 25.74
N LYS T 173 38.84 80.37 26.69
CA LYS T 173 39.02 78.95 26.92
C LYS T 173 38.23 78.14 25.89
N LEU T 174 38.77 76.97 25.54
CA LEU T 174 38.22 76.13 24.49
C LEU T 174 37.75 74.80 25.04
N ASP T 175 36.62 74.32 24.53
CA ASP T 175 36.07 73.02 24.87
C ASP T 175 36.70 71.94 24.00
N PRO T 176 36.59 70.67 24.39
CA PRO T 176 37.24 69.61 23.60
C PRO T 176 36.81 69.56 22.14
N ASN T 177 35.56 69.91 21.84
CA ASN T 177 35.14 69.95 20.43
C ASN T 177 35.95 70.98 19.66
N SER T 178 36.09 72.18 20.22
CA SER T 178 36.97 73.19 19.62
C SER T 178 38.40 72.69 19.56
N ALA T 179 38.82 71.90 20.54
CA ALA T 179 40.16 71.34 20.51
C ALA T 179 40.34 70.43 19.30
N HIS T 180 39.35 69.59 19.01
CA HIS T 180 39.46 68.69 17.86
C HIS T 180 39.40 69.47 16.55
N TYR T 181 38.59 70.54 16.50
CA TYR T 181 38.57 71.38 15.30
C TYR T 181 39.95 71.99 15.06
N LEU T 182 40.53 72.58 16.10
CA LEU T 182 41.85 73.18 15.96
C LEU T 182 42.89 72.13 15.59
N PHE T 183 42.78 70.93 16.15
CA PHE T 183 43.71 69.86 15.80
C PHE T 183 43.57 69.48 14.34
N GLN T 184 42.34 69.42 13.83
CA GLN T 184 42.14 69.17 12.41
C GLN T 184 42.87 70.22 11.58
N VAL T 185 42.70 71.50 11.93
CA VAL T 185 43.35 72.56 11.17
C VAL T 185 44.86 72.40 11.22
N ILE T 186 45.40 72.15 12.42
CA ILE T 186 46.85 72.06 12.59
C ILE T 186 47.39 70.88 11.78
N ALA T 187 46.72 69.73 11.87
CA ALA T 187 47.19 68.56 11.14
C ALA T 187 47.16 68.80 9.64
N ARG T 188 46.10 69.43 9.15
CA ARG T 188 46.07 69.79 7.73
C ARG T 188 47.21 70.74 7.38
N ARG T 189 47.64 71.58 8.33
CA ARG T 189 48.74 72.50 8.12
C ARG T 189 49.99 72.10 8.89
N TYR T 190 50.14 70.81 9.19
CA TYR T 190 51.29 70.37 9.98
C TYR T 190 52.60 70.66 9.27
N GLU T 191 52.73 70.22 8.02
CA GLU T 191 53.94 70.39 7.24
C GLU T 191 53.59 70.80 5.82
N HIS T 192 52.65 71.74 5.69
CA HIS T 192 52.19 72.21 4.40
C HIS T 192 52.31 73.72 4.25
N ALA T 193 52.08 74.48 5.33
CA ALA T 193 52.18 75.93 5.27
C ALA T 193 52.46 76.45 6.68
N PRO T 194 53.27 77.49 6.83
CA PRO T 194 53.55 78.01 8.18
C PRO T 194 52.32 78.63 8.81
N ILE T 195 52.33 78.66 10.14
CA ILE T 195 51.28 79.29 10.94
C ILE T 195 51.93 80.33 11.83
N ILE T 196 51.38 81.54 11.84
CA ILE T 196 51.86 82.62 12.69
C ILE T 196 50.82 82.81 13.79
N LEU T 197 51.20 82.48 15.02
CA LEU T 197 50.29 82.50 16.16
C LEU T 197 50.80 83.45 17.23
N THR T 198 49.87 84.12 17.90
CA THR T 198 50.19 84.99 19.02
C THR T 198 49.36 84.56 20.22
N SER T 199 50.02 84.38 21.36
CA SER T 199 49.35 83.90 22.56
C SER T 199 49.91 84.59 23.78
N ASN T 200 49.11 84.58 24.86
CA ASN T 200 49.51 85.14 26.14
C ASN T 200 49.65 84.08 27.22
N LYS T 201 49.47 82.81 26.90
CA LYS T 201 49.55 81.72 27.85
C LYS T 201 50.72 80.80 27.52
N SER T 202 51.32 80.23 28.56
CA SER T 202 52.41 79.30 28.37
C SER T 202 51.89 77.99 27.78
N PHE T 203 52.80 77.23 27.18
CA PHE T 203 52.42 75.95 26.57
C PHE T 203 51.71 75.05 27.56
N GLY T 204 52.09 75.10 28.84
CA GLY T 204 51.44 74.27 29.83
C GLY T 204 49.96 74.56 29.97
N GLU T 205 49.59 75.84 29.95
CA GLU T 205 48.19 76.22 30.10
C GLU T 205 47.33 75.73 28.95
N TRP T 206 47.93 75.41 27.81
CA TRP T 206 47.13 74.99 26.65
C TRP T 206 46.29 73.76 26.98
N GLY T 207 46.76 72.92 27.90
CA GLY T 207 45.98 71.75 28.27
C GLY T 207 44.63 72.12 28.83
N GLU T 208 44.61 73.05 29.80
CA GLU T 208 43.35 73.53 30.32
C GLU T 208 42.60 74.38 29.30
N ILE T 209 43.33 75.07 28.42
CA ILE T 209 42.68 75.90 27.41
C ILE T 209 41.83 75.04 26.49
N VAL T 210 42.36 73.89 26.06
CA VAL T 210 41.66 73.04 25.10
C VAL T 210 40.81 71.97 25.77
N GLY T 211 40.89 71.83 27.09
CA GLY T 211 40.09 70.84 27.78
C GLY T 211 40.51 69.41 27.53
N ASP T 212 41.75 69.19 27.09
CA ASP T 212 42.23 67.84 26.81
C ASP T 212 43.75 67.88 26.78
N SER T 213 44.39 67.19 27.73
CA SER T 213 45.84 67.22 27.81
C SER T 213 46.49 66.55 26.61
N VAL T 214 45.93 65.42 26.17
CA VAL T 214 46.55 64.67 25.07
C VAL T 214 46.42 65.45 23.76
N LEU T 215 45.25 66.05 23.51
CA LEU T 215 45.10 66.88 22.33
C LEU T 215 46.05 68.07 22.38
N ALA T 216 46.20 68.68 23.56
CA ALA T 216 47.14 69.80 23.69
C ALA T 216 48.55 69.35 23.36
N THR T 217 48.96 68.19 23.88
CA THR T 217 50.32 67.70 23.60
C THR T 217 50.50 67.43 22.12
N ALA T 218 49.51 66.80 21.48
CA ALA T 218 49.62 66.50 20.06
C ALA T 218 49.72 67.78 19.24
N MET T 219 48.87 68.76 19.54
CA MET T 219 48.91 70.03 18.82
C MET T 219 50.24 70.74 19.04
N LEU T 220 50.75 70.72 20.27
CA LEU T 220 52.04 71.34 20.53
C LEU T 220 53.16 70.66 19.75
N ASP T 221 53.15 69.32 19.71
CA ASP T 221 54.18 68.61 18.94
C ASP T 221 54.09 68.99 17.47
N ARG T 222 52.88 68.95 16.90
CA ARG T 222 52.74 69.26 15.48
C ARG T 222 53.17 70.68 15.17
N LEU T 223 52.79 71.63 16.03
CA LEU T 223 53.11 73.03 15.79
C LEU T 223 54.60 73.32 15.97
N LEU T 224 55.21 72.74 17.00
CA LEU T 224 56.58 73.05 17.36
C LEU T 224 57.61 72.19 16.64
N HIS T 225 57.19 71.16 15.89
CA HIS T 225 58.16 70.36 15.15
C HIS T 225 59.07 71.25 14.32
N HIS T 226 58.48 72.21 13.61
CA HIS T 226 59.22 73.21 12.85
C HIS T 226 58.63 74.57 13.21
N SER T 227 59.26 75.26 14.16
CA SER T 227 58.72 76.52 14.67
C SER T 227 59.83 77.38 15.21
N ILE T 228 59.48 78.62 15.53
CA ILE T 228 60.36 79.57 16.20
C ILE T 228 59.50 80.40 17.14
N ILE T 229 59.92 80.49 18.41
CA ILE T 229 59.14 81.17 19.45
C ILE T 229 59.90 82.40 19.91
N PHE T 230 59.17 83.48 20.12
CA PHE T 230 59.73 84.73 20.65
C PHE T 230 58.92 85.11 21.89
N ASN T 231 59.51 84.89 23.07
CA ASN T 231 58.87 85.23 24.34
C ASN T 231 59.12 86.71 24.62
N LEU T 232 58.35 87.55 23.94
CA LEU T 232 58.49 88.99 24.09
C LEU T 232 57.97 89.43 25.44
N LYS T 233 58.75 90.26 26.13
CA LYS T 233 58.40 90.77 27.46
C LYS T 233 58.68 92.27 27.51
N GLY T 234 57.78 93.00 28.14
CA GLY T 234 57.95 94.43 28.28
C GLY T 234 56.66 95.10 28.69
N GLU T 235 56.76 96.41 28.87
CA GLU T 235 55.61 97.21 29.26
C GLU T 235 54.56 97.22 28.16
N SER T 236 53.30 97.26 28.55
CA SER T 236 52.20 97.27 27.59
C SER T 236 52.22 98.57 26.80
N TYR T 237 52.32 98.45 25.48
CA TYR T 237 52.38 99.64 24.63
C TYR T 237 51.10 100.46 24.73
N ARG T 238 49.95 99.80 24.93
CA ARG T 238 48.71 100.54 25.13
C ARG T 238 48.79 101.39 26.40
N LEU T 239 49.33 100.81 27.48
CA LEU T 239 49.48 101.57 28.72
C LEU T 239 50.45 102.73 28.54
N ARG T 240 51.54 102.51 27.80
CA ARG T 240 52.50 103.59 27.57
C ARG T 240 51.87 104.70 26.73
N GLU T 241 51.07 104.35 25.72
CA GLU T 241 50.37 105.36 24.94
C GLU T 241 49.37 106.13 25.81
N LYS T 242 48.68 105.42 26.71
CA LYS T 242 47.77 106.08 27.63
C LYS T 242 48.52 107.08 28.52
N ARG T 243 49.69 106.67 29.03
CA ARG T 243 50.49 107.58 29.85
C ARG T 243 50.95 108.80 29.03
N LEU T 244 51.35 108.58 27.77
CA LEU T 244 51.73 109.69 26.92
C LEU T 244 50.56 110.65 26.71
N GLN T 245 49.37 110.09 26.51
CA GLN T 245 48.18 110.94 26.40
C GLN T 245 47.97 111.72 27.69
N GLU T 246 48.20 111.09 28.84
CA GLU T 246 48.08 111.80 30.11
C GLU T 246 49.05 112.97 30.17
N GLU T 247 50.29 112.76 29.74
CA GLU T 247 51.28 113.84 29.71
C GLU T 247 51.30 114.50 28.33
N ASN U 1 19.18 128.16 6.92
CA ASN U 1 18.27 129.10 6.19
C ASN U 1 16.85 128.51 6.13
N MET U 2 16.15 128.75 5.03
CA MET U 2 14.77 128.29 4.87
C MET U 2 14.66 127.10 3.91
N LYS U 3 15.16 127.23 2.69
CA LYS U 3 15.00 126.17 1.70
C LYS U 3 15.65 124.88 2.16
N GLU U 4 16.87 124.97 2.69
CA GLU U 4 17.57 123.77 3.14
C GLU U 4 16.80 123.07 4.26
N ARG U 5 16.27 123.85 5.21
CA ARG U 5 15.46 123.25 6.27
C ARG U 5 14.19 122.63 5.72
N ILE U 6 13.58 123.26 4.71
CA ILE U 6 12.39 122.69 4.08
C ILE U 6 12.72 121.34 3.48
N HIS U 7 13.82 121.26 2.72
CA HIS U 7 14.21 120.00 2.09
C HIS U 7 14.52 118.95 3.14
N GLU U 8 15.24 119.32 4.20
CA GLU U 8 15.58 118.38 5.26
C GLU U 8 14.32 117.86 5.94
N TYR U 9 13.36 118.74 6.22
CA TYR U 9 12.13 118.30 6.86
C TYR U 9 11.32 117.39 5.94
N CYS U 10 11.27 117.71 4.65
CA CYS U 10 10.56 116.84 3.71
C CYS U 10 11.20 115.45 3.67
N HIS U 11 12.53 115.38 3.66
CA HIS U 11 13.20 114.09 3.65
C HIS U 11 13.00 113.34 4.96
N ARG U 12 13.02 114.06 6.08
CA ARG U 12 12.80 113.42 7.38
C ARG U 12 11.39 112.83 7.45
N LEU U 13 10.40 113.55 6.94
CA LEU U 13 9.05 113.02 6.82
C LEU U 13 8.95 111.98 5.71
N HIS U 14 10.03 111.74 4.97
CA HIS U 14 10.06 110.76 3.90
C HIS U 14 9.13 111.19 2.76
N LEU U 15 9.26 112.45 2.34
CA LEU U 15 8.40 113.03 1.32
C LEU U 15 9.22 113.94 0.39
N PRO U 16 10.26 113.41 -0.24
CA PRO U 16 10.93 114.17 -1.29
C PRO U 16 10.00 114.46 -2.46
N VAL U 17 9.05 113.57 -2.72
CA VAL U 17 8.01 113.87 -3.71
C VAL U 17 7.26 115.13 -3.29
N MET U 18 6.80 115.17 -2.03
CA MET U 18 6.15 116.38 -1.54
C MET U 18 7.10 117.56 -1.59
N ALA U 19 8.41 117.32 -1.46
CA ALA U 19 9.37 118.41 -1.61
C ALA U 19 9.31 119.01 -3.00
N GLU U 20 9.25 118.16 -4.03
CA GLU U 20 9.15 118.68 -5.39
C GLU U 20 7.75 119.19 -5.70
N ARG U 21 6.71 118.62 -5.09
CA ARG U 21 5.36 119.06 -5.40
C ARG U 21 5.10 120.47 -4.92
N TRP U 22 5.63 120.85 -3.75
CA TRP U 22 5.49 122.23 -3.31
C TRP U 22 6.37 123.16 -4.15
N SER U 23 7.49 122.65 -4.67
CA SER U 23 8.31 123.47 -5.55
C SER U 23 7.53 123.95 -6.77
N ALA U 24 6.50 123.19 -7.18
CA ALA U 24 5.66 123.55 -8.31
C ALA U 24 4.37 124.22 -7.86
N MET U 25 3.70 123.67 -6.84
CA MET U 25 2.44 124.21 -6.38
C MET U 25 2.62 125.61 -5.77
N ALA U 26 3.77 125.88 -5.15
CA ALA U 26 4.03 127.21 -4.64
C ALA U 26 4.06 128.23 -5.77
N GLU U 27 4.76 127.90 -6.86
CA GLU U 27 4.77 128.79 -8.02
C GLU U 27 3.37 128.94 -8.59
N TYR U 28 2.63 127.84 -8.69
CA TYR U 28 1.27 127.91 -9.22
C TYR U 28 0.40 128.83 -8.38
N ALA U 29 0.47 128.69 -7.05
CA ALA U 29 -0.30 129.56 -6.16
C ALA U 29 0.14 131.01 -6.29
N SER U 30 1.45 131.25 -6.38
CA SER U 30 1.94 132.61 -6.58
C SER U 30 1.40 133.21 -7.87
N THR U 31 1.16 132.38 -8.89
CA THR U 31 0.59 132.89 -10.13
C THR U 31 -0.90 133.15 -10.02
N HIS U 32 -1.60 132.56 -9.05
CA HIS U 32 -3.04 132.69 -8.93
C HIS U 32 -3.54 132.97 -7.53
N ASN U 33 -2.66 133.12 -6.54
CA ASN U 33 -3.07 133.37 -5.16
C ASN U 33 -4.07 132.32 -4.68
N ILE U 34 -3.64 131.06 -4.76
CA ILE U 34 -4.49 129.95 -4.34
C ILE U 34 -4.62 129.92 -2.83
N SER U 35 -5.77 129.46 -2.35
CA SER U 35 -5.98 129.35 -0.92
C SER U 35 -5.03 128.31 -0.31
N TYR U 36 -4.74 128.49 0.97
CA TYR U 36 -3.82 127.57 1.65
C TYR U 36 -4.37 126.15 1.68
N SER U 37 -5.68 126.02 1.90
CA SER U 37 -6.29 124.69 1.92
C SER U 37 -6.13 124.00 0.57
N GLU U 38 -6.42 124.71 -0.51
CA GLU U 38 -6.28 124.11 -1.84
C GLU U 38 -4.82 123.81 -2.15
N PHE U 39 -3.91 124.66 -1.69
CA PHE U 39 -2.48 124.42 -1.88
C PHE U 39 -2.05 123.12 -1.20
N LEU U 40 -2.40 122.98 0.08
CA LEU U 40 -2.06 121.74 0.80
C LEU U 40 -2.74 120.55 0.17
N PHE U 41 -3.97 120.72 -0.31
CA PHE U 41 -4.65 119.61 -0.98
C PHE U 41 -3.91 119.19 -2.23
N ARG U 42 -3.43 120.16 -3.02
CA ARG U 42 -2.63 119.83 -4.20
C ARG U 42 -1.39 119.05 -3.80
N LEU U 43 -0.67 119.54 -2.79
CA LEU U 43 0.56 118.86 -2.36
C LEU U 43 0.25 117.42 -1.95
N LEU U 44 -0.74 117.24 -1.08
CA LEU U 44 -1.06 115.92 -0.56
C LEU U 44 -1.54 114.99 -1.67
N GLU U 45 -2.38 115.50 -2.58
CA GLU U 45 -2.90 114.65 -3.65
C GLU U 45 -1.78 114.21 -4.58
N ALA U 46 -0.87 115.13 -4.95
CA ALA U 46 0.25 114.74 -5.79
C ALA U 46 1.13 113.71 -5.08
N GLU U 47 1.40 113.92 -3.79
CA GLU U 47 2.21 112.97 -3.04
C GLU U 47 1.53 111.60 -3.01
N ILE U 48 0.23 111.57 -2.79
CA ILE U 48 -0.51 110.31 -2.73
C ILE U 48 -0.47 109.60 -4.08
N VAL U 49 -0.67 110.37 -5.16
CA VAL U 49 -0.66 109.77 -6.50
C VAL U 49 0.69 109.15 -6.78
N GLU U 50 1.77 109.89 -6.50
CA GLU U 50 3.11 109.37 -6.78
C GLU U 50 3.40 108.13 -5.92
N LYS U 51 3.06 108.19 -4.63
CA LYS U 51 3.32 107.04 -3.76
C LYS U 51 2.52 105.83 -4.20
N GLN U 52 1.26 106.03 -4.60
CA GLN U 52 0.44 104.92 -5.07
C GLN U 52 1.02 104.32 -6.35
N ALA U 53 1.49 105.17 -7.27
CA ALA U 53 2.10 104.64 -8.48
C ALA U 53 3.35 103.82 -8.16
N ARG U 54 4.19 104.33 -7.26
CA ARG U 54 5.40 103.58 -6.89
C ARG U 54 5.04 102.27 -6.21
N SER U 55 4.03 102.29 -5.33
CA SER U 55 3.59 101.06 -4.67
C SER U 55 3.05 100.05 -5.68
N ILE U 56 2.29 100.52 -6.66
CA ILE U 56 1.77 99.63 -7.70
C ILE U 56 2.93 99.01 -8.49
N GLN U 57 3.93 99.82 -8.84
CA GLN U 57 5.08 99.29 -9.55
C GLN U 57 5.82 98.26 -8.71
N THR U 58 5.97 98.53 -7.41
CA THR U 58 6.63 97.58 -6.53
C THR U 58 5.84 96.28 -6.43
N LEU U 59 4.51 96.37 -6.36
CA LEU U 59 3.69 95.17 -6.32
C LEU U 59 3.83 94.37 -7.60
N ILE U 60 3.87 95.06 -8.75
CA ILE U 60 4.08 94.37 -10.02
C ILE U 60 5.42 93.65 -10.01
N LYS U 61 6.46 94.33 -9.53
CA LYS U 61 7.79 93.73 -9.52
C LYS U 61 7.84 92.50 -8.61
N LEU U 62 7.22 92.59 -7.42
CA LEU U 62 7.25 91.48 -6.49
C LEU U 62 6.54 90.26 -7.06
N SER U 63 5.38 90.46 -7.67
CA SER U 63 4.64 89.36 -8.26
C SER U 63 5.38 88.84 -9.50
N LYS U 64 5.43 87.53 -9.63
CA LYS U 64 6.09 86.89 -10.77
C LYS U 64 5.19 86.97 -12.00
N LEU U 65 5.08 88.19 -12.53
CA LEU U 65 4.27 88.44 -13.71
C LEU U 65 5.16 88.39 -14.95
N PRO U 66 5.00 87.39 -15.83
CA PRO U 66 5.89 87.33 -16.99
C PRO U 66 5.81 88.55 -17.89
N TYR U 67 4.63 89.14 -18.03
CA TYR U 67 4.46 90.33 -18.85
C TYR U 67 3.17 91.03 -18.44
N ARG U 68 3.08 92.31 -18.78
CA ARG U 68 1.93 93.13 -18.46
C ARG U 68 1.00 93.21 -19.66
N LYS U 69 -0.28 92.93 -19.44
CA LYS U 69 -1.28 93.00 -20.48
C LYS U 69 -2.62 93.37 -19.87
N THR U 70 -3.41 94.16 -20.60
CA THR U 70 -4.69 94.64 -20.13
C THR U 70 -5.80 94.13 -21.04
N ILE U 71 -6.97 93.90 -20.45
CA ILE U 71 -8.12 93.44 -21.21
C ILE U 71 -8.48 94.43 -22.30
N ASP U 72 -8.10 95.70 -22.15
CA ASP U 72 -8.34 96.68 -23.20
C ASP U 72 -7.63 96.28 -24.48
N THR U 73 -6.39 95.79 -24.37
CA THR U 73 -5.63 95.30 -25.50
C THR U 73 -5.99 93.84 -25.81
N PHE U 74 -7.28 93.59 -25.98
CA PHE U 74 -7.77 92.24 -26.25
C PHE U 74 -9.05 92.37 -27.06
N ASP U 75 -9.08 91.75 -28.24
CA ASP U 75 -10.20 91.84 -29.15
C ASP U 75 -11.11 90.64 -28.96
N PHE U 76 -12.37 90.89 -28.61
CA PHE U 76 -13.36 89.84 -28.44
C PHE U 76 -14.04 89.46 -29.75
N THR U 77 -13.90 90.28 -30.80
CA THR U 77 -14.51 89.95 -32.08
C THR U 77 -13.90 88.69 -32.67
N ALA U 78 -12.57 88.56 -32.57
CA ALA U 78 -11.89 87.37 -33.07
C ALA U 78 -12.23 86.12 -32.27
N GLN U 79 -12.84 86.28 -31.09
CA GLN U 79 -13.22 85.16 -30.23
C GLN U 79 -14.69 85.28 -29.89
N PRO U 80 -15.58 84.82 -30.76
CA PRO U 80 -17.01 84.89 -30.45
C PRO U 80 -17.40 84.11 -29.20
N SER U 81 -16.61 83.12 -28.79
CA SER U 81 -16.96 82.32 -27.62
C SER U 81 -17.04 83.18 -26.36
N VAL U 82 -16.07 84.06 -26.16
CA VAL U 82 -16.06 84.91 -24.97
C VAL U 82 -17.18 85.94 -25.09
N ASP U 83 -17.96 86.08 -24.02
CA ASP U 83 -19.01 87.09 -23.94
C ASP U 83 -18.48 88.28 -23.15
N GLU U 84 -18.49 89.46 -23.76
CA GLU U 84 -17.95 90.64 -23.10
C GLU U 84 -18.64 90.88 -21.76
N ARG U 85 -19.92 90.54 -21.65
CA ARG U 85 -20.62 90.72 -20.39
C ARG U 85 -19.92 89.96 -19.27
N ARG U 86 -19.67 88.67 -19.46
CA ARG U 86 -19.04 87.87 -18.43
C ARG U 86 -17.61 88.31 -18.16
N ILE U 87 -16.87 88.67 -19.22
CA ILE U 87 -15.50 89.12 -19.03
C ILE U 87 -15.45 90.37 -18.17
N ARG U 88 -16.33 91.34 -18.46
CA ARG U 88 -16.36 92.56 -17.66
C ARG U 88 -16.89 92.30 -16.26
N GLU U 89 -17.80 91.35 -16.10
CA GLU U 89 -18.23 90.96 -14.76
C GLU U 89 -17.06 90.42 -13.96
N LEU U 90 -16.20 89.61 -14.58
CA LEU U 90 -14.98 89.17 -13.92
C LEU U 90 -14.09 90.36 -13.60
N LEU U 91 -13.96 91.29 -14.55
CA LEU U 91 -13.14 92.48 -14.30
C LEU U 91 -13.65 93.26 -13.09
N THR U 92 -14.96 93.23 -12.83
CA THR U 92 -15.49 93.89 -11.65
C THR U 92 -14.96 93.29 -10.36
N LEU U 93 -14.40 92.08 -10.42
CA LEU U 93 -13.82 91.41 -9.26
C LEU U 93 -14.86 91.08 -8.20
N SER U 94 -16.12 90.90 -8.61
CA SER U 94 -17.15 90.49 -7.67
C SER U 94 -16.86 89.11 -7.09
N PHE U 95 -16.10 88.28 -7.82
CA PHE U 95 -15.79 86.94 -7.33
C PHE U 95 -14.95 86.98 -6.07
N ILE U 96 -14.12 88.02 -5.91
CA ILE U 96 -13.27 88.10 -4.73
C ILE U 96 -14.13 88.18 -3.47
N ASP U 97 -15.18 88.99 -3.49
CA ASP U 97 -16.08 89.06 -2.34
C ASP U 97 -16.79 87.73 -2.14
N ARG U 98 -17.21 87.09 -3.22
CA ARG U 98 -17.94 85.82 -3.13
C ARG U 98 -17.01 84.62 -2.99
N LYS U 99 -15.70 84.81 -3.08
CA LYS U 99 -14.74 83.71 -2.97
C LYS U 99 -15.03 82.63 -4.02
N GLU U 100 -15.21 83.07 -5.26
CA GLU U 100 -15.50 82.17 -6.37
C GLU U 100 -14.23 81.99 -7.20
N ASN U 101 -13.82 80.75 -7.39
CA ASN U 101 -12.64 80.44 -8.19
C ASN U 101 -12.95 80.53 -9.67
N ILE U 102 -12.01 81.06 -10.44
CA ILE U 102 -12.17 81.28 -11.87
C ILE U 102 -11.27 80.29 -12.60
N LEU U 103 -11.84 79.57 -13.56
CA LEU U 103 -11.12 78.58 -14.36
C LEU U 103 -11.33 78.86 -15.82
N PHE U 104 -10.26 78.84 -16.60
CA PHE U 104 -10.30 79.02 -18.05
C PHE U 104 -9.82 77.74 -18.72
N LEU U 105 -10.70 77.13 -19.51
CA LEU U 105 -10.43 75.88 -20.19
C LEU U 105 -10.61 76.06 -21.70
N GLY U 106 -9.79 75.33 -22.47
CA GLY U 106 -9.87 75.38 -23.90
C GLY U 106 -8.56 75.02 -24.58
N PRO U 107 -8.59 74.89 -25.90
CA PRO U 107 -7.38 74.56 -26.64
C PRO U 107 -6.38 75.70 -26.58
N PRO U 108 -5.08 75.41 -26.72
CA PRO U 108 -4.08 76.48 -26.64
C PRO U 108 -4.26 77.51 -27.74
N GLY U 109 -3.89 78.76 -27.42
CA GLY U 109 -3.86 79.84 -28.38
C GLY U 109 -5.01 80.81 -28.27
N ILE U 110 -6.10 80.46 -27.58
CA ILE U 110 -7.25 81.34 -27.49
C ILE U 110 -6.89 82.62 -26.73
N GLY U 111 -6.21 82.47 -25.59
CA GLY U 111 -5.80 83.62 -24.81
C GLY U 111 -6.37 83.66 -23.40
N LYS U 112 -6.61 82.49 -22.82
CA LYS U 112 -7.11 82.43 -21.45
C LYS U 112 -6.13 83.06 -20.46
N THR U 113 -4.84 82.73 -20.58
CA THR U 113 -3.87 83.32 -19.69
C THR U 113 -3.79 84.82 -19.86
N HIS U 114 -4.18 85.35 -21.02
CA HIS U 114 -4.27 86.79 -21.18
C HIS U 114 -5.30 87.37 -20.22
N LEU U 115 -6.48 86.75 -20.13
CA LEU U 115 -7.49 87.22 -19.20
C LEU U 115 -7.03 87.05 -17.76
N ALA U 116 -6.37 85.93 -17.46
CA ALA U 116 -5.86 85.72 -16.11
C ALA U 116 -4.88 86.82 -15.72
N ILE U 117 -3.95 87.16 -16.61
CA ILE U 117 -2.95 88.18 -16.32
C ILE U 117 -3.61 89.55 -16.20
N SER U 118 -4.61 89.83 -17.04
CA SER U 118 -5.31 91.09 -16.94
C SER U 118 -6.00 91.23 -15.60
N ILE U 119 -6.64 90.16 -15.12
CA ILE U 119 -7.28 90.20 -13.81
C ILE U 119 -6.23 90.39 -12.72
N GLY U 120 -5.07 89.75 -12.86
CA GLY U 120 -4.00 89.97 -11.90
C GLY U 120 -3.55 91.41 -11.85
N MET U 121 -3.38 92.04 -13.02
CA MET U 121 -2.98 93.44 -13.05
C MET U 121 -4.05 94.34 -12.45
N GLU U 122 -5.33 94.04 -12.71
CA GLU U 122 -6.41 94.79 -12.08
C GLU U 122 -6.36 94.66 -10.57
N ALA U 123 -6.10 93.45 -10.07
CA ALA U 123 -5.99 93.24 -8.64
C ALA U 123 -4.85 94.06 -8.05
N ILE U 124 -3.70 94.08 -8.73
CA ILE U 124 -2.58 94.89 -8.26
C ILE U 124 -2.97 96.36 -8.21
N ALA U 125 -3.63 96.84 -9.28
CA ALA U 125 -4.00 98.25 -9.34
C ALA U 125 -4.97 98.62 -8.22
N ARG U 126 -5.93 97.75 -7.94
CA ARG U 126 -6.95 98.03 -6.93
C ARG U 126 -6.50 97.65 -5.53
N GLY U 127 -5.30 97.12 -5.36
CA GLY U 127 -4.77 96.78 -4.07
C GLY U 127 -4.84 95.31 -3.71
N TYR U 128 -5.68 94.54 -4.41
CA TYR U 128 -5.77 93.10 -4.14
C TYR U 128 -4.47 92.41 -4.52
N LYS U 129 -3.90 91.67 -3.57
CA LYS U 129 -2.64 90.98 -3.81
C LYS U 129 -2.87 89.78 -4.74
N THR U 130 -1.98 89.64 -5.72
CA THR U 130 -2.04 88.54 -6.67
C THR U 130 -0.64 87.98 -6.91
N TYR U 131 -0.55 86.66 -6.95
CA TYR U 131 0.70 85.97 -7.22
C TYR U 131 0.47 84.97 -8.35
N PHE U 132 1.28 85.06 -9.40
CA PHE U 132 1.15 84.22 -10.58
C PHE U 132 2.28 83.20 -10.60
N ILE U 133 1.93 81.92 -10.78
CA ILE U 133 2.91 80.84 -10.75
C ILE U 133 2.42 79.72 -11.66
N THR U 134 3.37 78.95 -12.19
CA THR U 134 3.05 77.78 -12.99
C THR U 134 2.95 76.54 -12.11
N ALA U 135 2.18 75.56 -12.57
CA ALA U 135 1.99 74.34 -11.79
C ALA U 135 3.30 73.61 -11.58
N HIS U 136 4.12 73.51 -12.63
CA HIS U 136 5.42 72.85 -12.51
C HIS U 136 6.29 73.55 -11.47
N ASP U 137 6.41 74.88 -11.58
CA ASP U 137 7.22 75.63 -10.63
C ASP U 137 6.65 75.55 -9.22
N LEU U 138 5.32 75.59 -9.09
CA LEU U 138 4.71 75.47 -7.77
C LEU U 138 5.04 74.12 -7.14
N VAL U 139 4.94 73.05 -7.93
CA VAL U 139 5.25 71.71 -7.41
C VAL U 139 6.71 71.65 -6.99
N ASN U 140 7.60 72.18 -7.82
CA ASN U 140 9.02 72.15 -7.48
C ASN U 140 9.29 72.91 -6.20
N GLN U 141 8.67 74.09 -6.05
CA GLN U 141 8.88 74.90 -4.87
C GLN U 141 8.35 74.20 -3.61
N LEU U 142 7.19 73.56 -3.72
CA LEU U 142 6.66 72.82 -2.57
C LEU U 142 7.56 71.66 -2.20
N ARG U 143 8.09 70.95 -3.20
CA ARG U 143 9.03 69.86 -2.91
C ARG U 143 10.28 70.38 -2.23
N ARG U 144 10.81 71.51 -2.70
CA ARG U 144 11.98 72.11 -2.05
C ARG U 144 11.66 72.49 -0.61
N ALA U 145 10.48 73.05 -0.38
CA ALA U 145 10.08 73.42 0.97
C ALA U 145 10.04 72.20 1.88
N ASP U 146 9.46 71.11 1.39
CA ASP U 146 9.43 69.88 2.18
C ASP U 146 10.85 69.37 2.45
N GLN U 147 11.72 69.43 1.44
CA GLN U 147 13.07 68.92 1.60
C GLN U 147 13.84 69.74 2.64
N GLU U 148 13.72 71.06 2.60
CA GLU U 148 14.52 71.94 3.46
C GLU U 148 13.87 72.22 4.81
N GLY U 149 12.65 71.74 5.04
CA GLY U 149 11.99 71.92 6.30
C GLY U 149 11.26 73.24 6.48
N LYS U 150 11.20 74.07 5.44
CA LYS U 150 10.48 75.34 5.48
C LYS U 150 9.15 75.25 4.74
N LEU U 151 8.48 74.10 4.83
CA LEU U 151 7.20 73.93 4.15
C LEU U 151 6.18 74.95 4.65
N GLU U 152 6.18 75.23 5.96
CA GLU U 152 5.25 76.21 6.51
C GLU U 152 5.48 77.58 5.89
N LYS U 153 6.74 77.98 5.71
CA LYS U 153 7.03 79.28 5.14
C LYS U 153 6.51 79.40 3.71
N LYS U 154 6.77 78.38 2.89
CA LYS U 154 6.32 78.44 1.50
C LYS U 154 4.80 78.39 1.41
N LEU U 155 4.16 77.54 2.21
CA LEU U 155 2.70 77.52 2.21
C LEU U 155 2.14 78.85 2.65
N ARG U 156 2.76 79.49 3.65
CA ARG U 156 2.31 80.79 4.10
C ARG U 156 2.43 81.83 2.99
N VAL U 157 3.59 81.88 2.32
CA VAL U 157 3.79 82.91 1.31
C VAL U 157 2.94 82.64 0.07
N PHE U 158 2.54 81.39 -0.18
CA PHE U 158 1.69 81.08 -1.31
C PHE U 158 0.20 81.11 -0.98
N VAL U 159 -0.16 81.21 0.30
CA VAL U 159 -1.56 81.29 0.69
C VAL U 159 -1.97 82.70 1.11
N LYS U 160 -1.06 83.48 1.70
CA LYS U 160 -1.40 84.84 2.09
C LYS U 160 -1.95 85.67 0.93
N PRO U 161 -1.40 85.62 -0.29
CA PRO U 161 -1.90 86.48 -1.36
C PRO U 161 -3.38 86.27 -1.60
N THR U 162 -4.08 87.39 -1.88
CA THR U 162 -5.52 87.33 -2.09
C THR U 162 -5.88 86.50 -3.32
N VAL U 163 -5.05 86.55 -4.36
CA VAL U 163 -5.31 85.83 -5.60
C VAL U 163 -4.09 84.99 -5.94
N LEU U 164 -4.32 83.73 -6.30
CA LEU U 164 -3.27 82.83 -6.75
C LEU U 164 -3.62 82.36 -8.16
N ILE U 165 -2.76 82.66 -9.12
CA ILE U 165 -3.00 82.34 -10.52
C ILE U 165 -2.10 81.16 -10.87
N ILE U 166 -2.66 79.96 -10.88
CA ILE U 166 -1.95 78.76 -11.30
C ILE U 166 -2.09 78.63 -12.82
N ASP U 167 -0.95 78.48 -13.50
CA ASP U 167 -0.92 78.43 -14.95
C ASP U 167 -0.24 77.15 -15.42
N GLN U 168 -0.52 76.77 -16.65
CA GLN U 168 0.05 75.57 -17.26
C GLN U 168 -0.30 74.32 -16.47
N MET U 169 -1.56 74.23 -16.01
CA MET U 169 -2.05 73.07 -15.30
C MET U 169 -2.64 72.10 -16.32
N GLY U 170 -1.88 71.07 -16.67
CA GLY U 170 -2.34 70.07 -17.62
C GLY U 170 -1.29 69.69 -18.63
N TYR U 171 -0.44 70.65 -19.02
CA TYR U 171 0.62 70.35 -19.97
C TYR U 171 1.59 69.33 -19.40
N LEU U 172 1.94 69.46 -18.13
CA LEU U 172 2.88 68.57 -17.47
C LEU U 172 2.13 67.64 -16.53
N LYS U 173 2.44 66.35 -16.62
CA LYS U 173 1.80 65.35 -15.77
C LYS U 173 2.40 65.38 -14.37
N LEU U 174 1.56 65.14 -13.37
CA LEU U 174 1.95 65.24 -11.97
C LEU U 174 1.91 63.87 -11.30
N ASP U 175 2.94 63.58 -10.51
CA ASP U 175 3.01 62.36 -9.73
C ASP U 175 2.20 62.51 -8.45
N PRO U 176 1.87 61.40 -7.79
CA PRO U 176 1.01 61.51 -6.58
C PRO U 176 1.60 62.41 -5.50
N ASN U 177 2.92 62.47 -5.37
CA ASN U 177 3.52 63.39 -4.40
C ASN U 177 3.19 64.83 -4.75
N SER U 178 3.42 65.21 -6.02
CA SER U 178 3.01 66.53 -6.49
C SER U 178 1.51 66.71 -6.34
N ALA U 179 0.74 65.63 -6.49
CA ALA U 179 -0.70 65.72 -6.29
C ALA U 179 -1.03 66.12 -4.86
N HIS U 180 -0.34 65.53 -3.88
CA HIS U 180 -0.59 65.87 -2.49
C HIS U 180 -0.13 67.29 -2.18
N TYR U 181 0.98 67.73 -2.80
CA TYR U 181 1.41 69.11 -2.61
C TYR U 181 0.36 70.09 -3.14
N LEU U 182 -0.15 69.82 -4.34
CA LEU U 182 -1.21 70.66 -4.90
C LEU U 182 -2.47 70.61 -4.03
N PHE U 183 -2.78 69.44 -3.47
CA PHE U 183 -3.93 69.32 -2.59
C PHE U 183 -3.75 70.16 -1.34
N GLN U 184 -2.54 70.16 -0.77
CA GLN U 184 -2.27 71.04 0.37
C GLN U 184 -2.49 72.50 -0.01
N VAL U 185 -1.97 72.92 -1.16
CA VAL U 185 -2.13 74.30 -1.59
C VAL U 185 -3.61 74.65 -1.73
N ILE U 186 -4.38 73.74 -2.35
CA ILE U 186 -5.81 74.00 -2.54
C ILE U 186 -6.53 74.06 -1.21
N ALA U 187 -6.23 73.12 -0.31
CA ALA U 187 -6.94 73.06 0.97
C ALA U 187 -6.69 74.30 1.79
N ARG U 188 -5.44 74.77 1.83
CA ARG U 188 -5.15 76.01 2.56
C ARG U 188 -5.95 77.17 1.99
N ARG U 189 -6.31 77.12 0.71
CA ARG U 189 -7.09 78.15 0.05
C ARG U 189 -8.49 77.64 -0.33
N TYR U 190 -9.02 76.70 0.45
CA TYR U 190 -10.31 76.11 0.11
C TYR U 190 -11.41 77.16 0.13
N GLU U 191 -11.53 77.91 1.22
CA GLU U 191 -12.53 78.97 1.34
C GLU U 191 -11.93 80.19 2.01
N HIS U 192 -10.71 80.55 1.62
CA HIS U 192 -10.02 81.70 2.18
C HIS U 192 -9.63 82.73 1.13
N ALA U 193 -9.38 82.32 -0.12
CA ALA U 193 -8.97 83.24 -1.17
C ALA U 193 -9.33 82.66 -2.52
N PRO U 194 -9.78 83.46 -3.48
CA PRO U 194 -10.10 82.91 -4.80
C PRO U 194 -8.85 82.40 -5.50
N ILE U 195 -9.04 81.45 -6.40
CA ILE U 195 -7.98 80.86 -7.20
C ILE U 195 -8.34 81.02 -8.67
N ILE U 196 -7.38 81.50 -9.46
CA ILE U 196 -7.53 81.62 -10.91
C ILE U 196 -6.63 80.58 -11.55
N LEU U 197 -7.21 79.75 -12.42
CA LEU U 197 -6.49 78.64 -13.04
C LEU U 197 -6.79 78.61 -14.53
N THR U 198 -5.79 78.17 -15.29
CA THR U 198 -5.91 77.98 -16.73
C THR U 198 -5.44 76.58 -17.08
N SER U 199 -6.23 75.86 -17.87
CA SER U 199 -5.89 74.49 -18.23
C SER U 199 -6.42 74.17 -19.62
N ASN U 200 -5.90 73.09 -20.18
CA ASN U 200 -6.29 72.63 -21.50
C ASN U 200 -6.90 71.23 -21.48
N LYS U 201 -7.03 70.61 -20.31
CA LYS U 201 -7.58 69.27 -20.19
C LYS U 201 -8.93 69.31 -19.49
N SER U 202 -9.79 68.36 -19.84
CA SER U 202 -11.08 68.24 -19.17
C SER U 202 -10.89 67.76 -17.74
N PHE U 203 -11.91 67.97 -16.92
CA PHE U 203 -11.82 67.61 -15.51
C PHE U 203 -11.54 66.12 -15.34
N GLY U 204 -12.09 65.29 -16.22
CA GLY U 204 -11.87 63.86 -16.11
C GLY U 204 -10.40 63.48 -16.24
N GLU U 205 -9.68 64.15 -17.13
CA GLU U 205 -8.27 63.84 -17.34
C GLU U 205 -7.40 64.16 -16.14
N TRP U 206 -7.89 65.01 -15.22
CA TRP U 206 -7.09 65.38 -14.07
C TRP U 206 -6.71 64.16 -13.22
N GLY U 207 -7.54 63.11 -13.25
CA GLY U 207 -7.21 61.91 -12.52
C GLY U 207 -5.90 61.30 -12.98
N GLU U 208 -5.72 61.19 -14.30
CA GLU U 208 -4.45 60.71 -14.83
C GLU U 208 -3.36 61.76 -14.71
N ILE U 209 -3.71 63.04 -14.79
CA ILE U 209 -2.70 64.10 -14.69
C ILE U 209 -2.02 64.04 -13.33
N VAL U 210 -2.80 63.87 -12.26
CA VAL U 210 -2.25 63.86 -10.90
C VAL U 210 -1.90 62.47 -10.40
N GLY U 211 -2.28 61.42 -11.14
CA GLY U 211 -1.94 60.08 -10.72
C GLY U 211 -2.75 59.56 -9.56
N ASP U 212 -3.92 60.16 -9.29
CA ASP U 212 -4.77 59.69 -8.19
C ASP U 212 -6.18 60.18 -8.45
N SER U 213 -7.11 59.26 -8.66
CA SER U 213 -8.49 59.63 -8.96
C SER U 213 -9.16 60.31 -7.77
N VAL U 214 -8.93 59.80 -6.56
CA VAL U 214 -9.61 60.36 -5.39
C VAL U 214 -9.09 61.75 -5.09
N LEU U 215 -7.77 61.96 -5.17
CA LEU U 215 -7.22 63.30 -4.97
C LEU U 215 -7.75 64.26 -6.03
N ALA U 216 -7.83 63.79 -7.28
CA ALA U 216 -8.38 64.63 -8.34
C ALA U 216 -9.81 65.02 -8.02
N THR U 217 -10.62 64.07 -7.57
CA THR U 217 -12.01 64.37 -7.23
C THR U 217 -12.10 65.38 -6.08
N ALA U 218 -11.29 65.19 -5.04
CA ALA U 218 -11.33 66.11 -3.92
C ALA U 218 -10.91 67.51 -4.33
N MET U 219 -9.84 67.62 -5.10
CA MET U 219 -9.37 68.93 -5.55
C MET U 219 -10.40 69.59 -6.45
N LEU U 220 -11.01 68.83 -7.36
CA LEU U 220 -12.03 69.39 -8.24
C LEU U 220 -13.24 69.86 -7.44
N ASP U 221 -13.66 69.08 -6.44
CA ASP U 221 -14.79 69.51 -5.61
C ASP U 221 -14.47 70.79 -4.86
N ARG U 222 -13.28 70.87 -4.26
CA ARG U 222 -12.92 72.08 -3.52
C ARG U 222 -12.80 73.28 -4.45
N LEU U 223 -12.32 73.05 -5.68
CA LEU U 223 -12.12 74.15 -6.62
C LEU U 223 -13.44 74.63 -7.20
N LEU U 224 -14.38 73.71 -7.45
CA LEU U 224 -15.63 74.04 -8.11
C LEU U 224 -16.78 74.27 -7.15
N HIS U 225 -16.56 74.13 -5.84
CA HIS U 225 -17.62 74.41 -4.89
C HIS U 225 -18.13 75.83 -5.05
N HIS U 226 -17.22 76.79 -5.13
CA HIS U 226 -17.53 78.19 -5.42
C HIS U 226 -16.63 78.61 -6.58
N SER U 227 -17.15 78.56 -7.79
CA SER U 227 -16.33 78.84 -8.96
C SER U 227 -17.20 79.29 -10.12
N ILE U 228 -16.55 79.83 -11.15
CA ILE U 228 -17.17 80.19 -12.41
C ILE U 228 -16.21 79.76 -13.50
N ILE U 229 -16.62 78.80 -14.32
CA ILE U 229 -15.75 78.18 -15.32
C ILE U 229 -16.02 78.82 -16.68
N PHE U 230 -14.97 78.97 -17.48
CA PHE U 230 -15.06 79.51 -18.84
C PHE U 230 -14.35 78.56 -19.78
N ASN U 231 -15.12 77.70 -20.46
CA ASN U 231 -14.57 76.76 -21.43
C ASN U 231 -14.61 77.42 -22.81
N LEU U 232 -13.50 78.06 -23.18
CA LEU U 232 -13.42 78.79 -24.43
C LEU U 232 -12.94 77.87 -25.55
N LYS U 233 -13.55 78.03 -26.73
CA LYS U 233 -13.19 77.24 -27.90
C LYS U 233 -13.14 78.16 -29.11
N GLY U 234 -12.27 77.81 -30.05
CA GLY U 234 -12.14 78.60 -31.26
C GLY U 234 -10.77 78.41 -31.88
N GLU U 235 -10.42 79.35 -32.75
CA GLU U 235 -9.14 79.31 -33.45
C GLU U 235 -8.03 79.92 -32.60
N SER U 236 -6.83 79.36 -32.74
CA SER U 236 -5.70 79.81 -31.95
C SER U 236 -5.25 81.19 -32.40
N TYR U 237 -5.14 82.13 -31.45
CA TYR U 237 -4.72 83.48 -31.79
C TYR U 237 -3.31 83.49 -32.36
N ARG U 238 -2.43 82.63 -31.85
CA ARG U 238 -1.09 82.55 -32.40
C ARG U 238 -1.12 82.13 -33.86
N LEU U 239 -1.95 81.13 -34.19
CA LEU U 239 -2.05 80.69 -35.58
C LEU U 239 -2.63 81.79 -36.46
N ARG U 240 -3.65 82.50 -35.99
CA ARG U 240 -4.22 83.58 -36.79
C ARG U 240 -3.20 84.69 -37.02
N GLU U 241 -2.42 85.03 -35.98
CA GLU U 241 -1.39 86.05 -36.14
C GLU U 241 -0.32 85.60 -37.13
N LYS U 242 0.08 84.31 -37.06
CA LYS U 242 1.04 83.80 -38.01
C LYS U 242 0.50 83.87 -39.43
N ARG U 243 -0.76 83.52 -39.62
CA ARG U 243 -1.37 83.62 -40.95
C ARG U 243 -1.38 85.06 -41.43
N LEU U 244 -1.73 86.00 -40.55
CA LEU U 244 -1.73 87.41 -40.92
C LEU U 244 -0.34 87.87 -41.32
N GLN U 245 0.69 87.46 -40.58
CA GLN U 245 2.05 87.81 -40.93
C GLN U 245 2.43 87.22 -42.29
N GLU U 246 2.01 85.97 -42.55
CA GLU U 246 2.29 85.36 -43.85
C GLU U 246 1.64 86.15 -44.97
N GLU U 247 0.39 86.58 -44.79
CA GLU U 247 -0.33 87.33 -45.82
C GLU U 247 -0.18 88.83 -45.58
N ASN V 1 -16.08 116.83 -0.85
CA ASN V 1 -15.38 118.00 -0.25
C ASN V 1 -13.87 117.85 -0.35
N MET V 2 -13.13 118.78 0.25
CA MET V 2 -11.68 118.79 0.19
C MET V 2 -11.02 118.59 1.54
N LYS V 3 -11.61 119.11 2.63
CA LYS V 3 -10.98 118.99 3.94
C LYS V 3 -10.87 117.53 4.37
N GLU V 4 -11.92 116.74 4.13
CA GLU V 4 -11.86 115.32 4.46
C GLU V 4 -10.77 114.63 3.66
N ARG V 5 -10.63 114.97 2.37
CA ARG V 5 -9.56 114.41 1.58
C ARG V 5 -8.19 114.82 2.11
N ILE V 6 -8.07 116.06 2.57
CA ILE V 6 -6.81 116.51 3.18
C ILE V 6 -6.49 115.67 4.41
N HIS V 7 -7.50 115.45 5.25
CA HIS V 7 -7.29 114.64 6.46
C HIS V 7 -6.88 113.22 6.10
N GLU V 8 -7.54 112.63 5.11
CA GLU V 8 -7.23 111.25 4.71
C GLU V 8 -5.81 111.16 4.15
N TYR V 9 -5.43 112.12 3.31
CA TYR V 9 -4.08 112.11 2.76
C TYR V 9 -3.04 112.29 3.86
N CYS V 10 -3.32 113.17 4.82
CA CYS V 10 -2.40 113.36 5.94
C CYS V 10 -2.24 112.08 6.74
N HIS V 11 -3.34 111.38 7.01
CA HIS V 11 -3.25 110.11 7.71
C HIS V 11 -2.43 109.09 6.91
N ARG V 12 -2.68 109.01 5.61
CA ARG V 12 -1.99 108.01 4.79
C ARG V 12 -0.50 108.31 4.70
N LEU V 13 -0.13 109.58 4.56
CA LEU V 13 1.27 109.99 4.46
C LEU V 13 1.95 110.04 5.82
N HIS V 14 1.28 109.60 6.89
CA HIS V 14 1.84 109.62 8.24
C HIS V 14 2.02 111.06 8.73
N LEU V 15 1.01 111.90 8.50
CA LEU V 15 1.10 113.31 8.86
C LEU V 15 -0.17 113.80 9.54
N PRO V 16 -0.73 113.07 10.51
CA PRO V 16 -1.95 113.57 11.16
C PRO V 16 -1.71 114.81 12.00
N VAL V 17 -0.61 114.84 12.75
CA VAL V 17 -0.26 116.04 13.50
C VAL V 17 -0.04 117.21 12.56
N MET V 18 0.52 116.95 11.37
CA MET V 18 0.64 117.99 10.37
C MET V 18 -0.73 118.51 9.94
N ALA V 19 -1.69 117.61 9.78
CA ALA V 19 -3.05 118.03 9.43
C ALA V 19 -3.63 118.91 10.53
N GLU V 20 -3.49 118.49 11.79
CA GLU V 20 -3.98 119.32 12.88
C GLU V 20 -3.26 120.66 12.92
N ARG V 21 -1.94 120.65 12.70
CA ARG V 21 -1.18 121.89 12.74
C ARG V 21 -1.41 122.73 11.49
N TRP V 22 -1.81 122.11 10.38
CA TRP V 22 -2.29 122.90 9.25
C TRP V 22 -3.57 123.64 9.63
N SER V 23 -4.45 123.00 10.39
CA SER V 23 -5.70 123.65 10.78
C SER V 23 -5.42 124.94 11.55
N ALA V 24 -4.40 124.92 12.42
CA ALA V 24 -4.04 126.12 13.17
C ALA V 24 -3.32 127.14 12.29
N MET V 25 -2.35 126.67 11.49
CA MET V 25 -1.50 127.59 10.74
C MET V 25 -2.27 128.25 9.61
N ALA V 26 -3.24 127.57 9.02
CA ALA V 26 -4.08 128.19 8.00
C ALA V 26 -4.87 129.35 8.59
N GLU V 27 -5.44 129.17 9.78
CA GLU V 27 -6.09 130.28 10.46
C GLU V 27 -5.11 131.40 10.76
N TYR V 28 -3.92 131.04 11.24
CA TYR V 28 -2.90 132.04 11.53
C TYR V 28 -2.56 132.85 10.28
N ALA V 29 -2.42 132.19 9.14
CA ALA V 29 -2.12 132.89 7.90
C ALA V 29 -3.30 133.73 7.45
N SER V 30 -4.53 133.24 7.67
CA SER V 30 -5.70 134.04 7.37
C SER V 30 -5.72 135.33 8.20
N THR V 31 -5.13 135.29 9.40
CA THR V 31 -5.03 136.50 10.20
C THR V 31 -3.94 137.44 9.68
N HIS V 32 -2.92 136.91 9.00
CA HIS V 32 -1.77 137.72 8.59
C HIS V 32 -1.37 137.55 7.13
N ASN V 33 -2.09 136.75 6.35
CA ASN V 33 -1.80 136.56 4.93
C ASN V 33 -0.34 136.17 4.72
N ILE V 34 0.03 135.01 5.25
CA ILE V 34 1.40 134.51 5.14
C ILE V 34 1.61 133.95 3.74
N SER V 35 2.86 134.03 3.28
CA SER V 35 3.21 133.46 1.98
C SER V 35 3.11 131.95 2.02
N TYR V 36 2.89 131.34 0.85
CA TYR V 36 2.69 129.89 0.79
C TYR V 36 3.95 129.14 1.16
N SER V 37 5.11 129.60 0.68
CA SER V 37 6.37 128.93 1.02
C SER V 37 6.63 128.99 2.51
N GLU V 38 6.44 130.18 3.12
CA GLU V 38 6.64 130.31 4.56
C GLU V 38 5.62 129.48 5.33
N PHE V 39 4.39 129.40 4.82
CA PHE V 39 3.37 128.58 5.47
C PHE V 39 3.76 127.11 5.48
N LEU V 40 4.23 126.59 4.35
CA LEU V 40 4.68 125.21 4.31
C LEU V 40 5.91 125.02 5.19
N PHE V 41 6.78 126.04 5.25
CA PHE V 41 7.93 125.98 6.14
C PHE V 41 7.48 125.84 7.60
N ARG V 42 6.46 126.60 7.99
CA ARG V 42 5.93 126.49 9.35
C ARG V 42 5.35 125.10 9.58
N LEU V 43 4.59 124.58 8.61
CA LEU V 43 4.02 123.24 8.74
C LEU V 43 5.13 122.22 8.97
N LEU V 44 6.17 122.27 8.14
CA LEU V 44 7.27 121.32 8.27
C LEU V 44 8.00 121.50 9.60
N GLU V 45 8.21 122.74 10.02
CA GLU V 45 8.87 123.00 11.29
C GLU V 45 8.13 122.31 12.43
N ALA V 46 6.82 122.58 12.54
CA ALA V 46 6.07 122.04 13.67
C ALA V 46 5.94 120.52 13.59
N GLU V 47 5.71 120.00 12.38
CA GLU V 47 5.58 118.55 12.22
C GLU V 47 6.88 117.85 12.59
N ILE V 48 8.02 118.41 12.18
CA ILE V 48 9.31 117.81 12.50
C ILE V 48 9.59 117.94 14.00
N VAL V 49 9.18 119.05 14.61
CA VAL V 49 9.34 119.17 16.06
C VAL V 49 8.62 118.04 16.77
N GLU V 50 7.35 117.83 16.42
CA GLU V 50 6.58 116.76 17.06
C GLU V 50 7.15 115.39 16.76
N LYS V 51 7.57 115.17 15.51
CA LYS V 51 8.14 113.88 15.13
C LYS V 51 9.43 113.60 15.90
N GLN V 52 10.28 114.61 16.05
CA GLN V 52 11.52 114.45 16.80
C GLN V 52 11.24 114.18 18.26
N ALA V 53 10.24 114.86 18.84
CA ALA V 53 9.88 114.58 20.22
C ALA V 53 9.42 113.13 20.37
N ARG V 54 8.57 112.66 19.46
CA ARG V 54 8.11 111.28 19.53
C ARG V 54 9.26 110.30 19.35
N SER V 55 10.18 110.60 18.44
CA SER V 55 11.34 109.74 18.23
C SER V 55 12.21 109.66 19.46
N ILE V 56 12.44 110.80 20.12
CA ILE V 56 13.25 110.81 21.34
C ILE V 56 12.55 110.00 22.43
N GLN V 57 11.24 110.16 22.56
CA GLN V 57 10.51 109.38 23.56
C GLN V 57 10.61 107.88 23.26
N THR V 58 10.49 107.50 21.99
CA THR V 58 10.60 106.09 21.62
C THR V 58 12.00 105.56 21.91
N LEU V 59 13.03 106.35 21.62
CA LEU V 59 14.39 105.94 21.92
C LEU V 59 14.60 105.75 23.42
N ILE V 60 14.07 106.68 24.22
CA ILE V 60 14.14 106.53 25.67
C ILE V 60 13.44 105.25 26.11
N LYS V 61 12.31 104.94 25.48
CA LYS V 61 11.62 103.68 25.76
C LYS V 61 12.52 102.49 25.42
N LEU V 62 13.21 102.55 24.29
CA LEU V 62 14.09 101.47 23.84
C LEU V 62 15.48 101.63 24.45
N SER V 63 15.51 101.62 25.77
CA SER V 63 16.75 101.74 26.53
C SER V 63 16.47 101.45 27.99
N LYS V 64 17.49 100.96 28.69
CA LYS V 64 17.36 100.63 30.11
C LYS V 64 17.63 101.85 30.99
N LEU V 65 16.91 102.94 30.73
CA LEU V 65 17.11 104.17 31.47
C LEU V 65 16.18 104.16 32.69
N PRO V 66 16.69 103.99 33.91
CA PRO V 66 15.80 103.98 35.08
C PRO V 66 15.07 105.29 35.28
N TYR V 67 15.66 106.41 34.86
CA TYR V 67 15.03 107.71 35.05
C TYR V 67 15.69 108.71 34.10
N ARG V 68 15.03 109.85 33.94
CA ARG V 68 15.51 110.92 33.08
C ARG V 68 16.09 112.04 33.92
N LYS V 69 17.32 112.44 33.61
CA LYS V 69 18.01 113.49 34.35
C LYS V 69 18.98 114.19 33.40
N THR V 70 19.05 115.51 33.51
CA THR V 70 19.87 116.32 32.61
C THR V 70 20.99 116.99 33.38
N ILE V 71 22.12 117.19 32.68
CA ILE V 71 23.30 117.77 33.29
C ILE V 71 23.02 119.16 33.84
N ASP V 72 21.92 119.79 33.39
CA ASP V 72 21.56 121.10 33.91
C ASP V 72 21.34 121.05 35.42
N THR V 73 20.67 120.00 35.91
CA THR V 73 20.41 119.89 37.34
C THR V 73 21.67 119.59 38.15
N PHE V 74 22.76 119.20 37.49
CA PHE V 74 23.99 118.84 38.18
C PHE V 74 24.64 120.10 38.75
N ASP V 75 24.53 120.27 40.07
CA ASP V 75 25.17 121.39 40.75
C ASP V 75 26.66 121.08 40.88
N PHE V 76 27.46 121.68 39.99
CA PHE V 76 28.90 121.42 39.99
C PHE V 76 29.55 121.94 41.27
N THR V 77 28.99 122.98 41.89
CA THR V 77 29.56 123.50 43.12
C THR V 77 29.49 122.46 44.24
N ALA V 78 28.39 121.71 44.31
CA ALA V 78 28.26 120.66 45.31
C ALA V 78 29.32 119.58 45.15
N GLN V 79 29.93 119.47 43.97
CA GLN V 79 30.97 118.48 43.69
C GLN V 79 32.19 119.22 43.18
N PRO V 80 33.06 119.69 44.08
CA PRO V 80 34.25 120.42 43.62
C PRO V 80 35.14 119.62 42.68
N SER V 81 35.14 118.29 42.80
CA SER V 81 36.06 117.48 42.00
C SER V 81 35.77 117.62 40.51
N VAL V 82 34.49 117.61 40.13
CA VAL V 82 34.14 117.70 38.71
C VAL V 82 34.37 119.12 38.22
N ASP V 83 34.89 119.24 37.00
CA ASP V 83 35.15 120.52 36.37
C ASP V 83 34.11 120.77 35.29
N GLU V 84 33.54 121.97 35.28
CA GLU V 84 32.52 122.30 34.30
C GLU V 84 33.06 122.20 32.88
N ARG V 85 34.28 122.68 32.66
CA ARG V 85 34.86 122.64 31.33
C ARG V 85 34.92 121.21 30.80
N ARG V 86 35.48 120.30 31.60
CA ARG V 86 35.62 118.92 31.14
C ARG V 86 34.26 118.26 30.93
N ILE V 87 33.31 118.50 31.83
CA ILE V 87 31.99 117.91 31.69
C ILE V 87 31.32 118.38 30.41
N ARG V 88 31.39 119.68 30.13
CA ARG V 88 30.81 120.18 28.89
C ARG V 88 31.56 119.67 27.67
N GLU V 89 32.87 119.48 27.77
CA GLU V 89 33.61 118.86 26.67
C GLU V 89 33.10 117.45 26.41
N LEU V 90 32.81 116.69 27.47
CA LEU V 90 32.18 115.40 27.30
C LEU V 90 30.81 115.55 26.63
N LEU V 91 30.04 116.56 27.05
CA LEU V 91 28.74 116.79 26.43
C LEU V 91 28.88 117.07 24.93
N THR V 92 30.00 117.66 24.51
CA THR V 92 30.20 117.93 23.09
C THR V 92 30.27 116.64 22.27
N LEU V 93 30.54 115.50 22.90
CA LEU V 93 30.59 114.20 22.23
C LEU V 93 31.72 114.11 21.22
N SER V 94 32.78 114.91 21.40
CA SER V 94 33.95 114.78 20.54
C SER V 94 34.72 113.50 20.84
N PHE V 95 34.69 113.03 22.10
CA PHE V 95 35.35 111.79 22.43
C PHE V 95 34.82 110.63 21.60
N ILE V 96 33.56 110.70 21.18
CA ILE V 96 33.00 109.65 20.32
C ILE V 96 33.75 109.60 19.01
N ASP V 97 34.02 110.76 18.41
CA ASP V 97 34.85 110.79 17.20
C ASP V 97 36.29 110.38 17.52
N ARG V 98 36.75 110.65 18.74
CA ARG V 98 38.09 110.28 19.15
C ARG V 98 38.20 108.87 19.70
N LYS V 99 37.07 108.20 19.92
CA LYS V 99 37.06 106.83 20.45
C LYS V 99 37.81 106.75 21.78
N GLU V 100 37.32 107.50 22.75
CA GLU V 100 37.89 107.53 24.09
C GLU V 100 36.89 106.94 25.08
N ASN V 101 37.34 105.97 25.87
CA ASN V 101 36.50 105.31 26.85
C ASN V 101 36.49 106.15 28.13
N ILE V 102 35.33 106.64 28.50
CA ILE V 102 35.20 107.53 29.65
C ILE V 102 34.82 106.71 30.88
N LEU V 103 35.48 107.03 32.00
CA LEU V 103 35.29 106.29 33.24
C LEU V 103 35.04 107.25 34.39
N PHE V 104 34.12 106.87 35.27
CA PHE V 104 33.81 107.63 36.48
C PHE V 104 34.08 106.73 37.68
N LEU V 105 35.17 107.00 38.39
CA LEU V 105 35.58 106.23 39.54
C LEU V 105 35.44 107.07 40.81
N GLY V 106 34.79 106.51 41.82
CA GLY V 106 34.61 107.20 43.08
C GLY V 106 33.71 106.44 44.03
N PRO V 107 33.68 106.86 45.29
CA PRO V 107 32.82 106.20 46.28
C PRO V 107 31.35 106.43 45.97
N PRO V 108 30.46 105.58 46.47
CA PRO V 108 29.03 105.74 46.16
C PRO V 108 28.49 107.06 46.67
N GLY V 109 27.50 107.59 45.94
CA GLY V 109 26.78 108.78 46.34
C GLY V 109 27.24 110.06 45.66
N ILE V 110 28.41 110.05 45.02
CA ILE V 110 28.90 111.28 44.40
C ILE V 110 28.01 111.71 43.26
N GLY V 111 27.64 110.78 42.38
CA GLY V 111 26.78 111.10 41.25
C GLY V 111 27.38 110.84 39.89
N LYS V 112 28.26 109.84 39.79
CA LYS V 112 28.82 109.47 38.50
C LYS V 112 27.74 109.04 37.52
N THR V 113 26.80 108.21 37.99
CA THR V 113 25.73 107.78 37.11
C THR V 113 24.89 108.95 36.62
N HIS V 114 24.87 110.05 37.38
CA HIS V 114 24.17 111.24 36.91
C HIS V 114 24.80 111.77 35.62
N LEU V 115 26.13 111.93 35.62
CA LEU V 115 26.81 112.38 34.40
C LEU V 115 26.64 111.38 33.27
N ALA V 116 26.76 110.09 33.60
CA ALA V 116 26.60 109.06 32.57
C ALA V 116 25.24 109.16 31.91
N ILE V 117 24.18 109.28 32.73
CA ILE V 117 22.82 109.33 32.21
C ILE V 117 22.58 110.60 31.42
N SER V 118 23.14 111.72 31.89
CA SER V 118 22.97 112.97 31.15
C SER V 118 23.60 112.86 29.76
N ILE V 119 24.81 112.29 29.68
CA ILE V 119 25.45 112.10 28.38
C ILE V 119 24.63 111.17 27.51
N GLY V 120 24.08 110.11 28.10
CA GLY V 120 23.25 109.21 27.33
C GLY V 120 22.02 109.90 26.76
N MET V 121 21.36 110.73 27.57
CA MET V 121 20.18 111.45 27.10
C MET V 121 20.55 112.43 25.99
N GLU V 122 21.69 113.12 26.14
CA GLU V 122 22.13 114.01 25.07
C GLU V 122 22.39 113.25 23.78
N ALA V 123 23.02 112.08 23.88
CA ALA V 123 23.26 111.28 22.69
C ALA V 123 21.95 110.84 22.05
N ILE V 124 20.97 110.45 22.86
CA ILE V 124 19.68 110.06 22.31
C ILE V 124 19.03 111.24 21.59
N ALA V 125 19.07 112.43 22.20
CA ALA V 125 18.47 113.60 21.58
C ALA V 125 19.16 113.92 20.25
N ARG V 126 20.49 113.86 20.22
CA ARG V 126 21.23 114.17 19.00
C ARG V 126 21.19 113.05 17.97
N GLY V 127 20.74 111.86 18.35
CA GLY V 127 20.67 110.73 17.44
C GLY V 127 21.77 109.69 17.64
N TYR V 128 22.82 110.03 18.38
CA TYR V 128 23.86 109.05 18.67
C TYR V 128 23.27 107.85 19.40
N LYS V 129 23.61 106.65 18.94
CA LYS V 129 23.11 105.44 19.58
C LYS V 129 23.76 105.25 20.94
N THR V 130 22.93 105.05 21.97
CA THR V 130 23.43 104.84 23.32
C THR V 130 22.57 103.79 24.00
N TYR V 131 23.23 102.80 24.61
CA TYR V 131 22.55 101.73 25.33
C TYR V 131 23.12 101.65 26.73
N PHE V 132 22.26 101.76 27.74
CA PHE V 132 22.65 101.67 29.14
C PHE V 132 22.36 100.26 29.65
N ILE V 133 23.27 99.74 30.47
CA ILE V 133 23.11 98.39 31.02
C ILE V 133 23.94 98.29 32.27
N THR V 134 23.47 97.47 33.22
CA THR V 134 24.21 97.18 34.44
C THR V 134 25.06 95.94 34.25
N ALA V 135 26.12 95.84 35.05
CA ALA V 135 27.03 94.70 34.94
C ALA V 135 26.30 93.39 35.20
N HIS V 136 25.47 93.35 36.24
CA HIS V 136 24.76 92.11 36.57
C HIS V 136 23.81 91.70 35.46
N ASP V 137 23.01 92.65 34.97
CA ASP V 137 22.05 92.34 33.90
C ASP V 137 22.77 91.95 32.62
N LEU V 138 23.85 92.67 32.28
CA LEU V 138 24.61 92.32 31.08
C LEU V 138 25.18 90.91 31.18
N VAL V 139 25.75 90.57 32.34
CA VAL V 139 26.30 89.24 32.53
C VAL V 139 25.21 88.18 32.39
N ASN V 140 24.06 88.41 33.02
CA ASN V 140 22.97 87.46 32.93
C ASN V 140 22.52 87.26 31.49
N GLN V 141 22.35 88.37 30.77
CA GLN V 141 21.89 88.28 29.38
C GLN V 141 22.90 87.53 28.53
N LEU V 142 24.19 87.83 28.69
CA LEU V 142 25.20 87.14 27.89
C LEU V 142 25.25 85.65 28.22
N ARG V 143 25.13 85.30 29.50
CA ARG V 143 25.16 83.90 29.89
C ARG V 143 23.96 83.15 29.31
N ARG V 144 22.76 83.71 29.45
CA ARG V 144 21.58 83.07 28.90
C ARG V 144 21.67 82.96 27.38
N ALA V 145 22.26 83.98 26.73
CA ALA V 145 22.44 83.93 25.28
C ALA V 145 23.36 82.78 24.89
N ASP V 146 24.48 82.62 25.61
CA ASP V 146 25.36 81.50 25.33
C ASP V 146 24.65 80.17 25.56
N GLN V 147 23.81 80.10 26.60
CA GLN V 147 23.07 78.88 26.87
C GLN V 147 22.12 78.55 25.73
N GLU V 148 21.41 79.54 25.22
CA GLU V 148 20.37 79.32 24.20
C GLU V 148 20.91 79.43 22.78
N GLY V 149 22.20 79.70 22.60
CA GLY V 149 22.77 79.81 21.27
C GLY V 149 22.57 81.16 20.61
N LYS V 150 21.93 82.11 21.29
CA LYS V 150 21.73 83.45 20.76
C LYS V 150 22.80 84.42 21.23
N LEU V 151 24.00 83.91 21.54
CA LEU V 151 25.07 84.77 22.03
C LEU V 151 25.47 85.80 20.98
N GLU V 152 25.52 85.39 19.71
CA GLU V 152 25.87 86.33 18.65
C GLU V 152 24.87 87.47 18.60
N LYS V 153 23.58 87.18 18.79
CA LYS V 153 22.56 88.22 18.74
C LYS V 153 22.79 89.26 19.83
N LYS V 154 23.04 88.81 21.06
CA LYS V 154 23.20 89.75 22.16
C LYS V 154 24.52 90.51 22.05
N LEU V 155 25.57 89.85 21.58
CA LEU V 155 26.81 90.57 21.33
C LEU V 155 26.62 91.65 20.28
N ARG V 156 25.88 91.33 19.20
CA ARG V 156 25.61 92.32 18.17
C ARG V 156 24.81 93.49 18.72
N VAL V 157 23.76 93.20 19.50
CA VAL V 157 22.91 94.28 20.00
C VAL V 157 23.61 95.10 21.08
N PHE V 158 24.61 94.53 21.76
CA PHE V 158 25.38 95.28 22.75
C PHE V 158 26.58 96.00 22.16
N VAL V 159 27.00 95.65 20.94
CA VAL V 159 28.15 96.29 20.32
C VAL V 159 27.68 97.37 19.35
N LYS V 160 26.51 97.18 18.76
CA LYS V 160 25.98 98.17 17.82
C LYS V 160 25.85 99.56 18.44
N PRO V 161 25.36 99.72 19.67
CA PRO V 161 25.21 101.08 20.22
C PRO V 161 26.54 101.83 20.21
N THR V 162 26.47 103.12 19.86
CA THR V 162 27.67 103.93 19.78
C THR V 162 28.24 104.23 21.16
N VAL V 163 27.40 104.29 22.18
CA VAL V 163 27.82 104.58 23.55
C VAL V 163 27.23 103.49 24.44
N LEU V 164 28.06 102.53 24.85
CA LEU V 164 27.65 101.47 25.76
C LEU V 164 27.98 101.92 27.18
N ILE V 165 26.94 102.17 27.97
CA ILE V 165 27.10 102.70 29.33
C ILE V 165 26.95 101.53 30.29
N ILE V 166 28.07 101.02 30.77
CA ILE V 166 28.09 99.94 31.76
C ILE V 166 28.06 100.57 33.15
N ASP V 167 27.13 100.12 33.98
CA ASP V 167 26.92 100.70 35.30
C ASP V 167 27.06 99.64 36.39
N GLN V 168 27.37 100.11 37.59
CA GLN V 168 27.52 99.24 38.77
C GLN V 168 28.56 98.16 38.52
N MET V 169 29.71 98.57 37.99
CA MET V 169 30.84 97.68 37.78
C MET V 169 31.74 97.75 39.02
N GLY V 170 31.59 96.76 39.89
CA GLY V 170 32.41 96.70 41.09
C GLY V 170 31.63 96.34 42.34
N TYR V 171 30.36 96.73 42.41
CA TYR V 171 29.54 96.38 43.55
C TYR V 171 29.35 94.87 43.65
N LEU V 172 29.15 94.21 42.50
CA LEU V 172 28.95 92.76 42.44
C LEU V 172 30.20 92.10 41.90
N LYS V 173 30.64 91.03 42.57
CA LYS V 173 31.82 90.30 42.13
C LYS V 173 31.49 89.40 40.95
N LEU V 174 32.47 89.23 40.07
CA LEU V 174 32.29 88.51 38.82
C LEU V 174 33.12 87.23 38.82
N ASP V 175 32.50 86.13 38.40
CA ASP V 175 33.20 84.88 38.21
C ASP V 175 33.93 84.88 36.86
N PRO V 176 34.90 83.97 36.66
CA PRO V 176 35.65 83.98 35.41
C PRO V 176 34.77 83.85 34.17
N ASN V 177 33.63 83.16 34.27
CA ASN V 177 32.73 83.09 33.11
C ASN V 177 32.19 84.47 32.75
N SER V 178 31.66 85.18 33.75
CA SER V 178 31.25 86.56 33.52
C SER V 178 32.43 87.42 33.07
N ALA V 179 33.63 87.11 33.56
CA ALA V 179 34.81 87.84 33.12
C ALA V 179 35.03 87.65 31.62
N HIS V 180 34.87 86.42 31.12
CA HIS V 180 35.07 86.17 29.70
C HIS V 180 33.95 86.80 28.87
N TYR V 181 32.72 86.82 29.40
CA TYR V 181 31.65 87.52 28.69
C TYR V 181 31.96 89.00 28.55
N LEU V 182 32.37 89.63 29.66
CA LEU V 182 32.74 91.05 29.61
C LEU V 182 33.91 91.28 28.68
N PHE V 183 34.89 90.35 28.68
CA PHE V 183 36.03 90.47 27.78
C PHE V 183 35.59 90.40 26.33
N GLN V 184 34.66 89.50 26.01
CA GLN V 184 34.11 89.45 24.66
C GLN V 184 33.49 90.78 24.28
N VAL V 185 32.68 91.35 25.17
CA VAL V 185 32.04 92.63 24.88
C VAL V 185 33.10 93.70 24.62
N ILE V 186 34.11 93.78 25.49
CA ILE V 186 35.14 94.80 25.37
C ILE V 186 35.91 94.62 24.06
N ALA V 187 36.28 93.38 23.75
CA ALA V 187 37.03 93.12 22.52
C ALA V 187 36.24 93.51 21.29
N ARG V 188 34.93 93.20 21.28
CA ARG V 188 34.10 93.66 20.17
C ARG V 188 34.03 95.17 20.13
N ARG V 189 34.16 95.84 21.28
CA ARG V 189 34.15 97.29 21.36
C ARG V 189 35.53 97.86 21.69
N TYR V 190 36.60 97.17 21.25
CA TYR V 190 37.94 97.61 21.58
C TYR V 190 38.24 98.99 20.99
N GLU V 191 38.05 99.14 19.69
CA GLU V 191 38.28 100.42 19.01
C GLU V 191 37.17 100.67 17.99
N HIS V 192 35.94 100.36 18.35
CA HIS V 192 34.80 100.52 17.47
C HIS V 192 33.76 101.51 17.98
N ALA V 193 33.67 101.70 19.31
CA ALA V 193 32.71 102.64 19.88
C ALA V 193 33.10 102.91 21.31
N PRO V 194 32.99 104.15 21.80
CA PRO V 194 33.38 104.43 23.17
C PRO V 194 32.50 103.72 24.19
N ILE V 195 33.09 103.50 25.37
CA ILE V 195 32.39 102.91 26.51
C ILE V 195 32.44 103.90 27.66
N ILE V 196 31.29 104.16 28.26
CA ILE V 196 31.18 105.01 29.45
C ILE V 196 30.88 104.10 30.62
N LEU V 197 31.84 103.96 31.53
CA LEU V 197 31.73 103.02 32.64
C LEU V 197 31.84 103.76 33.97
N THR V 198 31.01 103.36 34.93
CA THR V 198 31.03 103.92 36.27
C THR V 198 31.36 102.81 37.25
N SER V 199 32.29 103.07 38.16
CA SER V 199 32.73 102.06 39.11
C SER V 199 33.18 102.74 40.40
N ASN V 200 33.38 101.92 41.44
CA ASN V 200 33.85 102.40 42.73
C ASN V 200 35.14 101.74 43.18
N LYS V 201 35.65 100.74 42.46
CA LYS V 201 36.86 100.03 42.83
C LYS V 201 38.03 100.52 41.99
N SER V 202 39.23 100.43 42.54
CA SER V 202 40.44 100.77 41.81
C SER V 202 40.72 99.71 40.75
N PHE V 203 41.62 100.05 39.82
CA PHE V 203 41.92 99.15 38.72
C PHE V 203 42.50 97.82 39.24
N GLY V 204 43.36 97.88 40.25
CA GLY V 204 43.95 96.66 40.76
C GLY V 204 42.91 95.69 41.30
N GLU V 205 41.87 96.21 41.94
CA GLU V 205 40.84 95.35 42.52
C GLU V 205 40.06 94.59 41.45
N TRP V 206 40.11 95.03 40.20
CA TRP V 206 39.39 94.33 39.14
C TRP V 206 39.84 92.87 39.02
N GLY V 207 41.09 92.58 39.37
CA GLY V 207 41.54 91.20 39.35
C GLY V 207 40.73 90.31 40.27
N GLU V 208 40.51 90.78 41.50
CA GLU V 208 39.65 90.03 42.42
C GLU V 208 38.19 90.08 42.00
N ILE V 209 37.75 91.20 41.41
CA ILE V 209 36.36 91.32 40.99
C ILE V 209 36.03 90.29 39.94
N VAL V 210 36.93 90.09 38.97
CA VAL V 210 36.68 89.16 37.87
C VAL V 210 37.25 87.77 38.13
N GLY V 211 38.09 87.61 39.15
CA GLY V 211 38.64 86.30 39.46
C GLY V 211 39.73 85.83 38.52
N ASP V 212 40.36 86.74 37.78
CA ASP V 212 41.43 86.37 36.85
C ASP V 212 42.30 87.60 36.62
N SER V 213 43.55 87.52 37.08
CA SER V 213 44.46 88.66 36.95
C SER V 213 44.75 88.98 35.49
N VAL V 214 44.98 87.95 34.67
CA VAL V 214 45.38 88.19 33.29
C VAL V 214 44.21 88.78 32.48
N LEU V 215 43.01 88.25 32.67
CA LEU V 215 41.85 88.82 32.00
C LEU V 215 41.61 90.25 32.43
N ALA V 216 41.76 90.54 33.73
CA ALA V 216 41.60 91.90 34.21
C ALA V 216 42.63 92.82 33.57
N THR V 217 43.89 92.37 33.48
CA THR V 217 44.93 93.18 32.87
C THR V 217 44.63 93.46 31.40
N ALA V 218 44.20 92.42 30.67
CA ALA V 218 43.89 92.62 29.25
C ALA V 218 42.74 93.59 29.07
N MET V 219 41.67 93.42 29.86
CA MET V 219 40.53 94.32 29.76
C MET V 219 40.92 95.75 30.11
N LEU V 220 41.73 95.93 31.16
CA LEU V 220 42.19 97.26 31.53
C LEU V 220 43.01 97.88 30.42
N ASP V 221 43.92 97.11 29.82
CA ASP V 221 44.74 97.65 28.73
C ASP V 221 43.87 98.09 27.57
N ARG V 222 42.94 97.22 27.14
CA ARG V 222 42.10 97.55 26.00
C ARG V 222 41.21 98.76 26.30
N LEU V 223 40.66 98.84 27.51
CA LEU V 223 39.74 99.92 27.85
C LEU V 223 40.48 101.25 28.04
N LEU V 224 41.67 101.21 28.62
CA LEU V 224 42.42 102.43 28.95
C LEU V 224 43.40 102.83 27.85
N HIS V 225 43.49 102.07 26.77
CA HIS V 225 44.32 102.51 25.64
C HIS V 225 43.90 103.90 25.18
N HIS V 226 42.61 104.12 25.00
CA HIS V 226 42.04 105.43 24.68
C HIS V 226 40.93 105.68 25.69
N SER V 227 41.25 106.41 26.76
CA SER V 227 40.29 106.60 27.84
C SER V 227 40.55 107.93 28.54
N ILE V 228 39.52 108.42 29.24
CA ILE V 228 39.62 109.60 30.08
C ILE V 228 38.88 109.31 31.38
N ILE V 229 39.64 109.07 32.46
CA ILE V 229 39.07 108.64 33.73
C ILE V 229 38.79 109.87 34.57
N PHE V 230 37.58 109.92 35.14
CA PHE V 230 37.15 111.01 36.03
C PHE V 230 37.08 110.44 37.44
N ASN V 231 38.14 110.65 38.22
CA ASN V 231 38.19 110.21 39.61
C ASN V 231 37.53 111.27 40.47
N LEU V 232 36.24 111.09 40.77
CA LEU V 232 35.47 112.06 41.52
C LEU V 232 35.54 111.74 43.00
N LYS V 233 35.77 112.77 43.81
CA LYS V 233 35.83 112.65 45.27
C LYS V 233 34.99 113.74 45.90
N GLY V 234 34.30 113.41 46.98
CA GLY V 234 33.50 114.38 47.68
C GLY V 234 32.47 113.71 48.57
N GLU V 235 31.59 114.54 49.12
CA GLU V 235 30.54 114.05 50.00
C GLU V 235 29.48 113.28 49.22
N SER V 236 28.84 112.34 49.92
CA SER V 236 27.81 111.52 49.28
C SER V 236 26.53 112.34 49.12
N TYR V 237 26.07 112.45 47.87
CA TYR V 237 24.91 113.30 47.59
C TYR V 237 23.66 112.78 48.29
N ARG V 238 23.50 111.46 48.37
CA ARG V 238 22.35 110.90 49.06
C ARG V 238 22.35 111.30 50.53
N LEU V 239 23.50 111.20 51.20
CA LEU V 239 23.58 111.57 52.60
C LEU V 239 23.37 113.07 52.79
N ARG V 240 23.91 113.89 51.88
CA ARG V 240 23.67 115.33 51.98
C ARG V 240 22.19 115.67 51.83
N GLU V 241 21.51 115.02 50.89
CA GLU V 241 20.08 115.25 50.72
C GLU V 241 19.30 114.78 51.94
N LYS V 242 19.71 113.65 52.52
CA LYS V 242 19.06 113.19 53.74
C LYS V 242 19.23 114.18 54.87
N ARG V 243 20.44 114.74 55.01
CA ARG V 243 20.68 115.76 56.03
C ARG V 243 19.84 116.99 55.78
N LEU V 244 19.73 117.41 54.50
CA LEU V 244 18.89 118.56 54.18
C LEU V 244 17.44 118.31 54.56
N GLN V 245 16.92 117.11 54.27
CA GLN V 245 15.57 116.77 54.68
C GLN V 245 15.42 116.79 56.19
N GLU V 246 16.42 116.26 56.90
CA GLU V 246 16.35 116.22 58.36
C GLU V 246 16.31 117.62 58.95
N GLU V 247 17.14 118.53 58.43
CA GLU V 247 17.19 119.89 58.95
C GLU V 247 16.11 120.76 58.30
N ASN W 1 -22.26 105.59 50.48
CA ASN W 1 -23.75 105.61 50.36
C ASN W 1 -24.27 104.19 50.11
N MET W 2 -25.19 104.02 49.17
CA MET W 2 -25.80 102.73 48.88
C MET W 2 -25.43 102.20 47.51
N LYS W 3 -25.69 102.97 46.45
CA LYS W 3 -25.49 102.45 45.10
C LYS W 3 -24.02 102.27 44.77
N GLU W 4 -23.17 103.22 45.16
CA GLU W 4 -21.73 103.08 44.91
C GLU W 4 -21.17 101.88 45.67
N ARG W 5 -21.56 101.72 46.94
CA ARG W 5 -21.11 100.55 47.69
C ARG W 5 -21.62 99.27 47.06
N ILE W 6 -22.86 99.28 46.57
CA ILE W 6 -23.41 98.10 45.90
C ILE W 6 -22.59 97.75 44.66
N HIS W 7 -22.25 98.76 43.86
CA HIS W 7 -21.44 98.52 42.66
C HIS W 7 -20.07 97.98 43.03
N GLU W 8 -19.45 98.54 44.07
CA GLU W 8 -18.16 98.03 44.52
C GLU W 8 -18.28 96.58 44.96
N TYR W 9 -19.34 96.25 45.70
CA TYR W 9 -19.56 94.87 46.11
C TYR W 9 -19.66 93.95 44.90
N CYS W 10 -20.52 94.32 43.95
CA CYS W 10 -20.75 93.47 42.79
C CYS W 10 -19.47 93.24 41.99
N HIS W 11 -18.68 94.31 41.80
CA HIS W 11 -17.44 94.16 41.07
C HIS W 11 -16.40 93.40 41.87
N ARG W 12 -16.45 93.48 43.20
CA ARG W 12 -15.60 92.61 44.01
C ARG W 12 -15.95 91.15 43.81
N LEU W 13 -17.24 90.84 43.73
CA LEU W 13 -17.67 89.48 43.42
C LEU W 13 -17.34 89.07 41.99
N HIS W 14 -16.82 90.00 41.18
CA HIS W 14 -16.45 89.73 39.79
C HIS W 14 -17.69 89.55 38.92
N LEU W 15 -18.74 90.32 39.22
CA LEU W 15 -20.03 90.17 38.55
C LEU W 15 -20.61 91.54 38.22
N PRO W 16 -19.99 92.27 37.29
CA PRO W 16 -20.66 93.47 36.77
C PRO W 16 -21.99 93.17 36.11
N VAL W 17 -22.10 92.00 35.48
CA VAL W 17 -23.39 91.57 34.93
C VAL W 17 -24.42 91.46 36.04
N MET W 18 -24.03 90.88 37.18
CA MET W 18 -24.89 90.89 38.35
C MET W 18 -25.21 92.32 38.77
N ALA W 19 -24.21 93.20 38.72
CA ALA W 19 -24.42 94.59 39.10
C ALA W 19 -25.54 95.23 38.30
N GLU W 20 -25.47 95.12 36.98
CA GLU W 20 -26.50 95.70 36.12
C GLU W 20 -27.81 94.92 36.20
N ARG W 21 -27.73 93.60 36.40
CA ARG W 21 -28.93 92.78 36.35
C ARG W 21 -29.77 92.90 37.61
N TRP W 22 -29.13 93.08 38.78
CA TRP W 22 -29.91 93.30 39.99
C TRP W 22 -30.68 94.60 39.90
N SER W 23 -30.20 95.58 39.16
CA SER W 23 -30.96 96.80 38.99
C SER W 23 -32.29 96.52 38.29
N ALA W 24 -32.24 95.81 37.16
CA ALA W 24 -33.45 95.52 36.41
C ALA W 24 -34.42 94.68 37.24
N MET W 25 -33.91 93.63 37.89
CA MET W 25 -34.78 92.72 38.64
C MET W 25 -35.29 93.35 39.93
N ALA W 26 -34.51 94.23 40.56
CA ALA W 26 -35.00 94.96 41.73
C ALA W 26 -36.08 95.96 41.33
N GLU W 27 -35.91 96.66 40.21
CA GLU W 27 -36.97 97.52 39.71
C GLU W 27 -38.21 96.71 39.41
N TYR W 28 -38.04 95.53 38.81
CA TYR W 28 -39.17 94.65 38.53
C TYR W 28 -39.86 94.22 39.83
N ALA W 29 -39.07 93.86 40.85
CA ALA W 29 -39.64 93.44 42.13
C ALA W 29 -40.44 94.57 42.75
N SER W 30 -39.91 95.79 42.71
CA SER W 30 -40.64 96.93 43.26
C SER W 30 -41.92 97.19 42.48
N THR W 31 -41.87 97.01 41.16
CA THR W 31 -43.05 97.27 40.32
C THR W 31 -44.14 96.23 40.52
N HIS W 32 -43.82 95.06 41.08
CA HIS W 32 -44.79 93.98 41.24
C HIS W 32 -44.75 93.34 42.62
N ASN W 33 -43.95 93.86 43.54
CA ASN W 33 -43.86 93.34 44.90
C ASN W 33 -43.56 91.84 44.90
N ILE W 34 -42.40 91.51 44.33
CA ILE W 34 -41.96 90.13 44.24
C ILE W 34 -41.33 89.72 45.57
N SER W 35 -41.59 88.49 45.99
CA SER W 35 -41.00 87.98 47.22
C SER W 35 -39.48 88.04 47.13
N TYR W 36 -38.83 88.13 48.29
CA TYR W 36 -37.38 88.20 48.32
C TYR W 36 -36.74 86.92 47.79
N SER W 37 -37.34 85.77 48.11
CA SER W 37 -36.81 84.51 47.60
C SER W 37 -36.84 84.47 46.08
N GLU W 38 -37.97 84.87 45.48
CA GLU W 38 -38.08 84.89 44.02
C GLU W 38 -37.16 85.94 43.43
N PHE W 39 -36.98 87.06 44.12
CA PHE W 39 -36.05 88.09 43.65
C PHE W 39 -34.64 87.53 43.55
N LEU W 40 -34.16 86.89 44.62
CA LEU W 40 -32.84 86.28 44.57
C LEU W 40 -32.77 85.18 43.53
N PHE W 41 -33.86 84.42 43.37
CA PHE W 41 -33.89 83.39 42.34
C PHE W 41 -33.68 84.00 40.96
N ARG W 42 -34.35 85.11 40.68
CA ARG W 42 -34.18 85.78 39.39
C ARG W 42 -32.74 86.28 39.23
N LEU W 43 -32.20 86.91 40.28
CA LEU W 43 -30.82 87.38 40.21
C LEU W 43 -29.89 86.24 39.84
N LEU W 44 -29.98 85.14 40.58
CA LEU W 44 -29.09 84.01 40.37
C LEU W 44 -29.31 83.38 39.01
N GLU W 45 -30.56 83.26 38.57
CA GLU W 45 -30.85 82.66 37.27
C GLU W 45 -30.19 83.46 36.16
N ALA W 46 -30.40 84.79 36.16
CA ALA W 46 -29.82 85.60 35.10
C ALA W 46 -28.30 85.57 35.16
N GLU W 47 -27.73 85.68 36.37
CA GLU W 47 -26.27 85.67 36.49
C GLU W 47 -25.69 84.35 36.01
N ILE W 48 -26.33 83.23 36.36
CA ILE W 48 -25.84 81.92 35.95
C ILE W 48 -25.97 81.75 34.45
N VAL W 49 -27.07 82.22 33.86
CA VAL W 49 -27.23 82.10 32.41
C VAL W 49 -26.11 82.86 31.71
N GLU W 50 -25.85 84.10 32.14
CA GLU W 50 -24.80 84.88 31.50
C GLU W 50 -23.43 84.25 31.71
N LYS W 51 -23.15 83.77 32.93
CA LYS W 51 -21.87 83.14 33.21
C LYS W 51 -21.68 81.89 32.33
N GLN W 52 -22.72 81.08 32.18
CA GLN W 52 -22.60 79.88 31.37
C GLN W 52 -22.43 80.22 29.90
N ALA W 53 -23.12 81.27 29.41
CA ALA W 53 -22.93 81.69 28.03
C ALA W 53 -21.48 82.15 27.80
N ARG W 54 -20.94 82.95 28.73
CA ARG W 54 -19.56 83.40 28.59
C ARG W 54 -18.59 82.23 28.67
N SER W 55 -18.86 81.26 29.54
CA SER W 55 -18.01 80.08 29.64
C SER W 55 -18.03 79.28 28.35
N ILE W 56 -19.21 79.12 27.75
CA ILE W 56 -19.31 78.40 26.47
C ILE W 56 -18.53 79.13 25.39
N GLN W 57 -18.67 80.46 25.33
CA GLN W 57 -17.91 81.22 24.34
C GLN W 57 -16.41 81.07 24.56
N THR W 58 -15.97 81.12 25.82
CA THR W 58 -14.55 80.96 26.11
C THR W 58 -14.06 79.56 25.72
N LEU W 59 -14.86 78.53 26.00
CA LEU W 59 -14.48 77.19 25.61
C LEU W 59 -14.35 77.05 24.09
N ILE W 60 -15.30 77.64 23.36
CA ILE W 60 -15.22 77.63 21.90
C ILE W 60 -13.96 78.36 21.44
N LYS W 61 -13.63 79.47 22.09
CA LYS W 61 -12.42 80.21 21.73
C LYS W 61 -11.18 79.35 21.94
N LEU W 62 -11.09 78.68 23.11
CA LEU W 62 -9.92 77.86 23.39
C LEU W 62 -9.81 76.71 22.39
N SER W 63 -10.92 76.03 22.11
CA SER W 63 -10.91 74.97 21.11
C SER W 63 -10.65 75.54 19.73
N LYS W 64 -9.77 74.89 18.98
CA LYS W 64 -9.40 75.36 17.65
C LYS W 64 -10.36 74.81 16.60
N LEU W 65 -11.62 75.20 16.73
CA LEU W 65 -12.65 74.78 15.79
C LEU W 65 -12.55 75.63 14.53
N PRO W 66 -12.35 75.04 13.36
CA PRO W 66 -12.22 75.87 12.14
C PRO W 66 -13.46 76.69 11.85
N TYR W 67 -14.64 76.19 12.20
CA TYR W 67 -15.88 76.93 11.97
C TYR W 67 -16.96 76.32 12.84
N ARG W 68 -18.00 77.13 13.10
CA ARG W 68 -19.12 76.73 13.93
C ARG W 68 -20.27 76.26 13.06
N LYS W 69 -20.81 75.09 13.37
CA LYS W 69 -21.92 74.52 12.62
C LYS W 69 -22.69 73.58 13.52
N THR W 70 -23.99 73.47 13.29
CA THR W 70 -24.87 72.66 14.11
C THR W 70 -25.68 71.71 13.24
N ILE W 71 -26.06 70.57 13.82
CA ILE W 71 -26.83 69.57 13.09
C ILE W 71 -28.14 70.14 12.59
N ASP W 72 -28.59 71.25 13.14
CA ASP W 72 -29.81 71.89 12.64
C ASP W 72 -29.67 72.24 11.16
N THR W 73 -28.50 72.73 10.76
CA THR W 73 -28.25 73.06 9.36
C THR W 73 -27.68 71.87 8.60
N PHE W 74 -28.40 70.74 8.66
CA PHE W 74 -28.01 69.53 7.98
C PHE W 74 -29.23 68.94 7.27
N ASP W 75 -28.97 68.29 6.13
CA ASP W 75 -30.03 67.69 5.32
C ASP W 75 -29.96 66.18 5.46
N PHE W 76 -31.05 65.58 5.94
CA PHE W 76 -31.16 64.14 6.08
C PHE W 76 -31.98 63.51 4.96
N THR W 77 -32.45 64.30 3.99
CA THR W 77 -33.21 63.79 2.86
C THR W 77 -32.33 63.56 1.63
N ALA W 78 -31.43 64.50 1.32
CA ALA W 78 -30.54 64.35 0.18
C ALA W 78 -29.47 63.28 0.41
N GLN W 79 -29.33 62.77 1.63
CA GLN W 79 -28.34 61.76 1.98
C GLN W 79 -29.06 60.58 2.64
N PRO W 80 -29.64 59.69 1.84
CA PRO W 80 -30.35 58.53 2.43
C PRO W 80 -29.45 57.63 3.24
N SER W 81 -28.13 57.68 3.04
CA SER W 81 -27.24 56.78 3.77
C SER W 81 -27.33 57.01 5.27
N VAL W 82 -27.35 58.27 5.70
CA VAL W 82 -27.43 58.58 7.12
C VAL W 82 -28.84 58.30 7.63
N ASP W 83 -28.93 57.78 8.84
CA ASP W 83 -30.20 57.51 9.51
C ASP W 83 -30.35 58.48 10.67
N GLU W 84 -31.49 59.19 10.71
CA GLU W 84 -31.71 60.18 11.75
C GLU W 84 -31.64 59.55 13.14
N ARG W 85 -32.00 58.27 13.26
CA ARG W 85 -31.95 57.60 14.55
C ARG W 85 -30.54 57.62 15.11
N ARG W 86 -29.57 57.17 14.31
CA ARG W 86 -28.18 57.10 14.77
C ARG W 86 -27.61 58.51 14.99
N ILE W 87 -27.97 59.46 14.13
CA ILE W 87 -27.50 60.83 14.30
C ILE W 87 -27.98 61.38 15.64
N ARG W 88 -29.25 61.18 15.97
CA ARG W 88 -29.78 61.66 17.24
C ARG W 88 -29.15 60.91 18.41
N GLU W 89 -28.88 59.61 18.24
CA GLU W 89 -28.18 58.88 19.29
C GLU W 89 -26.80 59.48 19.56
N LEU W 90 -26.09 59.85 18.49
CA LEU W 90 -24.81 60.55 18.66
C LEU W 90 -25.02 61.88 19.36
N LEU W 91 -26.04 62.63 18.96
CA LEU W 91 -26.32 63.90 19.61
C LEU W 91 -26.57 63.73 21.10
N THR W 92 -27.13 62.58 21.51
CA THR W 92 -27.31 62.31 22.93
C THR W 92 -26.00 62.22 23.68
N LEU W 93 -24.88 62.05 22.98
CA LEU W 93 -23.56 61.97 23.58
C LEU W 93 -23.44 60.77 24.53
N SER W 94 -24.17 59.69 24.24
CA SER W 94 -24.01 58.47 25.01
C SER W 94 -22.67 57.80 24.75
N PHE W 95 -22.03 58.10 23.62
CA PHE W 95 -20.73 57.51 23.32
C PHE W 95 -19.68 57.94 24.33
N ILE W 96 -19.78 59.17 24.84
CA ILE W 96 -18.82 59.64 25.83
C ILE W 96 -18.92 58.79 27.09
N ASP W 97 -20.16 58.52 27.54
CA ASP W 97 -20.35 57.67 28.71
C ASP W 97 -19.89 56.25 28.42
N ARG W 98 -20.18 55.73 27.23
CA ARG W 98 -19.85 54.36 26.86
C ARG W 98 -18.48 54.23 26.21
N LYS W 99 -17.73 55.32 26.09
CA LYS W 99 -16.37 55.29 25.54
C LYS W 99 -16.34 54.58 24.19
N GLU W 100 -17.06 55.17 23.23
CA GLU W 100 -17.13 54.65 21.87
C GLU W 100 -16.50 55.66 20.92
N ASN W 101 -15.57 55.18 20.09
CA ASN W 101 -14.93 56.03 19.09
C ASN W 101 -15.84 56.18 17.88
N ILE W 102 -16.08 57.41 17.47
CA ILE W 102 -16.99 57.71 16.36
C ILE W 102 -16.14 58.04 15.14
N LEU W 103 -16.35 57.30 14.05
CA LEU W 103 -15.56 57.46 12.84
C LEU W 103 -16.49 57.60 11.64
N PHE W 104 -16.09 58.46 10.70
CA PHE W 104 -16.83 58.68 9.46
C PHE W 104 -15.93 58.34 8.29
N LEU W 105 -16.47 57.56 7.35
CA LEU W 105 -15.74 57.13 6.17
C LEU W 105 -16.58 57.39 4.93
N GLY W 106 -15.92 57.78 3.84
CA GLY W 106 -16.59 58.05 2.59
C GLY W 106 -15.81 58.99 1.70
N PRO W 107 -16.12 59.01 0.42
CA PRO W 107 -15.39 59.88 -0.51
C PRO W 107 -15.60 61.34 -0.17
N PRO W 108 -14.83 62.24 -0.77
CA PRO W 108 -14.91 63.67 -0.41
C PRO W 108 -16.26 64.26 -0.76
N GLY W 109 -16.64 65.29 0.00
CA GLY W 109 -17.80 66.10 -0.31
C GLY W 109 -19.10 65.63 0.32
N ILE W 110 -19.13 64.46 0.96
CA ILE W 110 -20.37 63.97 1.55
C ILE W 110 -20.81 64.87 2.70
N GLY W 111 -19.88 65.22 3.58
CA GLY W 111 -20.20 66.05 4.73
C GLY W 111 -19.91 65.36 6.05
N LYS W 112 -18.97 64.42 6.05
CA LYS W 112 -18.62 63.72 7.27
C LYS W 112 -18.13 64.67 8.35
N THR W 113 -17.52 65.79 7.95
CA THR W 113 -16.99 66.73 8.93
C THR W 113 -18.10 67.49 9.64
N HIS W 114 -19.23 67.73 8.97
CA HIS W 114 -20.30 68.53 9.54
C HIS W 114 -20.88 67.88 10.80
N LEU W 115 -21.19 66.57 10.71
CA LEU W 115 -21.76 65.88 11.85
C LEU W 115 -20.78 65.84 13.02
N ALA W 116 -19.50 65.58 12.74
CA ALA W 116 -18.50 65.54 13.80
C ALA W 116 -18.38 66.89 14.48
N ILE W 117 -18.36 67.98 13.70
CA ILE W 117 -18.22 69.30 14.30
C ILE W 117 -19.46 69.66 15.09
N SER W 118 -20.64 69.26 14.61
CA SER W 118 -21.86 69.51 15.38
C SER W 118 -21.83 68.77 16.71
N ILE W 119 -21.39 67.51 16.70
CA ILE W 119 -21.29 66.75 17.94
C ILE W 119 -20.29 67.40 18.88
N GLY W 120 -19.16 67.87 18.34
CA GLY W 120 -18.19 68.57 19.18
C GLY W 120 -18.76 69.84 19.78
N MET W 121 -19.53 70.59 19.00
CA MET W 121 -20.16 71.80 19.52
C MET W 121 -21.14 71.48 20.64
N GLU W 122 -21.94 70.42 20.45
CA GLU W 122 -22.86 70.03 21.51
C GLU W 122 -22.11 69.60 22.76
N ALA W 123 -21.01 68.85 22.59
CA ALA W 123 -20.21 68.45 23.74
C ALA W 123 -19.64 69.65 24.48
N ILE W 124 -19.14 70.64 23.74
CA ILE W 124 -18.63 71.86 24.36
C ILE W 124 -19.74 72.58 25.12
N ALA W 125 -20.92 72.68 24.51
CA ALA W 125 -22.03 73.37 25.16
C ALA W 125 -22.44 72.68 26.45
N ARG W 126 -22.49 71.34 26.44
CA ARG W 126 -22.87 70.61 27.64
C ARG W 126 -21.79 70.62 28.72
N GLY W 127 -20.59 71.11 28.41
CA GLY W 127 -19.50 71.19 29.37
C GLY W 127 -18.35 70.26 29.08
N TYR W 128 -18.54 69.24 28.23
CA TYR W 128 -17.46 68.34 27.89
C TYR W 128 -16.35 69.09 27.16
N LYS W 129 -15.11 68.71 27.42
CA LYS W 129 -13.96 69.31 26.76
C LYS W 129 -13.73 68.62 25.43
N THR W 130 -13.81 69.38 24.34
CA THR W 130 -13.63 68.85 22.99
C THR W 130 -12.61 69.71 22.25
N TYR W 131 -11.68 69.05 21.55
CA TYR W 131 -10.64 69.71 20.79
C TYR W 131 -10.66 69.17 19.37
N PHE W 132 -10.32 70.04 18.42
CA PHE W 132 -10.35 69.71 17.00
C PHE W 132 -8.97 69.94 16.39
N ILE W 133 -8.56 69.04 15.49
CA ILE W 133 -7.27 69.15 14.84
C ILE W 133 -7.30 68.26 13.60
N THR W 134 -6.44 68.57 12.63
CA THR W 134 -6.29 67.75 11.45
C THR W 134 -5.11 66.80 11.61
N ALA W 135 -5.13 65.72 10.83
CA ALA W 135 -4.05 64.75 10.90
C ALA W 135 -2.71 65.40 10.58
N HIS W 136 -2.67 66.24 9.55
CA HIS W 136 -1.45 66.97 9.23
C HIS W 136 -1.03 67.87 10.39
N ASP W 137 -1.99 68.64 10.92
CA ASP W 137 -1.68 69.54 12.03
C ASP W 137 -1.29 68.77 13.29
N LEU W 138 -1.99 67.67 13.57
CA LEU W 138 -1.64 66.87 14.74
C LEU W 138 -0.24 66.29 14.63
N VAL W 139 0.11 65.77 13.44
CA VAL W 139 1.45 65.23 13.24
C VAL W 139 2.49 66.32 13.39
N ASN W 140 2.23 67.50 12.82
CA ASN W 140 3.16 68.62 12.97
C ASN W 140 3.35 68.98 14.44
N GLN W 141 2.24 69.05 15.19
CA GLN W 141 2.33 69.39 16.60
C GLN W 141 3.15 68.37 17.37
N LEU W 142 2.91 67.08 17.11
CA LEU W 142 3.66 66.05 17.81
C LEU W 142 5.14 66.11 17.46
N ARG W 143 5.47 66.30 16.19
CA ARG W 143 6.87 66.39 15.79
C ARG W 143 7.56 67.58 16.44
N ARG W 144 6.90 68.75 16.43
CA ARG W 144 7.50 69.93 17.03
C ARG W 144 7.65 69.75 18.54
N ALA W 145 6.68 69.11 19.19
CA ALA W 145 6.77 68.86 20.62
C ALA W 145 7.96 67.96 20.93
N ASP W 146 8.15 66.90 20.13
CA ASP W 146 9.30 66.02 20.33
C ASP W 146 10.60 66.79 20.11
N GLN W 147 10.63 67.65 19.09
CA GLN W 147 11.86 68.39 18.79
C GLN W 147 12.21 69.36 19.90
N GLU W 148 11.22 70.08 20.44
CA GLU W 148 11.46 71.13 21.42
C GLU W 148 11.54 70.62 22.85
N GLY W 149 11.34 69.32 23.07
CA GLY W 149 11.42 68.76 24.40
C GLY W 149 10.15 68.88 25.22
N LYS W 150 9.08 69.46 24.67
CA LYS W 150 7.80 69.58 25.36
C LYS W 150 6.79 68.56 24.84
N LEU W 151 7.27 67.36 24.51
CA LEU W 151 6.38 66.31 24.01
C LEU W 151 5.33 65.96 25.06
N GLU W 152 5.72 65.92 26.33
CA GLU W 152 4.76 65.58 27.38
C GLU W 152 3.64 66.60 27.44
N LYS W 153 3.95 67.89 27.30
CA LYS W 153 2.94 68.93 27.41
C LYS W 153 1.92 68.80 26.28
N LYS W 154 2.38 68.60 25.05
CA LYS W 154 1.46 68.49 23.92
C LYS W 154 0.67 67.19 23.98
N LEU W 155 1.30 66.10 24.41
CA LEU W 155 0.54 64.86 24.60
C LEU W 155 -0.55 65.05 25.64
N ARG W 156 -0.24 65.76 26.73
CA ARG W 156 -1.25 66.03 27.75
C ARG W 156 -2.38 66.87 27.20
N VAL W 157 -2.06 67.93 26.45
CA VAL W 157 -3.11 68.82 25.95
C VAL W 157 -3.93 68.13 24.87
N PHE W 158 -3.38 67.13 24.18
CA PHE W 158 -4.14 66.38 23.20
C PHE W 158 -4.93 65.22 23.79
N VAL W 159 -4.51 64.70 24.94
CA VAL W 159 -5.18 63.54 25.53
C VAL W 159 -6.25 63.96 26.55
N LYS W 160 -5.97 64.99 27.33
CA LYS W 160 -6.93 65.43 28.35
C LYS W 160 -8.30 65.76 27.77
N PRO W 161 -8.43 66.44 26.63
CA PRO W 161 -9.76 66.74 26.11
C PRO W 161 -10.62 65.49 26.01
N THR W 162 -11.86 65.60 26.49
CA THR W 162 -12.75 64.44 26.50
C THR W 162 -12.99 63.91 25.09
N VAL W 163 -13.00 64.79 24.10
CA VAL W 163 -13.17 64.41 22.70
C VAL W 163 -12.03 65.02 21.89
N LEU W 164 -11.41 64.21 21.04
CA LEU W 164 -10.36 64.66 20.14
C LEU W 164 -10.80 64.34 18.72
N ILE W 165 -10.98 65.39 17.91
CA ILE W 165 -11.53 65.27 16.57
C ILE W 165 -10.38 65.37 15.58
N ILE W 166 -9.93 64.23 15.07
CA ILE W 166 -8.89 64.18 14.06
C ILE W 166 -9.54 64.24 12.69
N ASP W 167 -9.08 65.17 11.86
CA ASP W 167 -9.68 65.43 10.56
C ASP W 167 -8.64 65.26 9.46
N GLN W 168 -9.14 65.04 8.23
CA GLN W 168 -8.30 64.90 7.04
C GLN W 168 -7.28 63.77 7.22
N MET W 169 -7.76 62.64 7.72
CA MET W 169 -6.94 61.43 7.88
C MET W 169 -7.08 60.60 6.62
N GLY W 170 -6.08 60.69 5.73
CA GLY W 170 -6.05 59.89 4.54
C GLY W 170 -5.66 60.66 3.29
N TYR W 171 -6.04 61.94 3.23
CA TYR W 171 -5.65 62.76 2.09
C TYR W 171 -4.14 62.92 2.00
N LEU W 172 -3.48 63.08 3.14
CA LEU W 172 -2.04 63.24 3.20
C LEU W 172 -1.40 61.94 3.67
N LYS W 173 -0.40 61.48 2.93
CA LYS W 173 0.31 60.25 3.28
C LYS W 173 1.27 60.51 4.44
N LEU W 174 1.44 59.51 5.29
CA LEU W 174 2.25 59.62 6.50
C LEU W 174 3.45 58.70 6.42
N ASP W 175 4.55 59.14 7.01
CA ASP W 175 5.77 58.36 7.13
C ASP W 175 5.75 57.56 8.43
N PRO W 176 6.63 56.56 8.56
CA PRO W 176 6.65 55.78 9.80
C PRO W 176 6.87 56.61 11.05
N ASN W 177 7.61 57.72 10.98
CA ASN W 177 7.77 58.58 12.14
C ASN W 177 6.42 59.16 12.58
N SER W 178 5.71 59.79 11.63
CA SER W 178 4.36 60.26 11.92
C SER W 178 3.45 59.12 12.33
N ALA W 179 3.69 57.92 11.79
CA ALA W 179 2.91 56.76 12.20
C ALA W 179 3.10 56.47 13.69
N HIS W 180 4.35 56.55 14.17
CA HIS W 180 4.60 56.27 15.58
C HIS W 180 4.06 57.39 16.46
N TYR W 181 4.12 58.64 15.98
CA TYR W 181 3.51 59.74 16.73
C TYR W 181 2.00 59.52 16.89
N LEU W 182 1.33 59.18 15.78
CA LEU W 182 -0.10 58.90 15.84
C LEU W 182 -0.39 57.70 16.74
N PHE W 183 0.48 56.70 16.69
CA PHE W 183 0.33 55.54 17.56
C PHE W 183 0.42 55.93 19.03
N GLN W 184 1.36 56.81 19.35
CA GLN W 184 1.47 57.31 20.73
C GLN W 184 0.18 58.02 21.15
N VAL W 185 -0.36 58.88 20.26
CA VAL W 185 -1.59 59.58 20.61
C VAL W 185 -2.72 58.57 20.85
N ILE W 186 -2.85 57.59 19.95
CA ILE W 186 -3.93 56.62 20.06
C ILE W 186 -3.78 55.79 21.34
N ALA W 187 -2.57 55.35 21.64
CA ALA W 187 -2.33 54.57 22.85
C ALA W 187 -2.67 55.37 24.09
N ARG W 188 -2.27 56.64 24.13
CA ARG W 188 -2.66 57.48 25.25
C ARG W 188 -4.18 57.63 25.34
N ARG W 189 -4.86 57.60 24.20
CA ARG W 189 -6.31 57.65 24.16
C ARG W 189 -6.92 56.29 23.82
N TYR W 190 -6.29 55.21 24.29
CA TYR W 190 -6.77 53.87 24.00
C TYR W 190 -8.17 53.65 24.56
N GLU W 191 -8.30 53.68 25.89
CA GLU W 191 -9.58 53.51 26.57
C GLU W 191 -9.73 54.57 27.66
N HIS W 192 -9.34 55.80 27.34
CA HIS W 192 -9.43 56.92 28.27
C HIS W 192 -10.40 58.00 27.83
N ALA W 193 -10.53 58.23 26.53
CA ALA W 193 -11.44 59.25 26.01
C ALA W 193 -11.85 58.88 24.60
N PRO W 194 -13.10 59.12 24.20
CA PRO W 194 -13.50 58.80 22.83
C PRO W 194 -12.76 59.66 21.82
N ILE W 195 -12.60 59.12 20.61
CA ILE W 195 -11.97 59.81 19.50
C ILE W 195 -12.99 59.92 18.38
N ILE W 196 -13.09 61.11 17.79
CA ILE W 196 -13.92 61.35 16.61
C ILE W 196 -12.98 61.55 15.43
N LEU W 197 -13.17 60.75 14.37
CA LEU W 197 -12.28 60.78 13.23
C LEU W 197 -13.09 60.82 11.94
N THR W 198 -12.50 61.42 10.91
CA THR W 198 -13.08 61.48 9.58
C THR W 198 -12.01 61.11 8.57
N SER W 199 -12.38 60.28 7.59
CA SER W 199 -11.41 59.82 6.61
C SER W 199 -12.15 59.44 5.32
N ASN W 200 -11.37 59.29 4.26
CA ASN W 200 -11.89 58.90 2.95
C ASN W 200 -11.30 57.59 2.44
N LYS W 201 -10.40 56.96 3.19
CA LYS W 201 -9.72 55.74 2.77
C LYS W 201 -10.20 54.57 3.61
N SER W 202 -10.27 53.40 2.96
CA SER W 202 -10.63 52.18 3.66
C SER W 202 -9.53 51.79 4.65
N PHE W 203 -9.92 50.97 5.63
CA PHE W 203 -8.97 50.57 6.66
C PHE W 203 -7.74 49.90 6.06
N GLY W 204 -7.93 49.15 4.97
CA GLY W 204 -6.79 48.49 4.35
C GLY W 204 -5.75 49.46 3.86
N GLU W 205 -6.19 50.61 3.33
CA GLU W 205 -5.25 51.60 2.80
C GLU W 205 -4.40 52.22 3.89
N TRP W 206 -4.80 52.11 5.16
CA TRP W 206 -4.04 52.73 6.24
C TRP W 206 -2.62 52.16 6.31
N GLY W 207 -2.44 50.90 5.88
CA GLY W 207 -1.09 50.34 5.86
C GLY W 207 -0.15 51.14 4.97
N GLU W 208 -0.62 51.50 3.77
CA GLU W 208 0.18 52.35 2.89
C GLU W 208 0.21 53.79 3.41
N ILE W 209 -0.86 54.24 4.05
CA ILE W 209 -0.89 55.62 4.56
C ILE W 209 0.20 55.82 5.60
N VAL W 210 0.37 54.86 6.51
CA VAL W 210 1.35 55.01 7.60
C VAL W 210 2.71 54.44 7.24
N GLY W 211 2.86 53.80 6.09
CA GLY W 211 4.15 53.27 5.69
C GLY W 211 4.64 52.12 6.52
N ASP W 212 3.76 51.45 7.26
CA ASP W 212 4.16 50.31 8.08
C ASP W 212 2.91 49.48 8.37
N SER W 213 2.88 48.26 7.83
CA SER W 213 1.66 47.45 7.91
C SER W 213 1.32 47.10 9.36
N VAL W 214 2.32 46.69 10.14
CA VAL W 214 2.04 46.24 11.49
C VAL W 214 1.56 47.40 12.37
N LEU W 215 2.15 48.58 12.19
CA LEU W 215 1.67 49.75 12.92
C LEU W 215 0.23 50.06 12.56
N ALA W 216 -0.11 49.97 11.27
CA ALA W 216 -1.48 50.20 10.85
C ALA W 216 -2.42 49.18 11.50
N THR W 217 -2.02 47.91 11.53
CA THR W 217 -2.87 46.89 12.13
C THR W 217 -3.07 47.16 13.63
N ALA W 218 -2.00 47.50 14.33
CA ALA W 218 -2.11 47.78 15.76
C ALA W 218 -3.01 48.98 16.02
N MET W 219 -2.82 50.06 15.26
CA MET W 219 -3.65 51.24 15.44
C MET W 219 -5.11 50.95 15.12
N LEU W 220 -5.36 50.17 14.05
CA LEU W 220 -6.72 49.81 13.71
C LEU W 220 -7.37 48.99 14.81
N ASP W 221 -6.65 48.01 15.37
CA ASP W 221 -7.20 47.21 16.44
C ASP W 221 -7.52 48.07 17.66
N ARG W 222 -6.57 48.96 18.04
CA ARG W 222 -6.79 49.80 19.20
C ARG W 222 -8.00 50.72 19.00
N LEU W 223 -8.12 51.31 17.80
CA LEU W 223 -9.21 52.25 17.56
C LEU W 223 -10.55 51.55 17.46
N LEU W 224 -10.59 50.38 16.82
CA LEU W 224 -11.84 49.69 16.54
C LEU W 224 -12.24 48.72 17.64
N HIS W 225 -11.44 48.57 18.70
CA HIS W 225 -11.88 47.75 19.82
C HIS W 225 -13.17 48.28 20.41
N HIS W 226 -13.30 49.61 20.50
CA HIS W 226 -14.54 50.28 20.89
C HIS W 226 -14.74 51.43 19.89
N SER W 227 -15.53 51.18 18.85
CA SER W 227 -15.75 52.18 17.82
C SER W 227 -17.10 51.98 17.18
N ILE W 228 -17.61 53.05 16.56
CA ILE W 228 -18.81 53.03 15.75
C ILE W 228 -18.53 53.89 14.52
N ILE W 229 -18.52 53.28 13.35
CA ILE W 229 -18.10 53.93 12.10
C ILE W 229 -19.33 54.14 11.23
N PHE W 230 -19.46 55.35 10.69
CA PHE W 230 -20.53 55.71 9.75
C PHE W 230 -19.92 55.79 8.36
N ASN W 231 -20.15 54.76 7.54
CA ASN W 231 -19.67 54.72 6.17
C ASN W 231 -20.72 55.36 5.28
N LEU W 232 -20.55 56.66 5.02
CA LEU W 232 -21.49 57.43 4.23
C LEU W 232 -21.03 57.50 2.77
N LYS W 233 -21.99 57.36 1.86
CA LYS W 233 -21.72 57.40 0.43
C LYS W 233 -22.85 58.13 -0.27
N GLY W 234 -22.52 58.82 -1.35
CA GLY W 234 -23.51 59.51 -2.14
C GLY W 234 -22.89 60.71 -2.86
N GLU W 235 -23.74 61.66 -3.19
CA GLU W 235 -23.32 62.85 -3.93
C GLU W 235 -22.62 63.84 -3.03
N SER W 236 -21.63 64.54 -3.60
CA SER W 236 -20.87 65.53 -2.85
C SER W 236 -21.68 66.81 -2.68
N TYR W 237 -21.76 67.30 -1.44
CA TYR W 237 -22.53 68.51 -1.17
C TYR W 237 -21.99 69.69 -1.94
N ARG W 238 -20.66 69.78 -2.07
CA ARG W 238 -20.08 70.89 -2.83
C ARG W 238 -20.55 70.87 -4.28
N LEU W 239 -20.51 69.70 -4.91
CA LEU W 239 -20.95 69.59 -6.30
C LEU W 239 -22.44 69.88 -6.43
N ARG W 240 -23.25 69.40 -5.48
CA ARG W 240 -24.68 69.67 -5.54
C ARG W 240 -24.96 71.16 -5.39
N GLU W 241 -24.25 71.84 -4.49
CA GLU W 241 -24.43 73.28 -4.34
C GLU W 241 -24.01 74.01 -5.61
N LYS W 242 -22.91 73.59 -6.22
CA LYS W 242 -22.48 74.21 -7.47
C LYS W 242 -23.53 74.03 -8.55
N ARG W 243 -24.09 72.82 -8.66
CA ARG W 243 -25.13 72.58 -9.66
C ARG W 243 -26.36 73.43 -9.38
N LEU W 244 -26.77 73.53 -8.12
CA LEU W 244 -27.94 74.33 -7.78
C LEU W 244 -27.71 75.80 -8.12
N GLN W 245 -26.52 76.32 -7.84
CA GLN W 245 -26.20 77.69 -8.22
C GLN W 245 -26.22 77.85 -9.74
N GLU W 246 -25.71 76.86 -10.47
CA GLU W 246 -25.74 76.92 -11.93
C GLU W 246 -27.17 76.99 -12.45
N GLU W 247 -28.06 76.18 -11.90
CA GLU W 247 -29.46 76.16 -12.33
C GLU W 247 -30.29 77.14 -11.50
N ASN X 1 -37.49 72.90 43.77
CA ASN X 1 -38.06 74.06 44.52
C ASN X 1 -37.17 75.30 44.32
N MET X 2 -37.42 76.33 45.14
CA MET X 2 -36.71 77.59 45.00
C MET X 2 -35.42 77.63 45.82
N LYS X 3 -35.47 77.15 47.07
CA LYS X 3 -34.29 77.21 47.93
C LYS X 3 -33.14 76.39 47.37
N GLU X 4 -33.43 75.17 46.90
CA GLU X 4 -32.37 74.31 46.39
C GLU X 4 -31.69 74.91 45.18
N ARG X 5 -32.48 75.45 44.23
CA ARG X 5 -31.90 76.09 43.06
C ARG X 5 -31.11 77.33 43.46
N ILE X 6 -31.63 78.10 44.43
CA ILE X 6 -30.90 79.26 44.92
C ILE X 6 -29.52 78.85 45.44
N HIS X 7 -29.48 77.81 46.28
CA HIS X 7 -28.20 77.35 46.81
C HIS X 7 -27.30 76.83 45.71
N GLU X 8 -27.86 76.11 44.75
CA GLU X 8 -27.08 75.63 43.61
C GLU X 8 -26.38 76.78 42.90
N TYR X 9 -27.16 77.81 42.54
CA TYR X 9 -26.58 78.96 41.85
C TYR X 9 -25.56 79.68 42.72
N CYS X 10 -25.85 79.81 44.01
CA CYS X 10 -24.93 80.50 44.91
C CYS X 10 -23.58 79.79 44.97
N HIS X 11 -23.61 78.46 45.08
CA HIS X 11 -22.34 77.72 45.11
C HIS X 11 -21.65 77.75 43.75
N ARG X 12 -22.44 77.73 42.66
CA ARG X 12 -21.83 77.82 41.33
C ARG X 12 -21.10 79.14 41.15
N LEU X 13 -21.67 80.23 41.67
CA LEU X 13 -20.99 81.52 41.71
C LEU X 13 -19.97 81.61 42.84
N HIS X 14 -19.73 80.50 43.55
CA HIS X 14 -18.77 80.46 44.66
C HIS X 14 -19.25 81.34 45.81
N LEU X 15 -20.51 81.18 46.21
CA LEU X 15 -21.11 82.02 47.23
C LEU X 15 -21.97 81.18 48.18
N PRO X 16 -21.36 80.26 48.92
CA PRO X 16 -22.07 79.70 50.08
C PRO X 16 -22.43 80.76 51.09
N VAL X 17 -21.65 81.84 51.15
CA VAL X 17 -22.04 83.02 51.91
C VAL X 17 -23.39 83.52 51.42
N MET X 18 -23.60 83.53 50.10
CA MET X 18 -24.87 83.98 49.55
C MET X 18 -26.02 83.11 50.02
N ALA X 19 -25.82 81.80 50.06
CA ALA X 19 -26.84 80.91 50.60
C ALA X 19 -27.11 81.23 52.06
N GLU X 20 -26.06 81.45 52.84
CA GLU X 20 -26.24 81.73 54.27
C GLU X 20 -26.85 83.10 54.50
N ARG X 21 -26.32 84.13 53.86
CA ARG X 21 -26.80 85.49 54.11
C ARG X 21 -28.20 85.70 53.56
N TRP X 22 -28.53 85.08 52.43
CA TRP X 22 -29.88 85.21 51.91
C TRP X 22 -30.90 84.66 52.88
N SER X 23 -30.58 83.56 53.57
CA SER X 23 -31.47 83.06 54.60
C SER X 23 -31.70 84.12 55.67
N ALA X 24 -30.62 84.67 56.22
CA ALA X 24 -30.74 85.62 57.32
C ALA X 24 -31.44 86.89 56.87
N MET X 25 -31.02 87.47 55.74
CA MET X 25 -31.61 88.72 55.28
C MET X 25 -33.06 88.51 54.86
N ALA X 26 -33.37 87.37 54.24
CA ALA X 26 -34.76 87.07 53.88
C ALA X 26 -35.63 86.94 55.12
N GLU X 27 -35.15 86.25 56.15
CA GLU X 27 -35.92 86.15 57.39
C GLU X 27 -36.13 87.54 58.00
N TYR X 28 -35.08 88.35 58.04
CA TYR X 28 -35.18 89.68 58.63
C TYR X 28 -36.17 90.54 57.86
N ALA X 29 -36.13 90.49 56.53
CA ALA X 29 -37.02 91.33 55.73
C ALA X 29 -38.46 90.84 55.80
N SER X 30 -38.65 89.53 55.87
CA SER X 30 -40.00 89.00 56.07
C SER X 30 -40.54 89.37 57.44
N THR X 31 -39.64 89.57 58.41
CA THR X 31 -40.03 90.06 59.73
C THR X 31 -39.94 91.59 59.84
N HIS X 32 -39.62 92.28 58.76
CA HIS X 32 -39.50 93.73 58.75
C HIS X 32 -40.10 94.25 57.44
N ASN X 33 -39.85 95.53 57.15
CA ASN X 33 -40.25 96.16 55.90
C ASN X 33 -38.99 96.69 55.23
N ILE X 34 -38.34 95.84 54.46
CA ILE X 34 -37.10 96.18 53.77
C ILE X 34 -37.40 96.27 52.29
N SER X 35 -37.22 97.46 51.71
CA SER X 35 -37.38 97.62 50.27
C SER X 35 -36.37 96.75 49.56
N TYR X 36 -36.77 96.23 48.39
CA TYR X 36 -35.94 95.25 47.70
C TYR X 36 -34.52 95.77 47.47
N SER X 37 -34.37 97.06 47.21
CA SER X 37 -33.04 97.64 47.07
C SER X 37 -32.24 97.48 48.36
N GLU X 38 -32.86 97.77 49.51
CA GLU X 38 -32.15 97.66 50.78
C GLU X 38 -31.85 96.20 51.13
N PHE X 39 -32.78 95.30 50.80
CA PHE X 39 -32.54 93.87 50.99
C PHE X 39 -31.32 93.42 50.20
N LEU X 40 -31.24 93.83 48.93
CA LEU X 40 -30.06 93.51 48.12
C LEU X 40 -28.80 94.16 48.70
N PHE X 41 -28.91 95.39 49.19
CA PHE X 41 -27.76 96.05 49.80
C PHE X 41 -27.24 95.24 50.98
N ARG X 42 -28.14 94.77 51.84
CA ARG X 42 -27.72 93.94 52.98
C ARG X 42 -27.10 92.63 52.49
N LEU X 43 -27.68 92.04 51.45
CA LEU X 43 -27.11 90.83 50.87
C LEU X 43 -25.67 91.05 50.45
N LEU X 44 -25.43 92.11 49.67
CA LEU X 44 -24.08 92.39 49.19
C LEU X 44 -23.15 92.73 50.35
N GLU X 45 -23.67 93.42 51.37
CA GLU X 45 -22.87 93.72 52.54
C GLU X 45 -22.35 92.45 53.20
N ALA X 46 -23.24 91.49 53.44
CA ALA X 46 -22.81 90.24 54.06
C ALA X 46 -21.83 89.50 53.16
N GLU X 47 -22.12 89.45 51.85
CA GLU X 47 -21.23 88.76 50.93
C GLU X 47 -19.83 89.33 51.01
N ILE X 48 -19.72 90.66 50.97
CA ILE X 48 -18.39 91.27 50.90
C ILE X 48 -17.71 91.24 52.26
N VAL X 49 -18.47 91.26 53.36
CA VAL X 49 -17.82 91.09 54.67
C VAL X 49 -17.14 89.74 54.74
N GLU X 50 -17.87 88.67 54.40
CA GLU X 50 -17.28 87.34 54.45
C GLU X 50 -16.15 87.21 53.43
N LYS X 51 -16.32 87.78 52.23
CA LYS X 51 -15.31 87.69 51.20
C LYS X 51 -14.02 88.40 51.63
N GLN X 52 -14.14 89.58 52.25
CA GLN X 52 -12.97 90.30 52.73
C GLN X 52 -12.29 89.54 53.87
N ALA X 53 -13.07 88.93 54.76
CA ALA X 53 -12.47 88.10 55.79
C ALA X 53 -11.66 86.96 55.18
N ARG X 54 -12.24 86.28 54.18
CA ARG X 54 -11.52 85.18 53.53
C ARG X 54 -10.28 85.68 52.81
N SER X 55 -10.38 86.84 52.14
CA SER X 55 -9.22 87.38 51.43
C SER X 55 -8.10 87.73 52.40
N ILE X 56 -8.43 88.34 53.54
CA ILE X 56 -7.41 88.67 54.53
C ILE X 56 -6.78 87.39 55.07
N GLN X 57 -7.59 86.37 55.35
CA GLN X 57 -7.03 85.11 55.83
C GLN X 57 -6.09 84.50 54.79
N THR X 58 -6.49 84.53 53.52
CA THR X 58 -5.63 83.98 52.46
C THR X 58 -4.33 84.75 52.34
N LEU X 59 -4.41 86.09 52.42
CA LEU X 59 -3.20 86.89 52.35
C LEU X 59 -2.26 86.59 53.51
N ILE X 60 -2.80 86.44 54.72
CA ILE X 60 -1.98 86.08 55.86
C ILE X 60 -1.37 84.69 55.66
N LYS X 61 -2.13 83.78 55.08
CA LYS X 61 -1.61 82.46 54.76
C LYS X 61 -0.42 82.55 53.82
N LEU X 62 -0.55 83.38 52.77
CA LEU X 62 0.58 83.61 51.88
C LEU X 62 1.72 84.32 52.61
N SER X 63 1.39 85.28 53.47
CA SER X 63 2.40 86.00 54.21
C SER X 63 3.06 85.09 55.24
N LYS X 64 4.31 85.42 55.57
CA LYS X 64 5.12 84.63 56.49
C LYS X 64 5.47 85.45 57.74
N LEU X 65 4.49 86.18 58.26
CA LEU X 65 4.70 86.97 59.45
C LEU X 65 4.93 86.06 60.66
N PRO X 66 5.67 86.53 61.68
CA PRO X 66 5.96 85.67 62.83
C PRO X 66 4.74 85.42 63.69
N TYR X 67 3.98 86.47 63.98
CA TYR X 67 2.77 86.34 64.78
C TYR X 67 1.88 87.56 64.53
N ARG X 68 0.62 87.43 64.90
CA ARG X 68 -0.36 88.48 64.68
C ARG X 68 -0.42 89.40 65.90
N LYS X 69 -0.37 90.70 65.65
CA LYS X 69 -0.48 91.69 66.71
C LYS X 69 -0.89 93.02 66.09
N THR X 70 -1.47 93.88 66.90
CA THR X 70 -2.01 95.16 66.46
C THR X 70 -1.35 96.30 67.23
N ILE X 71 -1.30 97.47 66.58
CA ILE X 71 -0.68 98.63 67.21
C ILE X 71 -1.43 99.00 68.49
N ASP X 72 -2.76 98.87 68.47
CA ASP X 72 -3.53 99.14 69.68
C ASP X 72 -3.07 98.27 70.85
N THR X 73 -2.60 97.06 70.57
CA THR X 73 -2.05 96.21 71.63
C THR X 73 -0.79 96.81 72.24
N PHE X 74 -0.12 97.72 71.53
CA PHE X 74 1.10 98.33 72.03
C PHE X 74 0.73 99.46 72.99
N ASP X 75 1.26 99.40 74.21
CA ASP X 75 1.08 100.46 75.20
C ASP X 75 2.26 101.43 75.13
N PHE X 76 1.95 102.72 75.15
CA PHE X 76 2.97 103.75 75.06
C PHE X 76 3.37 104.31 76.42
N THR X 77 2.53 104.14 77.44
CA THR X 77 2.90 104.59 78.78
C THR X 77 4.11 103.84 79.30
N ALA X 78 4.16 102.53 79.08
CA ALA X 78 5.30 101.72 79.52
C ALA X 78 6.55 102.01 78.71
N GLN X 79 6.42 102.64 77.54
CA GLN X 79 7.55 102.99 76.68
C GLN X 79 7.41 104.45 76.29
N PRO X 80 7.73 105.38 77.20
CA PRO X 80 7.60 106.80 76.86
C PRO X 80 8.51 107.24 75.72
N SER X 81 9.55 106.47 75.39
CA SER X 81 10.47 106.89 74.35
C SER X 81 9.76 107.08 73.02
N VAL X 82 8.89 106.13 72.65
CA VAL X 82 8.16 106.25 71.40
C VAL X 82 7.16 107.40 71.49
N ASP X 83 6.88 108.02 70.35
CA ASP X 83 5.94 109.13 70.24
C ASP X 83 4.73 108.68 69.44
N GLU X 84 3.54 108.86 70.01
CA GLU X 84 2.32 108.43 69.34
C GLU X 84 2.12 109.18 68.02
N ARG X 85 2.60 110.41 67.93
CA ARG X 85 2.44 111.17 66.70
C ARG X 85 3.09 110.45 65.52
N ARG X 86 4.38 110.11 65.65
CA ARG X 86 5.09 109.48 64.56
C ARG X 86 4.58 108.06 64.32
N ILE X 87 4.25 107.34 65.39
CA ILE X 87 3.73 105.98 65.25
C ILE X 87 2.44 105.99 64.45
N ARG X 88 1.52 106.91 64.77
CA ARG X 88 0.27 106.99 64.04
C ARG X 88 0.47 107.51 62.61
N GLU X 89 1.44 108.41 62.41
CA GLU X 89 1.77 108.81 61.05
C GLU X 89 2.22 107.61 60.22
N LEU X 90 3.02 106.73 60.81
CA LEU X 90 3.37 105.49 60.13
C LEU X 90 2.14 104.63 59.91
N LEU X 91 1.25 104.55 60.91
CA LEU X 91 0.04 103.74 60.78
C LEU X 91 -0.77 104.18 59.58
N THR X 92 -0.82 105.50 59.31
CA THR X 92 -1.51 105.98 58.12
C THR X 92 -0.86 105.46 56.84
N LEU X 93 0.38 104.96 56.92
CA LEU X 93 1.10 104.39 55.79
C LEU X 93 1.37 105.43 54.71
N SER X 94 1.38 106.71 55.06
CA SER X 94 1.75 107.74 54.09
C SER X 94 3.19 107.57 53.65
N PHE X 95 4.03 106.95 54.48
CA PHE X 95 5.42 106.73 54.11
C PHE X 95 5.53 105.78 52.92
N ILE X 96 4.62 104.81 52.81
CA ILE X 96 4.66 103.88 51.69
C ILE X 96 4.49 104.61 50.38
N ASP X 97 3.52 105.53 50.32
CA ASP X 97 3.31 106.29 49.09
C ASP X 97 4.50 107.19 48.78
N ARG X 98 5.24 107.61 49.79
CA ARG X 98 6.42 108.43 49.61
C ARG X 98 7.68 107.60 49.37
N LYS X 99 7.58 106.27 49.44
CA LYS X 99 8.72 105.37 49.24
C LYS X 99 9.82 105.67 50.27
N GLU X 100 9.43 105.59 51.54
CA GLU X 100 10.33 105.83 52.66
C GLU X 100 10.49 104.54 53.45
N ASN X 101 11.72 104.13 53.68
CA ASN X 101 12.02 102.92 54.43
C ASN X 101 12.05 103.23 55.92
N ILE X 102 11.56 102.28 56.72
CA ILE X 102 11.47 102.43 58.17
C ILE X 102 12.52 101.53 58.81
N LEU X 103 13.28 102.10 59.75
CA LEU X 103 14.31 101.37 60.47
C LEU X 103 14.10 101.53 61.97
N PHE X 104 14.16 100.43 62.70
CA PHE X 104 14.07 100.42 64.14
C PHE X 104 15.42 100.03 64.71
N LEU X 105 15.91 100.83 65.68
CA LEU X 105 17.20 100.58 66.31
C LEU X 105 17.05 100.72 67.82
N GLY X 106 17.86 99.94 68.54
CA GLY X 106 17.85 99.96 69.98
C GLY X 106 18.13 98.59 70.57
N PRO X 107 18.36 98.54 71.89
CA PRO X 107 18.62 97.26 72.53
C PRO X 107 17.42 96.35 72.44
N PRO X 108 17.62 95.03 72.41
CA PRO X 108 16.48 94.11 72.33
C PRO X 108 15.57 94.21 73.54
N GLY X 109 14.32 93.77 73.34
CA GLY X 109 13.33 93.74 74.39
C GLY X 109 12.42 94.95 74.44
N ILE X 110 12.71 96.00 73.67
CA ILE X 110 11.85 97.20 73.71
C ILE X 110 10.51 96.91 73.07
N GLY X 111 10.50 96.26 71.91
CA GLY X 111 9.26 95.95 71.23
C GLY X 111 9.13 96.56 69.84
N LYS X 112 10.26 96.80 69.18
CA LYS X 112 10.23 97.34 67.82
C LYS X 112 9.56 96.38 66.86
N THR X 113 9.83 95.08 66.98
CA THR X 113 9.22 94.12 66.08
C THR X 113 7.70 94.15 66.20
N HIS X 114 7.18 94.48 67.38
CA HIS X 114 5.73 94.60 67.53
C HIS X 114 5.19 95.71 66.62
N LEU X 115 5.83 96.88 66.64
CA LEU X 115 5.37 97.98 65.80
C LEU X 115 5.50 97.63 64.32
N ALA X 116 6.62 97.00 63.94
CA ALA X 116 6.79 96.61 62.55
C ALA X 116 5.69 95.64 62.11
N ILE X 117 5.40 94.64 62.96
CA ILE X 117 4.37 93.66 62.63
C ILE X 117 3.00 94.32 62.54
N SER X 118 2.71 95.25 63.46
CA SER X 118 1.42 95.93 63.41
C SER X 118 1.26 96.72 62.12
N ILE X 119 2.32 97.41 61.70
CA ILE X 119 2.26 98.15 60.44
C ILE X 119 2.03 97.18 59.28
N GLY X 120 2.73 96.05 59.28
CA GLY X 120 2.52 95.05 58.24
C GLY X 120 1.10 94.53 58.21
N MET X 121 0.52 94.26 59.37
CA MET X 121 -0.85 93.75 59.45
C MET X 121 -1.84 94.79 58.93
N GLU X 122 -1.63 96.06 59.29
CA GLU X 122 -2.50 97.12 58.77
C GLU X 122 -2.39 97.22 57.25
N ALA X 123 -1.16 97.11 56.73
CA ALA X 123 -0.99 97.14 55.28
C ALA X 123 -1.72 95.98 54.62
N ILE X 124 -1.65 94.78 55.21
CA ILE X 124 -2.37 93.64 54.66
C ILE X 124 -3.86 93.90 54.67
N ALA X 125 -4.38 94.44 55.77
CA ALA X 125 -5.80 94.72 55.86
C ALA X 125 -6.23 95.72 54.79
N ARG X 126 -5.42 96.76 54.57
CA ARG X 126 -5.74 97.76 53.56
C ARG X 126 -5.56 97.26 52.14
N GLY X 127 -4.97 96.07 51.96
CA GLY X 127 -4.80 95.48 50.64
C GLY X 127 -3.39 95.52 50.11
N TYR X 128 -2.49 96.30 50.72
CA TYR X 128 -1.11 96.34 50.27
C TYR X 128 -0.41 95.02 50.60
N LYS X 129 0.34 94.50 49.63
CA LYS X 129 1.08 93.26 49.85
C LYS X 129 2.17 93.48 50.88
N THR X 130 2.32 92.52 51.79
CA THR X 130 3.34 92.59 52.84
C THR X 130 3.93 91.20 53.04
N TYR X 131 5.25 91.14 53.08
CA TYR X 131 5.97 89.90 53.30
C TYR X 131 7.00 90.11 54.41
N PHE X 132 7.27 89.05 55.16
CA PHE X 132 8.18 89.09 56.30
C PHE X 132 9.23 88.01 56.16
N ILE X 133 10.44 88.31 56.62
CA ILE X 133 11.53 87.34 56.62
C ILE X 133 12.61 87.84 57.55
N THR X 134 13.32 86.91 58.18
CA THR X 134 14.48 87.25 58.99
C THR X 134 15.73 87.32 58.12
N ALA X 135 16.72 88.09 58.60
CA ALA X 135 17.93 88.29 57.83
C ALA X 135 18.61 86.96 57.54
N HIS X 136 18.73 86.10 58.56
CA HIS X 136 19.37 84.80 58.38
C HIS X 136 18.58 83.94 57.40
N ASP X 137 17.26 83.87 57.57
CA ASP X 137 16.44 83.07 56.68
C ASP X 137 16.44 83.63 55.26
N LEU X 138 16.39 84.96 55.12
CA LEU X 138 16.44 85.56 53.80
C LEU X 138 17.76 85.25 53.10
N VAL X 139 18.87 85.35 53.84
CA VAL X 139 20.17 85.03 53.27
C VAL X 139 20.22 83.55 52.85
N ASN X 140 19.69 82.67 53.70
CA ASN X 140 19.65 81.25 53.34
C ASN X 140 18.85 81.03 52.07
N GLN X 141 17.69 81.68 51.95
CA GLN X 141 16.88 81.54 50.76
C GLN X 141 17.61 82.02 49.52
N LEU X 142 18.27 83.18 49.61
CA LEU X 142 19.01 83.71 48.46
C LEU X 142 20.15 82.78 48.07
N ARG X 143 20.90 82.28 49.05
CA ARG X 143 22.01 81.39 48.76
C ARG X 143 21.52 80.10 48.10
N ARG X 144 20.45 79.51 48.63
CA ARG X 144 19.91 78.29 48.04
C ARG X 144 19.40 78.55 46.64
N ALA X 145 18.77 79.70 46.42
CA ALA X 145 18.30 80.05 45.08
C ALA X 145 19.46 80.15 44.10
N ASP X 146 20.55 80.79 44.51
CA ASP X 146 21.72 80.88 43.65
C ASP X 146 22.29 79.50 43.37
N GLN X 147 22.33 78.63 44.39
CA GLN X 147 22.87 77.29 44.22
C GLN X 147 22.04 76.48 43.24
N GLU X 148 20.71 76.55 43.35
CA GLU X 148 19.81 75.75 42.54
C GLU X 148 19.47 76.39 41.19
N GLY X 149 19.94 77.60 40.94
CA GLY X 149 19.63 78.28 39.70
C GLY X 149 18.30 79.01 39.70
N LYS X 150 17.54 78.96 40.79
CA LYS X 150 16.28 79.67 40.92
C LYS X 150 16.45 81.05 41.55
N LEU X 151 17.63 81.66 41.38
CA LEU X 151 17.86 82.99 41.95
C LEU X 151 16.90 84.02 41.38
N GLU X 152 16.64 83.96 40.07
CA GLU X 152 15.76 84.95 39.45
C GLU X 152 14.36 84.87 40.04
N LYS X 153 13.84 83.65 40.25
CA LYS X 153 12.48 83.51 40.77
C LYS X 153 12.37 84.09 42.17
N LYS X 154 13.35 83.79 43.04
CA LYS X 154 13.30 84.29 44.40
C LYS X 154 13.47 85.81 44.45
N LEU X 155 14.37 86.34 43.61
CA LEU X 155 14.50 87.80 43.54
C LEU X 155 13.21 88.44 43.08
N ARG X 156 12.55 87.86 42.08
CA ARG X 156 11.29 88.41 41.61
C ARG X 156 10.23 88.37 42.70
N VAL X 157 10.12 87.24 43.42
CA VAL X 157 9.07 87.12 44.43
C VAL X 157 9.39 87.93 45.68
N PHE X 158 10.65 88.32 45.88
CA PHE X 158 11.02 89.18 47.00
C PHE X 158 11.06 90.66 46.63
N VAL X 159 11.00 90.99 45.34
CA VAL X 159 10.99 92.39 44.93
C VAL X 159 9.56 92.82 44.61
N LYS X 160 8.76 91.90 44.08
CA LYS X 160 7.37 92.22 43.76
C LYS X 160 6.58 92.73 44.96
N PRO X 161 6.71 92.16 46.15
CA PRO X 161 5.85 92.60 47.27
C PRO X 161 5.97 94.08 47.53
N THR X 162 4.83 94.70 47.84
CA THR X 162 4.79 96.13 48.10
C THR X 162 5.58 96.49 49.35
N VAL X 163 5.52 95.65 50.38
CA VAL X 163 6.22 95.87 51.64
C VAL X 163 7.00 94.62 51.99
N LEU X 164 8.28 94.80 52.32
CA LEU X 164 9.16 93.71 52.75
C LEU X 164 9.72 94.06 54.13
N ILE X 165 9.67 93.09 55.04
CA ILE X 165 10.06 93.31 56.43
C ILE X 165 11.22 92.36 56.73
N ILE X 166 12.45 92.92 56.76
CA ILE X 166 13.62 92.18 57.16
C ILE X 166 13.78 92.29 58.67
N ASP X 167 13.96 91.15 59.33
CA ASP X 167 14.03 91.10 60.78
C ASP X 167 15.30 90.39 61.22
N GLN X 168 15.70 90.65 62.47
CA GLN X 168 16.88 90.04 63.07
C GLN X 168 18.14 90.37 62.25
N MET X 169 18.26 91.63 61.82
CA MET X 169 19.43 92.10 61.10
C MET X 169 20.43 92.64 62.13
N GLY X 170 21.45 91.85 62.44
CA GLY X 170 22.45 92.24 63.40
C GLY X 170 22.83 91.14 64.36
N TYR X 171 21.87 90.27 64.68
CA TYR X 171 22.16 89.14 65.57
C TYR X 171 23.19 88.21 64.95
N LEU X 172 23.04 87.91 63.66
CA LEU X 172 23.90 86.98 62.96
C LEU X 172 24.81 87.74 62.00
N LYS X 173 26.11 87.46 62.06
CA LYS X 173 27.06 88.11 61.19
C LYS X 173 26.96 87.58 59.76
N LEU X 174 27.26 88.46 58.80
CA LEU X 174 27.11 88.14 57.39
C LEU X 174 28.46 88.16 56.69
N ASP X 175 28.73 87.11 55.92
CA ASP X 175 29.92 87.03 55.08
C ASP X 175 29.74 87.89 53.84
N PRO X 176 30.82 88.22 53.14
CA PRO X 176 30.67 89.09 51.95
C PRO X 176 29.72 88.54 50.90
N ASN X 177 29.58 87.22 50.79
CA ASN X 177 28.62 86.67 49.84
C ASN X 177 27.19 87.05 50.24
N SER X 178 26.83 86.81 51.51
CA SER X 178 25.54 87.26 52.01
C SER X 178 25.40 88.78 51.90
N ALA X 179 26.52 89.49 52.06
CA ALA X 179 26.49 90.94 51.89
C ALA X 179 26.08 91.33 50.47
N HIS X 180 26.62 90.63 49.48
CA HIS X 180 26.28 90.93 48.09
C HIS X 180 24.84 90.53 47.78
N TYR X 181 24.37 89.42 48.37
CA TYR X 181 22.97 89.06 48.20
C TYR X 181 22.05 90.14 48.76
N LEU X 182 22.35 90.62 49.97
CA LEU X 182 21.55 91.68 50.57
C LEU X 182 21.62 92.95 49.74
N PHE X 183 22.81 93.25 49.19
CA PHE X 183 22.95 94.43 48.33
C PHE X 183 22.10 94.29 47.08
N GLN X 184 22.07 93.10 46.48
CA GLN X 184 21.19 92.87 45.34
C GLN X 184 19.74 93.15 45.72
N VAL X 185 19.31 92.63 46.87
CA VAL X 185 17.93 92.85 47.30
C VAL X 185 17.65 94.35 47.45
N ILE X 186 18.55 95.06 48.13
CA ILE X 186 18.35 96.49 48.38
C ILE X 186 18.33 97.27 47.07
N ALA X 187 19.27 96.96 46.17
CA ALA X 187 19.33 97.68 44.89
C ALA X 187 18.06 97.45 44.08
N ARG X 188 17.55 96.22 44.06
CA ARG X 188 16.27 95.98 43.41
C ARG X 188 15.16 96.78 44.08
N ARG X 189 15.23 96.93 45.41
CA ARG X 189 14.26 97.73 46.15
C ARG X 189 14.82 99.11 46.53
N TYR X 190 15.63 99.70 45.68
CA TYR X 190 16.23 101.00 45.98
C TYR X 190 15.17 102.07 46.14
N GLU X 191 14.44 102.36 45.04
CA GLU X 191 13.40 103.38 45.03
C GLU X 191 12.14 102.82 44.36
N HIS X 192 11.75 101.62 44.76
CA HIS X 192 10.60 100.94 44.21
C HIS X 192 9.56 100.56 45.25
N ALA X 193 9.98 100.19 46.44
CA ALA X 193 9.06 99.80 47.51
C ALA X 193 9.73 100.04 48.86
N PRO X 194 8.97 100.37 49.89
CA PRO X 194 9.58 100.57 51.21
C PRO X 194 10.07 99.27 51.81
N ILE X 195 11.03 99.41 52.73
CA ILE X 195 11.56 98.28 53.50
C ILE X 195 11.45 98.63 54.98
N ILE X 196 10.91 97.69 55.76
CA ILE X 196 10.80 97.85 57.21
C ILE X 196 11.82 96.90 57.84
N LEU X 197 12.80 97.46 58.54
CA LEU X 197 13.88 96.67 59.11
C LEU X 197 14.02 96.98 60.58
N THR X 198 14.45 95.98 61.34
CA THR X 198 14.72 96.12 62.77
C THR X 198 16.11 95.57 63.06
N SER X 199 16.87 96.29 63.87
CA SER X 199 18.24 95.91 64.17
C SER X 199 18.61 96.40 65.56
N ASN X 200 19.65 95.78 66.12
CA ASN X 200 20.18 96.14 67.43
C ASN X 200 21.57 96.74 67.37
N LYS X 201 22.15 96.89 66.18
CA LYS X 201 23.50 97.40 66.00
C LYS X 201 23.44 98.75 65.30
N SER X 202 24.38 99.63 65.67
CA SER X 202 24.49 100.93 65.03
C SER X 202 24.97 100.77 63.59
N PHE X 203 24.76 101.83 62.80
CA PHE X 203 25.11 101.78 61.39
C PHE X 203 26.59 101.45 61.19
N GLY X 204 27.45 101.96 62.07
CA GLY X 204 28.87 101.69 61.92
C GLY X 204 29.20 100.21 62.01
N GLU X 205 28.52 99.49 62.91
CA GLU X 205 28.80 98.07 63.07
C GLU X 205 28.43 97.25 61.84
N TRP X 206 27.59 97.80 60.95
CA TRP X 206 27.21 97.06 59.75
C TRP X 206 28.41 96.70 58.91
N GLY X 207 29.48 97.51 58.96
CA GLY X 207 30.67 97.19 58.20
C GLY X 207 31.25 95.84 58.59
N GLU X 208 31.37 95.59 59.90
CA GLU X 208 31.84 94.29 60.36
C GLU X 208 30.75 93.23 60.21
N ILE X 209 29.48 93.62 60.31
CA ILE X 209 28.40 92.65 60.17
C ILE X 209 28.41 92.01 58.79
N VAL X 210 28.59 92.83 57.74
CA VAL X 210 28.56 92.33 56.36
C VAL X 210 29.93 91.90 55.86
N GLY X 211 30.98 92.12 56.64
CA GLY X 211 32.31 91.72 56.22
C GLY X 211 32.89 92.52 55.08
N ASP X 212 32.37 93.71 54.83
CA ASP X 212 32.88 94.55 53.75
C ASP X 212 32.44 95.99 54.02
N SER X 213 33.41 96.88 54.24
CA SER X 213 33.07 98.26 54.57
C SER X 213 32.39 98.97 53.41
N VAL X 214 32.86 98.75 52.18
CA VAL X 214 32.31 99.48 51.04
C VAL X 214 30.88 99.02 50.74
N LEU X 215 30.62 97.72 50.83
CA LEU X 215 29.26 97.24 50.64
C LEU X 215 28.33 97.80 51.70
N ALA X 216 28.80 97.84 52.96
CA ALA X 216 27.98 98.42 54.02
C ALA X 216 27.69 99.88 53.74
N THR X 217 28.70 100.63 53.29
CA THR X 217 28.49 102.04 52.99
C THR X 217 27.48 102.23 51.87
N ALA X 218 27.60 101.44 50.80
CA ALA X 218 26.67 101.57 49.68
C ALA X 218 25.24 101.22 50.11
N MET X 219 25.08 100.12 50.85
CA MET X 219 23.76 99.72 51.29
C MET X 219 23.16 100.77 52.22
N LEU X 220 23.96 101.31 53.14
CA LEU X 220 23.47 102.33 54.05
C LEU X 220 23.06 103.58 53.29
N ASP X 221 23.86 104.00 52.30
CA ASP X 221 23.50 105.17 51.51
C ASP X 221 22.18 104.95 50.80
N ARG X 222 22.03 103.82 50.10
CA ARG X 222 20.81 103.57 49.36
C ARG X 222 19.61 103.48 50.30
N LEU X 223 19.77 102.82 51.45
CA LEU X 223 18.66 102.67 52.38
C LEU X 223 18.26 104.00 53.01
N LEU X 224 19.25 104.80 53.42
CA LEU X 224 19.00 106.03 54.16
C LEU X 224 18.75 107.23 53.24
N HIS X 225 18.84 107.06 51.93
CA HIS X 225 18.49 108.16 51.03
C HIS X 225 17.07 108.65 51.28
N HIS X 226 16.13 107.71 51.47
CA HIS X 226 14.74 108.02 51.80
C HIS X 226 14.29 107.02 52.86
N SER X 227 14.44 107.39 54.13
CA SER X 227 14.09 106.50 55.23
C SER X 227 13.83 107.31 56.49
N ILE X 228 13.23 106.63 57.47
CA ILE X 228 13.00 107.18 58.80
C ILE X 228 13.46 106.14 59.81
N ILE X 229 14.23 106.57 60.81
CA ILE X 229 14.84 105.68 61.78
C ILE X 229 14.32 106.03 63.17
N PHE X 230 13.93 105.00 63.93
CA PHE X 230 13.46 105.14 65.30
C PHE X 230 14.52 104.55 66.23
N ASN X 231 15.24 105.42 66.94
CA ASN X 231 16.24 104.98 67.91
C ASN X 231 15.57 104.89 69.29
N LEU X 232 14.91 103.76 69.52
CA LEU X 232 14.15 103.55 70.74
C LEU X 232 15.03 102.94 71.83
N LYS X 233 14.86 103.44 73.05
CA LYS X 233 15.59 102.95 74.20
C LYS X 233 14.67 102.89 75.40
N GLY X 234 15.02 102.04 76.36
CA GLY X 234 14.23 101.89 77.57
C GLY X 234 14.54 100.63 78.34
N GLU X 235 13.50 99.90 78.74
CA GLU X 235 13.63 98.68 79.53
C GLU X 235 13.13 97.49 78.73
N SER X 236 13.82 96.36 78.87
CA SER X 236 13.46 95.14 78.17
C SER X 236 12.12 94.63 78.69
N TYR X 237 11.08 94.75 77.87
CA TYR X 237 9.74 94.40 78.31
C TYR X 237 9.65 92.95 78.77
N ARG X 238 10.43 92.06 78.15
CA ARG X 238 10.42 90.67 78.58
C ARG X 238 10.86 90.55 80.03
N LEU X 239 12.00 91.15 80.37
CA LEU X 239 12.49 91.09 81.75
C LEU X 239 11.55 91.80 82.71
N ARG X 240 10.98 92.94 82.29
CA ARG X 240 10.05 93.65 83.16
C ARG X 240 8.81 92.80 83.44
N GLU X 241 8.27 92.13 82.42
CA GLU X 241 7.12 91.26 82.63
C GLU X 241 7.49 90.06 83.50
N LYS X 242 8.69 89.51 83.33
CA LYS X 242 9.13 88.43 84.20
C LYS X 242 9.19 88.88 85.65
N ARG X 243 9.73 90.07 85.89
CA ARG X 243 9.77 90.61 87.24
C ARG X 243 8.35 90.81 87.79
N LEU X 244 7.45 91.35 86.96
CA LEU X 244 6.08 91.55 87.41
C LEU X 244 5.42 90.23 87.78
N GLN X 245 5.65 89.19 86.98
CA GLN X 245 5.13 87.87 87.32
C GLN X 245 5.73 87.36 88.63
N GLU X 246 7.02 87.61 88.84
CA GLU X 246 7.66 87.20 90.09
C GLU X 246 6.99 87.89 91.28
N GLU X 247 6.71 89.18 91.17
CA GLU X 247 6.02 89.91 92.23
C GLU X 247 4.51 89.86 92.03
MG MG EA . -29.59 0.91 8.29
MG MG FA . -17.60 -0.01 -25.21
PB ADP GA . -31.08 -10.42 37.80
O1B ADP GA . -30.16 -10.69 38.96
O2B ADP GA . -32.50 -10.92 38.00
O3B ADP GA . -30.48 -10.73 36.45
PA ADP GA . -29.95 -7.88 37.74
O1A ADP GA . -29.43 -7.70 39.14
O2A ADP GA . -29.04 -8.39 36.65
O3A ADP GA . -31.25 -8.82 37.79
O5' ADP GA . -30.52 -6.45 37.23
C5' ADP GA . -29.55 -5.43 36.99
C4' ADP GA . -30.09 -4.30 36.12
O4' ADP GA . -30.95 -3.46 36.88
C3' ADP GA . -28.97 -3.42 35.61
O3' ADP GA . -29.25 -2.96 34.29
C2' ADP GA . -28.91 -2.27 36.59
O2' ADP GA . -28.56 -1.05 35.95
C1' ADP GA . -30.31 -2.22 37.18
N9 ADP GA . -30.24 -2.08 38.65
C8 ADP GA . -30.76 -2.96 39.52
N7 ADP GA . -30.55 -2.56 40.80
C5 ADP GA . -29.88 -1.41 40.75
C6 ADP GA . -29.35 -0.46 41.76
N6 ADP GA . -29.50 -0.70 43.09
N1 ADP GA . -28.71 0.64 41.30
C2 ADP GA . -28.55 0.90 39.98
N3 ADP GA . -29.02 0.07 39.02
C4 ADP GA . -29.68 -1.07 39.34
H5'1 ADP GA . -28.67 -5.87 36.51
H5'2 ADP GA . -29.23 -5.02 37.95
H4' ADP GA . -30.63 -4.73 35.27
H3' ADP GA . -28.02 -3.97 35.64
HO3' ADP GA . -28.49 -2.48 33.94
H2' ADP GA . -28.20 -2.50 37.40
HO2' ADP GA . -27.65 -1.09 35.64
H1' ADP GA . -30.86 -1.38 36.73
H8 ADP GA . -31.29 -3.88 39.24
HN61 ADP GA . -29.98 -1.54 43.41
HN62 ADP GA . -29.14 -0.05 43.76
H2 ADP GA . -28.03 1.80 39.68
MG MG HA . 30.96 -36.93 5.57
PG ATP IA . 33.50 -38.95 4.99
O1G ATP IA . 33.44 -39.54 3.63
O2G ATP IA . 34.26 -39.80 6.02
O3G ATP IA . 32.13 -38.61 5.58
PB ATP IA . 34.04 -36.06 5.32
O1B ATP IA . 34.18 -35.18 4.14
O2B ATP IA . 32.71 -35.99 6.06
O3B ATP IA . 34.29 -37.57 4.98
PA ATP IA . 36.10 -34.53 6.79
O1A ATP IA . 37.28 -34.40 5.91
O2A ATP IA . 35.19 -33.30 6.85
O3A ATP IA . 35.20 -35.76 6.37
O5' ATP IA . 36.52 -34.86 8.26
C5' ATP IA . 36.51 -33.84 9.29
C4' ATP IA . 37.92 -33.40 9.53
O4' ATP IA . 38.47 -33.02 8.24
C3' ATP IA . 37.95 -32.11 10.37
O3' ATP IA . 39.07 -32.25 11.25
C2' ATP IA . 38.33 -31.02 9.37
O2' ATP IA . 39.22 -30.16 10.04
C1' ATP IA . 39.20 -31.83 8.42
N9 ATP IA . 39.32 -31.20 7.11
C8 ATP IA . 38.96 -31.72 5.90
N7 ATP IA . 39.20 -30.94 4.87
C5 ATP IA . 39.78 -29.82 5.45
C6 ATP IA . 40.27 -28.62 4.92
N6 ATP IA . 40.27 -28.32 3.61
N1 ATP IA . 40.79 -27.71 5.77
C2 ATP IA . 40.81 -27.99 7.08
N3 ATP IA . 40.37 -29.09 7.70
C4 ATP IA . 39.87 -29.96 6.83
H5'1 ATP IA . 36.13 -34.20 10.10
H5'2 ATP IA . 35.99 -33.08 8.99
H4' ATP IA . 38.45 -34.10 9.93
H3' ATP IA . 37.12 -31.94 10.84
HO3' ATP IA . 39.58 -31.58 11.10
H2' ATP IA . 37.58 -30.59 8.95
HO2' ATP IA . 38.76 -29.59 10.46
H1' ATP IA . 40.08 -32.00 8.80
H8 ATP IA . 38.57 -32.55 5.80
HN61 ATP IA . 40.11 -28.95 3.03
HN62 ATP IA . 40.42 -27.52 3.35
H2 ATP IA . 41.17 -27.34 7.63
MG MG JA . -13.89 -34.82 53.38
PG ATP KA . -16.94 -34.35 53.12
O1G ATP KA . -18.10 -35.27 53.38
O2G ATP KA . -17.34 -33.08 52.36
O3G ATP KA . -15.78 -35.03 52.40
PB ATP KA . -15.90 -34.37 55.91
O1B ATP KA . -17.06 -34.56 56.81
O2B ATP KA . -15.04 -35.61 55.68
O3B ATP KA . -16.33 -33.83 54.49
PA ATP KA . -13.36 -33.04 56.60
O1A ATP KA . -12.73 -34.22 57.22
O2A ATP KA . -12.81 -32.65 55.22
O3A ATP KA . -14.93 -33.23 56.44
O5' ATP KA . -13.25 -31.77 57.55
C5' ATP KA . -13.47 -30.44 57.04
C4' ATP KA . -12.86 -29.44 57.99
O4' ATP KA . -13.54 -29.59 59.25
C3' ATP KA . -11.39 -29.77 58.26
O3' ATP KA . -10.72 -28.52 58.31
C2' ATP KA . -11.40 -30.29 59.71
O2' ATP KA . -10.28 -29.71 60.34
C1' ATP KA . -12.58 -29.52 60.28
N9 ATP KA . -13.14 -30.17 61.44
C8 ATP KA . -14.18 -31.08 61.47
N7 ATP KA . -14.48 -31.51 62.67
C5 ATP KA . -13.58 -30.85 63.48
C6 ATP KA . -13.38 -30.87 64.88
N6 ATP KA . -14.11 -31.62 65.73
N1 ATP KA . -12.40 -30.09 65.38
C2 ATP KA . -11.68 -29.34 64.55
N3 ATP KA . -11.78 -29.25 63.22
C4 ATP KA . -12.76 -30.03 62.75
H5'1 ATP KA . -14.42 -30.28 56.96
H5'2 ATP KA . -13.03 -30.36 56.17
H4' ATP KA . -12.95 -28.54 57.64
H3' ATP KA . -11.01 -30.40 57.63
HO3' ATP KA . -10.58 -28.34 59.14
H2' ATP KA . -11.47 -31.26 59.79
HO2' ATP KA . -9.60 -29.86 59.84
H1' ATP KA . -12.33 -28.60 60.48
H8 ATP KA . -14.63 -31.36 60.70
HN61 ATP KA . -14.75 -32.10 65.43
HN62 ATP KA . -13.91 -31.62 66.57
H2 ATP KA . -11.02 -28.83 64.94
MG MG LA . 46.09 -61.09 20.68
PG ATP MA . 47.81 -63.61 19.45
O1G ATP MA . 48.14 -64.84 18.70
O2G ATP MA . 47.25 -63.87 20.85
O3G ATP MA . 46.85 -62.67 18.70
PB ATP MA . 49.59 -61.45 20.52
O1B ATP MA . 50.89 -60.94 20.04
O2B ATP MA . 48.43 -60.46 20.50
O3B ATP MA . 49.12 -62.73 19.70
PA ATP MA . 48.93 -61.81 23.38
O1A ATP MA . 48.89 -60.38 23.74
O2A ATP MA . 47.57 -62.50 23.26
O3A ATP MA . 49.69 -62.02 21.99
O5' ATP MA . 49.81 -62.61 24.41
C5' ATP MA . 50.33 -63.92 24.10
C4' ATP MA . 50.51 -64.71 25.37
O4' ATP MA . 51.88 -64.50 25.81
C3' ATP MA . 49.66 -64.15 26.50
O3' ATP MA . 49.61 -65.17 27.49
C2' ATP MA . 50.55 -63.06 27.08
O2' ATP MA . 50.25 -62.99 28.46
C1' ATP MA . 51.90 -63.76 27.03
N9 ATP MA . 53.00 -62.81 26.91
C8 ATP MA . 53.45 -62.21 25.77
N7 ATP MA . 54.46 -61.39 25.97
C5 ATP MA . 54.67 -61.46 27.34
C6 ATP MA . 55.60 -60.82 28.19
N6 ATP MA . 56.52 -59.96 27.77
N1 ATP MA . 55.54 -61.11 29.51
C2 ATP MA . 54.62 -61.97 29.94
N3 ATP MA . 53.70 -62.63 29.23
C4 ATP MA . 53.78 -62.33 27.94
H5'1 ATP MA . 51.19 -63.84 23.65
H5'2 ATP MA . 49.70 -64.39 23.52
H4' ATP MA . 50.32 -65.65 25.22
H3' ATP MA . 48.78 -63.84 26.22
HO3' ATP MA . 49.67 -64.78 28.25
H2' ATP MA . 50.52 -62.20 26.62
HO2' ATP MA . 50.66 -62.30 28.76
H1' ATP MA . 52.02 -64.35 27.79
H8 ATP MA . 53.09 -62.37 24.93
HN61 ATP MA . 56.33 -59.37 27.16
HN62 ATP MA . 57.32 -59.97 28.09
H2 ATP MA . 54.62 -62.14 30.85
MG MG NA . -14.66 -67.51 44.43
PG ATP OA . -16.07 -64.50 45.09
O1G ATP OA . -17.33 -64.78 44.34
O2G ATP OA . -15.99 -63.08 45.67
O3G ATP OA . -14.80 -64.79 44.29
PB ATP OA . -16.52 -66.84 46.90
O1B ATP OA . -17.98 -66.80 47.17
O2B ATP OA . -16.07 -67.91 45.91
O3B ATP OA . -15.96 -65.45 46.38
PA ATP OA . -14.14 -67.28 48.60
O1A ATP OA . -13.70 -68.64 48.24
O2A ATP OA . -13.35 -66.14 47.97
O3A ATP OA . -15.67 -67.05 48.23
O5' ATP OA . -14.13 -67.10 50.17
C5' ATP OA . -13.54 -68.10 51.04
C4' ATP OA . -13.40 -67.53 52.43
O4' ATP OA . -14.61 -67.88 53.14
C3' ATP OA . -12.31 -68.27 53.20
O3' ATP OA . -12.13 -67.55 54.40
C2' ATP OA . -13.03 -69.55 53.57
O2' ATP OA . -12.45 -70.00 54.78
C1' ATP OA . -14.38 -68.97 54.00
N9 ATP OA . -15.47 -69.91 53.78
C8 ATP OA . -16.30 -69.96 52.68
N7 ATP OA . -17.21 -70.91 52.75
C5 ATP OA . -16.96 -71.52 53.97
C6 ATP OA . -17.57 -72.61 54.64
N6 ATP OA . -18.59 -73.30 54.15
N1 ATP OA . -17.07 -72.96 55.84
C2 ATP OA . -16.04 -72.28 56.34
N3 ATP OA . -15.38 -71.24 55.81
C4 ATP OA . -15.89 -70.92 54.62
H5'1 ATP OA . -12.67 -68.34 50.70
H5'2 ATP OA . -14.12 -68.88 51.06
H4' ATP OA . -13.24 -66.58 52.40
H3' ATP OA . -11.50 -68.41 52.69
HO3' ATP OA . -11.30 -67.49 54.54
H2' ATP OA . -13.08 -70.22 52.87
HO2' ATP OA . -12.28 -69.31 55.25
H1' ATP OA . -14.36 -68.69 54.93
H8 ATP OA . -16.23 -69.39 51.97
HN61 ATP OA . -18.95 -73.07 53.40
HN62 ATP OA . -18.91 -73.97 54.59
H2 ATP OA . -15.72 -72.56 57.18
MG MG PA . 46.52 -92.00 13.10
PG ATP QA . 47.22 -93.75 10.71
O1G ATP QA . 48.59 -93.46 10.19
O2G ATP QA . 46.43 -94.72 9.83
O3G ATP QA . 46.37 -92.48 10.95
PB ATP QA . 48.31 -94.63 13.35
O1B ATP QA . 49.70 -94.77 12.89
O2B ATP QA . 48.04 -93.49 14.33
O3B ATP QA . 47.30 -94.46 12.13
PA ATP QA . 46.49 -96.41 14.86
O1A ATP QA . 46.57 -95.96 16.27
O2A ATP QA . 45.26 -95.94 14.08
O3A ATP QA . 47.77 -95.97 14.03
O5' ATP QA . 46.55 -97.99 14.78
C5' ATP QA . 47.77 -98.71 15.08
C4' ATP QA . 47.46 -100.18 15.14
O4' ATP QA . 48.68 -100.85 15.53
C3' ATP QA . 46.51 -100.49 16.28
O3' ATP QA . 46.10 -101.84 16.10
C2' ATP QA . 47.45 -100.50 17.49
O2' ATP QA . 46.89 -101.41 18.42
C1' ATP QA . 48.64 -101.25 16.88
N9 ATP QA . 49.89 -100.83 17.49
C8 ATP QA . 50.63 -99.72 17.18
N7 ATP QA . 51.73 -99.60 17.89
C5 ATP QA . 51.70 -100.70 18.73
C6 ATP QA . 52.59 -101.16 19.73
N6 ATP QA . 53.71 -100.52 20.07
N1 ATP QA . 52.27 -102.30 20.38
C2 ATP QA . 51.14 -102.93 20.05
N3 ATP QA . 50.24 -102.60 19.13
C4 ATP QA . 50.58 -101.47 18.49
H5'1 ATP QA . 48.12 -98.40 15.94
H5'2 ATP QA . 48.42 -98.54 14.39
H4' ATP QA . 47.12 -100.50 14.29
H3' ATP QA . 45.77 -99.87 16.37
HO3' ATP QA . 46.15 -102.22 16.86
H2' ATP QA . 47.65 -99.62 17.85
HO2' ATP QA . 46.11 -101.13 18.60
H1' ATP QA . 48.51 -102.21 16.97
H8 ATP QA . 50.39 -99.12 16.52
HN61 ATP QA . 54.02 -99.89 19.57
HN62 ATP QA . 54.13 -100.75 20.79
H2 ATP QA . 50.97 -103.71 20.53
MG MG RA . -17.75 -79.01 14.18
PG ATP SA . -19.13 -77.81 16.84
O1G ATP SA . -19.76 -76.79 15.97
O2G ATP SA . -19.26 -77.53 18.34
O3G ATP SA . -17.65 -78.07 16.51
PB ATP SA . -20.82 -79.98 15.64
O1B ATP SA . -22.15 -79.33 15.60
O2B ATP SA . -20.09 -80.08 14.30
O3B ATP SA . -19.83 -79.24 16.64
PA ATP SA . -19.87 -82.65 16.46
O1A ATP SA . -19.51 -83.28 15.16
O2A ATP SA . -18.70 -82.14 17.28
O3A ATP SA . -20.87 -81.44 16.25
O5' ATP SA . -20.69 -83.66 17.34
C5' ATP SA . -21.00 -83.37 18.72
C4' ATP SA . -21.03 -84.64 19.53
O4' ATP SA . -22.36 -85.19 19.41
C3' ATP SA . -20.10 -85.70 18.91
O3' ATP SA . -19.85 -86.64 19.94
C2' ATP SA . -21.04 -86.40 17.93
O2' ATP SA . -20.60 -87.76 17.87
C1' ATP SA . -22.31 -86.45 18.76
N9 ATP SA . -23.50 -86.53 17.92
C8 ATP SA . -24.04 -85.53 17.15
N7 ATP SA . -25.12 -85.88 16.50
C5 ATP SA . -25.30 -87.21 16.86
C6 ATP SA . -26.28 -88.16 16.50
N6 ATP SA . -27.29 -87.92 15.67
N1 ATP SA . -26.17 -89.39 17.05
C2 ATP SA . -25.16 -89.66 17.87
N3 ATP SA . -24.19 -88.83 18.28
C4 ATP SA . -24.31 -87.62 17.74
H5'1 ATP SA . -21.87 -82.94 18.77
H5'2 ATP SA . -20.33 -82.77 19.09
H4' ATP SA . -20.78 -84.47 20.45
H3' ATP SA . -19.30 -85.34 18.50
HO3' ATP SA . -19.94 -87.42 19.60
H2' ATP SA . -21.13 -85.98 17.06
HO2' ATP SA . -21.25 -88.21 17.55
H1' ATP SA . -22.28 -87.19 19.40
H8 ATP SA . -23.68 -84.67 17.11
HN61 ATP SA . -27.35 -87.16 15.27
HN62 ATP SA . -27.90 -88.52 15.54
H2 ATP SA . -25.13 -90.51 18.23
MG MG TA . 42.85 -105.91 -15.54
PG ATP UA . 43.70 -106.11 -17.87
O1G ATP UA . 44.83 -105.95 -16.90
O2G ATP UA . 44.05 -105.67 -19.29
O3G ATP UA . 42.41 -105.41 -17.42
PB ATP UA . 43.61 -109.06 -17.32
O1B ATP UA . 45.06 -109.31 -17.23
O2B ATP UA . 42.84 -109.10 -16.01
O3B ATP UA . 43.30 -107.65 -18.00
PA ATP UA . 41.46 -110.21 -19.00
O1A ATP UA . 40.48 -110.79 -18.05
O2A ATP UA . 41.10 -108.86 -19.58
O3A ATP UA . 42.90 -110.07 -18.32
O5' ATP UA . 41.73 -111.22 -20.19
C5' ATP UA . 41.05 -111.09 -21.45
C4' ATP UA . 40.12 -112.25 -21.63
O4' ATP UA . 40.81 -113.42 -21.15
C3' ATP UA . 38.88 -112.12 -20.74
O3' ATP UA . 37.79 -112.60 -21.51
C2' ATP UA . 39.11 -113.17 -19.64
O2' ATP UA . 37.85 -113.79 -19.45
C1' ATP UA . 39.92 -114.20 -20.40
N9 ATP UA . 40.72 -115.01 -19.50
C8 ATP UA . 41.80 -114.61 -18.76
N7 ATP UA . 42.34 -115.56 -18.02
C5 ATP UA . 41.54 -116.67 -18.30
C6 ATP UA . 41.58 -118.00 -17.85
N6 ATP UA . 42.48 -118.47 -16.97
N1 ATP UA . 40.65 -118.86 -18.32
C2 ATP UA . 39.74 -118.40 -19.19
N3 ATP UA . 39.61 -117.17 -19.69
C4 ATP UA . 40.55 -116.35 -19.21
H5'1 ATP UA . 41.69 -111.08 -22.17
H5'2 ATP UA . 40.54 -110.26 -21.47
H4' ATP UA . 39.86 -112.35 -22.56
H3' ATP UA . 38.75 -111.22 -20.40
HO3' ATP UA . 37.17 -112.81 -20.96
H2' ATP UA . 39.52 -112.83 -18.84
HO2' ATP UA . 37.72 -113.84 -18.61
H1' ATP UA . 39.36 -114.76 -20.95
H8 ATP UA . 42.13 -113.75 -18.77
HN61 ATP UA . 43.09 -117.95 -16.67
HN62 ATP UA . 42.44 -119.29 -16.71
H2 ATP UA . 39.12 -119.02 -19.48
MG MG VA . -9.23 -65.70 -13.97
PG ATP WA . -11.36 -66.36 -11.27
O1G ATP WA . -10.97 -64.96 -11.00
O2G ATP WA . -12.22 -66.98 -10.16
O3G ATP WA . -10.18 -67.31 -11.55
PB ATP WA . -12.68 -65.59 -13.84
O1B ATP WA . -13.51 -64.44 -13.46
O2B ATP WA . -11.38 -65.25 -14.59
O3B ATP WA . -12.27 -66.47 -12.58
PA ATP WA . -13.32 -68.17 -15.12
O1A ATP WA . -12.62 -68.33 -16.41
O2A ATP WA . -12.66 -68.88 -13.95
O3A ATP WA . -13.47 -66.64 -14.74
O5' ATP WA . -14.83 -68.65 -15.25
C5' ATP WA . -15.33 -69.76 -14.47
C4' ATP WA . -15.72 -70.89 -15.39
O4' ATP WA . -16.81 -70.40 -16.21
C3' ATP WA . -14.61 -71.21 -16.38
O3' ATP WA . -14.86 -72.55 -16.82
C2' ATP WA . -14.93 -70.32 -17.56
O2' ATP WA . -14.52 -71.03 -18.72
C1' ATP WA . -16.45 -70.43 -17.57
N9 ATP WA . -17.08 -69.28 -18.19
C8 ATP WA . -16.98 -67.97 -17.80
N7 ATP WA . -17.65 -67.14 -18.55
C5 ATP WA . -18.24 -67.95 -19.51
C6 ATP WA . -19.08 -67.67 -20.61
N6 ATP WA . -19.50 -66.45 -20.94
N1 ATP WA . -19.49 -68.72 -21.36
C2 ATP WA . -19.06 -69.95 -21.04
N3 ATP WA . -18.27 -70.32 -20.04
C4 ATP WA . -17.89 -69.27 -19.31
H5'1 ATP WA . -16.11 -69.47 -13.97
H5'2 ATP WA . -14.64 -70.07 -13.85
H4' ATP WA . -15.98 -71.67 -14.88
H3' ATP WA . -13.71 -71.09 -16.02
HO3' ATP WA . -14.68 -72.57 -17.64
H2' ATP WA . -14.59 -69.41 -17.51
HO2' ATP WA . -15.14 -70.95 -19.30
H1' ATP WA . -16.74 -71.26 -18.00
H8 ATP WA . -16.48 -67.70 -17.07
HN61 ATP WA . -19.05 -65.76 -20.68
HN62 ATP WA . -20.21 -66.35 -21.41
H2 ATP WA . -19.37 -70.63 -21.60
MG MG XA . 49.77 -92.94 -45.03
PG ATP YA . 52.59 -92.16 -46.15
O1G ATP YA . 52.96 -92.81 -44.86
O2G ATP YA . 53.79 -91.86 -47.06
O3G ATP YA . 51.76 -90.87 -45.97
PB ATP YA . 51.15 -94.62 -47.04
O1B ATP YA . 52.25 -95.58 -47.24
O2B ATP YA . 50.31 -94.84 -45.78
O3B ATP YA . 51.66 -93.12 -47.02
PA ATP YA . 49.03 -93.63 -48.85
O1A ATP YA . 47.75 -94.33 -49.10
O2A ATP YA . 48.95 -92.43 -47.90
O3A ATP YA . 50.14 -94.61 -48.28
O5' ATP YA . 49.68 -93.14 -50.21
C5' ATP YA . 48.87 -92.82 -51.36
C4' ATP YA . 49.77 -92.50 -52.51
O4' ATP YA . 50.13 -93.75 -53.13
C3' ATP YA . 49.01 -91.75 -53.61
O3' ATP YA . 50.00 -91.17 -54.44
C2' ATP YA . 48.40 -92.88 -54.42
O2' ATP YA . 48.29 -92.40 -55.74
C1' ATP YA . 49.58 -93.85 -54.43
N9 ATP YA . 49.15 -95.23 -54.60
C8 ATP YA . 49.43 -96.30 -53.80
N7 ATP YA . 48.91 -97.43 -54.19
C5 ATP YA . 48.24 -97.09 -55.36
C6 ATP YA . 47.48 -97.85 -56.28
N6 ATP YA . 47.26 -99.16 -56.16
N1 ATP YA . 46.96 -97.20 -57.34
C2 ATP YA . 47.17 -95.88 -57.47
N3 ATP YA . 47.87 -95.07 -56.67
C4 ATP YA . 48.38 -95.73 -55.63
H5'1 ATP YA . 48.30 -92.06 -51.16
H5'2 ATP YA . 48.31 -93.58 -51.59
H4' ATP YA . 50.55 -92.00 -52.22
H3' ATP YA . 48.36 -91.10 -53.28
HO3' ATP YA . 49.65 -91.05 -55.21
H2' ATP YA . 47.58 -93.25 -54.05
HO2' ATP YA . 48.75 -92.92 -56.24
H1' ATP YA . 50.23 -93.60 -55.11
H8 ATP YA . 49.95 -96.22 -53.02
HN61 ATP YA . 47.24 -99.52 -55.38
HN62 ATP YA . 47.13 -99.64 -56.86
H2 ATP YA . 46.79 -95.48 -58.21
PB ADP ZA . 0.39 11.01 -48.80
O1B ADP ZA . 1.85 11.23 -49.11
O2B ADP ZA . -0.56 11.56 -49.85
O3B ADP ZA . 0.01 11.32 -47.38
PA ADP ZA . 1.13 8.43 -48.07
O1A ADP ZA . 2.42 8.22 -48.83
O2A ADP ZA . 1.16 8.93 -46.64
O3A ADP ZA . 0.19 9.42 -48.92
O5' ADP ZA . 0.33 7.03 -48.06
C5' ADP ZA . 0.88 5.99 -47.27
C4' ADP ZA . -0.12 4.88 -46.95
O4' ADP ZA . -0.33 4.06 -48.10
C3' ADP ZA . 0.39 3.97 -45.86
O3' ADP ZA . -0.68 3.54 -45.02
C2' ADP ZA . 1.02 2.81 -46.59
O2' ADP ZA . 0.84 1.58 -45.89
C1' ADP ZA . 0.31 2.79 -47.94
N9 ADP ZA . 1.29 2.63 -49.03
C8 ADP ZA . 1.47 3.52 -50.02
N7 ADP ZA . 2.44 3.10 -50.88
C5 ADP ZA . 2.89 1.92 -50.44
C6 ADP ZA . 3.90 0.95 -50.88
N6 ADP ZA . 4.64 1.18 -52.00
N1 ADP ZA . 4.07 -0.17 -50.13
C2 ADP ZA . 3.34 -0.40 -49.02
N3 ADP ZA . 2.40 0.44 -48.56
C4 ADP ZA . 2.12 1.60 -49.21
H5'1 ADP ZA . 1.27 6.40 -46.33
H5'2 ADP ZA . 1.73 5.55 -47.81
H4' ADP ZA . -1.08 5.34 -46.63
H3' ADP ZA . 1.16 4.48 -45.26
HO3' ADP ZA . -0.33 3.03 -44.27
H2' ADP ZA . 2.09 3.00 -46.76
HO2' ADP ZA . 1.35 1.61 -45.07
H1' ADP ZA . -0.43 1.98 -47.95
H8 ADP ZA . 0.92 4.46 -50.13
HN61 ADP ZA . 4.49 2.03 -52.54
HN62 ADP ZA . 5.32 0.51 -52.30
H2 ADP ZA . 3.52 -1.33 -48.46
MG MG AB . 28.67 35.78 15.82
PG ATP BB . 30.34 37.74 17.91
O1G ATP BB . 29.45 38.33 18.93
O2G ATP BB . 31.60 38.54 17.61
O3G ATP BB . 29.64 37.43 16.58
PB ATP BB . 30.87 34.81 17.95
O1B ATP BB . 30.20 33.94 18.94
O2B ATP BB . 30.31 34.78 16.53
O3B ATP BB . 30.90 36.32 18.40
PA ATP BB . 33.34 33.20 18.12
O1A ATP BB . 33.68 33.03 19.55
O2A ATP BB . 32.63 32.01 17.47
O3A ATP BB . 32.42 34.46 17.88
O5' ATP BB . 34.61 33.49 17.24
C5' ATP BB . 35.22 32.46 16.44
C4' ATP BB . 36.45 31.97 17.15
O4' ATP BB . 36.03 31.59 18.48
C3' ATP BB . 36.96 30.68 16.50
O3' ATP BB . 38.38 30.77 16.54
C2' ATP BB . 36.58 29.58 17.50
O2' ATP BB . 37.68 28.68 17.54
C1' ATP BB . 36.67 30.37 18.80
N9 ATP BB . 35.91 29.76 19.88
C8 ATP BB . 34.88 30.30 20.59
N7 ATP BB . 34.39 29.53 21.52
C5 ATP BB . 35.17 28.38 21.43
C6 ATP BB . 35.17 27.17 22.14
N6 ATP BB . 34.32 26.89 23.15
N1 ATP BB . 36.08 26.23 21.80
C2 ATP BB . 36.93 26.50 20.80
N3 ATP BB . 37.03 27.60 20.06
C4 ATP BB . 36.12 28.52 20.43
H5'1 ATP BB . 35.45 32.83 15.58
H5'2 ATP BB . 34.60 31.73 16.33
H4' ATP BB . 37.13 32.65 17.18
H3' ATP BB . 36.61 30.53 15.61
HO3' ATP BB . 38.66 30.08 16.97
H2' ATP BB . 35.72 29.18 17.34
HO2' ATP BB . 37.55 28.12 16.91
H1' ATP BB . 37.60 30.51 19.06
H8 ATP BB . 34.54 31.16 20.42
HN61 ATP BB . 33.86 27.53 23.50
HN62 ATP BB . 34.25 26.09 23.43
H2 ATP BB . 37.54 25.83 20.60
MG MG CB . 24.37 34.62 -49.61
PG ATP DB . 21.84 34.27 -51.36
O1G ATP DB . 21.15 35.22 -52.28
O2G ATP DB . 21.01 33.02 -51.04
O3G ATP DB . 22.31 34.90 -50.06
PB ATP DB . 24.43 34.21 -52.86
O1B ATP DB . 24.10 34.42 -54.28
O2B ATP DB . 24.98 35.43 -52.11
O3B ATP DB . 23.16 33.70 -52.03
PA ATP DB . 26.78 32.78 -51.79
O1A ATP DB . 27.69 33.93 -51.85
O2A ATP DB . 26.31 32.39 -50.37
O3A ATP DB . 25.47 33.03 -52.65
O5' ATP DB . 27.42 31.50 -52.46
C5' ATP DB . 26.89 30.18 -52.23
C4' ATP DB . 27.92 29.15 -52.58
O4' ATP DB . 28.20 29.31 -53.99
C3' ATP DB . 29.24 29.42 -51.87
O3' ATP DB . 29.75 28.16 -51.49
C2' ATP DB . 30.17 29.93 -52.97
O2' ATP DB . 31.42 29.31 -52.76
C1' ATP DB . 29.59 29.19 -54.17
N9 ATP DB . 29.92 29.85 -55.43
C8 ATP DB . 29.16 30.79 -56.09
N7 ATP DB . 29.71 31.22 -57.20
C5 ATP DB . 30.90 30.53 -57.27
C6 ATP DB . 31.94 30.52 -58.22
N6 ATP DB . 31.95 31.28 -59.32
N1 ATP DB . 32.99 29.69 -57.99
C2 ATP DB . 32.99 28.93 -56.90
N3 ATP DB . 32.07 28.86 -55.94
C4 ATP DB . 31.04 29.68 -56.19
H5'1 ATP DB . 26.09 30.05 -52.77
H5'2 ATP DB . 26.65 30.10 -51.28
H4' ATP DB . 27.59 28.26 -52.38
H3' ATP DB . 29.15 30.05 -51.12
HO3' ATP DB . 30.37 27.96 -52.04
H2' ATP DB . 30.20 30.90 -53.07
HO2' ATP DB . 31.62 29.44 -51.94
H1' ATP DB . 29.88 28.26 -54.18
H8 ATP DB . 28.34 31.10 -55.78
HN61 ATP DB . 31.28 31.78 -59.50
HN62 ATP DB . 32.64 31.26 -59.85
H2 ATP DB . 33.74 28.39 -56.79
MG MG EB . 50.77 59.23 14.07
PG ATP FB . 51.40 61.70 16.14
O1G ATP FB . 51.22 62.94 16.94
O2G ATP FB . 51.87 61.97 14.69
O3G ATP FB . 50.16 60.80 16.08
PB ATP FB . 53.39 59.48 16.41
O1B ATP FB . 54.06 58.93 17.61
O2B ATP FB . 52.44 58.52 15.68
O3B ATP FB . 52.54 60.78 16.76
PA ATP FB . 54.71 59.83 13.79
O1A ATP FB . 54.86 58.39 13.47
O2A ATP FB . 53.60 60.56 13.03
O3A ATP FB . 54.42 60.02 15.34
O5' ATP FB . 56.07 60.58 13.57
C5' ATP FB . 56.32 61.88 14.15
C4' ATP FB . 57.29 62.65 13.29
O4' ATP FB . 58.61 62.38 13.82
C3' ATP FB . 57.33 62.09 11.87
O3' ATP FB . 57.95 63.10 11.09
C2' ATP FB . 58.35 60.97 11.98
O2' ATP FB . 58.99 60.89 10.72
C1' ATP FB . 59.38 61.63 12.89
N9 ATP FB . 60.12 60.64 13.66
C8 ATP FB . 59.74 60.04 14.82
N7 ATP FB . 60.60 59.18 15.30
C5 ATP FB . 61.63 59.23 14.38
C6 ATP FB . 62.87 58.55 14.30
N6 ATP FB . 63.28 57.66 15.20
N1 ATP FB . 63.68 58.83 13.25
C2 ATP FB . 63.27 59.71 12.35
N3 ATP FB . 62.13 60.41 12.31
C4 ATP FB . 61.36 60.12 13.36
H5'1 ATP FB . 56.69 61.77 15.04
H5'2 ATP FB . 55.48 62.37 14.21
H4' ATP FB . 57.08 63.59 13.30
H3' ATP FB . 56.46 61.82 11.52
HO3' ATP FB . 58.47 62.71 10.54
H2' ATP FB . 58.00 60.13 12.30
HO2' ATP FB . 59.48 60.20 10.73
H1' ATP FB . 59.98 62.20 12.38
H8 ATP FB . 58.92 60.23 15.24
HN61 ATP FB . 62.74 57.10 15.54
HN62 ATP FB . 64.11 57.64 15.45
H2 ATP FB . 63.85 59.87 11.64
MG MG GB . 19.21 67.44 -42.79
PG ATP HB . 18.44 64.46 -44.25
O1G ATP HB . 17.01 64.79 -44.45
O2G ATP HB . 18.82 63.03 -44.65
O3G ATP HB . 18.92 64.71 -42.81
PB ATP HB . 19.33 66.79 -45.90
O1B ATP HB . 18.37 66.79 -47.03
O2B ATP HB . 19.08 67.86 -44.83
O3B ATP HB . 19.37 65.39 -45.15
PA ATP HB . 22.25 67.13 -45.69
O1A ATP HB . 22.41 68.47 -45.11
O2A ATP HB . 22.43 65.96 -44.73
O3A ATP HB . 20.83 66.95 -46.38
O5' ATP HB . 23.26 66.93 -46.90
C5' ATP HB . 24.29 67.89 -47.18
C4' ATP HB . 25.26 67.30 -48.17
O4' ATP HB . 24.79 67.68 -49.48
C3' ATP HB . 26.62 68.00 -48.06
O3' ATP HB . 27.49 67.25 -48.89
C2' ATP HB . 26.35 69.30 -48.81
O2' ATP HB . 27.58 69.71 -49.36
C1' ATP HB . 25.56 68.75 -49.99
N9 ATP HB . 24.60 69.74 -50.50
C8 ATP HB . 23.27 69.84 -50.19
N7 ATP HB . 22.65 70.81 -50.80
C5 ATP HB . 23.64 71.40 -51.57
C6 ATP HB . 23.63 72.49 -52.46
N6 ATP HB . 22.55 73.23 -52.73
N1 ATP HB . 24.79 72.82 -53.07
C2 ATP HB . 25.88 72.09 -52.81
N3 ATP HB . 26.01 71.05 -51.99
C4 ATP HB . 24.85 70.75 -51.40
H5'1 ATP HB . 24.76 68.11 -46.36
H5'2 ATP HB . 23.89 68.69 -47.56
H4' ATP HB . 25.34 66.34 -48.06
H3' ATP HB . 26.93 68.11 -47.15
HO3' ATP HB . 28.22 67.17 -48.46
H2' ATP HB . 25.89 69.98 -48.29
HO2' ATP HB . 27.98 69.01 -49.62
H1' ATP HB . 26.16 68.47 -50.70
H8 ATP HB . 22.85 69.26 -49.59
HN61 ATP HB . 21.79 73.01 -52.38
HN62 ATP HB . 22.60 73.89 -53.26
H2 ATP HB . 26.66 72.36 -53.25
MG MG IB . 47.34 90.20 20.56
PG ATP JB . 46.42 91.95 22.88
O1G ATP JB . 47.14 91.62 24.15
O2G ATP JB . 45.29 92.96 23.06
O3G ATP JB . 45.88 90.72 22.14
PB ATP JB . 48.97 92.77 21.54
O1B ATP JB . 49.76 92.86 22.78
O2B ATP JB . 49.35 91.62 20.60
O3B ATP JB . 47.42 92.64 21.83
PA ATP JB . 48.58 94.59 19.25
O1A ATP JB . 49.52 94.11 18.20
O2A ATP JB . 47.12 94.16 19.05
O3A ATP JB . 49.03 94.11 20.69
O5' ATP JB . 48.63 96.16 19.36
C5' ATP JB . 49.79 96.83 19.90
C4' ATP JB . 49.64 98.31 19.69
O4' ATP JB . 50.85 98.93 20.16
C3' ATP JB . 49.64 98.65 18.20
O3' ATP JB . 49.26 100.02 18.10
C2' ATP JB . 51.13 98.61 17.87
O2' ATP JB . 51.33 99.52 16.80
C1' ATP JB . 51.69 99.33 19.10
N9 ATP JB . 53.03 98.85 19.42
C8 ATP JB . 53.37 97.73 20.12
N7 ATP JB . 54.66 97.56 20.27
C5 ATP JB . 55.21 98.65 19.62
C6 ATP JB . 56.55 99.06 19.41
N6 ATP JB . 57.61 98.39 19.86
N1 ATP JB . 56.75 100.20 18.72
C2 ATP JB . 55.69 100.88 18.27
N3 ATP JB . 54.40 100.59 18.40
C4 ATP JB . 54.22 99.46 19.10
H5'1 ATP JB . 50.59 96.52 19.46
H5'2 ATP JB . 49.85 96.66 20.86
H4' ATP JB . 48.85 98.66 20.13
H3' ATP JB . 49.10 98.05 17.66
HO3' ATP JB . 49.79 100.37 17.55
H2' ATP JB . 51.49 97.72 17.71
HO2' ATP JB . 50.83 99.27 16.17
H1' ATP JB . 51.68 100.29 18.97
H8 ATP JB . 52.74 97.14 20.47
HN61 ATP JB . 57.51 97.75 20.43
HN62 ATP JB . 58.39 98.59 19.57
H2 ATP JB . 55.89 101.66 17.80
MG MG KB . -2.00 79.39 -21.26
PG ATP LB . -1.41 78.22 -24.20
O1G ATP LB . -2.49 77.22 -23.95
O2G ATP LB . -0.57 77.91 -25.46
O3G ATP LB . -0.48 78.42 -23.01
PB ATP LB . -3.41 80.44 -24.32
O1B ATP LB . -4.48 79.85 -25.14
O2B ATP LB . -3.70 80.54 -22.82
O3B ATP LB . -2.04 79.66 -24.49
PA ATP LB . -2.06 83.09 -24.32
O1A ATP LB . -2.59 83.71 -23.09
O2A ATP LB . -0.66 82.51 -24.21
O3A ATP LB . -3.01 81.90 -24.81
O5' ATP LB . -2.10 84.10 -25.51
C5' ATP LB . -1.47 83.80 -26.79
C4' ATP LB . -0.94 85.07 -27.40
O4' ATP LB . -2.02 85.66 -28.15
C3' ATP LB . -0.58 86.09 -26.32
O3' ATP LB . 0.29 87.02 -26.95
C2' ATP LB . -1.91 86.84 -26.15
O2' ATP LB . -1.56 88.18 -25.81
C1' ATP LB . -2.36 86.93 -27.60
N9 ATP LB . -3.81 87.05 -27.71
C8 ATP LB . -4.74 86.09 -27.47
N7 ATP LB . -5.98 86.48 -27.65
C5 ATP LB . -5.85 87.81 -28.03
C6 ATP LB . -6.79 88.79 -28.36
N6 ATP LB . -8.11 88.60 -28.37
N1 ATP LB . -6.32 90.02 -28.69
C2 ATP LB . -5.01 90.23 -28.70
N3 ATP LB . -4.03 89.37 -28.40
C4 ATP LB . -4.51 88.18 -28.07
H5'1 ATP LB . -2.12 83.41 -27.39
H5'2 ATP LB . -0.75 83.18 -26.64
H4' ATP LB . -0.17 84.87 -27.96
H3' ATP LB . -0.24 85.71 -25.51
HO3' ATP LB . 0.04 87.80 -26.73
H2' ATP LB . -2.55 86.44 -25.54
HO2' ATP LB . -2.24 88.66 -25.97
H1' ATP LB . -1.90 87.65 -28.07
H8 ATP LB . -4.52 85.22 -27.21
HN61 ATP LB . -8.44 87.85 -28.10
HN62 ATP LB . -8.64 89.22 -28.65
H2 ATP LB . -4.74 91.09 -28.93
MG MG MB . 26.79 104.58 40.52
PG ATP NB . 25.97 104.78 42.85
O1G ATP NB . 27.45 104.56 42.82
O2G ATP NB . 25.32 104.34 44.17
O3G ATP NB . 25.24 104.11 41.69
PB ATP NB . 26.35 107.72 42.42
O1B ATP NB . 27.53 107.92 43.27
O2B ATP NB . 26.59 107.77 40.91
O3B ATP NB . 25.63 106.33 42.73
PA ATP NB . 23.67 108.97 42.36
O1A ATP NB . 23.53 109.56 41.01
O2A ATP NB . 22.97 107.63 42.56
O3A ATP NB . 25.20 108.76 42.75
O5' ATP NB . 23.15 109.98 43.46
C5' ATP NB . 21.82 109.89 44.00
C4' ATP NB . 21.02 111.08 43.56
O4' ATP NB . 21.91 112.23 43.65
C3' ATP NB . 20.64 110.97 42.08
O3' ATP NB . 19.32 111.51 41.99
C2' ATP NB . 21.54 112.00 41.39
O2' ATP NB . 20.71 112.68 40.45
C1' ATP NB . 21.72 113.02 42.51
N9 ATP NB . 22.94 113.79 42.33
C8 ATP NB . 24.23 113.35 42.44
N7 ATP NB . 25.14 114.27 42.23
C5 ATP NB . 24.39 115.40 41.95
C6 ATP NB . 24.75 116.74 41.64
N6 ATP NB . 26.02 117.15 41.54
N1 ATP NB . 23.76 117.62 41.42
C2 ATP NB . 22.49 117.20 41.51
N3 ATP NB . 22.03 115.99 41.80
C4 ATP NB . 23.04 115.13 42.01
H5'1 ATP NB . 21.85 109.86 44.97
H5'2 ATP NB . 21.39 109.07 43.67
H4' ATP NB . 20.24 111.20 44.12
H3' ATP NB . 20.72 110.08 41.72
HO3' ATP NB . 19.20 111.73 41.18
H2' ATP NB . 22.36 111.64 41.03
HO2' ATP NB . 21.15 112.71 39.73
H1' ATP NB . 20.95 113.60 42.59
H8 ATP NB . 24.44 112.47 42.66
HN61 ATP NB . 26.66 116.61 41.69
HN62 ATP NB . 26.18 117.97 41.33
H2 ATP NB . 21.85 117.86 41.35
MG MG OB . -13.76 66.15 5.73
PG ATP PB . -13.67 66.86 2.29
O1G ATP PB . -13.24 65.43 2.33
O2G ATP PB . -13.60 67.48 0.90
O3G ATP PB . -12.90 67.75 3.28
PB ATP PB . -16.35 66.15 3.44
O1B ATP PB . -16.79 65.02 2.60
O2B ATP PB . -15.83 65.77 4.83
O3B ATP PB . -15.20 66.99 2.74
PA ATP PB . -17.57 68.77 4.05
O1A ATP PB . -17.84 68.92 5.50
O2A ATP PB . -16.29 69.43 3.57
O3A ATP PB . -17.49 67.24 3.64
O5' ATP PB . -18.79 69.30 3.20
C5' ATP PB . -18.65 70.41 2.29
C4' ATP PB . -19.49 71.56 2.76
O4' ATP PB . -20.87 71.12 2.70
C3' ATP PB . -19.25 71.86 4.24
O3' ATP PB . -19.68 73.21 4.44
C2' ATP PB . -20.29 70.99 4.93
O2' ATP PB . -20.68 71.70 6.10
C1' ATP PB . -21.46 71.16 3.98
N9 ATP PB . -22.38 70.03 4.05
C8 ATP PB . -22.10 68.72 3.80
N7 ATP PB . -23.12 67.92 3.94
C5 ATP PB . -24.15 68.76 4.31
C6 ATP PB . -25.51 68.53 4.62
N6 ATP PB . -26.09 67.33 4.59
N1 ATP PB . -26.27 69.60 4.96
C2 ATP PB . -25.70 70.81 4.99
N3 ATP PB . -24.44 71.14 4.72
C4 ATP PB . -23.71 70.07 4.39
H5'1 ATP PB . -18.94 70.14 1.40
H5'2 ATP PB . -17.72 70.69 2.25
H4' ATP PB . -19.35 72.35 2.21
H3' ATP PB . -18.34 71.71 4.53
HO3' ATP PB . -20.07 73.24 5.19
H2' ATP PB . -20.02 70.07 5.10
HO2' ATP PB . -21.53 71.65 6.15
H1' ATP PB . -21.92 72.00 4.14
H8 ATP PB . -21.26 68.42 3.54
HN61 ATP PB . -25.60 66.62 4.68
HN62 ATP PB . -26.94 67.25 4.50
H2 ATP PB . -26.26 71.51 5.24
MG MG QB . 12.95 91.73 67.52
PG ATP RB . 14.38 90.87 70.17
O1G ATP RB . 15.52 91.50 69.42
O2G ATP RB . 14.72 90.54 71.63
O3G ATP RB . 13.82 89.62 69.50
PB ATP RB . 12.79 93.40 69.98
O1B ATP RB . 13.55 94.31 70.85
O2B ATP RB . 12.95 93.63 68.47
O3B ATP RB . 13.14 91.88 70.26
PA ATP RB . 9.98 92.50 70.02
O1A ATP RB . 8.85 93.24 69.40
O2A ATP RB . 10.47 91.29 69.23
O3A ATP RB . 11.23 93.43 70.29
O5' ATP RB . 9.59 92.01 71.47
C5' ATP RB . 8.22 91.72 71.84
C4' ATP RB . 8.18 91.39 73.30
O4' ATP RB . 8.11 92.64 74.02
C3' ATP RB . 6.87 90.68 73.66
O3' ATP RB . 7.09 90.07 74.92
C2' ATP RB . 5.92 91.84 73.90
O2' ATP RB . 4.98 91.39 74.85
C1' ATP RB . 6.87 92.77 74.68
N9 ATP RB . 6.47 94.16 74.56
C8 ATP RB . 7.23 95.21 74.12
N7 ATP RB . 6.62 96.36 74.11
C5 ATP RB . 5.35 96.05 74.58
C6 ATP RB . 4.20 96.86 74.82
N6 ATP RB . 4.16 98.18 74.60
N1 ATP RB . 3.11 96.24 75.30
C2 ATP RB . 3.14 94.92 75.51
N3 ATP RB . 4.16 94.07 75.33
C4 ATP RB . 5.24 94.71 74.86
H5'1 ATP RB . 7.89 90.97 71.32
H5'2 ATP RB . 7.67 92.51 71.67
H4' ATP RB . 8.95 90.86 73.56
H3' ATP RB . 6.56 90.05 72.98
HO3' ATP RB . 6.33 89.98 75.29
H2' ATP RB . 5.54 92.23 73.10
HO2' ATP RB . 5.04 91.89 75.54
H1' ATP RB . 6.92 92.50 75.61
H8 ATP RB . 8.12 95.10 73.85
HN61 ATP RB . 4.65 98.52 73.99
HN62 ATP RB . 3.63 98.66 75.07
H2 ATP RB . 2.36 94.54 75.84
#